data_8IMK
#
_entry.id   8IMK
#
loop_
_entity.id
_entity.type
_entity.pdbx_description
1 polymer ApcH
2 polymer ApcA1
3 polymer ApcA2
4 polymer ApcB1
5 polymer ApcB2
6 polymer ApcC1
7 non-polymer PHYCOCYANOBILIN
#
loop_
_entity_poly.entity_id
_entity_poly.type
_entity_poly.pdbx_seq_one_letter_code
_entity_poly.pdbx_strand_id
1 'polypeptide(L)'
;MQPIILRTLSARRPVQGRPNLETYTSEVERWKAIAQTQYALELAKEMSRPALRTSVGDLPGGLWGVRPGFQSPPKQRYRW
TLKQSKAEKEALLEAIYRQVLERVLPEGSRLNEEESRLNNGDITVREFVRRLASSDLYVQSFLVRYPNTKLVEKLYKHLL
GRAPSNQKEIIKYHDLLARKGLKAAVDAMVTTEEYTEIFGDDTVPFARYTTDPAHGLVTQAYLGGVLVNAKHTYQNRTLN
FPSYGPGSQTGGEQRSLPLVPERVFSLGDGASVDQILRASYRQILEKEPQELQRLSVAESQLRNGEISVKEFIRALGYSE
IYAKFFLARWYNGKVAEFNFKHFLGRQPASATELGSHITLIGTKGLKVAIDTLLASQEYQDNFGDDTVPYYRLQAERYVG
TTDAPSRAYVLARSRVQTALNKPTVPSYSLV
;
1,2
2 'polypeptide(L)'
;MSAITKAILNADAEARYLSPGEIDVVRGYLASGERRVRVARVLSDNALRIVRGAGDTMFQKRPDLVAPGGNAYGEVRTAK
CLRDLDYFLRLVTYGVLAGDTSPIDEIGLIGIKETYSLLEVPVPGVIDGIKAAKQQAAALLSSEDAAEASFYFDYVISAM
S
;
A,C,E,N,O,P,Q,R,S,a,c,e,n,o,p,q,r,s
3 'polypeptide(L)'
;MSVVTKAIVSADAEARYLSPGELDRIRGFVSSGERRLRVAQTLTESRERIIKQAGDQLFQKRPDLVSPGGNAYGAERTAS
CLRDLDYYLRLVTFGIVAGDVTPIEEIGVIGVKEMYRNLEVPLPGMVEAVKAMKSVATGLLSGDDSAEVGYYFDYLAGAL
A
;
B,D,F,b,d,f
4 'polypeptide(L)'
;MLDAVTKIINRTDAEGRYFASKDFDEVTRFFATGEARLRAASTISANAASILRESAAALFTEQPDLLRPGGNAYTSRRYA
ACVRDMEYFLRYATYALVAGDTSVIDERVLNGLKETYMSLGVPIPSTVAGVTAMKGVVASMIGSEANVYFDHIAKGLS
;
G,H,I,T,U,V,W,X,Y,g,h,i,t,u,v,w,x,y
5 'polypeptide(L)'
;MQDAITSVINTYDVQGKYFDTSAFDKLKAYYATGELRVRAAGTISANAATIIKEASAKLFSNQPDLVRPGGNAYTTRRYA
ACVRDMDYFLRYATYAMLAGDTSILDERVLNGLKETYNSLGVPISSTVQGIQAMKEVTGSLVGSGAAKEMGVYFDYLSSG
LS
;
J,K,L,j,k,l
6 'polypeptide(L)' MARTISITACVPRRTKSVGASREIQNVYFTKRISFDQFTPEYQRIHRQGGTILNVQCMGS M,Z,m,z
#
loop_
_chem_comp.id
_chem_comp.type
_chem_comp.name
_chem_comp.formula
CYC non-polymer PHYCOCYANOBILIN 'C33 H40 N4 O6'
#
# COMPACT_ATOMS: atom_id res chain seq x y z
N MET A 1 -56.96 117.13 3.88
CA MET A 1 -57.33 115.77 3.47
C MET A 1 -58.39 115.22 4.41
N GLN A 2 -59.65 115.52 4.12
CA GLN A 2 -60.72 115.00 4.96
C GLN A 2 -61.88 114.32 4.21
N PRO A 3 -61.65 113.52 3.18
CA PRO A 3 -62.69 112.57 2.78
C PRO A 3 -62.46 111.21 3.42
N ILE A 4 -63.55 110.49 3.62
CA ILE A 4 -63.48 109.11 4.08
C ILE A 4 -63.15 108.24 2.89
N ILE A 5 -61.92 107.75 2.83
CA ILE A 5 -61.47 106.85 1.78
C ILE A 5 -61.16 105.51 2.42
N LEU A 6 -61.75 104.45 1.89
CA LEU A 6 -61.66 103.11 2.47
C LEU A 6 -60.54 102.38 1.75
N ARG A 7 -59.52 101.96 2.50
CA ARG A 7 -58.31 101.45 1.87
C ARG A 7 -58.30 99.94 1.81
N THR A 8 -58.54 99.27 2.94
CA THR A 8 -58.39 97.82 3.03
C THR A 8 -59.76 97.19 3.22
N LEU A 9 -60.44 96.92 2.11
CA LEU A 9 -61.73 96.26 2.18
C LEU A 9 -61.52 94.75 2.22
N SER A 10 -62.33 94.07 3.03
CA SER A 10 -62.25 92.63 3.10
C SER A 10 -62.70 92.01 1.78
N ALA A 11 -62.08 90.89 1.44
CA ALA A 11 -62.43 90.18 0.22
C ALA A 11 -63.67 89.30 0.45
N ARG A 12 -64.28 88.89 -0.66
CA ARG A 12 -65.44 88.00 -0.59
C ARG A 12 -65.06 86.65 0.01
N ARG A 13 -63.90 86.12 -0.37
CA ARG A 13 -63.56 84.73 -0.09
C ARG A 13 -63.46 84.48 1.40
N PRO A 14 -63.91 83.33 1.89
CA PRO A 14 -63.81 83.02 3.32
C PRO A 14 -62.41 82.59 3.71
N VAL A 15 -62.14 82.65 5.01
CA VAL A 15 -60.80 82.37 5.53
C VAL A 15 -60.46 80.89 5.54
N GLN A 16 -61.43 80.03 5.33
CA GLN A 16 -61.21 78.59 5.45
C GLN A 16 -60.23 78.10 4.39
N GLY A 17 -59.86 76.83 4.53
CA GLY A 17 -58.97 76.20 3.57
C GLY A 17 -59.72 75.47 2.48
N ARG A 18 -58.97 74.98 1.51
CA ARG A 18 -59.59 74.39 0.32
C ARG A 18 -60.33 73.10 0.68
N PRO A 19 -61.55 72.92 0.20
CA PRO A 19 -62.28 71.69 0.47
C PRO A 19 -61.66 70.50 -0.26
N ASN A 20 -61.85 69.32 0.33
CA ASN A 20 -61.30 68.11 -0.28
C ASN A 20 -62.03 67.74 -1.57
N LEU A 21 -61.30 67.09 -2.48
CA LEU A 21 -61.80 66.81 -3.81
C LEU A 21 -61.92 65.31 -4.07
N GLU A 22 -62.39 64.54 -3.08
CA GLU A 22 -62.44 63.09 -3.21
C GLU A 22 -63.49 62.63 -4.21
N THR A 23 -64.70 63.17 -4.13
CA THR A 23 -65.74 62.79 -5.07
C THR A 23 -65.37 63.17 -6.49
N TYR A 24 -64.87 64.39 -6.68
CA TYR A 24 -64.39 64.81 -7.99
C TYR A 24 -63.30 63.87 -8.48
N THR A 25 -62.43 63.44 -7.58
CA THR A 25 -61.34 62.52 -7.95
C THR A 25 -61.89 61.19 -8.42
N SER A 26 -62.89 60.66 -7.72
CA SER A 26 -63.49 59.39 -8.14
C SER A 26 -64.18 59.52 -9.49
N GLU A 27 -64.87 60.64 -9.73
CA GLU A 27 -65.54 60.81 -11.01
C GLU A 27 -64.53 60.95 -12.15
N VAL A 28 -63.40 61.61 -11.88
CA VAL A 28 -62.34 61.67 -12.89
C VAL A 28 -61.77 60.27 -13.13
N GLU A 29 -61.66 59.47 -12.08
CA GLU A 29 -61.23 58.09 -12.26
C GLU A 29 -62.19 57.32 -13.14
N ARG A 30 -63.49 57.56 -12.96
CA ARG A 30 -64.49 56.92 -13.81
C ARG A 30 -64.34 57.34 -15.27
N TRP A 31 -64.13 58.64 -15.51
CA TRP A 31 -63.92 59.08 -16.89
C TRP A 31 -62.65 58.47 -17.48
N LYS A 32 -61.60 58.35 -16.66
CA LYS A 32 -60.37 57.72 -17.12
C LYS A 32 -60.61 56.27 -17.47
N ALA A 33 -61.41 55.57 -16.67
CA ALA A 33 -61.74 54.17 -16.98
C ALA A 33 -62.49 54.06 -18.29
N ILE A 34 -63.46 54.95 -18.51
CA ILE A 34 -64.21 54.94 -19.76
C ILE A 34 -63.29 55.20 -20.95
N ALA A 35 -62.37 56.16 -20.81
CA ALA A 35 -61.43 56.45 -21.89
C ALA A 35 -60.48 55.28 -22.12
N GLN A 36 -60.05 54.62 -21.04
CA GLN A 36 -59.14 53.49 -21.17
C GLN A 36 -59.81 52.32 -21.88
N THR A 37 -61.12 52.16 -21.66
CA THR A 37 -61.83 51.02 -22.21
C THR A 37 -61.83 51.02 -23.75
N GLN A 38 -61.97 52.20 -24.36
CA GLN A 38 -62.09 52.22 -25.82
C GLN A 38 -60.76 51.90 -26.49
N TYR A 39 -59.64 52.31 -25.90
CA TYR A 39 -58.34 51.90 -26.43
C TYR A 39 -58.04 50.45 -26.10
N ALA A 40 -58.49 49.99 -24.94
CA ALA A 40 -58.33 48.58 -24.59
C ALA A 40 -59.08 47.71 -25.56
N LEU A 41 -60.20 48.19 -26.10
CA LEU A 41 -60.94 47.42 -27.10
C LEU A 41 -60.12 47.23 -28.37
N GLU A 42 -59.42 48.27 -28.80
CA GLU A 42 -58.57 48.14 -29.98
C GLU A 42 -57.45 47.15 -29.74
N LEU A 43 -56.77 47.28 -28.59
CA LEU A 43 -55.65 46.37 -28.32
C LEU A 43 -56.15 44.94 -28.14
N ALA A 44 -57.36 44.78 -27.60
CA ALA A 44 -57.95 43.46 -27.43
C ALA A 44 -58.34 42.84 -28.76
N LYS A 45 -58.84 43.67 -29.68
CA LYS A 45 -59.07 43.21 -31.05
C LYS A 45 -57.78 42.72 -31.67
N GLU A 46 -56.68 43.43 -31.42
CA GLU A 46 -55.39 42.98 -31.91
C GLU A 46 -54.97 41.67 -31.24
N MET A 47 -55.44 41.43 -30.02
CA MET A 47 -55.02 40.24 -29.29
C MET A 47 -55.68 38.97 -29.84
N SER A 48 -56.87 39.10 -30.42
CA SER A 48 -57.61 37.93 -30.87
C SER A 48 -57.28 37.53 -32.30
N ARG A 49 -56.37 38.22 -32.96
CA ARG A 49 -56.02 37.87 -34.33
C ARG A 49 -55.22 36.56 -34.35
N PRO A 50 -55.29 35.80 -35.45
CA PRO A 50 -54.61 34.49 -35.47
C PRO A 50 -53.10 34.62 -35.37
N ALA A 51 -52.45 33.47 -35.23
CA ALA A 51 -51.08 33.44 -34.72
C ALA A 51 -50.06 33.78 -35.80
N LEU A 52 -49.97 32.96 -36.85
CA LEU A 52 -48.82 33.00 -37.77
C LEU A 52 -49.31 33.17 -39.21
N ARG A 53 -50.17 34.17 -39.43
CA ARG A 53 -50.76 34.43 -40.74
C ARG A 53 -50.39 35.83 -41.22
N THR A 54 -49.11 36.17 -41.10
CA THR A 54 -48.63 37.49 -41.49
C THR A 54 -48.32 37.48 -42.98
N SER A 55 -48.78 38.51 -43.69
CA SER A 55 -48.66 38.51 -45.14
C SER A 55 -47.48 39.37 -45.59
N VAL A 56 -47.26 40.51 -44.96
CA VAL A 56 -46.19 41.42 -45.36
C VAL A 56 -45.22 41.60 -44.20
N GLY A 57 -43.94 41.70 -44.55
CA GLY A 57 -42.92 42.12 -43.60
C GLY A 57 -42.70 41.19 -42.43
N ASP A 58 -42.70 39.88 -42.69
CA ASP A 58 -42.44 38.87 -41.68
C ASP A 58 -41.08 38.25 -41.95
N LEU A 59 -40.28 38.10 -40.88
CA LEU A 59 -39.03 37.38 -41.01
C LEU A 59 -39.31 35.89 -41.22
N PRO A 60 -38.48 35.22 -42.01
CA PRO A 60 -38.56 33.76 -42.08
C PRO A 60 -38.33 33.13 -40.72
N GLY A 61 -39.03 32.03 -40.47
CA GLY A 61 -38.85 31.29 -39.24
C GLY A 61 -40.10 31.08 -38.43
N GLY A 62 -41.17 31.80 -38.72
CA GLY A 62 -42.41 31.59 -37.99
C GLY A 62 -42.30 32.11 -36.57
N LEU A 63 -42.40 31.19 -35.60
CA LEU A 63 -42.25 31.57 -34.20
C LEU A 63 -40.87 32.13 -33.94
N TRP A 64 -39.86 31.61 -34.64
CA TRP A 64 -38.48 32.03 -34.47
C TRP A 64 -38.01 32.95 -35.58
N GLY A 65 -38.94 33.75 -36.11
CA GLY A 65 -38.61 34.76 -37.09
C GLY A 65 -37.98 35.96 -36.44
N VAL A 66 -36.80 35.76 -35.84
CA VAL A 66 -36.07 36.82 -35.17
C VAL A 66 -34.61 36.72 -35.60
N ARG A 67 -33.90 37.83 -35.49
CA ARG A 67 -32.49 37.89 -35.80
C ARG A 67 -31.88 38.95 -34.89
N PRO A 68 -30.89 38.58 -34.08
CA PRO A 68 -30.27 39.57 -33.19
C PRO A 68 -29.71 40.76 -33.95
N GLY A 69 -29.99 41.96 -33.45
CA GLY A 69 -29.60 43.17 -34.15
C GLY A 69 -28.11 43.32 -34.37
N PHE A 70 -27.30 42.56 -33.63
CA PHE A 70 -25.87 42.58 -33.87
C PHE A 70 -25.50 42.00 -35.22
N GLN A 71 -26.35 41.16 -35.77
CA GLN A 71 -26.07 40.56 -37.06
C GLN A 71 -26.84 41.27 -38.16
N SER A 72 -26.65 40.81 -39.39
CA SER A 72 -27.27 41.46 -40.53
C SER A 72 -28.75 41.09 -40.61
N PRO A 73 -29.57 41.98 -41.16
CA PRO A 73 -30.98 41.63 -41.36
C PRO A 73 -31.11 40.41 -42.23
N PRO A 74 -32.04 39.52 -41.92
CA PRO A 74 -32.00 38.16 -42.49
C PRO A 74 -32.09 38.08 -44.02
N LYS A 75 -32.56 39.10 -44.72
CA LYS A 75 -32.65 39.02 -46.17
C LYS A 75 -31.63 39.88 -46.90
N GLN A 76 -30.65 40.44 -46.19
CA GLN A 76 -29.67 41.30 -46.82
C GLN A 76 -28.58 40.48 -47.49
N ARG A 77 -28.18 40.89 -48.68
CA ARG A 77 -27.03 40.32 -49.35
C ARG A 77 -25.96 41.38 -49.52
N TYR A 78 -24.70 40.95 -49.52
CA TYR A 78 -23.57 41.83 -49.74
C TYR A 78 -22.66 41.17 -50.75
N ARG A 79 -22.43 41.83 -51.86
CA ARG A 79 -21.62 41.30 -52.93
C ARG A 79 -20.51 42.27 -53.25
N TRP A 80 -19.31 41.74 -53.39
CA TRP A 80 -18.17 42.52 -53.83
C TRP A 80 -18.23 42.74 -55.33
N THR A 81 -18.12 43.99 -55.74
CA THR A 81 -17.98 44.36 -57.14
C THR A 81 -16.61 44.98 -57.35
N LEU A 82 -16.07 44.82 -58.55
CA LEU A 82 -14.70 45.25 -58.81
C LEU A 82 -14.54 46.75 -58.60
N LYS A 83 -15.48 47.53 -59.11
CA LYS A 83 -15.46 48.97 -58.93
C LYS A 83 -16.69 49.38 -58.14
N GLN A 84 -16.46 49.92 -56.95
CA GLN A 84 -17.53 50.40 -56.08
C GLN A 84 -16.95 51.48 -55.19
N SER A 85 -17.84 52.26 -54.58
CA SER A 85 -17.38 53.36 -53.75
C SER A 85 -16.73 52.82 -52.48
N LYS A 86 -15.93 53.66 -51.83
CA LYS A 86 -15.17 53.22 -50.68
C LYS A 86 -16.08 53.02 -49.47
N ALA A 87 -17.22 53.72 -49.45
CA ALA A 87 -18.23 53.44 -48.43
C ALA A 87 -18.79 52.03 -48.58
N GLU A 88 -19.03 51.58 -49.81
CA GLU A 88 -19.49 50.22 -50.02
C GLU A 88 -18.44 49.20 -49.60
N LYS A 89 -17.17 49.49 -49.87
CA LYS A 89 -16.10 48.59 -49.42
C LYS A 89 -16.10 48.49 -47.90
N GLU A 90 -16.21 49.63 -47.21
CA GLU A 90 -16.29 49.57 -45.76
C GLU A 90 -17.48 48.74 -45.32
N ALA A 91 -18.66 49.02 -45.86
CA ALA A 91 -19.87 48.35 -45.42
C ALA A 91 -19.80 46.84 -45.65
N LEU A 92 -19.19 46.42 -46.75
CA LEU A 92 -19.06 44.99 -47.00
C LEU A 92 -18.07 44.39 -46.02
N LEU A 93 -17.06 45.15 -45.61
CA LEU A 93 -16.16 44.63 -44.58
C LEU A 93 -16.87 44.43 -43.24
N GLU A 94 -17.72 45.39 -42.83
CA GLU A 94 -18.47 45.13 -41.60
C GLU A 94 -19.49 44.02 -41.79
N ALA A 95 -19.97 43.80 -43.01
CA ALA A 95 -20.87 42.67 -43.22
C ALA A 95 -20.13 41.35 -43.02
N ILE A 96 -18.90 41.25 -43.51
CA ILE A 96 -18.11 40.04 -43.30
C ILE A 96 -17.86 39.81 -41.82
N TYR A 97 -17.37 40.83 -41.11
CA TYR A 97 -17.13 40.67 -39.67
C TYR A 97 -18.43 40.35 -38.94
N ARG A 98 -19.54 40.92 -39.39
CA ARG A 98 -20.81 40.75 -38.72
C ARG A 98 -21.34 39.33 -38.90
N GLN A 99 -21.01 38.69 -40.02
CA GLN A 99 -21.59 37.37 -40.25
C GLN A 99 -20.66 36.27 -39.76
N VAL A 100 -19.33 36.51 -39.79
CA VAL A 100 -18.40 35.49 -39.35
C VAL A 100 -18.22 35.53 -37.83
N LEU A 101 -17.98 36.72 -37.28
CA LEU A 101 -17.78 36.87 -35.85
C LEU A 101 -19.05 37.20 -35.09
N GLU A 102 -20.19 37.30 -35.78
CA GLU A 102 -21.54 37.55 -35.28
C GLU A 102 -21.73 38.95 -34.71
N ARG A 103 -20.72 39.81 -34.72
CA ARG A 103 -20.94 41.19 -34.29
C ARG A 103 -19.75 42.03 -34.73
N VAL A 104 -19.90 43.34 -34.52
CA VAL A 104 -18.84 44.28 -34.85
C VAL A 104 -17.77 44.24 -33.78
N LEU A 105 -16.52 44.13 -34.20
CA LEU A 105 -15.40 44.15 -33.27
C LEU A 105 -15.20 45.53 -32.68
N PRO A 106 -14.59 45.60 -31.50
CA PRO A 106 -14.15 46.89 -30.97
C PRO A 106 -13.05 47.46 -31.85
N GLU A 107 -12.93 48.79 -31.81
CA GLU A 107 -11.92 49.47 -32.62
C GLU A 107 -10.52 48.94 -32.31
N GLY A 108 -9.77 48.65 -33.36
CA GLY A 108 -8.45 48.07 -33.23
C GLY A 108 -8.38 46.57 -33.37
N SER A 109 -9.51 45.89 -33.47
CA SER A 109 -9.54 44.43 -33.55
C SER A 109 -9.66 43.91 -34.97
N ARG A 110 -9.69 44.78 -35.97
CA ARG A 110 -9.93 44.36 -37.34
C ARG A 110 -8.65 43.91 -38.02
N LEU A 111 -8.80 43.09 -39.05
CA LEU A 111 -7.67 42.70 -39.88
C LEU A 111 -7.16 43.91 -40.65
N ASN A 112 -5.85 44.00 -40.81
CA ASN A 112 -5.26 45.14 -41.48
C ASN A 112 -4.86 44.83 -42.93
N GLU A 113 -3.99 43.85 -43.11
CA GLU A 113 -3.48 43.54 -44.45
C GLU A 113 -4.54 42.86 -45.29
N GLU A 114 -5.37 42.00 -44.68
CA GLU A 114 -6.40 41.32 -45.45
C GLU A 114 -7.46 42.29 -45.95
N GLU A 115 -7.79 43.30 -45.14
CA GLU A 115 -8.71 44.33 -45.61
C GLU A 115 -8.13 45.09 -46.78
N SER A 116 -6.83 45.39 -46.73
CA SER A 116 -6.19 46.08 -47.85
C SER A 116 -6.18 45.22 -49.11
N ARG A 117 -5.96 43.92 -48.94
CA ARG A 117 -5.94 43.02 -50.09
C ARG A 117 -7.33 42.86 -50.68
N LEU A 118 -8.36 42.81 -49.84
CA LEU A 118 -9.73 42.74 -50.33
C LEU A 118 -10.13 44.04 -51.01
N ASN A 119 -9.74 45.19 -50.44
CA ASN A 119 -10.08 46.47 -51.03
C ASN A 119 -9.46 46.64 -52.40
N ASN A 120 -8.26 46.10 -52.57
CA ASN A 120 -7.54 46.20 -53.83
C ASN A 120 -7.96 45.16 -54.84
N GLY A 121 -8.84 44.24 -54.47
CA GLY A 121 -9.15 43.11 -55.31
C GLY A 121 -8.08 42.06 -55.35
N ASP A 122 -7.09 42.14 -54.46
CA ASP A 122 -5.99 41.18 -54.44
C ASP A 122 -6.47 39.80 -54.04
N ILE A 123 -7.36 39.72 -53.07
CA ILE A 123 -7.99 38.47 -52.67
C ILE A 123 -9.49 38.64 -52.85
N THR A 124 -10.20 37.51 -52.84
CA THR A 124 -11.64 37.48 -52.97
C THR A 124 -12.30 37.51 -51.59
N VAL A 125 -13.63 37.71 -51.62
CA VAL A 125 -14.41 37.66 -50.38
C VAL A 125 -14.30 36.28 -49.73
N ARG A 126 -14.30 35.22 -50.53
CA ARG A 126 -14.13 33.89 -49.98
C ARG A 126 -12.77 33.74 -49.31
N GLU A 127 -11.72 34.26 -49.92
CA GLU A 127 -10.39 34.19 -49.32
C GLU A 127 -10.33 34.97 -48.01
N PHE A 128 -10.95 36.15 -47.99
CA PHE A 128 -10.98 36.93 -46.76
C PHE A 128 -11.74 36.19 -45.67
N VAL A 129 -12.89 35.60 -46.01
CA VAL A 129 -13.67 34.86 -45.04
C VAL A 129 -12.89 33.67 -44.52
N ARG A 130 -12.17 32.98 -45.41
CA ARG A 130 -11.34 31.85 -45.00
C ARG A 130 -10.22 32.29 -44.07
N ARG A 131 -9.64 33.46 -44.32
CA ARG A 131 -8.58 33.94 -43.44
C ARG A 131 -9.14 34.39 -42.09
N LEU A 132 -10.36 34.93 -42.09
CA LEU A 132 -10.95 35.46 -40.86
C LEU A 132 -11.43 34.34 -39.94
N ALA A 133 -12.04 33.29 -40.51
CA ALA A 133 -12.57 32.23 -39.68
C ALA A 133 -11.47 31.34 -39.12
N SER A 134 -10.28 31.38 -39.71
CA SER A 134 -9.15 30.64 -39.18
C SER A 134 -8.18 31.52 -38.41
N SER A 135 -8.54 32.77 -38.16
CA SER A 135 -7.66 33.74 -37.54
C SER A 135 -7.80 33.74 -36.02
N ASP A 136 -6.95 34.52 -35.37
CA ASP A 136 -6.95 34.59 -33.91
C ASP A 136 -8.22 35.25 -33.39
N LEU A 137 -8.85 36.12 -34.17
CA LEU A 137 -10.12 36.70 -33.77
C LEU A 137 -11.18 35.63 -33.57
N TYR A 138 -11.29 34.70 -34.52
CA TYR A 138 -12.24 33.61 -34.40
C TYR A 138 -11.86 32.66 -33.28
N VAL A 139 -10.57 32.43 -33.08
CA VAL A 139 -10.11 31.55 -32.01
C VAL A 139 -10.48 32.12 -30.65
N GLN A 140 -10.26 33.41 -30.45
CA GLN A 140 -10.54 34.03 -29.15
C GLN A 140 -12.03 34.23 -28.95
N SER A 141 -12.79 34.36 -30.04
CA SER A 141 -14.24 34.55 -29.89
C SER A 141 -14.93 33.23 -29.59
N PHE A 142 -14.52 32.14 -30.24
CA PHE A 142 -15.25 30.89 -30.15
C PHE A 142 -14.40 29.70 -29.69
N LEU A 143 -13.23 29.50 -30.28
CA LEU A 143 -12.50 28.25 -30.06
C LEU A 143 -12.05 28.10 -28.61
N VAL A 144 -11.70 29.19 -27.94
CA VAL A 144 -11.17 29.07 -26.58
C VAL A 144 -12.29 28.77 -25.59
N ARG A 145 -13.54 28.90 -26.02
CA ARG A 145 -14.65 28.74 -25.08
C ARG A 145 -15.61 27.61 -25.41
N TYR A 146 -15.46 26.94 -26.54
CA TYR A 146 -16.38 25.88 -26.93
C TYR A 146 -15.61 24.62 -27.28
N PRO A 147 -16.21 23.46 -27.08
CA PRO A 147 -15.63 22.22 -27.60
C PRO A 147 -15.75 22.16 -29.12
N ASN A 148 -15.01 21.22 -29.72
CA ASN A 148 -14.98 21.12 -31.18
C ASN A 148 -16.35 20.79 -31.75
N THR A 149 -17.20 20.10 -30.99
CA THR A 149 -18.55 19.80 -31.47
C THR A 149 -19.33 21.09 -31.67
N LYS A 150 -19.24 22.02 -30.72
CA LYS A 150 -19.91 23.31 -30.88
C LYS A 150 -19.28 24.12 -32.00
N LEU A 151 -17.96 24.02 -32.17
CA LEU A 151 -17.30 24.72 -33.26
C LEU A 151 -17.76 24.22 -34.61
N VAL A 152 -18.15 22.95 -34.70
CA VAL A 152 -18.69 22.43 -35.96
C VAL A 152 -19.95 23.21 -36.34
N GLU A 153 -20.86 23.41 -35.39
CA GLU A 153 -22.10 24.07 -35.73
C GLU A 153 -21.90 25.58 -35.86
N LYS A 154 -20.94 26.15 -35.14
CA LYS A 154 -20.55 27.54 -35.37
C LYS A 154 -20.03 27.73 -36.78
N LEU A 155 -19.21 26.82 -37.27
CA LEU A 155 -18.68 26.91 -38.63
C LEU A 155 -19.80 26.76 -39.65
N TYR A 156 -20.75 25.85 -39.38
CA TYR A 156 -21.89 25.72 -40.29
C TYR A 156 -22.70 27.00 -40.34
N LYS A 157 -22.95 27.61 -39.17
CA LYS A 157 -23.69 28.86 -39.12
C LYS A 157 -22.95 29.99 -39.83
N HIS A 158 -21.64 30.12 -39.60
CA HIS A 158 -20.92 31.28 -40.09
C HIS A 158 -20.54 31.16 -41.55
N LEU A 159 -20.07 29.99 -41.97
CA LEU A 159 -19.53 29.84 -43.30
C LEU A 159 -20.54 29.32 -44.32
N LEU A 160 -21.56 28.60 -43.88
CA LEU A 160 -22.57 28.09 -44.78
C LEU A 160 -23.96 28.63 -44.54
N GLY A 161 -24.21 29.28 -43.41
CA GLY A 161 -25.49 29.90 -43.17
C GLY A 161 -26.61 28.95 -42.82
N ARG A 162 -26.28 27.73 -42.39
CA ARG A 162 -27.30 26.77 -42.02
C ARG A 162 -26.81 26.01 -40.80
N ALA A 163 -27.47 24.90 -40.52
CA ALA A 163 -27.06 23.96 -39.50
C ALA A 163 -26.65 22.65 -40.15
N PRO A 164 -25.85 21.84 -39.47
CA PRO A 164 -25.66 20.46 -39.92
C PRO A 164 -26.97 19.70 -39.87
N SER A 165 -27.18 18.83 -40.85
CA SER A 165 -28.44 18.11 -40.95
C SER A 165 -28.38 16.68 -40.45
N ASN A 166 -27.20 16.05 -40.46
CA ASN A 166 -27.11 14.65 -40.09
C ASN A 166 -25.75 14.41 -39.45
N GLN A 167 -25.50 13.16 -39.08
CA GLN A 167 -24.28 12.82 -38.36
C GLN A 167 -23.07 12.86 -39.29
N LYS A 168 -23.26 12.60 -40.57
CA LYS A 168 -22.13 12.59 -41.50
C LYS A 168 -21.57 13.99 -41.69
N GLU A 169 -22.46 14.99 -41.76
CA GLU A 169 -22.03 16.38 -41.83
C GLU A 169 -21.23 16.77 -40.60
N ILE A 170 -21.68 16.33 -39.43
CA ILE A 170 -20.94 16.60 -38.20
C ILE A 170 -19.59 15.90 -38.23
N ILE A 171 -19.57 14.65 -38.69
CA ILE A 171 -18.36 13.83 -38.64
C ILE A 171 -17.26 14.42 -39.49
N LYS A 172 -17.59 14.90 -40.70
CA LYS A 172 -16.55 15.42 -41.59
C LYS A 172 -15.76 16.53 -40.91
N TYR A 173 -16.45 17.54 -40.41
CA TYR A 173 -15.77 18.69 -39.86
C TYR A 173 -15.25 18.43 -38.45
N HIS A 174 -15.85 17.47 -37.72
CA HIS A 174 -15.28 17.14 -36.43
C HIS A 174 -13.97 16.38 -36.58
N ASP A 175 -13.87 15.49 -37.56
CA ASP A 175 -12.57 14.87 -37.83
C ASP A 175 -11.55 15.89 -38.27
N LEU A 176 -11.98 16.87 -39.07
CA LEU A 176 -11.04 17.89 -39.49
C LEU A 176 -10.56 18.74 -38.30
N LEU A 177 -11.44 18.98 -37.33
CA LEU A 177 -11.03 19.73 -36.14
C LEU A 177 -10.16 18.87 -35.22
N ALA A 178 -10.45 17.58 -35.15
CA ALA A 178 -9.78 16.69 -34.22
C ALA A 178 -8.38 16.36 -34.67
N ARG A 179 -8.15 16.30 -35.97
CA ARG A 179 -6.89 15.81 -36.47
C ARG A 179 -5.99 16.90 -37.04
N LYS A 180 -6.57 18.00 -37.51
CA LYS A 180 -5.79 19.00 -38.22
C LYS A 180 -6.01 20.42 -37.71
N GLY A 181 -7.02 20.67 -36.90
CA GLY A 181 -7.21 21.99 -36.33
C GLY A 181 -8.27 22.82 -37.05
N LEU A 182 -8.35 24.07 -36.61
CA LEU A 182 -9.39 24.97 -37.10
C LEU A 182 -9.16 25.37 -38.55
N LYS A 183 -7.92 25.70 -38.90
CA LYS A 183 -7.63 26.22 -40.22
C LYS A 183 -8.01 25.21 -41.30
N ALA A 184 -7.68 23.94 -41.08
CA ALA A 184 -8.00 22.90 -42.06
C ALA A 184 -9.50 22.75 -42.25
N ALA A 185 -10.26 22.83 -41.15
CA ALA A 185 -11.72 22.72 -41.24
C ALA A 185 -12.33 23.91 -41.97
N VAL A 186 -11.82 25.11 -41.73
CA VAL A 186 -12.31 26.28 -42.45
C VAL A 186 -11.96 26.19 -43.93
N ASP A 187 -10.73 25.74 -44.22
CA ASP A 187 -10.30 25.56 -45.59
C ASP A 187 -11.20 24.57 -46.32
N ALA A 188 -11.52 23.46 -45.66
CA ALA A 188 -12.40 22.47 -46.25
C ALA A 188 -13.80 23.02 -46.45
N MET A 189 -14.31 23.81 -45.49
CA MET A 189 -15.71 24.21 -45.56
C MET A 189 -15.94 25.31 -46.59
N VAL A 190 -14.97 26.21 -46.78
CA VAL A 190 -15.17 27.24 -47.80
C VAL A 190 -14.79 26.77 -49.19
N THR A 191 -14.19 25.60 -49.31
CA THR A 191 -13.84 25.03 -50.59
C THR A 191 -14.87 23.98 -51.04
N THR A 192 -15.90 23.75 -50.24
CA THR A 192 -16.95 22.82 -50.66
C THR A 192 -17.72 23.37 -51.85
N GLU A 193 -18.38 22.47 -52.58
CA GLU A 193 -19.13 22.89 -53.76
C GLU A 193 -20.40 23.62 -53.37
N GLU A 194 -20.93 23.35 -52.18
CA GLU A 194 -22.09 24.09 -51.71
C GLU A 194 -21.77 25.56 -51.47
N TYR A 195 -20.61 25.84 -50.86
CA TYR A 195 -20.19 27.22 -50.68
C TYR A 195 -20.00 27.90 -52.03
N THR A 196 -19.41 27.20 -52.99
CA THR A 196 -19.16 27.79 -54.30
C THR A 196 -20.46 28.05 -55.06
N GLU A 197 -21.44 27.16 -54.91
CA GLU A 197 -22.69 27.34 -55.62
C GLU A 197 -23.55 28.42 -55.00
N ILE A 198 -23.59 28.48 -53.66
CA ILE A 198 -24.53 29.38 -53.00
C ILE A 198 -23.91 30.75 -52.82
N PHE A 199 -22.71 30.81 -52.25
CA PHE A 199 -22.04 32.08 -52.03
C PHE A 199 -21.06 32.43 -53.13
N GLY A 200 -20.40 31.43 -53.70
CA GLY A 200 -19.51 31.70 -54.80
C GLY A 200 -18.17 32.23 -54.34
N ASP A 201 -17.75 33.30 -54.98
CA ASP A 201 -16.43 33.85 -54.76
C ASP A 201 -16.46 35.23 -54.12
N ASP A 202 -17.53 35.99 -54.33
CA ASP A 202 -17.57 37.39 -53.92
C ASP A 202 -18.83 37.80 -53.16
N THR A 203 -19.65 36.86 -52.71
CA THR A 203 -20.79 37.19 -51.88
C THR A 203 -20.47 36.77 -50.45
N VAL A 204 -20.74 37.67 -49.50
CA VAL A 204 -20.61 37.31 -48.10
C VAL A 204 -21.59 36.19 -47.78
N PRO A 205 -21.18 35.15 -47.05
CA PRO A 205 -22.15 34.13 -46.64
C PRO A 205 -23.28 34.76 -45.84
N PHE A 206 -24.46 34.18 -45.98
CA PHE A 206 -25.62 34.69 -45.30
C PHE A 206 -26.45 33.53 -44.79
N ALA A 207 -27.24 33.82 -43.75
CA ALA A 207 -28.17 32.83 -43.23
C ALA A 207 -29.21 32.45 -44.30
N ARG A 208 -29.43 31.14 -44.45
CA ARG A 208 -30.27 30.60 -45.50
C ARG A 208 -31.58 30.08 -44.93
N TYR A 209 -32.70 30.50 -45.52
CA TYR A 209 -34.02 30.17 -44.98
C TYR A 209 -34.93 29.44 -45.94
N THR A 210 -34.54 29.24 -47.20
CA THR A 210 -35.39 28.57 -48.17
C THR A 210 -34.88 27.16 -48.39
N THR A 211 -35.80 26.19 -48.36
CA THR A 211 -35.41 24.80 -48.54
C THR A 211 -34.76 24.60 -49.91
N ASP A 212 -33.65 23.88 -49.90
CA ASP A 212 -32.85 23.66 -51.11
C ASP A 212 -32.05 22.39 -50.93
N PRO A 213 -32.72 21.23 -51.03
CA PRO A 213 -32.06 19.96 -50.71
C PRO A 213 -30.85 19.66 -51.57
N ALA A 214 -30.84 20.11 -52.83
CA ALA A 214 -29.67 19.88 -53.68
C ALA A 214 -28.45 20.59 -53.12
N HIS A 215 -28.64 21.67 -52.38
CA HIS A 215 -27.54 22.44 -51.80
C HIS A 215 -27.53 22.39 -50.28
N GLY A 216 -28.19 21.40 -49.68
CA GLY A 216 -28.04 21.14 -48.27
C GLY A 216 -29.15 21.62 -47.35
N LEU A 217 -30.07 22.47 -47.82
CA LEU A 217 -31.21 22.88 -46.99
C LEU A 217 -32.35 21.86 -47.09
N VAL A 218 -32.14 20.75 -46.40
CA VAL A 218 -33.19 19.81 -46.05
C VAL A 218 -33.88 20.36 -44.81
N THR A 219 -35.01 19.75 -44.44
CA THR A 219 -35.83 20.30 -43.37
C THR A 219 -35.07 20.37 -42.03
N GLN A 220 -34.20 19.41 -41.76
CA GLN A 220 -33.46 19.45 -40.50
C GLN A 220 -32.43 20.57 -40.51
N ALA A 221 -31.77 20.78 -41.64
CA ALA A 221 -30.85 21.91 -41.76
C ALA A 221 -31.60 23.22 -41.55
N TYR A 222 -32.81 23.32 -42.12
CA TYR A 222 -33.63 24.52 -41.94
C TYR A 222 -34.00 24.74 -40.48
N LEU A 223 -34.49 23.71 -39.81
CA LEU A 223 -34.90 23.88 -38.42
C LEU A 223 -33.72 24.25 -37.54
N GLY A 224 -32.60 23.54 -37.68
CA GLY A 224 -31.42 23.90 -36.91
C GLY A 224 -30.93 25.30 -37.22
N GLY A 225 -30.99 25.71 -38.48
CA GLY A 225 -30.52 27.04 -38.84
C GLY A 225 -31.38 28.14 -38.30
N VAL A 226 -32.71 27.96 -38.33
CA VAL A 226 -33.58 28.98 -37.79
C VAL A 226 -33.48 29.02 -36.27
N LEU A 227 -33.12 27.90 -35.64
CA LEU A 227 -32.94 27.91 -34.20
C LEU A 227 -31.62 28.59 -33.80
N VAL A 228 -30.53 28.30 -34.50
CA VAL A 228 -29.26 28.92 -34.13
C VAL A 228 -29.23 30.39 -34.55
N ASN A 229 -29.83 30.73 -35.69
CA ASN A 229 -29.85 32.11 -36.14
C ASN A 229 -30.84 32.96 -35.37
N ALA A 230 -31.65 32.36 -34.50
CA ALA A 230 -32.49 33.09 -33.57
C ALA A 230 -31.75 33.42 -32.29
N LYS A 231 -30.48 33.07 -32.19
CA LYS A 231 -29.76 33.12 -30.95
C LYS A 231 -28.73 34.24 -30.96
N HIS A 232 -28.70 35.01 -29.87
CA HIS A 232 -27.65 35.96 -29.65
C HIS A 232 -26.31 35.24 -29.51
N THR A 233 -25.24 35.98 -29.76
CA THR A 233 -23.92 35.44 -29.51
C THR A 233 -23.66 35.32 -28.01
N TYR A 234 -23.11 34.18 -27.61
CA TYR A 234 -22.92 33.80 -26.21
C TYR A 234 -24.23 33.73 -25.46
N GLN A 235 -25.30 33.36 -26.17
CA GLN A 235 -26.61 33.24 -25.53
C GLN A 235 -26.60 32.14 -24.48
N ASN A 236 -25.90 31.05 -24.75
CA ASN A 236 -25.68 29.98 -23.79
C ASN A 236 -24.44 29.21 -24.23
N ARG A 237 -24.18 28.09 -23.56
CA ARG A 237 -23.07 27.22 -23.91
C ARG A 237 -23.51 25.84 -24.35
N THR A 238 -24.82 25.62 -24.49
CA THR A 238 -25.31 24.31 -24.87
C THR A 238 -24.93 23.98 -26.30
N LEU A 239 -24.71 22.70 -26.56
CA LEU A 239 -24.50 22.21 -27.92
C LEU A 239 -25.87 21.93 -28.52
N ASN A 240 -26.26 22.71 -29.51
CA ASN A 240 -27.57 22.55 -30.11
C ASN A 240 -27.62 21.33 -31.02
N PHE A 241 -26.46 20.89 -31.50
CA PHE A 241 -26.34 19.66 -32.27
C PHE A 241 -25.18 18.88 -31.67
N PRO A 242 -25.38 18.29 -30.48
CA PRO A 242 -24.29 17.50 -29.88
C PRO A 242 -23.91 16.32 -30.74
N SER A 243 -24.90 15.62 -31.28
CA SER A 243 -24.76 14.65 -32.35
C SER A 243 -26.14 14.14 -32.70
N TYR A 244 -26.31 13.59 -33.89
CA TYR A 244 -27.52 12.84 -34.24
C TYR A 244 -27.24 11.37 -34.02
N GLY A 245 -28.19 10.67 -33.41
CA GLY A 245 -27.98 9.29 -33.10
C GLY A 245 -29.18 8.63 -32.46
N PRO A 246 -29.05 7.34 -32.15
CA PRO A 246 -30.20 6.59 -31.62
C PRO A 246 -30.72 7.11 -30.29
N GLY A 247 -29.85 7.67 -29.46
CA GLY A 247 -30.21 7.97 -28.08
C GLY A 247 -30.66 9.40 -27.88
N SER A 248 -30.89 9.72 -26.62
CA SER A 248 -31.23 11.06 -26.17
C SER A 248 -30.05 11.68 -25.44
N GLN A 249 -30.10 13.00 -25.28
CA GLN A 249 -28.98 13.72 -24.70
C GLN A 249 -28.77 13.37 -23.23
N THR A 250 -29.85 13.06 -22.51
CA THR A 250 -29.72 12.77 -21.09
C THR A 250 -29.53 11.27 -20.84
N GLY A 251 -29.83 10.44 -21.83
CA GLY A 251 -29.63 9.01 -21.66
C GLY A 251 -30.63 8.35 -20.75
N GLY A 252 -31.85 8.87 -20.64
CA GLY A 252 -32.83 8.25 -19.76
C GLY A 252 -33.29 6.90 -20.26
N GLU A 253 -33.15 6.64 -21.55
CA GLU A 253 -33.52 5.33 -22.07
C GLU A 253 -32.64 4.24 -21.50
N GLN A 254 -31.44 4.60 -21.02
CA GLN A 254 -30.51 3.59 -20.51
C GLN A 254 -30.73 3.33 -19.02
N ARG A 255 -31.58 4.12 -18.37
CA ARG A 255 -31.77 3.98 -16.94
C ARG A 255 -32.47 2.67 -16.60
N SER A 256 -32.34 2.25 -15.36
CA SER A 256 -33.02 1.06 -14.89
C SER A 256 -34.40 1.41 -14.37
N LEU A 257 -35.39 0.63 -14.77
CA LEU A 257 -36.71 0.97 -14.25
C LEU A 257 -36.98 0.22 -12.96
N PRO A 258 -37.67 0.83 -12.01
CA PRO A 258 -38.05 0.09 -10.80
C PRO A 258 -39.01 -1.04 -11.14
N LEU A 259 -38.83 -2.17 -10.44
CA LEU A 259 -39.71 -3.30 -10.66
C LEU A 259 -41.12 -2.99 -10.16
N VAL A 260 -41.22 -2.31 -9.03
CA VAL A 260 -42.50 -1.89 -8.46
C VAL A 260 -42.45 -0.40 -8.24
N PRO A 261 -43.59 0.29 -8.31
CA PRO A 261 -43.61 1.69 -7.91
C PRO A 261 -43.15 1.85 -6.47
N GLU A 262 -42.53 3.01 -6.20
CA GLU A 262 -41.86 3.22 -4.92
C GLU A 262 -42.79 2.96 -3.75
N ARG A 263 -44.08 3.16 -3.95
CA ARG A 263 -45.09 3.02 -2.91
C ARG A 263 -46.46 2.78 -3.53
N VAL A 264 -47.25 1.94 -2.86
CA VAL A 264 -48.51 1.41 -3.37
C VAL A 264 -49.60 1.76 -2.38
N PHE A 265 -50.82 1.92 -2.86
CA PHE A 265 -51.92 2.47 -2.06
C PHE A 265 -52.93 1.38 -1.74
N SER A 266 -53.19 1.18 -0.45
CA SER A 266 -54.11 0.16 0.03
C SER A 266 -54.78 0.64 1.30
N LEU A 267 -56.07 0.35 1.44
CA LEU A 267 -56.74 0.58 2.71
C LEU A 267 -56.14 -0.29 3.81
N GLY A 268 -55.86 -1.55 3.50
CA GLY A 268 -55.26 -2.44 4.48
C GLY A 268 -53.87 -2.00 4.89
N ASP A 269 -53.11 -1.43 3.96
CA ASP A 269 -51.78 -0.92 4.27
C ASP A 269 -51.82 0.33 5.12
N GLY A 270 -52.99 0.94 5.32
CA GLY A 270 -53.10 2.13 6.14
C GLY A 270 -53.12 3.42 5.37
N ALA A 271 -53.19 3.37 4.04
CA ALA A 271 -53.26 4.60 3.25
C ALA A 271 -54.56 5.34 3.53
N SER A 272 -54.48 6.65 3.59
CA SER A 272 -55.66 7.48 3.81
C SER A 272 -56.50 7.54 2.55
N VAL A 273 -57.74 8.01 2.71
CA VAL A 273 -58.65 8.12 1.57
C VAL A 273 -58.15 9.18 0.59
N ASP A 274 -57.48 10.21 1.09
CA ASP A 274 -56.96 11.25 0.20
C ASP A 274 -55.91 10.69 -0.74
N GLN A 275 -54.94 9.94 -0.20
CA GLN A 275 -53.91 9.32 -1.04
C GLN A 275 -54.51 8.34 -2.03
N ILE A 276 -55.47 7.53 -1.56
CA ILE A 276 -56.09 6.53 -2.42
C ILE A 276 -56.87 7.19 -3.54
N LEU A 277 -57.57 8.30 -3.24
CA LEU A 277 -58.30 9.02 -4.28
C LEU A 277 -57.34 9.61 -5.30
N ARG A 278 -56.27 10.25 -4.84
CA ARG A 278 -55.32 10.84 -5.78
C ARG A 278 -54.70 9.77 -6.66
N ALA A 279 -54.32 8.64 -6.06
CA ALA A 279 -53.74 7.54 -6.82
C ALA A 279 -54.75 6.93 -7.78
N SER A 280 -56.01 6.83 -7.39
CA SER A 280 -57.04 6.28 -8.27
C SER A 280 -57.21 7.14 -9.50
N TYR A 281 -57.30 8.46 -9.31
CA TYR A 281 -57.45 9.35 -10.46
C TYR A 281 -56.20 9.33 -11.34
N ARG A 282 -55.02 9.19 -10.72
CA ARG A 282 -53.80 9.16 -11.50
C ARG A 282 -53.68 7.86 -12.30
N GLN A 283 -54.10 6.74 -11.71
CA GLN A 283 -53.98 5.44 -12.37
C GLN A 283 -55.03 5.27 -13.47
N ILE A 284 -56.26 5.70 -13.23
CA ILE A 284 -57.34 5.38 -14.15
C ILE A 284 -57.49 6.44 -15.23
N LEU A 285 -57.45 7.71 -14.86
CA LEU A 285 -57.69 8.80 -15.81
C LEU A 285 -56.42 9.55 -16.18
N GLU A 286 -55.27 9.19 -15.61
CA GLU A 286 -53.98 9.78 -15.95
C GLU A 286 -53.98 11.29 -15.79
N LYS A 287 -54.74 11.79 -14.81
CA LYS A 287 -54.84 13.22 -14.58
C LYS A 287 -54.95 13.48 -13.09
N GLU A 288 -54.62 14.70 -12.68
CA GLU A 288 -54.69 15.07 -11.29
C GLU A 288 -56.13 15.38 -10.91
N PRO A 289 -56.48 15.16 -9.63
CA PRO A 289 -57.88 15.39 -9.23
C PRO A 289 -58.36 16.81 -9.45
N GLN A 290 -57.48 17.81 -9.33
CA GLN A 290 -57.88 19.18 -9.58
C GLN A 290 -58.21 19.41 -11.05
N GLU A 291 -57.63 18.62 -11.94
CA GLU A 291 -57.89 18.79 -13.36
C GLU A 291 -59.28 18.29 -13.73
N LEU A 292 -59.84 17.39 -12.93
CA LEU A 292 -61.10 16.74 -13.26
C LEU A 292 -62.27 17.44 -12.59
N GLN A 293 -63.47 16.98 -12.96
CA GLN A 293 -64.67 17.16 -12.15
C GLN A 293 -64.81 15.91 -11.31
N ARG A 294 -64.45 16.01 -10.04
CA ARG A 294 -64.33 14.83 -9.20
C ARG A 294 -65.68 14.16 -8.95
N LEU A 295 -65.63 12.86 -8.72
CA LEU A 295 -66.84 12.07 -8.46
C LEU A 295 -67.17 12.21 -6.99
N SER A 296 -67.93 13.26 -6.66
CA SER A 296 -68.15 13.64 -5.27
C SER A 296 -68.83 12.53 -4.48
N VAL A 297 -69.91 11.97 -5.02
CA VAL A 297 -70.70 11.00 -4.25
C VAL A 297 -69.95 9.68 -4.11
N ALA A 298 -69.27 9.24 -5.16
CA ALA A 298 -68.44 8.04 -5.03
C ALA A 298 -67.31 8.27 -4.03
N GLU A 299 -66.72 9.47 -4.04
CA GLU A 299 -65.67 9.78 -3.08
C GLU A 299 -66.21 9.77 -1.65
N SER A 300 -67.42 10.28 -1.45
CA SER A 300 -68.00 10.29 -0.11
C SER A 300 -68.38 8.89 0.33
N GLN A 301 -68.80 8.04 -0.61
CA GLN A 301 -69.11 6.66 -0.27
C GLN A 301 -67.84 5.90 0.09
N LEU A 302 -66.75 6.16 -0.63
CA LEU A 302 -65.48 5.55 -0.30
C LEU A 302 -64.95 6.05 1.05
N ARG A 303 -65.21 7.32 1.35
CA ARG A 303 -64.80 7.89 2.63
C ARG A 303 -65.62 7.31 3.78
N ASN A 304 -66.87 6.95 3.51
CA ASN A 304 -67.75 6.38 4.53
C ASN A 304 -67.62 4.87 4.66
N GLY A 305 -66.74 4.25 3.88
CA GLY A 305 -66.59 2.82 3.92
C GLY A 305 -67.71 2.06 3.25
N GLU A 306 -68.63 2.74 2.58
CA GLU A 306 -69.76 2.07 1.94
C GLU A 306 -69.31 1.24 0.76
N ILE A 307 -68.29 1.71 0.03
CA ILE A 307 -67.79 1.04 -1.15
C ILE A 307 -66.29 0.84 -1.00
N SER A 308 -65.76 -0.15 -1.71
CA SER A 308 -64.34 -0.46 -1.64
C SER A 308 -63.57 0.37 -2.66
N VAL A 309 -62.25 0.22 -2.65
CA VAL A 309 -61.41 0.91 -3.63
C VAL A 309 -61.74 0.41 -5.04
N LYS A 310 -61.98 -0.90 -5.18
CA LYS A 310 -62.34 -1.46 -6.47
C LYS A 310 -63.66 -0.88 -6.99
N GLU A 311 -64.60 -0.62 -6.10
CA GLU A 311 -65.86 0.00 -6.51
C GLU A 311 -65.64 1.43 -6.98
N PHE A 312 -64.76 2.16 -6.31
CA PHE A 312 -64.41 3.49 -6.81
C PHE A 312 -63.69 3.40 -8.15
N ILE A 313 -62.88 2.37 -8.34
CA ILE A 313 -62.18 2.21 -9.61
C ILE A 313 -63.16 1.93 -10.74
N ARG A 314 -64.19 1.11 -10.49
CA ARG A 314 -65.16 0.91 -11.56
C ARG A 314 -66.05 2.14 -11.73
N ALA A 315 -66.26 2.90 -10.67
CA ALA A 315 -66.97 4.17 -10.80
C ALA A 315 -66.19 5.12 -11.70
N LEU A 316 -64.87 5.12 -11.57
CA LEU A 316 -64.03 5.92 -12.45
C LEU A 316 -64.08 5.40 -13.89
N GLY A 317 -63.96 4.09 -14.08
CA GLY A 317 -64.02 3.53 -15.41
C GLY A 317 -65.36 3.73 -16.07
N TYR A 318 -66.43 3.78 -15.27
CA TYR A 318 -67.78 3.99 -15.77
C TYR A 318 -68.07 5.44 -16.11
N SER A 319 -67.20 6.37 -15.72
CA SER A 319 -67.48 7.77 -15.94
C SER A 319 -67.50 8.11 -17.42
N GLU A 320 -68.27 9.14 -17.77
CA GLU A 320 -68.29 9.64 -19.14
C GLU A 320 -66.93 10.18 -19.52
N ILE A 321 -66.20 10.73 -18.55
CA ILE A 321 -64.88 11.28 -18.83
C ILE A 321 -63.92 10.19 -19.28
N TYR A 322 -64.13 8.96 -18.82
CA TYR A 322 -63.27 7.86 -19.27
C TYR A 322 -63.50 7.56 -20.74
N ALA A 323 -64.75 7.56 -21.19
CA ALA A 323 -65.05 7.31 -22.59
C ALA A 323 -64.59 8.48 -23.45
N LYS A 324 -64.65 9.69 -22.92
CA LYS A 324 -64.15 10.84 -23.67
C LYS A 324 -62.63 10.83 -23.76
N PHE A 325 -61.95 10.35 -22.71
CA PHE A 325 -60.49 10.35 -22.70
C PHE A 325 -59.91 9.23 -23.52
N PHE A 326 -60.52 8.05 -23.47
CA PHE A 326 -59.84 6.84 -23.90
C PHE A 326 -60.58 6.05 -24.96
N LEU A 327 -61.74 6.49 -25.39
CA LEU A 327 -62.47 5.81 -26.44
C LEU A 327 -62.93 6.72 -27.57
N ALA A 328 -63.18 8.00 -27.29
CA ALA A 328 -63.85 8.84 -28.28
C ALA A 328 -63.03 8.99 -29.57
N ARG A 329 -61.72 9.22 -29.44
CA ARG A 329 -60.88 9.46 -30.60
C ARG A 329 -59.83 8.37 -30.79
N TRP A 330 -60.13 7.15 -30.39
CA TRP A 330 -59.17 6.06 -30.44
C TRP A 330 -59.79 4.84 -31.10
N TYR A 331 -58.94 4.05 -31.73
CA TYR A 331 -59.29 2.75 -32.24
C TYR A 331 -59.52 1.78 -31.07
N ASN A 332 -60.29 0.73 -31.34
CA ASN A 332 -60.61 -0.23 -30.28
C ASN A 332 -59.36 -0.93 -29.74
N GLY A 333 -58.33 -1.09 -30.56
CA GLY A 333 -57.07 -1.60 -30.05
C GLY A 333 -56.44 -0.67 -29.02
N LYS A 334 -56.47 0.63 -29.30
CA LYS A 334 -55.98 1.60 -28.33
C LYS A 334 -56.83 1.60 -27.07
N VAL A 335 -58.16 1.47 -27.22
CA VAL A 335 -59.03 1.41 -26.06
C VAL A 335 -58.67 0.20 -25.20
N ALA A 336 -58.38 -0.93 -25.84
CA ALA A 336 -58.00 -2.14 -25.11
C ALA A 336 -56.68 -1.93 -24.35
N GLU A 337 -55.70 -1.32 -25.01
CA GLU A 337 -54.43 -1.05 -24.33
C GLU A 337 -54.61 -0.09 -23.17
N PHE A 338 -55.45 0.94 -23.34
CA PHE A 338 -55.79 1.84 -22.25
C PHE A 338 -56.42 1.07 -21.09
N ASN A 339 -57.36 0.19 -21.40
CA ASN A 339 -58.04 -0.57 -20.35
C ASN A 339 -57.06 -1.43 -19.58
N PHE A 340 -56.16 -2.11 -20.29
CA PHE A 340 -55.19 -2.95 -19.63
C PHE A 340 -54.25 -2.15 -18.76
N LYS A 341 -53.75 -1.02 -19.27
CA LYS A 341 -52.85 -0.20 -18.48
C LYS A 341 -53.53 0.36 -17.25
N HIS A 342 -54.78 0.80 -17.39
CA HIS A 342 -55.45 1.45 -16.28
C HIS A 342 -55.89 0.46 -15.21
N PHE A 343 -56.45 -0.68 -15.62
CA PHE A 343 -57.10 -1.55 -14.65
C PHE A 343 -56.30 -2.80 -14.34
N LEU A 344 -55.37 -3.20 -15.20
CA LEU A 344 -54.54 -4.36 -14.91
C LEU A 344 -53.11 -4.01 -14.57
N GLY A 345 -52.65 -2.82 -14.92
CA GLY A 345 -51.27 -2.46 -14.69
C GLY A 345 -50.30 -3.11 -15.65
N ARG A 346 -50.77 -3.51 -16.82
CA ARG A 346 -49.91 -4.14 -17.81
C ARG A 346 -50.47 -3.84 -19.20
N GLN A 347 -49.95 -4.54 -20.19
CA GLN A 347 -50.31 -4.40 -21.59
C GLN A 347 -50.79 -5.72 -22.15
N PRO A 348 -51.66 -5.70 -23.15
CA PRO A 348 -52.04 -6.95 -23.83
C PRO A 348 -50.82 -7.54 -24.52
N ALA A 349 -50.64 -8.86 -24.37
CA ALA A 349 -49.41 -9.47 -24.86
C ALA A 349 -49.62 -10.23 -26.16
N SER A 350 -50.77 -10.86 -26.31
CA SER A 350 -51.03 -11.74 -27.44
C SER A 350 -52.07 -11.10 -28.34
N ALA A 351 -52.20 -11.65 -29.54
CA ALA A 351 -53.27 -11.21 -30.43
C ALA A 351 -54.61 -11.77 -29.99
N THR A 352 -54.59 -12.93 -29.35
CA THR A 352 -55.83 -13.51 -28.84
C THR A 352 -56.41 -12.65 -27.72
N GLU A 353 -55.60 -12.29 -26.73
CA GLU A 353 -56.07 -11.49 -25.60
C GLU A 353 -56.55 -10.11 -26.06
N LEU A 354 -55.72 -9.43 -26.85
CA LEU A 354 -56.09 -8.14 -27.40
C LEU A 354 -57.37 -8.24 -28.23
N GLY A 355 -57.49 -9.28 -29.06
CA GLY A 355 -58.65 -9.41 -29.91
C GLY A 355 -59.92 -9.69 -29.15
N SER A 356 -59.83 -10.54 -28.12
CA SER A 356 -61.00 -10.79 -27.28
C SER A 356 -61.44 -9.51 -26.60
N HIS A 357 -60.51 -8.73 -26.08
CA HIS A 357 -60.90 -7.50 -25.41
C HIS A 357 -61.50 -6.50 -26.39
N ILE A 358 -60.94 -6.42 -27.60
CA ILE A 358 -61.49 -5.53 -28.62
C ILE A 358 -62.90 -5.94 -28.99
N THR A 359 -63.13 -7.25 -29.14
CA THR A 359 -64.46 -7.74 -29.45
C THR A 359 -65.44 -7.41 -28.33
N LEU A 360 -64.98 -7.49 -27.08
CA LEU A 360 -65.82 -7.08 -25.96
C LEU A 360 -66.20 -5.61 -26.05
N ILE A 361 -65.22 -4.75 -26.32
CA ILE A 361 -65.52 -3.31 -26.41
C ILE A 361 -66.46 -3.05 -27.58
N GLY A 362 -66.33 -3.82 -28.66
CA GLY A 362 -67.07 -3.51 -29.86
C GLY A 362 -68.47 -4.10 -29.89
N THR A 363 -68.70 -5.15 -29.11
CA THR A 363 -70.00 -5.81 -29.13
C THR A 363 -70.78 -5.68 -27.83
N LYS A 364 -70.13 -5.35 -26.72
CA LYS A 364 -70.81 -5.23 -25.44
C LYS A 364 -70.68 -3.86 -24.81
N GLY A 365 -69.83 -2.99 -25.34
CA GLY A 365 -69.60 -1.69 -24.74
C GLY A 365 -68.34 -1.66 -23.89
N LEU A 366 -68.00 -0.45 -23.47
CA LEU A 366 -66.80 -0.24 -22.67
C LEU A 366 -66.98 -0.74 -21.25
N LYS A 367 -68.18 -0.56 -20.69
CA LYS A 367 -68.41 -0.96 -19.30
C LYS A 367 -68.29 -2.47 -19.13
N VAL A 368 -68.77 -3.24 -20.09
CA VAL A 368 -68.68 -4.69 -19.97
C VAL A 368 -67.23 -5.14 -20.04
N ALA A 369 -66.44 -4.52 -20.92
CA ALA A 369 -65.03 -4.88 -21.02
C ALA A 369 -64.28 -4.53 -19.74
N ILE A 370 -64.55 -3.35 -19.18
CA ILE A 370 -63.92 -2.97 -17.92
C ILE A 370 -64.36 -3.89 -16.79
N ASP A 371 -65.63 -4.30 -16.79
CA ASP A 371 -66.11 -5.25 -15.80
C ASP A 371 -65.41 -6.58 -15.93
N THR A 372 -65.19 -7.03 -17.17
CA THR A 372 -64.42 -8.25 -17.39
C THR A 372 -63.02 -8.14 -16.80
N LEU A 373 -62.38 -6.99 -17.01
CA LEU A 373 -61.04 -6.80 -16.48
C LEU A 373 -61.03 -6.80 -14.96
N LEU A 374 -62.03 -6.18 -14.34
CA LEU A 374 -62.05 -6.08 -12.88
C LEU A 374 -62.45 -7.39 -12.23
N ALA A 375 -63.30 -8.18 -12.90
CA ALA A 375 -63.73 -9.46 -12.36
C ALA A 375 -62.72 -10.55 -12.63
N SER A 376 -61.74 -10.31 -13.49
CA SER A 376 -60.80 -11.35 -13.86
C SER A 376 -59.92 -11.71 -12.66
N GLN A 377 -59.60 -13.01 -12.57
CA GLN A 377 -58.83 -13.51 -11.45
C GLN A 377 -57.51 -12.76 -11.30
N GLU A 378 -56.97 -12.25 -12.41
CA GLU A 378 -55.76 -11.45 -12.34
C GLU A 378 -55.95 -10.23 -11.45
N TYR A 379 -57.09 -9.54 -11.57
CA TYR A 379 -57.32 -8.36 -10.75
C TYR A 379 -57.46 -8.72 -9.28
N GLN A 380 -58.22 -9.76 -8.93
CA GLN A 380 -58.31 -10.15 -7.53
C GLN A 380 -56.95 -10.59 -6.99
N ASP A 381 -56.19 -11.34 -7.78
CA ASP A 381 -54.89 -11.82 -7.31
C ASP A 381 -53.93 -10.67 -7.05
N ASN A 382 -53.90 -9.67 -7.93
CA ASN A 382 -52.90 -8.63 -7.81
C ASN A 382 -53.35 -7.52 -6.87
N PHE A 383 -54.62 -7.14 -6.94
CA PHE A 383 -55.09 -5.94 -6.27
C PHE A 383 -56.23 -6.18 -5.30
N GLY A 384 -56.92 -7.30 -5.38
CA GLY A 384 -58.00 -7.57 -4.45
C GLY A 384 -59.09 -6.51 -4.58
N ASP A 385 -59.55 -6.01 -3.44
CA ASP A 385 -60.62 -5.05 -3.39
C ASP A 385 -60.23 -3.72 -2.76
N ASP A 386 -58.98 -3.55 -2.34
CA ASP A 386 -58.59 -2.38 -1.58
C ASP A 386 -57.32 -1.70 -2.05
N THR A 387 -56.75 -2.08 -3.18
CA THR A 387 -55.56 -1.42 -3.69
C THR A 387 -55.83 -0.85 -5.07
N VAL A 388 -55.30 0.35 -5.31
CA VAL A 388 -55.28 0.88 -6.67
C VAL A 388 -54.35 0.02 -7.52
N PRO A 389 -54.69 -0.26 -8.77
CA PRO A 389 -53.78 -1.03 -9.61
C PRO A 389 -52.47 -0.29 -9.85
N TYR A 390 -51.42 -1.07 -10.10
CA TYR A 390 -50.10 -0.52 -10.39
C TYR A 390 -49.38 -1.49 -11.32
N TYR A 391 -48.27 -1.04 -11.87
CA TYR A 391 -47.44 -1.86 -12.73
C TYR A 391 -46.42 -2.61 -11.88
N ARG A 392 -46.11 -3.85 -12.27
CA ARG A 392 -45.12 -4.66 -11.58
C ARG A 392 -44.25 -5.31 -12.63
N LEU A 393 -43.06 -4.74 -12.86
CA LEU A 393 -42.16 -5.20 -13.93
C LEU A 393 -41.31 -6.37 -13.41
N GLN A 394 -42.02 -7.44 -13.06
CA GLN A 394 -41.40 -8.68 -12.63
C GLN A 394 -41.98 -9.81 -13.46
N ALA A 395 -41.18 -10.87 -13.66
CA ALA A 395 -41.66 -11.97 -14.49
C ALA A 395 -42.77 -12.75 -13.80
N GLU A 396 -42.76 -12.84 -12.45
CA GLU A 396 -43.89 -13.44 -11.69
C GLU A 396 -45.20 -12.73 -11.95
N ARG A 397 -45.15 -11.48 -12.39
CA ARG A 397 -46.37 -10.77 -12.75
C ARG A 397 -47.08 -11.43 -13.93
N TYR A 398 -46.32 -12.02 -14.85
CA TYR A 398 -46.88 -12.43 -16.13
C TYR A 398 -46.87 -13.92 -16.39
N VAL A 399 -45.96 -14.69 -15.79
CA VAL A 399 -45.68 -16.04 -16.28
C VAL A 399 -46.91 -16.93 -16.17
N GLY A 400 -47.53 -17.00 -15.00
CA GLY A 400 -48.71 -17.82 -14.85
C GLY A 400 -49.94 -17.20 -15.49
N THR A 401 -49.93 -15.88 -15.66
CA THR A 401 -51.16 -15.18 -16.01
C THR A 401 -51.32 -15.04 -17.52
N THR A 402 -50.22 -14.83 -18.24
CA THR A 402 -50.25 -14.35 -19.61
C THR A 402 -49.86 -15.46 -20.58
N ASP A 403 -50.45 -15.40 -21.78
CA ASP A 403 -50.13 -16.35 -22.84
C ASP A 403 -48.67 -16.24 -23.26
N ALA A 404 -48.16 -15.01 -23.39
CA ALA A 404 -46.76 -14.77 -23.77
C ALA A 404 -46.10 -13.92 -22.71
N PRO A 405 -45.55 -14.53 -21.65
CA PRO A 405 -45.05 -13.73 -20.52
C PRO A 405 -43.89 -12.80 -20.88
N SER A 406 -42.98 -13.22 -21.75
CA SER A 406 -41.87 -12.36 -22.13
C SER A 406 -42.34 -11.19 -22.96
N ARG A 407 -43.25 -11.44 -23.90
CA ARG A 407 -43.83 -10.35 -24.68
C ARG A 407 -44.63 -9.41 -23.79
N ALA A 408 -45.34 -9.96 -22.82
CA ALA A 408 -46.06 -9.13 -21.86
C ALA A 408 -45.10 -8.25 -21.08
N TYR A 409 -43.96 -8.81 -20.64
CA TYR A 409 -42.98 -8.00 -19.95
C TYR A 409 -42.45 -6.89 -20.85
N VAL A 410 -42.12 -7.21 -22.09
CA VAL A 410 -41.56 -6.19 -22.99
C VAL A 410 -42.56 -5.07 -23.20
N LEU A 411 -43.81 -5.42 -23.49
CA LEU A 411 -44.81 -4.40 -23.76
C LEU A 411 -45.10 -3.55 -22.52
N ALA A 412 -45.19 -4.17 -21.35
CA ALA A 412 -45.44 -3.42 -20.13
C ALA A 412 -44.26 -2.52 -19.78
N ARG A 413 -43.04 -3.01 -20.00
CA ARG A 413 -41.87 -2.20 -19.71
C ARG A 413 -41.77 -1.01 -20.66
N SER A 414 -42.10 -1.21 -21.93
CA SER A 414 -42.14 -0.09 -22.85
C SER A 414 -43.19 0.92 -22.44
N ARG A 415 -44.36 0.45 -22.02
CA ARG A 415 -45.41 1.37 -21.59
C ARG A 415 -45.00 2.15 -20.35
N VAL A 416 -44.28 1.50 -19.44
CA VAL A 416 -43.83 2.17 -18.22
C VAL A 416 -42.72 3.18 -18.53
N GLN A 417 -41.82 2.82 -19.45
CA GLN A 417 -40.66 3.67 -19.73
C GLN A 417 -41.07 5.01 -20.31
N THR A 418 -42.17 5.04 -21.06
CA THR A 418 -42.66 6.27 -21.67
C THR A 418 -44.11 6.49 -21.22
N ALA A 419 -44.30 6.39 -19.90
CA ALA A 419 -45.65 6.39 -19.34
C ALA A 419 -46.37 7.70 -19.59
N LEU A 420 -45.63 8.80 -19.70
CA LEU A 420 -46.26 10.09 -19.97
C LEU A 420 -46.92 10.09 -21.34
N ASN A 421 -46.33 9.37 -22.30
CA ASN A 421 -46.84 9.37 -23.66
C ASN A 421 -48.06 8.48 -23.81
N LYS A 422 -48.95 8.87 -24.72
CA LYS A 422 -50.05 8.04 -25.18
C LYS A 422 -49.69 7.53 -26.57
N PRO A 423 -49.09 6.34 -26.68
CA PRO A 423 -48.49 5.95 -27.95
C PRO A 423 -49.51 5.77 -29.07
N THR A 424 -49.10 6.12 -30.28
CA THR A 424 -49.92 6.02 -31.47
C THR A 424 -49.48 4.89 -32.39
N VAL A 425 -48.52 4.08 -31.96
CA VAL A 425 -48.14 2.90 -32.74
C VAL A 425 -49.28 1.91 -32.75
N PRO A 426 -49.65 1.35 -33.90
CA PRO A 426 -50.82 0.46 -33.94
C PRO A 426 -50.68 -0.72 -32.98
N SER A 427 -51.81 -1.10 -32.37
CA SER A 427 -51.79 -2.13 -31.34
C SER A 427 -51.32 -3.47 -31.90
N TYR A 428 -51.78 -3.83 -33.10
CA TYR A 428 -51.37 -5.11 -33.67
C TYR A 428 -49.98 -5.08 -34.26
N SER A 429 -49.38 -3.90 -34.38
CA SER A 429 -47.96 -3.82 -34.69
C SER A 429 -47.11 -4.36 -33.54
N LEU A 430 -47.50 -4.04 -32.31
CA LEU A 430 -46.75 -4.46 -31.14
C LEU A 430 -46.90 -5.94 -30.86
N VAL A 431 -48.02 -6.54 -31.26
CA VAL A 431 -48.23 -7.96 -31.05
C VAL A 431 -48.11 -8.71 -32.38
N SER B 2 -22.76 11.48 -71.32
CA SER B 2 -22.94 10.07 -71.64
C SER B 2 -22.95 9.23 -70.37
N ALA B 3 -23.43 8.00 -70.48
CA ALA B 3 -23.36 7.06 -69.37
C ALA B 3 -21.92 6.85 -68.94
N ILE B 4 -21.02 6.65 -69.90
CA ILE B 4 -19.60 6.52 -69.62
C ILE B 4 -19.07 7.81 -68.98
N THR B 5 -19.48 8.96 -69.52
CA THR B 5 -19.05 10.22 -68.96
C THR B 5 -19.53 10.40 -67.52
N LYS B 6 -20.77 9.99 -67.23
CA LYS B 6 -21.26 10.08 -65.86
C LYS B 6 -20.47 9.17 -64.93
N ALA B 7 -20.16 7.95 -65.38
CA ALA B 7 -19.36 7.06 -64.55
C ALA B 7 -17.98 7.64 -64.27
N ILE B 8 -17.35 8.21 -65.31
CA ILE B 8 -16.01 8.76 -65.15
C ILE B 8 -16.04 10.01 -64.27
N LEU B 9 -17.09 10.82 -64.38
CA LEU B 9 -17.19 12.00 -63.52
C LEU B 9 -17.43 11.60 -62.08
N ASN B 10 -18.21 10.54 -61.84
CA ASN B 10 -18.37 10.03 -60.48
C ASN B 10 -17.05 9.53 -59.92
N ALA B 11 -16.27 8.82 -60.73
CA ALA B 11 -14.95 8.39 -60.27
C ALA B 11 -14.04 9.58 -60.00
N ASP B 12 -14.11 10.59 -60.86
CA ASP B 12 -13.21 11.74 -60.77
C ASP B 12 -13.52 12.60 -59.55
N ALA B 13 -14.81 12.70 -59.19
CA ALA B 13 -15.17 13.50 -58.04
C ALA B 13 -14.59 12.93 -56.75
N GLU B 14 -14.34 11.62 -56.73
CA GLU B 14 -13.73 10.95 -55.60
C GLU B 14 -12.27 10.60 -55.81
N ALA B 15 -11.67 11.08 -56.90
CA ALA B 15 -10.23 10.93 -57.16
C ALA B 15 -9.81 9.46 -57.11
N ARG B 16 -10.65 8.60 -57.68
CA ARG B 16 -10.45 7.17 -57.63
C ARG B 16 -10.60 6.59 -59.03
N TYR B 17 -10.45 5.28 -59.12
CA TYR B 17 -10.72 4.56 -60.34
C TYR B 17 -12.19 4.15 -60.38
N LEU B 18 -12.58 3.51 -61.49
CA LEU B 18 -13.96 3.09 -61.62
C LEU B 18 -14.26 1.96 -60.64
N SER B 19 -15.33 2.13 -59.88
CA SER B 19 -15.75 1.13 -58.92
C SER B 19 -16.40 -0.03 -59.64
N PRO B 20 -16.58 -1.18 -59.01
CA PRO B 20 -17.27 -2.29 -59.69
C PRO B 20 -18.65 -1.92 -60.19
N GLY B 21 -19.40 -1.12 -59.45
CA GLY B 21 -20.68 -0.64 -59.95
C GLY B 21 -20.52 0.17 -61.23
N GLU B 22 -19.53 1.06 -61.27
CA GLU B 22 -19.29 1.87 -62.45
C GLU B 22 -18.85 1.01 -63.64
N ILE B 23 -17.99 0.03 -63.39
CA ILE B 23 -17.57 -0.89 -64.44
C ILE B 23 -18.76 -1.68 -64.98
N ASP B 24 -19.63 -2.14 -64.07
CA ASP B 24 -20.82 -2.88 -64.49
C ASP B 24 -21.74 -1.98 -65.31
N VAL B 25 -21.87 -0.71 -64.93
CA VAL B 25 -22.66 0.23 -65.70
C VAL B 25 -22.09 0.39 -67.10
N VAL B 26 -20.78 0.56 -67.22
CA VAL B 26 -20.17 0.75 -68.52
C VAL B 26 -20.31 -0.51 -69.37
N ARG B 27 -20.19 -1.68 -68.74
CA ARG B 27 -20.36 -2.94 -69.47
C ARG B 27 -21.79 -3.11 -69.97
N GLY B 28 -22.77 -2.72 -69.15
CA GLY B 28 -24.15 -2.80 -69.60
C GLY B 28 -24.45 -1.82 -70.72
N TYR B 29 -23.90 -0.61 -70.62
CA TYR B 29 -24.09 0.36 -71.69
C TYR B 29 -23.46 -0.12 -72.99
N LEU B 30 -22.27 -0.73 -72.92
CA LEU B 30 -21.64 -1.22 -74.13
C LEU B 30 -22.40 -2.41 -74.69
N ALA B 31 -23.00 -3.22 -73.82
CA ALA B 31 -23.83 -4.33 -74.29
C ALA B 31 -25.08 -3.83 -75.00
N SER B 32 -25.66 -2.73 -74.53
CA SER B 32 -26.87 -2.21 -75.14
C SER B 32 -26.63 -1.48 -76.45
N GLY B 33 -25.41 -1.52 -76.98
CA GLY B 33 -25.05 -0.67 -78.10
C GLY B 33 -25.77 -1.01 -79.39
N GLU B 34 -25.95 -2.30 -79.66
CA GLU B 34 -26.61 -2.69 -80.91
C GLU B 34 -28.05 -2.23 -80.94
N ARG B 35 -28.78 -2.39 -79.84
CA ARG B 35 -30.17 -1.94 -79.83
C ARG B 35 -30.27 -0.44 -79.80
N ARG B 36 -29.33 0.24 -79.14
CA ARG B 36 -29.32 1.70 -79.18
C ARG B 36 -29.09 2.21 -80.60
N VAL B 37 -28.14 1.61 -81.31
CA VAL B 37 -27.86 2.03 -82.67
C VAL B 37 -29.05 1.73 -83.57
N ARG B 38 -29.68 0.58 -83.39
CA ARG B 38 -30.85 0.25 -84.19
C ARG B 38 -31.97 1.26 -83.99
N VAL B 39 -32.28 1.60 -82.74
CA VAL B 39 -33.35 2.56 -82.48
C VAL B 39 -33.01 3.91 -83.07
N ALA B 40 -31.78 4.37 -82.86
CA ALA B 40 -31.41 5.69 -83.36
C ALA B 40 -31.41 5.72 -84.89
N ARG B 41 -30.98 4.65 -85.53
CA ARG B 41 -30.96 4.62 -86.99
C ARG B 41 -32.37 4.62 -87.55
N VAL B 42 -33.29 3.88 -86.91
CA VAL B 42 -34.67 3.90 -87.36
C VAL B 42 -35.26 5.30 -87.22
N LEU B 43 -35.01 5.95 -86.09
CA LEU B 43 -35.53 7.30 -85.91
C LEU B 43 -34.89 8.30 -86.88
N SER B 44 -33.61 8.13 -87.16
CA SER B 44 -32.90 9.07 -88.04
C SER B 44 -33.34 8.92 -89.48
N ASP B 45 -33.58 7.68 -89.92
CA ASP B 45 -34.01 7.48 -91.30
C ASP B 45 -35.43 7.94 -91.53
N ASN B 46 -36.22 8.08 -90.47
CA ASN B 46 -37.63 8.41 -90.57
C ASN B 46 -37.94 9.77 -89.97
N ALA B 47 -36.95 10.65 -89.90
CA ALA B 47 -37.13 11.94 -89.25
C ALA B 47 -38.15 12.80 -89.97
N LEU B 48 -38.09 12.83 -91.30
CA LEU B 48 -39.04 13.65 -92.05
C LEU B 48 -40.47 13.16 -91.84
N ARG B 49 -40.65 11.84 -91.88
CA ARG B 49 -41.97 11.28 -91.65
C ARG B 49 -42.49 11.62 -90.25
N ILE B 50 -41.64 11.44 -89.23
CA ILE B 50 -42.04 11.70 -87.86
C ILE B 50 -42.38 13.17 -87.66
N VAL B 51 -41.55 14.07 -88.19
CA VAL B 51 -41.78 15.49 -87.96
C VAL B 51 -43.00 15.98 -88.72
N ARG B 52 -43.18 15.55 -89.96
CA ARG B 52 -44.36 15.94 -90.71
C ARG B 52 -45.63 15.40 -90.05
N GLY B 53 -45.61 14.14 -89.60
CA GLY B 53 -46.79 13.60 -88.95
C GLY B 53 -47.11 14.30 -87.64
N ALA B 54 -46.08 14.56 -86.83
CA ALA B 54 -46.29 15.24 -85.56
C ALA B 54 -46.80 16.66 -85.77
N GLY B 55 -46.23 17.38 -86.74
CA GLY B 55 -46.75 18.70 -87.05
C GLY B 55 -48.20 18.66 -87.51
N ASP B 56 -48.53 17.69 -88.36
CA ASP B 56 -49.91 17.52 -88.80
C ASP B 56 -50.84 17.30 -87.61
N THR B 57 -50.46 16.39 -86.71
CA THR B 57 -51.31 16.10 -85.55
C THR B 57 -51.43 17.30 -84.62
N MET B 58 -50.33 18.01 -84.38
CA MET B 58 -50.34 19.16 -83.49
C MET B 58 -51.19 20.29 -84.05
N PHE B 59 -51.11 20.56 -85.35
CA PHE B 59 -51.93 21.62 -85.92
C PHE B 59 -53.38 21.17 -86.05
N GLN B 60 -53.62 19.86 -86.09
CA GLN B 60 -54.99 19.36 -86.12
C GLN B 60 -55.61 19.42 -84.74
N LYS B 61 -54.79 19.33 -83.69
CA LYS B 61 -55.30 19.41 -82.31
C LYS B 61 -55.31 20.84 -81.82
N ARG B 62 -54.38 21.67 -82.28
CA ARG B 62 -54.27 23.07 -81.88
C ARG B 62 -54.26 23.91 -83.14
N PRO B 63 -55.41 24.07 -83.79
CA PRO B 63 -55.43 24.85 -85.04
C PRO B 63 -55.11 26.33 -84.84
N ASP B 64 -55.21 26.82 -83.61
CA ASP B 64 -55.00 28.24 -83.35
C ASP B 64 -53.56 28.68 -83.63
N LEU B 65 -52.60 27.77 -83.46
CA LEU B 65 -51.19 28.11 -83.62
C LEU B 65 -50.89 28.56 -85.04
N VAL B 66 -51.46 27.87 -86.04
CA VAL B 66 -51.22 28.21 -87.44
C VAL B 66 -52.21 29.22 -87.99
N ALA B 67 -53.31 29.46 -87.29
CA ALA B 67 -54.30 30.45 -87.69
C ALA B 67 -53.73 31.85 -87.49
N PRO B 68 -54.27 32.85 -88.19
CA PRO B 68 -53.78 34.23 -87.99
C PRO B 68 -53.90 34.64 -86.53
N GLY B 69 -52.85 35.27 -86.02
CA GLY B 69 -52.71 35.52 -84.61
C GLY B 69 -52.05 34.42 -83.83
N GLY B 70 -51.86 33.24 -84.43
CA GLY B 70 -51.15 32.17 -83.76
C GLY B 70 -49.65 32.39 -83.75
N ASN B 71 -48.99 31.72 -82.82
CA ASN B 71 -47.54 31.87 -82.70
C ASN B 71 -46.83 31.35 -83.93
N ALA B 72 -47.33 30.26 -84.51
CA ALA B 72 -46.72 29.68 -85.70
C ALA B 72 -47.40 30.12 -86.99
N TYR B 73 -48.11 31.24 -86.98
CA TYR B 73 -48.82 31.68 -88.17
C TYR B 73 -47.85 32.13 -89.25
N GLY B 74 -48.07 31.66 -90.47
CA GLY B 74 -47.22 32.00 -91.59
C GLY B 74 -46.26 30.87 -91.94
N GLU B 75 -45.81 30.88 -93.20
CA GLU B 75 -44.94 29.82 -93.69
C GLU B 75 -43.62 29.78 -92.93
N VAL B 76 -43.01 30.95 -92.69
CA VAL B 76 -41.70 30.98 -92.03
C VAL B 76 -41.82 30.52 -90.59
N ARG B 77 -42.82 31.01 -89.87
CA ARG B 77 -42.96 30.66 -88.46
C ARG B 77 -43.38 29.21 -88.31
N THR B 78 -44.21 28.71 -89.22
CA THR B 78 -44.56 27.29 -89.21
C THR B 78 -43.35 26.43 -89.52
N ALA B 79 -42.51 26.87 -90.45
CA ALA B 79 -41.26 26.16 -90.71
C ALA B 79 -40.37 26.13 -89.48
N LYS B 80 -40.31 27.23 -88.74
CA LYS B 80 -39.54 27.25 -87.51
C LYS B 80 -40.10 26.30 -86.46
N CYS B 81 -41.43 26.22 -86.39
CA CYS B 81 -42.07 25.25 -85.49
C CYS B 81 -41.70 23.82 -85.85
N LEU B 82 -41.79 23.48 -87.13
CA LEU B 82 -41.41 22.14 -87.56
C LEU B 82 -39.93 21.89 -87.33
N ARG B 83 -39.10 22.92 -87.49
CA ARG B 83 -37.68 22.80 -87.23
C ARG B 83 -37.41 22.53 -85.76
N ASP B 84 -38.22 23.11 -84.86
CA ASP B 84 -38.07 22.82 -83.45
C ASP B 84 -38.46 21.38 -83.14
N LEU B 85 -39.51 20.89 -83.79
CA LEU B 85 -39.86 19.47 -83.61
C LEU B 85 -38.74 18.57 -84.13
N ASP B 86 -38.13 18.94 -85.26
CA ASP B 86 -36.99 18.18 -85.76
C ASP B 86 -35.81 18.23 -84.80
N TYR B 87 -35.59 19.40 -84.17
CA TYR B 87 -34.55 19.54 -83.18
C TYR B 87 -34.76 18.56 -82.04
N PHE B 88 -36.00 18.47 -81.56
CA PHE B 88 -36.26 17.64 -80.38
C PHE B 88 -36.20 16.16 -80.73
N LEU B 89 -36.60 15.79 -81.95
CA LEU B 89 -36.42 14.40 -82.37
C LEU B 89 -34.95 14.04 -82.47
N ARG B 90 -34.14 14.94 -83.02
CA ARG B 90 -32.71 14.66 -83.13
C ARG B 90 -32.07 14.57 -81.75
N LEU B 91 -32.54 15.39 -80.80
CA LEU B 91 -32.05 15.29 -79.45
C LEU B 91 -32.47 13.99 -78.79
N VAL B 92 -33.67 13.50 -79.10
CA VAL B 92 -34.09 12.20 -78.58
C VAL B 92 -33.17 11.10 -79.10
N THR B 93 -32.80 11.16 -80.38
CA THR B 93 -31.87 10.16 -80.90
C THR B 93 -30.50 10.29 -80.25
N TYR B 94 -30.06 11.53 -79.98
CA TYR B 94 -28.80 11.72 -79.27
C TYR B 94 -28.84 11.09 -77.89
N GLY B 95 -29.93 11.30 -77.16
CA GLY B 95 -30.07 10.71 -75.84
C GLY B 95 -30.14 9.18 -75.89
N VAL B 96 -30.78 8.65 -76.92
CA VAL B 96 -30.83 7.20 -77.10
C VAL B 96 -29.43 6.63 -77.35
N LEU B 97 -28.65 7.29 -78.19
CA LEU B 97 -27.30 6.81 -78.44
C LEU B 97 -26.39 6.98 -77.22
N ALA B 98 -26.53 8.09 -76.51
CA ALA B 98 -25.62 8.39 -75.42
C ALA B 98 -25.90 7.53 -74.19
N GLY B 99 -27.11 7.02 -74.07
CA GLY B 99 -27.49 6.29 -72.89
C GLY B 99 -27.79 7.17 -71.70
N ASP B 100 -27.90 8.48 -71.90
CA ASP B 100 -28.31 9.39 -70.85
C ASP B 100 -28.86 10.65 -71.51
N THR B 101 -29.30 11.58 -70.67
CA THR B 101 -29.96 12.78 -71.14
C THR B 101 -29.07 14.01 -71.14
N SER B 102 -27.76 13.83 -70.95
CA SER B 102 -26.86 14.97 -70.97
C SER B 102 -26.83 15.72 -72.31
N PRO B 103 -26.78 15.05 -73.47
CA PRO B 103 -26.84 15.82 -74.73
C PRO B 103 -28.15 16.59 -74.89
N ILE B 104 -29.26 16.00 -74.46
CA ILE B 104 -30.55 16.67 -74.59
C ILE B 104 -30.58 17.93 -73.73
N ASP B 105 -30.09 17.82 -72.50
CA ASP B 105 -30.05 18.97 -71.60
C ASP B 105 -29.11 20.04 -72.14
N GLU B 106 -27.91 19.64 -72.56
CA GLU B 106 -26.91 20.63 -72.96
C GLU B 106 -27.34 21.36 -74.23
N ILE B 107 -27.82 20.63 -75.22
CA ILE B 107 -28.09 21.24 -76.52
C ILE B 107 -29.44 21.96 -76.51
N GLY B 108 -30.46 21.33 -75.94
CA GLY B 108 -31.80 21.83 -76.19
C GLY B 108 -32.68 22.21 -75.03
N LEU B 109 -32.46 21.66 -73.85
CA LEU B 109 -33.39 21.89 -72.75
C LEU B 109 -32.99 23.02 -71.82
N ILE B 110 -31.69 23.15 -71.50
CA ILE B 110 -31.26 24.20 -70.59
C ILE B 110 -31.55 25.55 -71.23
N GLY B 111 -32.45 26.31 -70.63
CA GLY B 111 -32.85 27.59 -71.16
C GLY B 111 -34.03 27.56 -72.11
N ILE B 112 -34.57 26.39 -72.46
CA ILE B 112 -35.67 26.32 -73.41
C ILE B 112 -36.94 26.92 -72.83
N LYS B 113 -37.13 26.75 -71.52
CA LYS B 113 -38.39 27.16 -70.91
C LYS B 113 -38.52 28.67 -70.91
N GLU B 114 -37.47 29.38 -70.46
CA GLU B 114 -37.51 30.83 -70.50
C GLU B 114 -37.47 31.34 -71.93
N THR B 115 -36.80 30.60 -72.83
CA THR B 115 -36.78 30.98 -74.23
C THR B 115 -38.19 31.02 -74.81
N TYR B 116 -38.92 29.92 -74.64
CA TYR B 116 -40.28 29.88 -75.17
C TYR B 116 -41.19 30.88 -74.45
N SER B 117 -41.00 31.06 -73.14
CA SER B 117 -41.81 32.05 -72.43
C SER B 117 -41.55 33.45 -72.95
N LEU B 118 -40.32 33.74 -73.34
CA LEU B 118 -39.96 35.06 -73.84
C LEU B 118 -40.45 35.25 -75.27
N LEU B 119 -40.52 34.18 -76.05
CA LEU B 119 -41.02 34.24 -77.41
C LEU B 119 -42.51 33.99 -77.51
N GLU B 120 -43.20 33.82 -76.38
CA GLU B 120 -44.64 33.58 -76.35
C GLU B 120 -45.02 32.27 -77.02
N VAL B 121 -44.10 31.31 -77.05
CA VAL B 121 -44.38 30.01 -77.65
C VAL B 121 -45.15 29.16 -76.65
N PRO B 122 -46.34 28.67 -77.00
CA PRO B 122 -47.13 27.87 -76.06
C PRO B 122 -46.47 26.52 -75.80
N VAL B 123 -46.11 26.26 -74.54
CA VAL B 123 -45.51 24.99 -74.19
C VAL B 123 -46.48 23.83 -74.29
N PRO B 124 -47.77 23.98 -73.99
CA PRO B 124 -48.70 22.88 -74.31
C PRO B 124 -48.69 22.48 -75.77
N GLY B 125 -48.57 23.44 -76.69
CA GLY B 125 -48.44 23.09 -78.09
C GLY B 125 -47.21 22.28 -78.39
N VAL B 126 -46.07 22.69 -77.85
CA VAL B 126 -44.83 21.94 -78.07
C VAL B 126 -44.95 20.54 -77.49
N ILE B 127 -45.56 20.43 -76.31
CA ILE B 127 -45.74 19.12 -75.68
C ILE B 127 -46.62 18.23 -76.54
N ASP B 128 -47.69 18.79 -77.11
CA ASP B 128 -48.54 18.00 -78.00
C ASP B 128 -47.76 17.55 -79.24
N GLY B 129 -46.95 18.43 -79.80
CA GLY B 129 -46.12 18.04 -80.93
C GLY B 129 -45.16 16.92 -80.60
N ILE B 130 -44.55 16.97 -79.42
CA ILE B 130 -43.59 15.95 -79.04
C ILE B 130 -44.30 14.64 -78.71
N LYS B 131 -45.50 14.70 -78.13
CA LYS B 131 -46.29 13.48 -77.94
C LYS B 131 -46.66 12.85 -79.27
N ALA B 132 -47.04 13.67 -80.25
CA ALA B 132 -47.31 13.14 -81.58
C ALA B 132 -46.06 12.52 -82.18
N ALA B 133 -44.91 13.14 -81.97
CA ALA B 133 -43.65 12.57 -82.43
C ALA B 133 -43.37 11.24 -81.77
N LYS B 134 -43.67 11.13 -80.47
CA LYS B 134 -43.51 9.87 -79.76
C LYS B 134 -44.39 8.78 -80.36
N GLN B 135 -45.65 9.11 -80.67
CA GLN B 135 -46.53 8.12 -81.29
C GLN B 135 -46.04 7.72 -82.68
N GLN B 136 -45.60 8.70 -83.47
CA GLN B 136 -45.10 8.39 -84.81
C GLN B 136 -43.86 7.51 -84.73
N ALA B 137 -42.99 7.77 -83.75
CA ALA B 137 -41.81 6.93 -83.56
C ALA B 137 -42.20 5.53 -83.12
N ALA B 138 -43.14 5.42 -82.18
CA ALA B 138 -43.55 4.11 -81.70
C ALA B 138 -44.19 3.29 -82.82
N ALA B 139 -44.84 3.96 -83.77
CA ALA B 139 -45.42 3.24 -84.90
C ALA B 139 -44.34 2.58 -85.76
N LEU B 140 -43.15 3.17 -85.79
CA LEU B 140 -42.05 2.67 -86.61
C LEU B 140 -41.12 1.72 -85.87
N LEU B 141 -41.29 1.60 -84.56
CA LEU B 141 -40.41 0.78 -83.73
C LEU B 141 -41.18 -0.40 -83.15
N SER B 142 -40.45 -1.43 -82.77
CA SER B 142 -41.06 -2.52 -82.03
C SER B 142 -41.33 -2.08 -80.60
N SER B 143 -42.18 -2.84 -79.91
CA SER B 143 -42.66 -2.42 -78.60
C SER B 143 -41.51 -2.25 -77.61
N GLU B 144 -40.58 -3.21 -77.59
CA GLU B 144 -39.42 -3.09 -76.72
C GLU B 144 -38.57 -1.88 -77.10
N ASP B 145 -38.31 -1.70 -78.40
CA ASP B 145 -37.56 -0.53 -78.85
C ASP B 145 -38.35 0.75 -78.65
N ALA B 146 -39.67 0.68 -78.84
CA ALA B 146 -40.52 1.84 -78.61
C ALA B 146 -40.43 2.30 -77.17
N ALA B 147 -40.33 1.36 -76.23
CA ALA B 147 -40.19 1.75 -74.83
C ALA B 147 -38.89 2.50 -74.58
N GLU B 148 -37.80 2.02 -75.18
CA GLU B 148 -36.51 2.68 -75.02
C GLU B 148 -36.54 4.10 -75.58
N ALA B 149 -37.16 4.29 -76.75
CA ALA B 149 -37.28 5.64 -77.29
C ALA B 149 -38.25 6.49 -76.46
N SER B 150 -39.29 5.87 -75.93
CA SER B 150 -40.28 6.60 -75.16
C SER B 150 -39.70 7.11 -73.85
N PHE B 151 -38.70 6.43 -73.31
CA PHE B 151 -37.99 6.98 -72.16
C PHE B 151 -37.53 8.41 -72.44
N TYR B 152 -36.92 8.65 -73.61
CA TYR B 152 -36.32 9.95 -73.88
C TYR B 152 -37.35 10.95 -74.39
N PHE B 153 -38.34 10.48 -75.16
CA PHE B 153 -39.46 11.35 -75.50
C PHE B 153 -40.16 11.86 -74.25
N ASP B 154 -40.38 10.97 -73.28
CA ASP B 154 -41.01 11.34 -72.02
C ASP B 154 -40.11 12.24 -71.19
N TYR B 155 -38.79 12.03 -71.26
CA TYR B 155 -37.89 12.94 -70.57
C TYR B 155 -38.04 14.36 -71.09
N VAL B 156 -38.09 14.52 -72.41
CA VAL B 156 -38.27 15.85 -72.98
C VAL B 156 -39.60 16.45 -72.55
N ILE B 157 -40.67 15.65 -72.62
CA ILE B 157 -41.99 16.14 -72.24
C ILE B 157 -42.01 16.58 -70.79
N SER B 158 -41.41 15.79 -69.90
CA SER B 158 -41.38 16.14 -68.49
C SER B 158 -40.53 17.37 -68.24
N ALA B 159 -39.46 17.55 -69.02
CA ALA B 159 -38.67 18.76 -68.90
C ALA B 159 -39.51 19.99 -69.22
N MET B 160 -40.36 19.89 -70.24
CA MET B 160 -41.19 21.05 -70.58
C MET B 160 -42.37 21.22 -69.63
N SER B 161 -43.01 20.13 -69.22
CA SER B 161 -44.18 20.22 -68.36
C SER B 161 -43.81 20.66 -66.95
N SER C 2 -25.68 0.90 -52.12
CA SER C 2 -25.77 -0.03 -53.24
C SER C 2 -25.91 0.72 -54.56
N VAL C 3 -26.19 -0.03 -55.63
CA VAL C 3 -26.46 0.58 -56.92
C VAL C 3 -27.67 1.49 -56.84
N VAL C 4 -28.74 1.02 -56.20
CA VAL C 4 -29.94 1.83 -56.07
C VAL C 4 -29.67 3.04 -55.19
N THR C 5 -28.92 2.85 -54.10
CA THR C 5 -28.60 3.98 -53.23
C THR C 5 -27.78 5.03 -53.95
N LYS C 6 -26.78 4.61 -54.73
CA LYS C 6 -25.98 5.57 -55.47
C LYS C 6 -26.81 6.31 -56.51
N ALA C 7 -27.69 5.60 -57.22
CA ALA C 7 -28.54 6.27 -58.20
C ALA C 7 -29.46 7.28 -57.53
N ILE C 8 -30.03 6.92 -56.38
CA ILE C 8 -30.96 7.83 -55.72
C ILE C 8 -30.22 9.03 -55.15
N VAL C 9 -29.03 8.81 -54.58
CA VAL C 9 -28.22 9.92 -54.08
C VAL C 9 -27.85 10.85 -55.21
N SER C 10 -27.52 10.29 -56.38
CA SER C 10 -27.19 11.13 -57.54
C SER C 10 -28.40 11.95 -57.98
N ALA C 11 -29.58 11.34 -58.06
CA ALA C 11 -30.76 12.10 -58.48
C ALA C 11 -31.15 13.15 -57.45
N ASP C 12 -31.04 12.81 -56.17
CA ASP C 12 -31.41 13.73 -55.09
C ASP C 12 -30.46 14.91 -55.03
N ALA C 13 -29.17 14.67 -55.28
CA ALA C 13 -28.20 15.77 -55.28
C ALA C 13 -28.48 16.77 -56.39
N GLU C 14 -29.26 16.38 -57.39
CA GLU C 14 -29.70 17.29 -58.43
C GLU C 14 -31.18 17.64 -58.29
N ALA C 15 -31.85 17.18 -57.23
CA ALA C 15 -33.23 17.52 -56.94
C ALA C 15 -34.16 17.19 -58.10
N ARG C 16 -34.09 15.95 -58.58
CA ARG C 16 -34.84 15.56 -59.76
C ARG C 16 -35.21 14.08 -59.67
N TYR C 17 -36.17 13.69 -60.50
CA TYR C 17 -36.46 12.27 -60.66
C TYR C 17 -35.30 11.59 -61.37
N LEU C 18 -35.17 10.29 -61.13
CA LEU C 18 -34.12 9.53 -61.80
C LEU C 18 -34.27 9.62 -63.31
N SER C 19 -33.16 9.91 -63.97
CA SER C 19 -33.12 9.99 -65.42
C SER C 19 -33.21 8.59 -66.00
N PRO C 20 -33.42 8.47 -67.32
CA PRO C 20 -33.37 7.13 -67.93
C PRO C 20 -32.06 6.41 -67.68
N GLY C 21 -30.95 7.12 -67.55
CA GLY C 21 -29.69 6.46 -67.26
C GLY C 21 -29.65 5.82 -65.89
N GLU C 22 -30.17 6.52 -64.87
CA GLU C 22 -30.20 5.97 -63.53
C GLU C 22 -31.17 4.80 -63.43
N LEU C 23 -32.29 4.88 -64.14
CA LEU C 23 -33.21 3.75 -64.16
C LEU C 23 -32.60 2.57 -64.91
N ASP C 24 -31.80 2.84 -65.94
CA ASP C 24 -31.08 1.75 -66.60
C ASP C 24 -30.07 1.10 -65.67
N ARG C 25 -29.39 1.91 -64.85
CA ARG C 25 -28.49 1.34 -63.86
C ARG C 25 -29.23 0.43 -62.91
N ILE C 26 -30.36 0.89 -62.37
CA ILE C 26 -31.13 0.08 -61.44
C ILE C 26 -31.63 -1.18 -62.12
N ARG C 27 -32.09 -1.06 -63.37
CA ARG C 27 -32.65 -2.20 -64.08
C ARG C 27 -31.60 -3.26 -64.34
N GLY C 28 -30.43 -2.84 -64.80
CA GLY C 28 -29.33 -3.79 -65.00
C GLY C 28 -28.87 -4.43 -63.71
N PHE C 29 -28.91 -3.68 -62.61
CA PHE C 29 -28.58 -4.26 -61.31
C PHE C 29 -29.61 -5.30 -60.90
N VAL C 30 -30.89 -4.99 -61.04
CA VAL C 30 -31.93 -5.91 -60.60
C VAL C 30 -31.89 -7.21 -61.41
N SER C 31 -31.63 -7.09 -62.71
CA SER C 31 -31.58 -8.29 -63.55
C SER C 31 -30.45 -9.22 -63.10
N SER C 32 -29.36 -8.67 -62.59
CA SER C 32 -28.21 -9.46 -62.17
C SER C 32 -28.30 -9.95 -60.74
N GLY C 33 -29.44 -9.79 -60.08
CA GLY C 33 -29.52 -10.09 -58.65
C GLY C 33 -29.33 -11.56 -58.33
N GLU C 34 -29.95 -12.44 -59.11
CA GLU C 34 -29.87 -13.87 -58.82
C GLU C 34 -28.45 -14.38 -58.95
N ARG C 35 -27.74 -13.94 -59.99
CA ARG C 35 -26.35 -14.35 -60.16
C ARG C 35 -25.48 -13.84 -59.01
N ARG C 36 -25.76 -12.62 -58.55
CA ARG C 36 -25.03 -12.07 -57.42
C ARG C 36 -25.27 -12.88 -56.16
N LEU C 37 -26.52 -13.27 -55.91
CA LEU C 37 -26.79 -14.12 -54.75
C LEU C 37 -26.12 -15.48 -54.87
N ARG C 38 -26.11 -16.05 -56.06
CA ARG C 38 -25.45 -17.34 -56.21
C ARG C 38 -23.97 -17.24 -55.93
N VAL C 39 -23.33 -16.17 -56.40
CA VAL C 39 -21.92 -15.94 -56.12
C VAL C 39 -21.68 -15.79 -54.63
N ALA C 40 -22.47 -14.94 -53.98
CA ALA C 40 -22.27 -14.67 -52.56
C ALA C 40 -22.53 -15.92 -51.73
N GLN C 41 -23.49 -16.74 -52.14
CA GLN C 41 -23.79 -17.96 -51.41
C GLN C 41 -22.68 -18.99 -51.59
N THR C 42 -22.11 -19.07 -52.79
CA THR C 42 -20.95 -19.92 -53.01
C THR C 42 -19.80 -19.49 -52.12
N LEU C 43 -19.57 -18.18 -51.99
CA LEU C 43 -18.50 -17.72 -51.13
C LEU C 43 -18.81 -17.99 -49.66
N THR C 44 -20.06 -17.86 -49.25
CA THR C 44 -20.42 -18.03 -47.84
C THR C 44 -20.27 -19.49 -47.42
N GLU C 45 -20.78 -20.43 -48.23
CA GLU C 45 -20.68 -21.83 -47.83
C GLU C 45 -19.23 -22.29 -47.71
N SER C 46 -18.31 -21.61 -48.38
CA SER C 46 -16.90 -21.97 -48.37
C SER C 46 -16.05 -20.98 -47.57
N ARG C 47 -16.65 -20.31 -46.59
CA ARG C 47 -15.92 -19.27 -45.85
C ARG C 47 -14.74 -19.85 -45.09
N GLU C 48 -14.92 -20.99 -44.44
CA GLU C 48 -13.87 -21.56 -43.59
C GLU C 48 -12.70 -22.05 -44.42
N ARG C 49 -12.99 -22.73 -45.53
CA ARG C 49 -11.94 -23.17 -46.44
C ARG C 49 -11.19 -21.99 -47.04
N ILE C 50 -11.92 -20.92 -47.39
CA ILE C 50 -11.28 -19.75 -47.96
C ILE C 50 -10.32 -19.12 -46.95
N ILE C 51 -10.79 -18.92 -45.71
CA ILE C 51 -9.94 -18.27 -44.72
C ILE C 51 -8.74 -19.14 -44.38
N LYS C 52 -8.94 -20.46 -44.30
CA LYS C 52 -7.82 -21.34 -43.97
C LYS C 52 -6.77 -21.34 -45.07
N GLN C 53 -7.18 -21.49 -46.33
CA GLN C 53 -6.19 -21.49 -47.41
C GLN C 53 -5.54 -20.12 -47.56
N ALA C 54 -6.30 -19.05 -47.39
CA ALA C 54 -5.72 -17.71 -47.51
C ALA C 54 -4.70 -17.46 -46.43
N GLY C 55 -4.99 -17.85 -45.20
CA GLY C 55 -4.00 -17.74 -44.15
C GLY C 55 -2.76 -18.57 -44.44
N ASP C 56 -2.96 -19.78 -44.97
CA ASP C 56 -1.80 -20.59 -45.32
C ASP C 56 -0.91 -19.91 -46.35
N GLN C 57 -1.50 -19.40 -47.43
CA GLN C 57 -0.67 -18.72 -48.44
C GLN C 57 -0.03 -17.45 -47.88
N LEU C 58 -0.75 -16.72 -47.03
CA LEU C 58 -0.15 -15.54 -46.43
C LEU C 58 1.08 -15.92 -45.60
N PHE C 59 0.95 -16.93 -44.76
CA PHE C 59 2.03 -17.24 -43.82
C PHE C 59 3.17 -17.97 -44.53
N GLN C 60 2.90 -18.62 -45.66
CA GLN C 60 4.00 -19.14 -46.47
C GLN C 60 4.71 -18.03 -47.22
N LYS C 61 3.96 -17.11 -47.80
CA LYS C 61 4.56 -16.01 -48.57
C LYS C 61 5.19 -14.98 -47.67
N ARG C 62 4.72 -14.87 -46.43
CA ARG C 62 5.21 -13.89 -45.46
C ARG C 62 5.44 -14.58 -44.13
N PRO C 63 6.47 -15.42 -44.03
CA PRO C 63 6.75 -16.08 -42.74
C PRO C 63 7.12 -15.10 -41.65
N ASP C 64 7.65 -13.93 -42.01
CA ASP C 64 8.05 -12.94 -41.01
C ASP C 64 6.87 -12.42 -40.21
N LEU C 65 5.66 -12.57 -40.76
CA LEU C 65 4.47 -12.13 -40.02
C LEU C 65 4.21 -13.02 -38.81
N VAL C 66 4.41 -14.34 -38.97
CA VAL C 66 4.18 -15.28 -37.89
C VAL C 66 5.47 -15.73 -37.22
N SER C 67 6.60 -15.18 -37.62
CA SER C 67 7.87 -15.43 -36.96
C SER C 67 7.94 -14.62 -35.67
N PRO C 68 8.84 -14.99 -34.75
CA PRO C 68 9.00 -14.19 -33.53
C PRO C 68 9.33 -12.73 -33.86
N GLY C 69 8.69 -11.83 -33.14
CA GLY C 69 8.75 -10.42 -33.48
C GLY C 69 7.76 -9.98 -34.54
N GLY C 70 7.09 -10.92 -35.21
CA GLY C 70 6.09 -10.56 -36.18
C GLY C 70 4.78 -10.11 -35.53
N ASN C 71 3.98 -9.40 -36.32
CA ASN C 71 2.74 -8.85 -35.79
C ASN C 71 1.74 -9.96 -35.44
N ALA C 72 1.75 -11.06 -36.19
CA ALA C 72 0.82 -12.15 -35.98
C ALA C 72 1.45 -13.33 -35.25
N TYR C 73 2.62 -13.15 -34.66
CA TYR C 73 3.27 -14.22 -33.90
C TYR C 73 2.40 -14.70 -32.75
N GLY C 74 2.34 -16.02 -32.59
CA GLY C 74 1.52 -16.60 -31.54
C GLY C 74 0.15 -17.01 -32.02
N ALA C 75 -0.48 -17.92 -31.27
CA ALA C 75 -1.79 -18.43 -31.65
C ALA C 75 -2.86 -17.35 -31.59
N GLU C 76 -2.85 -16.52 -30.55
CA GLU C 76 -3.89 -15.51 -30.41
C GLU C 76 -3.81 -14.45 -31.51
N ARG C 77 -2.61 -13.97 -31.80
CA ARG C 77 -2.46 -12.96 -32.84
C ARG C 77 -2.73 -13.52 -34.23
N THR C 78 -2.32 -14.78 -34.46
CA THR C 78 -2.64 -15.43 -35.73
C THR C 78 -4.15 -15.62 -35.87
N ALA C 79 -4.83 -15.95 -34.76
CA ALA C 79 -6.28 -16.10 -34.82
C ALA C 79 -6.95 -14.77 -35.08
N SER C 80 -6.39 -13.67 -34.56
CA SER C 80 -6.96 -12.36 -34.85
C SER C 80 -6.73 -11.97 -36.30
N CYS C 81 -5.60 -12.36 -36.87
CA CYS C 81 -5.37 -12.18 -38.30
C CYS C 81 -6.38 -12.96 -39.14
N LEU C 82 -6.64 -14.21 -38.76
CA LEU C 82 -7.62 -15.02 -39.48
C LEU C 82 -9.03 -14.47 -39.30
N ARG C 83 -9.32 -13.92 -38.12
CA ARG C 83 -10.57 -13.23 -37.88
C ARG C 83 -10.72 -12.00 -38.77
N ASP C 84 -9.66 -11.24 -38.98
CA ASP C 84 -9.76 -10.07 -39.86
C ASP C 84 -10.00 -10.48 -41.30
N LEU C 85 -9.32 -11.54 -41.74
CA LEU C 85 -9.59 -12.06 -43.08
C LEU C 85 -11.04 -12.50 -43.21
N ASP C 86 -11.60 -13.12 -42.16
CA ASP C 86 -13.01 -13.50 -42.19
C ASP C 86 -13.92 -12.28 -42.27
N TYR C 87 -13.60 -11.23 -41.51
CA TYR C 87 -14.32 -9.97 -41.63
C TYR C 87 -14.37 -9.50 -43.08
N TYR C 88 -13.22 -9.46 -43.73
CA TYR C 88 -13.20 -8.86 -45.06
C TYR C 88 -13.87 -9.76 -46.09
N LEU C 89 -13.83 -11.08 -45.88
CA LEU C 89 -14.58 -11.96 -46.75
C LEU C 89 -16.09 -11.73 -46.62
N ARG C 90 -16.57 -11.58 -45.39
CA ARG C 90 -17.98 -11.27 -45.19
C ARG C 90 -18.35 -9.93 -45.84
N LEU C 91 -17.47 -8.94 -45.72
CA LEU C 91 -17.69 -7.65 -46.38
C LEU C 91 -17.71 -7.79 -47.90
N VAL C 92 -16.89 -8.67 -48.45
CA VAL C 92 -16.92 -8.89 -49.90
C VAL C 92 -18.25 -9.48 -50.32
N THR C 93 -18.77 -10.44 -49.56
CA THR C 93 -20.09 -10.97 -49.89
C THR C 93 -21.16 -9.89 -49.80
N PHE C 94 -21.05 -9.01 -48.80
CA PHE C 94 -21.99 -7.89 -48.69
C PHE C 94 -21.92 -7.00 -49.92
N GLY C 95 -20.71 -6.67 -50.36
CA GLY C 95 -20.56 -5.84 -51.54
C GLY C 95 -21.12 -6.50 -52.78
N ILE C 96 -20.95 -7.82 -52.91
CA ILE C 96 -21.45 -8.53 -54.07
C ILE C 96 -22.97 -8.48 -54.12
N VAL C 97 -23.63 -8.72 -53.00
CA VAL C 97 -25.09 -8.66 -53.03
C VAL C 97 -25.56 -7.22 -53.21
N ALA C 98 -24.75 -6.24 -52.79
CA ALA C 98 -25.16 -4.86 -52.95
C ALA C 98 -24.85 -4.32 -54.34
N GLY C 99 -23.98 -5.01 -55.08
CA GLY C 99 -23.60 -4.56 -56.39
C GLY C 99 -22.54 -3.47 -56.41
N ASP C 100 -22.04 -3.06 -55.26
CA ASP C 100 -21.01 -2.04 -55.20
C ASP C 100 -20.28 -2.18 -53.87
N VAL C 101 -19.12 -1.50 -53.78
CA VAL C 101 -18.23 -1.63 -52.64
C VAL C 101 -18.64 -0.78 -51.45
N THR C 102 -19.80 -0.15 -51.49
CA THR C 102 -20.20 0.76 -50.42
C THR C 102 -20.28 0.09 -49.04
N PRO C 103 -20.88 -1.09 -48.87
CA PRO C 103 -20.78 -1.75 -47.56
C PRO C 103 -19.35 -2.00 -47.12
N ILE C 104 -18.47 -2.39 -48.05
CA ILE C 104 -17.07 -2.60 -47.72
C ILE C 104 -16.45 -1.32 -47.19
N GLU C 105 -16.68 -0.20 -47.86
CA GLU C 105 -16.12 1.07 -47.40
C GLU C 105 -16.69 1.47 -46.04
N GLU C 106 -18.00 1.31 -45.86
CA GLU C 106 -18.62 1.84 -44.65
C GLU C 106 -18.33 0.97 -43.43
N ILE C 107 -17.94 -0.28 -43.63
CA ILE C 107 -17.64 -1.12 -42.48
C ILE C 107 -16.15 -1.36 -42.27
N GLY C 108 -15.35 -1.42 -43.34
CA GLY C 108 -13.99 -1.88 -43.18
C GLY C 108 -12.89 -1.07 -43.83
N VAL C 109 -13.21 0.08 -44.40
CA VAL C 109 -12.18 0.87 -45.09
C VAL C 109 -12.03 2.23 -44.44
N ILE C 110 -13.13 2.88 -44.10
CA ILE C 110 -13.05 4.19 -43.49
C ILE C 110 -12.38 4.07 -42.13
N GLY C 111 -11.27 4.77 -41.96
CA GLY C 111 -10.49 4.70 -40.75
C GLY C 111 -9.64 3.46 -40.58
N VAL C 112 -9.47 2.66 -41.64
CA VAL C 112 -8.77 1.38 -41.50
C VAL C 112 -7.30 1.60 -41.23
N LYS C 113 -6.71 2.61 -41.87
CA LYS C 113 -5.28 2.85 -41.70
C LYS C 113 -4.96 3.36 -40.31
N GLU C 114 -5.86 4.15 -39.72
CA GLU C 114 -5.67 4.53 -38.33
C GLU C 114 -5.76 3.33 -37.40
N MET C 115 -6.70 2.42 -37.67
CA MET C 115 -6.86 1.25 -36.81
C MET C 115 -5.62 0.35 -36.85
N TYR C 116 -5.18 -0.02 -38.05
CA TYR C 116 -3.93 -0.78 -38.19
C TYR C 116 -2.68 0.00 -37.80
N ARG C 117 -2.72 1.33 -37.79
CA ARG C 117 -1.60 2.05 -37.22
C ARG C 117 -1.57 1.88 -35.71
N ASN C 118 -2.74 1.95 -35.08
CA ASN C 118 -2.82 1.73 -33.64
C ASN C 118 -2.42 0.30 -33.28
N LEU C 119 -2.81 -0.66 -34.11
CA LEU C 119 -2.52 -2.06 -33.83
C LEU C 119 -1.13 -2.49 -34.26
N GLU C 120 -0.40 -1.64 -34.98
CA GLU C 120 0.89 -2.00 -35.60
C GLU C 120 0.73 -3.19 -36.55
N VAL C 121 -0.39 -3.26 -37.25
CA VAL C 121 -0.58 -4.23 -38.32
C VAL C 121 -0.04 -3.63 -39.60
N PRO C 122 0.99 -4.23 -40.22
CA PRO C 122 1.54 -3.64 -41.45
C PRO C 122 0.55 -3.73 -42.61
N LEU C 123 0.31 -2.59 -43.25
CA LEU C 123 -0.63 -2.53 -44.36
C LEU C 123 -0.18 -3.31 -45.59
N PRO C 124 1.12 -3.36 -45.94
CA PRO C 124 1.53 -4.27 -47.03
C PRO C 124 1.14 -5.71 -46.78
N GLY C 125 1.30 -6.19 -45.54
CA GLY C 125 0.89 -7.55 -45.23
C GLY C 125 -0.61 -7.74 -45.39
N MET C 126 -1.38 -6.71 -45.09
CA MET C 126 -2.81 -6.75 -45.37
C MET C 126 -3.05 -6.86 -46.87
N VAL C 127 -2.23 -6.19 -47.68
CA VAL C 127 -2.40 -6.26 -49.12
C VAL C 127 -2.13 -7.67 -49.64
N GLU C 128 -1.06 -8.32 -49.20
CA GLU C 128 -0.89 -9.71 -49.67
C GLU C 128 -1.88 -10.66 -49.06
N ALA C 129 -2.38 -10.39 -47.85
CA ALA C 129 -3.45 -11.22 -47.32
C ALA C 129 -4.70 -11.12 -48.18
N VAL C 130 -5.03 -9.92 -48.62
CA VAL C 130 -6.20 -9.72 -49.46
C VAL C 130 -5.99 -10.33 -50.83
N LYS C 131 -4.77 -10.24 -51.36
CA LYS C 131 -4.51 -10.87 -52.65
C LYS C 131 -4.60 -12.39 -52.54
N ALA C 132 -4.13 -12.96 -51.44
CA ALA C 132 -4.27 -14.39 -51.20
C ALA C 132 -5.74 -14.80 -51.13
N MET C 133 -6.52 -14.06 -50.34
CA MET C 133 -7.94 -14.39 -50.22
C MET C 133 -8.65 -14.20 -51.56
N LYS C 134 -8.20 -13.24 -52.37
CA LYS C 134 -8.73 -13.06 -53.70
C LYS C 134 -8.45 -14.25 -54.59
N SER C 135 -7.21 -14.74 -54.59
CA SER C 135 -6.89 -15.93 -55.37
C SER C 135 -7.73 -17.12 -54.93
N VAL C 136 -7.81 -17.37 -53.62
CA VAL C 136 -8.53 -18.53 -53.12
C VAL C 136 -10.01 -18.42 -53.47
N ALA C 137 -10.61 -17.26 -53.22
CA ALA C 137 -12.04 -17.09 -53.48
C ALA C 137 -12.36 -17.19 -54.96
N THR C 138 -11.61 -16.48 -55.80
CA THR C 138 -11.90 -16.50 -57.23
C THR C 138 -11.62 -17.87 -57.84
N GLY C 139 -10.81 -18.69 -57.18
CA GLY C 139 -10.64 -20.06 -57.63
C GLY C 139 -11.94 -20.85 -57.56
N LEU C 140 -12.74 -20.60 -56.52
CA LEU C 140 -13.95 -21.38 -56.32
C LEU C 140 -15.04 -21.01 -57.32
N LEU C 141 -15.00 -19.79 -57.84
CA LEU C 141 -16.09 -19.31 -58.67
C LEU C 141 -15.86 -19.63 -60.13
N SER C 142 -16.88 -19.36 -60.94
CA SER C 142 -16.81 -19.54 -62.38
C SER C 142 -16.03 -18.41 -63.03
N GLY C 143 -15.78 -18.55 -64.33
CA GLY C 143 -14.95 -17.59 -65.03
C GLY C 143 -15.55 -16.20 -65.09
N ASP C 144 -16.84 -16.12 -65.43
CA ASP C 144 -17.51 -14.82 -65.46
C ASP C 144 -17.59 -14.21 -64.07
N ASP C 145 -17.85 -15.04 -63.06
CA ASP C 145 -18.05 -14.56 -61.71
C ASP C 145 -16.72 -14.19 -61.04
N SER C 146 -15.66 -14.91 -61.39
CA SER C 146 -14.38 -14.71 -60.72
C SER C 146 -13.85 -13.30 -60.96
N ALA C 147 -13.97 -12.80 -62.19
CA ALA C 147 -13.53 -11.44 -62.48
C ALA C 147 -14.36 -10.42 -61.71
N GLU C 148 -15.67 -10.62 -61.64
CA GLU C 148 -16.54 -9.65 -60.98
C GLU C 148 -16.21 -9.55 -59.50
N VAL C 149 -15.95 -10.68 -58.86
CA VAL C 149 -15.58 -10.62 -57.45
C VAL C 149 -14.13 -10.18 -57.25
N GLY C 150 -13.27 -10.47 -58.23
CA GLY C 150 -11.92 -9.95 -58.18
C GLY C 150 -11.90 -8.45 -58.19
N TYR C 151 -12.89 -7.82 -58.81
CA TYR C 151 -12.98 -6.37 -58.73
C TYR C 151 -13.18 -5.89 -57.30
N TYR C 152 -14.02 -6.57 -56.52
CA TYR C 152 -14.22 -6.20 -55.12
C TYR C 152 -12.95 -6.41 -54.32
N PHE C 153 -12.28 -7.54 -54.54
CA PHE C 153 -11.02 -7.77 -53.85
C PHE C 153 -9.97 -6.74 -54.24
N ASP C 154 -9.93 -6.35 -55.51
CA ASP C 154 -8.98 -5.33 -55.97
C ASP C 154 -9.28 -3.98 -55.34
N TYR C 155 -10.54 -3.60 -55.25
CA TYR C 155 -10.86 -2.34 -54.59
C TYR C 155 -10.38 -2.37 -53.15
N LEU C 156 -10.61 -3.49 -52.46
CA LEU C 156 -10.26 -3.53 -51.05
C LEU C 156 -8.74 -3.51 -50.88
N ALA C 157 -8.02 -4.18 -51.79
CA ALA C 157 -6.56 -4.16 -51.74
C ALA C 157 -6.02 -2.77 -52.01
N GLY C 158 -6.60 -2.06 -52.98
CA GLY C 158 -6.17 -0.70 -53.22
C GLY C 158 -6.50 0.24 -52.08
N ALA C 159 -7.59 -0.06 -51.36
CA ALA C 159 -7.94 0.76 -50.21
C ALA C 159 -7.00 0.51 -49.03
N LEU C 160 -6.48 -0.71 -48.89
CA LEU C 160 -5.51 -0.96 -47.83
C LEU C 160 -4.13 -0.41 -48.18
N ALA C 161 -3.83 -0.29 -49.46
CA ALA C 161 -2.54 0.25 -49.88
C ALA C 161 -2.64 1.75 -50.16
N SER D 2 13.01 29.85 -38.22
CA SER D 2 13.59 29.67 -36.90
C SER D 2 12.63 30.16 -35.82
N ALA D 3 13.13 30.28 -34.60
CA ALA D 3 12.35 30.89 -33.53
C ALA D 3 12.04 32.35 -33.85
N ILE D 4 13.04 33.05 -34.39
CA ILE D 4 12.85 34.44 -34.80
C ILE D 4 11.77 34.54 -35.86
N THR D 5 11.83 33.65 -36.85
CA THR D 5 10.84 33.67 -37.92
C THR D 5 9.44 33.41 -37.39
N LYS D 6 9.32 32.47 -36.44
CA LYS D 6 8.01 32.15 -35.90
C LYS D 6 7.44 33.33 -35.12
N ALA D 7 8.29 34.00 -34.33
CA ALA D 7 7.83 35.19 -33.61
C ALA D 7 7.45 36.31 -34.56
N ILE D 8 8.22 36.51 -35.63
CA ILE D 8 7.91 37.55 -36.60
C ILE D 8 6.59 37.25 -37.31
N LEU D 9 6.39 35.99 -37.70
CA LEU D 9 5.14 35.61 -38.34
C LEU D 9 3.96 35.84 -37.42
N ASN D 10 4.11 35.49 -36.14
CA ASN D 10 3.07 35.76 -35.17
C ASN D 10 2.75 37.24 -35.10
N ALA D 11 3.76 38.09 -34.90
CA ALA D 11 3.51 39.52 -34.79
C ALA D 11 2.91 40.09 -36.07
N ASP D 12 3.24 39.49 -37.21
CA ASP D 12 2.73 39.98 -38.49
C ASP D 12 1.27 39.60 -38.68
N ALA D 13 0.86 38.44 -38.15
CA ALA D 13 -0.54 38.05 -38.27
C ALA D 13 -1.46 39.05 -37.58
N GLU D 14 -1.07 39.53 -36.41
CA GLU D 14 -1.80 40.61 -35.75
C GLU D 14 -1.30 41.99 -36.14
N ALA D 15 -0.41 42.09 -37.12
CA ALA D 15 0.02 43.37 -37.69
C ALA D 15 0.53 44.33 -36.63
N ARG D 16 1.51 43.88 -35.86
CA ARG D 16 2.04 44.63 -34.75
C ARG D 16 3.54 44.40 -34.66
N TYR D 17 4.19 45.21 -33.82
CA TYR D 17 5.59 45.00 -33.52
C TYR D 17 5.73 43.88 -32.50
N LEU D 18 6.96 43.39 -32.36
CA LEU D 18 7.22 42.30 -31.44
C LEU D 18 6.85 42.69 -30.02
N SER D 19 6.12 41.82 -29.35
CA SER D 19 5.62 42.06 -28.01
C SER D 19 6.68 41.62 -26.99
N PRO D 20 6.52 42.00 -25.72
CA PRO D 20 7.52 41.60 -24.71
C PRO D 20 7.78 40.10 -24.67
N GLY D 21 6.74 39.28 -24.81
CA GLY D 21 6.98 37.84 -24.87
C GLY D 21 7.79 37.42 -26.06
N GLU D 22 7.53 38.02 -27.23
CA GLU D 22 8.27 37.66 -28.43
C GLU D 22 9.69 38.18 -28.39
N ILE D 23 9.89 39.36 -27.79
CA ILE D 23 11.25 39.82 -27.53
C ILE D 23 11.98 38.86 -26.60
N ASP D 24 11.28 38.34 -25.59
CA ASP D 24 11.90 37.37 -24.70
C ASP D 24 12.28 36.09 -25.46
N VAL D 25 11.41 35.64 -26.36
CA VAL D 25 11.73 34.46 -27.16
C VAL D 25 12.96 34.70 -28.03
N VAL D 26 13.02 35.84 -28.70
CA VAL D 26 14.16 36.13 -29.58
C VAL D 26 15.44 36.26 -28.76
N ARG D 27 15.36 36.93 -27.62
CA ARG D 27 16.53 37.12 -26.76
C ARG D 27 17.02 35.79 -26.20
N GLY D 28 16.12 34.93 -25.75
CA GLY D 28 16.52 33.65 -25.23
C GLY D 28 17.06 32.73 -26.30
N TYR D 29 16.59 32.91 -27.54
CA TYR D 29 17.16 32.15 -28.65
C TYR D 29 18.57 32.63 -28.98
N LEU D 30 18.77 33.94 -29.08
CA LEU D 30 20.10 34.47 -29.35
C LEU D 30 21.07 34.13 -28.22
N ALA D 31 20.55 34.00 -27.00
CA ALA D 31 21.37 33.58 -25.87
C ALA D 31 21.85 32.14 -26.05
N SER D 32 20.98 31.27 -26.57
CA SER D 32 21.30 29.86 -26.74
C SER D 32 22.16 29.58 -27.96
N GLY D 33 22.63 30.62 -28.66
CA GLY D 33 23.31 30.41 -29.93
C GLY D 33 24.57 29.57 -29.80
N GLU D 34 25.40 29.85 -28.80
CA GLU D 34 26.65 29.12 -28.65
C GLU D 34 26.39 27.64 -28.35
N ARG D 35 25.41 27.37 -27.49
CA ARG D 35 25.08 26.00 -27.15
C ARG D 35 24.53 25.25 -28.35
N ARG D 36 23.67 25.89 -29.15
CA ARG D 36 23.15 25.27 -30.35
C ARG D 36 24.26 25.01 -31.35
N VAL D 37 25.19 25.94 -31.50
CA VAL D 37 26.29 25.76 -32.43
C VAL D 37 27.19 24.62 -31.97
N ARG D 38 27.44 24.51 -30.66
CA ARG D 38 28.24 23.40 -30.15
C ARG D 38 27.56 22.07 -30.42
N VAL D 39 26.27 21.97 -30.14
CA VAL D 39 25.56 20.72 -30.37
C VAL D 39 25.57 20.36 -31.84
N ALA D 40 25.32 21.34 -32.71
CA ALA D 40 25.29 21.08 -34.14
C ALA D 40 26.67 20.68 -34.65
N ARG D 41 27.72 21.30 -34.12
CA ARG D 41 29.08 20.90 -34.50
C ARG D 41 29.35 19.45 -34.12
N VAL D 42 28.96 19.04 -32.91
CA VAL D 42 29.22 17.67 -32.49
C VAL D 42 28.44 16.69 -33.35
N LEU D 43 27.17 16.99 -33.61
CA LEU D 43 26.37 16.07 -34.43
C LEU D 43 26.88 16.03 -35.87
N SER D 44 27.31 17.17 -36.41
CA SER D 44 27.75 17.22 -37.80
C SER D 44 29.07 16.51 -38.00
N ASP D 45 30.05 16.80 -37.14
CA ASP D 45 31.38 16.21 -37.31
C ASP D 45 31.37 14.71 -37.06
N ASN D 46 30.35 14.21 -36.38
CA ASN D 46 30.24 12.80 -36.05
C ASN D 46 29.11 12.12 -36.80
N ALA D 47 28.72 12.66 -37.95
CA ALA D 47 27.59 12.10 -38.68
C ALA D 47 27.88 10.70 -39.20
N LEU D 48 29.10 10.46 -39.68
CA LEU D 48 29.44 9.16 -40.25
C LEU D 48 29.31 8.06 -39.21
N ARG D 49 29.92 8.23 -38.04
CA ARG D 49 29.87 7.16 -37.05
C ARG D 49 28.47 7.03 -36.46
N ILE D 50 27.75 8.14 -36.34
CA ILE D 50 26.38 8.07 -35.85
C ILE D 50 25.52 7.26 -36.80
N VAL D 51 25.65 7.51 -38.11
CA VAL D 51 24.82 6.79 -39.07
C VAL D 51 25.24 5.33 -39.15
N ARG D 52 26.55 5.05 -39.12
CA ARG D 52 26.98 3.65 -39.12
C ARG D 52 26.42 2.91 -37.91
N GLY D 53 26.52 3.51 -36.73
CA GLY D 53 26.02 2.85 -35.53
C GLY D 53 24.52 2.70 -35.53
N ALA D 54 23.80 3.73 -35.94
CA ALA D 54 22.34 3.65 -35.99
C ALA D 54 21.88 2.58 -36.97
N GLY D 55 22.54 2.51 -38.14
CA GLY D 55 22.17 1.50 -39.11
C GLY D 55 22.47 0.10 -38.63
N ASP D 56 23.64 -0.09 -37.98
CA ASP D 56 23.93 -1.40 -37.40
C ASP D 56 22.89 -1.80 -36.38
N THR D 57 22.54 -0.88 -35.46
CA THR D 57 21.55 -1.21 -34.45
C THR D 57 20.19 -1.52 -35.06
N MET D 58 19.77 -0.72 -36.05
CA MET D 58 18.48 -0.93 -36.70
C MET D 58 18.44 -2.26 -37.42
N PHE D 59 19.54 -2.66 -38.07
CA PHE D 59 19.52 -3.92 -38.82
C PHE D 59 19.59 -5.12 -37.89
N GLN D 60 20.33 -5.01 -36.78
CA GLN D 60 20.29 -6.08 -35.78
C GLN D 60 18.90 -6.21 -35.18
N LYS D 61 18.25 -5.09 -34.90
CA LYS D 61 16.91 -5.13 -34.31
C LYS D 61 15.89 -5.70 -35.28
N ARG D 62 16.04 -5.39 -36.57
CA ARG D 62 15.08 -5.81 -37.61
C ARG D 62 15.84 -6.43 -38.77
N PRO D 63 16.24 -7.70 -38.66
CA PRO D 63 17.00 -8.33 -39.74
C PRO D 63 16.21 -8.49 -41.03
N ASP D 64 14.89 -8.66 -40.94
CA ASP D 64 14.09 -8.94 -42.14
C ASP D 64 14.16 -7.81 -43.15
N LEU D 65 14.48 -6.59 -42.72
CA LEU D 65 14.67 -5.49 -43.67
C LEU D 65 15.79 -5.77 -44.64
N VAL D 66 16.91 -6.31 -44.18
CA VAL D 66 18.03 -6.58 -45.06
C VAL D 66 18.08 -8.05 -45.48
N ALA D 67 17.09 -8.83 -45.11
CA ALA D 67 16.92 -10.18 -45.62
C ALA D 67 16.28 -10.12 -47.01
N PRO D 68 16.45 -11.17 -47.81
CA PRO D 68 15.82 -11.18 -49.14
C PRO D 68 14.31 -10.96 -49.04
N GLY D 69 13.79 -10.11 -49.92
CA GLY D 69 12.44 -9.63 -49.82
C GLY D 69 12.24 -8.43 -48.91
N GLY D 70 13.31 -7.96 -48.25
CA GLY D 70 13.18 -6.79 -47.41
C GLY D 70 13.28 -5.49 -48.19
N ASN D 71 12.77 -4.43 -47.57
CA ASN D 71 12.77 -3.13 -48.23
C ASN D 71 14.19 -2.61 -48.46
N ALA D 72 15.12 -3.01 -47.60
CA ALA D 72 16.49 -2.54 -47.67
C ALA D 72 17.45 -3.56 -48.26
N TYR D 73 16.93 -4.66 -48.81
CA TYR D 73 17.80 -5.71 -49.33
C TYR D 73 18.59 -5.23 -50.54
N GLY D 74 19.86 -5.60 -50.59
CA GLY D 74 20.72 -5.21 -51.69
C GLY D 74 21.59 -4.02 -51.32
N GLU D 75 22.72 -3.91 -52.03
CA GLU D 75 23.66 -2.83 -51.74
C GLU D 75 23.04 -1.47 -51.99
N VAL D 76 22.30 -1.31 -53.09
CA VAL D 76 21.72 -0.02 -53.44
C VAL D 76 20.65 0.37 -52.42
N ARG D 77 19.76 -0.55 -52.09
CA ARG D 77 18.66 -0.23 -51.20
C ARG D 77 19.17 0.01 -49.78
N THR D 78 20.17 -0.76 -49.35
CA THR D 78 20.81 -0.52 -48.06
C THR D 78 21.51 0.84 -48.04
N ALA D 79 22.16 1.21 -49.14
CA ALA D 79 22.79 2.52 -49.24
C ALA D 79 21.77 3.64 -49.13
N LYS D 80 20.62 3.49 -49.79
CA LYS D 80 19.58 4.51 -49.67
C LYS D 80 18.99 4.56 -48.27
N CYS D 81 18.93 3.42 -47.59
CA CYS D 81 18.48 3.40 -46.21
C CYS D 81 19.42 4.19 -45.31
N LEU D 82 20.72 3.95 -45.45
CA LEU D 82 21.68 4.73 -44.68
C LEU D 82 21.65 6.19 -45.07
N ARG D 83 21.38 6.48 -46.35
CA ARG D 83 21.28 7.87 -46.79
C ARG D 83 20.08 8.56 -46.17
N ASP D 84 18.97 7.85 -46.03
CA ASP D 84 17.81 8.43 -45.34
C ASP D 84 18.13 8.71 -43.87
N LEU D 85 18.85 7.79 -43.21
CA LEU D 85 19.24 8.05 -41.82
C LEU D 85 20.14 9.28 -41.73
N ASP D 86 21.08 9.43 -42.67
CA ASP D 86 21.92 10.61 -42.73
C ASP D 86 21.10 11.87 -42.95
N TYR D 87 20.11 11.79 -43.84
CA TYR D 87 19.22 12.93 -44.09
C TYR D 87 18.55 13.37 -42.81
N PHE D 88 18.03 12.42 -42.03
CA PHE D 88 17.31 12.77 -40.83
C PHE D 88 18.25 13.31 -39.76
N LEU D 89 19.48 12.81 -39.70
CA LEU D 89 20.46 13.40 -38.80
C LEU D 89 20.76 14.85 -39.15
N ARG D 90 20.94 15.14 -40.45
CA ARG D 90 21.22 16.51 -40.86
C ARG D 90 20.02 17.42 -40.60
N LEU D 91 18.81 16.88 -40.77
CA LEU D 91 17.62 17.65 -40.43
C LEU D 91 17.57 17.93 -38.93
N VAL D 92 17.98 16.98 -38.10
CA VAL D 92 18.04 17.22 -36.66
C VAL D 92 19.04 18.33 -36.34
N THR D 93 20.19 18.33 -37.03
CA THR D 93 21.14 19.42 -36.83
C THR D 93 20.54 20.76 -37.22
N TYR D 94 19.80 20.79 -38.33
CA TYR D 94 19.12 22.02 -38.73
C TYR D 94 18.12 22.47 -37.67
N GLY D 95 17.36 21.53 -37.12
CA GLY D 95 16.39 21.88 -36.10
C GLY D 95 17.04 22.44 -34.84
N VAL D 96 18.19 21.89 -34.48
CA VAL D 96 18.94 22.42 -33.35
C VAL D 96 19.44 23.83 -33.65
N LEU D 97 19.96 24.06 -34.86
CA LEU D 97 20.46 25.38 -35.20
C LEU D 97 19.35 26.41 -35.27
N ALA D 98 18.20 26.05 -35.83
CA ALA D 98 17.13 27.00 -36.05
C ALA D 98 16.34 27.26 -34.78
N GLY D 99 16.50 26.42 -33.77
CA GLY D 99 15.70 26.55 -32.59
C GLY D 99 14.23 26.27 -32.78
N ASP D 100 13.85 25.58 -33.86
CA ASP D 100 12.49 25.11 -34.06
C ASP D 100 12.50 24.06 -35.17
N THR D 101 11.37 23.40 -35.32
CA THR D 101 11.27 22.23 -36.17
C THR D 101 10.90 22.57 -37.61
N SER D 102 10.79 23.85 -37.95
CA SER D 102 10.34 24.23 -39.29
C SER D 102 11.21 23.69 -40.42
N PRO D 103 12.54 23.78 -40.39
CA PRO D 103 13.31 23.18 -41.50
C PRO D 103 13.13 21.67 -41.63
N ILE D 104 12.97 20.97 -40.50
CA ILE D 104 12.73 19.54 -40.54
C ILE D 104 11.41 19.24 -41.24
N ASP D 105 10.37 19.99 -40.90
CA ASP D 105 9.08 19.83 -41.56
C ASP D 105 9.19 20.12 -43.05
N GLU D 106 9.82 21.24 -43.40
CA GLU D 106 9.85 21.67 -44.81
C GLU D 106 10.62 20.71 -45.68
N ILE D 107 11.77 20.23 -45.20
CA ILE D 107 12.64 19.44 -46.06
C ILE D 107 12.37 17.94 -45.94
N GLY D 108 12.01 17.46 -44.76
CA GLY D 108 11.98 16.03 -44.58
C GLY D 108 10.66 15.38 -44.19
N LEU D 109 9.79 16.10 -43.49
CA LEU D 109 8.67 15.44 -42.85
C LEU D 109 7.40 15.55 -43.68
N ILE D 110 7.13 16.72 -44.25
CA ILE D 110 5.94 16.88 -45.08
C ILE D 110 6.07 15.97 -46.30
N GLY D 111 5.19 14.99 -46.40
CA GLY D 111 5.22 14.03 -47.48
C GLY D 111 5.98 12.76 -47.21
N ILE D 112 6.70 12.66 -46.09
CA ILE D 112 7.50 11.47 -45.84
C ILE D 112 6.61 10.27 -45.55
N LYS D 113 5.43 10.51 -44.99
CA LYS D 113 4.50 9.41 -44.75
C LYS D 113 3.95 8.87 -46.06
N GLU D 114 3.54 9.76 -46.97
CA GLU D 114 3.11 9.30 -48.29
C GLU D 114 4.26 8.63 -49.04
N THR D 115 5.44 9.22 -48.99
CA THR D 115 6.60 8.65 -49.65
C THR D 115 6.88 7.23 -49.16
N TYR D 116 6.90 7.05 -47.85
CA TYR D 116 7.26 5.76 -47.30
C TYR D 116 6.14 4.75 -47.45
N SER D 117 4.88 5.21 -47.42
CA SER D 117 3.78 4.29 -47.68
C SER D 117 3.84 3.76 -49.09
N LEU D 118 4.14 4.62 -50.08
CA LEU D 118 4.10 4.17 -51.45
C LEU D 118 5.35 3.38 -51.81
N LEU D 119 6.48 3.67 -51.18
CA LEU D 119 7.69 2.88 -51.40
C LEU D 119 7.74 1.63 -50.53
N GLU D 120 6.77 1.47 -49.64
CA GLU D 120 6.61 0.26 -48.83
C GLU D 120 7.70 0.19 -47.77
N VAL D 121 8.21 1.36 -47.40
CA VAL D 121 9.26 1.48 -46.40
C VAL D 121 8.61 1.35 -45.01
N PRO D 122 9.04 0.41 -44.18
CA PRO D 122 8.46 0.28 -42.84
C PRO D 122 8.86 1.45 -41.96
N VAL D 123 7.88 2.27 -41.61
CA VAL D 123 8.09 3.44 -40.76
C VAL D 123 8.64 3.03 -39.40
N PRO D 124 8.16 1.95 -38.76
CA PRO D 124 8.80 1.51 -37.51
C PRO D 124 10.29 1.24 -37.64
N GLY D 125 10.75 0.75 -38.79
CA GLY D 125 12.19 0.60 -38.98
C GLY D 125 12.92 1.93 -38.99
N VAL D 126 12.34 2.93 -39.66
CA VAL D 126 12.92 4.27 -39.63
C VAL D 126 12.94 4.81 -38.22
N ILE D 127 11.89 4.55 -37.46
CA ILE D 127 11.83 4.99 -36.07
C ILE D 127 12.92 4.32 -35.25
N ASP D 128 13.14 3.03 -35.48
CA ASP D 128 14.21 2.32 -34.79
C ASP D 128 15.56 2.91 -35.13
N GLY D 129 15.79 3.21 -36.40
CA GLY D 129 17.06 3.81 -36.79
C GLY D 129 17.27 5.18 -36.20
N ILE D 130 16.20 5.98 -36.13
CA ILE D 130 16.31 7.33 -35.56
C ILE D 130 16.52 7.25 -34.06
N LYS D 131 15.86 6.31 -33.38
CA LYS D 131 16.15 6.10 -31.96
C LYS D 131 17.60 5.70 -31.76
N ALA D 132 18.11 4.79 -32.59
CA ALA D 132 19.51 4.42 -32.49
C ALA D 132 20.42 5.61 -32.70
N ALA D 133 20.10 6.47 -33.67
CA ALA D 133 20.89 7.67 -33.90
C ALA D 133 20.81 8.62 -32.72
N LYS D 134 19.64 8.69 -32.08
CA LYS D 134 19.49 9.54 -30.90
C LYS D 134 20.38 9.07 -29.75
N GLN D 135 20.40 7.77 -29.48
CA GLN D 135 21.30 7.28 -28.44
C GLN D 135 22.76 7.46 -28.83
N GLN D 136 23.10 7.24 -30.09
CA GLN D 136 24.49 7.43 -30.52
C GLN D 136 24.91 8.89 -30.39
N ALA D 137 23.99 9.82 -30.65
CA ALA D 137 24.30 11.23 -30.44
C ALA D 137 24.43 11.55 -28.96
N ALA D 138 23.56 10.98 -28.12
CA ALA D 138 23.61 11.25 -26.68
C ALA D 138 24.90 10.72 -26.09
N ALA D 139 25.46 9.66 -26.66
CA ALA D 139 26.77 9.18 -26.24
C ALA D 139 27.83 10.26 -26.44
N LEU D 140 27.65 11.10 -27.46
CA LEU D 140 28.69 12.05 -27.83
C LEU D 140 28.51 13.41 -27.16
N LEU D 141 27.41 13.62 -26.46
CA LEU D 141 27.06 14.93 -25.91
C LEU D 141 26.94 14.84 -24.40
N SER D 142 27.10 16.00 -23.75
CA SER D 142 26.82 16.10 -22.34
C SER D 142 25.32 15.97 -22.09
N SER D 143 24.95 15.93 -20.80
CA SER D 143 23.55 15.72 -20.45
C SER D 143 22.66 16.82 -21.00
N GLU D 144 23.08 18.08 -20.87
CA GLU D 144 22.27 19.18 -21.36
C GLU D 144 22.24 19.22 -22.87
N ASP D 145 23.39 19.01 -23.52
CA ASP D 145 23.43 18.97 -24.97
C ASP D 145 22.64 17.79 -25.52
N ALA D 146 22.76 16.63 -24.88
CA ALA D 146 21.98 15.47 -25.29
C ALA D 146 20.48 15.72 -25.13
N ALA D 147 20.09 16.39 -24.04
CA ALA D 147 18.68 16.72 -23.85
C ALA D 147 18.21 17.69 -24.93
N GLU D 148 19.06 18.63 -25.31
CA GLU D 148 18.70 19.57 -26.37
C GLU D 148 18.48 18.84 -27.69
N ALA D 149 19.37 17.91 -28.04
CA ALA D 149 19.21 17.19 -29.30
C ALA D 149 18.03 16.23 -29.26
N SER D 150 17.77 15.62 -28.11
CA SER D 150 16.71 14.63 -28.01
C SER D 150 15.35 15.24 -28.30
N PHE D 151 15.18 16.54 -28.04
CA PHE D 151 13.91 17.17 -28.36
C PHE D 151 13.59 17.02 -29.85
N TYR D 152 14.57 17.31 -30.70
CA TYR D 152 14.34 17.23 -32.14
C TYR D 152 14.35 15.78 -32.63
N PHE D 153 15.14 14.91 -31.99
CA PHE D 153 15.06 13.49 -32.34
C PHE D 153 13.67 12.93 -32.06
N ASP D 154 13.14 13.17 -30.87
CA ASP D 154 11.79 12.69 -30.55
C ASP D 154 10.73 13.40 -31.37
N TYR D 155 10.98 14.65 -31.77
CA TYR D 155 10.04 15.30 -32.67
C TYR D 155 9.96 14.57 -34.00
N VAL D 156 11.12 14.19 -34.55
CA VAL D 156 11.11 13.40 -35.77
C VAL D 156 10.38 12.09 -35.56
N ILE D 157 10.65 11.42 -34.44
CA ILE D 157 10.04 10.13 -34.18
C ILE D 157 8.53 10.25 -34.08
N SER D 158 8.05 11.28 -33.38
CA SER D 158 6.62 11.46 -33.20
C SER D 158 5.94 11.84 -34.51
N ALA D 159 6.63 12.59 -35.37
CA ALA D 159 6.08 12.87 -36.69
C ALA D 159 5.96 11.59 -37.51
N MET D 160 6.94 10.70 -37.37
CA MET D 160 6.81 9.38 -38.00
C MET D 160 5.58 8.64 -37.49
N SER D 161 5.44 8.53 -36.17
CA SER D 161 4.36 7.79 -35.57
C SER D 161 3.10 8.64 -35.46
N SER E 2 -1.21 34.41 -20.55
CA SER E 2 0.19 34.21 -20.24
C SER E 2 0.92 33.51 -21.37
N VAL E 3 2.22 33.30 -21.19
CA VAL E 3 3.01 32.55 -22.17
C VAL E 3 2.46 31.14 -22.31
N VAL E 4 2.13 30.51 -21.19
CA VAL E 4 1.66 29.14 -21.19
C VAL E 4 0.32 29.03 -21.88
N THR E 5 -0.61 29.94 -21.56
CA THR E 5 -1.93 29.90 -22.17
C THR E 5 -1.86 30.18 -23.66
N LYS E 6 -1.03 31.13 -24.06
CA LYS E 6 -0.85 31.41 -25.47
C LYS E 6 -0.30 30.19 -26.22
N ALA E 7 0.73 29.55 -25.66
CA ALA E 7 1.29 28.38 -26.31
C ALA E 7 0.26 27.26 -26.41
N ILE E 8 -0.49 27.03 -25.34
CA ILE E 8 -1.48 25.94 -25.33
C ILE E 8 -2.58 26.20 -26.35
N VAL E 9 -3.07 27.44 -26.40
CA VAL E 9 -4.14 27.76 -27.35
C VAL E 9 -3.63 27.66 -28.79
N SER E 10 -2.41 28.13 -29.03
CA SER E 10 -1.83 28.01 -30.36
C SER E 10 -1.69 26.56 -30.78
N ALA E 11 -1.28 25.69 -29.87
CA ALA E 11 -1.18 24.27 -30.19
C ALA E 11 -2.55 23.66 -30.36
N ASP E 12 -3.54 24.13 -29.61
CA ASP E 12 -4.87 23.54 -29.63
C ASP E 12 -5.62 23.87 -30.90
N ALA E 13 -5.44 25.08 -31.43
CA ALA E 13 -6.09 25.43 -32.69
C ALA E 13 -5.51 24.63 -33.84
N GLU E 14 -4.39 23.96 -33.61
CA GLU E 14 -3.75 23.09 -34.59
C GLU E 14 -3.83 21.63 -34.20
N ALA E 15 -4.59 21.32 -33.15
CA ALA E 15 -4.88 19.95 -32.73
C ALA E 15 -3.61 19.12 -32.54
N ARG E 16 -2.59 19.72 -31.96
CA ARG E 16 -1.31 19.05 -31.79
C ARG E 16 -0.81 19.23 -30.37
N TYR E 17 0.14 18.40 -30.00
CA TYR E 17 0.91 18.62 -28.78
C TYR E 17 1.88 19.77 -28.99
N LEU E 18 2.27 20.42 -27.90
CA LEU E 18 3.18 21.55 -27.99
C LEU E 18 4.52 21.11 -28.56
N SER E 19 5.11 21.98 -29.37
CA SER E 19 6.33 21.69 -30.11
C SER E 19 7.55 21.94 -29.24
N PRO E 20 8.73 21.50 -29.67
CA PRO E 20 9.96 21.85 -28.94
C PRO E 20 10.15 23.34 -28.75
N GLY E 21 9.78 24.15 -29.75
CA GLY E 21 9.89 25.60 -29.60
C GLY E 21 8.98 26.14 -28.52
N GLU E 22 7.73 25.67 -28.47
CA GLU E 22 6.81 26.13 -27.45
C GLU E 22 7.26 25.69 -26.06
N LEU E 23 7.76 24.46 -25.94
CA LEU E 23 8.24 24.00 -24.65
C LEU E 23 9.51 24.74 -24.22
N ASP E 24 10.36 25.11 -25.18
CA ASP E 24 11.51 25.95 -24.87
C ASP E 24 11.06 27.32 -24.38
N ARG E 25 10.02 27.87 -25.01
CA ARG E 25 9.45 29.13 -24.55
C ARG E 25 8.94 29.02 -23.12
N ILE E 26 8.26 27.93 -22.79
CA ILE E 26 7.73 27.77 -21.45
C ILE E 26 8.84 27.56 -20.44
N ARG E 27 9.90 26.82 -20.82
CA ARG E 27 11.05 26.67 -19.94
C ARG E 27 11.71 28.01 -19.65
N GLY E 28 11.89 28.83 -20.69
CA GLY E 28 12.44 30.15 -20.48
C GLY E 28 11.54 31.02 -19.63
N PHE E 29 10.23 30.85 -19.76
CA PHE E 29 9.29 31.62 -18.97
C PHE E 29 9.35 31.23 -17.50
N VAL E 30 9.38 29.94 -17.21
CA VAL E 30 9.33 29.51 -15.81
C VAL E 30 10.67 29.71 -15.13
N SER E 31 11.77 29.61 -15.88
CA SER E 31 13.06 29.89 -15.26
C SER E 31 13.24 31.37 -14.98
N SER E 32 12.49 32.22 -15.68
CA SER E 32 12.50 33.66 -15.43
C SER E 32 11.46 34.09 -14.41
N GLY E 33 10.76 33.14 -13.80
CA GLY E 33 9.61 33.49 -12.97
C GLY E 33 9.98 34.22 -11.70
N GLU E 34 11.07 33.81 -11.06
CA GLU E 34 11.46 34.43 -9.80
C GLU E 34 11.88 35.88 -9.99
N ARG E 35 12.68 36.15 -11.02
CA ARG E 35 13.03 37.53 -11.35
C ARG E 35 11.80 38.35 -11.69
N ARG E 36 10.85 37.76 -12.42
CA ARG E 36 9.63 38.48 -12.77
C ARG E 36 8.83 38.82 -11.52
N LEU E 37 8.75 37.89 -10.59
CA LEU E 37 8.02 38.14 -9.35
C LEU E 37 8.71 39.21 -8.52
N ARG E 38 10.04 39.23 -8.51
CA ARG E 38 10.76 40.26 -7.79
C ARG E 38 10.52 41.63 -8.39
N VAL E 39 10.52 41.73 -9.71
CA VAL E 39 10.25 42.99 -10.38
C VAL E 39 8.82 43.44 -10.11
N ALA E 40 7.87 42.51 -10.14
CA ALA E 40 6.49 42.85 -9.84
C ALA E 40 6.33 43.35 -8.41
N GLN E 41 7.02 42.70 -7.46
CA GLN E 41 7.02 43.20 -6.09
C GLN E 41 7.59 44.59 -6.01
N THR E 42 8.69 44.86 -6.73
CA THR E 42 9.30 46.17 -6.70
C THR E 42 8.35 47.24 -7.21
N LEU E 43 7.63 46.95 -8.31
CA LEU E 43 6.71 47.93 -8.86
C LEU E 43 5.48 48.09 -7.98
N THR E 44 5.05 47.02 -7.32
CA THR E 44 3.94 47.12 -6.38
C THR E 44 4.32 47.94 -5.17
N GLU E 45 5.56 47.78 -4.68
CA GLU E 45 6.00 48.52 -3.50
C GLU E 45 5.97 50.02 -3.74
N SER E 46 6.38 50.44 -4.93
CA SER E 46 6.48 51.85 -5.26
C SER E 46 5.28 52.37 -6.04
N ARG E 47 4.11 51.72 -5.90
CA ARG E 47 2.97 52.09 -6.72
C ARG E 47 2.55 53.53 -6.46
N GLU E 48 2.48 53.94 -5.19
CA GLU E 48 1.99 55.27 -4.85
C GLU E 48 2.95 56.34 -5.34
N ARG E 49 4.25 56.13 -5.19
CA ARG E 49 5.23 57.06 -5.72
C ARG E 49 5.16 57.13 -7.24
N ILE E 50 5.07 55.98 -7.90
CA ILE E 50 4.98 55.99 -9.36
C ILE E 50 3.79 56.82 -9.81
N ILE E 51 2.62 56.57 -9.21
CA ILE E 51 1.42 57.30 -9.60
C ILE E 51 1.57 58.79 -9.31
N LYS E 52 2.22 59.14 -8.20
CA LYS E 52 2.30 60.54 -7.82
C LYS E 52 3.22 61.34 -8.74
N GLN E 53 4.47 60.90 -8.92
CA GLN E 53 5.30 61.62 -9.91
C GLN E 53 4.76 61.50 -11.33
N ALA E 54 4.09 60.41 -11.68
CA ALA E 54 3.52 60.34 -13.02
C ALA E 54 2.44 61.38 -13.22
N GLY E 55 1.54 61.53 -12.25
CA GLY E 55 0.52 62.56 -12.35
C GLY E 55 1.11 63.96 -12.33
N ASP E 56 2.15 64.16 -11.51
CA ASP E 56 2.85 65.43 -11.48
C ASP E 56 3.37 65.80 -12.86
N GLN E 57 4.12 64.89 -13.47
CA GLN E 57 4.69 65.17 -14.79
C GLN E 57 3.59 65.38 -15.82
N LEU E 58 2.56 64.53 -15.80
CA LEU E 58 1.48 64.66 -16.77
C LEU E 58 0.82 66.03 -16.69
N PHE E 59 0.50 66.49 -15.48
CA PHE E 59 -0.20 67.76 -15.35
C PHE E 59 0.73 68.93 -15.58
N GLN E 60 2.03 68.74 -15.36
CA GLN E 60 3.00 69.78 -15.69
C GLN E 60 3.13 69.95 -17.20
N LYS E 61 3.12 68.85 -17.94
CA LYS E 61 3.33 68.97 -19.38
C LYS E 61 2.02 69.11 -20.14
N ARG E 62 0.88 68.87 -19.48
CA ARG E 62 -0.44 69.10 -20.06
C ARG E 62 -1.30 69.86 -19.06
N PRO E 63 -0.99 71.13 -18.79
CA PRO E 63 -1.73 71.85 -17.75
C PRO E 63 -3.18 72.11 -18.09
N ASP E 64 -3.57 71.98 -19.37
CA ASP E 64 -4.95 72.21 -19.75
C ASP E 64 -5.89 71.16 -19.16
N LEU E 65 -5.38 69.97 -18.88
CA LEU E 65 -6.21 68.90 -18.35
C LEU E 65 -6.80 69.29 -16.99
N VAL E 66 -5.99 69.93 -16.14
CA VAL E 66 -6.45 70.30 -14.82
C VAL E 66 -6.90 71.75 -14.76
N SER E 67 -6.77 72.50 -15.84
CA SER E 67 -7.28 73.86 -15.93
C SER E 67 -8.80 73.81 -16.15
N PRO E 68 -9.49 74.93 -15.91
CA PRO E 68 -10.94 74.92 -16.10
C PRO E 68 -11.32 74.51 -17.52
N GLY E 69 -12.39 73.72 -17.62
CA GLY E 69 -12.77 73.10 -18.87
C GLY E 69 -12.02 71.83 -19.18
N GLY E 70 -11.01 71.49 -18.40
CA GLY E 70 -10.26 70.28 -18.65
C GLY E 70 -11.03 69.04 -18.27
N ASN E 71 -10.56 67.89 -18.77
CA ASN E 71 -11.21 66.63 -18.47
C ASN E 71 -10.97 66.22 -17.02
N ALA E 72 -9.78 66.50 -16.49
CA ALA E 72 -9.42 66.17 -15.13
C ALA E 72 -9.49 67.38 -14.20
N TYR E 73 -10.28 68.39 -14.55
CA TYR E 73 -10.32 69.60 -13.76
C TYR E 73 -11.07 69.38 -12.46
N GLY E 74 -10.54 69.91 -11.36
CA GLY E 74 -11.11 69.69 -10.05
C GLY E 74 -10.34 68.67 -9.25
N ALA E 75 -10.86 68.37 -8.06
CA ALA E 75 -10.18 67.42 -7.19
C ALA E 75 -10.63 65.99 -7.47
N GLU E 76 -11.94 65.78 -7.61
CA GLU E 76 -12.44 64.43 -7.85
C GLU E 76 -12.09 63.93 -9.24
N ARG E 77 -12.11 64.82 -10.24
CA ARG E 77 -11.73 64.39 -11.58
C ARG E 77 -10.24 64.09 -11.66
N THR E 78 -9.42 64.87 -10.96
CA THR E 78 -8.00 64.53 -10.88
C THR E 78 -7.77 63.23 -10.13
N ALA E 79 -8.59 62.96 -9.11
CA ALA E 79 -8.50 61.69 -8.41
C ALA E 79 -8.86 60.52 -9.33
N SER E 80 -9.88 60.69 -10.17
CA SER E 80 -10.23 59.65 -11.13
C SER E 80 -9.13 59.47 -12.16
N CYS E 81 -8.56 60.57 -12.63
CA CYS E 81 -7.38 60.54 -13.49
C CYS E 81 -6.27 59.68 -12.87
N LEU E 82 -5.96 59.92 -11.60
CA LEU E 82 -4.87 59.17 -10.97
C LEU E 82 -5.26 57.72 -10.73
N ARG E 83 -6.53 57.48 -10.44
CA ARG E 83 -7.02 56.12 -10.27
C ARG E 83 -6.87 55.32 -11.57
N ASP E 84 -6.99 55.98 -12.72
CA ASP E 84 -6.72 55.29 -13.99
C ASP E 84 -5.27 54.86 -14.10
N LEU E 85 -4.34 55.74 -13.71
CA LEU E 85 -2.93 55.37 -13.71
C LEU E 85 -2.67 54.23 -12.74
N ASP E 86 -3.38 54.20 -11.62
CA ASP E 86 -3.23 53.08 -10.70
C ASP E 86 -3.70 51.77 -11.36
N TYR E 87 -4.86 51.82 -12.02
CA TYR E 87 -5.36 50.67 -12.77
C TYR E 87 -4.32 50.16 -13.75
N TYR E 88 -3.72 51.07 -14.50
CA TYR E 88 -2.80 50.67 -15.55
C TYR E 88 -1.49 50.15 -15.00
N LEU E 89 -1.02 50.69 -13.87
CA LEU E 89 0.17 50.14 -13.23
C LEU E 89 -0.07 48.73 -12.71
N ARG E 90 -1.26 48.49 -12.15
CA ARG E 90 -1.56 47.14 -11.70
C ARG E 90 -1.66 46.19 -12.89
N LEU E 91 -2.16 46.68 -14.02
CA LEU E 91 -2.19 45.87 -15.23
C LEU E 91 -0.79 45.54 -15.71
N VAL E 92 0.14 46.49 -15.60
CA VAL E 92 1.53 46.25 -15.98
C VAL E 92 2.16 45.18 -15.09
N THR E 93 1.87 45.21 -13.78
CA THR E 93 2.40 44.16 -12.91
C THR E 93 1.82 42.79 -13.26
N PHE E 94 0.53 42.74 -13.55
CA PHE E 94 -0.07 41.49 -14.03
C PHE E 94 0.65 40.99 -15.28
N GLY E 95 0.87 41.88 -16.24
CA GLY E 95 1.51 41.48 -17.48
C GLY E 95 2.94 41.02 -17.28
N ILE E 96 3.62 41.58 -16.29
CA ILE E 96 4.98 41.16 -16.02
C ILE E 96 5.00 39.74 -15.45
N VAL E 97 4.08 39.42 -14.54
CA VAL E 97 4.10 38.06 -14.01
C VAL E 97 3.58 37.07 -15.06
N ALA E 98 2.71 37.53 -15.96
CA ALA E 98 2.17 36.63 -16.97
C ALA E 98 3.16 36.37 -18.08
N GLY E 99 4.18 37.21 -18.22
CA GLY E 99 5.16 37.06 -19.27
C GLY E 99 4.77 37.62 -20.62
N ASP E 100 3.60 38.27 -20.72
CA ASP E 100 3.24 38.96 -21.94
C ASP E 100 2.17 40.01 -21.61
N VAL E 101 1.68 40.68 -22.64
CA VAL E 101 0.81 41.83 -22.46
C VAL E 101 -0.65 41.41 -22.57
N THR E 102 -0.91 40.10 -22.48
CA THR E 102 -2.28 39.63 -22.52
C THR E 102 -3.15 40.26 -21.45
N PRO E 103 -2.87 40.11 -20.14
CA PRO E 103 -3.78 40.69 -19.14
C PRO E 103 -4.01 42.17 -19.36
N ILE E 104 -2.96 42.90 -19.72
CA ILE E 104 -3.09 44.29 -20.10
C ILE E 104 -4.08 44.44 -21.24
N GLU E 105 -3.95 43.60 -22.27
CA GLU E 105 -4.77 43.76 -23.46
C GLU E 105 -6.24 43.54 -23.16
N GLU E 106 -6.60 42.44 -22.49
CA GLU E 106 -8.02 42.23 -22.22
C GLU E 106 -8.57 43.19 -21.18
N ILE E 107 -7.86 43.43 -20.07
CA ILE E 107 -8.48 44.23 -19.02
C ILE E 107 -8.48 45.71 -19.38
N GLY E 108 -7.51 46.16 -20.18
CA GLY E 108 -7.31 47.58 -20.31
C GLY E 108 -7.10 48.16 -21.69
N VAL E 109 -6.98 47.33 -22.72
CA VAL E 109 -6.69 47.80 -24.06
C VAL E 109 -7.87 47.62 -25.01
N ILE E 110 -8.52 46.48 -24.96
CA ILE E 110 -9.65 46.21 -25.86
C ILE E 110 -10.82 47.08 -25.43
N GLY E 111 -11.30 47.91 -26.34
CA GLY E 111 -12.38 48.82 -26.05
C GLY E 111 -12.00 50.12 -25.39
N VAL E 112 -10.70 50.40 -25.23
CA VAL E 112 -10.30 51.59 -24.48
C VAL E 112 -10.61 52.86 -25.28
N LYS E 113 -10.44 52.82 -26.60
CA LYS E 113 -10.75 53.99 -27.40
C LYS E 113 -12.22 54.37 -27.26
N GLU E 114 -13.11 53.38 -27.31
CA GLU E 114 -14.53 53.65 -27.11
C GLU E 114 -14.81 54.21 -25.73
N MET E 115 -14.14 53.68 -24.70
CA MET E 115 -14.44 54.12 -23.34
C MET E 115 -13.94 55.54 -23.06
N TYR E 116 -12.72 55.88 -23.48
CA TYR E 116 -12.27 57.26 -23.40
C TYR E 116 -12.92 58.21 -24.39
N ARG E 117 -13.52 57.72 -25.45
CA ARG E 117 -14.37 58.62 -26.23
C ARG E 117 -15.64 58.92 -25.44
N ASN E 118 -16.27 57.89 -24.88
CA ASN E 118 -17.48 58.06 -24.09
C ASN E 118 -17.22 58.88 -22.83
N LEU E 119 -15.97 58.91 -22.36
CA LEU E 119 -15.61 59.68 -21.18
C LEU E 119 -14.98 61.04 -21.49
N GLU E 120 -14.83 61.40 -22.77
CA GLU E 120 -14.10 62.58 -23.21
C GLU E 120 -12.66 62.62 -22.74
N VAL E 121 -12.09 61.50 -22.33
CA VAL E 121 -10.69 61.47 -21.91
C VAL E 121 -9.80 61.54 -23.15
N PRO E 122 -8.93 62.55 -23.27
CA PRO E 122 -8.08 62.64 -24.46
C PRO E 122 -6.99 61.59 -24.45
N LEU E 123 -6.87 60.88 -25.56
CA LEU E 123 -5.89 59.79 -25.64
C LEU E 123 -4.44 60.26 -25.71
N PRO E 124 -4.08 61.38 -26.35
CA PRO E 124 -2.70 61.86 -26.22
C PRO E 124 -2.31 62.15 -24.78
N GLY E 125 -3.24 62.63 -23.97
CA GLY E 125 -2.99 62.74 -22.55
C GLY E 125 -2.68 61.39 -21.91
N MET E 126 -3.43 60.35 -22.29
CA MET E 126 -3.18 59.02 -21.78
C MET E 126 -1.79 58.53 -22.16
N VAL E 127 -1.39 58.78 -23.41
CA VAL E 127 -0.06 58.35 -23.85
C VAL E 127 1.02 59.07 -23.07
N GLU E 128 0.86 60.38 -22.86
CA GLU E 128 1.82 61.12 -22.05
C GLU E 128 1.87 60.62 -20.62
N ALA E 129 0.71 60.30 -20.04
CA ALA E 129 0.68 59.78 -18.68
C ALA E 129 1.37 58.43 -18.58
N VAL E 130 1.15 57.56 -19.57
CA VAL E 130 1.78 56.24 -19.57
C VAL E 130 3.28 56.36 -19.75
N LYS E 131 3.73 57.30 -20.59
CA LYS E 131 5.16 57.52 -20.75
C LYS E 131 5.78 58.05 -19.45
N ALA E 132 5.08 58.93 -18.76
CA ALA E 132 5.57 59.40 -17.47
C ALA E 132 5.69 58.25 -16.47
N MET E 133 4.69 57.36 -16.45
CA MET E 133 4.80 56.18 -15.60
C MET E 133 5.97 55.31 -15.98
N LYS E 134 6.20 55.14 -17.28
CA LYS E 134 7.39 54.44 -17.74
C LYS E 134 8.65 55.03 -17.14
N SER E 135 8.82 56.34 -17.25
CA SER E 135 10.03 56.96 -16.75
C SER E 135 10.19 56.74 -15.25
N VAL E 136 9.13 56.98 -14.49
CA VAL E 136 9.21 56.84 -13.04
C VAL E 136 9.51 55.40 -12.65
N ALA E 137 8.82 54.44 -13.29
CA ALA E 137 8.92 53.05 -12.88
C ALA E 137 10.23 52.43 -13.31
N THR E 138 10.69 52.70 -14.53
CA THR E 138 11.99 52.18 -14.96
C THR E 138 13.12 52.89 -14.26
N GLY E 139 12.86 54.04 -13.63
CA GLY E 139 13.86 54.64 -12.77
C GLY E 139 14.18 53.80 -11.55
N LEU E 140 13.28 52.87 -11.20
CA LEU E 140 13.40 52.12 -9.96
C LEU E 140 14.03 50.75 -10.14
N LEU E 141 14.50 50.39 -11.33
CA LEU E 141 14.97 49.04 -11.61
C LEU E 141 16.35 49.06 -12.25
N SER E 142 17.01 47.90 -12.22
CA SER E 142 18.33 47.73 -12.79
C SER E 142 18.26 47.64 -14.31
N GLY E 143 19.41 47.32 -14.92
CA GLY E 143 19.53 47.46 -16.37
C GLY E 143 18.60 46.56 -17.16
N ASP E 144 18.57 45.27 -16.84
CA ASP E 144 17.73 44.35 -17.61
C ASP E 144 16.27 44.52 -17.27
N ASP E 145 15.95 44.67 -15.98
CA ASP E 145 14.58 44.86 -15.55
C ASP E 145 14.00 46.16 -16.10
N SER E 146 14.82 47.21 -16.20
CA SER E 146 14.32 48.48 -16.70
C SER E 146 13.85 48.36 -18.15
N ALA E 147 14.65 47.69 -18.99
CA ALA E 147 14.23 47.48 -20.38
C ALA E 147 13.03 46.54 -20.47
N GLU E 148 13.01 45.50 -19.64
CA GLU E 148 11.90 44.56 -19.68
C GLU E 148 10.58 45.24 -19.32
N VAL E 149 10.58 46.06 -18.28
CA VAL E 149 9.36 46.78 -17.88
C VAL E 149 9.05 47.90 -18.87
N GLY E 150 10.08 48.50 -19.45
CA GLY E 150 9.86 49.51 -20.47
C GLY E 150 9.12 48.95 -21.66
N TYR E 151 9.35 47.68 -21.98
CA TYR E 151 8.61 47.08 -23.09
C TYR E 151 7.10 47.04 -22.83
N TYR E 152 6.69 46.69 -21.60
CA TYR E 152 5.27 46.68 -21.29
C TYR E 152 4.69 48.09 -21.32
N PHE E 153 5.44 49.06 -20.81
CA PHE E 153 4.95 50.44 -20.87
C PHE E 153 4.86 50.94 -22.31
N ASP E 154 5.81 50.55 -23.16
CA ASP E 154 5.71 50.89 -24.58
C ASP E 154 4.51 50.24 -25.22
N TYR E 155 4.21 49.01 -24.83
CA TYR E 155 3.01 48.36 -25.36
C TYR E 155 1.77 49.18 -25.03
N LEU E 156 1.62 49.58 -23.77
CA LEU E 156 0.51 50.46 -23.42
C LEU E 156 0.51 51.75 -24.23
N ALA E 157 1.66 52.42 -24.34
CA ALA E 157 1.68 53.69 -25.04
C ALA E 157 1.26 53.52 -26.50
N GLY E 158 1.72 52.45 -27.14
CA GLY E 158 1.31 52.20 -28.51
C GLY E 158 -0.15 51.87 -28.63
N ALA E 159 -0.69 51.11 -27.68
CA ALA E 159 -2.09 50.70 -27.76
C ALA E 159 -3.02 51.86 -27.47
N LEU E 160 -2.56 52.86 -26.73
CA LEU E 160 -3.39 54.02 -26.45
C LEU E 160 -3.32 55.05 -27.58
N ALA E 161 -2.33 54.92 -28.46
CA ALA E 161 -2.14 55.88 -29.54
C ALA E 161 -2.59 55.30 -30.87
N SER F 2 -25.16 60.50 -54.93
CA SER F 2 -26.39 61.28 -54.91
C SER F 2 -27.58 60.41 -54.54
N ALA F 3 -28.76 61.02 -54.51
CA ALA F 3 -29.98 60.25 -54.33
C ALA F 3 -30.24 59.34 -55.53
N ILE F 4 -29.98 59.85 -56.73
CA ILE F 4 -30.18 59.08 -57.95
C ILE F 4 -29.26 57.86 -57.96
N THR F 5 -28.00 58.04 -57.58
CA THR F 5 -27.06 56.93 -57.57
C THR F 5 -27.49 55.86 -56.58
N LYS F 6 -27.97 56.26 -55.41
CA LYS F 6 -28.43 55.28 -54.43
C LYS F 6 -29.64 54.51 -54.94
N ALA F 7 -30.60 55.21 -55.57
CA ALA F 7 -31.75 54.51 -56.15
C ALA F 7 -31.30 53.53 -57.22
N ILE F 8 -30.40 53.94 -58.10
CA ILE F 8 -29.93 53.08 -59.17
C ILE F 8 -29.20 51.88 -58.61
N LEU F 9 -28.34 52.09 -57.61
CA LEU F 9 -27.60 50.97 -57.04
C LEU F 9 -28.53 49.98 -56.35
N ASN F 10 -29.56 50.49 -55.68
CA ASN F 10 -30.52 49.60 -55.04
C ASN F 10 -31.27 48.77 -56.08
N ALA F 11 -31.64 49.40 -57.20
CA ALA F 11 -32.31 48.65 -58.26
C ALA F 11 -31.37 47.65 -58.90
N ASP F 12 -30.09 47.98 -59.02
CA ASP F 12 -29.13 47.11 -59.69
C ASP F 12 -28.76 45.92 -58.82
N ALA F 13 -28.79 46.09 -57.50
CA ALA F 13 -28.51 44.97 -56.61
C ALA F 13 -29.52 43.86 -56.78
N GLU F 14 -30.78 44.22 -57.04
CA GLU F 14 -31.83 43.24 -57.29
C GLU F 14 -32.01 42.91 -58.75
N ALA F 15 -31.12 43.41 -59.62
CA ALA F 15 -31.13 43.10 -61.05
C ALA F 15 -32.47 43.44 -61.69
N ARG F 16 -33.03 44.60 -61.34
CA ARG F 16 -34.35 44.98 -61.78
C ARG F 16 -34.35 46.44 -62.20
N TYR F 17 -35.43 46.84 -62.86
CA TYR F 17 -35.62 48.23 -63.23
C TYR F 17 -36.04 49.04 -62.01
N LEU F 18 -36.06 50.36 -62.19
CA LEU F 18 -36.41 51.25 -61.09
C LEU F 18 -37.86 51.05 -60.67
N SER F 19 -38.06 50.79 -59.38
CA SER F 19 -39.37 50.57 -58.81
C SER F 19 -40.11 51.89 -58.67
N PRO F 20 -41.43 51.85 -58.51
CA PRO F 20 -42.20 53.09 -58.33
C PRO F 20 -41.75 53.92 -57.13
N GLY F 21 -41.36 53.29 -56.02
CA GLY F 21 -40.81 54.03 -54.92
C GLY F 21 -39.51 54.74 -55.28
N GLU F 22 -38.64 54.03 -56.00
CA GLU F 22 -37.40 54.64 -56.46
C GLU F 22 -37.67 55.77 -57.45
N ILE F 23 -38.65 55.59 -58.33
CA ILE F 23 -38.99 56.64 -59.28
C ILE F 23 -39.53 57.86 -58.54
N ASP F 24 -40.31 57.63 -57.48
CA ASP F 24 -40.78 58.74 -56.65
C ASP F 24 -39.61 59.44 -55.96
N VAL F 25 -38.62 58.67 -55.51
CA VAL F 25 -37.43 59.26 -54.89
C VAL F 25 -36.70 60.16 -55.88
N VAL F 26 -36.46 59.64 -57.09
CA VAL F 26 -35.73 60.41 -58.10
C VAL F 26 -36.50 61.66 -58.47
N ARG F 27 -37.82 61.53 -58.62
CA ARG F 27 -38.65 62.67 -58.98
C ARG F 27 -38.66 63.73 -57.89
N GLY F 28 -38.74 63.31 -56.62
CA GLY F 28 -38.71 64.25 -55.54
C GLY F 28 -37.38 64.99 -55.43
N TYR F 29 -36.29 64.27 -55.65
CA TYR F 29 -34.98 64.91 -55.65
C TYR F 29 -34.86 65.91 -56.79
N LEU F 30 -35.33 65.55 -57.98
CA LEU F 30 -35.30 66.48 -59.10
C LEU F 30 -36.13 67.72 -58.79
N ALA F 31 -37.29 67.54 -58.15
CA ALA F 31 -38.11 68.69 -57.76
C ALA F 31 -37.41 69.58 -56.75
N SER F 32 -36.68 68.98 -55.80
CA SER F 32 -35.95 69.73 -54.80
C SER F 32 -34.69 70.40 -55.33
N GLY F 33 -34.28 70.04 -56.55
CA GLY F 33 -33.03 70.54 -57.09
C GLY F 33 -32.87 72.05 -57.01
N GLU F 34 -33.95 72.80 -57.28
CA GLU F 34 -33.83 74.25 -57.30
C GLU F 34 -33.51 74.82 -55.91
N ARG F 35 -34.21 74.32 -54.88
CA ARG F 35 -33.93 74.74 -53.51
C ARG F 35 -32.52 74.31 -53.09
N ARG F 36 -32.11 73.11 -53.52
CA ARG F 36 -30.76 72.65 -53.21
C ARG F 36 -29.72 73.57 -53.82
N VAL F 37 -29.94 73.99 -55.07
CA VAL F 37 -29.01 74.90 -55.74
C VAL F 37 -28.99 76.25 -55.05
N ARG F 38 -30.15 76.73 -54.60
CA ARG F 38 -30.21 78.01 -53.90
C ARG F 38 -29.40 77.97 -52.60
N VAL F 39 -29.58 76.93 -51.80
CA VAL F 39 -28.82 76.81 -50.57
C VAL F 39 -27.33 76.69 -50.86
N ALA F 40 -26.96 75.85 -51.84
CA ALA F 40 -25.55 75.67 -52.15
C ALA F 40 -24.91 76.96 -52.66
N ARG F 41 -25.66 77.73 -53.43
CA ARG F 41 -25.15 79.00 -53.92
C ARG F 41 -24.93 79.99 -52.79
N VAL F 42 -25.87 80.08 -51.86
CA VAL F 42 -25.68 80.97 -50.71
C VAL F 42 -24.47 80.53 -49.89
N LEU F 43 -24.33 79.22 -49.67
CA LEU F 43 -23.19 78.73 -48.91
C LEU F 43 -21.87 79.02 -49.60
N SER F 44 -21.79 78.78 -50.92
CA SER F 44 -20.55 78.95 -51.65
C SER F 44 -20.17 80.42 -51.76
N ASP F 45 -21.15 81.29 -51.97
CA ASP F 45 -20.85 82.70 -52.18
C ASP F 45 -20.35 83.36 -50.91
N ASN F 46 -20.54 82.71 -49.76
CA ASN F 46 -20.18 83.27 -48.48
C ASN F 46 -19.20 82.40 -47.71
N ALA F 47 -18.40 81.59 -48.42
CA ALA F 47 -17.53 80.64 -47.75
C ALA F 47 -16.50 81.35 -46.86
N LEU F 48 -15.93 82.44 -47.37
CA LEU F 48 -14.90 83.15 -46.59
C LEU F 48 -15.44 83.63 -45.26
N ARG F 49 -16.62 84.25 -45.26
CA ARG F 49 -17.12 84.81 -44.00
C ARG F 49 -17.60 83.73 -43.06
N ILE F 50 -18.20 82.65 -43.59
CA ILE F 50 -18.60 81.54 -42.73
C ILE F 50 -17.38 80.93 -42.06
N VAL F 51 -16.32 80.68 -42.84
CA VAL F 51 -15.13 80.04 -42.29
C VAL F 51 -14.43 80.98 -41.32
N ARG F 52 -14.36 82.27 -41.63
CA ARG F 52 -13.75 83.23 -40.73
C ARG F 52 -14.50 83.31 -39.40
N GLY F 53 -15.83 83.43 -39.46
CA GLY F 53 -16.60 83.49 -38.23
C GLY F 53 -16.50 82.21 -37.42
N ALA F 54 -16.52 81.06 -38.10
CA ALA F 54 -16.38 79.78 -37.41
C ALA F 54 -15.01 79.67 -36.75
N GLY F 55 -13.95 80.07 -37.45
CA GLY F 55 -12.62 80.02 -36.87
C GLY F 55 -12.49 80.91 -35.67
N ASP F 56 -13.04 82.12 -35.76
CA ASP F 56 -12.99 83.04 -34.62
C ASP F 56 -13.77 82.47 -33.44
N THR F 57 -14.96 81.93 -33.68
CA THR F 57 -15.75 81.37 -32.58
C THR F 57 -15.04 80.18 -31.94
N MET F 58 -14.47 79.30 -32.75
CA MET F 58 -13.75 78.15 -32.22
C MET F 58 -12.53 78.57 -31.42
N PHE F 59 -11.74 79.50 -31.96
CA PHE F 59 -10.52 79.91 -31.27
C PHE F 59 -10.83 80.71 -30.01
N GLN F 60 -11.95 81.42 -30.00
CA GLN F 60 -12.38 82.09 -28.78
C GLN F 60 -12.82 81.09 -27.73
N LYS F 61 -13.57 80.07 -28.13
CA LYS F 61 -13.98 79.04 -27.19
C LYS F 61 -12.78 78.27 -26.66
N ARG F 62 -11.80 78.01 -27.51
CA ARG F 62 -10.64 77.20 -27.17
C ARG F 62 -9.38 77.94 -27.59
N PRO F 63 -8.94 78.92 -26.79
CA PRO F 63 -7.70 79.63 -27.14
C PRO F 63 -6.47 78.75 -27.04
N ASP F 64 -6.56 77.62 -26.32
CA ASP F 64 -5.40 76.76 -26.15
C ASP F 64 -4.98 76.11 -27.46
N LEU F 65 -5.93 75.92 -28.38
CA LEU F 65 -5.60 75.34 -29.69
C LEU F 65 -4.64 76.23 -30.46
N VAL F 66 -4.63 77.53 -30.17
CA VAL F 66 -3.70 78.46 -30.82
C VAL F 66 -2.73 79.09 -29.84
N ALA F 67 -2.78 78.70 -28.58
CA ALA F 67 -1.77 79.06 -27.60
C ALA F 67 -0.49 78.29 -27.89
N PRO F 68 0.65 78.73 -27.37
CA PRO F 68 1.89 77.97 -27.56
C PRO F 68 1.72 76.54 -27.07
N GLY F 69 2.14 75.59 -27.91
CA GLY F 69 1.93 74.19 -27.63
C GLY F 69 0.63 73.62 -28.15
N GLY F 70 -0.25 74.46 -28.71
CA GLY F 70 -1.48 73.96 -29.27
C GLY F 70 -1.30 73.31 -30.61
N ASN F 71 -2.28 72.49 -30.99
CA ASN F 71 -2.20 71.75 -32.25
C ASN F 71 -2.18 72.69 -33.44
N ALA F 72 -2.87 73.82 -33.33
CA ALA F 72 -2.94 74.79 -34.43
C ALA F 72 -2.09 76.02 -34.17
N TYR F 73 -1.13 75.94 -33.25
CA TYR F 73 -0.29 77.09 -32.94
C TYR F 73 0.59 77.45 -34.13
N GLY F 74 0.81 78.74 -34.31
CA GLY F 74 1.56 79.25 -35.43
C GLY F 74 0.66 79.65 -36.60
N GLU F 75 1.28 80.33 -37.57
CA GLU F 75 0.51 80.78 -38.73
C GLU F 75 0.23 79.61 -39.68
N VAL F 76 1.21 78.74 -39.89
CA VAL F 76 1.04 77.63 -40.83
C VAL F 76 -0.05 76.68 -40.34
N ARG F 77 0.00 76.32 -39.07
CA ARG F 77 -0.95 75.34 -38.55
C ARG F 77 -2.34 75.93 -38.41
N THR F 78 -2.44 77.22 -38.11
CA THR F 78 -3.74 77.88 -38.07
C THR F 78 -4.33 77.99 -39.48
N ALA F 79 -3.48 78.24 -40.47
CA ALA F 79 -3.94 78.23 -41.85
C ALA F 79 -4.46 76.85 -42.25
N LYS F 80 -3.75 75.80 -41.84
CA LYS F 80 -4.24 74.45 -42.11
C LYS F 80 -5.57 74.19 -41.40
N CYS F 81 -5.71 74.71 -40.18
CA CYS F 81 -6.96 74.58 -39.44
C CYS F 81 -8.14 75.21 -40.18
N LEU F 82 -7.98 76.47 -40.57
CA LEU F 82 -9.04 77.17 -41.29
C LEU F 82 -9.29 76.52 -42.64
N ARG F 83 -8.24 75.98 -43.26
CA ARG F 83 -8.41 75.23 -44.50
C ARG F 83 -9.24 73.97 -44.28
N ASP F 84 -9.05 73.29 -43.15
CA ASP F 84 -9.88 72.14 -42.82
C ASP F 84 -11.34 72.52 -42.69
N LEU F 85 -11.59 73.63 -41.98
CA LEU F 85 -12.96 74.10 -41.83
C LEU F 85 -13.57 74.44 -43.19
N ASP F 86 -12.78 75.06 -44.06
CA ASP F 86 -13.21 75.35 -45.41
C ASP F 86 -13.53 74.07 -46.18
N TYR F 87 -12.70 73.03 -46.01
CA TYR F 87 -12.98 71.75 -46.64
C TYR F 87 -14.34 71.22 -46.22
N PHE F 88 -14.64 71.29 -44.93
CA PHE F 88 -15.91 70.76 -44.44
C PHE F 88 -17.08 71.60 -44.94
N LEU F 89 -16.89 72.91 -45.09
CA LEU F 89 -17.94 73.74 -45.68
C LEU F 89 -18.20 73.36 -47.14
N ARG F 90 -17.12 73.16 -47.90
CA ARG F 90 -17.28 72.76 -49.29
C ARG F 90 -18.00 71.42 -49.39
N LEU F 91 -17.65 70.48 -48.53
CA LEU F 91 -18.27 69.17 -48.58
C LEU F 91 -19.74 69.25 -48.16
N VAL F 92 -20.08 70.19 -47.29
CA VAL F 92 -21.48 70.40 -46.96
C VAL F 92 -22.24 70.89 -48.19
N THR F 93 -21.67 71.82 -48.95
CA THR F 93 -22.33 72.23 -50.18
C THR F 93 -22.48 71.06 -51.15
N TYR F 94 -21.47 70.20 -51.22
CA TYR F 94 -21.55 69.02 -52.08
C TYR F 94 -22.69 68.10 -51.66
N GLY F 95 -22.87 67.90 -50.36
CA GLY F 95 -23.91 67.01 -49.90
C GLY F 95 -25.30 67.61 -50.03
N VAL F 96 -25.39 68.92 -49.88
CA VAL F 96 -26.66 69.60 -50.13
C VAL F 96 -27.06 69.44 -51.59
N LEU F 97 -26.09 69.60 -52.50
CA LEU F 97 -26.38 69.47 -53.92
C LEU F 97 -26.68 68.02 -54.30
N ALA F 98 -25.93 67.07 -53.76
CA ALA F 98 -26.09 65.67 -54.15
C ALA F 98 -27.39 65.08 -53.62
N GLY F 99 -27.92 65.64 -52.54
CA GLY F 99 -29.06 65.05 -51.90
C GLY F 99 -28.73 63.91 -50.97
N ASP F 100 -27.46 63.55 -50.84
CA ASP F 100 -27.04 62.55 -49.88
C ASP F 100 -25.64 62.91 -49.41
N THR F 101 -25.11 62.09 -48.52
CA THR F 101 -23.84 62.34 -47.87
C THR F 101 -22.66 61.69 -48.57
N SER F 102 -22.89 61.05 -49.71
CA SER F 102 -21.83 60.29 -50.37
C SER F 102 -20.59 61.11 -50.71
N PRO F 103 -20.69 62.31 -51.30
CA PRO F 103 -19.46 63.09 -51.52
C PRO F 103 -18.74 63.43 -50.23
N ILE F 104 -19.48 63.71 -49.15
CA ILE F 104 -18.85 64.04 -47.88
C ILE F 104 -18.05 62.85 -47.36
N ASP F 105 -18.61 61.66 -47.47
CA ASP F 105 -17.91 60.46 -47.03
C ASP F 105 -16.69 60.19 -47.91
N GLU F 106 -16.87 60.23 -49.23
CA GLU F 106 -15.80 59.85 -50.13
C GLU F 106 -14.63 60.82 -50.05
N ILE F 107 -14.91 62.11 -49.92
CA ILE F 107 -13.85 63.09 -50.03
C ILE F 107 -13.24 63.40 -48.66
N GLY F 108 -14.05 63.49 -47.62
CA GLY F 108 -13.52 63.97 -46.36
C GLY F 108 -13.85 63.24 -45.07
N LEU F 109 -14.78 62.29 -45.09
CA LEU F 109 -15.19 61.67 -43.83
C LEU F 109 -14.50 60.32 -43.62
N ILE F 110 -14.46 59.48 -44.64
CA ILE F 110 -13.79 58.20 -44.52
C ILE F 110 -12.32 58.44 -44.26
N GLY F 111 -11.82 57.89 -43.15
CA GLY F 111 -10.42 58.00 -42.80
C GLY F 111 -10.04 59.23 -42.02
N ILE F 112 -10.96 60.15 -41.76
CA ILE F 112 -10.62 61.38 -41.04
C ILE F 112 -10.29 61.07 -39.59
N LYS F 113 -10.97 60.08 -38.99
CA LYS F 113 -10.70 59.73 -37.60
C LYS F 113 -9.28 59.23 -37.43
N GLU F 114 -8.83 58.36 -38.33
CA GLU F 114 -7.44 57.91 -38.31
C GLU F 114 -6.48 59.07 -38.51
N THR F 115 -6.77 59.95 -39.47
CA THR F 115 -5.89 61.07 -39.76
C THR F 115 -5.72 61.97 -38.55
N TYR F 116 -6.83 62.43 -37.98
CA TYR F 116 -6.77 63.33 -36.84
C TYR F 116 -6.17 62.65 -35.61
N SER F 117 -6.48 61.37 -35.38
CA SER F 117 -5.89 60.69 -34.24
C SER F 117 -4.38 60.56 -34.40
N LEU F 118 -3.91 60.30 -35.61
CA LEU F 118 -2.47 60.23 -35.84
C LEU F 118 -1.82 61.60 -35.68
N LEU F 119 -2.52 62.64 -36.08
CA LEU F 119 -2.00 64.00 -35.98
C LEU F 119 -2.28 64.64 -34.63
N GLU F 120 -2.99 63.95 -33.73
CA GLU F 120 -3.37 64.50 -32.42
C GLU F 120 -4.21 65.76 -32.54
N VAL F 121 -4.93 65.88 -33.64
CA VAL F 121 -5.90 66.97 -33.80
C VAL F 121 -7.08 66.72 -32.86
N PRO F 122 -7.41 67.66 -31.98
CA PRO F 122 -8.54 67.46 -31.08
C PRO F 122 -9.86 67.48 -31.84
N VAL F 123 -10.50 66.31 -31.94
CA VAL F 123 -11.76 66.22 -32.67
C VAL F 123 -12.84 67.11 -32.05
N PRO F 124 -12.98 67.21 -30.73
CA PRO F 124 -13.94 68.19 -30.19
C PRO F 124 -13.70 69.61 -30.65
N GLY F 125 -12.43 70.02 -30.84
CA GLY F 125 -12.16 71.32 -31.44
C GLY F 125 -12.73 71.43 -32.84
N VAL F 126 -12.56 70.39 -33.66
CA VAL F 126 -13.10 70.40 -35.00
C VAL F 126 -14.62 70.49 -34.96
N ILE F 127 -15.24 69.76 -34.05
CA ILE F 127 -16.70 69.76 -33.94
C ILE F 127 -17.19 71.13 -33.51
N ASP F 128 -16.47 71.80 -32.61
CA ASP F 128 -16.85 73.16 -32.22
C ASP F 128 -16.74 74.11 -33.41
N GLY F 129 -15.68 73.97 -34.22
CA GLY F 129 -15.56 74.81 -35.39
C GLY F 129 -16.65 74.57 -36.40
N ILE F 130 -17.03 73.32 -36.62
CA ILE F 130 -18.07 72.99 -37.58
C ILE F 130 -19.43 73.45 -37.09
N LYS F 131 -19.68 73.34 -35.79
CA LYS F 131 -20.89 73.89 -35.21
C LYS F 131 -20.96 75.40 -35.35
N ALA F 132 -19.82 76.07 -35.17
CA ALA F 132 -19.78 77.51 -35.40
C ALA F 132 -20.05 77.84 -36.87
N ALA F 133 -19.50 77.04 -37.78
CA ALA F 133 -19.80 77.24 -39.19
C ALA F 133 -21.28 77.03 -39.48
N LYS F 134 -21.90 76.05 -38.82
CA LYS F 134 -23.32 75.81 -39.00
C LYS F 134 -24.14 76.99 -38.51
N GLN F 135 -23.73 77.61 -37.41
CA GLN F 135 -24.40 78.83 -36.95
C GLN F 135 -24.21 79.97 -37.94
N GLN F 136 -23.00 80.13 -38.47
CA GLN F 136 -22.76 81.15 -39.48
C GLN F 136 -23.65 80.94 -40.70
N ALA F 137 -23.76 79.70 -41.16
CA ALA F 137 -24.60 79.39 -42.30
C ALA F 137 -26.07 79.66 -41.98
N ALA F 138 -26.52 79.27 -40.80
CA ALA F 138 -27.90 79.49 -40.42
C ALA F 138 -28.23 80.97 -40.37
N ALA F 139 -27.23 81.80 -40.09
CA ALA F 139 -27.46 83.24 -40.09
C ALA F 139 -27.82 83.76 -41.48
N LEU F 140 -27.16 83.23 -42.52
CA LEU F 140 -27.37 83.75 -43.88
C LEU F 140 -28.57 83.11 -44.54
N LEU F 141 -28.94 81.90 -44.13
CA LEU F 141 -30.02 81.18 -44.77
C LEU F 141 -31.34 81.46 -44.07
N SER F 142 -32.43 81.19 -44.78
CA SER F 142 -33.75 81.19 -44.17
C SER F 142 -33.92 79.92 -43.33
N SER F 143 -35.05 79.84 -42.63
CA SER F 143 -35.24 78.76 -41.66
C SER F 143 -35.26 77.39 -42.34
N GLU F 144 -36.03 77.26 -43.43
CA GLU F 144 -36.06 75.98 -44.15
C GLU F 144 -34.71 75.65 -44.75
N ASP F 145 -34.06 76.65 -45.37
CA ASP F 145 -32.72 76.45 -45.91
C ASP F 145 -31.73 76.12 -44.82
N ALA F 146 -31.85 76.77 -43.66
CA ALA F 146 -30.96 76.49 -42.55
C ALA F 146 -31.11 75.06 -42.07
N ALA F 147 -32.35 74.57 -41.99
CA ALA F 147 -32.57 73.17 -41.62
C ALA F 147 -31.96 72.23 -42.65
N GLU F 148 -32.13 72.56 -43.94
CA GLU F 148 -31.58 71.70 -44.99
C GLU F 148 -30.05 71.60 -44.89
N ALA F 149 -29.38 72.74 -44.67
CA ALA F 149 -27.93 72.70 -44.54
C ALA F 149 -27.51 72.06 -43.23
N SER F 150 -28.29 72.27 -42.17
CA SER F 150 -27.96 71.68 -40.88
C SER F 150 -28.02 70.17 -40.92
N PHE F 151 -28.84 69.60 -41.79
CA PHE F 151 -28.83 68.14 -41.92
C PHE F 151 -27.43 67.62 -42.20
N TYR F 152 -26.75 68.20 -43.19
CA TYR F 152 -25.42 67.72 -43.57
C TYR F 152 -24.35 68.20 -42.60
N PHE F 153 -24.53 69.38 -42.02
CA PHE F 153 -23.63 69.81 -40.95
C PHE F 153 -23.63 68.84 -39.79
N ASP F 154 -24.83 68.46 -39.33
CA ASP F 154 -24.95 67.48 -38.25
C ASP F 154 -24.46 66.11 -38.68
N TYR F 155 -24.58 65.79 -39.97
CA TYR F 155 -23.99 64.55 -40.44
C TYR F 155 -22.48 64.55 -40.24
N VAL F 156 -21.81 65.64 -40.64
CA VAL F 156 -20.37 65.73 -40.44
C VAL F 156 -20.03 65.60 -38.95
N ILE F 157 -20.75 66.35 -38.12
CA ILE F 157 -20.48 66.33 -36.68
C ILE F 157 -20.65 64.91 -36.12
N SER F 158 -21.74 64.23 -36.48
CA SER F 158 -21.97 62.89 -35.98
C SER F 158 -20.92 61.91 -36.47
N ALA F 159 -20.45 62.11 -37.70
CA ALA F 159 -19.42 61.22 -38.25
C ALA F 159 -18.10 61.39 -37.50
N MET F 160 -17.79 62.60 -37.05
CA MET F 160 -16.54 62.79 -36.32
C MET F 160 -16.64 62.26 -34.90
N SER F 161 -17.75 62.51 -34.22
CA SER F 161 -17.88 62.10 -32.84
C SER F 161 -18.12 60.59 -32.75
N SER G 2 -43.12 48.96 -47.44
CA SER G 2 -43.38 50.39 -47.34
C SER G 2 -42.10 51.18 -47.50
N VAL G 3 -42.25 52.48 -47.79
CA VAL G 3 -41.08 53.35 -47.97
C VAL G 3 -40.31 53.47 -46.66
N VAL G 4 -41.04 53.66 -45.56
CA VAL G 4 -40.42 53.79 -44.25
C VAL G 4 -39.65 52.53 -43.90
N THR G 5 -40.28 51.36 -44.09
CA THR G 5 -39.63 50.10 -43.77
C THR G 5 -38.41 49.87 -44.63
N LYS G 6 -38.48 50.25 -45.91
CA LYS G 6 -37.31 50.11 -46.77
C LYS G 6 -36.16 50.97 -46.29
N ALA G 7 -36.43 52.22 -45.91
CA ALA G 7 -35.37 53.08 -45.40
C ALA G 7 -34.78 52.54 -44.10
N ILE G 8 -35.65 52.08 -43.19
CA ILE G 8 -35.17 51.56 -41.92
C ILE G 8 -34.33 50.31 -42.13
N VAL G 9 -34.72 49.47 -43.10
CA VAL G 9 -33.99 48.23 -43.33
C VAL G 9 -32.66 48.51 -44.02
N SER G 10 -32.62 49.47 -44.94
CA SER G 10 -31.34 49.84 -45.54
C SER G 10 -30.41 50.41 -44.48
N ALA G 11 -30.93 51.20 -43.55
CA ALA G 11 -30.08 51.74 -42.48
C ALA G 11 -29.65 50.64 -41.52
N ASP G 12 -30.53 49.68 -41.25
CA ASP G 12 -30.20 48.59 -40.35
C ASP G 12 -29.19 47.64 -40.96
N ALA G 13 -29.18 47.54 -42.29
CA ALA G 13 -28.23 46.69 -42.98
C ALA G 13 -26.83 47.29 -42.95
N GLU G 14 -26.72 48.55 -42.53
CA GLU G 14 -25.44 49.20 -42.35
C GLU G 14 -25.19 49.54 -40.89
N ALA G 15 -26.09 49.16 -39.99
CA ALA G 15 -25.96 49.38 -38.56
C ALA G 15 -25.75 50.86 -38.23
N ARG G 16 -26.49 51.72 -38.91
CA ARG G 16 -26.37 53.16 -38.72
C ARG G 16 -27.75 53.79 -38.65
N TYR G 17 -27.77 55.04 -38.19
CA TYR G 17 -28.99 55.84 -38.24
C TYR G 17 -29.29 56.22 -39.68
N LEU G 18 -30.55 56.54 -39.93
CA LEU G 18 -30.96 56.93 -41.28
C LEU G 18 -30.24 58.19 -41.71
N SER G 19 -29.67 58.15 -42.90
CA SER G 19 -28.95 59.26 -43.48
C SER G 19 -29.92 60.37 -43.83
N PRO G 20 -29.42 61.58 -44.07
CA PRO G 20 -30.33 62.66 -44.52
C PRO G 20 -31.11 62.29 -45.77
N GLY G 21 -30.53 61.49 -46.67
CA GLY G 21 -31.25 61.13 -47.89
C GLY G 21 -32.47 60.26 -47.63
N GLU G 22 -32.33 59.28 -46.74
CA GLU G 22 -33.47 58.43 -46.42
C GLU G 22 -34.52 59.19 -45.62
N LEU G 23 -34.11 60.18 -44.84
CA LEU G 23 -35.09 61.02 -44.16
C LEU G 23 -35.82 61.93 -45.14
N ASP G 24 -35.12 62.42 -46.17
CA ASP G 24 -35.79 63.14 -47.25
C ASP G 24 -36.80 62.23 -47.94
N ARG G 25 -36.42 60.99 -48.17
CA ARG G 25 -37.33 60.01 -48.76
C ARG G 25 -38.59 59.85 -47.92
N ILE G 26 -38.43 59.74 -46.60
CA ILE G 26 -39.60 59.56 -45.74
C ILE G 26 -40.45 60.84 -45.69
N ARG G 27 -39.81 62.01 -45.68
CA ARG G 27 -40.61 63.23 -45.72
C ARG G 27 -41.42 63.33 -47.00
N GLY G 28 -40.80 63.01 -48.14
CA GLY G 28 -41.54 63.00 -49.38
C GLY G 28 -42.68 62.01 -49.36
N PHE G 29 -42.47 60.84 -48.75
CA PHE G 29 -43.55 59.86 -48.65
C PHE G 29 -44.71 60.38 -47.79
N VAL G 30 -44.41 61.01 -46.65
CA VAL G 30 -45.48 61.36 -45.73
C VAL G 30 -46.17 62.64 -46.17
N SER G 31 -45.50 63.47 -46.97
CA SER G 31 -46.15 64.68 -47.47
C SER G 31 -47.12 64.36 -48.60
N SER G 32 -46.91 63.24 -49.29
CA SER G 32 -47.80 62.81 -50.36
C SER G 32 -48.87 61.85 -49.89
N GLY G 33 -49.03 61.68 -48.57
CA GLY G 33 -49.92 60.65 -48.07
C GLY G 33 -51.38 60.89 -48.38
N GLU G 34 -51.83 62.14 -48.27
CA GLU G 34 -53.25 62.43 -48.53
C GLU G 34 -53.59 62.21 -49.99
N ARG G 35 -52.68 62.54 -50.90
CA ARG G 35 -52.94 62.36 -52.33
C ARG G 35 -53.13 60.88 -52.67
N ARG G 36 -52.20 60.03 -52.24
CA ARG G 36 -52.31 58.61 -52.53
C ARG G 36 -53.43 57.96 -51.73
N LEU G 37 -53.78 58.52 -50.58
CA LEU G 37 -54.93 58.02 -49.86
C LEU G 37 -56.22 58.31 -50.60
N ARG G 38 -56.32 59.50 -51.21
CA ARG G 38 -57.46 59.82 -52.05
C ARG G 38 -57.50 58.92 -53.27
N VAL G 39 -56.35 58.65 -53.88
CA VAL G 39 -56.30 57.77 -55.04
C VAL G 39 -56.73 56.35 -54.67
N ALA G 40 -56.24 55.82 -53.55
CA ALA G 40 -56.62 54.48 -53.13
C ALA G 40 -58.10 54.40 -52.78
N GLN G 41 -58.63 55.43 -52.13
CA GLN G 41 -60.06 55.44 -51.85
C GLN G 41 -60.86 55.49 -53.14
N THR G 42 -60.41 56.27 -54.12
CA THR G 42 -61.09 56.32 -55.41
C THR G 42 -61.11 54.95 -56.09
N LEU G 43 -59.98 54.25 -56.06
CA LEU G 43 -59.94 52.92 -56.67
C LEU G 43 -60.82 51.93 -55.91
N THR G 44 -60.88 52.06 -54.58
CA THR G 44 -61.70 51.15 -53.80
C THR G 44 -63.19 51.39 -54.03
N GLU G 45 -63.59 52.66 -54.17
CA GLU G 45 -65.00 52.96 -54.38
C GLU G 45 -65.52 52.35 -55.67
N SER G 46 -64.72 52.37 -56.72
CA SER G 46 -65.14 51.90 -58.03
C SER G 46 -64.55 50.55 -58.39
N ARG G 47 -64.36 49.67 -57.41
CA ARG G 47 -63.75 48.37 -57.69
C ARG G 47 -64.62 47.55 -58.65
N GLU G 48 -65.95 47.58 -58.46
CA GLU G 48 -66.82 46.76 -59.28
C GLU G 48 -66.77 47.17 -60.74
N ARG G 49 -66.82 48.47 -61.02
CA ARG G 49 -66.73 48.94 -62.39
C ARG G 49 -65.39 48.58 -63.01
N ILE G 50 -64.31 48.72 -62.24
CA ILE G 50 -62.99 48.38 -62.75
C ILE G 50 -62.93 46.92 -63.13
N ILE G 51 -63.44 46.04 -62.26
CA ILE G 51 -63.36 44.62 -62.52
C ILE G 51 -64.23 44.23 -63.71
N LYS G 52 -65.41 44.85 -63.82
CA LYS G 52 -66.33 44.51 -64.90
C LYS G 52 -65.80 44.97 -66.24
N GLN G 53 -65.34 46.22 -66.34
CA GLN G 53 -64.80 46.71 -67.60
C GLN G 53 -63.52 45.97 -67.95
N ALA G 54 -62.67 45.67 -66.96
CA ALA G 54 -61.44 44.96 -67.24
C ALA G 54 -61.72 43.55 -67.72
N GLY G 55 -62.68 42.86 -67.10
CA GLY G 55 -63.04 41.54 -67.59
C GLY G 55 -63.58 41.60 -69.00
N ASP G 56 -64.44 42.57 -69.28
CA ASP G 56 -64.97 42.73 -70.63
C ASP G 56 -63.86 42.96 -71.64
N GLN G 57 -62.93 43.87 -71.33
CA GLN G 57 -61.84 44.18 -72.25
C GLN G 57 -60.93 42.99 -72.45
N LEU G 58 -60.63 42.26 -71.36
CA LEU G 58 -59.78 41.08 -71.48
C LEU G 58 -60.43 39.99 -72.33
N PHE G 59 -61.72 39.76 -72.13
CA PHE G 59 -62.39 38.69 -72.87
C PHE G 59 -62.64 39.10 -74.31
N GLN G 60 -62.70 40.41 -74.58
CA GLN G 60 -62.75 40.87 -75.96
C GLN G 60 -61.40 40.70 -76.64
N LYS G 61 -60.32 41.03 -75.94
CA LYS G 61 -59.02 41.04 -76.59
C LYS G 61 -58.40 39.65 -76.63
N ARG G 62 -58.81 38.76 -75.74
CA ARG G 62 -58.29 37.39 -75.68
C ARG G 62 -59.47 36.44 -75.47
N PRO G 63 -60.27 36.21 -76.50
CA PRO G 63 -61.53 35.46 -76.32
C PRO G 63 -61.35 33.99 -76.03
N ASP G 64 -60.15 33.44 -76.27
CA ASP G 64 -59.96 32.01 -76.09
C ASP G 64 -59.98 31.62 -74.60
N LEU G 65 -59.80 32.60 -73.71
CA LEU G 65 -59.85 32.30 -72.28
C LEU G 65 -61.25 31.85 -71.85
N VAL G 66 -62.28 32.49 -72.40
CA VAL G 66 -63.65 32.17 -72.00
C VAL G 66 -64.39 31.36 -73.05
N SER G 67 -63.70 30.90 -74.09
CA SER G 67 -64.25 29.93 -75.02
C SER G 67 -64.01 28.51 -74.49
N PRO G 68 -64.75 27.52 -74.99
CA PRO G 68 -64.57 26.16 -74.49
C PRO G 68 -63.12 25.70 -74.63
N GLY G 69 -62.62 25.03 -73.61
CA GLY G 69 -61.22 24.67 -73.53
C GLY G 69 -60.34 25.72 -72.91
N GLY G 70 -60.82 26.96 -72.77
CA GLY G 70 -60.04 27.98 -72.11
C GLY G 70 -60.02 27.80 -70.61
N ASN G 71 -59.06 28.47 -69.98
CA ASN G 71 -58.88 28.33 -68.54
C ASN G 71 -60.04 28.94 -67.76
N ALA G 72 -60.58 30.06 -68.25
CA ALA G 72 -61.67 30.74 -67.56
C ALA G 72 -63.03 30.40 -68.14
N TYR G 73 -63.14 29.28 -68.87
CA TYR G 73 -64.41 28.92 -69.50
C TYR G 73 -65.43 28.45 -68.48
N GLY G 74 -66.67 28.92 -68.65
CA GLY G 74 -67.73 28.63 -67.72
C GLY G 74 -67.92 29.76 -66.72
N ALA G 75 -69.12 29.82 -66.14
CA ALA G 75 -69.45 30.90 -65.23
C ALA G 75 -68.60 30.86 -63.97
N GLU G 76 -68.37 29.67 -63.41
CA GLU G 76 -67.60 29.57 -62.17
C GLU G 76 -66.14 29.94 -62.39
N ARG G 77 -65.56 29.48 -63.50
CA ARG G 77 -64.17 29.81 -63.78
C ARG G 77 -64.00 31.27 -64.16
N THR G 78 -64.98 31.83 -64.88
CA THR G 78 -64.94 33.27 -65.14
C THR G 78 -65.04 34.05 -63.84
N ALA G 79 -65.84 33.56 -62.89
CA ALA G 79 -65.92 34.19 -61.59
C ALA G 79 -64.58 34.13 -60.86
N SER G 80 -63.87 33.00 -60.96
CA SER G 80 -62.54 32.90 -60.36
C SER G 80 -61.55 33.87 -61.00
N CYS G 81 -61.60 33.97 -62.32
CA CYS G 81 -60.82 34.96 -63.05
C CYS G 81 -61.10 36.38 -62.53
N LEU G 82 -62.37 36.75 -62.42
CA LEU G 82 -62.72 38.08 -61.94
C LEU G 82 -62.30 38.27 -60.50
N ARG G 83 -62.40 37.20 -59.70
CA ARG G 83 -61.99 37.25 -58.31
C ARG G 83 -60.52 37.58 -58.17
N ASP G 84 -59.66 36.97 -58.97
CA ASP G 84 -58.27 37.32 -58.70
C ASP G 84 -57.82 38.56 -59.47
N LEU G 85 -58.59 39.03 -60.45
CA LEU G 85 -58.45 40.43 -60.85
C LEU G 85 -58.77 41.36 -59.69
N ASP G 86 -59.81 41.05 -58.93
CA ASP G 86 -60.14 41.81 -57.73
C ASP G 86 -59.02 41.74 -56.70
N TYR G 87 -58.42 40.56 -56.53
CA TYR G 87 -57.24 40.44 -55.69
C TYR G 87 -56.19 41.45 -56.09
N TYR G 88 -55.86 41.50 -57.37
CA TYR G 88 -54.76 42.37 -57.78
C TYR G 88 -55.12 43.84 -57.67
N LEU G 89 -56.39 44.20 -57.87
CA LEU G 89 -56.80 45.58 -57.59
C LEU G 89 -56.60 45.92 -56.11
N ARG G 90 -57.00 45.01 -55.22
CA ARG G 90 -56.80 45.25 -53.79
C ARG G 90 -55.33 45.41 -53.44
N LEU G 91 -54.49 44.55 -53.99
CA LEU G 91 -53.05 44.69 -53.77
C LEU G 91 -52.50 45.99 -54.34
N VAL G 92 -53.05 46.47 -55.45
CA VAL G 92 -52.57 47.73 -56.01
C VAL G 92 -52.91 48.88 -55.07
N THR G 93 -54.10 48.88 -54.48
CA THR G 93 -54.41 49.88 -53.48
C THR G 93 -53.48 49.77 -52.27
N PHE G 94 -53.18 48.54 -51.85
CA PHE G 94 -52.22 48.33 -50.77
C PHE G 94 -50.86 48.94 -51.10
N GLY G 95 -50.38 48.68 -52.31
CA GLY G 95 -49.07 49.22 -52.70
C GLY G 95 -49.09 50.72 -52.82
N ILE G 96 -50.22 51.29 -53.19
CA ILE G 96 -50.33 52.75 -53.27
C ILE G 96 -50.23 53.38 -51.89
N VAL G 97 -50.97 52.85 -50.92
CA VAL G 97 -50.86 53.43 -49.58
C VAL G 97 -49.49 53.17 -48.99
N ALA G 98 -48.87 52.04 -49.34
CA ALA G 98 -47.54 51.73 -48.80
C ALA G 98 -46.46 52.58 -49.46
N GLY G 99 -46.70 53.06 -50.67
CA GLY G 99 -45.73 53.86 -51.38
C GLY G 99 -44.75 53.08 -52.22
N ASP G 100 -44.78 51.75 -52.14
CA ASP G 100 -43.93 50.93 -52.99
C ASP G 100 -44.64 49.61 -53.22
N VAL G 101 -43.97 48.71 -53.93
CA VAL G 101 -44.60 47.49 -54.43
C VAL G 101 -44.37 46.33 -53.49
N THR G 102 -43.88 46.60 -52.29
CA THR G 102 -43.62 45.53 -51.33
C THR G 102 -44.87 44.72 -50.98
N PRO G 103 -46.03 45.31 -50.64
CA PRO G 103 -47.21 44.47 -50.42
C PRO G 103 -47.60 43.67 -51.65
N ILE G 104 -47.56 44.30 -52.82
CA ILE G 104 -47.85 43.61 -54.06
C ILE G 104 -46.88 42.45 -54.26
N GLU G 105 -45.59 42.72 -54.04
CA GLU G 105 -44.57 41.70 -54.26
C GLU G 105 -44.72 40.53 -53.32
N GLU G 106 -45.05 40.79 -52.05
CA GLU G 106 -44.97 39.74 -51.05
C GLU G 106 -46.31 39.03 -50.89
N ILE G 107 -47.38 39.60 -51.43
CA ILE G 107 -48.68 38.92 -51.36
C ILE G 107 -49.03 38.29 -52.71
N GLY G 108 -48.56 38.86 -53.81
CA GLY G 108 -49.06 38.45 -55.10
C GLY G 108 -48.04 38.08 -56.14
N VAL G 109 -46.75 38.28 -55.88
CA VAL G 109 -45.74 38.14 -56.91
C VAL G 109 -44.78 36.98 -56.65
N ILE G 110 -44.35 36.77 -55.42
CA ILE G 110 -43.44 35.67 -55.14
C ILE G 110 -44.19 34.36 -55.30
N GLY G 111 -43.63 33.46 -56.12
CA GLY G 111 -44.31 32.23 -56.40
C GLY G 111 -45.56 32.35 -57.22
N VAL G 112 -45.72 33.44 -57.98
CA VAL G 112 -46.93 33.61 -58.76
C VAL G 112 -46.87 32.76 -60.02
N LYS G 113 -45.70 32.64 -60.62
CA LYS G 113 -45.55 31.80 -61.80
C LYS G 113 -45.73 30.33 -61.44
N GLU G 114 -45.20 29.90 -60.30
CA GLU G 114 -45.44 28.53 -59.87
C GLU G 114 -46.91 28.29 -59.56
N MET G 115 -47.57 29.26 -58.92
CA MET G 115 -48.99 29.11 -58.62
C MET G 115 -49.83 29.03 -59.88
N TYR G 116 -49.53 29.85 -60.89
CA TYR G 116 -50.33 29.84 -62.12
C TYR G 116 -49.89 28.72 -63.05
N ARG G 117 -48.69 28.20 -62.88
CA ARG G 117 -48.29 26.96 -63.53
C ARG G 117 -49.09 25.79 -62.99
N ASN G 118 -49.20 25.70 -61.67
CA ASN G 118 -49.97 24.63 -61.05
C ASN G 118 -51.44 24.75 -61.41
N LEU G 119 -51.96 25.97 -61.52
CA LEU G 119 -53.36 26.18 -61.82
C LEU G 119 -53.69 26.13 -63.31
N GLU G 120 -52.70 25.94 -64.18
CA GLU G 120 -52.90 25.92 -65.63
C GLU G 120 -53.39 27.26 -66.18
N VAL G 121 -53.23 28.33 -65.41
CA VAL G 121 -53.64 29.66 -65.87
C VAL G 121 -52.57 30.18 -66.82
N PRO G 122 -52.94 30.64 -68.02
CA PRO G 122 -51.95 31.25 -68.90
C PRO G 122 -51.42 32.54 -68.31
N LEU G 123 -50.11 32.71 -68.40
CA LEU G 123 -49.44 33.85 -67.80
C LEU G 123 -49.54 35.08 -68.70
N PRO G 124 -49.39 34.96 -70.03
CA PRO G 124 -49.72 36.10 -70.89
C PRO G 124 -51.16 36.58 -70.73
N GLY G 125 -52.09 35.67 -70.44
CA GLY G 125 -53.44 36.10 -70.10
C GLY G 125 -53.45 36.96 -68.85
N MET G 126 -52.65 36.60 -67.85
CA MET G 126 -52.51 37.44 -66.66
C MET G 126 -51.98 38.81 -67.03
N VAL G 127 -50.96 38.87 -67.87
CA VAL G 127 -50.37 40.15 -68.23
C VAL G 127 -51.38 41.02 -68.96
N GLU G 128 -52.14 40.42 -69.87
CA GLU G 128 -53.16 41.14 -70.61
C GLU G 128 -54.29 41.61 -69.69
N ALA G 129 -54.64 40.81 -68.69
CA ALA G 129 -55.63 41.24 -67.70
C ALA G 129 -55.13 42.41 -66.87
N VAL G 130 -53.85 42.39 -66.49
CA VAL G 130 -53.29 43.49 -65.72
C VAL G 130 -53.27 44.76 -66.56
N LYS G 131 -52.93 44.65 -67.84
CA LYS G 131 -52.94 45.82 -68.72
C LYS G 131 -54.35 46.39 -68.86
N ALA G 132 -55.35 45.52 -69.00
CA ALA G 132 -56.73 45.97 -69.11
C ALA G 132 -57.17 46.68 -67.84
N MET G 133 -56.88 46.09 -66.68
CA MET G 133 -57.15 46.78 -65.42
C MET G 133 -56.46 48.12 -65.36
N LYS G 134 -55.22 48.19 -65.84
CA LYS G 134 -54.49 49.44 -65.79
C LYS G 134 -55.18 50.52 -66.62
N SER G 135 -55.63 50.17 -67.82
CA SER G 135 -56.35 51.13 -68.65
C SER G 135 -57.62 51.61 -67.93
N VAL G 136 -58.41 50.68 -67.41
CA VAL G 136 -59.67 51.08 -66.77
C VAL G 136 -59.41 51.90 -65.51
N ALA G 137 -58.44 51.49 -64.70
CA ALA G 137 -58.20 52.17 -63.43
C ALA G 137 -57.59 53.55 -63.63
N THR G 138 -56.74 53.70 -64.66
CA THR G 138 -56.17 55.00 -64.92
C THR G 138 -57.14 55.90 -65.67
N GLY G 139 -58.18 55.32 -66.26
CA GLY G 139 -59.24 56.15 -66.82
C GLY G 139 -60.01 56.90 -65.75
N LEU G 140 -60.05 56.37 -64.54
CA LEU G 140 -60.85 56.97 -63.48
C LEU G 140 -60.07 58.02 -62.71
N LEU G 141 -58.78 58.19 -63.02
CA LEU G 141 -57.94 59.09 -62.25
C LEU G 141 -57.40 60.21 -63.12
N SER G 142 -56.96 61.27 -62.46
CA SER G 142 -56.34 62.40 -63.14
C SER G 142 -54.93 62.02 -63.57
N GLY G 143 -54.35 62.87 -64.44
CA GLY G 143 -53.12 62.48 -65.13
C GLY G 143 -51.98 62.14 -64.19
N ASP G 144 -51.72 63.00 -63.19
CA ASP G 144 -50.64 62.73 -62.26
C ASP G 144 -50.91 61.46 -61.46
N ASP G 145 -52.15 61.28 -61.01
CA ASP G 145 -52.52 60.05 -60.32
C ASP G 145 -52.49 58.87 -61.28
N SER G 146 -52.90 59.08 -62.52
CA SER G 146 -52.91 58.00 -63.50
C SER G 146 -51.50 57.46 -63.71
N ALA G 147 -50.52 58.34 -63.83
CA ALA G 147 -49.15 57.87 -64.06
C ALA G 147 -48.63 57.05 -62.87
N GLU G 148 -48.88 57.53 -61.65
CA GLU G 148 -48.36 56.81 -60.48
C GLU G 148 -49.02 55.44 -60.34
N VAL G 149 -50.33 55.36 -60.56
CA VAL G 149 -51.00 54.06 -60.48
C VAL G 149 -50.58 53.17 -61.64
N GLY G 150 -50.34 53.77 -62.81
CA GLY G 150 -49.86 53.00 -63.94
C GLY G 150 -48.52 52.36 -63.67
N TYR G 151 -47.68 53.04 -62.89
CA TYR G 151 -46.39 52.44 -62.52
C TYR G 151 -46.58 51.14 -61.74
N TYR G 152 -47.51 51.12 -60.78
CA TYR G 152 -47.77 49.89 -60.03
C TYR G 152 -48.32 48.80 -60.93
N PHE G 153 -49.23 49.17 -61.84
CA PHE G 153 -49.77 48.16 -62.74
C PHE G 153 -48.69 47.64 -63.69
N ASP G 154 -47.75 48.51 -64.08
CA ASP G 154 -46.61 48.08 -64.89
C ASP G 154 -45.73 47.12 -64.11
N TYR G 155 -45.57 47.37 -62.80
CA TYR G 155 -44.82 46.43 -61.99
C TYR G 155 -45.47 45.05 -61.98
N LEU G 156 -46.80 44.99 -61.84
CA LEU G 156 -47.48 43.70 -61.99
C LEU G 156 -47.26 43.07 -63.35
N ALA G 157 -47.42 43.86 -64.42
CA ALA G 157 -47.30 43.29 -65.76
C ALA G 157 -45.91 42.74 -65.99
N GLY G 158 -44.88 43.44 -65.52
CA GLY G 158 -43.53 42.93 -65.64
C GLY G 158 -43.28 41.72 -64.77
N ALA G 159 -43.88 41.68 -63.59
CA ALA G 159 -43.68 40.56 -62.69
C ALA G 159 -44.29 39.28 -63.25
N LEU G 160 -45.45 39.40 -63.90
CA LEU G 160 -46.10 38.21 -64.46
C LEU G 160 -45.42 37.78 -65.76
N ALA G 161 -44.88 38.72 -66.50
CA ALA G 161 -44.19 38.40 -67.75
C ALA G 161 -42.72 38.12 -67.48
N MET H 1 -20.61 54.29 -58.90
CA MET H 1 -20.96 54.96 -60.15
C MET H 1 -21.25 56.44 -59.91
N LEU H 2 -21.32 57.19 -61.01
CA LEU H 2 -21.54 58.62 -60.96
C LEU H 2 -22.81 58.96 -61.71
N ASP H 3 -23.46 60.04 -61.28
CA ASP H 3 -24.46 60.71 -62.11
C ASP H 3 -23.92 62.08 -62.48
N ALA H 4 -24.76 62.87 -63.16
CA ALA H 4 -24.30 64.16 -63.67
C ALA H 4 -23.90 65.10 -62.53
N VAL H 5 -24.72 65.17 -61.48
CA VAL H 5 -24.41 66.05 -60.36
C VAL H 5 -23.13 65.60 -59.68
N THR H 6 -22.99 64.30 -59.44
CA THR H 6 -21.78 63.81 -58.78
C THR H 6 -20.56 63.99 -59.67
N LYS H 7 -20.74 63.90 -60.99
CA LYS H 7 -19.63 64.14 -61.89
C LYS H 7 -19.17 65.59 -61.81
N ILE H 8 -20.11 66.53 -61.74
CA ILE H 8 -19.75 67.93 -61.58
C ILE H 8 -19.10 68.17 -60.22
N ILE H 9 -19.57 67.45 -59.19
CA ILE H 9 -18.93 67.55 -57.87
C ILE H 9 -17.48 67.09 -57.94
N ASN H 10 -17.23 65.96 -58.60
CA ASN H 10 -15.86 65.47 -58.73
C ASN H 10 -15.00 66.43 -59.52
N ARG H 11 -15.58 67.09 -60.52
CA ARG H 11 -14.81 68.07 -61.28
C ARG H 11 -14.46 69.29 -60.43
N THR H 12 -15.38 69.71 -59.57
CA THR H 12 -15.10 70.81 -58.65
C THR H 12 -14.11 70.39 -57.56
N ASP H 13 -14.10 69.09 -57.24
CA ASP H 13 -13.27 68.62 -56.13
C ASP H 13 -11.85 68.35 -56.58
N ALA H 14 -11.66 67.96 -57.83
CA ALA H 14 -10.32 67.74 -58.35
C ALA H 14 -9.51 69.03 -58.32
N GLU H 15 -10.14 70.13 -58.67
CA GLU H 15 -9.53 71.46 -58.60
C GLU H 15 -9.87 72.19 -57.31
N GLY H 16 -10.61 71.56 -56.42
CA GLY H 16 -10.74 72.04 -55.04
C GLY H 16 -11.35 73.40 -54.87
N ARG H 17 -12.42 73.69 -55.59
CA ARG H 17 -13.10 74.97 -55.46
C ARG H 17 -14.56 74.73 -55.12
N TYR H 18 -15.22 75.78 -54.67
CA TYR H 18 -16.67 75.75 -54.52
C TYR H 18 -17.34 75.83 -55.89
N PHE H 19 -18.60 75.39 -55.92
CA PHE H 19 -19.39 75.50 -57.13
C PHE H 19 -19.48 76.96 -57.58
N ALA H 20 -19.18 77.21 -58.84
CA ALA H 20 -19.32 78.54 -59.41
C ALA H 20 -20.59 78.60 -60.26
N SER H 21 -20.79 79.75 -60.92
CA SER H 21 -22.02 79.97 -61.68
C SER H 21 -22.18 78.95 -62.80
N LYS H 22 -21.10 78.62 -63.50
CA LYS H 22 -21.18 77.65 -64.59
C LYS H 22 -21.58 76.27 -64.07
N ASP H 23 -21.00 75.87 -62.95
CA ASP H 23 -21.33 74.58 -62.35
C ASP H 23 -22.79 74.51 -61.95
N PHE H 24 -23.29 75.58 -61.31
CA PHE H 24 -24.69 75.63 -60.94
C PHE H 24 -25.58 75.61 -62.17
N ASP H 25 -25.14 76.23 -63.25
CA ASP H 25 -25.90 76.20 -64.50
C ASP H 25 -26.01 74.79 -65.05
N GLU H 26 -24.89 74.05 -65.07
CA GLU H 26 -24.94 72.68 -65.56
C GLU H 26 -25.83 71.81 -64.69
N VAL H 27 -25.75 71.99 -63.36
CA VAL H 27 -26.60 71.23 -62.46
C VAL H 27 -28.07 71.58 -62.70
N THR H 28 -28.37 72.86 -62.88
CA THR H 28 -29.75 73.28 -63.13
C THR H 28 -30.28 72.69 -64.44
N ARG H 29 -29.45 72.64 -65.47
CA ARG H 29 -29.86 72.04 -66.72
C ARG H 29 -30.15 70.55 -66.54
N PHE H 30 -29.31 69.84 -65.78
CA PHE H 30 -29.60 68.45 -65.50
C PHE H 30 -30.93 68.28 -64.76
N PHE H 31 -31.22 69.19 -63.82
CA PHE H 31 -32.48 69.11 -63.09
C PHE H 31 -33.67 69.43 -63.98
N ALA H 32 -33.47 70.26 -65.00
CA ALA H 32 -34.56 70.62 -65.89
C ALA H 32 -34.95 69.46 -66.79
N THR H 33 -33.98 68.61 -67.15
CA THR H 33 -34.21 67.49 -68.06
C THR H 33 -34.68 66.24 -67.32
N GLY H 34 -34.85 66.32 -66.00
CA GLY H 34 -35.09 65.11 -65.23
C GLY H 34 -36.42 64.43 -65.52
N GLU H 35 -37.48 65.22 -65.69
CA GLU H 35 -38.80 64.63 -65.90
C GLU H 35 -38.88 63.86 -67.21
N ALA H 36 -38.31 64.41 -68.29
CA ALA H 36 -38.33 63.72 -69.56
C ALA H 36 -37.54 62.41 -69.49
N ARG H 37 -36.36 62.45 -68.86
CA ARG H 37 -35.56 61.24 -68.70
C ARG H 37 -36.26 60.21 -67.84
N LEU H 38 -36.95 60.66 -66.78
CA LEU H 38 -37.69 59.74 -65.93
C LEU H 38 -38.82 59.07 -66.69
N ARG H 39 -39.58 59.86 -67.47
CA ARG H 39 -40.65 59.28 -68.26
C ARG H 39 -40.12 58.34 -69.32
N ALA H 40 -38.97 58.67 -69.92
CA ALA H 40 -38.37 57.75 -70.89
C ALA H 40 -37.96 56.44 -70.23
N ALA H 41 -37.36 56.53 -69.04
CA ALA H 41 -36.96 55.33 -68.31
C ALA H 41 -38.16 54.48 -67.94
N SER H 42 -39.25 55.13 -67.49
CA SER H 42 -40.46 54.40 -67.16
C SER H 42 -41.08 53.75 -68.38
N THR H 43 -41.02 54.43 -69.52
CA THR H 43 -41.54 53.85 -70.76
C THR H 43 -40.73 52.64 -71.17
N ILE H 44 -39.41 52.70 -71.03
CA ILE H 44 -38.58 51.54 -71.32
C ILE H 44 -38.91 50.40 -70.38
N SER H 45 -39.04 50.70 -69.08
CA SER H 45 -39.31 49.68 -68.09
C SER H 45 -40.65 48.99 -68.34
N ALA H 46 -41.67 49.76 -68.72
CA ALA H 46 -43.00 49.19 -68.89
C ALA H 46 -43.08 48.33 -70.14
N ASN H 47 -42.16 48.52 -71.08
CA ASN H 47 -42.13 47.76 -72.32
C ASN H 47 -40.85 46.96 -72.50
N ALA H 48 -40.18 46.58 -71.39
CA ALA H 48 -38.88 45.95 -71.50
C ALA H 48 -38.96 44.61 -72.23
N ALA H 49 -39.99 43.82 -71.92
CA ALA H 49 -40.16 42.53 -72.58
C ALA H 49 -40.38 42.69 -74.08
N SER H 50 -41.25 43.61 -74.48
CA SER H 50 -41.45 43.84 -75.91
C SER H 50 -40.16 44.30 -76.57
N ILE H 51 -39.55 45.36 -76.05
CA ILE H 51 -38.34 45.91 -76.65
C ILE H 51 -37.30 44.83 -76.82
N LEU H 52 -37.11 44.00 -75.81
CA LEU H 52 -36.18 42.89 -75.91
C LEU H 52 -36.59 41.92 -77.02
N ARG H 53 -37.89 41.63 -77.13
CA ARG H 53 -38.36 40.65 -78.10
C ARG H 53 -38.11 41.11 -79.53
N GLU H 54 -38.58 42.32 -79.90
CA GLU H 54 -38.34 42.73 -81.28
C GLU H 54 -36.90 43.14 -81.53
N SER H 55 -36.13 43.49 -80.49
CA SER H 55 -34.72 43.75 -80.76
C SER H 55 -33.95 42.46 -81.05
N ALA H 56 -34.27 41.38 -80.32
CA ALA H 56 -33.72 40.07 -80.65
C ALA H 56 -34.17 39.60 -82.03
N ALA H 57 -35.44 39.81 -82.35
CA ALA H 57 -35.93 39.43 -83.68
C ALA H 57 -35.22 40.22 -84.78
N ALA H 58 -34.98 41.52 -84.56
CA ALA H 58 -34.27 42.32 -85.54
C ALA H 58 -32.85 41.81 -85.74
N LEU H 59 -32.15 41.52 -84.64
CA LEU H 59 -30.80 40.99 -84.78
C LEU H 59 -30.79 39.69 -85.57
N PHE H 60 -31.71 38.77 -85.27
CA PHE H 60 -31.61 37.45 -85.85
C PHE H 60 -32.23 37.38 -87.24
N THR H 61 -33.02 38.40 -87.61
CA THR H 61 -33.38 38.56 -89.01
C THR H 61 -32.23 39.16 -89.78
N GLU H 62 -31.47 40.05 -89.15
CA GLU H 62 -30.30 40.63 -89.82
C GLU H 62 -29.20 39.59 -90.02
N GLN H 63 -28.96 38.74 -89.04
CA GLN H 63 -27.87 37.76 -89.07
C GLN H 63 -28.42 36.39 -88.69
N PRO H 64 -29.05 35.69 -89.63
CA PRO H 64 -29.65 34.38 -89.29
C PRO H 64 -28.63 33.29 -89.04
N ASP H 65 -27.37 33.49 -89.42
CA ASP H 65 -26.37 32.43 -89.25
C ASP H 65 -25.93 32.30 -87.80
N LEU H 66 -26.27 33.29 -86.96
CA LEU H 66 -26.04 33.13 -85.54
C LEU H 66 -26.84 31.97 -84.98
N LEU H 67 -28.10 31.84 -85.43
CA LEU H 67 -28.96 30.78 -84.91
C LEU H 67 -28.63 29.43 -85.52
N ARG H 68 -28.00 29.41 -86.68
CA ARG H 68 -27.78 28.16 -87.40
C ARG H 68 -26.85 27.24 -86.61
N PRO H 69 -27.03 25.93 -86.74
CA PRO H 69 -26.12 24.98 -86.10
C PRO H 69 -24.66 25.31 -86.36
N GLY H 70 -23.89 25.41 -85.28
CA GLY H 70 -22.54 25.92 -85.33
C GLY H 70 -22.42 27.41 -85.05
N GLY H 71 -23.52 28.15 -85.10
CA GLY H 71 -23.47 29.56 -84.76
C GLY H 71 -23.36 29.77 -83.26
N ASN H 72 -22.99 31.00 -82.90
CA ASN H 72 -22.74 31.29 -81.49
C ASN H 72 -24.04 31.39 -80.69
N ALA H 73 -25.17 31.59 -81.36
CA ALA H 73 -26.45 31.61 -80.69
C ALA H 73 -27.24 30.32 -80.89
N TYR H 74 -26.61 29.28 -81.41
CA TYR H 74 -27.30 28.00 -81.60
C TYR H 74 -27.14 27.11 -80.38
N THR H 75 -28.13 27.19 -79.50
CA THR H 75 -28.65 26.18 -78.58
C THR H 75 -29.72 26.92 -77.79
N SER H 76 -30.52 26.21 -77.01
CA SER H 76 -31.45 26.92 -76.15
C SER H 76 -30.70 27.75 -75.11
N ARG H 77 -29.59 27.22 -74.59
CA ARG H 77 -28.82 27.91 -73.56
C ARG H 77 -28.09 29.13 -74.14
N ARG H 78 -27.47 28.97 -75.30
CA ARG H 78 -26.71 30.08 -75.87
C ARG H 78 -27.65 31.19 -76.36
N TYR H 79 -28.80 30.82 -76.90
CA TYR H 79 -29.79 31.82 -77.23
C TYR H 79 -30.29 32.54 -75.99
N ALA H 80 -30.59 31.77 -74.93
CA ALA H 80 -30.95 32.36 -73.66
C ALA H 80 -29.93 33.39 -73.22
N ALA H 81 -28.64 33.04 -73.31
CA ALA H 81 -27.58 33.94 -72.87
C ALA H 81 -27.47 35.17 -73.76
N CYS H 82 -27.65 35.00 -75.07
CA CYS H 82 -27.65 36.15 -75.96
C CYS H 82 -28.76 37.14 -75.59
N VAL H 83 -29.97 36.64 -75.42
CA VAL H 83 -31.08 37.53 -75.07
C VAL H 83 -30.88 38.11 -73.68
N ARG H 84 -30.25 37.35 -72.78
CA ARG H 84 -29.94 37.85 -71.44
C ARG H 84 -28.93 38.98 -71.49
N ASP H 85 -27.92 38.87 -72.36
CA ASP H 85 -26.97 39.96 -72.55
C ASP H 85 -27.68 41.20 -73.08
N MET H 86 -28.62 41.01 -73.99
CA MET H 86 -29.37 42.16 -74.50
C MET H 86 -30.24 42.79 -73.41
N GLU H 87 -30.76 41.96 -72.51
CA GLU H 87 -31.46 42.49 -71.33
C GLU H 87 -30.52 43.30 -70.44
N TYR H 88 -29.29 42.81 -70.23
CA TYR H 88 -28.28 43.59 -69.54
C TYR H 88 -28.14 44.97 -70.17
N PHE H 89 -27.97 45.00 -71.49
CA PHE H 89 -27.73 46.26 -72.17
C PHE H 89 -28.89 47.21 -72.01
N LEU H 90 -30.12 46.70 -72.15
CA LEU H 90 -31.30 47.55 -72.00
C LEU H 90 -31.40 48.13 -70.58
N ARG H 91 -31.25 47.28 -69.57
CA ARG H 91 -31.39 47.75 -68.20
C ARG H 91 -30.32 48.77 -67.84
N TYR H 92 -29.09 48.54 -68.28
CA TYR H 92 -28.02 49.45 -67.91
C TYR H 92 -28.05 50.74 -68.71
N ALA H 93 -28.53 50.69 -69.96
CA ALA H 93 -28.79 51.92 -70.69
C ALA H 93 -29.86 52.73 -69.99
N THR H 94 -30.88 52.08 -69.44
CA THR H 94 -31.90 52.81 -68.70
C THR H 94 -31.34 53.41 -67.41
N TYR H 95 -30.48 52.66 -66.71
CA TYR H 95 -29.79 53.24 -65.54
C TYR H 95 -29.02 54.49 -65.93
N ALA H 96 -28.25 54.42 -67.02
CA ALA H 96 -27.45 55.56 -67.44
C ALA H 96 -28.33 56.72 -67.88
N LEU H 97 -29.47 56.42 -68.47
CA LEU H 97 -30.41 57.46 -68.87
C LEU H 97 -30.98 58.19 -67.67
N VAL H 98 -31.28 57.45 -66.59
CA VAL H 98 -31.75 58.12 -65.38
C VAL H 98 -30.63 58.92 -64.74
N ALA H 99 -29.42 58.37 -64.69
CA ALA H 99 -28.31 59.06 -64.05
C ALA H 99 -27.84 60.24 -64.88
N GLY H 100 -27.98 60.16 -66.19
CA GLY H 100 -27.48 61.21 -67.05
C GLY H 100 -26.00 61.12 -67.38
N ASP H 101 -25.33 60.08 -66.90
CA ASP H 101 -23.90 59.90 -67.14
C ASP H 101 -23.64 58.42 -67.39
N THR H 102 -22.62 58.13 -68.20
CA THR H 102 -22.35 56.79 -68.68
C THR H 102 -21.38 55.99 -67.80
N SER H 103 -21.08 56.46 -66.60
CA SER H 103 -20.13 55.75 -65.75
C SER H 103 -20.63 54.36 -65.37
N VAL H 104 -21.93 54.23 -65.13
CA VAL H 104 -22.47 52.93 -64.75
C VAL H 104 -22.28 51.92 -65.87
N ILE H 105 -22.38 52.36 -67.12
CA ILE H 105 -22.11 51.49 -68.25
C ILE H 105 -20.66 51.02 -68.23
N ASP H 106 -19.74 51.94 -67.96
CA ASP H 106 -18.32 51.61 -68.00
C ASP H 106 -17.95 50.64 -66.89
N GLU H 107 -18.53 50.79 -65.70
CA GLU H 107 -18.13 49.93 -64.60
C GLU H 107 -18.87 48.59 -64.62
N ARG H 108 -20.19 48.63 -64.80
CA ARG H 108 -20.96 47.41 -64.63
C ARG H 108 -21.01 46.58 -65.91
N VAL H 109 -20.94 47.21 -67.07
CA VAL H 109 -21.14 46.56 -68.34
C VAL H 109 -19.83 46.36 -69.09
N LEU H 110 -19.10 47.44 -69.35
CA LEU H 110 -17.96 47.41 -70.26
C LEU H 110 -16.69 46.94 -69.59
N ASN H 111 -16.68 46.77 -68.28
CA ASN H 111 -15.46 46.44 -67.55
C ASN H 111 -15.13 44.97 -67.76
N GLY H 112 -14.15 44.68 -68.61
CA GLY H 112 -13.74 43.33 -68.88
C GLY H 112 -14.58 42.59 -69.89
N LEU H 113 -15.57 43.25 -70.49
CA LEU H 113 -16.51 42.56 -71.37
C LEU H 113 -15.82 42.05 -72.63
N LYS H 114 -14.95 42.87 -73.22
CA LYS H 114 -14.29 42.48 -74.47
C LYS H 114 -13.40 41.26 -74.26
N GLU H 115 -12.64 41.23 -73.17
CA GLU H 115 -11.82 40.07 -72.89
C GLU H 115 -12.67 38.83 -72.66
N THR H 116 -13.79 39.00 -71.95
CA THR H 116 -14.65 37.86 -71.66
C THR H 116 -15.31 37.33 -72.93
N TYR H 117 -15.64 38.21 -73.87
CA TYR H 117 -16.21 37.74 -75.12
C TYR H 117 -15.17 37.09 -76.02
N MET H 118 -13.93 37.59 -76.01
CA MET H 118 -12.87 36.89 -76.71
C MET H 118 -12.63 35.50 -76.13
N SER H 119 -12.64 35.40 -74.80
CA SER H 119 -12.44 34.10 -74.18
C SER H 119 -13.62 33.17 -74.46
N LEU H 120 -14.83 33.71 -74.46
CA LEU H 120 -16.02 32.90 -74.69
C LEU H 120 -16.20 32.56 -76.16
N GLY H 121 -15.81 33.46 -77.05
CA GLY H 121 -16.07 33.31 -78.46
C GLY H 121 -17.27 34.07 -78.98
N VAL H 122 -17.86 34.95 -78.18
CA VAL H 122 -19.00 35.75 -78.63
C VAL H 122 -18.50 36.77 -79.66
N PRO H 123 -19.04 36.78 -80.88
CA PRO H 123 -18.61 37.77 -81.88
C PRO H 123 -18.98 39.18 -81.47
N ILE H 124 -17.96 40.05 -81.36
CA ILE H 124 -18.23 41.46 -81.02
C ILE H 124 -19.07 42.18 -82.07
N PRO H 125 -18.77 42.09 -83.37
CA PRO H 125 -19.60 42.83 -84.34
C PRO H 125 -21.06 42.41 -84.33
N SER H 126 -21.36 41.14 -84.09
CA SER H 126 -22.75 40.71 -84.01
C SER H 126 -23.41 41.24 -82.74
N THR H 127 -22.67 41.28 -81.63
CA THR H 127 -23.20 41.88 -80.41
C THR H 127 -23.45 43.37 -80.60
N VAL H 128 -22.58 44.05 -81.35
CA VAL H 128 -22.79 45.46 -81.65
C VAL H 128 -23.99 45.65 -82.56
N ALA H 129 -24.21 44.72 -83.49
CA ALA H 129 -25.41 44.78 -84.34
C ALA H 129 -26.66 44.63 -83.49
N GLY H 130 -26.63 43.73 -82.51
CA GLY H 130 -27.75 43.62 -81.59
C GLY H 130 -27.97 44.88 -80.78
N VAL H 131 -26.88 45.50 -80.31
CA VAL H 131 -26.99 46.74 -79.56
C VAL H 131 -27.59 47.84 -80.42
N THR H 132 -27.21 47.91 -81.70
CA THR H 132 -27.77 48.93 -82.59
C THR H 132 -29.23 48.67 -82.88
N ALA H 133 -29.63 47.40 -83.01
CA ALA H 133 -31.05 47.10 -83.20
C ALA H 133 -31.86 47.49 -81.97
N MET H 134 -31.34 47.20 -80.78
CA MET H 134 -32.02 47.63 -79.56
C MET H 134 -32.09 49.14 -79.49
N LYS H 135 -31.02 49.82 -79.91
CA LYS H 135 -31.06 51.28 -79.98
C LYS H 135 -32.16 51.75 -80.91
N GLY H 136 -32.32 51.10 -82.05
CA GLY H 136 -33.37 51.49 -82.96
C GLY H 136 -34.75 51.34 -82.37
N VAL H 137 -35.00 50.21 -81.69
CA VAL H 137 -36.31 49.99 -81.08
C VAL H 137 -36.57 51.01 -79.98
N VAL H 138 -35.57 51.24 -79.12
CA VAL H 138 -35.73 52.18 -78.02
C VAL H 138 -35.97 53.60 -78.56
N ALA H 139 -35.26 53.98 -79.61
CA ALA H 139 -35.46 55.30 -80.18
C ALA H 139 -36.82 55.43 -80.85
N SER H 140 -37.31 54.36 -81.46
CA SER H 140 -38.64 54.40 -82.03
C SER H 140 -39.69 54.59 -80.95
N MET H 141 -39.45 54.04 -79.76
CA MET H 141 -40.48 54.08 -78.74
C MET H 141 -40.41 55.34 -77.86
N ILE H 142 -39.21 55.89 -77.63
CA ILE H 142 -39.10 57.04 -76.75
C ILE H 142 -38.43 58.24 -77.42
N GLY H 143 -37.80 58.05 -78.57
CA GLY H 143 -37.09 59.13 -79.20
C GLY H 143 -35.58 59.00 -79.04
N SER H 144 -34.88 60.07 -79.42
CA SER H 144 -33.44 60.09 -79.47
C SER H 144 -32.79 60.28 -78.11
N GLU H 145 -33.54 60.09 -77.02
CA GLU H 145 -33.07 60.51 -75.72
C GLU H 145 -32.10 59.49 -75.12
N ALA H 146 -32.10 58.27 -75.65
CA ALA H 146 -31.24 57.20 -75.14
C ALA H 146 -30.15 56.78 -76.11
N ASN H 147 -30.01 57.46 -77.26
CA ASN H 147 -29.06 57.00 -78.26
C ASN H 147 -27.63 57.11 -77.77
N VAL H 148 -27.32 58.12 -76.96
CA VAL H 148 -25.95 58.33 -76.53
C VAL H 148 -25.45 57.14 -75.72
N TYR H 149 -26.31 56.56 -74.90
CA TYR H 149 -25.88 55.47 -74.03
C TYR H 149 -25.69 54.17 -74.81
N PHE H 150 -26.56 53.92 -75.78
CA PHE H 150 -26.38 52.75 -76.65
C PHE H 150 -25.15 52.90 -77.54
N ASP H 151 -24.91 54.11 -78.05
CA ASP H 151 -23.67 54.37 -78.78
C ASP H 151 -22.46 54.16 -77.88
N HIS H 152 -22.56 54.54 -76.60
CA HIS H 152 -21.47 54.30 -75.69
C HIS H 152 -21.18 52.81 -75.54
N ILE H 153 -22.24 52.01 -75.36
CA ILE H 153 -22.04 50.57 -75.26
C ILE H 153 -21.40 50.02 -76.53
N ALA H 154 -21.91 50.44 -77.69
CA ALA H 154 -21.38 49.95 -78.95
C ALA H 154 -19.91 50.32 -79.15
N LYS H 155 -19.55 51.57 -78.86
CA LYS H 155 -18.16 51.99 -79.00
C LYS H 155 -17.26 51.26 -78.03
N GLY H 156 -17.73 51.07 -76.79
CA GLY H 156 -16.94 50.31 -75.83
C GLY H 156 -16.76 48.87 -76.26
N LEU H 157 -17.71 48.32 -77.01
CA LEU H 157 -17.56 46.96 -77.52
C LEU H 157 -16.62 46.91 -78.71
N SER H 158 -16.87 47.72 -79.73
CA SER H 158 -16.02 47.75 -80.90
C SER H 158 -14.70 48.44 -80.58
N MET I 1 -16.22 16.90 -70.16
CA MET I 1 -15.46 15.96 -70.96
C MET I 1 -16.33 15.27 -71.99
N LEU I 2 -15.70 14.64 -72.97
CA LEU I 2 -16.38 13.90 -74.01
C LEU I 2 -15.83 12.48 -74.06
N ASP I 3 -16.73 11.51 -74.26
CA ASP I 3 -16.31 10.21 -74.73
C ASP I 3 -16.52 10.15 -76.25
N ALA I 4 -16.25 8.99 -76.84
CA ALA I 4 -16.31 8.88 -78.30
C ALA I 4 -17.72 9.14 -78.81
N VAL I 5 -18.74 8.60 -78.13
CA VAL I 5 -20.11 8.80 -78.58
C VAL I 5 -20.51 10.27 -78.49
N THR I 6 -20.20 10.93 -77.38
CA THR I 6 -20.54 12.34 -77.27
C THR I 6 -19.71 13.20 -78.21
N LYS I 7 -18.50 12.76 -78.56
CA LYS I 7 -17.73 13.51 -79.53
C LYS I 7 -18.39 13.44 -80.91
N ILE I 8 -18.83 12.25 -81.31
CA ILE I 8 -19.55 12.10 -82.58
C ILE I 8 -20.87 12.88 -82.53
N ILE I 9 -21.55 12.85 -81.38
CA ILE I 9 -22.80 13.59 -81.23
C ILE I 9 -22.57 15.08 -81.37
N ASN I 10 -21.52 15.60 -80.73
CA ASN I 10 -21.21 17.02 -80.84
C ASN I 10 -20.83 17.40 -82.26
N ARG I 11 -20.15 16.50 -82.97
CA ARG I 11 -19.89 16.79 -84.37
C ARG I 11 -21.19 16.90 -85.18
N THR I 12 -22.05 15.89 -85.08
CA THR I 12 -23.32 15.93 -85.83
C THR I 12 -24.17 17.12 -85.41
N ASP I 13 -24.07 17.52 -84.15
CA ASP I 13 -24.81 18.69 -83.69
C ASP I 13 -24.18 19.96 -84.23
N ALA I 14 -22.87 19.93 -84.51
CA ALA I 14 -22.22 21.05 -85.17
C ALA I 14 -22.72 21.22 -86.59
N GLU I 15 -22.89 20.13 -87.33
CA GLU I 15 -23.57 20.28 -88.61
C GLU I 15 -25.08 20.35 -88.50
N GLY I 16 -25.64 20.06 -87.32
CA GLY I 16 -27.08 20.04 -87.18
C GLY I 16 -27.77 18.96 -87.98
N ARG I 17 -27.13 17.81 -88.11
CA ARG I 17 -27.63 16.71 -88.90
C ARG I 17 -27.78 15.47 -88.03
N TYR I 18 -28.63 14.57 -88.46
CA TYR I 18 -28.78 13.28 -87.79
C TYR I 18 -27.56 12.41 -88.06
N PHE I 19 -27.48 11.29 -87.35
CA PHE I 19 -26.40 10.36 -87.59
C PHE I 19 -26.58 9.68 -88.94
N ALA I 20 -25.51 9.67 -89.72
CA ALA I 20 -25.50 8.97 -91.00
C ALA I 20 -24.79 7.64 -90.85
N SER I 21 -24.54 6.97 -91.98
CA SER I 21 -23.97 5.62 -91.92
C SER I 21 -22.59 5.62 -91.29
N LYS I 22 -21.76 6.61 -91.60
CA LYS I 22 -20.42 6.67 -91.05
C LYS I 22 -20.43 6.95 -89.55
N ASP I 23 -21.38 7.77 -89.09
CA ASP I 23 -21.48 8.05 -87.66
C ASP I 23 -21.88 6.80 -86.88
N PHE I 24 -22.88 6.07 -87.38
CA PHE I 24 -23.25 4.82 -86.76
C PHE I 24 -22.11 3.81 -86.82
N ASP I 25 -21.31 3.85 -87.88
CA ASP I 25 -20.15 2.97 -87.98
C ASP I 25 -19.12 3.28 -86.91
N GLU I 26 -18.82 4.57 -86.70
CA GLU I 26 -17.88 4.94 -85.64
C GLU I 26 -18.40 4.51 -84.28
N VAL I 27 -19.70 4.72 -84.06
CA VAL I 27 -20.30 4.34 -82.78
C VAL I 27 -20.20 2.83 -82.57
N THR I 28 -20.48 2.04 -83.61
CA THR I 28 -20.47 0.60 -83.44
C THR I 28 -19.04 0.08 -83.26
N ARG I 29 -18.05 0.72 -83.90
CA ARG I 29 -16.65 0.37 -83.63
C ARG I 29 -16.29 0.64 -82.18
N PHE I 30 -16.72 1.79 -81.65
CA PHE I 30 -16.45 2.09 -80.24
C PHE I 30 -17.11 1.06 -79.33
N PHE I 31 -18.34 0.68 -79.62
CA PHE I 31 -19.01 -0.34 -78.83
C PHE I 31 -18.29 -1.67 -78.92
N ALA I 32 -17.70 -1.98 -80.08
CA ALA I 32 -16.96 -3.22 -80.23
C ALA I 32 -15.70 -3.25 -79.39
N THR I 33 -14.97 -2.14 -79.35
CA THR I 33 -13.72 -2.08 -78.59
C THR I 33 -13.93 -1.79 -77.10
N GLY I 34 -15.16 -1.50 -76.69
CA GLY I 34 -15.40 -1.16 -75.29
C GLY I 34 -14.96 -2.20 -74.29
N GLU I 35 -15.23 -3.48 -74.57
CA GLU I 35 -14.90 -4.53 -73.60
C GLU I 35 -13.39 -4.66 -73.41
N ALA I 36 -12.63 -4.61 -74.49
CA ALA I 36 -11.17 -4.65 -74.38
C ALA I 36 -10.65 -3.45 -73.59
N ARG I 37 -11.20 -2.26 -73.85
CA ARG I 37 -10.75 -1.10 -73.10
C ARG I 37 -11.12 -1.22 -71.63
N LEU I 38 -12.28 -1.81 -71.34
CA LEU I 38 -12.69 -2.00 -69.95
C LEU I 38 -11.77 -2.96 -69.22
N ARG I 39 -11.37 -4.04 -69.89
CA ARG I 39 -10.46 -4.98 -69.24
C ARG I 39 -9.09 -4.37 -69.03
N ALA I 40 -8.60 -3.58 -69.99
CA ALA I 40 -7.34 -2.88 -69.80
C ALA I 40 -7.41 -1.91 -68.64
N ALA I 41 -8.53 -1.20 -68.50
CA ALA I 41 -8.66 -0.24 -67.41
C ALA I 41 -8.74 -0.94 -66.06
N SER I 42 -9.47 -2.06 -65.99
CA SER I 42 -9.52 -2.80 -64.74
C SER I 42 -8.16 -3.37 -64.37
N THR I 43 -7.39 -3.81 -65.36
CA THR I 43 -6.04 -4.26 -65.10
C THR I 43 -5.17 -3.13 -64.57
N ILE I 44 -5.28 -1.94 -65.15
CA ILE I 44 -4.49 -0.83 -64.65
C ILE I 44 -4.89 -0.50 -63.22
N SER I 45 -6.19 -0.45 -62.95
CA SER I 45 -6.67 -0.07 -61.62
C SER I 45 -6.22 -1.08 -60.57
N ALA I 46 -6.25 -2.37 -60.92
CA ALA I 46 -5.86 -3.40 -59.97
C ALA I 46 -4.39 -3.28 -59.58
N ASN I 47 -3.55 -2.81 -60.50
CA ASN I 47 -2.11 -2.68 -60.26
C ASN I 47 -1.65 -1.23 -60.25
N ALA I 48 -2.44 -0.32 -59.69
CA ALA I 48 -2.11 1.10 -59.77
C ALA I 48 -0.85 1.43 -58.98
N ALA I 49 -0.79 0.99 -57.72
CA ALA I 49 0.35 1.31 -56.88
C ALA I 49 1.63 0.69 -57.43
N SER I 50 1.53 -0.53 -57.94
CA SER I 50 2.69 -1.19 -58.53
C SER I 50 3.20 -0.46 -59.76
N ILE I 51 2.28 -0.05 -60.64
CA ILE I 51 2.67 0.69 -61.83
C ILE I 51 3.32 2.01 -61.47
N LEU I 52 2.73 2.74 -60.52
CA LEU I 52 3.29 4.02 -60.10
C LEU I 52 4.67 3.85 -59.47
N ARG I 53 4.84 2.82 -58.63
CA ARG I 53 6.13 2.55 -58.02
C ARG I 53 7.18 2.27 -59.08
N GLU I 54 6.88 1.38 -60.02
CA GLU I 54 7.85 1.02 -61.05
C GLU I 54 8.17 2.22 -61.94
N SER I 55 7.17 3.04 -62.27
CA SER I 55 7.40 4.17 -63.15
C SER I 55 8.23 5.24 -62.47
N ALA I 56 7.97 5.51 -61.19
CA ALA I 56 8.81 6.45 -60.46
C ALA I 56 10.24 5.93 -60.36
N ALA I 57 10.39 4.63 -60.09
CA ALA I 57 11.73 4.05 -60.05
C ALA I 57 12.45 4.21 -61.38
N ALA I 58 11.74 4.00 -62.49
CA ALA I 58 12.37 4.15 -63.81
C ALA I 58 12.77 5.59 -64.07
N LEU I 59 11.86 6.53 -63.79
CA LEU I 59 12.17 7.95 -63.95
C LEU I 59 13.44 8.32 -63.19
N PHE I 60 13.54 7.88 -61.94
CA PHE I 60 14.64 8.35 -61.11
C PHE I 60 15.88 7.48 -61.26
N THR I 61 15.77 6.35 -61.94
CA THR I 61 16.95 5.63 -62.36
C THR I 61 17.58 6.28 -63.58
N GLU I 62 16.76 6.74 -64.52
CA GLU I 62 17.32 7.37 -65.72
C GLU I 62 17.80 8.79 -65.45
N GLN I 63 17.20 9.49 -64.48
CA GLN I 63 17.57 10.86 -64.15
C GLN I 63 17.80 10.96 -62.65
N PRO I 64 18.91 10.42 -62.15
CA PRO I 64 19.14 10.43 -60.70
C PRO I 64 19.31 11.82 -60.11
N ASP I 65 19.63 12.81 -60.93
CA ASP I 65 19.93 14.14 -60.42
C ASP I 65 18.67 14.89 -60.01
N LEU I 66 17.50 14.38 -60.39
CA LEU I 66 16.25 14.99 -59.93
C LEU I 66 16.09 14.82 -58.43
N LEU I 67 16.69 13.75 -57.87
CA LEU I 67 16.53 13.44 -56.46
C LEU I 67 17.65 14.04 -55.63
N ARG I 68 18.78 14.34 -56.27
CA ARG I 68 19.92 14.87 -55.56
C ARG I 68 19.61 16.27 -55.03
N PRO I 69 20.25 16.68 -53.94
CA PRO I 69 20.01 18.01 -53.39
C PRO I 69 20.14 19.10 -54.45
N GLY I 70 19.15 19.99 -54.46
CA GLY I 70 19.03 20.98 -55.51
C GLY I 70 18.16 20.57 -56.68
N GLY I 71 17.89 19.26 -56.85
CA GLY I 71 17.00 18.84 -57.90
C GLY I 71 15.55 19.12 -57.56
N ASN I 72 14.71 19.18 -58.61
CA ASN I 72 13.32 19.57 -58.42
C ASN I 72 12.56 18.56 -57.57
N ALA I 73 12.95 17.30 -57.60
CA ALA I 73 12.28 16.30 -56.78
C ALA I 73 12.97 16.05 -55.45
N TYR I 74 13.95 16.86 -55.06
CA TYR I 74 14.65 16.65 -53.81
C TYR I 74 13.95 17.36 -52.66
N THR I 75 13.08 16.63 -51.98
CA THR I 75 12.60 16.75 -50.61
C THR I 75 11.55 15.66 -50.49
N SER I 76 11.05 15.38 -49.28
CA SER I 76 9.92 14.46 -49.21
C SER I 76 8.69 15.08 -49.85
N ARG I 77 8.52 16.39 -49.69
CA ARG I 77 7.35 17.08 -50.24
C ARG I 77 7.41 17.13 -51.76
N ARG I 78 8.55 17.50 -52.33
CA ARG I 78 8.63 17.60 -53.78
C ARG I 78 8.62 16.22 -54.43
N TYR I 79 9.22 15.22 -53.79
CA TYR I 79 9.11 13.87 -54.31
C TYR I 79 7.66 13.40 -54.29
N ALA I 80 6.95 13.66 -53.19
CA ALA I 80 5.55 13.28 -53.11
C ALA I 80 4.73 13.97 -54.19
N ALA I 81 5.02 15.25 -54.44
CA ALA I 81 4.28 15.98 -55.48
C ALA I 81 4.58 15.42 -56.87
N CYS I 82 5.82 15.01 -57.11
CA CYS I 82 6.17 14.35 -58.35
C CYS I 82 5.38 13.05 -58.54
N VAL I 83 5.42 12.19 -57.53
CA VAL I 83 4.74 10.91 -57.62
C VAL I 83 3.23 11.11 -57.70
N ARG I 84 2.72 12.19 -57.11
CA ARG I 84 1.30 12.47 -57.17
C ARG I 84 0.89 12.93 -58.56
N ASP I 85 1.74 13.71 -59.22
CA ASP I 85 1.48 14.06 -60.61
C ASP I 85 1.46 12.82 -61.49
N MET I 86 2.39 11.90 -61.25
CA MET I 86 2.39 10.67 -62.04
C MET I 86 1.15 9.84 -61.78
N GLU I 87 0.67 9.83 -60.53
CA GLU I 87 -0.58 9.17 -60.21
C GLU I 87 -1.75 9.80 -60.96
N TYR I 88 -1.78 11.14 -61.02
CA TYR I 88 -2.77 11.83 -61.85
C TYR I 88 -2.72 11.34 -63.28
N PHE I 89 -1.52 11.28 -63.86
CA PHE I 89 -1.39 10.89 -65.25
C PHE I 89 -1.94 9.49 -65.47
N LEU I 90 -1.59 8.55 -64.59
CA LEU I 90 -2.10 7.20 -64.73
C LEU I 90 -3.62 7.16 -64.63
N ARG I 91 -4.19 7.83 -63.63
CA ARG I 91 -5.63 7.77 -63.40
C ARG I 91 -6.39 8.38 -64.58
N TYR I 92 -5.90 9.50 -65.11
CA TYR I 92 -6.65 10.17 -66.16
C TYR I 92 -6.44 9.52 -67.51
N ALA I 93 -5.27 8.95 -67.77
CA ALA I 93 -5.12 8.14 -68.97
C ALA I 93 -6.00 6.90 -68.91
N THR I 94 -6.22 6.35 -67.72
CA THR I 94 -7.19 5.26 -67.57
C THR I 94 -8.61 5.73 -67.85
N TYR I 95 -8.96 6.91 -67.33
CA TYR I 95 -10.25 7.51 -67.65
C TYR I 95 -10.43 7.65 -69.16
N ALA I 96 -9.39 8.12 -69.84
CA ALA I 96 -9.49 8.35 -71.28
C ALA I 96 -9.51 7.04 -72.05
N LEU I 97 -8.87 6.01 -71.51
CA LEU I 97 -8.99 4.68 -72.10
C LEU I 97 -10.41 4.17 -72.04
N VAL I 98 -11.07 4.37 -70.90
CA VAL I 98 -12.47 3.96 -70.78
C VAL I 98 -13.35 4.81 -71.70
N ALA I 99 -13.15 6.13 -71.70
CA ALA I 99 -13.97 7.02 -72.51
C ALA I 99 -13.73 6.79 -74.00
N GLY I 100 -12.50 6.48 -74.36
CA GLY I 100 -12.12 6.41 -75.75
C GLY I 100 -11.79 7.73 -76.39
N ASP I 101 -11.62 8.79 -75.59
CA ASP I 101 -11.35 10.11 -76.12
C ASP I 101 -10.37 10.83 -75.21
N THR I 102 -9.45 11.57 -75.82
CA THR I 102 -8.45 12.34 -75.09
C THR I 102 -8.97 13.67 -74.58
N SER I 103 -10.29 13.86 -74.57
CA SER I 103 -10.86 15.10 -74.04
C SER I 103 -10.52 15.28 -72.57
N VAL I 104 -10.80 14.27 -71.75
CA VAL I 104 -10.61 14.39 -70.30
C VAL I 104 -9.17 14.77 -69.99
N ILE I 105 -8.22 14.31 -70.81
CA ILE I 105 -6.83 14.68 -70.62
C ILE I 105 -6.64 16.16 -70.89
N ASP I 106 -7.32 16.69 -71.91
CA ASP I 106 -7.16 18.10 -72.25
C ASP I 106 -7.81 19.02 -71.22
N GLU I 107 -9.04 18.71 -70.80
CA GLU I 107 -9.70 19.59 -69.85
C GLU I 107 -9.15 19.44 -68.43
N ARG I 108 -8.91 18.21 -67.97
CA ARG I 108 -8.61 17.98 -66.57
C ARG I 108 -7.12 17.89 -66.27
N VAL I 109 -6.26 17.75 -67.27
CA VAL I 109 -4.85 17.50 -67.01
C VAL I 109 -3.98 18.56 -67.67
N LEU I 110 -4.04 18.64 -69.00
CA LEU I 110 -3.09 19.47 -69.74
C LEU I 110 -3.46 20.93 -69.70
N ASN I 111 -4.67 21.26 -69.25
CA ASN I 111 -5.14 22.63 -69.23
C ASN I 111 -4.40 23.40 -68.14
N GLY I 112 -3.48 24.25 -68.54
CA GLY I 112 -2.71 25.05 -67.62
C GLY I 112 -1.57 24.33 -66.95
N LEU I 113 -1.35 23.05 -67.30
CA LEU I 113 -0.28 22.30 -66.67
C LEU I 113 1.09 22.84 -67.06
N LYS I 114 1.27 23.18 -68.33
CA LYS I 114 2.55 23.65 -68.81
C LYS I 114 2.93 24.98 -68.18
N GLU I 115 1.97 25.92 -68.12
CA GLU I 115 2.21 27.18 -67.44
C GLU I 115 2.44 26.97 -65.95
N THR I 116 1.69 26.06 -65.33
CA THR I 116 1.91 25.78 -63.92
C THR I 116 3.33 25.29 -63.67
N TYR I 117 3.78 24.32 -64.45
CA TYR I 117 5.12 23.77 -64.26
C TYR I 117 6.19 24.81 -64.52
N MET I 118 6.04 25.63 -65.57
CA MET I 118 7.03 26.66 -65.84
C MET I 118 7.07 27.70 -64.73
N SER I 119 5.91 28.10 -64.21
CA SER I 119 5.87 29.04 -63.11
C SER I 119 6.43 28.44 -61.83
N LEU I 120 6.42 27.10 -61.73
CA LEU I 120 6.93 26.45 -60.52
C LEU I 120 8.40 26.08 -60.65
N GLY I 121 8.89 25.94 -61.87
CA GLY I 121 10.23 25.45 -62.08
C GLY I 121 10.32 23.96 -62.29
N VAL I 122 9.19 23.28 -62.48
CA VAL I 122 9.22 21.85 -62.79
C VAL I 122 9.78 21.65 -64.20
N PRO I 123 10.74 20.77 -64.38
CA PRO I 123 11.28 20.53 -65.73
C PRO I 123 10.34 19.72 -66.61
N ILE I 124 9.91 20.30 -67.73
CA ILE I 124 9.02 19.60 -68.64
C ILE I 124 9.66 18.35 -69.24
N PRO I 125 10.89 18.38 -69.75
CA PRO I 125 11.46 17.15 -70.33
C PRO I 125 11.55 15.99 -69.34
N SER I 126 11.80 16.28 -68.07
CA SER I 126 11.85 15.21 -67.08
C SER I 126 10.48 14.62 -66.83
N THR I 127 9.44 15.46 -66.83
CA THR I 127 8.08 14.95 -66.70
C THR I 127 7.67 14.14 -67.93
N VAL I 128 8.13 14.57 -69.11
CA VAL I 128 7.85 13.81 -70.33
C VAL I 128 8.54 12.45 -70.28
N ALA I 129 9.77 12.43 -69.76
CA ALA I 129 10.47 11.17 -69.57
C ALA I 129 9.72 10.29 -68.57
N GLY I 130 9.17 10.89 -67.52
CA GLY I 130 8.36 10.13 -66.59
C GLY I 130 7.09 9.56 -67.21
N VAL I 131 6.44 10.33 -68.07
CA VAL I 131 5.27 9.83 -68.79
C VAL I 131 5.65 8.70 -69.73
N THR I 132 6.80 8.82 -70.39
CA THR I 132 7.29 7.75 -71.26
C THR I 132 7.59 6.48 -70.46
N ALA I 133 8.20 6.63 -69.29
CA ALA I 133 8.47 5.47 -68.44
C ALA I 133 7.18 4.82 -67.99
N MET I 134 6.21 5.63 -67.59
CA MET I 134 4.90 5.10 -67.18
C MET I 134 4.21 4.41 -68.34
N LYS I 135 4.32 4.96 -69.54
CA LYS I 135 3.74 4.33 -70.72
C LYS I 135 4.36 2.97 -70.97
N GLY I 136 5.69 2.87 -70.87
CA GLY I 136 6.34 1.59 -71.07
C GLY I 136 5.93 0.57 -70.03
N VAL I 137 5.85 1.00 -68.76
CA VAL I 137 5.43 0.10 -67.69
C VAL I 137 4.01 -0.41 -67.95
N VAL I 138 3.11 0.48 -68.35
CA VAL I 138 1.72 0.09 -68.59
C VAL I 138 1.62 -0.85 -69.80
N ALA I 139 2.36 -0.55 -70.87
CA ALA I 139 2.31 -1.40 -72.06
C ALA I 139 2.96 -2.74 -71.80
N SER I 140 3.80 -2.83 -70.76
CA SER I 140 4.34 -4.13 -70.38
C SER I 140 3.28 -5.01 -69.73
N MET I 141 2.12 -4.44 -69.42
CA MET I 141 1.09 -5.20 -68.71
C MET I 141 -0.16 -5.38 -69.57
N ILE I 142 -0.62 -4.30 -70.21
CA ILE I 142 -1.88 -4.31 -70.93
C ILE I 142 -1.69 -4.26 -72.43
N GLY I 143 -0.44 -4.21 -72.90
CA GLY I 143 -0.20 -4.06 -74.32
C GLY I 143 -0.26 -2.61 -74.75
N SER I 144 -0.33 -2.42 -76.07
CA SER I 144 -0.20 -1.11 -76.69
C SER I 144 -1.51 -0.33 -76.71
N GLU I 145 -2.43 -0.64 -75.79
CA GLU I 145 -3.78 -0.11 -75.91
C GLU I 145 -3.90 1.27 -75.28
N ALA I 146 -3.11 1.55 -74.25
CA ALA I 146 -3.13 2.85 -73.60
C ALA I 146 -2.06 3.80 -74.16
N ASN I 147 -1.36 3.40 -75.22
CA ASN I 147 -0.23 4.17 -75.71
C ASN I 147 -0.65 5.57 -76.15
N VAL I 148 -1.79 5.67 -76.84
CA VAL I 148 -2.17 6.95 -77.45
C VAL I 148 -2.41 8.00 -76.39
N TYR I 149 -2.96 7.61 -75.24
CA TYR I 149 -3.28 8.59 -74.21
C TYR I 149 -2.02 9.10 -73.52
N PHE I 150 -1.06 8.22 -73.26
CA PHE I 150 0.22 8.68 -72.71
C PHE I 150 0.97 9.53 -73.72
N ASP I 151 0.91 9.18 -75.00
CA ASP I 151 1.49 10.03 -76.03
C ASP I 151 0.83 11.38 -76.06
N HIS I 152 -0.49 11.42 -75.89
CA HIS I 152 -1.20 12.69 -75.84
C HIS I 152 -0.71 13.53 -74.69
N ILE I 153 -0.53 12.92 -73.52
CA ILE I 153 -0.01 13.67 -72.37
C ILE I 153 1.38 14.20 -72.66
N ALA I 154 2.25 13.35 -73.20
CA ALA I 154 3.64 13.74 -73.42
C ALA I 154 3.73 14.89 -74.41
N LYS I 155 2.99 14.81 -75.51
CA LYS I 155 2.99 15.90 -76.48
C LYS I 155 2.30 17.14 -75.94
N GLY I 156 1.32 16.98 -75.07
CA GLY I 156 0.71 18.14 -74.44
C GLY I 156 1.70 18.88 -73.56
N LEU I 157 2.58 18.15 -72.89
CA LEU I 157 3.68 18.80 -72.17
C LEU I 157 4.73 19.29 -73.14
N SER I 158 5.06 18.50 -74.15
CA SER I 158 6.09 18.86 -75.12
C SER I 158 5.67 20.07 -75.96
N MET J 1 8.74 33.10 -44.40
CA MET J 1 9.84 34.04 -44.52
C MET J 1 11.16 33.44 -44.03
N LEU J 2 12.26 34.07 -44.42
CA LEU J 2 13.59 33.62 -44.05
C LEU J 2 14.23 34.63 -43.11
N ASP J 3 14.84 34.13 -42.05
CA ASP J 3 15.85 34.90 -41.35
C ASP J 3 17.23 34.45 -41.82
N ALA J 4 18.27 35.00 -41.19
CA ALA J 4 19.63 34.69 -41.62
C ALA J 4 19.96 33.21 -41.40
N VAL J 5 19.59 32.67 -40.25
CA VAL J 5 19.90 31.27 -39.94
C VAL J 5 19.22 30.34 -40.94
N THR J 6 17.96 30.63 -41.27
CA THR J 6 17.26 29.78 -42.23
C THR J 6 17.81 29.95 -43.63
N LYS J 7 18.33 31.13 -43.95
CA LYS J 7 19.01 31.33 -45.24
C LYS J 7 20.27 30.47 -45.34
N ILE J 8 21.05 30.43 -44.26
CA ILE J 8 22.22 29.55 -44.24
C ILE J 8 21.81 28.09 -44.35
N ILE J 9 20.78 27.70 -43.60
CA ILE J 9 20.29 26.32 -43.64
C ILE J 9 19.86 25.96 -45.05
N ASN J 10 19.18 26.90 -45.72
CA ASN J 10 18.73 26.64 -47.08
C ASN J 10 19.90 26.45 -48.03
N ARG J 11 20.95 27.26 -47.90
CA ARG J 11 22.12 27.03 -48.75
C ARG J 11 22.74 25.65 -48.50
N THR J 12 22.93 25.29 -47.23
CA THR J 12 23.54 23.99 -46.96
C THR J 12 22.66 22.85 -47.40
N ASP J 13 21.34 23.03 -47.37
CA ASP J 13 20.42 21.99 -47.81
C ASP J 13 20.40 21.88 -49.32
N ALA J 14 20.52 23.01 -50.02
CA ALA J 14 20.65 22.97 -51.47
C ALA J 14 21.92 22.24 -51.88
N GLU J 15 23.01 22.48 -51.15
CA GLU J 15 24.23 21.76 -51.43
C GLU J 15 24.17 20.32 -50.91
N GLY J 16 23.24 20.03 -50.00
CA GLY J 16 23.07 18.70 -49.48
C GLY J 16 24.07 18.27 -48.42
N ARG J 17 24.77 19.20 -47.82
CA ARG J 17 25.84 18.89 -46.88
C ARG J 17 25.54 19.44 -45.50
N TYR J 18 26.20 18.88 -44.51
CA TYR J 18 26.13 19.38 -43.15
C TYR J 18 26.76 20.77 -43.06
N PHE J 19 26.52 21.43 -41.94
CA PHE J 19 27.17 22.70 -41.66
C PHE J 19 28.67 22.51 -41.53
N ALA J 20 29.42 23.39 -42.17
CA ALA J 20 30.87 23.42 -42.10
C ALA J 20 31.31 24.58 -41.21
N SER J 21 32.62 24.81 -41.16
CA SER J 21 33.18 25.81 -40.26
C SER J 21 32.70 27.21 -40.62
N LYS J 22 32.73 27.57 -41.91
CA LYS J 22 32.34 28.92 -42.31
C LYS J 22 30.84 29.16 -42.09
N ASP J 23 30.02 28.13 -42.27
CA ASP J 23 28.59 28.26 -42.00
C ASP J 23 28.34 28.55 -40.53
N PHE J 24 29.02 27.81 -39.65
CA PHE J 24 28.89 28.06 -38.22
C PHE J 24 29.42 29.44 -37.86
N ASP J 25 30.44 29.91 -38.58
CA ASP J 25 30.95 31.26 -38.35
C ASP J 25 29.90 32.31 -38.70
N GLU J 26 29.21 32.13 -39.83
CA GLU J 26 28.16 33.07 -40.21
C GLU J 26 27.02 33.04 -39.19
N VAL J 27 26.68 31.84 -38.70
CA VAL J 27 25.62 31.72 -37.70
C VAL J 27 26.03 32.42 -36.40
N THR J 28 27.29 32.27 -36.01
CA THR J 28 27.80 32.93 -34.82
C THR J 28 27.82 34.45 -35.00
N ARG J 29 28.12 34.93 -36.21
CA ARG J 29 28.06 36.36 -36.46
C ARG J 29 26.64 36.90 -36.28
N PHE J 30 25.66 36.16 -36.79
CA PHE J 30 24.28 36.58 -36.60
C PHE J 30 23.91 36.59 -35.11
N PHE J 31 24.29 35.54 -34.39
CA PHE J 31 23.98 35.48 -32.96
C PHE J 31 24.68 36.59 -32.21
N ALA J 32 25.83 37.05 -32.71
CA ALA J 32 26.55 38.14 -32.07
C ALA J 32 25.84 39.48 -32.29
N THR J 33 25.39 39.75 -33.50
CA THR J 33 24.73 41.02 -33.80
C THR J 33 23.27 41.07 -33.35
N GLY J 34 22.72 39.92 -32.93
CA GLY J 34 21.30 39.87 -32.63
C GLY J 34 20.86 40.82 -31.53
N GLU J 35 21.67 40.98 -30.49
CA GLU J 35 21.26 41.80 -29.35
C GLU J 35 21.15 43.27 -29.74
N ALA J 36 22.14 43.79 -30.45
CA ALA J 36 22.07 45.16 -30.94
C ALA J 36 20.88 45.33 -31.88
N ARG J 37 20.63 44.33 -32.73
CA ARG J 37 19.49 44.44 -33.63
C ARG J 37 18.17 44.47 -32.87
N LEU J 38 18.05 43.66 -31.81
CA LEU J 38 16.87 43.68 -30.97
C LEU J 38 16.68 45.04 -30.30
N ARG J 39 17.76 45.62 -29.79
CA ARG J 39 17.64 46.93 -29.16
C ARG J 39 17.17 47.98 -30.16
N ALA J 40 17.73 47.97 -31.36
CA ALA J 40 17.30 48.93 -32.37
C ALA J 40 15.83 48.73 -32.73
N ALA J 41 15.41 47.48 -32.87
CA ALA J 41 14.01 47.18 -33.19
C ALA J 41 13.09 47.64 -32.08
N SER J 42 13.46 47.40 -30.82
CA SER J 42 12.66 47.87 -29.70
C SER J 42 12.57 49.38 -29.68
N THR J 43 13.67 50.07 -29.98
CA THR J 43 13.63 51.52 -30.03
C THR J 43 12.68 52.01 -31.12
N ILE J 44 12.74 51.39 -32.31
CA ILE J 44 11.83 51.78 -33.38
C ILE J 44 10.39 51.54 -32.96
N SER J 45 10.11 50.37 -32.39
CA SER J 45 8.74 50.04 -32.04
C SER J 45 8.19 50.99 -30.98
N ALA J 46 9.01 51.34 -30.00
CA ALA J 46 8.54 52.21 -28.93
C ALA J 46 8.16 53.59 -29.47
N ASN J 47 8.84 54.04 -30.51
CA ASN J 47 8.57 55.34 -31.11
C ASN J 47 7.97 55.24 -32.52
N ALA J 48 7.23 54.17 -32.80
CA ALA J 48 6.71 53.95 -34.15
C ALA J 48 5.78 55.08 -34.58
N ALA J 49 4.89 55.52 -33.69
CA ALA J 49 3.94 56.56 -34.04
C ALA J 49 4.64 57.90 -34.28
N SER J 50 5.61 58.24 -33.43
CA SER J 50 6.38 59.45 -33.64
C SER J 50 7.20 59.36 -34.93
N ILE J 51 7.86 58.23 -35.16
CA ILE J 51 8.61 58.07 -36.40
C ILE J 51 7.71 58.29 -37.60
N LEU J 52 6.52 57.69 -37.58
CA LEU J 52 5.58 57.84 -38.68
C LEU J 52 5.14 59.28 -38.84
N ARG J 53 4.94 59.99 -37.73
CA ARG J 53 4.46 61.36 -37.79
C ARG J 53 5.50 62.29 -38.42
N GLU J 54 6.76 62.25 -37.97
CA GLU J 54 7.75 63.09 -38.66
C GLU J 54 8.09 62.58 -40.05
N SER J 55 7.97 61.29 -40.33
CA SER J 55 8.25 60.86 -41.70
C SER J 55 7.20 61.38 -42.67
N ALA J 56 5.93 61.31 -42.27
CA ALA J 56 4.87 61.89 -43.08
C ALA J 56 5.05 63.39 -43.23
N ALA J 57 5.38 64.09 -42.14
CA ALA J 57 5.57 65.53 -42.22
C ALA J 57 6.71 65.88 -43.16
N ALA J 58 7.82 65.15 -43.09
CA ALA J 58 8.95 65.42 -43.97
C ALA J 58 8.60 65.19 -45.42
N LEU J 59 7.87 64.10 -45.71
CA LEU J 59 7.49 63.86 -47.10
C LEU J 59 6.56 64.94 -47.62
N PHE J 60 5.64 65.43 -46.80
CA PHE J 60 4.63 66.34 -47.33
C PHE J 60 5.09 67.78 -47.28
N THR J 61 6.13 68.08 -46.50
CA THR J 61 6.82 69.34 -46.65
C THR J 61 7.69 69.32 -47.89
N GLU J 62 8.31 68.18 -48.18
CA GLU J 62 9.11 68.03 -49.39
C GLU J 62 8.24 68.13 -50.64
N GLN J 63 7.05 67.53 -50.61
CA GLN J 63 6.17 67.46 -51.78
C GLN J 63 4.77 67.91 -51.39
N PRO J 64 4.56 69.20 -51.19
CA PRO J 64 3.23 69.69 -50.82
C PRO J 64 2.19 69.50 -51.92
N ASP J 65 2.62 69.24 -53.15
CA ASP J 65 1.67 69.03 -54.25
C ASP J 65 0.77 67.83 -54.00
N LEU J 66 1.28 66.80 -53.31
CA LEU J 66 0.48 65.61 -53.08
C LEU J 66 -0.76 65.91 -52.24
N LEU J 67 -0.64 66.84 -51.30
CA LEU J 67 -1.76 67.14 -50.42
C LEU J 67 -2.77 68.08 -51.08
N ARG J 68 -2.37 68.72 -52.17
CA ARG J 68 -3.25 69.68 -52.82
C ARG J 68 -4.35 68.98 -53.60
N PRO J 69 -5.49 69.61 -53.77
CA PRO J 69 -6.57 69.00 -54.55
C PRO J 69 -6.09 68.57 -55.92
N GLY J 70 -6.46 67.36 -56.32
CA GLY J 70 -5.91 66.74 -57.49
C GLY J 70 -4.67 65.92 -57.24
N GLY J 71 -4.10 65.95 -56.02
CA GLY J 71 -2.96 65.12 -55.71
C GLY J 71 -3.38 63.74 -55.22
N ASN J 72 -2.43 62.82 -55.23
CA ASN J 72 -2.74 61.45 -54.83
C ASN J 72 -2.94 61.33 -53.33
N ALA J 73 -2.31 62.20 -52.56
CA ALA J 73 -2.53 62.23 -51.12
C ALA J 73 -3.65 63.17 -50.72
N TYR J 74 -4.36 63.75 -51.69
CA TYR J 74 -5.47 64.64 -51.37
C TYR J 74 -6.77 63.86 -51.24
N THR J 75 -7.09 63.50 -50.00
CA THR J 75 -8.39 63.35 -49.37
C THR J 75 -8.04 62.84 -47.99
N SER J 76 -8.98 62.82 -47.06
CA SER J 76 -8.69 62.14 -45.80
C SER J 76 -8.47 60.65 -46.03
N ARG J 77 -9.20 60.07 -46.98
CA ARG J 77 -9.04 58.66 -47.30
C ARG J 77 -7.67 58.37 -47.86
N ARG J 78 -7.22 59.16 -48.83
CA ARG J 78 -5.95 58.87 -49.48
C ARG J 78 -4.78 59.25 -48.59
N TYR J 79 -4.93 60.28 -47.76
CA TYR J 79 -3.93 60.55 -46.74
C TYR J 79 -3.82 59.38 -45.77
N ALA J 80 -4.96 58.84 -45.34
CA ALA J 80 -4.92 57.72 -44.42
C ALA J 80 -4.27 56.51 -45.05
N ALA J 81 -4.57 56.24 -46.33
CA ALA J 81 -3.93 55.12 -47.01
C ALA J 81 -2.43 55.34 -47.17
N CYS J 82 -2.01 56.57 -47.42
CA CYS J 82 -0.59 56.86 -47.55
C CYS J 82 0.17 56.64 -46.24
N VAL J 83 -0.35 57.17 -45.13
CA VAL J 83 0.32 56.95 -43.86
C VAL J 83 0.25 55.48 -43.46
N ARG J 84 -0.83 54.80 -43.87
CA ARG J 84 -0.95 53.37 -43.67
C ARG J 84 0.17 52.61 -44.38
N ASP J 85 0.45 52.99 -45.63
CA ASP J 85 1.53 52.35 -46.38
C ASP J 85 2.88 52.61 -45.73
N MET J 86 3.09 53.85 -45.27
CA MET J 86 4.34 54.17 -44.59
C MET J 86 4.51 53.35 -43.32
N GLU J 87 3.41 53.15 -42.58
CA GLU J 87 3.46 52.30 -41.40
C GLU J 87 3.80 50.86 -41.76
N TYR J 88 3.25 50.37 -42.88
CA TYR J 88 3.70 49.07 -43.40
C TYR J 88 5.20 49.03 -43.57
N PHE J 89 5.75 50.02 -44.27
CA PHE J 89 7.18 50.01 -44.55
C PHE J 89 7.99 49.99 -43.27
N LEU J 90 7.60 50.81 -42.29
CA LEU J 90 8.34 50.87 -41.05
C LEU J 90 8.30 49.53 -40.31
N ARG J 91 7.10 48.95 -40.17
CA ARG J 91 6.98 47.72 -39.41
C ARG J 91 7.71 46.57 -40.10
N TYR J 92 7.65 46.50 -41.43
CA TYR J 92 8.31 45.40 -42.11
C TYR J 92 9.82 45.60 -42.17
N ALA J 93 10.28 46.85 -42.18
CA ALA J 93 11.71 47.09 -42.06
C ALA J 93 12.20 46.66 -40.68
N THR J 94 11.40 46.89 -39.64
CA THR J 94 11.76 46.41 -38.32
C THR J 94 11.80 44.88 -38.27
N TYR J 95 10.83 44.23 -38.90
CA TYR J 95 10.85 42.77 -38.99
C TYR J 95 12.13 42.30 -39.67
N ALA J 96 12.48 42.91 -40.79
CA ALA J 96 13.69 42.53 -41.52
C ALA J 96 14.94 42.80 -40.69
N LEU J 97 14.91 43.84 -39.87
CA LEU J 97 16.05 44.15 -39.01
C LEU J 97 16.24 43.07 -37.96
N VAL J 98 15.14 42.61 -37.35
CA VAL J 98 15.26 41.52 -36.37
C VAL J 98 15.71 40.24 -37.07
N ALA J 99 15.08 39.92 -38.20
CA ALA J 99 15.36 38.67 -38.89
C ALA J 99 16.76 38.64 -39.49
N GLY J 100 17.38 39.80 -39.62
CA GLY J 100 18.68 39.87 -40.27
C GLY J 100 18.65 39.62 -41.76
N ASP J 101 17.47 39.53 -42.36
CA ASP J 101 17.35 39.18 -43.77
C ASP J 101 16.19 39.97 -44.36
N THR J 102 16.29 40.28 -45.66
CA THR J 102 15.33 41.12 -46.35
C THR J 102 14.18 40.34 -46.97
N SER J 103 14.12 39.02 -46.76
CA SER J 103 13.12 38.21 -47.46
C SER J 103 11.70 38.67 -47.16
N VAL J 104 11.39 38.88 -45.87
CA VAL J 104 10.03 39.24 -45.47
C VAL J 104 9.58 40.50 -46.20
N ILE J 105 10.50 41.41 -46.46
CA ILE J 105 10.17 42.59 -47.25
C ILE J 105 9.80 42.19 -48.67
N ASP J 106 10.44 41.14 -49.19
CA ASP J 106 10.14 40.71 -50.54
C ASP J 106 8.75 40.10 -50.64
N GLU J 107 8.46 39.06 -49.85
CA GLU J 107 7.18 38.38 -50.08
C GLU J 107 6.02 39.09 -49.39
N ARG J 108 6.29 40.03 -48.49
CA ARG J 108 5.16 40.67 -47.81
C ARG J 108 4.92 42.09 -48.26
N VAL J 109 5.91 42.78 -48.82
CA VAL J 109 5.80 44.18 -49.17
C VAL J 109 5.99 44.42 -50.66
N LEU J 110 7.16 44.06 -51.19
CA LEU J 110 7.53 44.52 -52.51
C LEU J 110 6.94 43.64 -53.60
N ASN J 111 6.44 42.47 -53.24
CA ASN J 111 5.90 41.55 -54.22
C ASN J 111 4.60 42.11 -54.80
N GLY J 112 4.65 42.53 -56.06
CA GLY J 112 3.50 43.09 -56.72
C GLY J 112 3.19 44.53 -56.34
N LEU J 113 4.06 45.18 -55.58
CA LEU J 113 3.75 46.51 -55.10
C LEU J 113 3.82 47.55 -56.21
N LYS J 114 4.80 47.42 -57.12
CA LYS J 114 4.87 48.37 -58.22
C LYS J 114 3.64 48.28 -59.11
N GLU J 115 3.23 47.05 -59.45
CA GLU J 115 2.03 46.88 -60.26
C GLU J 115 0.81 47.45 -59.55
N THR J 116 0.72 47.24 -58.23
CA THR J 116 -0.36 47.82 -57.45
C THR J 116 -0.35 49.33 -57.56
N TYR J 117 0.83 49.95 -57.45
CA TYR J 117 0.92 51.40 -57.47
C TYR J 117 0.62 51.98 -58.85
N MET J 118 1.04 51.30 -59.92
CA MET J 118 0.62 51.77 -61.24
C MET J 118 -0.88 51.63 -61.44
N SER J 119 -1.48 50.52 -60.98
CA SER J 119 -2.91 50.36 -61.13
C SER J 119 -3.68 51.43 -60.36
N LEU J 120 -3.16 51.81 -59.19
CA LEU J 120 -3.85 52.81 -58.36
C LEU J 120 -3.54 54.23 -58.81
N GLY J 121 -2.45 54.42 -59.56
CA GLY J 121 -1.98 55.74 -59.86
C GLY J 121 -1.17 56.39 -58.76
N VAL J 122 -0.51 55.61 -57.91
CA VAL J 122 0.33 56.16 -56.84
C VAL J 122 1.67 56.58 -57.42
N PRO J 123 2.15 57.79 -57.14
CA PRO J 123 3.46 58.23 -57.66
C PRO J 123 4.59 57.50 -56.94
N ILE J 124 5.24 56.57 -57.65
CA ILE J 124 6.29 55.77 -57.03
C ILE J 124 7.49 56.62 -56.59
N PRO J 125 8.01 57.56 -57.37
CA PRO J 125 9.11 58.39 -56.85
C PRO J 125 8.77 59.11 -55.55
N SER J 126 7.53 59.55 -55.38
CA SER J 126 7.13 60.15 -54.12
C SER J 126 7.10 59.12 -52.99
N THR J 127 6.67 57.89 -53.28
CA THR J 127 6.71 56.85 -52.26
C THR J 127 8.15 56.53 -51.86
N VAL J 128 9.06 56.57 -52.83
CA VAL J 128 10.48 56.35 -52.54
C VAL J 128 11.02 57.50 -51.71
N ALA J 129 10.55 58.72 -51.96
CA ALA J 129 10.93 59.85 -51.13
C ALA J 129 10.42 59.69 -49.70
N GLY J 130 9.21 59.16 -49.54
CA GLY J 130 8.72 58.87 -48.20
C GLY J 130 9.54 57.82 -47.49
N VAL J 131 9.94 56.77 -48.22
CA VAL J 131 10.80 55.75 -47.64
C VAL J 131 12.16 56.34 -47.25
N THR J 132 12.70 57.24 -48.06
CA THR J 132 13.96 57.87 -47.73
C THR J 132 13.85 58.78 -46.51
N ALA J 133 12.76 59.53 -46.39
CA ALA J 133 12.57 60.37 -45.21
C ALA J 133 12.43 59.52 -43.96
N MET J 134 11.72 58.39 -44.07
CA MET J 134 11.63 57.45 -42.96
C MET J 134 12.99 56.91 -42.60
N LYS J 135 13.81 56.61 -43.60
CA LYS J 135 15.17 56.14 -43.37
C LYS J 135 15.96 57.17 -42.58
N GLY J 136 15.86 58.44 -42.96
CA GLY J 136 16.58 59.48 -42.24
C GLY J 136 16.14 59.60 -40.79
N VAL J 137 14.83 59.54 -40.55
CA VAL J 137 14.34 59.64 -39.17
C VAL J 137 14.81 58.45 -38.35
N VAL J 138 14.67 57.24 -38.89
CA VAL J 138 15.08 56.06 -38.14
C VAL J 138 16.58 56.07 -37.89
N ALA J 139 17.37 56.50 -38.86
CA ALA J 139 18.81 56.56 -38.65
C ALA J 139 19.15 57.59 -37.59
N SER J 140 18.43 58.71 -37.55
CA SER J 140 18.67 59.70 -36.50
C SER J 140 18.36 59.13 -35.13
N MET J 141 17.44 58.16 -35.06
CA MET J 141 17.07 57.66 -33.74
C MET J 141 17.91 56.47 -33.29
N ILE J 142 18.15 55.50 -34.18
CA ILE J 142 18.81 54.25 -33.79
C ILE J 142 20.19 54.11 -34.42
N GLY J 143 20.58 55.03 -35.28
CA GLY J 143 21.81 54.84 -36.03
C GLY J 143 21.56 54.16 -37.36
N SER J 144 22.65 53.79 -38.01
CA SER J 144 22.62 53.26 -39.36
C SER J 144 22.26 51.78 -39.42
N GLU J 145 21.68 51.22 -38.36
CA GLU J 145 21.51 49.78 -38.28
C GLU J 145 20.41 49.30 -39.22
N ALA J 146 19.43 50.15 -39.52
CA ALA J 146 18.33 49.76 -40.38
C ALA J 146 18.44 50.29 -41.80
N ASN J 147 19.55 50.92 -42.17
CA ASN J 147 19.64 51.60 -43.46
C ASN J 147 19.44 50.65 -44.62
N VAL J 148 20.03 49.46 -44.56
CA VAL J 148 20.02 48.55 -45.71
C VAL J 148 18.60 48.11 -46.04
N TYR J 149 17.75 48.00 -45.02
CA TYR J 149 16.38 47.54 -45.26
C TYR J 149 15.54 48.63 -45.93
N PHE J 150 15.71 49.89 -45.52
CA PHE J 150 15.02 50.98 -46.19
C PHE J 150 15.55 51.16 -47.62
N ASP J 151 16.86 50.99 -47.81
CA ASP J 151 17.39 51.00 -49.17
C ASP J 151 16.82 49.88 -50.00
N HIS J 152 16.62 48.71 -49.40
CA HIS J 152 16.04 47.60 -50.13
C HIS J 152 14.61 47.91 -50.56
N ILE J 153 13.84 48.54 -49.67
CA ILE J 153 12.49 48.95 -50.03
C ILE J 153 12.53 49.95 -51.19
N ALA J 154 13.40 50.94 -51.09
CA ALA J 154 13.47 51.99 -52.10
C ALA J 154 13.88 51.43 -53.46
N LYS J 155 14.81 50.47 -53.47
CA LYS J 155 15.30 49.93 -54.73
C LYS J 155 14.32 48.91 -55.32
N GLY J 156 13.61 48.18 -54.47
CA GLY J 156 12.60 47.27 -54.97
C GLY J 156 11.37 47.99 -55.48
N LEU J 157 11.16 49.23 -55.02
CA LEU J 157 10.07 50.03 -55.58
C LEU J 157 10.49 50.72 -56.87
N SER J 158 11.77 51.07 -57.00
CA SER J 158 12.26 51.74 -58.19
C SER J 158 12.38 50.76 -59.35
N MET K 1 -28.03 7.08 -47.60
CA MET K 1 -29.30 6.44 -47.25
C MET K 1 -29.17 4.94 -47.13
N GLN K 2 -30.29 4.28 -46.85
CA GLN K 2 -30.34 2.85 -46.68
C GLN K 2 -31.50 2.28 -47.51
N ASP K 3 -31.17 1.47 -48.50
CA ASP K 3 -32.19 0.73 -49.23
C ASP K 3 -32.46 -0.60 -48.52
N ALA K 4 -33.27 -1.45 -49.14
CA ALA K 4 -33.60 -2.73 -48.53
C ALA K 4 -32.38 -3.64 -48.41
N ILE K 5 -31.55 -3.67 -49.46
CA ILE K 5 -30.37 -4.54 -49.45
C ILE K 5 -29.40 -4.10 -48.36
N THR K 6 -29.15 -2.79 -48.25
CA THR K 6 -28.25 -2.32 -47.21
C THR K 6 -28.87 -2.49 -45.84
N SER K 7 -30.20 -2.48 -45.75
CA SER K 7 -30.85 -2.77 -44.47
C SER K 7 -30.59 -4.20 -44.03
N VAL K 8 -30.71 -5.15 -44.96
CA VAL K 8 -30.40 -6.54 -44.65
C VAL K 8 -28.91 -6.68 -44.29
N ILE K 9 -28.04 -6.01 -45.03
CA ILE K 9 -26.61 -6.04 -44.77
C ILE K 9 -26.31 -5.51 -43.37
N ASN K 10 -26.96 -4.41 -42.98
CA ASN K 10 -26.72 -3.83 -41.67
C ASN K 10 -27.22 -4.75 -40.57
N THR K 11 -28.39 -5.36 -40.75
CA THR K 11 -28.88 -6.30 -39.74
C THR K 11 -27.91 -7.46 -39.56
N TYR K 12 -27.30 -7.92 -40.65
CA TYR K 12 -26.39 -9.06 -40.52
C TYR K 12 -25.00 -8.62 -40.09
N ASP K 13 -24.67 -7.34 -40.24
CA ASP K 13 -23.34 -6.87 -39.86
C ASP K 13 -23.29 -6.53 -38.38
N VAL K 14 -24.39 -6.00 -37.83
CA VAL K 14 -24.43 -5.78 -36.39
C VAL K 14 -24.32 -7.10 -35.65
N GLN K 15 -24.96 -8.15 -36.17
CA GLN K 15 -24.87 -9.46 -35.57
C GLN K 15 -23.61 -10.22 -35.96
N GLY K 16 -22.82 -9.67 -36.88
CA GLY K 16 -21.56 -10.28 -37.30
C GLY K 16 -21.70 -11.63 -37.97
N LYS K 17 -22.71 -11.81 -38.80
CA LYS K 17 -22.95 -13.09 -39.45
C LYS K 17 -22.94 -12.95 -40.96
N TYR K 18 -22.46 -14.01 -41.61
CA TYR K 18 -22.66 -14.16 -43.04
C TYR K 18 -24.14 -14.37 -43.32
N PHE K 19 -24.51 -14.20 -44.59
CA PHE K 19 -25.91 -14.27 -44.97
C PHE K 19 -26.48 -15.68 -44.79
N ASP K 20 -27.58 -15.76 -44.07
CA ASP K 20 -28.29 -17.00 -43.85
C ASP K 20 -29.24 -17.28 -45.02
N THR K 21 -30.06 -18.31 -44.89
CA THR K 21 -31.05 -18.61 -45.92
C THR K 21 -32.14 -17.55 -45.96
N SER K 22 -32.59 -17.07 -44.80
CA SER K 22 -33.65 -16.06 -44.77
C SER K 22 -33.16 -14.73 -45.34
N ALA K 23 -31.88 -14.42 -45.16
CA ALA K 23 -31.34 -13.21 -45.76
C ALA K 23 -31.38 -13.31 -47.28
N PHE K 24 -31.01 -14.46 -47.84
CA PHE K 24 -31.11 -14.64 -49.28
C PHE K 24 -32.55 -14.61 -49.75
N ASP K 25 -33.47 -15.09 -48.92
CA ASP K 25 -34.89 -14.97 -49.27
C ASP K 25 -35.31 -13.51 -49.36
N LYS K 26 -34.90 -12.68 -48.40
CA LYS K 26 -35.25 -11.27 -48.43
C LYS K 26 -34.62 -10.58 -49.64
N LEU K 27 -33.37 -10.92 -49.96
CA LEU K 27 -32.70 -10.33 -51.10
C LEU K 27 -33.35 -10.74 -52.41
N LYS K 28 -33.75 -12.01 -52.53
CA LYS K 28 -34.47 -12.44 -53.73
C LYS K 28 -35.80 -11.75 -53.84
N ALA K 29 -36.48 -11.55 -52.71
CA ALA K 29 -37.75 -10.86 -52.72
C ALA K 29 -37.59 -9.42 -53.21
N TYR K 30 -36.53 -8.74 -52.77
CA TYR K 30 -36.29 -7.40 -53.27
C TYR K 30 -36.00 -7.40 -54.77
N TYR K 31 -35.12 -8.30 -55.22
CA TYR K 31 -34.79 -8.35 -56.64
C TYR K 31 -36.01 -8.71 -57.49
N ALA K 32 -36.95 -9.47 -56.92
CA ALA K 32 -38.12 -9.88 -57.67
C ALA K 32 -39.03 -8.69 -58.00
N THR K 33 -38.99 -7.66 -57.17
CA THR K 33 -39.82 -6.49 -57.38
C THR K 33 -39.06 -5.32 -57.99
N GLY K 34 -37.82 -5.53 -58.44
CA GLY K 34 -37.04 -4.42 -58.95
C GLY K 34 -37.61 -3.82 -60.22
N GLU K 35 -38.00 -4.67 -61.16
CA GLU K 35 -38.55 -4.19 -62.42
C GLU K 35 -39.87 -3.46 -62.21
N LEU K 36 -40.71 -3.95 -61.31
CA LEU K 36 -41.97 -3.28 -61.00
C LEU K 36 -41.71 -1.89 -60.43
N ARG K 37 -40.76 -1.79 -59.49
CA ARG K 37 -40.44 -0.51 -58.91
C ARG K 37 -39.88 0.44 -59.95
N VAL K 38 -39.02 -0.05 -60.83
CA VAL K 38 -38.44 0.80 -61.86
C VAL K 38 -39.51 1.31 -62.81
N ARG K 39 -40.43 0.44 -63.21
CA ARG K 39 -41.54 0.86 -64.06
C ARG K 39 -42.39 1.92 -63.38
N ALA K 40 -42.72 1.70 -62.10
CA ALA K 40 -43.50 2.67 -61.36
C ALA K 40 -42.79 4.02 -61.26
N ALA K 41 -41.49 4.00 -60.99
CA ALA K 41 -40.74 5.25 -60.90
C ALA K 41 -40.71 5.97 -62.22
N GLY K 42 -40.50 5.25 -63.32
CA GLY K 42 -40.55 5.89 -64.63
C GLY K 42 -41.90 6.50 -64.91
N THR K 43 -42.97 5.80 -64.57
CA THR K 43 -44.31 6.33 -64.79
C THR K 43 -44.54 7.59 -63.95
N ILE K 44 -44.16 7.55 -62.67
CA ILE K 44 -44.39 8.69 -61.78
C ILE K 44 -43.57 9.89 -62.25
N SER K 45 -42.34 9.63 -62.72
CA SER K 45 -41.52 10.70 -63.27
C SER K 45 -42.18 11.32 -64.49
N ALA K 46 -42.78 10.50 -65.35
CA ALA K 46 -43.41 11.05 -66.55
C ALA K 46 -44.58 11.97 -66.21
N ASN K 47 -45.32 11.66 -65.14
CA ASN K 47 -46.55 12.38 -64.83
C ASN K 47 -46.49 13.13 -63.51
N ALA K 48 -45.31 13.55 -63.07
CA ALA K 48 -45.19 14.17 -61.75
C ALA K 48 -46.00 15.46 -61.67
N ALA K 49 -45.91 16.29 -62.71
CA ALA K 49 -46.64 17.55 -62.70
C ALA K 49 -48.14 17.33 -62.69
N THR K 50 -48.61 16.36 -63.47
CA THR K 50 -50.03 16.05 -63.48
C THR K 50 -50.51 15.53 -62.13
N ILE K 51 -49.72 14.67 -61.50
CA ILE K 51 -50.06 14.16 -60.18
C ILE K 51 -50.19 15.30 -59.19
N ILE K 52 -49.22 16.21 -59.19
CA ILE K 52 -49.26 17.32 -58.24
C ILE K 52 -50.45 18.21 -58.51
N LYS K 53 -50.73 18.51 -59.78
CA LYS K 53 -51.86 19.35 -60.12
C LYS K 53 -53.17 18.75 -59.64
N GLU K 54 -53.40 17.47 -59.94
CA GLU K 54 -54.64 16.83 -59.54
C GLU K 54 -54.77 16.74 -58.02
N ALA K 55 -53.68 16.38 -57.33
CA ALA K 55 -53.76 16.21 -55.88
C ALA K 55 -53.92 17.55 -55.16
N SER K 56 -53.26 18.60 -55.65
CA SER K 56 -53.45 19.92 -55.07
C SER K 56 -54.87 20.42 -55.31
N ALA K 57 -55.42 20.16 -56.50
CA ALA K 57 -56.81 20.50 -56.73
C ALA K 57 -57.72 19.77 -55.74
N LYS K 58 -57.48 18.47 -55.54
CA LYS K 58 -58.32 17.71 -54.60
C LYS K 58 -58.20 18.25 -53.19
N LEU K 59 -56.97 18.52 -52.73
CA LEU K 59 -56.77 19.03 -51.38
C LEU K 59 -57.49 20.35 -51.18
N PHE K 60 -57.33 21.28 -52.11
CA PHE K 60 -57.91 22.60 -51.91
C PHE K 60 -59.42 22.58 -52.11
N SER K 61 -59.92 21.67 -52.95
CA SER K 61 -61.37 21.52 -53.09
C SER K 61 -61.99 21.00 -51.80
N ASN K 62 -61.32 20.07 -51.12
CA ASN K 62 -61.90 19.54 -49.89
C ASN K 62 -61.80 20.55 -48.74
N GLN K 63 -60.77 21.39 -48.75
CA GLN K 63 -60.53 22.38 -47.68
C GLN K 63 -60.35 23.75 -48.31
N PRO K 64 -61.45 24.38 -48.73
CA PRO K 64 -61.31 25.63 -49.50
C PRO K 64 -60.73 26.79 -48.72
N ASP K 65 -60.75 26.74 -47.38
CA ASP K 65 -60.29 27.86 -46.58
C ASP K 65 -58.78 28.01 -46.63
N LEU K 66 -58.06 26.97 -47.03
CA LEU K 66 -56.61 27.03 -47.10
C LEU K 66 -56.15 28.12 -48.06
N VAL K 67 -56.88 28.30 -49.17
CA VAL K 67 -56.46 29.25 -50.19
C VAL K 67 -57.17 30.59 -50.09
N ARG K 68 -58.29 30.67 -49.36
CA ARG K 68 -58.91 31.98 -49.18
C ARG K 68 -58.15 32.81 -48.16
N PRO K 69 -58.36 34.13 -48.15
CA PRO K 69 -57.62 35.00 -47.22
C PRO K 69 -57.71 34.53 -45.79
N GLY K 70 -56.56 34.38 -45.16
CA GLY K 70 -56.47 33.84 -43.83
C GLY K 70 -56.06 32.39 -43.75
N GLY K 71 -56.06 31.67 -44.86
CA GLY K 71 -55.56 30.32 -44.87
C GLY K 71 -54.05 30.27 -45.00
N ASN K 72 -53.47 29.15 -44.59
CA ASN K 72 -52.02 29.02 -44.66
C ASN K 72 -51.53 28.84 -46.10
N ALA K 73 -52.43 28.66 -47.05
CA ALA K 73 -52.03 28.67 -48.45
C ALA K 73 -52.50 29.93 -49.17
N TYR K 74 -52.89 30.97 -48.44
CA TYR K 74 -53.27 32.22 -49.08
C TYR K 74 -52.10 33.18 -49.11
N THR K 75 -51.36 33.11 -50.22
CA THR K 75 -50.57 34.13 -50.90
C THR K 75 -49.94 33.36 -52.05
N THR K 76 -49.43 34.04 -53.07
CA THR K 76 -48.76 33.30 -54.13
C THR K 76 -47.53 32.58 -53.60
N ARG K 77 -46.79 33.20 -52.68
CA ARG K 77 -45.63 32.52 -52.12
C ARG K 77 -46.06 31.31 -51.29
N ARG K 78 -47.17 31.41 -50.58
CA ARG K 78 -47.59 30.28 -49.75
C ARG K 78 -48.21 29.18 -50.57
N TYR K 79 -48.97 29.53 -51.61
CA TYR K 79 -49.44 28.50 -52.54
C TYR K 79 -48.28 27.80 -53.21
N ALA K 80 -47.29 28.56 -53.67
CA ALA K 80 -46.13 27.98 -54.32
C ALA K 80 -45.37 27.08 -53.36
N ALA K 81 -45.22 27.51 -52.10
CA ALA K 81 -44.53 26.68 -51.12
C ALA K 81 -45.30 25.40 -50.84
N CYS K 82 -46.64 25.48 -50.81
CA CYS K 82 -47.43 24.27 -50.59
C CYS K 82 -47.27 23.27 -51.74
N VAL K 83 -47.42 23.74 -52.99
CA VAL K 83 -47.28 22.82 -54.11
C VAL K 83 -45.85 22.31 -54.21
N ARG K 84 -44.88 23.14 -53.81
CA ARG K 84 -43.49 22.69 -53.75
C ARG K 84 -43.31 21.58 -52.72
N ASP K 85 -43.97 21.70 -51.57
CA ASP K 85 -43.93 20.64 -50.58
C ASP K 85 -44.53 19.35 -51.11
N MET K 86 -45.66 19.45 -51.81
CA MET K 86 -46.27 18.27 -52.40
C MET K 86 -45.34 17.61 -53.42
N ASP K 87 -44.68 18.43 -54.23
CA ASP K 87 -43.68 17.93 -55.16
C ASP K 87 -42.55 17.19 -54.43
N TYR K 88 -42.07 17.76 -53.32
CA TYR K 88 -41.05 17.08 -52.53
C TYR K 88 -41.55 15.74 -52.04
N PHE K 89 -42.76 15.71 -51.48
CA PHE K 89 -43.29 14.47 -50.93
C PHE K 89 -43.36 13.39 -52.00
N LEU K 90 -43.82 13.76 -53.19
CA LEU K 90 -43.93 12.78 -54.25
C LEU K 90 -42.55 12.30 -54.70
N ARG K 91 -41.60 13.22 -54.88
CA ARG K 91 -40.28 12.81 -55.34
C ARG K 91 -39.59 11.89 -54.33
N TYR K 92 -39.70 12.21 -53.04
CA TYR K 92 -39.03 11.39 -52.04
C TYR K 92 -39.77 10.09 -51.79
N ALA K 93 -41.08 10.06 -51.99
CA ALA K 93 -41.80 8.80 -51.92
C ALA K 93 -41.44 7.90 -53.08
N THR K 94 -41.21 8.49 -54.26
CA THR K 94 -40.70 7.70 -55.38
C THR K 94 -39.30 7.16 -55.08
N TYR K 95 -38.45 7.99 -54.47
CA TYR K 95 -37.13 7.50 -54.06
C TYR K 95 -37.24 6.33 -53.10
N ALA K 96 -38.09 6.46 -52.08
CA ALA K 96 -38.25 5.40 -51.09
C ALA K 96 -38.80 4.13 -51.72
N MET K 97 -39.76 4.27 -52.62
CA MET K 97 -40.26 3.10 -53.33
C MET K 97 -39.16 2.42 -54.12
N LEU K 98 -38.36 3.18 -54.86
CA LEU K 98 -37.24 2.57 -55.59
C LEU K 98 -36.28 1.87 -54.65
N ALA K 99 -36.02 2.46 -53.48
CA ALA K 99 -35.09 1.87 -52.53
C ALA K 99 -35.71 0.68 -51.80
N GLY K 100 -37.03 0.61 -51.75
CA GLY K 100 -37.69 -0.40 -50.97
C GLY K 100 -37.54 -0.21 -49.47
N ASP K 101 -37.32 1.01 -49.02
CA ASP K 101 -37.01 1.28 -47.62
C ASP K 101 -37.37 2.72 -47.31
N THR K 102 -37.90 2.94 -46.10
CA THR K 102 -38.36 4.26 -45.68
C THR K 102 -37.26 5.09 -45.03
N SER K 103 -36.01 4.63 -45.07
CA SER K 103 -34.94 5.32 -44.37
C SER K 103 -34.72 6.73 -44.88
N ILE K 104 -34.77 6.91 -46.21
CA ILE K 104 -34.51 8.22 -46.78
C ILE K 104 -35.60 9.22 -46.37
N LEU K 105 -36.83 8.74 -46.23
CA LEU K 105 -37.90 9.60 -45.74
C LEU K 105 -37.62 10.11 -44.34
N ASP K 106 -37.08 9.24 -43.48
CA ASP K 106 -36.69 9.66 -42.15
C ASP K 106 -35.57 10.70 -42.21
N GLU K 107 -34.48 10.39 -42.90
CA GLU K 107 -33.29 11.21 -42.76
C GLU K 107 -33.46 12.55 -43.47
N ARG K 108 -34.20 12.60 -44.57
CA ARG K 108 -34.26 13.83 -45.35
C ARG K 108 -35.62 14.47 -45.46
N VAL K 109 -36.67 13.84 -44.93
CA VAL K 109 -38.00 14.45 -45.03
C VAL K 109 -38.59 14.63 -43.65
N LEU K 110 -38.66 13.54 -42.89
CA LEU K 110 -39.49 13.54 -41.69
C LEU K 110 -38.76 14.12 -40.49
N ASN K 111 -37.44 14.05 -40.47
CA ASN K 111 -36.68 14.52 -39.32
C ASN K 111 -36.76 16.03 -39.22
N GLY K 112 -37.54 16.52 -38.26
CA GLY K 112 -37.71 17.94 -38.05
C GLY K 112 -38.85 18.56 -38.82
N LEU K 113 -39.57 17.80 -39.64
CA LEU K 113 -40.63 18.38 -40.44
C LEU K 113 -41.81 18.78 -39.57
N LYS K 114 -42.18 17.95 -38.60
CA LYS K 114 -43.33 18.27 -37.77
C LYS K 114 -43.08 19.52 -36.91
N GLU K 115 -41.88 19.65 -36.36
CA GLU K 115 -41.55 20.86 -35.61
C GLU K 115 -41.44 22.07 -36.53
N THR K 116 -40.96 21.86 -37.75
CA THR K 116 -40.92 22.95 -38.72
C THR K 116 -42.33 23.46 -39.02
N TYR K 117 -43.24 22.55 -39.33
CA TYR K 117 -44.60 22.92 -39.65
C TYR K 117 -45.29 23.54 -38.44
N ASN K 118 -45.01 23.04 -37.24
CA ASN K 118 -45.54 23.64 -36.03
C ASN K 118 -45.06 25.07 -35.87
N SER K 119 -43.76 25.32 -36.11
CA SER K 119 -43.22 26.64 -35.89
C SER K 119 -43.67 27.62 -36.97
N LEU K 120 -43.97 27.12 -38.17
CA LEU K 120 -44.45 27.98 -39.24
C LEU K 120 -45.97 28.16 -39.23
N GLY K 121 -46.70 27.41 -38.41
CA GLY K 121 -48.14 27.44 -38.49
C GLY K 121 -48.73 26.70 -39.67
N VAL K 122 -48.02 25.73 -40.22
CA VAL K 122 -48.55 24.91 -41.31
C VAL K 122 -49.52 23.89 -40.75
N PRO K 123 -50.77 23.83 -41.23
CA PRO K 123 -51.72 22.84 -40.71
C PRO K 123 -51.30 21.43 -41.09
N ILE K 124 -50.95 20.63 -40.08
CA ILE K 124 -50.40 19.30 -40.32
C ILE K 124 -51.48 18.36 -40.85
N SER K 125 -52.71 18.47 -40.33
CA SER K 125 -53.78 17.61 -40.81
C SER K 125 -54.07 17.85 -42.28
N SER K 126 -54.04 19.11 -42.70
CA SER K 126 -54.23 19.42 -44.11
C SER K 126 -53.09 18.85 -44.96
N THR K 127 -51.87 18.88 -44.45
CA THR K 127 -50.74 18.29 -45.16
C THR K 127 -50.90 16.79 -45.31
N VAL K 128 -51.41 16.13 -44.25
CA VAL K 128 -51.70 14.71 -44.34
C VAL K 128 -52.77 14.45 -45.39
N GLN K 129 -53.77 15.31 -45.46
CA GLN K 129 -54.80 15.17 -46.49
C GLN K 129 -54.21 15.34 -47.89
N GLY K 130 -53.29 16.28 -48.06
CA GLY K 130 -52.63 16.42 -49.34
C GLY K 130 -51.84 15.19 -49.73
N ILE K 131 -51.15 14.60 -48.76
CA ILE K 131 -50.41 13.37 -49.03
C ILE K 131 -51.37 12.23 -49.40
N GLN K 132 -52.54 12.20 -48.77
CA GLN K 132 -53.53 11.18 -49.12
C GLN K 132 -54.05 11.37 -50.53
N ALA K 133 -54.30 12.63 -50.92
CA ALA K 133 -54.72 12.92 -52.28
C ALA K 133 -53.67 12.49 -53.29
N MET K 134 -52.40 12.76 -52.99
CA MET K 134 -51.33 12.29 -53.86
C MET K 134 -51.31 10.77 -53.94
N LYS K 135 -51.55 10.10 -52.81
CA LYS K 135 -51.57 8.64 -52.82
C LYS K 135 -52.64 8.12 -53.76
N GLU K 136 -53.86 8.68 -53.68
CA GLU K 136 -54.93 8.20 -54.55
C GLU K 136 -54.60 8.44 -56.02
N VAL K 137 -54.17 9.66 -56.35
CA VAL K 137 -53.87 9.97 -57.75
C VAL K 137 -52.73 9.09 -58.27
N THR K 138 -51.65 8.98 -57.50
CA THR K 138 -50.51 8.20 -57.94
C THR K 138 -50.86 6.73 -58.11
N GLY K 139 -51.65 6.18 -57.20
CA GLY K 139 -52.03 4.79 -57.30
C GLY K 139 -52.88 4.51 -58.53
N SER K 140 -53.88 5.37 -58.78
CA SER K 140 -54.67 5.22 -59.99
C SER K 140 -53.78 5.32 -61.22
N LEU K 141 -52.74 6.15 -61.16
CA LEU K 141 -51.85 6.29 -62.30
C LEU K 141 -51.03 5.02 -62.55
N VAL K 142 -50.43 4.46 -61.49
CA VAL K 142 -49.43 3.41 -61.68
C VAL K 142 -49.99 2.01 -61.62
N GLY K 143 -51.27 1.83 -61.28
CA GLY K 143 -51.85 0.51 -61.31
C GLY K 143 -51.78 -0.21 -59.98
N SER K 144 -52.29 -1.43 -59.95
CA SER K 144 -52.59 -2.10 -58.69
C SER K 144 -51.34 -2.39 -57.86
N GLY K 145 -50.35 -3.05 -58.44
CA GLY K 145 -49.19 -3.45 -57.66
C GLY K 145 -48.32 -2.27 -57.28
N ALA K 146 -48.06 -1.39 -58.24
CA ALA K 146 -47.27 -0.20 -57.95
C ALA K 146 -47.99 0.72 -56.98
N ALA K 147 -49.32 0.67 -56.96
CA ALA K 147 -50.09 1.43 -55.98
C ALA K 147 -49.95 0.83 -54.60
N LYS K 148 -50.06 -0.50 -54.51
CA LYS K 148 -49.85 -1.19 -53.26
C LYS K 148 -48.46 -0.88 -52.69
N GLU K 149 -47.48 -0.66 -53.57
CA GLU K 149 -46.15 -0.37 -53.08
C GLU K 149 -45.98 1.11 -52.72
N MET K 150 -46.46 2.03 -53.56
CA MET K 150 -46.32 3.45 -53.28
C MET K 150 -47.10 3.85 -52.04
N GLY K 151 -48.20 3.15 -51.77
CA GLY K 151 -49.01 3.48 -50.62
C GLY K 151 -48.27 3.29 -49.31
N VAL K 152 -47.33 2.35 -49.28
CA VAL K 152 -46.52 2.14 -48.08
C VAL K 152 -45.77 3.41 -47.71
N TYR K 153 -45.11 4.04 -48.68
CA TYR K 153 -44.28 5.20 -48.36
C TYR K 153 -45.14 6.45 -48.21
N PHE K 154 -46.26 6.54 -48.93
CA PHE K 154 -47.21 7.61 -48.65
C PHE K 154 -47.73 7.52 -47.21
N ASP K 155 -48.09 6.31 -46.77
CA ASP K 155 -48.60 6.12 -45.43
C ASP K 155 -47.50 6.35 -44.39
N TYR K 156 -46.24 6.08 -44.78
CA TYR K 156 -45.14 6.38 -43.88
C TYR K 156 -45.01 7.87 -43.66
N LEU K 157 -45.09 8.66 -44.73
CA LEU K 157 -45.07 10.11 -44.58
C LEU K 157 -46.26 10.58 -43.75
N SER K 158 -47.44 10.02 -44.00
CA SER K 158 -48.64 10.41 -43.26
C SER K 158 -48.49 10.12 -41.77
N SER K 159 -47.99 8.94 -41.43
CA SER K 159 -47.84 8.59 -40.02
C SER K 159 -46.76 9.42 -39.36
N GLY K 160 -45.67 9.72 -40.09
CA GLY K 160 -44.64 10.57 -39.52
C GLY K 160 -45.13 11.96 -39.23
N LEU K 161 -45.98 12.50 -40.10
CA LEU K 161 -46.55 13.82 -39.82
C LEU K 161 -47.63 13.74 -38.76
N SER K 162 -48.48 12.72 -38.82
CA SER K 162 -49.54 12.57 -37.83
C SER K 162 -48.94 12.22 -36.47
N MET L 1 -9.24 30.23 -22.28
CA MET L 1 -8.83 29.33 -21.20
C MET L 1 -8.10 30.07 -20.09
N GLN L 2 -7.91 29.37 -18.98
CA GLN L 2 -7.32 29.92 -17.78
C GLN L 2 -6.21 28.99 -17.30
N ASP L 3 -5.01 29.53 -17.12
CA ASP L 3 -3.96 28.79 -16.46
C ASP L 3 -3.85 29.28 -15.02
N ALA L 4 -2.91 28.72 -14.27
CA ALA L 4 -2.80 29.06 -12.86
C ALA L 4 -2.42 30.52 -12.66
N ILE L 5 -1.48 31.02 -13.46
CA ILE L 5 -1.05 32.41 -13.35
C ILE L 5 -2.21 33.35 -13.65
N THR L 6 -2.91 33.12 -14.75
CA THR L 6 -4.02 33.99 -15.09
C THR L 6 -5.19 33.76 -14.13
N SER L 7 -5.23 32.62 -13.47
CA SER L 7 -6.23 32.42 -12.42
C SER L 7 -5.98 33.34 -11.24
N VAL L 8 -4.73 33.41 -10.79
CA VAL L 8 -4.38 34.39 -9.75
C VAL L 8 -4.66 35.81 -10.23
N ILE L 9 -4.27 36.11 -11.47
CA ILE L 9 -4.48 37.43 -12.03
C ILE L 9 -5.96 37.79 -12.04
N ASN L 10 -6.82 36.85 -12.43
CA ASN L 10 -8.24 37.13 -12.48
C ASN L 10 -8.82 37.35 -11.10
N THR L 11 -8.43 36.54 -10.12
CA THR L 11 -8.92 36.79 -8.77
C THR L 11 -8.55 38.19 -8.32
N TYR L 12 -7.29 38.59 -8.53
CA TYR L 12 -6.83 39.87 -7.99
C TYR L 12 -7.39 41.04 -8.79
N ASP L 13 -7.60 40.85 -10.09
CA ASP L 13 -8.23 41.88 -10.90
C ASP L 13 -9.67 42.09 -10.48
N VAL L 14 -10.43 41.01 -10.31
CA VAL L 14 -11.82 41.12 -9.93
C VAL L 14 -11.93 41.82 -8.58
N GLN L 15 -11.10 41.45 -7.62
CA GLN L 15 -11.09 42.18 -6.38
C GLN L 15 -10.28 43.47 -6.46
N GLY L 16 -9.66 43.74 -7.60
CA GLY L 16 -9.07 45.04 -7.87
C GLY L 16 -7.80 45.35 -7.12
N LYS L 17 -7.08 44.35 -6.65
CA LYS L 17 -5.90 44.59 -5.84
C LYS L 17 -4.62 44.20 -6.57
N TYR L 18 -3.55 44.89 -6.22
CA TYR L 18 -2.21 44.44 -6.57
C TYR L 18 -1.91 43.11 -5.90
N PHE L 19 -0.87 42.44 -6.39
CA PHE L 19 -0.46 41.19 -5.78
C PHE L 19 0.09 41.43 -4.38
N ASP L 20 -0.24 40.53 -3.48
CA ASP L 20 0.27 40.54 -2.12
C ASP L 20 1.12 39.29 -1.91
N THR L 21 1.51 39.06 -0.65
CA THR L 21 2.37 37.92 -0.35
C THR L 21 1.72 36.60 -0.76
N SER L 22 0.40 36.47 -0.57
CA SER L 22 -0.27 35.22 -0.88
C SER L 22 -0.29 34.94 -2.38
N ALA L 23 -0.60 35.96 -3.18
CA ALA L 23 -0.53 35.82 -4.63
C ALA L 23 0.86 35.42 -5.07
N PHE L 24 1.87 36.03 -4.45
CA PHE L 24 3.24 35.73 -4.82
C PHE L 24 3.63 34.32 -4.42
N ASP L 25 3.06 33.80 -3.33
CA ASP L 25 3.29 32.40 -2.99
C ASP L 25 2.66 31.47 -4.02
N LYS L 26 1.44 31.77 -4.46
CA LYS L 26 0.82 30.95 -5.49
C LYS L 26 1.63 30.97 -6.78
N LEU L 27 2.15 32.15 -7.14
CA LEU L 27 2.91 32.27 -8.38
C LEU L 27 4.27 31.59 -8.26
N LYS L 28 4.93 31.71 -7.11
CA LYS L 28 6.17 30.98 -6.87
C LYS L 28 5.92 29.47 -6.93
N ALA L 29 4.79 29.02 -6.36
CA ALA L 29 4.47 27.61 -6.39
C ALA L 29 4.26 27.12 -7.81
N TYR L 30 3.59 27.91 -8.65
CA TYR L 30 3.46 27.51 -10.04
C TYR L 30 4.80 27.47 -10.75
N TYR L 31 5.61 28.52 -10.60
CA TYR L 31 6.89 28.57 -11.30
C TYR L 31 7.81 27.43 -10.87
N ALA L 32 7.72 27.02 -9.60
CA ALA L 32 8.61 25.99 -9.08
C ALA L 32 8.31 24.63 -9.72
N THR L 33 7.04 24.35 -10.01
CA THR L 33 6.65 23.11 -10.66
C THR L 33 6.75 23.18 -12.17
N GLY L 34 7.24 24.29 -12.72
CA GLY L 34 7.18 24.48 -14.16
C GLY L 34 8.04 23.51 -14.94
N GLU L 35 9.27 23.27 -14.46
CA GLU L 35 10.18 22.38 -15.18
C GLU L 35 9.66 20.95 -15.21
N LEU L 36 9.08 20.49 -14.10
CA LEU L 36 8.48 19.16 -14.08
C LEU L 36 7.34 19.05 -15.08
N ARG L 37 6.50 20.07 -15.17
CA ARG L 37 5.40 20.06 -16.12
C ARG L 37 5.90 20.04 -17.55
N VAL L 38 6.91 20.86 -17.86
CA VAL L 38 7.43 20.90 -19.22
C VAL L 38 8.05 19.57 -19.58
N ARG L 39 8.78 18.95 -18.64
CA ARG L 39 9.38 17.65 -18.88
C ARG L 39 8.30 16.59 -19.13
N ALA L 40 7.26 16.57 -18.29
CA ALA L 40 6.19 15.61 -18.48
C ALA L 40 5.48 15.80 -19.80
N ALA L 41 5.23 17.06 -20.19
CA ALA L 41 4.58 17.32 -21.46
C ALA L 41 5.44 16.86 -22.63
N GLY L 42 6.75 17.10 -22.57
CA GLY L 42 7.62 16.61 -23.63
C GLY L 42 7.64 15.10 -23.70
N THR L 43 7.67 14.44 -22.54
CA THR L 43 7.66 12.98 -22.51
C THR L 43 6.36 12.42 -23.06
N ILE L 44 5.22 13.01 -22.68
CA ILE L 44 3.93 12.52 -23.18
C ILE L 44 3.81 12.77 -24.67
N SER L 45 4.24 13.94 -25.13
CA SER L 45 4.20 14.24 -26.56
C SER L 45 5.06 13.28 -27.36
N ALA L 46 6.23 12.91 -26.83
CA ALA L 46 7.08 11.97 -27.53
C ALA L 46 6.49 10.56 -27.54
N ASN L 47 5.64 10.24 -26.57
CA ASN L 47 5.15 8.88 -26.37
C ASN L 47 3.66 8.75 -26.60
N ALA L 48 2.99 9.77 -27.14
CA ALA L 48 1.53 9.79 -27.13
C ALA L 48 0.95 8.61 -27.89
N ALA L 49 1.52 8.29 -29.05
CA ALA L 49 1.02 7.16 -29.83
C ALA L 49 1.17 5.85 -29.07
N THR L 50 2.31 5.65 -28.41
CA THR L 50 2.52 4.45 -27.62
C THR L 50 1.54 4.37 -26.45
N ILE L 51 1.31 5.50 -25.79
CA ILE L 51 0.35 5.53 -24.68
C ILE L 51 -1.03 5.13 -25.17
N ILE L 52 -1.43 5.64 -26.34
CA ILE L 52 -2.76 5.33 -26.86
C ILE L 52 -2.84 3.86 -27.28
N LYS L 53 -1.79 3.33 -27.90
CA LYS L 53 -1.79 1.90 -28.25
C LYS L 53 -1.97 1.04 -27.01
N GLU L 54 -1.16 1.28 -25.98
CA GLU L 54 -1.25 0.46 -24.78
C GLU L 54 -2.60 0.59 -24.10
N ALA L 55 -3.10 1.82 -23.99
CA ALA L 55 -4.34 2.03 -23.26
C ALA L 55 -5.53 1.44 -24.00
N SER L 56 -5.60 1.63 -25.33
CA SER L 56 -6.66 1.02 -26.10
C SER L 56 -6.60 -0.49 -26.06
N ALA L 57 -5.39 -1.06 -26.09
CA ALA L 57 -5.26 -2.51 -26.00
C ALA L 57 -5.75 -3.02 -24.65
N LYS L 58 -5.38 -2.34 -23.56
CA LYS L 58 -5.86 -2.78 -22.26
C LYS L 58 -7.37 -2.63 -22.14
N LEU L 59 -7.93 -1.54 -22.67
CA LEU L 59 -9.37 -1.35 -22.61
C LEU L 59 -10.12 -2.42 -23.39
N PHE L 60 -9.65 -2.75 -24.60
CA PHE L 60 -10.36 -3.70 -25.42
C PHE L 60 -10.08 -5.13 -24.97
N SER L 61 -9.01 -5.35 -24.22
CA SER L 61 -8.84 -6.64 -23.57
C SER L 61 -9.79 -6.79 -22.40
N ASN L 62 -9.98 -5.72 -21.63
CA ASN L 62 -10.85 -5.78 -20.46
C ASN L 62 -12.31 -5.83 -20.88
N GLN L 63 -12.65 -5.26 -22.04
CA GLN L 63 -14.02 -5.25 -22.55
C GLN L 63 -14.02 -5.66 -24.02
N PRO L 64 -13.84 -6.95 -24.31
CA PRO L 64 -13.73 -7.37 -25.70
C PRO L 64 -14.99 -7.12 -26.52
N ASP L 65 -16.13 -6.94 -25.86
CA ASP L 65 -17.39 -6.74 -26.59
C ASP L 65 -17.42 -5.41 -27.34
N LEU L 66 -16.56 -4.46 -26.98
CA LEU L 66 -16.57 -3.16 -27.66
C LEU L 66 -16.17 -3.30 -29.12
N VAL L 67 -15.17 -4.12 -29.42
CA VAL L 67 -14.64 -4.18 -30.79
C VAL L 67 -15.19 -5.36 -31.58
N ARG L 68 -15.87 -6.29 -30.95
CA ARG L 68 -16.58 -7.33 -31.68
C ARG L 68 -17.89 -6.77 -32.23
N PRO L 69 -18.49 -7.45 -33.22
CA PRO L 69 -19.72 -6.93 -33.83
C PRO L 69 -20.82 -6.70 -32.80
N GLY L 70 -21.56 -5.62 -32.99
CA GLY L 70 -22.53 -5.17 -32.03
C GLY L 70 -21.98 -4.23 -30.99
N GLY L 71 -20.66 -4.01 -30.96
CA GLY L 71 -20.05 -3.08 -30.05
C GLY L 71 -19.95 -1.70 -30.66
N ASN L 72 -19.86 -0.70 -29.79
CA ASN L 72 -19.80 0.68 -30.26
C ASN L 72 -18.49 0.95 -30.99
N ALA L 73 -17.44 0.20 -30.68
CA ALA L 73 -16.16 0.34 -31.37
C ALA L 73 -15.99 -0.65 -32.51
N TYR L 74 -17.08 -1.27 -32.98
CA TYR L 74 -16.99 -2.18 -34.10
C TYR L 74 -17.32 -1.46 -35.40
N THR L 75 -16.27 -0.99 -36.06
CA THR L 75 -16.05 -0.83 -37.50
C THR L 75 -14.68 -0.18 -37.57
N THR L 76 -14.05 -0.13 -38.73
CA THR L 76 -12.82 0.64 -38.81
C THR L 76 -13.07 2.11 -38.48
N ARG L 77 -14.24 2.62 -38.87
CA ARG L 77 -14.56 4.02 -38.58
C ARG L 77 -14.77 4.24 -37.09
N ARG L 78 -15.52 3.34 -36.44
CA ARG L 78 -15.81 3.54 -35.02
C ARG L 78 -14.62 3.20 -34.14
N TYR L 79 -13.79 2.25 -34.57
CA TYR L 79 -12.53 2.04 -33.86
C TYR L 79 -11.61 3.24 -34.00
N ALA L 80 -11.53 3.81 -35.20
CA ALA L 80 -10.70 4.99 -35.41
C ALA L 80 -11.22 6.15 -34.56
N ALA L 81 -12.54 6.31 -34.47
CA ALA L 81 -13.11 7.39 -33.68
C ALA L 81 -12.87 7.17 -32.19
N CYS L 82 -12.94 5.92 -31.74
CA CYS L 82 -12.62 5.59 -30.35
C CYS L 82 -11.20 6.00 -29.99
N VAL L 83 -10.22 5.59 -30.79
CA VAL L 83 -8.85 5.94 -30.41
C VAL L 83 -8.57 7.42 -30.66
N ARG L 84 -9.32 8.04 -31.58
CA ARG L 84 -9.27 9.49 -31.72
C ARG L 84 -9.71 10.20 -30.44
N ASP L 85 -10.79 9.73 -29.84
CA ASP L 85 -11.27 10.33 -28.61
C ASP L 85 -10.26 10.12 -27.49
N MET L 86 -9.60 8.98 -27.48
CA MET L 86 -8.54 8.75 -26.51
C MET L 86 -7.39 9.72 -26.73
N ASP L 87 -7.09 10.05 -28.00
CA ASP L 87 -6.09 11.07 -28.31
C ASP L 87 -6.50 12.44 -27.77
N TYR L 88 -7.74 12.88 -28.03
CA TYR L 88 -8.31 13.98 -27.24
C TYR L 88 -7.99 13.93 -25.76
N PHE L 89 -8.38 12.87 -25.07
CA PHE L 89 -8.26 12.91 -23.63
C PHE L 89 -6.81 13.04 -23.21
N LEU L 90 -5.91 12.33 -23.87
CA LEU L 90 -4.49 12.47 -23.54
C LEU L 90 -3.98 13.88 -23.81
N ARG L 91 -4.35 14.46 -24.95
CA ARG L 91 -3.83 15.77 -25.32
C ARG L 91 -4.36 16.86 -24.41
N TYR L 92 -5.63 16.79 -24.03
CA TYR L 92 -6.21 17.82 -23.20
C TYR L 92 -5.79 17.68 -21.74
N ALA L 93 -5.57 16.44 -21.29
CA ALA L 93 -4.95 16.26 -19.99
C ALA L 93 -3.54 16.85 -19.96
N THR L 94 -2.79 16.68 -21.05
CA THR L 94 -1.46 17.28 -21.12
C THR L 94 -1.53 18.80 -21.12
N TYR L 95 -2.50 19.38 -21.82
CA TYR L 95 -2.72 20.82 -21.75
C TYR L 95 -3.01 21.28 -20.33
N ALA L 96 -3.93 20.59 -19.64
CA ALA L 96 -4.34 21.01 -18.31
C ALA L 96 -3.20 20.84 -17.31
N MET L 97 -2.36 19.82 -17.51
CA MET L 97 -1.21 19.65 -16.65
C MET L 97 -0.17 20.73 -16.89
N LEU L 98 0.04 21.10 -18.15
CA LEU L 98 1.00 22.16 -18.45
C LEU L 98 0.50 23.50 -17.93
N ALA L 99 -0.80 23.72 -17.96
CA ALA L 99 -1.36 24.98 -17.46
C ALA L 99 -1.50 24.96 -15.95
N GLY L 100 -1.53 23.77 -15.36
CA GLY L 100 -1.82 23.64 -13.95
C GLY L 100 -3.20 24.05 -13.54
N ASP L 101 -4.20 23.86 -14.39
CA ASP L 101 -5.56 24.30 -14.12
C ASP L 101 -6.49 23.52 -15.03
N THR L 102 -7.67 23.19 -14.51
CA THR L 102 -8.64 22.33 -15.19
C THR L 102 -9.67 23.11 -16.00
N SER L 103 -9.49 24.42 -16.17
CA SER L 103 -10.51 25.20 -16.86
C SER L 103 -10.63 24.80 -18.33
N ILE L 104 -9.53 24.40 -18.96
CA ILE L 104 -9.58 24.00 -20.36
C ILE L 104 -10.38 22.72 -20.51
N LEU L 105 -10.35 21.85 -19.50
CA LEU L 105 -11.14 20.63 -19.57
C LEU L 105 -12.63 20.92 -19.50
N ASP L 106 -13.02 21.94 -18.73
CA ASP L 106 -14.41 22.38 -18.73
C ASP L 106 -14.79 22.97 -20.08
N GLU L 107 -14.01 23.93 -20.58
CA GLU L 107 -14.41 24.66 -21.78
C GLU L 107 -14.35 23.78 -23.01
N ARG L 108 -13.24 23.07 -23.21
CA ARG L 108 -12.93 22.43 -24.48
C ARG L 108 -13.29 20.96 -24.53
N VAL L 109 -13.56 20.32 -23.39
CA VAL L 109 -13.81 18.88 -23.40
C VAL L 109 -15.16 18.52 -22.80
N LEU L 110 -15.36 18.86 -21.53
CA LEU L 110 -16.45 18.25 -20.77
C LEU L 110 -17.80 18.88 -21.10
N ASN L 111 -17.80 20.06 -21.69
CA ASN L 111 -19.05 20.75 -21.96
C ASN L 111 -19.78 20.05 -23.11
N GLY L 112 -20.91 19.45 -22.80
CA GLY L 112 -21.71 18.78 -23.81
C GLY L 112 -21.24 17.39 -24.19
N LEU L 113 -20.20 16.87 -23.56
CA LEU L 113 -19.66 15.57 -23.96
C LEU L 113 -20.59 14.43 -23.55
N LYS L 114 -21.13 14.47 -22.33
CA LYS L 114 -22.12 13.47 -21.93
C LYS L 114 -23.29 13.46 -22.89
N GLU L 115 -23.76 14.64 -23.31
CA GLU L 115 -24.88 14.71 -24.23
C GLU L 115 -24.51 14.15 -25.60
N THR L 116 -23.30 14.45 -26.08
CA THR L 116 -22.85 13.87 -27.35
C THR L 116 -22.81 12.35 -27.28
N TYR L 117 -22.24 11.81 -26.20
CA TYR L 117 -22.10 10.36 -26.08
C TYR L 117 -23.44 9.68 -25.86
N ASN L 118 -24.35 10.32 -25.14
CA ASN L 118 -25.66 9.75 -24.89
C ASN L 118 -26.53 9.79 -26.13
N SER L 119 -26.36 10.84 -26.94
CA SER L 119 -27.02 10.89 -28.23
C SER L 119 -26.47 9.85 -29.19
N LEU L 120 -25.15 9.64 -29.18
CA LEU L 120 -24.55 8.68 -30.09
C LEU L 120 -24.75 7.24 -29.64
N GLY L 121 -25.02 7.01 -28.37
CA GLY L 121 -25.00 5.68 -27.83
C GLY L 121 -23.64 5.19 -27.39
N VAL L 122 -22.64 6.06 -27.38
CA VAL L 122 -21.29 5.70 -26.91
C VAL L 122 -21.34 5.38 -25.42
N PRO L 123 -20.86 4.20 -24.99
CA PRO L 123 -20.92 3.83 -23.57
C PRO L 123 -19.93 4.64 -22.75
N ILE L 124 -20.44 5.35 -21.74
CA ILE L 124 -19.59 6.28 -21.00
C ILE L 124 -18.77 5.56 -19.94
N SER L 125 -19.29 4.46 -19.39
CA SER L 125 -18.52 3.70 -18.43
C SER L 125 -17.27 3.12 -19.05
N SER L 126 -17.38 2.62 -20.28
CA SER L 126 -16.21 2.11 -20.99
C SER L 126 -15.25 3.24 -21.33
N THR L 127 -15.77 4.43 -21.61
CA THR L 127 -14.90 5.58 -21.86
C THR L 127 -14.13 5.96 -20.61
N VAL L 128 -14.77 5.89 -19.45
CA VAL L 128 -14.08 6.14 -18.18
C VAL L 128 -13.01 5.08 -17.94
N GLN L 129 -13.32 3.82 -18.27
CA GLN L 129 -12.32 2.76 -18.15
C GLN L 129 -11.12 3.04 -19.03
N GLY L 130 -11.36 3.52 -20.25
CA GLY L 130 -10.25 3.87 -21.13
C GLY L 130 -9.42 5.03 -20.60
N ILE L 131 -10.09 6.02 -20.01
CA ILE L 131 -9.37 7.13 -19.39
C ILE L 131 -8.49 6.63 -18.25
N GLN L 132 -9.01 5.71 -17.44
CA GLN L 132 -8.20 5.10 -16.39
C GLN L 132 -7.00 4.36 -16.96
N ALA L 133 -7.22 3.61 -18.05
CA ALA L 133 -6.10 2.91 -18.68
C ALA L 133 -5.04 3.89 -19.13
N MET L 134 -5.44 5.02 -19.73
CA MET L 134 -4.45 6.03 -20.10
C MET L 134 -3.77 6.62 -18.88
N LYS L 135 -4.48 6.75 -17.76
CA LYS L 135 -3.85 7.28 -16.56
C LYS L 135 -2.71 6.39 -16.09
N GLU L 136 -2.96 5.09 -15.97
CA GLU L 136 -1.88 4.16 -15.62
C GLU L 136 -0.76 4.14 -16.66
N VAL L 137 -1.10 4.15 -17.94
CA VAL L 137 -0.03 4.10 -18.96
C VAL L 137 0.82 5.36 -18.89
N THR L 138 0.20 6.54 -18.78
CA THR L 138 0.96 7.78 -18.69
C THR L 138 1.82 7.82 -17.44
N GLY L 139 1.26 7.40 -16.30
CA GLY L 139 2.04 7.31 -15.09
C GLY L 139 3.21 6.37 -15.24
N SER L 140 3.06 5.34 -16.06
CA SER L 140 4.17 4.43 -16.31
C SER L 140 5.31 5.11 -17.06
N LEU L 141 5.04 6.24 -17.72
CA LEU L 141 6.08 6.90 -18.50
C LEU L 141 6.70 8.07 -17.77
N VAL L 142 5.92 8.81 -16.97
CA VAL L 142 6.39 10.13 -16.56
C VAL L 142 7.01 10.17 -15.18
N GLY L 143 6.78 9.18 -14.33
CA GLY L 143 7.45 9.24 -13.05
C GLY L 143 6.54 9.79 -11.97
N SER L 144 7.02 9.69 -10.72
CA SER L 144 6.15 9.84 -9.56
C SER L 144 5.41 11.17 -9.54
N GLY L 145 6.15 12.29 -9.48
CA GLY L 145 5.49 13.58 -9.36
C GLY L 145 4.65 13.93 -10.57
N ALA L 146 5.18 13.70 -11.76
CA ALA L 146 4.42 13.95 -12.97
C ALA L 146 3.21 13.03 -13.08
N ALA L 147 3.36 11.77 -12.63
CA ALA L 147 2.20 10.87 -12.62
C ALA L 147 1.12 11.38 -11.70
N LYS L 148 1.50 11.83 -10.50
CA LYS L 148 0.53 12.34 -9.56
C LYS L 148 -0.17 13.57 -10.12
N GLU L 149 0.57 14.43 -10.82
CA GLU L 149 -0.05 15.61 -11.41
C GLU L 149 -1.01 15.23 -12.54
N MET L 150 -0.56 14.40 -13.47
CA MET L 150 -1.42 14.02 -14.59
C MET L 150 -2.65 13.27 -14.13
N GLY L 151 -2.54 12.53 -13.02
CA GLY L 151 -3.68 11.79 -12.51
C GLY L 151 -4.79 12.69 -12.04
N VAL L 152 -4.45 13.90 -11.57
CA VAL L 152 -5.47 14.86 -11.18
C VAL L 152 -6.37 15.19 -12.37
N TYR L 153 -5.78 15.42 -13.54
CA TYR L 153 -6.57 15.82 -14.69
C TYR L 153 -7.29 14.62 -15.31
N PHE L 154 -6.67 13.45 -15.28
CA PHE L 154 -7.38 12.24 -15.70
C PHE L 154 -8.59 11.98 -14.81
N ASP L 155 -8.45 12.18 -13.50
CA ASP L 155 -9.57 11.99 -12.59
C ASP L 155 -10.62 13.07 -12.76
N TYR L 156 -10.21 14.29 -13.09
CA TYR L 156 -11.18 15.32 -13.39
C TYR L 156 -12.01 14.95 -14.61
N LEU L 157 -11.37 14.42 -15.65
CA LEU L 157 -12.11 13.97 -16.82
C LEU L 157 -13.04 12.81 -16.46
N SER L 158 -12.56 11.87 -15.67
CA SER L 158 -13.38 10.74 -15.24
C SER L 158 -14.60 11.20 -14.47
N SER L 159 -14.41 12.15 -13.55
CA SER L 159 -15.52 12.65 -12.75
C SER L 159 -16.50 13.45 -13.60
N GLY L 160 -15.98 14.23 -14.55
CA GLY L 160 -16.85 14.98 -15.43
C GLY L 160 -17.68 14.09 -16.31
N LEU L 161 -17.12 12.95 -16.72
CA LEU L 161 -17.90 12.01 -17.51
C LEU L 161 -18.77 11.13 -16.63
N SER L 162 -18.16 10.42 -15.69
CA SER L 162 -18.91 9.56 -14.78
C SER L 162 -19.61 10.36 -13.69
N MET M 1 -39.87 43.41 -40.42
CA MET M 1 -40.51 44.40 -39.57
C MET M 1 -41.76 44.97 -40.19
N GLN M 2 -42.71 45.33 -39.35
CA GLN M 2 -43.94 45.98 -39.77
C GLN M 2 -43.94 47.41 -39.27
N ASP M 3 -44.42 48.33 -40.10
CA ASP M 3 -44.73 49.66 -39.66
C ASP M 3 -46.25 49.80 -39.47
N ALA M 4 -46.70 51.02 -39.20
CA ALA M 4 -48.13 51.26 -39.08
C ALA M 4 -48.87 50.93 -40.37
N ILE M 5 -48.30 51.35 -41.50
CA ILE M 5 -48.91 51.10 -42.80
C ILE M 5 -49.05 49.60 -43.03
N THR M 6 -47.95 48.87 -42.84
CA THR M 6 -47.97 47.43 -43.07
C THR M 6 -48.79 46.70 -42.04
N SER M 7 -48.91 47.25 -40.83
CA SER M 7 -49.80 46.64 -39.85
C SER M 7 -51.24 46.68 -40.33
N VAL M 8 -51.67 47.84 -40.84
CA VAL M 8 -53.02 47.95 -41.40
C VAL M 8 -53.19 47.03 -42.60
N ILE M 9 -52.20 47.00 -43.49
CA ILE M 9 -52.26 46.13 -44.66
C ILE M 9 -52.35 44.67 -44.24
N ASN M 10 -51.62 44.28 -43.20
CA ASN M 10 -51.67 42.90 -42.74
C ASN M 10 -53.05 42.54 -42.22
N THR M 11 -53.66 43.40 -41.41
CA THR M 11 -54.99 43.07 -40.92
C THR M 11 -55.99 42.96 -42.07
N TYR M 12 -55.96 43.91 -43.00
CA TYR M 12 -56.98 43.89 -44.05
C TYR M 12 -56.72 42.78 -45.06
N ASP M 13 -55.46 42.37 -45.22
CA ASP M 13 -55.17 41.29 -46.15
C ASP M 13 -55.53 39.93 -45.56
N VAL M 14 -55.27 39.73 -44.26
CA VAL M 14 -55.69 38.48 -43.66
C VAL M 14 -57.22 38.41 -43.61
N GLN M 15 -57.88 39.56 -43.52
CA GLN M 15 -59.33 39.57 -43.62
C GLN M 15 -59.81 39.63 -45.07
N GLY M 16 -58.90 39.80 -46.02
CA GLY M 16 -59.27 39.82 -47.43
C GLY M 16 -60.18 40.97 -47.82
N LYS M 17 -60.09 42.09 -47.11
CA LYS M 17 -60.97 43.22 -47.32
C LYS M 17 -60.20 44.38 -47.95
N TYR M 18 -60.93 45.21 -48.70
CA TYR M 18 -60.41 46.49 -49.12
C TYR M 18 -60.43 47.47 -47.94
N PHE M 19 -59.61 48.51 -48.05
CA PHE M 19 -59.60 49.55 -47.02
C PHE M 19 -60.96 50.21 -46.90
N ASP M 20 -61.43 50.35 -45.67
CA ASP M 20 -62.63 51.10 -45.36
C ASP M 20 -62.23 52.41 -44.66
N THR M 21 -63.23 53.14 -44.16
CA THR M 21 -62.98 54.44 -43.56
C THR M 21 -62.08 54.33 -42.33
N SER M 22 -62.22 53.26 -41.55
CA SER M 22 -61.37 53.10 -40.37
C SER M 22 -59.90 52.92 -40.76
N ALA M 23 -59.65 52.12 -41.80
CA ALA M 23 -58.30 51.96 -42.30
C ALA M 23 -57.73 53.29 -42.77
N PHE M 24 -58.56 54.07 -43.47
CA PHE M 24 -58.07 55.35 -43.99
C PHE M 24 -57.81 56.33 -42.86
N ASP M 25 -58.62 56.27 -41.80
CA ASP M 25 -58.35 57.08 -40.62
C ASP M 25 -57.01 56.72 -39.98
N LYS M 26 -56.72 55.42 -39.85
CA LYS M 26 -55.46 55.01 -39.24
C LYS M 26 -54.27 55.40 -40.10
N LEU M 27 -54.34 55.14 -41.41
CA LEU M 27 -53.24 55.49 -42.30
C LEU M 27 -53.05 57.00 -42.33
N LYS M 28 -54.15 57.74 -42.28
CA LYS M 28 -54.10 59.20 -42.26
C LYS M 28 -53.41 59.70 -41.00
N ALA M 29 -53.69 59.06 -39.85
CA ALA M 29 -53.02 59.44 -38.62
C ALA M 29 -51.51 59.19 -38.71
N TYR M 30 -51.10 58.08 -39.30
CA TYR M 30 -49.67 57.85 -39.45
C TYR M 30 -49.02 58.90 -40.35
N TYR M 31 -49.66 59.22 -41.48
CA TYR M 31 -49.12 60.27 -42.34
C TYR M 31 -49.05 61.60 -41.60
N ALA M 32 -50.03 61.88 -40.74
CA ALA M 32 -50.02 63.12 -39.97
C ALA M 32 -48.84 63.18 -39.00
N THR M 33 -48.54 62.06 -38.34
CA THR M 33 -47.42 62.06 -37.39
C THR M 33 -46.06 61.92 -38.06
N GLY M 34 -46.04 61.63 -39.37
CA GLY M 34 -44.77 61.33 -40.03
C GLY M 34 -43.73 62.43 -39.93
N GLU M 35 -44.13 63.69 -40.08
CA GLU M 35 -43.17 64.79 -40.01
C GLU M 35 -42.55 64.89 -38.61
N LEU M 36 -43.37 64.76 -37.58
CA LEU M 36 -42.85 64.76 -36.21
C LEU M 36 -41.87 63.62 -36.01
N ARG M 37 -42.20 62.43 -36.52
CA ARG M 37 -41.30 61.28 -36.37
C ARG M 37 -39.98 61.52 -37.08
N VAL M 38 -40.03 62.08 -38.30
CA VAL M 38 -38.81 62.32 -39.06
C VAL M 38 -37.91 63.32 -38.34
N ARG M 39 -38.51 64.39 -37.82
CA ARG M 39 -37.74 65.38 -37.09
C ARG M 39 -37.10 64.78 -35.84
N ALA M 40 -37.85 63.96 -35.11
CA ALA M 40 -37.27 63.31 -33.94
C ALA M 40 -36.15 62.36 -34.32
N ALA M 41 -36.30 61.61 -35.41
CA ALA M 41 -35.24 60.72 -35.86
C ALA M 41 -33.98 61.49 -36.23
N GLY M 42 -34.14 62.61 -36.93
CA GLY M 42 -32.98 63.42 -37.27
C GLY M 42 -32.29 63.98 -36.04
N THR M 43 -33.08 64.44 -35.07
CA THR M 43 -32.51 64.98 -33.84
C THR M 43 -31.76 63.91 -33.07
N ILE M 44 -32.30 62.70 -33.01
CA ILE M 44 -31.64 61.63 -32.26
C ILE M 44 -30.36 61.20 -32.96
N SER M 45 -30.37 61.11 -34.29
CA SER M 45 -29.15 60.70 -34.99
C SER M 45 -28.08 61.76 -34.87
N ALA M 46 -28.46 63.04 -34.85
CA ALA M 46 -27.47 64.09 -34.69
C ALA M 46 -26.83 64.06 -33.31
N ASN M 47 -27.58 63.62 -32.29
CA ASN M 47 -27.13 63.69 -30.92
C ASN M 47 -26.91 62.32 -30.28
N ALA M 48 -26.75 61.28 -31.10
CA ALA M 48 -26.71 59.92 -30.57
C ALA M 48 -25.56 59.73 -29.59
N ALA M 49 -24.36 60.16 -29.97
CA ALA M 49 -23.21 60.02 -29.09
C ALA M 49 -23.39 60.82 -27.81
N THR M 50 -23.95 62.02 -27.91
CA THR M 50 -24.19 62.82 -26.72
C THR M 50 -25.20 62.14 -25.80
N ILE M 51 -26.24 61.55 -26.38
CA ILE M 51 -27.22 60.82 -25.59
C ILE M 51 -26.56 59.67 -24.85
N ILE M 52 -25.75 58.88 -25.56
CA ILE M 52 -25.10 57.74 -24.90
C ILE M 52 -24.17 58.21 -23.81
N LYS M 53 -23.44 59.30 -24.04
CA LYS M 53 -22.53 59.83 -23.03
C LYS M 53 -23.28 60.24 -21.78
N GLU M 54 -24.31 61.06 -21.93
CA GLU M 54 -25.05 61.54 -20.77
C GLU M 54 -25.77 60.40 -20.05
N ALA M 55 -26.37 59.47 -20.80
CA ALA M 55 -27.12 58.40 -20.15
C ALA M 55 -26.21 57.42 -19.44
N SER M 56 -25.07 57.07 -20.05
CA SER M 56 -24.14 56.20 -19.34
C SER M 56 -23.52 56.90 -18.14
N ALA M 57 -23.26 58.20 -18.25
CA ALA M 57 -22.78 58.96 -17.11
C ALA M 57 -23.78 58.89 -15.96
N LYS M 58 -25.08 59.06 -16.26
CA LYS M 58 -26.10 58.94 -15.23
C LYS M 58 -26.15 57.53 -14.65
N LEU M 59 -26.10 56.52 -15.51
CA LEU M 59 -26.20 55.14 -15.04
C LEU M 59 -25.03 54.77 -14.13
N PHE M 60 -23.82 55.21 -14.48
CA PHE M 60 -22.68 54.86 -13.65
C PHE M 60 -22.52 55.81 -12.47
N SER M 61 -23.25 56.93 -12.46
CA SER M 61 -23.35 57.74 -11.25
C SER M 61 -24.29 57.11 -10.24
N ASN M 62 -25.42 56.56 -10.71
CA ASN M 62 -26.36 55.95 -9.78
C ASN M 62 -25.88 54.60 -9.29
N GLN M 63 -25.16 53.87 -10.12
CA GLN M 63 -24.66 52.54 -9.78
C GLN M 63 -23.16 52.50 -10.03
N PRO M 64 -22.37 53.19 -9.21
CA PRO M 64 -20.93 53.28 -9.48
C PRO M 64 -20.19 51.97 -9.32
N ASP M 65 -20.77 50.96 -8.67
CA ASP M 65 -20.09 49.69 -8.55
C ASP M 65 -20.04 48.90 -9.85
N LEU M 66 -20.82 49.32 -10.86
CA LEU M 66 -20.78 48.65 -12.15
C LEU M 66 -19.42 48.85 -12.83
N VAL M 67 -18.83 50.04 -12.67
CA VAL M 67 -17.57 50.34 -13.35
C VAL M 67 -16.35 50.11 -12.46
N ARG M 68 -16.54 49.78 -11.20
CA ARG M 68 -15.42 49.42 -10.35
C ARG M 68 -15.15 47.91 -10.44
N PRO M 69 -13.97 47.47 -10.01
CA PRO M 69 -13.65 46.03 -10.08
C PRO M 69 -14.72 45.18 -9.40
N GLY M 70 -15.08 44.08 -10.06
CA GLY M 70 -16.20 43.28 -9.65
C GLY M 70 -17.52 43.64 -10.29
N GLY M 71 -17.62 44.83 -10.88
CA GLY M 71 -18.80 45.19 -11.64
C GLY M 71 -18.79 44.54 -13.01
N ASN M 72 -19.95 44.45 -13.64
CA ASN M 72 -20.03 43.79 -14.93
C ASN M 72 -19.52 44.70 -16.03
N ALA M 73 -19.42 46.00 -15.77
CA ALA M 73 -18.84 46.94 -16.71
C ALA M 73 -17.43 47.36 -16.34
N TYR M 74 -16.74 46.62 -15.47
CA TYR M 74 -15.33 46.90 -15.21
C TYR M 74 -14.47 46.03 -16.10
N THR M 75 -14.00 46.63 -17.19
CA THR M 75 -12.77 46.41 -17.93
C THR M 75 -13.00 47.37 -19.08
N THR M 76 -11.98 47.72 -19.86
CA THR M 76 -12.27 48.48 -21.06
C THR M 76 -13.15 47.67 -22.01
N ARG M 77 -12.94 46.37 -22.07
CA ARG M 77 -13.70 45.54 -23.01
C ARG M 77 -15.17 45.50 -22.62
N ARG M 78 -15.45 45.30 -21.33
CA ARG M 78 -16.83 45.21 -20.87
C ARG M 78 -17.50 46.59 -20.81
N TYR M 79 -16.74 47.65 -20.52
CA TYR M 79 -17.31 48.99 -20.60
C TYR M 79 -17.70 49.33 -22.02
N ALA M 80 -16.83 49.02 -22.97
CA ALA M 80 -17.14 49.24 -24.37
C ALA M 80 -18.35 48.42 -24.79
N ALA M 81 -18.42 47.16 -24.36
CA ALA M 81 -19.59 46.33 -24.65
C ALA M 81 -20.87 46.94 -24.09
N CYS M 82 -20.80 47.53 -22.90
CA CYS M 82 -21.96 48.17 -22.31
C CYS M 82 -22.42 49.39 -23.10
N VAL M 83 -21.50 50.30 -23.42
CA VAL M 83 -21.92 51.51 -24.14
C VAL M 83 -22.37 51.15 -25.55
N ARG M 84 -21.81 50.08 -26.12
CA ARG M 84 -22.27 49.60 -27.40
C ARG M 84 -23.69 49.06 -27.32
N ASP M 85 -24.00 48.33 -26.25
CA ASP M 85 -25.37 47.89 -26.03
C ASP M 85 -26.34 49.06 -25.95
N MET M 86 -25.94 50.12 -25.24
CA MET M 86 -26.78 51.30 -25.13
C MET M 86 -26.98 51.95 -26.50
N ASP M 87 -25.93 52.01 -27.31
CA ASP M 87 -26.03 52.56 -28.66
C ASP M 87 -27.02 51.79 -29.51
N TYR M 88 -26.95 50.46 -29.47
CA TYR M 88 -27.91 49.65 -30.23
C TYR M 88 -29.32 49.86 -29.74
N PHE M 89 -29.51 49.93 -28.42
CA PHE M 89 -30.85 50.18 -27.90
C PHE M 89 -31.40 51.48 -28.43
N LEU M 90 -30.59 52.53 -28.42
CA LEU M 90 -31.05 53.84 -28.91
C LEU M 90 -31.39 53.80 -30.40
N ARG M 91 -30.54 53.15 -31.20
CA ARG M 91 -30.80 53.09 -32.64
C ARG M 91 -32.04 52.29 -32.98
N TYR M 92 -32.28 51.17 -32.31
CA TYR M 92 -33.50 50.41 -32.59
C TYR M 92 -34.74 51.11 -32.04
N ALA M 93 -34.61 51.83 -30.93
CA ALA M 93 -35.73 52.62 -30.45
C ALA M 93 -36.11 53.70 -31.46
N THR M 94 -35.11 54.32 -32.08
CA THR M 94 -35.36 55.31 -33.12
C THR M 94 -36.01 54.67 -34.34
N TYR M 95 -35.54 53.49 -34.74
CA TYR M 95 -36.18 52.75 -35.83
C TYR M 95 -37.65 52.54 -35.54
N ALA M 96 -37.96 52.00 -34.36
CA ALA M 96 -39.34 51.69 -34.03
C ALA M 96 -40.19 52.94 -33.96
N MET M 97 -39.62 54.06 -33.49
CA MET M 97 -40.35 55.31 -33.47
C MET M 97 -40.64 55.81 -34.88
N LEU M 98 -39.67 55.70 -35.80
CA LEU M 98 -39.94 56.04 -37.19
C LEU M 98 -41.05 55.18 -37.77
N ALA M 99 -41.01 53.87 -37.51
CA ALA M 99 -42.01 52.98 -38.06
C ALA M 99 -43.35 53.11 -37.35
N GLY M 100 -43.37 53.77 -36.19
CA GLY M 100 -44.58 53.82 -35.40
C GLY M 100 -45.07 52.48 -34.95
N ASP M 101 -44.18 51.56 -34.63
CA ASP M 101 -44.54 50.17 -34.42
C ASP M 101 -43.38 49.49 -33.68
N THR M 102 -43.72 48.63 -32.73
CA THR M 102 -42.72 47.96 -31.90
C THR M 102 -42.25 46.64 -32.47
N SER M 103 -42.66 46.28 -33.69
CA SER M 103 -42.33 44.98 -34.25
C SER M 103 -40.83 44.79 -34.38
N ILE M 104 -40.10 45.85 -34.75
CA ILE M 104 -38.67 45.71 -34.96
C ILE M 104 -37.95 45.43 -33.64
N LEU M 105 -38.52 45.88 -32.52
CA LEU M 105 -37.95 45.57 -31.22
C LEU M 105 -38.13 44.11 -30.88
N ASP M 106 -39.27 43.52 -31.25
CA ASP M 106 -39.44 42.09 -31.06
C ASP M 106 -38.52 41.29 -31.98
N GLU M 107 -38.33 41.76 -33.20
CA GLU M 107 -37.64 40.94 -34.19
C GLU M 107 -36.12 41.06 -34.08
N ARG M 108 -35.61 42.18 -33.57
CA ARG M 108 -34.17 42.37 -33.64
C ARG M 108 -33.50 42.54 -32.30
N VAL M 109 -34.21 42.89 -31.24
CA VAL M 109 -33.61 43.25 -29.96
C VAL M 109 -33.95 42.23 -28.87
N LEU M 110 -35.25 42.04 -28.60
CA LEU M 110 -35.66 41.54 -27.30
C LEU M 110 -35.60 40.02 -27.20
N ASN M 111 -35.78 39.31 -28.31
CA ASN M 111 -35.90 37.86 -28.24
C ASN M 111 -34.57 37.23 -27.85
N GLY M 112 -34.57 36.49 -26.75
CA GLY M 112 -33.37 35.87 -26.24
C GLY M 112 -32.39 36.81 -25.58
N LEU M 113 -32.70 38.11 -25.50
CA LEU M 113 -31.78 39.06 -24.89
C LEU M 113 -31.69 38.85 -23.38
N LYS M 114 -32.83 38.62 -22.74
CA LYS M 114 -32.84 38.41 -21.30
C LYS M 114 -32.07 37.16 -20.93
N GLU M 115 -32.22 36.10 -21.72
CA GLU M 115 -31.54 34.87 -21.41
C GLU M 115 -30.04 35.00 -21.65
N THR M 116 -29.66 35.77 -22.68
CA THR M 116 -28.26 36.08 -22.92
C THR M 116 -27.65 36.87 -21.77
N TYR M 117 -28.34 37.91 -21.30
CA TYR M 117 -27.84 38.69 -20.18
C TYR M 117 -27.74 37.85 -18.93
N ASN M 118 -28.68 36.93 -18.73
CA ASN M 118 -28.59 36.04 -17.57
C ASN M 118 -27.41 35.09 -17.69
N SER M 119 -27.14 34.60 -18.90
CA SER M 119 -26.04 33.67 -19.11
C SER M 119 -24.69 34.37 -19.02
N LEU M 120 -24.63 35.64 -19.40
CA LEU M 120 -23.36 36.37 -19.34
C LEU M 120 -23.13 36.96 -17.95
N GLY M 121 -24.19 37.13 -17.18
CA GLY M 121 -24.12 37.84 -15.93
C GLY M 121 -24.34 39.33 -16.01
N VAL M 122 -24.90 39.82 -17.10
CA VAL M 122 -25.25 41.23 -17.20
C VAL M 122 -26.41 41.53 -16.25
N PRO M 123 -26.29 42.52 -15.36
CA PRO M 123 -27.39 42.87 -14.46
C PRO M 123 -28.52 43.54 -15.23
N ILE M 124 -29.64 42.82 -15.35
CA ILE M 124 -30.72 43.26 -16.23
C ILE M 124 -31.41 44.49 -15.69
N SER M 125 -31.52 44.62 -14.36
CA SER M 125 -32.11 45.82 -13.78
C SER M 125 -31.26 47.05 -14.07
N SER M 126 -29.94 46.90 -14.05
CA SER M 126 -29.06 48.01 -14.41
C SER M 126 -29.18 48.37 -15.88
N THR M 127 -29.38 47.37 -16.74
CA THR M 127 -29.63 47.65 -18.14
C THR M 127 -30.92 48.43 -18.34
N VAL M 128 -31.97 48.06 -17.60
CA VAL M 128 -33.22 48.79 -17.69
C VAL M 128 -33.04 50.22 -17.17
N GLN M 129 -32.22 50.39 -16.14
CA GLN M 129 -31.89 51.74 -15.67
C GLN M 129 -31.15 52.56 -16.73
N GLY M 130 -30.22 51.93 -17.44
CA GLY M 130 -29.56 52.64 -18.54
C GLY M 130 -30.51 53.01 -19.67
N ILE M 131 -31.47 52.13 -19.96
CA ILE M 131 -32.48 52.47 -20.96
C ILE M 131 -33.35 53.62 -20.49
N GLN M 132 -33.71 53.65 -19.21
CA GLN M 132 -34.49 54.76 -18.67
C GLN M 132 -33.71 56.07 -18.72
N ALA M 133 -32.39 56.01 -18.48
CA ALA M 133 -31.55 57.18 -18.61
C ALA M 133 -31.53 57.69 -20.06
N MET M 134 -31.38 56.77 -21.02
CA MET M 134 -31.43 57.17 -22.41
C MET M 134 -32.76 57.80 -22.75
N LYS M 135 -33.85 57.26 -22.21
CA LYS M 135 -35.16 57.85 -22.42
C LYS M 135 -35.23 59.28 -21.91
N GLU M 136 -34.75 59.52 -20.69
CA GLU M 136 -34.83 60.85 -20.12
C GLU M 136 -34.03 61.85 -20.93
N VAL M 137 -32.79 61.49 -21.29
CA VAL M 137 -31.96 62.39 -22.08
C VAL M 137 -32.56 62.64 -23.46
N THR M 138 -33.01 61.58 -24.13
CA THR M 138 -33.61 61.73 -25.45
C THR M 138 -34.83 62.62 -25.41
N GLY M 139 -35.71 62.42 -24.42
CA GLY M 139 -36.89 63.25 -24.31
C GLY M 139 -36.55 64.69 -24.04
N SER M 140 -35.49 64.94 -23.29
CA SER M 140 -35.01 66.30 -23.12
C SER M 140 -34.59 66.89 -24.47
N LEU M 141 -33.92 66.10 -25.30
CA LEU M 141 -33.47 66.60 -26.60
C LEU M 141 -34.62 66.87 -27.57
N VAL M 142 -35.58 65.95 -27.68
CA VAL M 142 -36.47 65.96 -28.84
C VAL M 142 -37.80 66.68 -28.62
N GLY M 143 -38.09 67.15 -27.41
CA GLY M 143 -39.31 67.90 -27.20
C GLY M 143 -40.48 67.02 -26.78
N SER M 144 -41.54 67.68 -26.31
CA SER M 144 -42.57 67.01 -25.53
C SER M 144 -43.35 65.99 -26.35
N GLY M 145 -43.85 66.37 -27.53
CA GLY M 145 -44.63 65.44 -28.33
C GLY M 145 -43.79 64.29 -28.83
N ALA M 146 -42.59 64.60 -29.33
CA ALA M 146 -41.65 63.54 -29.68
C ALA M 146 -41.23 62.76 -28.45
N ALA M 147 -41.18 63.41 -27.28
CA ALA M 147 -40.86 62.68 -26.06
C ALA M 147 -41.90 61.62 -25.77
N LYS M 148 -43.19 61.98 -25.88
CA LYS M 148 -44.24 61.00 -25.68
C LYS M 148 -44.14 59.87 -26.69
N GLU M 149 -43.89 60.20 -27.96
CA GLU M 149 -43.77 59.15 -28.96
C GLU M 149 -42.60 58.22 -28.67
N MET M 150 -41.42 58.78 -28.36
CA MET M 150 -40.20 58.00 -28.27
C MET M 150 -40.17 57.19 -26.98
N GLY M 151 -40.79 57.72 -25.92
CA GLY M 151 -40.81 57.02 -24.67
C GLY M 151 -41.62 55.73 -24.72
N VAL M 152 -42.55 55.64 -25.66
CA VAL M 152 -43.32 54.41 -25.81
C VAL M 152 -42.42 53.26 -26.21
N TYR M 153 -41.48 53.51 -27.12
CA TYR M 153 -40.57 52.46 -27.56
C TYR M 153 -39.48 52.22 -26.52
N PHE M 154 -39.04 53.27 -25.84
CA PHE M 154 -38.12 53.07 -24.72
C PHE M 154 -38.75 52.17 -23.64
N ASP M 155 -40.02 52.43 -23.30
CA ASP M 155 -40.70 51.62 -22.31
C ASP M 155 -40.98 50.21 -22.83
N TYR M 156 -41.21 50.08 -24.13
CA TYR M 156 -41.37 48.73 -24.68
C TYR M 156 -40.10 47.91 -24.47
N LEU M 157 -38.94 48.52 -24.71
CA LEU M 157 -37.68 47.82 -24.43
C LEU M 157 -37.52 47.52 -22.95
N SER M 158 -37.85 48.49 -22.09
CA SER M 158 -37.71 48.28 -20.65
C SER M 158 -38.58 47.14 -20.16
N SER M 159 -39.82 47.06 -20.67
CA SER M 159 -40.72 45.98 -20.27
C SER M 159 -40.29 44.65 -20.85
N GLY M 160 -39.77 44.66 -22.08
CA GLY M 160 -39.24 43.42 -22.63
C GLY M 160 -38.09 42.88 -21.82
N LEU M 161 -37.29 43.78 -21.23
CA LEU M 161 -36.17 43.33 -20.41
C LEU M 161 -36.59 43.08 -18.97
N SER M 162 -37.80 43.46 -18.60
CA SER M 162 -38.27 43.24 -17.24
C SER M 162 -39.49 42.31 -17.23
N ALA N 2 4.77 31.68 -47.29
CA ALA N 2 5.23 30.80 -48.35
C ALA N 2 5.28 31.53 -49.68
N ARG N 3 4.58 31.02 -50.68
CA ARG N 3 4.55 31.61 -52.01
C ARG N 3 3.11 31.68 -52.49
N THR N 4 2.83 32.70 -53.30
CA THR N 4 1.50 32.94 -53.85
C THR N 4 1.56 32.78 -55.36
N ILE N 5 0.52 32.20 -55.93
CA ILE N 5 0.44 31.95 -57.36
C ILE N 5 -0.77 32.69 -57.91
N SER N 6 -0.54 33.48 -58.95
CA SER N 6 -1.59 34.21 -59.64
C SER N 6 -2.12 33.37 -60.78
N ILE N 7 -3.39 33.03 -60.71
CA ILE N 7 -4.10 32.28 -61.73
C ILE N 7 -5.10 33.23 -62.39
N THR N 8 -5.04 33.30 -63.72
CA THR N 8 -6.03 33.97 -64.54
C THR N 8 -6.79 32.89 -65.27
N ALA N 9 -8.11 32.84 -65.03
CA ALA N 9 -8.94 31.75 -65.50
C ALA N 9 -10.25 32.27 -66.06
N CYS N 10 -10.82 31.48 -66.97
CA CYS N 10 -12.12 31.72 -67.57
C CYS N 10 -13.01 30.52 -67.24
N VAL N 11 -14.05 30.75 -66.44
CA VAL N 11 -14.92 29.68 -65.96
C VAL N 11 -16.33 29.96 -66.48
N PRO N 12 -16.73 29.37 -67.60
CA PRO N 12 -18.07 29.64 -68.13
C PRO N 12 -19.16 29.04 -67.26
N ARG N 13 -20.40 29.27 -67.68
CA ARG N 13 -21.59 28.80 -66.98
C ARG N 13 -22.41 27.84 -67.82
N ARG N 14 -21.74 27.01 -68.62
CA ARG N 14 -22.43 26.24 -69.64
C ARG N 14 -23.27 25.12 -69.07
N THR N 15 -23.14 24.85 -67.77
CA THR N 15 -23.83 23.74 -67.13
C THR N 15 -25.17 24.13 -66.52
N LYS N 16 -25.57 25.39 -66.61
CA LYS N 16 -26.77 25.86 -65.94
C LYS N 16 -27.40 27.03 -66.68
N SER N 17 -28.63 27.35 -66.30
CA SER N 17 -29.42 28.34 -67.01
C SER N 17 -28.92 29.76 -66.71
N VAL N 18 -29.41 30.71 -67.51
CA VAL N 18 -28.95 32.09 -67.43
C VAL N 18 -29.72 32.83 -66.34
N GLY N 19 -29.14 33.92 -65.86
CA GLY N 19 -29.79 34.75 -64.85
C GLY N 19 -29.53 36.22 -65.10
N ALA N 20 -30.39 37.05 -64.50
CA ALA N 20 -30.32 38.49 -64.75
C ALA N 20 -29.24 39.17 -63.93
N SER N 21 -28.70 38.48 -62.92
CA SER N 21 -27.71 39.09 -62.05
C SER N 21 -26.38 39.25 -62.78
N ARG N 22 -25.60 40.26 -62.35
CA ARG N 22 -24.25 40.40 -62.89
C ARG N 22 -23.40 39.22 -62.49
N GLU N 23 -22.63 38.71 -63.44
CA GLU N 23 -21.97 37.43 -63.27
C GLU N 23 -20.55 37.46 -63.83
N ILE N 24 -20.17 38.56 -64.48
CA ILE N 24 -18.98 38.59 -65.31
C ILE N 24 -17.71 38.40 -64.49
N GLN N 25 -17.71 38.89 -63.24
CA GLN N 25 -16.47 38.94 -62.48
C GLN N 25 -16.02 37.54 -62.05
N ASN N 26 -16.97 36.68 -61.70
CA ASN N 26 -16.62 35.33 -61.28
C ASN N 26 -16.39 34.40 -62.46
N VAL N 27 -16.79 34.83 -63.66
CA VAL N 27 -16.58 33.98 -64.84
C VAL N 27 -15.15 34.11 -65.33
N TYR N 28 -14.69 35.33 -65.57
CA TYR N 28 -13.31 35.61 -65.93
C TYR N 28 -12.66 36.33 -64.76
N PHE N 29 -11.55 35.80 -64.26
CA PHE N 29 -10.96 36.41 -63.08
C PHE N 29 -9.46 36.18 -63.06
N THR N 30 -8.78 37.01 -62.26
CA THR N 30 -7.38 36.85 -61.91
C THR N 30 -7.24 37.00 -60.41
N LYS N 31 -6.88 35.90 -59.75
CA LYS N 31 -6.65 35.93 -58.32
C LYS N 31 -5.36 35.19 -58.04
N ARG N 32 -4.62 35.60 -57.01
CA ARG N 32 -3.54 34.77 -56.54
C ARG N 32 -3.88 34.19 -55.17
N ILE N 33 -3.50 32.93 -55.00
CA ILE N 33 -3.85 32.11 -53.85
C ILE N 33 -2.58 31.51 -53.32
N SER N 34 -2.63 31.06 -52.07
CA SER N 34 -1.48 30.40 -51.47
C SER N 34 -1.20 29.09 -52.20
N PHE N 35 0.04 28.61 -52.07
CA PHE N 35 0.44 27.38 -52.72
C PHE N 35 -0.40 26.19 -52.25
N ASP N 36 -0.81 26.20 -50.98
CA ASP N 36 -1.56 25.06 -50.45
C ASP N 36 -2.99 25.06 -50.96
N GLN N 37 -3.46 26.20 -51.46
CA GLN N 37 -4.79 26.26 -52.07
C GLN N 37 -4.76 26.03 -53.57
N PHE N 38 -3.58 25.87 -54.18
CA PHE N 38 -3.49 25.90 -55.63
C PHE N 38 -4.13 24.67 -56.26
N THR N 39 -3.78 23.48 -55.78
CA THR N 39 -4.38 22.27 -56.34
C THR N 39 -5.91 22.27 -56.25
N PRO N 40 -6.53 22.57 -55.11
CA PRO N 40 -8.00 22.62 -55.10
C PRO N 40 -8.58 23.59 -56.10
N GLU N 41 -7.96 24.77 -56.29
CA GLU N 41 -8.52 25.74 -57.24
C GLU N 41 -8.29 25.30 -58.68
N TYR N 42 -7.12 24.74 -58.97
CA TYR N 42 -6.86 24.15 -60.27
C TYR N 42 -7.92 23.12 -60.63
N GLN N 43 -8.20 22.19 -59.71
CA GLN N 43 -9.16 21.15 -59.98
C GLN N 43 -10.59 21.70 -60.03
N ARG N 44 -10.90 22.68 -59.19
CA ARG N 44 -12.23 23.29 -59.21
C ARG N 44 -12.50 23.99 -60.52
N ILE N 45 -11.50 24.70 -61.05
CA ILE N 45 -11.66 25.33 -62.36
C ILE N 45 -11.88 24.27 -63.43
N HIS N 46 -11.11 23.17 -63.36
CA HIS N 46 -11.29 22.12 -64.35
C HIS N 46 -12.67 21.48 -64.26
N ARG N 47 -13.17 21.27 -63.04
CA ARG N 47 -14.43 20.55 -62.87
C ARG N 47 -15.62 21.34 -63.41
N GLN N 48 -15.61 22.65 -63.24
CA GLN N 48 -16.68 23.51 -63.75
C GLN N 48 -16.51 23.82 -65.24
N GLY N 49 -15.66 23.09 -65.93
CA GLY N 49 -15.44 23.33 -67.35
C GLY N 49 -14.60 24.53 -67.67
N GLY N 50 -14.01 25.18 -66.67
CA GLY N 50 -13.23 26.37 -66.93
C GLY N 50 -11.91 26.07 -67.58
N THR N 51 -11.26 27.14 -68.04
CA THR N 51 -9.95 27.06 -68.68
C THR N 51 -8.96 27.89 -67.89
N ILE N 52 -7.79 27.33 -67.64
CA ILE N 52 -6.71 28.05 -66.99
C ILE N 52 -5.94 28.81 -68.07
N LEU N 53 -5.95 30.14 -67.98
CA LEU N 53 -5.34 30.95 -69.03
C LEU N 53 -3.90 31.30 -68.70
N ASN N 54 -3.63 31.68 -67.45
CA ASN N 54 -2.30 32.11 -67.10
C ASN N 54 -1.95 31.71 -65.67
N VAL N 55 -0.75 31.19 -65.49
CA VAL N 55 -0.21 30.86 -64.18
C VAL N 55 1.09 31.62 -64.00
N GLN N 56 1.19 32.39 -62.92
CA GLN N 56 2.42 33.12 -62.61
C GLN N 56 2.79 32.90 -61.15
N CYS N 57 4.09 32.87 -60.88
CA CYS N 57 4.61 32.82 -59.52
C CYS N 57 5.14 34.20 -59.18
N MET N 58 4.46 34.89 -58.27
CA MET N 58 4.91 36.20 -57.83
C MET N 58 6.26 36.08 -57.12
N GLY N 59 7.18 36.97 -57.48
CA GLY N 59 8.53 36.94 -56.96
C GLY N 59 9.56 37.25 -58.03
N SER O 2 -59.56 -34.29 -4.09
CA SER O 2 -59.55 -35.44 -4.98
C SER O 2 -59.43 -35.01 -6.43
N ALA O 3 -59.27 -35.99 -7.32
CA ALA O 3 -59.41 -35.70 -8.74
C ALA O 3 -60.84 -35.28 -9.06
N ILE O 4 -61.81 -35.89 -8.37
CA ILE O 4 -63.21 -35.49 -8.51
C ILE O 4 -63.41 -34.04 -8.11
N THR O 5 -62.85 -33.65 -6.97
CA THR O 5 -63.01 -32.28 -6.49
C THR O 5 -62.43 -31.28 -7.47
N LYS O 6 -61.23 -31.56 -7.99
CA LYS O 6 -60.59 -30.66 -8.92
C LYS O 6 -61.37 -30.58 -10.23
N ALA O 7 -61.88 -31.71 -10.72
CA ALA O 7 -62.70 -31.70 -11.92
C ALA O 7 -63.96 -30.87 -11.73
N ILE O 8 -64.62 -31.03 -10.58
CA ILE O 8 -65.84 -30.28 -10.32
C ILE O 8 -65.54 -28.79 -10.18
N LEU O 9 -64.40 -28.45 -9.59
CA LEU O 9 -64.04 -27.04 -9.47
C LEU O 9 -63.75 -26.43 -10.83
N ASN O 10 -63.10 -27.20 -11.72
CA ASN O 10 -62.91 -26.71 -13.08
C ASN O 10 -64.25 -26.51 -13.79
N ALA O 11 -65.19 -27.44 -13.60
CA ALA O 11 -66.50 -27.30 -14.21
C ALA O 11 -67.25 -26.10 -13.65
N ASP O 12 -67.12 -25.85 -12.35
CA ASP O 12 -67.81 -24.73 -11.72
C ASP O 12 -67.18 -23.40 -12.10
N ALA O 13 -65.88 -23.41 -12.41
CA ALA O 13 -65.22 -22.19 -12.85
C ALA O 13 -65.83 -21.68 -14.14
N GLU O 14 -66.36 -22.57 -14.97
CA GLU O 14 -66.96 -22.19 -16.25
C GLU O 14 -68.46 -22.43 -16.30
N ALA O 15 -69.10 -22.67 -15.16
CA ALA O 15 -70.56 -22.76 -15.05
C ALA O 15 -71.14 -23.75 -16.04
N ARG O 16 -70.57 -24.95 -16.05
CA ARG O 16 -70.93 -25.98 -17.01
C ARG O 16 -70.94 -27.33 -16.30
N TYR O 17 -71.48 -28.33 -17.00
CA TYR O 17 -71.38 -29.69 -16.53
C TYR O 17 -70.02 -30.26 -16.86
N LEU O 18 -69.72 -31.43 -16.29
CA LEU O 18 -68.44 -32.07 -16.52
C LEU O 18 -68.24 -32.36 -18.00
N SER O 19 -67.09 -31.96 -18.53
CA SER O 19 -66.74 -32.17 -19.92
C SER O 19 -66.27 -33.60 -20.12
N PRO O 20 -66.22 -34.08 -21.36
CA PRO O 20 -65.72 -35.45 -21.57
C PRO O 20 -64.33 -35.69 -21.02
N GLY O 21 -63.46 -34.68 -21.07
CA GLY O 21 -62.15 -34.82 -20.47
C GLY O 21 -62.20 -35.00 -18.97
N GLU O 22 -63.02 -34.18 -18.28
CA GLU O 22 -63.13 -34.31 -16.84
C GLU O 22 -63.82 -35.61 -16.45
N ILE O 23 -64.80 -36.04 -17.24
CA ILE O 23 -65.42 -37.34 -16.99
C ILE O 23 -64.41 -38.46 -17.18
N ASP O 24 -63.53 -38.33 -18.16
CA ASP O 24 -62.47 -39.31 -18.35
C ASP O 24 -61.52 -39.33 -17.16
N VAL O 25 -61.17 -38.15 -16.64
CA VAL O 25 -60.30 -38.06 -15.47
C VAL O 25 -60.96 -38.73 -14.27
N VAL O 26 -62.23 -38.45 -14.05
CA VAL O 26 -62.94 -39.02 -12.91
C VAL O 26 -63.07 -40.53 -13.06
N ARG O 27 -63.32 -40.99 -14.28
CA ARG O 27 -63.39 -42.43 -14.52
C ARG O 27 -62.05 -43.10 -14.27
N GLY O 28 -60.96 -42.44 -14.65
CA GLY O 28 -59.64 -42.96 -14.34
C GLY O 28 -59.36 -43.00 -12.86
N TYR O 29 -59.81 -41.99 -12.12
CA TYR O 29 -59.65 -41.99 -10.67
C TYR O 29 -60.44 -43.14 -10.04
N LEU O 30 -61.65 -43.40 -10.52
CA LEU O 30 -62.44 -44.47 -9.96
C LEU O 30 -61.87 -45.84 -10.32
N ALA O 31 -61.32 -45.96 -11.53
CA ALA O 31 -60.73 -47.24 -11.93
C ALA O 31 -59.52 -47.59 -11.06
N SER O 32 -58.71 -46.59 -10.72
CA SER O 32 -57.50 -46.81 -9.94
C SER O 32 -57.75 -46.89 -8.45
N GLY O 33 -59.01 -47.06 -8.03
CA GLY O 33 -59.33 -47.00 -6.62
C GLY O 33 -58.72 -48.14 -5.82
N GLU O 34 -58.80 -49.36 -6.33
CA GLU O 34 -58.33 -50.52 -5.56
C GLU O 34 -56.82 -50.49 -5.38
N ARG O 35 -56.09 -50.07 -6.41
CA ARG O 35 -54.64 -49.97 -6.30
C ARG O 35 -54.24 -48.89 -5.30
N ARG O 36 -54.93 -47.75 -5.35
CA ARG O 36 -54.67 -46.68 -4.39
C ARG O 36 -54.94 -47.14 -2.97
N VAL O 37 -56.05 -47.85 -2.76
CA VAL O 37 -56.42 -48.31 -1.43
C VAL O 37 -55.39 -49.32 -0.93
N ARG O 38 -54.93 -50.21 -1.80
CA ARG O 38 -53.91 -51.17 -1.39
C ARG O 38 -52.61 -50.48 -1.01
N VAL O 39 -52.19 -49.50 -1.81
CA VAL O 39 -50.94 -48.79 -1.51
C VAL O 39 -51.06 -48.06 -0.18
N ALA O 40 -52.18 -47.39 0.03
CA ALA O 40 -52.37 -46.64 1.27
C ALA O 40 -52.44 -47.59 2.46
N ARG O 41 -53.09 -48.74 2.30
CA ARG O 41 -53.16 -49.70 3.39
C ARG O 41 -51.78 -50.22 3.77
N VAL O 42 -50.95 -50.52 2.78
CA VAL O 42 -49.60 -50.99 3.08
C VAL O 42 -48.79 -49.89 3.75
N LEU O 43 -48.92 -48.65 3.26
CA LEU O 43 -48.19 -47.55 3.88
C LEU O 43 -48.66 -47.28 5.30
N SER O 44 -49.94 -47.53 5.57
CA SER O 44 -50.50 -47.23 6.88
C SER O 44 -50.16 -48.33 7.90
N ASP O 45 -50.13 -49.59 7.44
CA ASP O 45 -49.83 -50.68 8.36
C ASP O 45 -48.38 -50.65 8.82
N ASN O 46 -47.46 -50.32 7.92
CA ASN O 46 -46.03 -50.28 8.23
C ASN O 46 -45.58 -48.88 8.62
N ALA O 47 -46.47 -48.08 9.22
CA ALA O 47 -46.12 -46.70 9.53
C ALA O 47 -44.98 -46.62 10.54
N LEU O 48 -45.06 -47.40 11.62
CA LEU O 48 -44.00 -47.37 12.63
C LEU O 48 -42.67 -47.84 12.06
N ARG O 49 -42.69 -48.91 11.27
CA ARG O 49 -41.49 -49.40 10.63
C ARG O 49 -40.86 -48.34 9.75
N ILE O 50 -41.67 -47.70 8.90
CA ILE O 50 -41.15 -46.72 7.96
C ILE O 50 -40.58 -45.52 8.72
N VAL O 51 -41.30 -45.04 9.73
CA VAL O 51 -40.84 -43.86 10.46
C VAL O 51 -39.55 -44.16 11.20
N ARG O 52 -39.45 -45.32 11.85
CA ARG O 52 -38.21 -45.67 12.53
C ARG O 52 -37.05 -45.79 11.56
N GLY O 53 -37.24 -46.50 10.44
CA GLY O 53 -36.15 -46.64 9.49
C GLY O 53 -35.71 -45.31 8.91
N ALA O 54 -36.68 -44.47 8.52
CA ALA O 54 -36.36 -43.17 7.93
C ALA O 54 -35.67 -42.27 8.92
N GLY O 55 -36.16 -42.23 10.16
CA GLY O 55 -35.51 -41.42 11.17
C GLY O 55 -34.09 -41.86 11.47
N ASP O 56 -33.88 -43.17 11.57
CA ASP O 56 -32.53 -43.68 11.78
C ASP O 56 -31.61 -43.31 10.62
N THR O 57 -32.09 -43.46 9.39
CA THR O 57 -31.27 -43.12 8.23
C THR O 57 -30.94 -41.63 8.21
N MET O 58 -31.93 -40.78 8.48
CA MET O 58 -31.71 -39.35 8.47
C MET O 58 -30.72 -38.94 9.56
N PHE O 59 -30.87 -39.50 10.76
CA PHE O 59 -29.98 -39.15 11.85
C PHE O 59 -28.56 -39.64 11.58
N GLN O 60 -28.42 -40.82 10.99
CA GLN O 60 -27.09 -41.31 10.65
C GLN O 60 -26.44 -40.46 9.57
N LYS O 61 -27.20 -40.09 8.55
CA LYS O 61 -26.64 -39.28 7.47
C LYS O 61 -26.27 -37.88 7.95
N ARG O 62 -27.07 -37.32 8.85
CA ARG O 62 -26.82 -36.00 9.44
C ARG O 62 -26.83 -36.14 10.95
N PRO O 63 -25.74 -36.64 11.54
CA PRO O 63 -25.69 -36.77 13.00
C PRO O 63 -25.72 -35.45 13.74
N ASP O 64 -25.41 -34.35 13.05
CA ASP O 64 -25.43 -33.04 13.71
C ASP O 64 -26.83 -32.65 14.16
N LEU O 65 -27.87 -33.21 13.52
CA LEU O 65 -29.23 -32.95 13.96
C LEU O 65 -29.48 -33.50 15.36
N VAL O 66 -28.94 -34.69 15.66
CA VAL O 66 -29.05 -35.23 17.00
C VAL O 66 -27.81 -34.96 17.85
N ALA O 67 -26.82 -34.26 17.29
CA ALA O 67 -25.65 -33.86 18.05
C ALA O 67 -26.04 -32.76 19.04
N PRO O 68 -25.23 -32.52 20.07
CA PRO O 68 -25.55 -31.45 21.03
C PRO O 68 -25.72 -30.11 20.33
N GLY O 69 -26.76 -29.38 20.73
CA GLY O 69 -27.09 -28.12 20.11
C GLY O 69 -27.86 -28.26 18.81
N GLY O 70 -28.18 -29.47 18.39
CA GLY O 70 -28.95 -29.67 17.18
C GLY O 70 -30.42 -29.33 17.37
N ASN O 71 -31.09 -29.15 16.23
CA ASN O 71 -32.52 -28.79 16.26
C ASN O 71 -33.35 -29.93 16.84
N ALA O 72 -32.86 -31.16 16.73
CA ALA O 72 -33.56 -32.34 17.24
C ALA O 72 -32.89 -32.94 18.46
N TYR O 73 -32.02 -32.21 19.15
CA TYR O 73 -31.36 -32.74 20.34
C TYR O 73 -32.37 -32.98 21.44
N GLY O 74 -32.18 -34.05 22.20
CA GLY O 74 -33.08 -34.36 23.28
C GLY O 74 -34.22 -35.25 22.84
N GLU O 75 -34.70 -36.08 23.76
CA GLU O 75 -35.71 -37.07 23.41
C GLU O 75 -37.04 -36.40 23.05
N VAL O 76 -37.32 -35.23 23.62
CA VAL O 76 -38.54 -34.50 23.25
C VAL O 76 -38.45 -33.97 21.83
N ARG O 77 -37.31 -33.35 21.47
CA ARG O 77 -37.17 -32.80 20.13
C ARG O 77 -37.00 -33.90 19.09
N THR O 78 -36.29 -34.98 19.45
CA THR O 78 -36.21 -36.12 18.55
C THR O 78 -37.59 -36.77 18.37
N ALA O 79 -38.38 -36.82 19.45
CA ALA O 79 -39.74 -37.32 19.35
C ALA O 79 -40.57 -36.46 18.41
N LYS O 80 -40.41 -35.14 18.50
CA LYS O 80 -41.15 -34.25 17.61
C LYS O 80 -40.70 -34.41 16.16
N CYS O 81 -39.41 -34.68 15.96
CA CYS O 81 -38.91 -34.98 14.61
C CYS O 81 -39.57 -36.23 14.03
N LEU O 82 -39.58 -37.31 14.82
CA LEU O 82 -40.22 -38.53 14.36
C LEU O 82 -41.72 -38.33 14.16
N ARG O 83 -42.32 -37.50 15.02
CA ARG O 83 -43.74 -37.17 14.90
C ARG O 83 -44.02 -36.43 13.60
N ASP O 84 -43.13 -35.53 13.21
CA ASP O 84 -43.25 -34.86 11.92
C ASP O 84 -43.13 -35.84 10.77
N LEU O 85 -42.21 -36.79 10.87
CA LEU O 85 -42.09 -37.81 9.83
C LEU O 85 -43.37 -38.63 9.73
N ASP O 86 -43.94 -38.99 10.88
CA ASP O 86 -45.23 -39.66 10.90
C ASP O 86 -46.31 -38.82 10.22
N TYR O 87 -46.32 -37.52 10.53
CA TYR O 87 -47.30 -36.62 9.91
C TYR O 87 -47.18 -36.64 8.39
N PHE O 88 -45.96 -36.53 7.88
CA PHE O 88 -45.78 -36.44 6.44
C PHE O 88 -46.07 -37.77 5.76
N LEU O 89 -45.78 -38.88 6.42
CA LEU O 89 -46.15 -40.18 5.88
C LEU O 89 -47.66 -40.35 5.82
N ARG O 90 -48.36 -39.91 6.87
CA ARG O 90 -49.82 -39.92 6.84
C ARG O 90 -50.35 -39.04 5.71
N LEU O 91 -49.71 -37.90 5.48
CA LEU O 91 -50.11 -37.02 4.39
C LEU O 91 -49.87 -37.66 3.04
N VAL O 92 -48.79 -38.44 2.91
CA VAL O 92 -48.56 -39.16 1.67
C VAL O 92 -49.65 -40.19 1.44
N THR O 93 -50.09 -40.88 2.50
CA THR O 93 -51.21 -41.80 2.36
C THR O 93 -52.48 -41.07 1.96
N TYR O 94 -52.72 -39.90 2.54
CA TYR O 94 -53.86 -39.07 2.15
C TYR O 94 -53.79 -38.72 0.68
N GLY O 95 -52.61 -38.33 0.20
CA GLY O 95 -52.47 -37.98 -1.20
C GLY O 95 -52.68 -39.17 -2.12
N VAL O 96 -52.23 -40.35 -1.70
CA VAL O 96 -52.47 -41.56 -2.48
C VAL O 96 -53.97 -41.83 -2.58
N LEU O 97 -54.68 -41.72 -1.46
CA LEU O 97 -56.11 -42.01 -1.47
C LEU O 97 -56.90 -40.97 -2.25
N ALA O 98 -56.52 -39.70 -2.14
CA ALA O 98 -57.30 -38.65 -2.77
C ALA O 98 -57.12 -38.66 -4.28
N GLY O 99 -55.96 -39.09 -4.76
CA GLY O 99 -55.62 -38.95 -6.15
C GLY O 99 -55.06 -37.60 -6.54
N ASP O 100 -54.94 -36.69 -5.59
CA ASP O 100 -54.31 -35.40 -5.83
C ASP O 100 -53.57 -35.00 -4.57
N THR O 101 -52.89 -33.87 -4.64
CA THR O 101 -52.00 -33.44 -3.57
C THR O 101 -52.63 -32.44 -2.61
N SER O 102 -53.91 -32.12 -2.81
CA SER O 102 -54.55 -31.12 -1.96
C SER O 102 -54.57 -31.47 -0.47
N PRO O 103 -54.88 -32.71 -0.05
CA PRO O 103 -54.80 -32.99 1.40
C PRO O 103 -53.43 -32.69 1.97
N ILE O 104 -52.37 -33.03 1.23
CA ILE O 104 -51.01 -32.73 1.66
C ILE O 104 -50.81 -31.23 1.79
N ASP O 105 -51.26 -30.47 0.80
CA ASP O 105 -51.02 -29.03 0.80
C ASP O 105 -51.74 -28.35 1.96
N GLU O 106 -53.04 -28.59 2.10
CA GLU O 106 -53.80 -27.91 3.14
C GLU O 106 -53.40 -28.37 4.53
N ILE O 107 -53.26 -29.68 4.75
CA ILE O 107 -53.00 -30.15 6.11
C ILE O 107 -51.58 -29.80 6.56
N GLY O 108 -50.59 -30.09 5.73
CA GLY O 108 -49.23 -29.97 6.21
C GLY O 108 -48.27 -29.11 5.41
N LEU O 109 -48.52 -28.89 4.12
CA LEU O 109 -47.52 -28.24 3.29
C LEU O 109 -47.66 -26.71 3.33
N ILE O 110 -48.88 -26.20 3.26
CA ILE O 110 -49.10 -24.76 3.29
C ILE O 110 -48.77 -24.26 4.70
N GLY O 111 -47.78 -23.37 4.78
CA GLY O 111 -47.37 -22.82 6.05
C GLY O 111 -46.25 -23.56 6.76
N ILE O 112 -45.67 -24.60 6.15
CA ILE O 112 -44.61 -25.33 6.82
C ILE O 112 -43.27 -24.65 6.61
N LYS O 113 -43.14 -23.87 5.53
CA LYS O 113 -41.87 -23.25 5.23
C LYS O 113 -41.52 -22.17 6.24
N GLU O 114 -42.46 -21.26 6.53
CA GLU O 114 -42.21 -20.25 7.54
C GLU O 114 -42.25 -20.83 8.94
N THR O 115 -43.03 -21.90 9.13
CA THR O 115 -42.97 -22.61 10.41
C THR O 115 -41.56 -23.13 10.69
N TYR O 116 -40.94 -23.76 9.69
CA TYR O 116 -39.60 -24.30 9.89
C TYR O 116 -38.55 -23.20 9.91
N SER O 117 -38.84 -22.06 9.28
CA SER O 117 -37.95 -20.91 9.41
C SER O 117 -37.99 -20.35 10.83
N LEU O 118 -39.17 -20.27 11.43
CA LEU O 118 -39.28 -19.75 12.79
C LEU O 118 -38.70 -20.74 13.79
N LEU O 119 -38.90 -22.04 13.56
CA LEU O 119 -38.35 -23.04 14.46
C LEU O 119 -36.91 -23.37 14.18
N GLU O 120 -36.33 -22.80 13.12
CA GLU O 120 -34.98 -23.11 12.67
C GLU O 120 -34.80 -24.60 12.39
N VAL O 121 -35.80 -25.22 11.78
CA VAL O 121 -35.67 -26.62 11.37
C VAL O 121 -34.93 -26.68 10.04
N PRO O 122 -33.86 -27.46 9.93
CA PRO O 122 -33.16 -27.57 8.65
C PRO O 122 -34.00 -28.31 7.63
N VAL O 123 -34.35 -27.62 6.54
CA VAL O 123 -35.19 -28.24 5.52
C VAL O 123 -34.45 -29.31 4.74
N PRO O 124 -33.15 -29.18 4.45
CA PRO O 124 -32.42 -30.35 3.92
C PRO O 124 -32.54 -31.58 4.80
N GLY O 125 -32.52 -31.42 6.12
CA GLY O 125 -32.70 -32.57 6.99
C GLY O 125 -34.05 -33.23 6.80
N VAL O 126 -35.11 -32.41 6.71
CA VAL O 126 -36.44 -32.94 6.48
C VAL O 126 -36.50 -33.66 5.14
N ILE O 127 -35.83 -33.10 4.12
CA ILE O 127 -35.85 -33.70 2.79
C ILE O 127 -35.16 -35.06 2.81
N ASP O 128 -34.01 -35.16 3.48
CA ASP O 128 -33.36 -36.46 3.60
C ASP O 128 -34.21 -37.44 4.40
N GLY O 129 -34.93 -36.96 5.41
CA GLY O 129 -35.82 -37.85 6.14
C GLY O 129 -36.94 -38.37 5.27
N ILE O 130 -37.53 -37.51 4.45
CA ILE O 130 -38.62 -37.94 3.57
C ILE O 130 -38.10 -38.86 2.48
N LYS O 131 -36.88 -38.63 1.99
CA LYS O 131 -36.27 -39.55 1.04
C LYS O 131 -36.03 -40.91 1.68
N ALA O 132 -35.58 -40.92 2.93
CA ALA O 132 -35.43 -42.19 3.64
C ALA O 132 -36.76 -42.91 3.76
N ALA O 133 -37.83 -42.16 4.06
CA ALA O 133 -39.15 -42.76 4.09
C ALA O 133 -39.55 -43.28 2.71
N LYS O 134 -39.13 -42.59 1.65
CA LYS O 134 -39.33 -43.07 0.29
C LYS O 134 -38.74 -44.46 0.10
N GLN O 135 -37.46 -44.62 0.44
CA GLN O 135 -36.84 -45.93 0.26
C GLN O 135 -37.50 -47.00 1.14
N GLN O 136 -37.78 -46.67 2.40
CA GLN O 136 -38.43 -47.66 3.25
C GLN O 136 -39.78 -48.09 2.69
N ALA O 137 -40.59 -47.13 2.24
CA ALA O 137 -41.90 -47.45 1.69
C ALA O 137 -41.77 -48.26 0.41
N ALA O 138 -40.82 -47.91 -0.45
CA ALA O 138 -40.63 -48.65 -1.70
C ALA O 138 -40.20 -50.08 -1.42
N ALA O 139 -39.46 -50.30 -0.34
CA ALA O 139 -39.06 -51.65 0.01
C ALA O 139 -40.26 -52.50 0.41
N LEU O 140 -41.35 -51.86 0.84
CA LEU O 140 -42.52 -52.62 1.27
C LEU O 140 -43.57 -52.72 0.16
N LEU O 141 -43.49 -51.83 -0.83
CA LEU O 141 -44.43 -51.91 -1.93
C LEU O 141 -43.79 -52.60 -3.13
N SER O 142 -44.63 -53.01 -4.07
CA SER O 142 -44.14 -53.49 -5.35
C SER O 142 -43.66 -52.33 -6.20
N SER O 143 -42.95 -52.65 -7.28
CA SER O 143 -42.33 -51.61 -8.11
C SER O 143 -43.34 -50.61 -8.62
N GLU O 144 -44.46 -51.09 -9.18
CA GLU O 144 -45.51 -50.18 -9.64
C GLU O 144 -46.10 -49.40 -8.47
N ASP O 145 -46.40 -50.08 -7.37
CA ASP O 145 -46.94 -49.41 -6.20
C ASP O 145 -45.92 -48.46 -5.59
N ALA O 146 -44.65 -48.86 -5.60
CA ALA O 146 -43.60 -47.97 -5.12
C ALA O 146 -43.55 -46.69 -5.95
N ALA O 147 -43.67 -46.81 -7.27
CA ALA O 147 -43.69 -45.62 -8.12
C ALA O 147 -44.91 -44.75 -7.83
N GLU O 148 -46.07 -45.39 -7.65
CA GLU O 148 -47.29 -44.62 -7.41
C GLU O 148 -47.20 -43.81 -6.12
N ALA O 149 -46.68 -44.43 -5.05
CA ALA O 149 -46.54 -43.70 -3.79
C ALA O 149 -45.37 -42.72 -3.86
N SER O 150 -44.35 -43.03 -4.65
CA SER O 150 -43.20 -42.15 -4.75
C SER O 150 -43.52 -40.89 -5.52
N PHE O 151 -44.59 -40.92 -6.33
CA PHE O 151 -45.10 -39.69 -6.90
C PHE O 151 -45.39 -38.65 -5.81
N TYR O 152 -46.13 -39.07 -4.78
CA TYR O 152 -46.51 -38.16 -3.71
C TYR O 152 -45.34 -37.88 -2.77
N PHE O 153 -44.47 -38.87 -2.57
CA PHE O 153 -43.24 -38.60 -1.84
C PHE O 153 -42.40 -37.54 -2.54
N ASP O 154 -42.30 -37.62 -3.87
CA ASP O 154 -41.60 -36.61 -4.66
C ASP O 154 -42.28 -35.27 -4.56
N TYR O 155 -43.60 -35.25 -4.56
CA TYR O 155 -44.31 -33.99 -4.41
C TYR O 155 -43.96 -33.33 -3.08
N VAL O 156 -43.97 -34.10 -2.00
CA VAL O 156 -43.64 -33.54 -0.69
C VAL O 156 -42.20 -33.03 -0.68
N ILE O 157 -41.27 -33.82 -1.22
CA ILE O 157 -39.86 -33.44 -1.23
C ILE O 157 -39.66 -32.15 -2.02
N SER O 158 -40.27 -32.05 -3.20
CA SER O 158 -40.13 -30.84 -4.01
C SER O 158 -40.76 -29.64 -3.31
N ALA O 159 -41.90 -29.85 -2.64
CA ALA O 159 -42.56 -28.73 -1.98
C ALA O 159 -41.74 -28.22 -0.80
N MET O 160 -41.05 -29.12 -0.08
CA MET O 160 -40.22 -28.68 1.02
C MET O 160 -39.08 -27.79 0.54
N SER O 161 -38.42 -28.19 -0.54
CA SER O 161 -37.32 -27.39 -1.07
C SER O 161 -37.85 -26.19 -1.85
N SER P 2 -55.69 -30.28 -26.51
CA SER P 2 -55.75 -31.72 -26.26
C SER P 2 -55.85 -32.00 -24.77
N ALA P 3 -55.85 -33.29 -24.41
CA ALA P 3 -55.74 -33.65 -23.01
C ALA P 3 -54.40 -33.21 -22.43
N ILE P 4 -53.32 -33.48 -23.17
CA ILE P 4 -51.98 -33.07 -22.74
C ILE P 4 -51.89 -31.56 -22.64
N THR P 5 -52.40 -30.86 -23.65
CA THR P 5 -52.37 -29.40 -23.64
C THR P 5 -53.15 -28.86 -22.46
N LYS P 6 -54.30 -29.46 -22.16
CA LYS P 6 -55.08 -28.99 -21.02
C LYS P 6 -54.32 -29.17 -19.72
N ALA P 7 -53.65 -30.31 -19.54
CA ALA P 7 -52.84 -30.51 -18.35
C ALA P 7 -51.68 -29.52 -18.28
N ILE P 8 -51.04 -29.25 -19.42
CA ILE P 8 -49.90 -28.34 -19.42
C ILE P 8 -50.31 -26.92 -19.09
N LEU P 9 -51.43 -26.45 -19.64
CA LEU P 9 -51.92 -25.13 -19.24
C LEU P 9 -52.33 -25.09 -17.78
N ASN P 10 -52.91 -26.17 -17.26
CA ASN P 10 -53.21 -26.21 -15.84
C ASN P 10 -51.95 -26.05 -15.00
N ALA P 11 -50.88 -26.75 -15.38
CA ALA P 11 -49.62 -26.62 -14.67
C ALA P 11 -49.01 -25.24 -14.84
N ASP P 12 -49.08 -24.69 -16.05
CA ASP P 12 -48.46 -23.41 -16.35
C ASP P 12 -49.16 -22.28 -15.62
N ALA P 13 -50.47 -22.39 -15.44
CA ALA P 13 -51.21 -21.35 -14.73
C ALA P 13 -50.69 -21.17 -13.31
N GLU P 14 -50.34 -22.28 -12.65
CA GLU P 14 -49.80 -22.23 -11.30
C GLU P 14 -48.29 -22.15 -11.28
N ALA P 15 -47.64 -22.06 -12.44
CA ALA P 15 -46.18 -21.92 -12.55
C ALA P 15 -45.47 -23.07 -11.84
N ARG P 16 -45.90 -24.28 -12.13
CA ARG P 16 -45.35 -25.47 -11.47
C ARG P 16 -45.17 -26.58 -12.50
N TYR P 17 -44.48 -27.62 -12.08
CA TYR P 17 -44.36 -28.80 -12.90
C TYR P 17 -45.67 -29.59 -12.87
N LEU P 18 -45.74 -30.60 -13.74
CA LEU P 18 -46.93 -31.44 -13.80
C LEU P 18 -47.14 -32.16 -12.48
N SER P 19 -48.34 -32.04 -11.93
CA SER P 19 -48.70 -32.69 -10.68
C SER P 19 -48.89 -34.18 -10.89
N PRO P 20 -48.88 -34.98 -9.82
CA PRO P 20 -49.22 -36.40 -9.97
C PRO P 20 -50.61 -36.60 -10.59
N GLY P 21 -51.56 -35.72 -10.28
CA GLY P 21 -52.85 -35.80 -10.94
C GLY P 21 -52.77 -35.56 -12.44
N GLU P 22 -52.03 -34.53 -12.84
CA GLU P 22 -51.88 -34.25 -14.26
C GLU P 22 -51.10 -35.36 -14.97
N ILE P 23 -50.11 -35.94 -14.28
CA ILE P 23 -49.38 -37.06 -14.85
C ILE P 23 -50.31 -38.24 -15.07
N ASP P 24 -51.19 -38.50 -14.10
CA ASP P 24 -52.17 -39.57 -14.26
C ASP P 24 -53.09 -39.27 -15.44
N VAL P 25 -53.50 -38.01 -15.59
CA VAL P 25 -54.35 -37.63 -16.70
C VAL P 25 -53.67 -37.92 -18.03
N VAL P 26 -52.41 -37.50 -18.17
CA VAL P 26 -51.69 -37.70 -19.42
C VAL P 26 -51.51 -39.19 -19.69
N ARG P 27 -51.17 -39.96 -18.66
CA ARG P 27 -50.95 -41.39 -18.85
C ARG P 27 -52.23 -42.10 -19.26
N GLY P 28 -53.35 -41.69 -18.67
CA GLY P 28 -54.64 -42.23 -19.09
C GLY P 28 -54.96 -41.92 -20.54
N TYR P 29 -54.70 -40.68 -20.96
CA TYR P 29 -54.95 -40.33 -22.36
C TYR P 29 -54.06 -41.15 -23.30
N LEU P 30 -52.78 -41.29 -22.94
CA LEU P 30 -51.85 -42.03 -23.78
C LEU P 30 -52.22 -43.51 -23.85
N ALA P 31 -52.79 -44.05 -22.77
CA ALA P 31 -53.24 -45.43 -22.80
C ALA P 31 -54.52 -45.58 -23.62
N SER P 32 -55.40 -44.57 -23.57
CA SER P 32 -56.65 -44.60 -24.33
C SER P 32 -56.45 -44.38 -25.81
N GLY P 33 -55.26 -43.92 -26.21
CA GLY P 33 -55.04 -43.52 -27.60
C GLY P 33 -55.47 -44.52 -28.65
N GLU P 34 -55.21 -45.80 -28.42
CA GLU P 34 -55.53 -46.80 -29.46
C GLU P 34 -57.04 -46.96 -29.63
N ARG P 35 -57.77 -47.00 -28.52
CA ARG P 35 -59.24 -47.03 -28.58
C ARG P 35 -59.78 -45.77 -29.25
N ARG P 36 -59.17 -44.62 -28.94
CA ARG P 36 -59.59 -43.38 -29.56
C ARG P 36 -59.37 -43.41 -31.07
N VAL P 37 -58.23 -43.93 -31.51
CA VAL P 37 -57.94 -44.03 -32.93
C VAL P 37 -58.95 -44.96 -33.61
N ARG P 38 -59.28 -46.07 -32.96
CA ARG P 38 -60.27 -46.97 -33.56
C ARG P 38 -61.62 -46.29 -33.72
N VAL P 39 -62.09 -45.60 -32.68
CA VAL P 39 -63.39 -44.95 -32.75
C VAL P 39 -63.38 -43.87 -33.83
N ALA P 40 -62.32 -43.06 -33.87
CA ALA P 40 -62.24 -42.00 -34.86
C ALA P 40 -62.16 -42.57 -36.27
N ARG P 41 -61.43 -43.67 -36.46
CA ARG P 41 -61.34 -44.29 -37.76
C ARG P 41 -62.69 -44.81 -38.22
N VAL P 42 -63.43 -45.45 -37.32
CA VAL P 42 -64.75 -45.98 -37.69
C VAL P 42 -65.69 -44.85 -38.05
N LEU P 43 -65.67 -43.76 -37.29
CA LEU P 43 -66.52 -42.62 -37.63
C LEU P 43 -66.10 -41.97 -38.94
N SER P 44 -64.80 -41.91 -39.21
CA SER P 44 -64.32 -41.22 -40.40
C SER P 44 -64.55 -42.04 -41.66
N ASP P 45 -64.55 -43.37 -41.54
CA ASP P 45 -64.74 -44.21 -42.72
C ASP P 45 -66.19 -44.25 -43.15
N ASN P 46 -67.11 -44.17 -42.18
CA ASN P 46 -68.54 -44.19 -42.45
C ASN P 46 -69.17 -42.82 -42.36
N ALA P 47 -68.38 -41.77 -42.59
CA ALA P 47 -68.90 -40.41 -42.45
C ALA P 47 -70.05 -40.15 -43.40
N LEU P 48 -69.93 -40.60 -44.64
CA LEU P 48 -70.91 -40.30 -45.66
C LEU P 48 -72.29 -40.86 -45.28
N ARG P 49 -72.33 -42.12 -44.86
CA ARG P 49 -73.63 -42.72 -44.59
C ARG P 49 -74.20 -42.19 -43.28
N ILE P 50 -73.34 -41.90 -42.31
CA ILE P 50 -73.80 -41.29 -41.06
C ILE P 50 -74.49 -39.97 -41.34
N VAL P 51 -73.85 -39.11 -42.14
CA VAL P 51 -74.42 -37.80 -42.43
C VAL P 51 -75.69 -37.96 -43.27
N ARG P 52 -75.69 -38.87 -44.24
CA ARG P 52 -76.87 -39.04 -45.08
C ARG P 52 -78.08 -39.52 -44.28
N GLY P 53 -77.88 -40.53 -43.43
CA GLY P 53 -78.97 -40.99 -42.61
C GLY P 53 -79.43 -39.96 -41.60
N ALA P 54 -78.48 -39.19 -41.03
CA ALA P 54 -78.86 -38.14 -40.11
C ALA P 54 -79.70 -37.07 -40.80
N GLY P 55 -79.31 -36.68 -42.00
CA GLY P 55 -80.10 -35.71 -42.75
C GLY P 55 -81.48 -36.23 -43.07
N ASP P 56 -81.57 -37.51 -43.47
CA ASP P 56 -82.88 -38.10 -43.72
C ASP P 56 -83.76 -38.05 -42.49
N THR P 57 -83.22 -38.48 -41.35
CA THR P 57 -84.01 -38.48 -40.11
C THR P 57 -84.43 -37.08 -39.71
N MET P 58 -83.51 -36.12 -39.78
CA MET P 58 -83.81 -34.75 -39.39
C MET P 58 -84.87 -34.14 -40.29
N PHE P 59 -84.79 -34.39 -41.60
CA PHE P 59 -85.76 -33.81 -42.52
C PHE P 59 -87.12 -34.46 -42.38
N GLN P 60 -87.17 -35.77 -42.11
CA GLN P 60 -88.48 -36.38 -41.87
C GLN P 60 -89.06 -35.90 -40.54
N LYS P 61 -88.21 -35.63 -39.56
CA LYS P 61 -88.68 -35.15 -38.27
C LYS P 61 -89.24 -33.73 -38.37
N ARG P 62 -88.55 -32.86 -39.11
CA ARG P 62 -88.96 -31.47 -39.29
C ARG P 62 -88.95 -31.14 -40.78
N PRO P 63 -90.00 -31.52 -41.51
CA PRO P 63 -90.06 -31.19 -42.94
C PRO P 63 -90.23 -29.71 -43.22
N ASP P 64 -90.50 -28.90 -42.19
CA ASP P 64 -90.62 -27.45 -42.39
C ASP P 64 -89.31 -26.84 -42.85
N LEU P 65 -88.18 -27.48 -42.52
CA LEU P 65 -86.88 -26.95 -42.93
C LEU P 65 -86.73 -26.97 -44.45
N VAL P 66 -87.24 -28.02 -45.10
CA VAL P 66 -87.12 -28.15 -46.56
C VAL P 66 -88.37 -27.65 -47.29
N ALA P 67 -89.41 -27.25 -46.58
CA ALA P 67 -90.56 -26.64 -47.21
C ALA P 67 -90.22 -25.23 -47.68
N PRO P 68 -90.94 -24.71 -48.66
CA PRO P 68 -90.73 -23.31 -49.07
C PRO P 68 -90.84 -22.37 -47.88
N GLY P 69 -89.86 -21.48 -47.76
CA GLY P 69 -89.74 -20.63 -46.60
C GLY P 69 -88.91 -21.20 -45.48
N GLY P 70 -88.54 -22.48 -45.55
CA GLY P 70 -87.65 -23.05 -44.57
C GLY P 70 -86.22 -22.59 -44.77
N ASN P 71 -85.41 -22.77 -43.73
CA ASN P 71 -84.02 -22.32 -43.80
C ASN P 71 -83.21 -23.17 -44.78
N ALA P 72 -83.57 -24.44 -44.92
CA ALA P 72 -82.84 -25.35 -45.79
C ALA P 72 -83.52 -25.58 -47.13
N TYR P 73 -84.53 -24.78 -47.47
CA TYR P 73 -85.24 -25.00 -48.72
C TYR P 73 -84.33 -24.75 -49.91
N GLY P 74 -84.46 -25.60 -50.92
CA GLY P 74 -83.62 -25.52 -52.09
C GLY P 74 -82.46 -26.49 -52.04
N GLU P 75 -81.92 -26.79 -53.21
CA GLU P 75 -80.79 -27.72 -53.27
C GLU P 75 -79.55 -27.15 -52.60
N VAL P 76 -79.27 -25.86 -52.83
CA VAL P 76 -78.08 -25.23 -52.26
C VAL P 76 -78.17 -25.20 -50.74
N ARG P 77 -79.32 -24.81 -50.20
CA ARG P 77 -79.45 -24.74 -48.74
C ARG P 77 -79.49 -26.11 -48.10
N THR P 78 -80.09 -27.09 -48.77
CA THR P 78 -80.03 -28.46 -48.26
C THR P 78 -78.60 -28.97 -48.23
N ALA P 79 -77.84 -28.67 -49.28
CA ALA P 79 -76.43 -29.05 -49.30
C ALA P 79 -75.65 -28.36 -48.20
N LYS P 80 -75.95 -27.09 -47.94
CA LYS P 80 -75.33 -26.37 -46.82
C LYS P 80 -75.64 -27.04 -45.49
N CYS P 81 -76.90 -27.44 -45.30
CA CYS P 81 -77.31 -28.11 -44.08
C CYS P 81 -76.55 -29.43 -43.88
N LEU P 82 -76.51 -30.26 -44.92
CA LEU P 82 -75.81 -31.52 -44.81
C LEU P 82 -74.31 -31.30 -44.64
N ARG P 83 -73.80 -30.21 -45.22
CA ARG P 83 -72.40 -29.86 -45.03
C ARG P 83 -72.11 -29.52 -43.57
N ASP P 84 -73.02 -28.82 -42.92
CA ASP P 84 -72.85 -28.52 -41.50
C ASP P 84 -72.88 -29.78 -40.66
N LEU P 85 -73.76 -30.72 -41.01
CA LEU P 85 -73.76 -32.01 -40.31
C LEU P 85 -72.43 -32.74 -40.51
N ASP P 86 -71.89 -32.69 -41.73
CA ASP P 86 -70.59 -33.30 -42.00
C ASP P 86 -69.49 -32.62 -41.20
N TYR P 87 -69.55 -31.29 -41.12
CA TYR P 87 -68.61 -30.52 -40.29
C TYR P 87 -68.63 -31.02 -38.85
N PHE P 88 -69.82 -31.15 -38.28
CA PHE P 88 -69.91 -31.52 -36.88
C PHE P 88 -69.45 -32.96 -36.66
N LEU P 89 -69.67 -33.85 -37.62
CA LEU P 89 -69.13 -35.20 -37.47
C LEU P 89 -67.61 -35.20 -37.50
N ARG P 90 -67.03 -34.39 -38.39
CA ARG P 90 -65.57 -34.31 -38.46
C ARG P 90 -64.99 -33.76 -37.16
N LEU P 91 -65.66 -32.77 -36.57
CA LEU P 91 -65.20 -32.25 -35.30
C LEU P 91 -65.45 -33.22 -34.14
N VAL P 92 -66.48 -34.04 -34.22
CA VAL P 92 -66.65 -35.09 -33.22
C VAL P 92 -65.46 -36.05 -33.27
N THR P 93 -65.04 -36.45 -34.46
CA THR P 93 -63.85 -37.30 -34.56
C THR P 93 -62.61 -36.58 -34.04
N TYR P 94 -62.46 -35.30 -34.37
CA TYR P 94 -61.33 -34.52 -33.87
C TYR P 94 -61.31 -34.51 -32.35
N GLY P 95 -62.48 -34.37 -31.73
CA GLY P 95 -62.54 -34.34 -30.28
C GLY P 95 -62.32 -35.70 -29.65
N VAL P 96 -62.70 -36.76 -30.35
CA VAL P 96 -62.38 -38.10 -29.88
C VAL P 96 -60.88 -38.32 -29.90
N LEU P 97 -60.21 -37.83 -30.93
CA LEU P 97 -58.76 -37.98 -31.01
C LEU P 97 -58.04 -37.13 -29.98
N ALA P 98 -58.44 -35.88 -29.79
CA ALA P 98 -57.73 -34.99 -28.89
C ALA P 98 -57.96 -35.41 -27.44
N GLY P 99 -59.04 -36.13 -27.17
CA GLY P 99 -59.37 -36.47 -25.81
C GLY P 99 -60.00 -35.35 -25.03
N ASP P 100 -60.31 -34.23 -25.67
CA ASP P 100 -61.12 -33.19 -25.06
C ASP P 100 -61.81 -32.42 -26.18
N THR P 101 -62.48 -31.35 -25.81
CA THR P 101 -63.38 -30.64 -26.70
C THR P 101 -62.80 -29.33 -27.25
N SER P 102 -61.53 -29.05 -26.99
CA SER P 102 -60.95 -27.80 -27.50
C SER P 102 -60.96 -27.70 -29.02
N PRO P 103 -60.62 -28.72 -29.81
CA PRO P 103 -60.78 -28.59 -31.26
C PRO P 103 -62.20 -28.30 -31.69
N ILE P 104 -63.17 -28.91 -31.02
CA ILE P 104 -64.57 -28.70 -31.35
C ILE P 104 -64.96 -27.25 -31.11
N ASP P 105 -64.54 -26.70 -29.97
CA ASP P 105 -64.85 -25.31 -29.65
C ASP P 105 -64.16 -24.37 -30.62
N GLU P 106 -62.89 -24.61 -30.91
CA GLU P 106 -62.11 -23.64 -31.68
C GLU P 106 -62.48 -23.67 -33.15
N ILE P 107 -62.94 -24.82 -33.66
CA ILE P 107 -63.25 -24.90 -35.08
C ILE P 107 -64.73 -24.68 -35.34
N GLY P 108 -65.60 -25.17 -34.45
CA GLY P 108 -67.00 -25.23 -34.80
C GLY P 108 -68.02 -24.61 -33.88
N LEU P 109 -67.65 -24.32 -32.64
CA LEU P 109 -68.67 -23.89 -31.68
C LEU P 109 -68.57 -22.40 -31.36
N ILE P 110 -67.35 -21.87 -31.31
CA ILE P 110 -67.19 -20.45 -31.03
C ILE P 110 -67.70 -19.64 -32.21
N GLY P 111 -68.71 -18.82 -31.96
CA GLY P 111 -69.34 -18.04 -33.00
C GLY P 111 -70.56 -18.69 -33.63
N ILE P 112 -70.84 -19.96 -33.36
CA ILE P 112 -71.93 -20.65 -34.05
C ILE P 112 -73.27 -20.10 -33.60
N LYS P 113 -73.37 -19.69 -32.34
CA LYS P 113 -74.62 -19.09 -31.87
C LYS P 113 -74.93 -17.83 -32.66
N GLU P 114 -73.95 -16.95 -32.82
CA GLU P 114 -74.17 -15.74 -33.60
C GLU P 114 -74.40 -16.05 -35.07
N THR P 115 -73.65 -16.99 -35.63
CA THR P 115 -73.80 -17.36 -37.03
C THR P 115 -75.21 -17.84 -37.32
N TYR P 116 -75.71 -18.77 -36.51
CA TYR P 116 -77.03 -19.33 -36.76
C TYR P 116 -78.12 -18.34 -36.38
N SER P 117 -77.87 -17.47 -35.40
CA SER P 117 -78.85 -16.45 -35.08
C SER P 117 -79.02 -15.47 -36.23
N LEU P 118 -77.92 -14.99 -36.81
CA LEU P 118 -78.02 -14.09 -37.94
C LEU P 118 -78.63 -14.78 -39.15
N LEU P 119 -78.20 -16.01 -39.43
CA LEU P 119 -78.72 -16.70 -40.60
C LEU P 119 -80.12 -17.25 -40.39
N GLU P 120 -80.64 -17.18 -39.17
CA GLU P 120 -81.96 -17.68 -38.83
C GLU P 120 -82.04 -19.20 -39.03
N VAL P 121 -80.92 -19.86 -38.81
CA VAL P 121 -80.88 -21.32 -38.79
C VAL P 121 -81.52 -21.80 -37.49
N PRO P 122 -82.51 -22.70 -37.54
CA PRO P 122 -83.09 -23.21 -36.31
C PRO P 122 -82.13 -24.17 -35.61
N VAL P 123 -81.60 -23.72 -34.47
CA VAL P 123 -80.71 -24.52 -33.65
C VAL P 123 -81.39 -25.81 -33.18
N PRO P 124 -82.67 -25.80 -32.80
CA PRO P 124 -83.32 -27.09 -32.50
C PRO P 124 -83.28 -28.08 -33.65
N GLY P 125 -83.40 -27.61 -34.89
CA GLY P 125 -83.26 -28.51 -36.03
C GLY P 125 -81.84 -29.04 -36.18
N VAL P 126 -80.85 -28.19 -35.92
CA VAL P 126 -79.47 -28.66 -35.91
C VAL P 126 -79.31 -29.75 -34.86
N ILE P 127 -79.91 -29.55 -33.69
CA ILE P 127 -79.79 -30.49 -32.58
C ILE P 127 -80.44 -31.82 -32.94
N ASP P 128 -81.58 -31.78 -33.62
CA ASP P 128 -82.19 -33.00 -34.12
C ASP P 128 -81.25 -33.71 -35.10
N GLY P 129 -80.60 -32.96 -35.99
CA GLY P 129 -79.67 -33.58 -36.91
C GLY P 129 -78.48 -34.21 -36.22
N ILE P 130 -77.95 -33.54 -35.20
CA ILE P 130 -76.78 -34.05 -34.50
C ILE P 130 -77.13 -35.26 -33.65
N LYS P 131 -78.32 -35.25 -33.03
CA LYS P 131 -78.78 -36.43 -32.31
C LYS P 131 -78.99 -37.60 -33.26
N ALA P 132 -79.52 -37.32 -34.45
CA ALA P 132 -79.65 -38.35 -35.48
C ALA P 132 -78.30 -38.94 -35.84
N ALA P 133 -77.29 -38.08 -36.04
CA ALA P 133 -75.95 -38.57 -36.32
C ALA P 133 -75.38 -39.37 -35.16
N LYS P 134 -75.74 -38.98 -33.94
CA LYS P 134 -75.31 -39.74 -32.77
C LYS P 134 -75.88 -41.16 -32.79
N GLN P 135 -77.17 -41.31 -33.09
CA GLN P 135 -77.73 -42.66 -33.21
C GLN P 135 -77.11 -43.42 -34.38
N GLN P 136 -76.90 -42.74 -35.51
CA GLN P 136 -76.31 -43.39 -36.67
C GLN P 136 -74.94 -43.96 -36.33
N ALA P 137 -74.12 -43.20 -35.61
CA ALA P 137 -72.78 -43.67 -35.26
C ALA P 137 -72.83 -44.71 -34.15
N ALA P 138 -73.77 -44.57 -33.21
CA ALA P 138 -73.89 -45.56 -32.14
C ALA P 138 -74.28 -46.91 -32.71
N ALA P 139 -75.00 -46.92 -33.83
CA ALA P 139 -75.27 -48.17 -34.52
C ALA P 139 -73.98 -48.80 -35.05
N LEU P 140 -73.05 -47.97 -35.50
CA LEU P 140 -71.82 -48.47 -36.11
C LEU P 140 -70.82 -48.93 -35.06
N LEU P 141 -70.94 -48.45 -33.83
CA LEU P 141 -69.94 -48.70 -32.83
C LEU P 141 -70.42 -49.74 -31.83
N SER P 142 -69.46 -50.38 -31.16
CA SER P 142 -69.80 -51.22 -30.02
C SER P 142 -70.29 -50.36 -28.87
N SER P 143 -70.74 -51.01 -27.79
CA SER P 143 -71.31 -50.28 -26.67
C SER P 143 -70.32 -49.31 -26.06
N GLU P 144 -69.08 -49.75 -25.82
CA GLU P 144 -68.08 -48.89 -25.22
C GLU P 144 -67.65 -47.78 -26.17
N ASP P 145 -67.42 -48.12 -27.44
CA ASP P 145 -67.04 -47.10 -28.41
C ASP P 145 -68.15 -46.09 -28.63
N ALA P 146 -69.39 -46.57 -28.68
CA ALA P 146 -70.53 -45.67 -28.80
C ALA P 146 -70.62 -44.75 -27.60
N ALA P 147 -70.38 -45.29 -26.40
CA ALA P 147 -70.37 -44.45 -25.21
C ALA P 147 -69.27 -43.40 -25.27
N GLU P 148 -68.12 -43.76 -25.84
CA GLU P 148 -67.02 -42.81 -25.96
C GLU P 148 -67.39 -41.66 -26.91
N ALA P 149 -67.97 -41.98 -28.06
CA ALA P 149 -68.31 -40.93 -29.03
C ALA P 149 -69.53 -40.12 -28.59
N SER P 150 -70.42 -40.74 -27.83
CA SER P 150 -71.64 -40.06 -27.42
C SER P 150 -71.32 -38.88 -26.52
N PHE P 151 -70.21 -38.93 -25.79
CA PHE P 151 -69.81 -37.80 -24.98
C PHE P 151 -69.63 -36.55 -25.84
N TYR P 152 -68.94 -36.69 -26.98
CA TYR P 152 -68.67 -35.54 -27.82
C TYR P 152 -69.90 -35.13 -28.63
N PHE P 153 -70.70 -36.11 -29.07
CA PHE P 153 -71.97 -35.76 -29.71
C PHE P 153 -72.85 -34.96 -28.76
N ASP P 154 -72.95 -35.41 -27.52
CA ASP P 154 -73.76 -34.71 -26.52
C ASP P 154 -73.15 -33.37 -26.17
N TYR P 155 -71.83 -33.27 -26.17
CA TYR P 155 -71.19 -31.99 -25.92
C TYR P 155 -71.55 -30.98 -27.01
N VAL P 156 -71.52 -31.41 -28.27
CA VAL P 156 -71.89 -30.51 -29.36
C VAL P 156 -73.34 -30.09 -29.21
N ILE P 157 -74.23 -31.05 -28.93
CA ILE P 157 -75.65 -30.74 -28.78
C ILE P 157 -75.86 -29.75 -27.64
N SER P 158 -75.21 -29.98 -26.50
CA SER P 158 -75.39 -29.09 -25.35
C SER P 158 -74.81 -27.71 -25.61
N ALA P 159 -73.72 -27.64 -26.37
CA ALA P 159 -73.15 -26.34 -26.70
C ALA P 159 -74.03 -25.59 -27.68
N MET P 160 -74.87 -26.31 -28.45
CA MET P 160 -75.84 -25.63 -29.28
C MET P 160 -76.82 -24.82 -28.43
N SER P 161 -77.44 -25.46 -27.44
CA SER P 161 -78.38 -24.78 -26.57
C SER P 161 -77.82 -24.64 -25.16
N SER Q 2 -87.47 6.77 -17.92
CA SER Q 2 -88.01 7.53 -19.04
C SER Q 2 -86.97 8.47 -19.61
N ALA Q 3 -87.43 9.43 -20.42
CA ALA Q 3 -86.52 10.46 -20.92
C ALA Q 3 -85.98 11.31 -19.78
N ILE Q 4 -86.84 11.64 -18.81
CA ILE Q 4 -86.42 12.47 -17.69
C ILE Q 4 -85.45 11.72 -16.79
N THR Q 5 -85.73 10.45 -16.54
CA THR Q 5 -84.86 9.63 -15.70
C THR Q 5 -83.47 9.49 -16.30
N LYS Q 6 -83.39 9.32 -17.61
CA LYS Q 6 -82.09 9.19 -18.25
C LYS Q 6 -81.25 10.44 -18.08
N ALA Q 7 -81.85 11.61 -18.28
CA ALA Q 7 -81.15 12.87 -18.12
C ALA Q 7 -80.73 13.09 -16.67
N ILE Q 8 -81.62 12.80 -15.71
CA ILE Q 8 -81.28 13.02 -14.32
C ILE Q 8 -80.16 12.07 -13.89
N LEU Q 9 -80.20 10.83 -14.35
CA LEU Q 9 -79.11 9.90 -14.02
C LEU Q 9 -77.79 10.36 -14.62
N ASN Q 10 -77.81 10.86 -15.85
CA ASN Q 10 -76.57 11.39 -16.43
C ASN Q 10 -76.03 12.56 -15.62
N ALA Q 11 -76.92 13.48 -15.24
CA ALA Q 11 -76.47 14.64 -14.46
C ALA Q 11 -75.94 14.21 -13.09
N ASP Q 12 -76.59 13.23 -12.48
CA ASP Q 12 -76.21 12.81 -11.14
C ASP Q 12 -74.90 12.05 -11.14
N ALA Q 13 -74.65 11.26 -12.19
CA ALA Q 13 -73.38 10.54 -12.27
C ALA Q 13 -72.21 11.50 -12.30
N GLU Q 14 -72.35 12.63 -12.99
CA GLU Q 14 -71.36 13.69 -12.99
C GLU Q 14 -71.55 14.67 -11.84
N ALA Q 15 -72.53 14.43 -10.97
CA ALA Q 15 -72.72 15.20 -9.74
C ALA Q 15 -72.89 16.68 -10.03
N ARG Q 16 -73.80 16.99 -10.96
CA ARG Q 16 -74.04 18.34 -11.40
C ARG Q 16 -75.53 18.57 -11.57
N TYR Q 17 -75.90 19.83 -11.76
CA TYR Q 17 -77.26 20.13 -12.16
C TYR Q 17 -77.45 19.83 -13.64
N LEU Q 18 -78.70 19.91 -14.09
CA LEU Q 18 -78.99 19.61 -15.49
C LEU Q 18 -78.37 20.67 -16.39
N SER Q 19 -77.70 20.20 -17.43
CA SER Q 19 -77.06 21.06 -18.42
C SER Q 19 -78.11 21.63 -19.36
N PRO Q 20 -77.78 22.70 -20.09
CA PRO Q 20 -78.76 23.24 -21.05
C PRO Q 20 -79.23 22.21 -22.07
N GLY Q 21 -78.33 21.33 -22.51
CA GLY Q 21 -78.76 20.27 -23.42
C GLY Q 21 -79.74 19.31 -22.78
N GLU Q 22 -79.48 18.91 -21.53
CA GLU Q 22 -80.42 18.07 -20.81
C GLU Q 22 -81.75 18.78 -20.60
N ILE Q 23 -81.71 20.09 -20.35
CA ILE Q 23 -82.94 20.85 -20.23
C ILE Q 23 -83.73 20.83 -21.52
N ASP Q 24 -83.05 20.97 -22.66
CA ASP Q 24 -83.75 20.90 -23.94
C ASP Q 24 -84.32 19.50 -24.18
N VAL Q 25 -83.61 18.46 -23.77
CA VAL Q 25 -84.14 17.11 -23.92
C VAL Q 25 -85.42 16.94 -23.12
N VAL Q 26 -85.40 17.35 -21.85
CA VAL Q 26 -86.57 17.25 -21.00
C VAL Q 26 -87.71 18.10 -21.54
N ARG Q 27 -87.40 19.29 -22.03
CA ARG Q 27 -88.41 20.17 -22.57
C ARG Q 27 -89.05 19.59 -23.82
N GLY Q 28 -88.25 19.00 -24.70
CA GLY Q 28 -88.80 18.39 -25.89
C GLY Q 28 -89.68 17.20 -25.57
N TYR Q 29 -89.28 16.41 -24.58
CA TYR Q 29 -90.15 15.32 -24.12
C TYR Q 29 -91.47 15.86 -23.58
N LEU Q 30 -91.40 16.91 -22.76
CA LEU Q 30 -92.63 17.46 -22.18
C LEU Q 30 -93.54 18.04 -23.26
N ALA Q 31 -92.94 18.66 -24.28
CA ALA Q 31 -93.73 19.16 -25.40
C ALA Q 31 -94.37 18.02 -26.17
N SER Q 32 -93.65 16.93 -26.37
CA SER Q 32 -94.15 15.76 -27.08
C SER Q 32 -95.17 14.96 -26.30
N GLY Q 33 -95.35 15.29 -25.01
CA GLY Q 33 -96.24 14.53 -24.17
C GLY Q 33 -97.64 14.31 -24.73
N GLU Q 34 -98.24 15.35 -25.31
CA GLU Q 34 -99.62 15.22 -25.77
C GLU Q 34 -99.75 14.24 -26.92
N ARG Q 35 -98.82 14.30 -27.89
CA ARG Q 35 -98.89 13.36 -29.00
C ARG Q 35 -98.53 11.96 -28.54
N ARG Q 36 -97.63 11.83 -27.57
CA ARG Q 36 -97.36 10.52 -27.01
C ARG Q 36 -98.60 9.94 -26.35
N VAL Q 37 -99.35 10.77 -25.63
CA VAL Q 37 -100.55 10.30 -24.94
C VAL Q 37 -101.60 9.86 -25.96
N ARG Q 38 -101.78 10.62 -27.03
CA ARG Q 38 -102.80 10.22 -28.00
C ARG Q 38 -102.38 8.98 -28.78
N VAL Q 39 -101.08 8.84 -29.09
CA VAL Q 39 -100.61 7.62 -29.73
C VAL Q 39 -100.83 6.41 -28.85
N ALA Q 40 -100.47 6.53 -27.57
CA ALA Q 40 -100.63 5.41 -26.65
C ALA Q 40 -102.10 5.10 -26.41
N ARG Q 41 -102.96 6.12 -26.39
CA ARG Q 41 -104.39 5.89 -26.23
C ARG Q 41 -104.96 5.12 -27.42
N VAL Q 42 -104.56 5.50 -28.63
CA VAL Q 42 -105.00 4.74 -29.80
C VAL Q 42 -104.51 3.30 -29.73
N LEU Q 43 -103.24 3.11 -29.39
CA LEU Q 43 -102.71 1.74 -29.35
C LEU Q 43 -103.41 0.91 -28.28
N SER Q 44 -103.68 1.50 -27.12
CA SER Q 44 -104.28 0.75 -26.03
C SER Q 44 -105.74 0.42 -26.31
N ASP Q 45 -106.47 1.34 -26.93
CA ASP Q 45 -107.90 1.14 -27.11
C ASP Q 45 -108.20 0.08 -28.17
N ASN Q 46 -107.24 -0.19 -29.05
CA ASN Q 46 -107.39 -1.21 -30.08
C ASN Q 46 -106.45 -2.39 -29.87
N ALA Q 47 -106.08 -2.67 -28.62
CA ALA Q 47 -105.10 -3.72 -28.36
C ALA Q 47 -105.60 -5.09 -28.80
N LEU Q 48 -106.89 -5.38 -28.54
CA LEU Q 48 -107.44 -6.66 -28.97
C LEU Q 48 -107.41 -6.80 -30.49
N ARG Q 49 -107.80 -5.74 -31.19
CA ARG Q 49 -107.83 -5.78 -32.66
C ARG Q 49 -106.43 -5.97 -33.22
N ILE Q 50 -105.46 -5.20 -32.71
CA ILE Q 50 -104.09 -5.31 -33.20
C ILE Q 50 -103.51 -6.68 -32.92
N VAL Q 51 -103.70 -7.20 -31.71
CA VAL Q 51 -103.13 -8.50 -31.37
C VAL Q 51 -103.77 -9.59 -32.21
N ARG Q 52 -105.09 -9.54 -32.40
CA ARG Q 52 -105.77 -10.53 -33.21
C ARG Q 52 -105.27 -10.50 -34.66
N GLY Q 53 -105.17 -9.32 -35.25
CA GLY Q 53 -104.70 -9.22 -36.62
C GLY Q 53 -103.26 -9.65 -36.78
N ALA Q 54 -102.40 -9.25 -35.83
CA ALA Q 54 -101.00 -9.64 -35.89
C ALA Q 54 -100.84 -11.15 -35.74
N GLY Q 55 -101.61 -11.76 -34.85
CA GLY Q 55 -101.58 -13.21 -34.73
C GLY Q 55 -102.04 -13.91 -36.01
N ASP Q 56 -103.11 -13.39 -36.63
CA ASP Q 56 -103.58 -13.97 -37.88
C ASP Q 56 -102.51 -13.89 -38.96
N THR Q 57 -101.89 -12.72 -39.11
CA THR Q 57 -100.86 -12.56 -40.13
C THR Q 57 -99.67 -13.46 -39.86
N MET Q 58 -99.23 -13.54 -38.60
CA MET Q 58 -98.07 -14.36 -38.27
C MET Q 58 -98.35 -15.84 -38.49
N PHE Q 59 -99.56 -16.29 -38.16
CA PHE Q 59 -99.87 -17.72 -38.33
C PHE Q 59 -100.12 -18.06 -39.79
N GLN Q 60 -100.54 -17.08 -40.60
CA GLN Q 60 -100.62 -17.32 -42.04
C GLN Q 60 -99.22 -17.36 -42.66
N LYS Q 61 -98.32 -16.49 -42.22
CA LYS Q 61 -96.96 -16.48 -42.74
C LYS Q 61 -96.21 -17.75 -42.35
N ARG Q 62 -96.38 -18.21 -41.11
CA ARG Q 62 -95.71 -19.39 -40.60
C ARG Q 62 -96.74 -20.36 -40.05
N PRO Q 63 -97.40 -21.12 -40.92
CA PRO Q 63 -98.38 -22.11 -40.44
C PRO Q 63 -97.76 -23.22 -39.61
N ASP Q 64 -96.45 -23.42 -39.71
CA ASP Q 64 -95.80 -24.49 -38.97
C ASP Q 64 -95.82 -24.26 -37.46
N LEU Q 65 -95.96 -23.01 -37.03
CA LEU Q 65 -96.05 -22.73 -35.60
C LEU Q 65 -97.27 -23.40 -34.98
N VAL Q 66 -98.40 -23.36 -35.67
CA VAL Q 66 -99.63 -23.98 -35.16
C VAL Q 66 -99.87 -25.37 -35.71
N ALA Q 67 -99.04 -25.85 -36.64
CA ALA Q 67 -99.10 -27.22 -37.10
C ALA Q 67 -98.62 -28.15 -35.98
N PRO Q 68 -98.98 -29.43 -36.03
CA PRO Q 68 -98.49 -30.37 -35.02
C PRO Q 68 -96.96 -30.39 -34.99
N GLY Q 69 -96.41 -30.44 -33.78
CA GLY Q 69 -94.99 -30.32 -33.59
C GLY Q 69 -94.48 -28.89 -33.55
N GLY Q 70 -95.33 -27.91 -33.80
CA GLY Q 70 -94.92 -26.52 -33.73
C GLY Q 70 -94.96 -26.00 -32.30
N ASN Q 71 -94.18 -24.94 -32.07
CA ASN Q 71 -94.09 -24.39 -30.72
C ASN Q 71 -95.41 -23.79 -30.25
N ALA Q 72 -96.17 -23.20 -31.16
CA ALA Q 72 -97.45 -22.60 -30.81
C ALA Q 72 -98.62 -23.56 -30.96
N TYR Q 73 -98.38 -24.82 -31.32
CA TYR Q 73 -99.46 -25.76 -31.52
C TYR Q 73 -100.22 -26.00 -30.22
N GLY Q 74 -101.52 -26.17 -30.34
CA GLY Q 74 -102.37 -26.35 -29.19
C GLY Q 74 -103.08 -25.07 -28.82
N GLU Q 75 -104.26 -25.22 -28.21
CA GLU Q 75 -105.03 -24.06 -27.82
C GLU Q 75 -104.30 -23.24 -26.77
N VAL Q 76 -103.71 -23.90 -25.78
CA VAL Q 76 -103.02 -23.20 -24.70
C VAL Q 76 -101.82 -22.44 -25.23
N ARG Q 77 -100.97 -23.13 -26.00
CA ARG Q 77 -99.76 -22.50 -26.52
C ARG Q 77 -100.08 -21.38 -27.50
N THR Q 78 -101.05 -21.58 -28.39
CA THR Q 78 -101.42 -20.52 -29.31
C THR Q 78 -101.98 -19.31 -28.55
N ALA Q 79 -102.86 -19.57 -27.58
CA ALA Q 79 -103.43 -18.48 -26.81
C ALA Q 79 -102.35 -17.68 -26.09
N LYS Q 80 -101.34 -18.37 -25.59
CA LYS Q 80 -100.37 -17.69 -24.73
C LYS Q 80 -99.22 -17.12 -25.56
N CYS Q 81 -99.05 -17.61 -26.79
CA CYS Q 81 -98.39 -16.86 -27.85
C CYS Q 81 -99.04 -15.51 -28.10
N LEU Q 82 -100.35 -15.51 -28.34
CA LEU Q 82 -101.06 -14.25 -28.54
C LEU Q 82 -100.95 -13.36 -27.31
N ARG Q 83 -100.90 -13.98 -26.14
CA ARG Q 83 -100.60 -13.27 -24.91
C ARG Q 83 -99.23 -12.60 -24.95
N ASP Q 84 -98.22 -13.28 -25.50
CA ASP Q 84 -96.92 -12.65 -25.65
C ASP Q 84 -97.00 -11.44 -26.56
N LEU Q 85 -97.75 -11.54 -27.66
CA LEU Q 85 -97.91 -10.41 -28.56
C LEU Q 85 -98.60 -9.24 -27.86
N ASP Q 86 -99.59 -9.54 -27.02
CA ASP Q 86 -100.24 -8.50 -26.23
C ASP Q 86 -99.25 -7.86 -25.26
N TYR Q 87 -98.41 -8.67 -24.61
CA TYR Q 87 -97.35 -8.16 -23.75
C TYR Q 87 -96.48 -7.16 -24.49
N PHE Q 88 -96.04 -7.53 -25.69
CA PHE Q 88 -95.12 -6.67 -26.43
C PHE Q 88 -95.79 -5.39 -26.90
N LEU Q 89 -97.07 -5.46 -27.28
CA LEU Q 89 -97.78 -4.25 -27.64
C LEU Q 89 -97.93 -3.31 -26.44
N ARG Q 90 -98.24 -3.86 -25.27
CA ARG Q 90 -98.35 -3.03 -24.07
C ARG Q 90 -97.00 -2.41 -23.72
N LEU Q 91 -95.92 -3.16 -23.92
CA LEU Q 91 -94.59 -2.62 -23.70
C LEU Q 91 -94.26 -1.50 -24.68
N VAL Q 92 -94.70 -1.63 -25.92
CA VAL Q 92 -94.49 -0.56 -26.89
C VAL Q 92 -95.26 0.69 -26.48
N THR Q 93 -96.47 0.52 -25.94
CA THR Q 93 -97.19 1.69 -25.41
C THR Q 93 -96.44 2.31 -24.24
N TYR Q 94 -95.86 1.48 -23.37
CA TYR Q 94 -95.04 2.00 -22.27
C TYR Q 94 -93.88 2.81 -22.81
N GLY Q 95 -93.24 2.33 -23.88
CA GLY Q 95 -92.16 3.08 -24.49
C GLY Q 95 -92.62 4.39 -25.09
N VAL Q 96 -93.78 4.37 -25.76
CA VAL Q 96 -94.31 5.59 -26.37
C VAL Q 96 -94.57 6.66 -25.31
N LEU Q 97 -95.13 6.24 -24.17
CA LEU Q 97 -95.36 7.20 -23.08
C LEU Q 97 -94.07 7.63 -22.40
N ALA Q 98 -93.17 6.69 -22.12
CA ALA Q 98 -91.99 7.02 -21.33
C ALA Q 98 -91.04 7.94 -22.09
N GLY Q 99 -90.95 7.77 -23.41
CA GLY Q 99 -89.99 8.49 -24.19
C GLY Q 99 -88.64 7.83 -24.30
N ASP Q 100 -88.48 6.64 -23.72
CA ASP Q 100 -87.28 5.84 -23.92
C ASP Q 100 -87.69 4.38 -23.92
N THR Q 101 -86.69 3.52 -23.94
CA THR Q 101 -86.93 2.08 -24.01
C THR Q 101 -86.67 1.37 -22.70
N SER Q 102 -86.49 2.09 -21.61
CA SER Q 102 -86.22 1.44 -20.33
C SER Q 102 -87.39 0.59 -19.83
N PRO Q 103 -88.66 1.02 -19.88
CA PRO Q 103 -89.73 0.10 -19.47
C PRO Q 103 -89.76 -1.18 -20.29
N ILE Q 104 -89.53 -1.07 -21.61
CA ILE Q 104 -89.53 -2.25 -22.46
C ILE Q 104 -88.43 -3.22 -22.05
N ASP Q 105 -87.22 -2.69 -21.84
CA ASP Q 105 -86.10 -3.55 -21.46
C ASP Q 105 -86.33 -4.18 -20.09
N GLU Q 106 -86.77 -3.39 -19.12
CA GLU Q 106 -86.94 -3.90 -17.77
C GLU Q 106 -88.03 -4.96 -17.70
N ILE Q 107 -89.15 -4.75 -18.40
CA ILE Q 107 -90.27 -5.66 -18.24
C ILE Q 107 -90.20 -6.82 -19.22
N GLY Q 108 -89.78 -6.56 -20.46
CA GLY Q 108 -89.93 -7.59 -21.47
C GLY Q 108 -88.72 -8.05 -22.25
N LEU Q 109 -87.67 -7.24 -22.34
CA LEU Q 109 -86.59 -7.57 -23.27
C LEU Q 109 -85.43 -8.26 -22.57
N ILE Q 110 -85.08 -7.81 -21.37
CA ILE Q 110 -83.98 -8.43 -20.62
C ILE Q 110 -84.40 -9.84 -20.24
N GLY Q 111 -83.69 -10.83 -20.78
CA GLY Q 111 -83.96 -12.22 -20.49
C GLY Q 111 -84.82 -12.94 -21.50
N ILE Q 112 -85.40 -12.23 -22.47
CA ILE Q 112 -86.29 -12.88 -23.42
C ILE Q 112 -85.51 -13.79 -24.37
N LYS Q 113 -84.26 -13.46 -24.63
CA LYS Q 113 -83.46 -14.30 -25.53
C LYS Q 113 -83.19 -15.66 -24.91
N GLU Q 114 -82.75 -15.69 -23.66
CA GLU Q 114 -82.56 -16.96 -22.96
C GLU Q 114 -83.88 -17.69 -22.78
N THR Q 115 -84.93 -16.96 -22.42
CA THR Q 115 -86.25 -17.56 -22.24
C THR Q 115 -86.70 -18.28 -23.50
N TYR Q 116 -86.65 -17.58 -24.63
CA TYR Q 116 -87.13 -18.15 -25.88
C TYR Q 116 -86.21 -19.23 -26.41
N SER Q 117 -84.91 -19.11 -26.12
CA SER Q 117 -83.98 -20.16 -26.52
C SER Q 117 -84.27 -21.46 -25.77
N LEU Q 118 -84.62 -21.35 -24.48
CA LEU Q 118 -84.90 -22.56 -23.71
C LEU Q 118 -86.25 -23.15 -24.08
N LEU Q 119 -87.27 -22.32 -24.27
CA LEU Q 119 -88.62 -22.83 -24.49
C LEU Q 119 -88.95 -23.11 -25.95
N GLU Q 120 -87.97 -23.08 -26.85
CA GLU Q 120 -88.17 -23.52 -28.24
C GLU Q 120 -88.95 -22.49 -29.04
N VAL Q 121 -89.04 -21.27 -28.52
CA VAL Q 121 -89.85 -20.23 -29.18
C VAL Q 121 -89.03 -19.63 -30.32
N PRO Q 122 -89.48 -19.73 -31.57
CA PRO Q 122 -88.69 -19.24 -32.71
C PRO Q 122 -88.72 -17.73 -32.81
N VAL Q 123 -87.55 -17.11 -32.64
CA VAL Q 123 -87.47 -15.64 -32.69
C VAL Q 123 -87.94 -15.08 -34.02
N PRO Q 124 -87.64 -15.67 -35.18
CA PRO Q 124 -88.23 -15.14 -36.42
C PRO Q 124 -89.75 -15.07 -36.41
N GLY Q 125 -90.42 -16.05 -35.80
CA GLY Q 125 -91.86 -15.98 -35.69
C GLY Q 125 -92.32 -14.82 -34.84
N VAL Q 126 -91.63 -14.58 -33.73
CA VAL Q 126 -91.96 -13.45 -32.87
C VAL Q 126 -91.76 -12.14 -33.62
N ILE Q 127 -90.71 -12.09 -34.44
CA ILE Q 127 -90.42 -10.88 -35.20
C ILE Q 127 -91.50 -10.63 -36.24
N ASP Q 128 -91.97 -11.70 -36.90
CA ASP Q 128 -93.09 -11.55 -37.82
C ASP Q 128 -94.36 -11.10 -37.11
N GLY Q 129 -94.60 -11.62 -35.91
CA GLY Q 129 -95.75 -11.16 -35.14
C GLY Q 129 -95.67 -9.69 -34.79
N ILE Q 130 -94.50 -9.23 -34.35
CA ILE Q 130 -94.34 -7.83 -33.99
C ILE Q 130 -94.43 -6.95 -35.23
N LYS Q 131 -93.92 -7.43 -36.37
CA LYS Q 131 -94.05 -6.69 -37.61
C LYS Q 131 -95.51 -6.54 -38.01
N ALA Q 132 -96.28 -7.62 -37.90
CA ALA Q 132 -97.70 -7.54 -38.20
C ALA Q 132 -98.40 -6.59 -37.25
N ALA Q 133 -98.01 -6.60 -35.98
CA ALA Q 133 -98.58 -5.68 -35.00
C ALA Q 133 -98.25 -4.23 -35.37
N LYS Q 134 -97.03 -3.99 -35.84
CA LYS Q 134 -96.66 -2.64 -36.25
C LYS Q 134 -97.51 -2.19 -37.43
N GLN Q 135 -97.77 -3.09 -38.39
CA GLN Q 135 -98.64 -2.73 -39.50
C GLN Q 135 -100.07 -2.46 -39.04
N GLN Q 136 -100.58 -3.28 -38.12
CA GLN Q 136 -101.92 -3.04 -37.59
C GLN Q 136 -102.00 -1.70 -36.90
N ALA Q 137 -100.96 -1.35 -36.13
CA ALA Q 137 -100.93 -0.06 -35.45
C ALA Q 137 -100.85 1.09 -36.43
N ALA Q 138 -100.01 0.96 -37.46
CA ALA Q 138 -99.86 2.02 -38.43
C ALA Q 138 -101.16 2.24 -39.20
N ALA Q 139 -101.95 1.18 -39.37
CA ALA Q 139 -103.26 1.34 -40.00
C ALA Q 139 -104.15 2.23 -39.15
N LEU Q 140 -104.02 2.15 -37.82
CA LEU Q 140 -104.89 2.93 -36.94
C LEU Q 140 -104.34 4.33 -36.70
N LEU Q 141 -103.07 4.54 -37.01
CA LEU Q 141 -102.44 5.82 -36.73
C LEU Q 141 -102.25 6.63 -38.01
N SER Q 142 -102.09 7.94 -37.83
CA SER Q 142 -101.61 8.78 -38.91
C SER Q 142 -100.12 8.52 -39.13
N SER Q 143 -99.63 8.96 -40.29
CA SER Q 143 -98.27 8.61 -40.70
C SER Q 143 -97.24 9.06 -39.68
N GLU Q 144 -97.39 10.27 -39.15
CA GLU Q 144 -96.48 10.76 -38.11
C GLU Q 144 -96.58 9.90 -36.86
N ASP Q 145 -97.81 9.65 -36.39
CA ASP Q 145 -98.00 8.80 -35.22
C ASP Q 145 -97.53 7.38 -35.51
N ALA Q 146 -97.73 6.92 -36.74
CA ALA Q 146 -97.24 5.61 -37.14
C ALA Q 146 -95.73 5.52 -36.99
N ALA Q 147 -95.00 6.54 -37.44
CA ALA Q 147 -93.55 6.55 -37.27
C ALA Q 147 -93.17 6.61 -35.80
N GLU Q 148 -93.91 7.40 -35.01
CA GLU Q 148 -93.66 7.49 -33.58
C GLU Q 148 -93.72 6.13 -32.91
N ALA Q 149 -94.77 5.36 -33.20
CA ALA Q 149 -94.88 4.03 -32.60
C ALA Q 149 -93.92 3.04 -33.25
N SER Q 150 -93.61 3.26 -34.53
CA SER Q 150 -92.73 2.34 -35.24
C SER Q 150 -91.32 2.40 -34.72
N PHE Q 151 -90.91 3.54 -34.14
CA PHE Q 151 -89.61 3.60 -33.47
C PHE Q 151 -89.48 2.48 -32.45
N TYR Q 152 -90.47 2.36 -31.57
CA TYR Q 152 -90.40 1.40 -30.48
C TYR Q 152 -90.68 -0.01 -30.96
N PHE Q 153 -91.56 -0.15 -31.96
CA PHE Q 153 -91.74 -1.46 -32.58
C PHE Q 153 -90.44 -1.97 -33.16
N ASP Q 154 -89.72 -1.11 -33.87
CA ASP Q 154 -88.46 -1.50 -34.49
C ASP Q 154 -87.40 -1.77 -33.44
N TYR Q 155 -87.42 -1.03 -32.33
CA TYR Q 155 -86.49 -1.33 -31.26
C TYR Q 155 -86.73 -2.71 -30.68
N VAL Q 156 -88.00 -3.08 -30.49
CA VAL Q 156 -88.30 -4.41 -29.97
C VAL Q 156 -87.86 -5.49 -30.95
N ILE Q 157 -88.14 -5.28 -32.23
CA ILE Q 157 -87.71 -6.23 -33.26
C ILE Q 157 -86.20 -6.37 -33.26
N SER Q 158 -85.48 -5.24 -33.15
CA SER Q 158 -84.03 -5.25 -33.16
C SER Q 158 -83.47 -5.97 -31.94
N ALA Q 159 -84.12 -5.81 -30.79
CA ALA Q 159 -83.72 -6.56 -29.61
C ALA Q 159 -83.93 -8.06 -29.82
N MET Q 160 -85.01 -8.42 -30.52
CA MET Q 160 -85.21 -9.83 -30.84
C MET Q 160 -84.08 -10.36 -31.73
N SER Q 161 -83.73 -9.62 -32.77
CA SER Q 161 -82.65 -10.01 -33.66
C SER Q 161 -81.41 -9.15 -33.45
N SER R 2 -71.42 18.90 -29.36
CA SER R 2 -72.72 18.98 -29.99
C SER R 2 -73.69 18.01 -29.33
N ALA R 3 -74.99 18.23 -29.54
CA ALA R 3 -75.98 17.24 -29.13
C ALA R 3 -75.78 15.94 -29.91
N ILE R 4 -75.52 16.05 -31.20
CA ILE R 4 -75.27 14.88 -32.03
C ILE R 4 -74.03 14.13 -31.56
N THR R 5 -72.95 14.86 -31.28
CA THR R 5 -71.72 14.22 -30.82
C THR R 5 -71.92 13.51 -29.50
N LYS R 6 -72.65 14.13 -28.57
CA LYS R 6 -72.90 13.50 -27.29
C LYS R 6 -73.73 12.22 -27.46
N ALA R 7 -74.78 12.27 -28.27
CA ALA R 7 -75.60 11.09 -28.50
C ALA R 7 -74.80 9.98 -29.17
N ILE R 8 -74.01 10.31 -30.18
CA ILE R 8 -73.24 9.29 -30.89
C ILE R 8 -72.19 8.70 -29.97
N LEU R 9 -71.57 9.52 -29.12
CA LEU R 9 -70.58 8.98 -28.19
C LEU R 9 -71.22 8.05 -27.18
N ASN R 10 -72.41 8.37 -26.70
CA ASN R 10 -73.11 7.44 -25.82
C ASN R 10 -73.43 6.13 -26.52
N ALA R 11 -73.91 6.20 -27.76
CA ALA R 11 -74.20 4.96 -28.49
C ALA R 11 -72.94 4.15 -28.70
N ASP R 12 -71.85 4.81 -29.10
CA ASP R 12 -70.60 4.12 -29.40
C ASP R 12 -70.02 3.47 -28.16
N ALA R 13 -70.08 4.16 -27.02
CA ALA R 13 -69.56 3.60 -25.78
C ALA R 13 -70.34 2.37 -25.35
N GLU R 14 -71.62 2.29 -25.73
CA GLU R 14 -72.43 1.11 -25.47
C GLU R 14 -72.49 0.15 -26.65
N ALA R 15 -71.79 0.47 -27.75
CA ALA R 15 -71.69 -0.40 -28.92
C ALA R 15 -73.06 -0.74 -29.51
N ARG R 16 -73.84 0.28 -29.81
CA ARG R 16 -75.21 0.10 -30.26
C ARG R 16 -75.59 1.22 -31.20
N TYR R 17 -76.65 0.99 -31.95
CA TYR R 17 -77.22 2.05 -32.78
C TYR R 17 -77.90 3.09 -31.90
N LEU R 18 -78.19 4.24 -32.50
CA LEU R 18 -78.87 5.30 -31.77
C LEU R 18 -80.25 4.82 -31.34
N SER R 19 -80.57 5.02 -30.07
CA SER R 19 -81.82 4.57 -29.51
C SER R 19 -82.95 5.52 -29.90
N PRO R 20 -84.20 5.12 -29.70
CA PRO R 20 -85.30 6.06 -29.98
C PRO R 20 -85.16 7.38 -29.24
N GLY R 21 -84.70 7.36 -28.00
CA GLY R 21 -84.51 8.61 -27.27
C GLY R 21 -83.39 9.46 -27.84
N GLU R 22 -82.29 8.82 -28.24
CA GLU R 22 -81.20 9.56 -28.88
C GLU R 22 -81.66 10.14 -30.21
N ILE R 23 -82.44 9.38 -30.97
CA ILE R 23 -82.98 9.87 -32.24
C ILE R 23 -83.89 11.06 -32.01
N ASP R 24 -84.73 11.00 -30.97
CA ASP R 24 -85.60 12.14 -30.66
C ASP R 24 -84.81 13.36 -30.22
N VAL R 25 -83.72 13.15 -29.47
CA VAL R 25 -82.85 14.26 -29.09
C VAL R 25 -82.27 14.93 -30.33
N VAL R 26 -81.76 14.11 -31.25
CA VAL R 26 -81.15 14.66 -32.46
C VAL R 26 -82.19 15.37 -33.31
N ARG R 27 -83.39 14.81 -33.41
CA ARG R 27 -84.47 15.44 -34.16
C ARG R 27 -84.84 16.78 -33.56
N GLY R 28 -84.95 16.86 -32.23
CA GLY R 28 -85.23 18.13 -31.60
C GLY R 28 -84.16 19.17 -31.87
N TYR R 29 -82.89 18.77 -31.79
CA TYR R 29 -81.81 19.71 -32.06
C TYR R 29 -81.84 20.20 -33.50
N LEU R 30 -82.03 19.28 -34.45
CA LEU R 30 -82.10 19.67 -35.85
C LEU R 30 -83.29 20.57 -36.12
N ALA R 31 -84.39 20.36 -35.40
CA ALA R 31 -85.56 21.21 -35.55
C ALA R 31 -85.30 22.60 -34.99
N SER R 32 -84.56 22.68 -33.89
CA SER R 32 -84.22 23.96 -33.28
C SER R 32 -83.11 24.71 -34.03
N GLY R 33 -82.51 24.07 -35.02
CA GLY R 33 -81.36 24.66 -35.70
C GLY R 33 -81.55 26.08 -36.19
N GLU R 34 -82.69 26.39 -36.82
CA GLU R 34 -82.85 27.74 -37.38
C GLU R 34 -82.97 28.79 -36.29
N ARG R 35 -83.67 28.48 -35.20
CA ARG R 35 -83.73 29.36 -34.05
C ARG R 35 -82.35 29.57 -33.43
N ARG R 36 -81.58 28.49 -33.31
CA ARG R 36 -80.23 28.60 -32.78
C ARG R 36 -79.38 29.52 -33.65
N VAL R 37 -79.46 29.34 -34.97
CA VAL R 37 -78.66 30.15 -35.88
C VAL R 37 -79.09 31.61 -35.80
N ARG R 38 -80.39 31.86 -35.68
CA ARG R 38 -80.87 33.24 -35.56
C ARG R 38 -80.29 33.90 -34.31
N VAL R 39 -80.38 33.23 -33.17
CA VAL R 39 -79.87 33.79 -31.92
C VAL R 39 -78.37 34.02 -32.01
N ALA R 40 -77.64 33.03 -32.54
CA ALA R 40 -76.19 33.15 -32.66
C ALA R 40 -75.80 34.27 -33.59
N ARG R 41 -76.54 34.45 -34.69
CA ARG R 41 -76.25 35.53 -35.62
C ARG R 41 -76.46 36.89 -34.98
N VAL R 42 -77.54 37.03 -34.20
CA VAL R 42 -77.78 38.29 -33.52
C VAL R 42 -76.65 38.57 -32.52
N LEU R 43 -76.21 37.54 -31.80
CA LEU R 43 -75.13 37.74 -30.83
C LEU R 43 -73.81 38.07 -31.52
N SER R 44 -73.55 37.46 -32.67
CA SER R 44 -72.28 37.69 -33.36
C SER R 44 -72.24 39.05 -34.02
N ASP R 45 -73.39 39.57 -34.47
CA ASP R 45 -73.40 40.86 -35.13
C ASP R 45 -73.19 42.00 -34.14
N ASN R 46 -73.49 41.77 -32.86
CA ASN R 46 -73.41 42.81 -31.85
C ASN R 46 -72.32 42.52 -30.82
N ALA R 47 -71.28 41.78 -31.21
CA ALA R 47 -70.24 41.41 -30.25
C ALA R 47 -69.55 42.63 -29.67
N LEU R 48 -69.23 43.63 -30.49
CA LEU R 48 -68.53 44.81 -30.00
C LEU R 48 -69.39 45.57 -29.01
N ARG R 49 -70.66 45.78 -29.33
CA ARG R 49 -71.55 46.50 -28.42
C ARG R 49 -71.71 45.74 -27.10
N ILE R 50 -71.92 44.42 -27.18
CA ILE R 50 -72.13 43.64 -25.96
C ILE R 50 -70.89 43.69 -25.09
N VAL R 51 -69.71 43.53 -25.68
CA VAL R 51 -68.48 43.52 -24.89
C VAL R 51 -68.18 44.89 -24.32
N ARG R 52 -68.40 45.94 -25.11
CA ARG R 52 -68.15 47.31 -24.65
C ARG R 52 -69.05 47.64 -23.47
N GLY R 53 -70.33 47.30 -23.56
CA GLY R 53 -71.24 47.52 -22.45
C GLY R 53 -70.92 46.66 -21.24
N ALA R 54 -70.56 45.39 -21.47
CA ALA R 54 -70.21 44.51 -20.36
C ALA R 54 -68.99 45.03 -19.60
N GLY R 55 -67.97 45.47 -20.33
CA GLY R 55 -66.81 46.03 -19.69
C GLY R 55 -67.11 47.30 -18.94
N ASP R 56 -67.92 48.19 -19.52
CA ASP R 56 -68.35 49.38 -18.81
C ASP R 56 -69.04 49.03 -17.50
N THR R 57 -70.00 48.11 -17.54
CA THR R 57 -70.75 47.76 -16.35
C THR R 57 -69.85 47.12 -15.30
N MET R 58 -68.96 46.22 -15.72
CA MET R 58 -68.12 45.51 -14.77
C MET R 58 -67.09 46.46 -14.12
N PHE R 59 -66.56 47.41 -14.89
CA PHE R 59 -65.62 48.36 -14.29
C PHE R 59 -66.33 49.38 -13.42
N GLN R 60 -67.57 49.72 -13.77
CA GLN R 60 -68.34 50.62 -12.92
C GLN R 60 -68.68 49.95 -11.59
N LYS R 61 -69.02 48.66 -11.62
CA LYS R 61 -69.36 47.96 -10.39
C LYS R 61 -68.12 47.69 -9.55
N ARG R 62 -66.97 47.50 -10.19
CA ARG R 62 -65.71 47.24 -9.49
C ARG R 62 -64.64 48.16 -10.07
N PRO R 63 -64.55 49.39 -9.56
CA PRO R 63 -63.48 50.29 -10.03
C PRO R 63 -62.11 49.88 -9.52
N ASP R 64 -62.04 48.94 -8.59
CA ASP R 64 -60.75 48.53 -8.05
C ASP R 64 -59.94 47.74 -9.05
N LEU R 65 -60.61 47.11 -10.02
CA LEU R 65 -59.91 46.30 -11.01
C LEU R 65 -58.98 47.15 -11.86
N VAL R 66 -59.43 48.31 -12.30
CA VAL R 66 -58.63 49.18 -13.15
C VAL R 66 -57.89 50.25 -12.34
N ALA R 67 -58.08 50.30 -11.03
CA ALA R 67 -57.30 51.15 -10.16
C ALA R 67 -55.90 50.58 -10.01
N PRO R 68 -54.92 51.42 -9.64
CA PRO R 68 -53.56 50.90 -9.43
C PRO R 68 -53.54 49.80 -8.39
N GLY R 69 -52.75 48.76 -8.67
CA GLY R 69 -52.80 47.55 -7.89
C GLY R 69 -53.89 46.58 -8.28
N GLY R 70 -54.77 46.95 -9.21
CA GLY R 70 -55.81 46.06 -9.65
C GLY R 70 -55.32 45.06 -10.70
N ASN R 71 -56.09 43.99 -10.85
CA ASN R 71 -55.70 42.94 -11.79
C ASN R 71 -55.69 43.44 -13.22
N ALA R 72 -56.67 44.27 -13.58
CA ALA R 72 -56.80 44.77 -14.93
C ALA R 72 -56.15 46.13 -15.13
N TYR R 73 -55.40 46.61 -14.14
CA TYR R 73 -54.80 47.94 -14.24
C TYR R 73 -53.76 47.98 -15.34
N GLY R 74 -53.88 48.98 -16.20
CA GLY R 74 -52.99 49.13 -17.33
C GLY R 74 -53.67 48.85 -18.65
N GLU R 75 -53.10 49.40 -19.71
CA GLU R 75 -53.70 49.25 -21.03
C GLU R 75 -53.71 47.79 -21.46
N VAL R 76 -52.60 47.09 -21.30
CA VAL R 76 -52.51 45.71 -21.75
C VAL R 76 -53.42 44.81 -20.92
N ARG R 77 -53.50 45.04 -19.61
CA ARG R 77 -54.32 44.18 -18.77
C ARG R 77 -55.81 44.42 -18.99
N THR R 78 -56.21 45.68 -19.16
CA THR R 78 -57.60 45.95 -19.50
C THR R 78 -57.95 45.38 -20.87
N ALA R 79 -56.99 45.44 -21.80
CA ALA R 79 -57.19 44.80 -23.08
C ALA R 79 -57.42 43.31 -22.92
N LYS R 80 -56.62 42.65 -22.08
CA LYS R 80 -56.79 41.22 -21.86
C LYS R 80 -58.14 40.92 -21.21
N CYS R 81 -58.59 41.79 -20.31
CA CYS R 81 -59.89 41.59 -19.67
C CYS R 81 -61.03 41.70 -20.67
N LEU R 82 -61.02 42.74 -21.50
CA LEU R 82 -62.02 42.87 -22.55
C LEU R 82 -61.92 41.73 -23.55
N ARG R 83 -60.71 41.26 -23.81
CA ARG R 83 -60.50 40.14 -24.70
C ARG R 83 -61.10 38.86 -24.13
N ASP R 84 -61.00 38.67 -22.82
CA ASP R 84 -61.62 37.52 -22.18
C ASP R 84 -63.14 37.59 -22.25
N LEU R 85 -63.70 38.78 -22.07
CA LEU R 85 -65.14 38.94 -22.22
C LEU R 85 -65.59 38.61 -23.64
N ASP R 86 -64.82 39.07 -24.62
CA ASP R 86 -65.12 38.75 -26.02
C ASP R 86 -65.01 37.23 -26.24
N TYR R 87 -64.02 36.60 -25.64
CA TYR R 87 -63.87 35.16 -25.74
C TYR R 87 -65.09 34.43 -25.20
N PHE R 88 -65.58 34.84 -24.03
CA PHE R 88 -66.71 34.15 -23.43
C PHE R 88 -67.99 34.38 -24.22
N LEU R 89 -68.16 35.57 -24.79
CA LEU R 89 -69.31 35.80 -25.67
C LEU R 89 -69.25 34.91 -26.91
N ARG R 90 -68.07 34.79 -27.52
CA ARG R 90 -67.92 33.90 -28.67
C ARG R 90 -68.21 32.45 -28.29
N LEU R 91 -67.78 32.03 -27.11
CA LEU R 91 -68.03 30.67 -26.67
C LEU R 91 -69.51 30.44 -26.41
N VAL R 92 -70.21 31.47 -25.94
CA VAL R 92 -71.66 31.34 -25.74
C VAL R 92 -72.36 31.19 -27.08
N THR R 93 -71.92 31.92 -28.10
CA THR R 93 -72.47 31.69 -29.44
C THR R 93 -72.20 30.27 -29.92
N TYR R 94 -71.00 29.76 -29.63
CA TYR R 94 -70.69 28.37 -29.99
C TYR R 94 -71.62 27.39 -29.30
N GLY R 95 -71.84 27.60 -28.00
CA GLY R 95 -72.74 26.71 -27.27
C GLY R 95 -74.15 26.76 -27.80
N VAL R 96 -74.62 27.96 -28.16
CA VAL R 96 -75.95 28.12 -28.71
C VAL R 96 -76.09 27.36 -30.03
N LEU R 97 -75.08 27.47 -30.91
CA LEU R 97 -75.16 26.75 -32.18
C LEU R 97 -75.06 25.25 -31.96
N ALA R 98 -74.18 24.81 -31.06
CA ALA R 98 -73.87 23.39 -30.94
C ALA R 98 -74.89 22.66 -30.09
N GLY R 99 -75.76 23.39 -29.40
CA GLY R 99 -76.81 22.78 -28.63
C GLY R 99 -76.36 22.12 -27.35
N ASP R 100 -75.10 22.26 -26.98
CA ASP R 100 -74.63 21.77 -25.69
C ASP R 100 -73.45 22.64 -25.27
N THR R 101 -72.86 22.29 -24.13
CA THR R 101 -71.83 23.10 -23.52
C THR R 101 -70.43 22.64 -23.86
N SER R 102 -70.27 21.61 -24.69
CA SER R 102 -68.93 21.12 -24.96
C SER R 102 -68.01 22.20 -25.55
N PRO R 103 -68.35 22.93 -26.62
CA PRO R 103 -67.39 23.94 -27.11
C PRO R 103 -66.96 24.91 -26.03
N ILE R 104 -67.89 25.31 -25.17
CA ILE R 104 -67.55 26.20 -24.06
C ILE R 104 -66.60 25.50 -23.09
N ASP R 105 -66.72 24.18 -22.98
CA ASP R 105 -65.85 23.45 -22.06
C ASP R 105 -64.44 23.30 -22.61
N GLU R 106 -64.30 22.66 -23.77
CA GLU R 106 -62.94 22.46 -24.31
C GLU R 106 -62.23 23.78 -24.60
N ILE R 107 -62.95 24.80 -25.10
CA ILE R 107 -62.22 26.00 -25.47
C ILE R 107 -61.96 26.89 -24.26
N GLY R 108 -62.92 27.04 -23.37
CA GLY R 108 -62.76 28.11 -22.39
C GLY R 108 -62.99 27.87 -20.92
N LEU R 109 -63.52 26.72 -20.53
CA LEU R 109 -63.88 26.50 -19.13
C LEU R 109 -63.05 25.43 -18.43
N ILE R 110 -62.45 24.51 -19.17
CA ILE R 110 -61.54 23.55 -18.57
C ILE R 110 -60.22 24.26 -18.31
N GLY R 111 -59.84 24.35 -17.05
CA GLY R 111 -58.60 25.00 -16.68
C GLY R 111 -58.70 26.49 -16.46
N ILE R 112 -59.87 27.09 -16.69
CA ILE R 112 -60.00 28.52 -16.47
C ILE R 112 -59.94 28.85 -14.98
N LYS R 113 -60.38 27.92 -14.13
CA LYS R 113 -60.42 28.19 -12.71
C LYS R 113 -59.00 28.29 -12.14
N GLU R 114 -58.14 27.33 -12.46
CA GLU R 114 -56.78 27.39 -11.94
C GLU R 114 -55.96 28.43 -12.70
N THR R 115 -56.30 28.67 -13.98
CA THR R 115 -55.69 29.76 -14.71
C THR R 115 -55.94 31.10 -14.03
N TYR R 116 -57.20 31.39 -13.73
CA TYR R 116 -57.54 32.63 -13.06
C TYR R 116 -57.04 32.65 -11.63
N SER R 117 -56.80 31.47 -11.05
CA SER R 117 -56.26 31.40 -9.70
C SER R 117 -54.78 31.76 -9.69
N LEU R 118 -54.01 31.26 -10.65
CA LEU R 118 -52.59 31.57 -10.71
C LEU R 118 -52.36 33.05 -10.99
N LEU R 119 -53.16 33.63 -11.88
CA LEU R 119 -53.00 35.03 -12.25
C LEU R 119 -53.72 35.97 -11.30
N GLU R 120 -54.32 35.45 -10.24
CA GLU R 120 -55.01 36.26 -9.23
C GLU R 120 -56.13 37.08 -9.87
N VAL R 121 -56.75 36.53 -10.90
CA VAL R 121 -57.89 37.15 -11.56
C VAL R 121 -59.11 36.92 -10.68
N PRO R 122 -59.77 37.98 -10.19
CA PRO R 122 -60.91 37.79 -9.29
C PRO R 122 -62.13 37.27 -10.04
N VAL R 123 -62.55 36.06 -9.69
CA VAL R 123 -63.64 35.42 -10.42
C VAL R 123 -64.97 36.13 -10.21
N PRO R 124 -65.28 36.71 -9.04
CA PRO R 124 -66.51 37.52 -8.95
C PRO R 124 -66.57 38.65 -9.96
N GLY R 125 -65.44 39.29 -10.26
CA GLY R 125 -65.45 40.32 -11.29
C GLY R 125 -65.72 39.77 -12.67
N VAL R 126 -65.19 38.58 -12.97
CA VAL R 126 -65.48 37.93 -14.25
C VAL R 126 -66.96 37.62 -14.34
N ILE R 127 -67.54 37.12 -13.25
CA ILE R 127 -68.97 36.80 -13.24
C ILE R 127 -69.80 38.05 -13.43
N ASP R 128 -69.37 39.16 -12.84
CA ASP R 128 -70.07 40.43 -13.05
C ASP R 128 -69.99 40.85 -14.52
N GLY R 129 -68.83 40.72 -15.14
CA GLY R 129 -68.71 41.04 -16.56
C GLY R 129 -69.58 40.15 -17.43
N ILE R 130 -69.68 38.87 -17.09
CA ILE R 130 -70.49 37.95 -17.88
C ILE R 130 -71.97 38.23 -17.68
N LYS R 131 -72.39 38.56 -16.46
CA LYS R 131 -73.78 38.96 -16.26
C LYS R 131 -74.10 40.24 -17.01
N ALA R 132 -73.16 41.18 -17.06
CA ALA R 132 -73.37 42.39 -17.85
C ALA R 132 -73.52 42.06 -19.32
N ALA R 133 -72.69 41.15 -19.83
CA ALA R 133 -72.82 40.71 -21.21
C ALA R 133 -74.15 40.03 -21.45
N LYS R 134 -74.62 39.25 -20.49
CA LYS R 134 -75.90 38.58 -20.59
C LYS R 134 -77.04 39.58 -20.70
N GLN R 135 -77.00 40.64 -19.88
CA GLN R 135 -78.05 41.65 -19.95
C GLN R 135 -77.98 42.45 -21.25
N GLN R 136 -76.77 42.81 -21.69
CA GLN R 136 -76.61 43.46 -22.98
C GLN R 136 -77.19 42.60 -24.09
N ALA R 137 -76.98 41.29 -24.03
CA ALA R 137 -77.50 40.39 -25.05
C ALA R 137 -79.01 40.28 -24.98
N ALA R 138 -79.56 40.10 -23.79
CA ALA R 138 -81.01 39.97 -23.65
C ALA R 138 -81.71 41.24 -24.09
N ALA R 139 -81.02 42.37 -24.03
CA ALA R 139 -81.56 43.60 -24.61
C ALA R 139 -81.77 43.45 -26.12
N LEU R 140 -80.89 42.71 -26.79
CA LEU R 140 -80.94 42.61 -28.23
C LEU R 140 -81.85 41.48 -28.70
N LEU R 141 -82.07 40.49 -27.84
CA LEU R 141 -82.86 39.34 -28.22
C LEU R 141 -84.28 39.46 -27.67
N SER R 142 -85.20 38.78 -28.35
CA SER R 142 -86.55 38.65 -27.84
C SER R 142 -86.55 37.74 -26.61
N SER R 143 -87.71 37.66 -25.94
CA SER R 143 -87.77 36.95 -24.66
C SER R 143 -87.39 35.48 -24.81
N GLU R 144 -87.89 34.82 -25.84
CA GLU R 144 -87.54 33.42 -26.06
C GLU R 144 -86.07 33.26 -26.44
N ASP R 145 -85.60 34.11 -27.36
CA ASP R 145 -84.18 34.10 -27.72
C ASP R 145 -83.32 34.49 -26.52
N ALA R 146 -83.80 35.42 -25.71
CA ALA R 146 -83.06 35.79 -24.50
C ALA R 146 -82.95 34.61 -23.55
N ALA R 147 -84.03 33.84 -23.39
CA ALA R 147 -83.97 32.66 -22.53
C ALA R 147 -82.99 31.63 -23.07
N GLU R 148 -83.01 31.40 -24.38
CA GLU R 148 -82.08 30.45 -24.98
C GLU R 148 -80.64 30.87 -24.73
N ALA R 149 -80.30 32.13 -24.97
CA ALA R 149 -78.93 32.56 -24.76
C ALA R 149 -78.58 32.59 -23.27
N SER R 150 -79.56 32.88 -22.43
CA SER R 150 -79.31 32.94 -20.99
C SER R 150 -78.99 31.57 -20.43
N PHE R 151 -79.51 30.51 -21.05
CA PHE R 151 -79.10 29.17 -20.61
C PHE R 151 -77.58 29.04 -20.62
N TYR R 152 -76.93 29.41 -21.72
CA TYR R 152 -75.49 29.23 -21.84
C TYR R 152 -74.73 30.30 -21.06
N PHE R 153 -75.26 31.52 -21.00
CA PHE R 153 -74.65 32.53 -20.14
C PHE R 153 -74.63 32.08 -18.68
N ASP R 154 -75.75 31.56 -18.19
CA ASP R 154 -75.82 31.08 -16.82
C ASP R 154 -74.95 29.86 -16.62
N TYR R 155 -74.83 29.01 -17.63
CA TYR R 155 -73.91 27.90 -17.52
C TYR R 155 -72.48 28.39 -17.32
N VAL R 156 -72.07 29.39 -18.10
CA VAL R 156 -70.72 29.93 -17.94
C VAL R 156 -70.55 30.52 -16.56
N ILE R 157 -71.55 31.29 -16.09
CA ILE R 157 -71.47 31.88 -14.76
C ILE R 157 -71.31 30.79 -13.70
N SER R 158 -72.10 29.73 -13.79
CA SER R 158 -72.05 28.68 -12.79
C SER R 158 -70.74 27.93 -12.84
N ALA R 159 -70.20 27.72 -14.04
CA ALA R 159 -68.94 27.00 -14.16
C ALA R 159 -67.77 27.82 -13.65
N MET R 160 -67.87 29.16 -13.74
CA MET R 160 -66.84 30.00 -13.14
C MET R 160 -66.79 29.82 -11.63
N SER R 161 -67.95 29.88 -10.98
CA SER R 161 -68.01 29.68 -9.54
C SER R 161 -67.87 28.22 -9.18
N SER S 2 -48.27 12.60 14.99
CA SER S 2 -47.33 13.67 14.68
C SER S 2 -46.14 13.14 13.89
N ALA S 3 -44.96 13.67 14.20
CA ALA S 3 -43.74 13.19 13.56
C ALA S 3 -43.52 11.71 13.85
N ILE S 4 -43.93 11.26 15.04
CA ILE S 4 -43.87 9.84 15.37
C ILE S 4 -44.90 9.06 14.58
N THR S 5 -46.10 9.62 14.42
CA THR S 5 -47.15 8.94 13.67
C THR S 5 -46.77 8.76 12.21
N LYS S 6 -46.05 9.73 11.65
CA LYS S 6 -45.60 9.62 10.27
C LYS S 6 -44.67 8.43 10.09
N ALA S 7 -43.68 8.29 10.98
CA ALA S 7 -42.77 7.14 10.90
C ALA S 7 -43.50 5.83 11.15
N ILE S 8 -44.42 5.81 12.11
CA ILE S 8 -45.15 4.59 12.41
C ILE S 8 -46.03 4.19 11.23
N LEU S 9 -46.66 5.16 10.57
CA LEU S 9 -47.46 4.88 9.39
C LEU S 9 -46.59 4.32 8.27
N ASN S 10 -45.42 4.91 8.06
CA ASN S 10 -44.52 4.38 7.04
C ASN S 10 -44.11 2.94 7.36
N ALA S 11 -43.80 2.66 8.62
CA ALA S 11 -43.44 1.29 9.00
C ALA S 11 -44.61 0.34 8.82
N ASP S 12 -45.82 0.79 9.16
CA ASP S 12 -46.98 -0.08 9.13
C ASP S 12 -47.41 -0.34 7.69
N ALA S 13 -47.08 0.58 6.78
CA ALA S 13 -47.51 0.44 5.40
C ALA S 13 -46.95 -0.84 4.77
N GLU S 14 -45.68 -1.13 5.01
CA GLU S 14 -45.10 -2.39 4.54
C GLU S 14 -44.92 -3.41 5.67
N ALA S 15 -45.66 -3.27 6.76
CA ALA S 15 -45.81 -4.33 7.77
C ALA S 15 -44.47 -4.78 8.34
N ARG S 16 -43.72 -3.83 8.87
CA ARG S 16 -42.42 -4.12 9.46
C ARG S 16 -42.21 -3.26 10.69
N TYR S 17 -41.16 -3.59 11.43
CA TYR S 17 -40.78 -2.77 12.57
C TYR S 17 -40.13 -1.48 12.09
N LEU S 18 -39.90 -0.57 13.02
CA LEU S 18 -39.33 0.72 12.67
C LEU S 18 -37.92 0.56 12.12
N SER S 19 -37.66 1.18 10.98
CA SER S 19 -36.36 1.13 10.34
C SER S 19 -35.38 2.04 11.05
N PRO S 20 -34.08 1.85 10.84
CA PRO S 20 -33.10 2.77 11.45
C PRO S 20 -33.34 4.23 11.10
N GLY S 21 -33.73 4.53 9.86
CA GLY S 21 -34.04 5.90 9.50
C GLY S 21 -35.23 6.44 10.27
N GLU S 22 -36.27 5.62 10.42
CA GLU S 22 -37.44 6.02 11.20
C GLU S 22 -37.06 6.25 12.65
N ILE S 23 -36.22 5.37 13.21
CA ILE S 23 -35.75 5.53 14.57
C ILE S 23 -35.00 6.85 14.72
N ASP S 24 -34.15 7.17 13.74
CA ASP S 24 -33.39 8.41 13.78
C ASP S 24 -34.31 9.62 13.71
N VAL S 25 -35.35 9.54 12.87
CA VAL S 25 -36.29 10.64 12.77
C VAL S 25 -37.01 10.87 14.11
N VAL S 26 -37.47 9.78 14.73
CA VAL S 26 -38.15 9.89 16.02
C VAL S 26 -37.21 10.44 17.07
N ARG S 27 -35.95 9.98 17.06
CA ARG S 27 -34.97 10.43 18.03
C ARG S 27 -34.69 11.92 17.87
N GLY S 28 -34.58 12.40 16.62
CA GLY S 28 -34.39 13.81 16.39
C GLY S 28 -35.58 14.64 16.84
N TYR S 29 -36.79 14.16 16.58
CA TYR S 29 -37.97 14.89 17.05
C TYR S 29 -37.99 14.98 18.58
N LEU S 30 -37.71 13.86 19.25
CA LEU S 30 -37.68 13.84 20.70
C LEU S 30 -36.60 14.77 21.24
N ALA S 31 -35.48 14.86 20.53
CA ALA S 31 -34.40 15.75 20.96
C ALA S 31 -34.78 17.22 20.78
N SER S 32 -35.51 17.54 19.71
CA SER S 32 -35.93 18.91 19.44
C SER S 32 -37.17 19.32 20.21
N GLY S 33 -37.75 18.40 20.97
CA GLY S 33 -38.97 18.70 21.70
C GLY S 33 -38.91 19.95 22.58
N GLU S 34 -37.80 20.16 23.29
CA GLU S 34 -37.75 21.29 24.22
C GLU S 34 -37.73 22.63 23.47
N ARG S 35 -36.97 22.71 22.37
CA ARG S 35 -37.03 23.91 21.54
C ARG S 35 -38.42 24.11 20.97
N ARG S 36 -39.08 23.02 20.58
CA ARG S 36 -40.43 23.14 20.06
C ARG S 36 -41.39 23.69 21.11
N VAL S 37 -41.27 23.22 22.35
CA VAL S 37 -42.13 23.71 23.42
C VAL S 37 -41.85 25.19 23.68
N ARG S 38 -40.58 25.58 23.65
CA ARG S 38 -40.25 26.99 23.83
C ARG S 38 -40.88 27.87 22.75
N VAL S 39 -40.73 27.48 21.48
CA VAL S 39 -41.28 28.26 20.39
C VAL S 39 -42.80 28.33 20.48
N ALA S 40 -43.44 27.20 20.79
CA ALA S 40 -44.89 27.18 20.91
C ALA S 40 -45.37 28.06 22.05
N ARG S 41 -44.67 28.02 23.19
CA ARG S 41 -45.07 28.82 24.34
C ARG S 41 -44.93 30.31 24.04
N VAL S 42 -43.85 30.69 23.36
CA VAL S 42 -43.68 32.09 23.00
C VAL S 42 -44.76 32.53 22.02
N LEU S 43 -45.10 31.69 21.05
CA LEU S 43 -46.15 32.04 20.10
C LEU S 43 -47.51 32.14 20.79
N SER S 44 -47.77 31.26 21.76
CA SER S 44 -49.08 31.23 22.40
C SER S 44 -49.27 32.41 23.33
N ASP S 45 -48.25 32.74 24.13
CA ASP S 45 -48.42 33.80 25.12
C ASP S 45 -48.49 35.18 24.47
N ASN S 46 -48.12 35.28 23.21
CA ASN S 46 -48.14 36.54 22.49
C ASN S 46 -49.21 36.58 21.39
N ALA S 47 -50.19 35.69 21.45
CA ALA S 47 -51.09 35.49 20.31
C ALA S 47 -51.90 36.74 19.98
N LEU S 48 -52.42 37.41 21.00
CA LEU S 48 -53.36 38.50 20.75
C LEU S 48 -52.71 39.63 19.96
N ARG S 49 -51.51 40.05 20.36
CA ARG S 49 -50.88 41.16 19.66
C ARG S 49 -50.35 40.75 18.29
N ILE S 50 -49.96 39.49 18.13
CA ILE S 50 -49.61 39.00 16.79
C ILE S 50 -50.80 39.14 15.86
N VAL S 51 -51.97 38.68 16.32
CA VAL S 51 -53.17 38.75 15.48
C VAL S 51 -53.55 40.20 15.20
N ARG S 52 -53.48 41.06 16.23
CA ARG S 52 -53.81 42.47 16.04
C ARG S 52 -52.90 43.12 14.99
N GLY S 53 -51.59 42.93 15.12
CA GLY S 53 -50.67 43.52 14.16
C GLY S 53 -50.88 42.99 12.76
N ALA S 54 -51.07 41.67 12.64
CA ALA S 54 -51.28 41.08 11.31
C ALA S 54 -52.54 41.62 10.67
N GLY S 55 -53.62 41.73 11.44
CA GLY S 55 -54.85 42.28 10.88
C GLY S 55 -54.70 43.72 10.46
N ASP S 56 -54.07 44.54 11.30
CA ASP S 56 -53.87 45.94 10.95
C ASP S 56 -53.05 46.09 9.68
N THR S 57 -51.93 45.38 9.58
CA THR S 57 -51.09 45.47 8.40
C THR S 57 -51.82 44.95 7.16
N MET S 58 -52.57 43.85 7.29
CA MET S 58 -53.34 43.34 6.16
C MET S 58 -54.36 44.35 5.66
N PHE S 59 -55.12 44.94 6.58
CA PHE S 59 -56.13 45.90 6.16
C PHE S 59 -55.49 47.13 5.53
N GLN S 60 -54.34 47.56 6.06
CA GLN S 60 -53.64 48.69 5.46
C GLN S 60 -53.16 48.37 4.05
N LYS S 61 -52.70 47.14 3.82
CA LYS S 61 -52.18 46.77 2.50
C LYS S 61 -53.27 46.85 1.44
N ARG S 62 -54.40 46.19 1.67
CA ARG S 62 -55.54 46.21 0.75
C ARG S 62 -56.80 46.65 1.49
N PRO S 63 -57.20 47.91 1.36
CA PRO S 63 -58.37 48.38 2.13
C PRO S 63 -59.70 47.94 1.56
N ASP S 64 -59.72 47.36 0.35
CA ASP S 64 -60.97 46.95 -0.27
C ASP S 64 -61.64 45.83 0.53
N LEU S 65 -60.89 45.13 1.36
CA LEU S 65 -61.47 44.09 2.20
C LEU S 65 -62.52 44.66 3.14
N VAL S 66 -62.23 45.81 3.76
CA VAL S 66 -63.17 46.41 4.71
C VAL S 66 -64.00 47.52 4.08
N ALA S 67 -63.71 47.88 2.83
CA ALA S 67 -64.52 48.85 2.13
C ALA S 67 -65.92 48.29 1.86
N PRO S 68 -66.93 49.15 1.73
CA PRO S 68 -68.27 48.67 1.42
C PRO S 68 -68.27 47.84 0.14
N GLY S 69 -68.98 46.72 0.18
CA GLY S 69 -68.86 45.71 -0.85
C GLY S 69 -67.72 44.75 -0.64
N GLY S 70 -66.86 44.98 0.36
CA GLY S 70 -65.83 44.03 0.69
C GLY S 70 -66.34 42.91 1.57
N ASN S 71 -65.54 41.84 1.64
CA ASN S 71 -65.98 40.65 2.35
C ASN S 71 -65.84 40.85 3.86
N ALA S 72 -64.88 41.65 4.29
CA ALA S 72 -64.72 41.95 5.71
C ALA S 72 -65.53 43.16 6.15
N TYR S 73 -66.29 43.77 5.23
CA TYR S 73 -67.07 44.95 5.57
C TYR S 73 -68.05 44.64 6.70
N GLY S 74 -68.08 45.54 7.68
CA GLY S 74 -68.91 45.34 8.84
C GLY S 74 -68.12 44.84 10.04
N GLU S 75 -68.72 45.01 11.21
CA GLU S 75 -68.05 44.64 12.46
C GLU S 75 -67.96 43.13 12.61
N VAL S 76 -69.05 42.42 12.33
CA VAL S 76 -69.09 40.97 12.53
C VAL S 76 -68.10 40.28 11.60
N ARG S 77 -68.05 40.71 10.34
CA ARG S 77 -67.16 40.05 9.38
C ARG S 77 -65.70 40.32 9.70
N THR S 78 -65.39 41.53 10.18
CA THR S 78 -64.03 41.82 10.64
C THR S 78 -63.67 40.97 11.85
N ALA S 79 -64.63 40.79 12.77
CA ALA S 79 -64.39 39.93 13.92
C ALA S 79 -64.10 38.51 13.47
N LYS S 80 -64.84 38.02 12.48
CA LYS S 80 -64.58 36.69 11.94
C LYS S 80 -63.22 36.63 11.25
N CYS S 81 -62.80 37.72 10.63
CA CYS S 81 -61.48 37.79 10.02
C CYS S 81 -60.37 37.61 11.05
N LEU S 82 -60.44 38.36 12.14
CA LEU S 82 -59.46 38.20 13.21
C LEU S 82 -59.57 36.82 13.85
N ARG S 83 -60.78 36.26 13.90
CA ARG S 83 -60.93 34.90 14.39
C ARG S 83 -60.20 33.89 13.51
N ASP S 84 -60.28 34.08 12.20
CA ASP S 84 -59.56 33.21 11.28
C ASP S 84 -58.06 33.34 11.46
N LEU S 85 -57.58 34.58 11.63
CA LEU S 85 -56.14 34.76 11.87
C LEU S 85 -55.70 34.07 13.16
N ASP S 86 -56.49 34.20 14.23
CA ASP S 86 -56.16 33.52 15.47
C ASP S 86 -56.19 32.01 15.29
N TYR S 87 -57.17 31.49 14.54
CA TYR S 87 -57.22 30.07 14.26
C TYR S 87 -55.95 29.60 13.58
N PHE S 88 -55.50 30.34 12.57
CA PHE S 88 -54.31 29.94 11.82
C PHE S 88 -53.07 30.01 12.69
N LEU S 89 -52.98 31.01 13.57
CA LEU S 89 -51.85 31.06 14.48
C LEU S 89 -51.85 29.88 15.45
N ARG S 90 -53.02 29.53 15.98
CA ARG S 90 -53.11 28.39 16.87
C ARG S 90 -52.72 27.10 16.17
N LEU S 91 -53.11 26.97 14.90
CA LEU S 91 -52.70 25.80 14.14
C LEU S 91 -51.20 25.80 13.86
N VAL S 92 -50.62 26.99 13.70
CA VAL S 92 -49.16 27.07 13.56
C VAL S 92 -48.47 26.56 14.81
N THR S 93 -48.95 26.95 15.98
CA THR S 93 -48.36 26.45 17.21
C THR S 93 -48.55 24.93 17.34
N TYR S 94 -49.71 24.43 16.90
CA TYR S 94 -49.93 22.99 16.91
C TYR S 94 -48.91 22.28 16.03
N GLY S 95 -48.66 22.82 14.84
CA GLY S 95 -47.68 22.21 13.96
C GLY S 95 -46.27 22.28 14.50
N VAL S 96 -45.94 23.38 15.18
CA VAL S 96 -44.62 23.50 15.80
C VAL S 96 -44.45 22.42 16.87
N LEU S 97 -45.45 22.23 17.71
CA LEU S 97 -45.36 21.19 18.74
C LEU S 97 -45.32 19.80 18.12
N ALA S 98 -46.12 19.57 17.08
CA ALA S 98 -46.26 18.22 16.54
C ALA S 98 -45.05 17.81 15.72
N GLY S 99 -44.36 18.77 15.13
CA GLY S 99 -43.26 18.46 14.27
C GLY S 99 -43.63 18.13 12.85
N ASP S 100 -44.89 18.33 12.48
CA ASP S 100 -45.32 18.18 11.10
C ASP S 100 -46.59 18.98 10.90
N THR S 101 -47.14 18.89 9.71
CA THR S 101 -48.25 19.73 9.29
C THR S 101 -49.61 19.05 9.40
N SER S 102 -49.66 17.81 9.86
CA SER S 102 -50.95 17.11 9.94
C SER S 102 -51.97 17.80 10.82
N PRO S 103 -51.64 18.35 12.00
CA PRO S 103 -52.67 19.10 12.74
C PRO S 103 -53.21 20.28 11.93
N ILE S 104 -52.33 21.03 11.29
CA ILE S 104 -52.75 22.18 10.51
C ILE S 104 -53.66 21.74 9.36
N ASP S 105 -53.31 20.62 8.72
CA ASP S 105 -54.12 20.12 7.62
C ASP S 105 -55.49 19.67 8.09
N GLU S 106 -55.53 18.87 9.16
CA GLU S 106 -56.78 18.26 9.59
C GLU S 106 -57.73 19.29 10.18
N ILE S 107 -57.21 20.27 10.91
CA ILE S 107 -58.10 21.20 11.60
C ILE S 107 -58.50 22.36 10.68
N GLY S 108 -57.56 22.89 9.91
CA GLY S 108 -57.85 24.14 9.26
C GLY S 108 -57.51 24.28 7.79
N LEU S 109 -56.82 23.30 7.20
CA LEU S 109 -56.38 23.49 5.82
C LEU S 109 -57.20 22.67 4.85
N ILE S 110 -57.69 21.52 5.28
CA ILE S 110 -58.49 20.67 4.39
C ILE S 110 -59.89 21.24 4.31
N GLY S 111 -60.29 21.65 3.11
CA GLY S 111 -61.59 22.27 2.91
C GLY S 111 -61.63 23.77 3.02
N ILE S 112 -60.52 24.43 3.38
CA ILE S 112 -60.54 25.88 3.49
C ILE S 112 -60.64 26.53 2.11
N LYS S 113 -60.09 25.87 1.10
CA LYS S 113 -60.14 26.41 -0.25
C LYS S 113 -61.58 26.46 -0.76
N GLU S 114 -62.32 25.36 -0.60
CA GLU S 114 -63.73 25.34 -0.97
C GLU S 114 -64.53 26.32 -0.14
N THR S 115 -64.23 26.39 1.17
CA THR S 115 -64.96 27.31 2.05
C THR S 115 -64.81 28.76 1.59
N TYR S 116 -63.58 29.17 1.32
CA TYR S 116 -63.35 30.56 0.96
C TYR S 116 -63.84 30.86 -0.46
N SER S 117 -63.77 29.86 -1.36
CA SER S 117 -64.33 30.04 -2.68
C SER S 117 -65.84 30.22 -2.61
N LEU S 118 -66.51 29.45 -1.75
CA LEU S 118 -67.94 29.61 -1.58
C LEU S 118 -68.28 30.97 -0.98
N LEU S 119 -67.56 31.38 0.06
CA LEU S 119 -67.86 32.62 0.76
C LEU S 119 -67.28 33.84 0.08
N GLU S 120 -66.64 33.66 -1.07
CA GLU S 120 -66.02 34.75 -1.82
C GLU S 120 -64.98 35.50 -0.98
N VAL S 121 -64.20 34.73 -0.22
CA VAL S 121 -63.05 35.26 0.51
C VAL S 121 -61.87 35.32 -0.45
N PRO S 122 -61.21 36.48 -0.59
CA PRO S 122 -60.03 36.55 -1.46
C PRO S 122 -58.85 35.84 -0.81
N VAL S 123 -58.40 34.75 -1.44
CA VAL S 123 -57.23 34.03 -0.94
C VAL S 123 -56.00 34.93 -0.83
N PRO S 124 -55.70 35.81 -1.79
CA PRO S 124 -54.53 36.69 -1.61
C PRO S 124 -54.58 37.53 -0.35
N GLY S 125 -55.77 38.01 0.05
CA GLY S 125 -55.85 38.75 1.30
C GLY S 125 -55.50 37.90 2.52
N VAL S 126 -56.00 36.66 2.54
CA VAL S 126 -55.67 35.76 3.64
C VAL S 126 -54.18 35.47 3.67
N ILE S 127 -53.58 35.29 2.49
CA ILE S 127 -52.15 35.07 2.40
C ILE S 127 -51.38 36.27 2.94
N ASP S 128 -51.85 37.48 2.62
CA ASP S 128 -51.23 38.67 3.16
C ASP S 128 -51.31 38.72 4.67
N GLY S 129 -52.47 38.36 5.22
CA GLY S 129 -52.61 38.32 6.67
C GLY S 129 -51.69 37.31 7.31
N ILE S 130 -51.50 36.16 6.67
CA ILE S 130 -50.61 35.14 7.22
C ILE S 130 -49.16 35.60 7.15
N LYS S 131 -48.78 36.27 6.05
CA LYS S 131 -47.44 36.83 5.97
C LYS S 131 -47.21 37.86 7.06
N ALA S 132 -48.21 38.70 7.31
CA ALA S 132 -48.10 39.68 8.38
C ALA S 132 -47.95 39.02 9.74
N ALA S 133 -48.71 37.95 9.97
CA ALA S 133 -48.57 37.21 11.22
C ALA S 133 -47.18 36.59 11.34
N LYS S 134 -46.64 36.09 10.23
CA LYS S 134 -45.28 35.55 10.24
C LYS S 134 -44.28 36.62 10.62
N GLN S 135 -44.42 37.82 10.06
CA GLN S 135 -43.50 38.90 10.39
C GLN S 135 -43.61 39.30 11.85
N GLN S 136 -44.84 39.44 12.36
CA GLN S 136 -45.02 39.80 13.76
C GLN S 136 -44.44 38.75 14.69
N ALA S 137 -44.61 37.46 14.34
CA ALA S 137 -44.06 36.39 15.16
C ALA S 137 -42.54 36.40 15.12
N ALA S 138 -41.96 36.57 13.93
CA ALA S 138 -40.50 36.55 13.81
C ALA S 138 -39.88 37.77 14.47
N ALA S 139 -40.65 38.84 14.62
CA ALA S 139 -40.14 40.04 15.27
C ALA S 139 -39.77 39.76 16.72
N LEU S 140 -40.54 38.91 17.40
CA LEU S 140 -40.34 38.64 18.81
C LEU S 140 -39.74 37.28 19.09
N LEU S 141 -39.11 36.64 18.11
CA LEU S 141 -38.47 35.35 18.29
C LEU S 141 -36.97 35.47 18.00
N SER S 142 -36.19 34.54 18.57
CA SER S 142 -34.82 34.40 18.16
C SER S 142 -34.75 33.84 16.74
N SER S 143 -33.58 33.96 16.12
CA SER S 143 -33.46 33.63 14.70
C SER S 143 -33.79 32.16 14.44
N GLU S 144 -33.27 31.26 15.26
CA GLU S 144 -33.59 29.84 15.10
C GLU S 144 -35.08 29.59 15.33
N ASP S 145 -35.62 30.17 16.40
CA ASP S 145 -37.04 30.02 16.68
C ASP S 145 -37.88 30.68 15.58
N ALA S 146 -37.43 31.83 15.09
CA ALA S 146 -38.15 32.49 14.00
C ALA S 146 -38.20 31.61 12.77
N ALA S 147 -37.09 30.97 12.42
CA ALA S 147 -37.09 30.06 11.27
C ALA S 147 -37.98 28.85 11.52
N GLU S 148 -37.95 28.30 12.73
CA GLU S 148 -38.76 27.14 13.05
C GLU S 148 -40.24 27.45 12.89
N ALA S 149 -40.67 28.63 13.35
CA ALA S 149 -42.06 29.04 13.12
C ALA S 149 -42.31 29.37 11.66
N SER S 150 -41.31 29.92 10.98
CA SER S 150 -41.50 30.38 9.61
C SER S 150 -41.76 29.22 8.67
N PHE S 151 -41.19 28.05 8.95
CA PHE S 151 -41.51 26.89 8.12
C PHE S 151 -43.01 26.61 8.12
N TYR S 152 -43.64 26.68 9.29
CA TYR S 152 -45.06 26.37 9.37
C TYR S 152 -45.92 27.51 8.83
N PHE S 153 -45.49 28.75 9.04
CA PHE S 153 -46.20 29.88 8.43
C PHE S 153 -46.17 29.79 6.91
N ASP S 154 -45.01 29.47 6.33
CA ASP S 154 -44.93 29.32 4.88
C ASP S 154 -45.71 28.10 4.41
N TYR S 155 -45.78 27.04 5.22
CA TYR S 155 -46.61 25.92 4.84
C TYR S 155 -48.08 26.32 4.77
N VAL S 156 -48.56 27.10 5.74
CA VAL S 156 -49.93 27.59 5.70
C VAL S 156 -50.16 28.46 4.49
N ILE S 157 -49.21 29.37 4.20
CA ILE S 157 -49.35 30.25 3.04
C ILE S 157 -49.43 29.45 1.75
N SER S 158 -48.57 28.44 1.61
CA SER S 158 -48.58 27.62 0.41
C SER S 158 -49.87 26.81 0.32
N ALA S 159 -50.42 26.40 1.46
CA ALA S 159 -51.70 25.68 1.45
C ALA S 159 -52.83 26.59 1.00
N MET S 160 -52.78 27.87 1.38
CA MET S 160 -53.76 28.83 0.88
C MET S 160 -53.76 28.87 -0.64
N SER S 161 -52.58 28.95 -1.25
CA SER S 161 -52.47 29.09 -2.70
C SER S 161 -52.49 27.74 -3.39
N SER T 2 -31.69 7.11 -0.46
CA SER T 2 -31.20 7.31 0.89
C SER T 2 -32.28 7.92 1.79
N ALA T 3 -31.85 8.62 2.83
CA ALA T 3 -32.80 9.30 3.71
C ALA T 3 -33.45 10.47 3.00
N ILE T 4 -32.70 11.17 2.15
CA ILE T 4 -33.26 12.27 1.37
C ILE T 4 -34.27 11.74 0.35
N THR T 5 -33.95 10.62 -0.28
CA THR T 5 -34.81 10.05 -1.30
C THR T 5 -36.18 9.70 -0.73
N LYS T 6 -36.21 9.13 0.47
CA LYS T 6 -37.47 8.70 1.06
C LYS T 6 -38.38 9.89 1.34
N ALA T 7 -37.80 10.99 1.84
CA ALA T 7 -38.57 12.21 2.04
C ALA T 7 -39.06 12.80 0.73
N ILE T 8 -38.22 12.78 -0.31
CA ILE T 8 -38.62 13.32 -1.61
C ILE T 8 -39.78 12.51 -2.17
N LEU T 9 -39.73 11.18 -2.02
CA LEU T 9 -40.83 10.34 -2.49
C LEU T 9 -42.09 10.58 -1.68
N ASN T 10 -41.96 10.80 -0.38
CA ASN T 10 -43.14 11.10 0.42
C ASN T 10 -43.78 12.41 -0.02
N ALA T 11 -42.97 13.41 -0.34
CA ALA T 11 -43.52 14.65 -0.88
C ALA T 11 -44.17 14.42 -2.23
N ASP T 12 -43.54 13.61 -3.08
CA ASP T 12 -44.07 13.37 -4.42
C ASP T 12 -45.36 12.59 -4.36
N ALA T 13 -45.59 11.85 -3.27
CA ALA T 13 -46.82 11.07 -3.14
C ALA T 13 -48.05 11.93 -3.33
N GLU T 14 -48.16 13.04 -2.60
CA GLU T 14 -49.24 13.98 -2.78
C GLU T 14 -48.83 15.24 -3.52
N ALA T 15 -47.72 15.20 -4.25
CA ALA T 15 -47.36 16.21 -5.25
C ALA T 15 -47.28 17.60 -4.63
N ARG T 16 -46.41 17.75 -3.63
CA ARG T 16 -46.18 19.04 -3.02
C ARG T 16 -44.68 19.23 -2.82
N TYR T 17 -44.32 20.38 -2.27
CA TYR T 17 -42.94 20.60 -1.88
C TYR T 17 -42.69 20.00 -0.50
N LEU T 18 -41.42 19.92 -0.14
CA LEU T 18 -41.03 19.33 1.13
C LEU T 18 -41.64 20.12 2.30
N SER T 19 -42.43 19.44 3.11
CA SER T 19 -43.02 20.03 4.29
C SER T 19 -41.99 20.10 5.40
N PRO T 20 -42.25 20.86 6.47
CA PRO T 20 -41.24 21.00 7.52
C PRO T 20 -40.74 19.68 8.09
N GLY T 21 -41.57 18.65 8.13
CA GLY T 21 -41.12 17.37 8.63
C GLY T 21 -40.06 16.71 7.75
N GLU T 22 -40.29 16.70 6.44
CA GLU T 22 -39.28 16.17 5.53
C GLU T 22 -38.01 17.00 5.55
N ILE T 23 -38.17 18.33 5.62
CA ILE T 23 -37.00 19.20 5.71
C ILE T 23 -36.23 18.92 6.99
N ASP T 24 -36.94 18.65 8.08
CA ASP T 24 -36.28 18.27 9.32
C ASP T 24 -35.54 16.95 9.20
N VAL T 25 -36.15 15.98 8.54
CA VAL T 25 -35.50 14.69 8.33
C VAL T 25 -34.20 14.89 7.55
N VAL T 26 -34.27 15.63 6.45
CA VAL T 26 -33.10 15.85 5.61
C VAL T 26 -32.02 16.60 6.38
N ARG T 27 -32.41 17.63 7.13
CA ARG T 27 -31.46 18.41 7.89
C ARG T 27 -30.78 17.58 8.96
N GLY T 28 -31.54 16.70 9.62
CA GLY T 28 -30.95 15.79 10.59
C GLY T 28 -29.96 14.85 9.95
N TYR T 29 -30.31 14.29 8.79
CA TYR T 29 -29.38 13.39 8.11
C TYR T 29 -28.11 14.11 7.71
N LEU T 30 -28.23 15.33 7.19
CA LEU T 30 -27.07 16.10 6.80
C LEU T 30 -26.20 16.43 8.00
N ALA T 31 -26.82 16.72 9.15
CA ALA T 31 -26.05 16.95 10.36
C ALA T 31 -25.31 15.69 10.81
N SER T 32 -25.96 14.54 10.71
CA SER T 32 -25.36 13.29 11.15
C SER T 32 -24.35 12.73 10.15
N GLY T 33 -24.22 13.35 8.99
CA GLY T 33 -23.33 12.83 7.96
C GLY T 33 -21.89 12.66 8.41
N GLU T 34 -21.38 13.61 9.20
CA GLU T 34 -19.98 13.50 9.63
C GLU T 34 -19.75 12.29 10.52
N ARG T 35 -20.68 12.04 11.44
CA ARG T 35 -20.64 10.85 12.27
C ARG T 35 -20.75 9.59 11.41
N ARG T 36 -21.63 9.62 10.42
CA ARG T 36 -21.80 8.47 9.54
C ARG T 36 -20.52 8.18 8.76
N VAL T 37 -19.84 9.21 8.29
CA VAL T 37 -18.60 9.02 7.54
C VAL T 37 -17.53 8.48 8.45
N ARG T 38 -17.47 8.96 9.70
CA ARG T 38 -16.50 8.40 10.64
C ARG T 38 -16.74 6.92 10.89
N VAL T 39 -17.99 6.54 11.13
CA VAL T 39 -18.29 5.13 11.41
C VAL T 39 -17.99 4.27 10.18
N ALA T 40 -18.40 4.71 9.00
CA ALA T 40 -18.16 3.90 7.81
C ALA T 40 -16.69 3.80 7.50
N ARG T 41 -15.92 4.86 7.76
CA ARG T 41 -14.48 4.80 7.51
C ARG T 41 -13.80 3.83 8.47
N VAL T 42 -14.21 3.84 9.74
CA VAL T 42 -13.63 2.90 10.68
C VAL T 42 -13.95 1.47 10.29
N LEU T 43 -15.19 1.21 9.90
CA LEU T 43 -15.57 -0.14 9.47
C LEU T 43 -14.83 -0.55 8.21
N SER T 44 -14.68 0.37 7.26
CA SER T 44 -14.04 0.04 6.00
C SER T 44 -12.55 -0.21 6.17
N ASP T 45 -11.91 0.52 7.08
CA ASP T 45 -10.48 0.34 7.29
C ASP T 45 -10.16 -1.01 7.92
N ASN T 46 -11.04 -1.48 8.81
CA ASN T 46 -10.84 -2.76 9.50
C ASN T 46 -11.66 -3.88 8.88
N ALA T 47 -11.85 -3.86 7.57
CA ALA T 47 -12.70 -4.86 6.92
C ALA T 47 -12.13 -6.26 7.05
N LEU T 48 -10.83 -6.42 6.74
CA LEU T 48 -10.21 -7.73 6.88
C LEU T 48 -10.29 -8.22 8.32
N ARG T 49 -10.00 -7.33 9.27
CA ARG T 49 -10.11 -7.69 10.67
C ARG T 49 -11.50 -8.14 11.07
N ILE T 50 -12.52 -7.35 10.74
CA ILE T 50 -13.87 -7.69 11.15
C ILE T 50 -14.29 -9.01 10.52
N VAL T 51 -13.99 -9.20 9.24
CA VAL T 51 -14.42 -10.41 8.56
C VAL T 51 -13.72 -11.64 9.13
N ARG T 52 -12.41 -11.55 9.37
CA ARG T 52 -11.68 -12.69 9.92
C ARG T 52 -12.15 -13.03 11.33
N GLY T 53 -12.34 -12.01 12.18
CA GLY T 53 -12.83 -12.29 13.52
C GLY T 53 -14.21 -12.88 13.53
N ALA T 54 -15.12 -12.32 12.72
CA ALA T 54 -16.47 -12.86 12.63
C ALA T 54 -16.47 -14.29 12.11
N GLY T 55 -15.65 -14.56 11.09
CA GLY T 55 -15.58 -15.91 10.56
C GLY T 55 -15.05 -16.90 11.55
N ASP T 56 -14.00 -16.54 12.29
CA ASP T 56 -13.47 -17.44 13.30
C ASP T 56 -14.50 -17.70 14.39
N THR T 57 -15.15 -16.65 14.89
CA THR T 57 -16.16 -16.84 15.93
C THR T 57 -17.32 -17.69 15.44
N MET T 58 -17.79 -17.44 14.21
CA MET T 58 -18.87 -18.21 13.64
C MET T 58 -18.50 -19.67 13.46
N PHE T 59 -17.31 -19.95 12.89
CA PHE T 59 -16.93 -21.32 12.63
C PHE T 59 -16.66 -22.09 13.92
N GLN T 60 -16.17 -21.41 14.94
CA GLN T 60 -16.03 -22.07 16.24
C GLN T 60 -17.39 -22.32 16.87
N LYS T 61 -18.33 -21.38 16.72
CA LYS T 61 -19.66 -21.58 17.28
C LYS T 61 -20.38 -22.73 16.58
N ARG T 62 -20.24 -22.83 15.27
CA ARG T 62 -20.87 -23.89 14.47
C ARG T 62 -19.79 -24.61 13.68
N PRO T 63 -19.16 -25.63 14.27
CA PRO T 63 -18.11 -26.37 13.56
C PRO T 63 -18.64 -27.18 12.39
N ASP T 64 -19.95 -27.41 12.31
CA ASP T 64 -20.49 -28.28 11.25
C ASP T 64 -20.35 -27.63 9.87
N LEU T 65 -20.31 -26.30 9.81
CA LEU T 65 -20.08 -25.64 8.53
C LEU T 65 -18.75 -26.04 7.91
N VAL T 66 -17.68 -26.06 8.71
CA VAL T 66 -16.37 -26.38 8.20
C VAL T 66 -16.04 -27.86 8.36
N ALA T 67 -16.94 -28.64 8.95
CA ALA T 67 -16.75 -30.07 9.04
C ALA T 67 -16.98 -30.71 7.67
N PRO T 68 -16.42 -31.90 7.43
CA PRO T 68 -16.74 -32.61 6.19
C PRO T 68 -18.23 -32.83 6.06
N GLY T 69 -18.74 -32.61 4.85
CA GLY T 69 -20.17 -32.58 4.62
C GLY T 69 -20.82 -31.27 4.97
N GLY T 70 -20.06 -30.32 5.54
CA GLY T 70 -20.61 -29.00 5.81
C GLY T 70 -20.63 -28.15 4.57
N ASN T 71 -21.45 -27.10 4.63
CA ASN T 71 -21.66 -26.25 3.46
C ASN T 71 -20.36 -25.53 3.07
N ALA T 72 -19.61 -25.05 4.05
CA ALA T 72 -18.39 -24.30 3.82
C ALA T 72 -17.14 -25.15 3.90
N TYR T 73 -17.27 -26.47 3.82
CA TYR T 73 -16.12 -27.36 3.92
C TYR T 73 -15.19 -27.17 2.72
N GLY T 74 -13.89 -27.08 2.99
CA GLY T 74 -12.93 -26.83 1.94
C GLY T 74 -12.48 -25.38 1.92
N GLU T 75 -11.26 -25.17 1.42
CA GLU T 75 -10.69 -23.83 1.46
C GLU T 75 -11.43 -22.86 0.55
N VAL T 76 -11.89 -23.33 -0.61
CA VAL T 76 -12.63 -22.43 -1.51
C VAL T 76 -13.98 -22.07 -0.92
N ARG T 77 -14.63 -23.01 -0.25
CA ARG T 77 -15.95 -22.73 0.30
C ARG T 77 -15.85 -21.85 1.54
N THR T 78 -14.84 -22.07 2.37
CA THR T 78 -14.57 -21.14 3.46
C THR T 78 -14.22 -19.76 2.91
N ALA T 79 -13.47 -19.71 1.81
CA ALA T 79 -13.17 -18.43 1.18
C ALA T 79 -14.43 -17.72 0.71
N LYS T 80 -15.36 -18.47 0.11
CA LYS T 80 -16.60 -17.88 -0.37
C LYS T 80 -17.48 -17.44 0.80
N CYS T 81 -17.46 -18.19 1.89
CA CYS T 81 -18.17 -17.77 3.09
C CYS T 81 -17.63 -16.46 3.65
N LEU T 82 -16.30 -16.34 3.71
CA LEU T 82 -15.69 -15.10 4.17
C LEU T 82 -15.94 -13.97 3.20
N ARG T 83 -16.00 -14.28 1.90
CA ARG T 83 -16.33 -13.28 0.89
C ARG T 83 -17.76 -12.78 1.06
N ASP T 84 -18.67 -13.67 1.44
CA ASP T 84 -20.04 -13.26 1.73
C ASP T 84 -20.10 -12.37 2.97
N LEU T 85 -19.33 -12.73 4.00
CA LEU T 85 -19.27 -11.90 5.20
C LEU T 85 -18.71 -10.52 4.87
N ASP T 86 -17.70 -10.47 4.00
CA ASP T 86 -17.18 -9.20 3.51
C ASP T 86 -18.23 -8.43 2.75
N TYR T 87 -19.02 -9.12 1.92
CA TYR T 87 -20.11 -8.48 1.21
C TYR T 87 -21.05 -7.80 2.18
N PHE T 88 -21.47 -8.51 3.22
CA PHE T 88 -22.43 -7.96 4.15
C PHE T 88 -21.84 -6.83 4.98
N LEU T 89 -20.54 -6.90 5.29
CA LEU T 89 -19.89 -5.78 5.96
C LEU T 89 -19.88 -4.54 5.06
N ARG T 90 -19.56 -4.71 3.78
CA ARG T 90 -19.60 -3.58 2.85
C ARG T 90 -21.01 -3.01 2.75
N LEU T 91 -22.02 -3.89 2.77
CA LEU T 91 -23.40 -3.45 2.74
C LEU T 91 -23.76 -2.67 4.00
N VAL T 92 -23.21 -3.07 5.15
CA VAL T 92 -23.47 -2.33 6.38
C VAL T 92 -22.83 -0.95 6.32
N THR T 93 -21.63 -0.85 5.74
CA THR T 93 -21.05 0.47 5.54
C THR T 93 -21.92 1.33 4.63
N TYR T 94 -22.45 0.72 3.56
CA TYR T 94 -23.36 1.44 2.67
C TYR T 94 -24.58 1.93 3.42
N GLY T 95 -25.17 1.08 4.27
CA GLY T 95 -26.31 1.49 5.05
C GLY T 95 -26.02 2.61 6.03
N VAL T 96 -24.86 2.55 6.68
CA VAL T 96 -24.45 3.60 7.60
C VAL T 96 -24.34 4.93 6.87
N LEU T 97 -23.68 4.92 5.71
CA LEU T 97 -23.55 6.15 4.93
C LEU T 97 -24.89 6.65 4.41
N ALA T 98 -25.75 5.74 3.95
CA ALA T 98 -26.97 6.14 3.27
C ALA T 98 -27.99 6.72 4.24
N GLY T 99 -28.00 6.25 5.48
CA GLY T 99 -29.03 6.64 6.41
C GLY T 99 -30.29 5.81 6.33
N ASP T 100 -30.36 4.86 5.41
CA ASP T 100 -31.48 3.94 5.35
C ASP T 100 -30.95 2.59 4.87
N THR T 101 -31.82 1.59 4.98
CA THR T 101 -31.43 0.21 4.71
C THR T 101 -31.60 -0.17 3.26
N SER T 102 -31.97 0.76 2.38
CA SER T 102 -32.24 0.39 0.99
C SER T 102 -31.06 -0.24 0.28
N PRO T 103 -29.85 0.36 0.24
CA PRO T 103 -28.78 -0.25 -0.57
C PRO T 103 -28.51 -1.70 -0.18
N ILE T 104 -28.64 -2.02 1.10
CA ILE T 104 -28.54 -3.42 1.53
C ILE T 104 -29.62 -4.25 0.85
N ASP T 105 -30.82 -3.67 0.67
CA ASP T 105 -31.89 -4.39 0.01
C ASP T 105 -31.61 -4.60 -1.47
N GLU T 106 -31.41 -3.52 -2.23
CA GLU T 106 -31.22 -3.71 -3.67
C GLU T 106 -29.97 -4.54 -3.97
N ILE T 107 -28.99 -4.51 -3.10
CA ILE T 107 -27.71 -5.12 -3.44
C ILE T 107 -27.60 -6.53 -2.87
N GLY T 108 -27.95 -6.72 -1.61
CA GLY T 108 -27.64 -7.99 -0.99
C GLY T 108 -28.75 -8.79 -0.34
N LEU T 109 -29.85 -8.16 0.03
CA LEU T 109 -30.86 -8.88 0.80
C LEU T 109 -32.00 -9.38 -0.08
N ILE T 110 -32.30 -8.69 -1.17
CA ILE T 110 -33.38 -9.10 -2.05
C ILE T 110 -32.92 -10.32 -2.83
N GLY T 111 -33.55 -11.47 -2.58
CA GLY T 111 -33.22 -12.68 -3.26
C GLY T 111 -32.15 -13.52 -2.62
N ILE T 112 -31.60 -13.10 -1.48
CA ILE T 112 -30.54 -13.86 -0.84
C ILE T 112 -31.12 -15.06 -0.11
N LYS T 113 -32.38 -14.97 0.31
CA LYS T 113 -32.97 -16.07 1.08
C LYS T 113 -33.25 -17.27 0.18
N GLU T 114 -33.82 -17.03 -1.00
CA GLU T 114 -34.00 -18.12 -1.95
C GLU T 114 -32.68 -18.57 -2.55
N THR T 115 -31.72 -17.65 -2.71
CA THR T 115 -30.38 -18.03 -3.14
C THR T 115 -29.75 -19.02 -2.18
N TYR T 116 -29.79 -18.71 -0.88
CA TYR T 116 -29.21 -19.60 0.12
C TYR T 116 -30.01 -20.89 0.27
N SER T 117 -31.33 -20.84 0.10
CA SER T 117 -32.10 -22.07 0.11
C SER T 117 -31.70 -22.98 -1.04
N LEU T 118 -31.51 -22.42 -2.23
CA LEU T 118 -31.07 -23.23 -3.36
C LEU T 118 -29.67 -23.77 -3.12
N LEU T 119 -28.79 -22.95 -2.57
CA LEU T 119 -27.41 -23.37 -2.33
C LEU T 119 -27.25 -24.20 -1.06
N GLU T 120 -28.33 -24.40 -0.31
CA GLU T 120 -28.29 -25.12 0.96
C GLU T 120 -27.30 -24.48 1.93
N VAL T 121 -27.32 -23.15 1.98
CA VAL T 121 -26.52 -22.37 2.91
C VAL T 121 -27.36 -22.08 4.14
N PRO T 122 -26.90 -22.43 5.35
CA PRO T 122 -27.74 -22.26 6.54
C PRO T 122 -27.80 -20.80 6.99
N VAL T 123 -29.00 -20.24 6.92
CA VAL T 123 -29.24 -18.85 7.33
C VAL T 123 -28.89 -18.63 8.80
N PRO T 124 -29.18 -19.58 9.72
CA PRO T 124 -28.67 -19.39 11.09
C PRO T 124 -27.17 -19.19 11.18
N GLY T 125 -26.39 -19.91 10.37
CA GLY T 125 -24.95 -19.66 10.35
C GLY T 125 -24.61 -18.27 9.87
N VAL T 126 -25.32 -17.78 8.84
CA VAL T 126 -25.07 -16.43 8.34
C VAL T 126 -25.41 -15.41 9.42
N ILE T 127 -26.51 -15.63 10.14
CA ILE T 127 -26.91 -14.72 11.20
C ILE T 127 -25.86 -14.70 12.31
N ASP T 128 -25.32 -15.87 12.67
CA ASP T 128 -24.29 -15.92 13.69
C ASP T 128 -23.02 -15.19 13.21
N GLY T 129 -22.68 -15.34 11.94
CA GLY T 129 -21.53 -14.60 11.42
C GLY T 129 -21.75 -13.10 11.44
N ILE T 130 -22.96 -12.65 11.11
CA ILE T 130 -23.25 -11.22 11.15
C ILE T 130 -23.25 -10.71 12.58
N LYS T 131 -23.73 -11.52 13.52
CA LYS T 131 -23.66 -11.16 14.94
C LYS T 131 -22.20 -11.03 15.40
N ALA T 132 -21.36 -11.97 14.98
CA ALA T 132 -19.94 -11.89 15.32
C ALA T 132 -19.30 -10.65 14.72
N ALA T 133 -19.66 -10.31 13.49
CA ALA T 133 -19.15 -9.09 12.87
C ALA T 133 -19.65 -7.87 13.61
N LYS T 134 -20.89 -7.88 14.10
CA LYS T 134 -21.39 -6.77 14.89
C LYS T 134 -20.59 -6.60 16.17
N GLN T 135 -20.28 -7.71 16.84
CA GLN T 135 -19.47 -7.64 18.05
C GLN T 135 -18.06 -7.12 17.75
N GLN T 136 -17.46 -7.59 16.65
CA GLN T 136 -16.14 -7.13 16.27
C GLN T 136 -16.15 -5.64 15.97
N ALA T 137 -17.16 -5.17 15.25
CA ALA T 137 -17.27 -3.74 14.94
C ALA T 137 -17.45 -2.92 16.21
N ALA T 138 -18.27 -3.40 17.14
CA ALA T 138 -18.43 -2.72 18.41
C ALA T 138 -17.12 -2.65 19.17
N ALA T 139 -16.30 -3.69 19.06
CA ALA T 139 -14.98 -3.67 19.69
C ALA T 139 -14.12 -2.55 19.14
N LEU T 140 -14.38 -2.11 17.91
CA LEU T 140 -13.54 -1.10 17.28
C LEU T 140 -14.19 0.28 17.34
N LEU T 141 -15.48 0.33 17.59
CA LEU T 141 -16.18 1.60 17.68
C LEU T 141 -16.43 2.00 19.13
N SER T 142 -16.78 3.27 19.32
CA SER T 142 -17.25 3.74 20.61
C SER T 142 -18.72 3.37 20.79
N SER T 143 -19.27 3.73 21.95
CA SER T 143 -20.65 3.35 22.26
C SER T 143 -21.63 3.95 21.27
N GLU T 144 -21.50 5.24 20.98
CA GLU T 144 -22.37 5.87 19.99
C GLU T 144 -22.21 5.22 18.62
N ASP T 145 -20.96 5.04 18.19
CA ASP T 145 -20.71 4.43 16.89
C ASP T 145 -21.13 2.97 16.87
N ALA T 146 -20.94 2.27 17.99
CA ALA T 146 -21.41 0.89 18.08
C ALA T 146 -22.91 0.80 17.91
N ALA T 147 -23.66 1.71 18.54
CA ALA T 147 -25.11 1.71 18.38
C ALA T 147 -25.50 2.01 16.93
N GLU T 148 -24.83 3.00 16.33
CA GLU T 148 -25.17 3.37 14.95
C GLU T 148 -24.94 2.20 14.00
N ALA T 149 -23.79 1.54 14.10
CA ALA T 149 -23.52 0.39 13.24
C ALA T 149 -24.42 -0.78 13.60
N SER T 150 -24.79 -0.90 14.87
CA SER T 150 -25.59 -2.02 15.32
C SER T 150 -27.00 -1.94 14.75
N PHE T 151 -27.47 -0.73 14.51
CA PHE T 151 -28.77 -0.58 13.85
C PHE T 151 -28.81 -1.35 12.53
N TYR T 152 -27.83 -1.12 11.66
CA TYR T 152 -27.85 -1.76 10.35
C TYR T 152 -27.42 -3.23 10.42
N PHE T 153 -26.52 -3.55 11.36
CA PHE T 153 -26.19 -4.96 11.57
C PHE T 153 -27.43 -5.75 12.00
N ASP T 154 -28.22 -5.19 12.92
CA ASP T 154 -29.46 -5.85 13.33
C ASP T 154 -30.47 -5.86 12.21
N TYR T 155 -30.47 -4.84 11.35
CA TYR T 155 -31.37 -4.89 10.20
C TYR T 155 -31.04 -6.07 9.30
N VAL T 156 -29.75 -6.27 9.00
CA VAL T 156 -29.37 -7.42 8.17
C VAL T 156 -29.72 -8.72 8.87
N ILE T 157 -29.47 -8.79 10.18
CA ILE T 157 -29.77 -10.00 10.94
C ILE T 157 -31.26 -10.33 10.86
N SER T 158 -32.12 -9.34 11.08
CA SER T 158 -33.56 -9.55 11.02
C SER T 158 -34.02 -9.92 9.62
N ALA T 159 -33.45 -9.27 8.61
CA ALA T 159 -33.87 -9.54 7.23
C ALA T 159 -33.47 -10.95 6.80
N MET T 160 -32.32 -11.44 7.26
CA MET T 160 -31.93 -12.81 6.95
C MET T 160 -32.90 -13.79 7.60
N SER T 161 -33.32 -13.51 8.83
CA SER T 161 -34.25 -14.39 9.52
C SER T 161 -35.70 -14.09 9.13
N MET U 1 -53.92 8.01 13.16
CA MET U 1 -53.48 7.36 14.39
C MET U 1 -52.90 8.41 15.31
N LEU U 2 -53.17 8.29 16.61
CA LEU U 2 -52.77 9.32 17.53
C LEU U 2 -51.58 8.88 18.39
N ASP U 3 -50.69 9.83 18.64
CA ASP U 3 -49.66 9.70 19.66
C ASP U 3 -50.03 10.60 20.83
N ALA U 4 -49.13 10.67 21.81
CA ALA U 4 -49.42 11.49 22.99
C ALA U 4 -49.55 12.95 22.62
N VAL U 5 -48.66 13.45 21.76
CA VAL U 5 -48.64 14.88 21.44
C VAL U 5 -49.90 15.28 20.70
N THR U 6 -50.26 14.52 19.67
CA THR U 6 -51.47 14.84 18.91
C THR U 6 -52.72 14.63 19.74
N LYS U 7 -52.68 13.72 20.71
CA LYS U 7 -53.80 13.57 21.63
C LYS U 7 -53.97 14.81 22.49
N ILE U 8 -52.86 15.38 22.97
CA ILE U 8 -52.94 16.64 23.71
C ILE U 8 -53.41 17.77 22.80
N ILE U 9 -52.93 17.80 21.56
CA ILE U 9 -53.36 18.81 20.62
C ILE U 9 -54.87 18.72 20.41
N ASN U 10 -55.39 17.49 20.34
CA ASN U 10 -56.83 17.30 20.18
C ASN U 10 -57.61 17.75 21.40
N ARG U 11 -57.11 17.45 22.61
CA ARG U 11 -57.86 17.91 23.79
C ARG U 11 -57.85 19.43 23.88
N THR U 12 -56.78 20.07 23.41
CA THR U 12 -56.78 21.53 23.41
C THR U 12 -57.71 22.09 22.33
N ASP U 13 -57.75 21.44 21.16
CA ASP U 13 -58.57 21.94 20.08
C ASP U 13 -60.06 21.71 20.35
N ALA U 14 -60.38 20.73 21.20
CA ALA U 14 -61.77 20.46 21.52
C ALA U 14 -62.47 21.70 22.05
N GLU U 15 -61.77 22.51 22.83
CA GLU U 15 -62.31 23.79 23.27
C GLU U 15 -61.59 24.98 22.67
N GLY U 16 -60.87 24.79 21.56
CA GLY U 16 -60.37 25.89 20.76
C GLY U 16 -59.52 26.87 21.53
N ARG U 17 -58.59 26.36 22.33
CA ARG U 17 -57.73 27.19 23.15
C ARG U 17 -56.27 26.87 22.85
N TYR U 18 -55.41 27.81 23.22
CA TYR U 18 -53.99 27.59 23.08
C TYR U 18 -53.48 26.65 24.17
N PHE U 19 -52.28 26.13 23.97
CA PHE U 19 -51.66 25.28 24.98
C PHE U 19 -51.42 26.06 26.26
N ALA U 20 -51.74 25.43 27.38
CA ALA U 20 -51.49 26.01 28.69
C ALA U 20 -50.27 25.36 29.33
N SER U 21 -49.92 25.84 30.52
CA SER U 21 -48.75 25.32 31.20
C SER U 21 -48.92 23.84 31.53
N LYS U 22 -50.13 23.43 31.89
CA LYS U 22 -50.39 22.01 32.12
C LYS U 22 -50.19 21.19 30.86
N ASP U 23 -50.66 21.70 29.71
CA ASP U 23 -50.50 20.99 28.45
C ASP U 23 -49.03 20.93 28.06
N PHE U 24 -48.30 22.03 28.27
CA PHE U 24 -46.86 22.02 27.99
C PHE U 24 -46.13 21.02 28.86
N ASP U 25 -46.50 20.93 30.14
CA ASP U 25 -45.90 19.95 31.02
C ASP U 25 -46.22 18.54 30.57
N GLU U 26 -47.46 18.30 30.15
CA GLU U 26 -47.85 16.98 29.64
C GLU U 26 -47.03 16.60 28.42
N VAL U 27 -46.76 17.57 27.55
CA VAL U 27 -45.97 17.28 26.36
C VAL U 27 -44.50 17.02 26.74
N THR U 28 -43.95 17.82 27.66
CA THR U 28 -42.56 17.64 28.04
C THR U 28 -42.34 16.31 28.75
N ARG U 29 -43.34 15.83 29.49
CA ARG U 29 -43.20 14.54 30.14
C ARG U 29 -43.18 13.41 29.12
N PHE U 30 -43.93 13.55 28.04
CA PHE U 30 -43.82 12.59 26.94
C PHE U 30 -42.44 12.65 26.30
N PHE U 31 -41.91 13.87 26.12
CA PHE U 31 -40.58 14.00 25.55
C PHE U 31 -39.52 13.38 26.44
N ALA U 32 -39.68 13.50 27.76
CA ALA U 32 -38.68 13.02 28.69
C ALA U 32 -38.51 11.51 28.62
N THR U 33 -39.60 10.78 28.54
CA THR U 33 -39.57 9.32 28.50
C THR U 33 -39.32 8.78 27.11
N GLY U 34 -39.12 9.64 26.12
CA GLY U 34 -39.08 9.18 24.74
C GLY U 34 -37.90 8.27 24.45
N GLU U 35 -36.72 8.61 25.01
CA GLU U 35 -35.53 7.82 24.71
C GLU U 35 -35.66 6.40 25.23
N ALA U 36 -36.16 6.23 26.46
CA ALA U 36 -36.31 4.88 27.01
C ALA U 36 -37.29 4.06 26.19
N ARG U 37 -38.41 4.67 25.79
CA ARG U 37 -39.39 3.97 24.97
C ARG U 37 -38.78 3.58 23.63
N LEU U 38 -38.02 4.48 23.02
CA LEU U 38 -37.41 4.18 21.72
C LEU U 38 -36.40 3.05 21.84
N ARG U 39 -35.60 3.05 22.91
CA ARG U 39 -34.65 1.96 23.13
C ARG U 39 -35.37 0.63 23.33
N ALA U 40 -36.44 0.63 24.12
CA ALA U 40 -37.20 -0.59 24.33
C ALA U 40 -37.78 -1.11 23.01
N ALA U 41 -38.29 -0.20 22.19
CA ALA U 41 -38.85 -0.59 20.90
C ALA U 41 -37.77 -1.19 19.99
N SER U 42 -36.59 -0.56 19.96
CA SER U 42 -35.51 -1.10 19.14
C SER U 42 -35.06 -2.46 19.64
N THR U 43 -35.02 -2.64 20.96
CA THR U 43 -34.66 -3.93 21.52
C THR U 43 -35.66 -5.00 21.13
N ILE U 44 -36.95 -4.67 21.19
CA ILE U 44 -37.98 -5.62 20.79
C ILE U 44 -37.84 -5.96 19.31
N SER U 45 -37.56 -4.95 18.49
CA SER U 45 -37.39 -5.18 17.06
C SER U 45 -36.22 -6.10 16.77
N ALA U 46 -35.10 -5.88 17.47
CA ALA U 46 -33.89 -6.65 17.17
C ALA U 46 -34.01 -8.09 17.63
N ASN U 47 -34.97 -8.38 18.52
CA ASN U 47 -35.17 -9.72 19.05
C ASN U 47 -36.57 -10.25 18.77
N ALA U 48 -37.17 -9.86 17.63
CA ALA U 48 -38.54 -10.25 17.34
C ALA U 48 -38.69 -11.76 17.17
N ALA U 49 -37.78 -12.37 16.42
CA ALA U 49 -37.86 -13.80 16.17
C ALA U 49 -37.73 -14.60 17.45
N SER U 50 -36.78 -14.22 18.31
CA SER U 50 -36.61 -14.92 19.58
C SER U 50 -37.82 -14.75 20.48
N ILE U 51 -38.38 -13.53 20.52
CA ILE U 51 -39.55 -13.29 21.36
C ILE U 51 -40.73 -14.12 20.87
N LEU U 52 -40.93 -14.17 19.55
CA LEU U 52 -42.01 -14.99 19.01
C LEU U 52 -41.79 -16.47 19.29
N ARG U 53 -40.57 -16.96 19.11
CA ARG U 53 -40.30 -18.38 19.34
C ARG U 53 -40.57 -18.75 20.80
N GLU U 54 -40.06 -17.95 21.74
CA GLU U 54 -40.22 -18.30 23.14
C GLU U 54 -41.66 -18.06 23.61
N SER U 55 -42.35 -17.06 23.06
CA SER U 55 -43.76 -16.86 23.40
C SER U 55 -44.61 -18.02 22.91
N ALA U 56 -44.38 -18.50 21.68
CA ALA U 56 -45.11 -19.64 21.18
C ALA U 56 -44.81 -20.88 22.00
N ALA U 57 -43.54 -21.09 22.36
CA ALA U 57 -43.19 -22.23 23.20
C ALA U 57 -43.91 -22.16 24.54
N ALA U 58 -43.96 -20.98 25.15
CA ALA U 58 -44.68 -20.83 26.41
C ALA U 58 -46.16 -21.13 26.24
N LEU U 59 -46.78 -20.57 25.20
CA LEU U 59 -48.21 -20.76 24.99
C LEU U 59 -48.55 -22.23 24.80
N PHE U 60 -47.73 -22.95 24.03
CA PHE U 60 -48.09 -24.31 23.68
C PHE U 60 -47.57 -25.31 24.71
N THR U 61 -46.67 -24.89 25.58
CA THR U 61 -46.37 -25.68 26.77
C THR U 61 -47.49 -25.55 27.79
N GLU U 62 -48.08 -24.35 27.89
CA GLU U 62 -49.21 -24.17 28.78
C GLU U 62 -50.43 -24.95 28.31
N GLN U 63 -50.69 -24.94 27.01
CA GLN U 63 -51.89 -25.54 26.43
C GLN U 63 -51.53 -26.46 25.27
N PRO U 64 -51.09 -27.68 25.57
CA PRO U 64 -50.73 -28.61 24.49
C PRO U 64 -51.92 -29.10 23.68
N ASP U 65 -53.15 -28.85 24.16
CA ASP U 65 -54.33 -29.32 23.44
C ASP U 65 -54.47 -28.64 22.10
N LEU U 66 -53.94 -27.43 21.96
CA LEU U 66 -54.09 -26.68 20.73
C LEU U 66 -53.29 -27.30 19.59
N LEU U 67 -52.11 -27.84 19.89
CA LEU U 67 -51.31 -28.45 18.85
C LEU U 67 -51.82 -29.85 18.52
N ARG U 68 -52.60 -30.44 19.42
CA ARG U 68 -53.12 -31.77 19.17
C ARG U 68 -54.13 -31.74 18.03
N PRO U 69 -54.30 -32.86 17.32
CA PRO U 69 -55.32 -32.92 16.27
C PRO U 69 -56.69 -32.54 16.81
N GLY U 70 -57.40 -31.69 16.06
CA GLY U 70 -58.62 -31.10 16.52
C GLY U 70 -58.47 -29.75 17.18
N GLY U 71 -57.27 -29.40 17.64
CA GLY U 71 -57.05 -28.08 18.19
C GLY U 71 -56.88 -27.04 17.11
N ASN U 72 -57.10 -25.78 17.48
CA ASN U 72 -57.12 -24.73 16.47
C ASN U 72 -55.70 -24.44 15.97
N ALA U 73 -54.68 -24.87 16.69
CA ALA U 73 -53.32 -24.72 16.22
C ALA U 73 -52.82 -25.95 15.47
N TYR U 74 -53.65 -26.97 15.27
CA TYR U 74 -53.21 -28.17 14.59
C TYR U 74 -53.34 -28.03 13.08
N THR U 75 -52.28 -27.52 12.47
CA THR U 75 -51.79 -27.76 11.11
C THR U 75 -50.57 -26.88 10.95
N SER U 76 -49.80 -27.07 9.87
CA SER U 76 -48.76 -26.09 9.58
C SER U 76 -49.37 -24.72 9.34
N ARG U 77 -50.49 -24.69 8.62
CA ARG U 77 -51.12 -23.41 8.28
C ARG U 77 -51.68 -22.72 9.52
N ARG U 78 -52.34 -23.46 10.40
CA ARG U 78 -52.95 -22.82 11.55
C ARG U 78 -51.90 -22.45 12.59
N TYR U 79 -50.83 -23.23 12.71
CA TYR U 79 -49.73 -22.81 13.57
C TYR U 79 -49.06 -21.56 13.02
N ALA U 80 -48.89 -21.50 11.70
CA ALA U 80 -48.30 -20.31 11.09
C ALA U 80 -49.19 -19.09 11.30
N ALA U 81 -50.50 -19.27 11.19
CA ALA U 81 -51.43 -18.16 11.43
C ALA U 81 -51.38 -17.71 12.89
N CYS U 82 -51.27 -18.68 13.82
CA CYS U 82 -51.09 -18.35 15.23
C CYS U 82 -49.84 -17.50 15.46
N VAL U 83 -48.70 -17.94 14.96
CA VAL U 83 -47.47 -17.19 15.21
C VAL U 83 -47.49 -15.85 14.47
N ARG U 84 -48.21 -15.78 13.36
CA ARG U 84 -48.35 -14.52 12.65
C ARG U 84 -49.21 -13.54 13.45
N ASP U 85 -50.25 -14.03 14.10
CA ASP U 85 -51.03 -13.17 14.99
C ASP U 85 -50.19 -12.69 16.16
N MET U 86 -49.33 -13.56 16.68
CA MET U 86 -48.40 -13.14 17.72
C MET U 86 -47.46 -12.04 17.21
N GLU U 87 -46.96 -12.20 15.98
CA GLU U 87 -46.11 -11.17 15.39
C GLU U 87 -46.88 -9.86 15.21
N TYR U 88 -48.16 -9.95 14.84
CA TYR U 88 -49.01 -8.77 14.77
C TYR U 88 -49.03 -8.05 16.12
N PHE U 89 -49.32 -8.80 17.18
CA PHE U 89 -49.42 -8.18 18.50
C PHE U 89 -48.10 -7.54 18.90
N LEU U 90 -46.98 -8.22 18.65
CA LEU U 90 -45.68 -7.66 19.01
C LEU U 90 -45.39 -6.39 18.23
N ARG U 91 -45.60 -6.41 16.91
CA ARG U 91 -45.30 -5.25 16.09
C ARG U 91 -46.14 -4.05 16.48
N TYR U 92 -47.43 -4.27 16.72
CA TYR U 92 -48.30 -3.14 17.03
C TYR U 92 -48.10 -2.66 18.45
N ALA U 93 -47.70 -3.55 19.36
CA ALA U 93 -47.31 -3.08 20.69
C ALA U 93 -46.06 -2.23 20.62
N THR U 94 -45.12 -2.59 19.74
CA THR U 94 -43.95 -1.74 19.54
C THR U 94 -44.33 -0.38 18.98
N TYR U 95 -45.26 -0.36 18.01
CA TYR U 95 -45.76 0.91 17.49
C TYR U 95 -46.37 1.76 18.61
N ALA U 96 -47.21 1.15 19.44
CA ALA U 96 -47.85 1.88 20.53
C ALA U 96 -46.84 2.35 21.55
N LEU U 97 -45.79 1.56 21.79
CA LEU U 97 -44.74 1.97 22.71
C LEU U 97 -44.02 3.20 22.21
N VAL U 98 -43.70 3.24 20.92
CA VAL U 98 -43.07 4.44 20.36
C VAL U 98 -44.03 5.62 20.42
N ALA U 99 -45.29 5.41 20.04
CA ALA U 99 -46.23 6.51 19.96
C ALA U 99 -46.66 6.99 21.34
N GLY U 100 -46.56 6.13 22.34
CA GLY U 100 -47.03 6.48 23.66
C GLY U 100 -48.52 6.48 23.83
N ASP U 101 -49.27 5.87 22.90
CA ASP U 101 -50.71 5.84 22.96
C ASP U 101 -51.21 4.48 22.48
N THR U 102 -52.39 4.09 22.95
CA THR U 102 -52.97 2.80 22.64
C THR U 102 -53.89 2.84 21.42
N SER U 103 -53.99 3.98 20.74
CA SER U 103 -54.91 4.07 19.61
C SER U 103 -54.55 3.08 18.52
N VAL U 104 -53.28 3.03 18.12
CA VAL U 104 -52.89 2.18 16.99
C VAL U 104 -53.30 0.75 17.24
N ILE U 105 -53.30 0.32 18.50
CA ILE U 105 -53.87 -0.97 18.87
C ILE U 105 -55.37 -0.98 18.60
N ASP U 106 -56.04 0.14 18.88
CA ASP U 106 -57.50 0.16 18.77
C ASP U 106 -57.97 0.07 17.34
N GLU U 107 -57.44 0.89 16.44
CA GLU U 107 -57.94 0.82 15.06
C GLU U 107 -57.18 -0.20 14.21
N ARG U 108 -55.88 -0.38 14.45
CA ARG U 108 -55.11 -1.25 13.56
C ARG U 108 -55.17 -2.71 13.98
N VAL U 109 -55.60 -2.99 15.20
CA VAL U 109 -55.62 -4.35 15.71
C VAL U 109 -57.02 -4.80 16.14
N LEU U 110 -57.63 -4.07 17.07
CA LEU U 110 -58.84 -4.54 17.73
C LEU U 110 -60.11 -4.22 16.97
N ASN U 111 -60.03 -3.55 15.82
CA ASN U 111 -61.20 -3.23 15.03
C ASN U 111 -61.74 -4.51 14.39
N GLY U 112 -62.80 -5.07 14.97
CA GLY U 112 -63.43 -6.26 14.43
C GLY U 112 -62.73 -7.56 14.73
N LEU U 113 -61.74 -7.56 15.62
CA LEU U 113 -61.02 -8.79 15.93
C LEU U 113 -61.91 -9.77 16.67
N LYS U 114 -62.80 -9.27 17.54
CA LYS U 114 -63.71 -10.12 18.28
C LYS U 114 -64.61 -10.91 17.34
N GLU U 115 -65.28 -10.23 16.41
CA GLU U 115 -66.19 -10.90 15.50
C GLU U 115 -65.42 -11.76 14.51
N THR U 116 -64.21 -11.35 14.12
CA THR U 116 -63.41 -12.18 13.23
C THR U 116 -63.03 -13.50 13.89
N TYR U 117 -62.62 -13.45 15.16
CA TYR U 117 -62.26 -14.69 15.85
C TYR U 117 -63.49 -15.56 16.10
N MET U 118 -64.63 -14.95 16.41
CA MET U 118 -65.87 -15.72 16.53
C MET U 118 -66.23 -16.40 15.21
N SER U 119 -66.12 -15.69 14.10
CA SER U 119 -66.43 -16.30 12.82
C SER U 119 -65.44 -17.41 12.48
N LEU U 120 -64.17 -17.23 12.84
CA LEU U 120 -63.14 -18.20 12.50
C LEU U 120 -63.08 -19.36 13.48
N GLY U 121 -63.64 -19.19 14.67
CA GLY U 121 -63.50 -20.19 15.71
C GLY U 121 -62.22 -20.12 16.50
N VAL U 122 -61.55 -18.96 16.52
CA VAL U 122 -60.32 -18.83 17.30
C VAL U 122 -60.68 -18.68 18.77
N PRO U 123 -60.13 -19.51 19.66
CA PRO U 123 -60.43 -19.39 21.10
C PRO U 123 -59.74 -18.17 21.69
N ILE U 124 -60.54 -17.13 21.98
CA ILE U 124 -59.98 -15.92 22.59
C ILE U 124 -59.29 -16.18 23.93
N PRO U 125 -59.78 -17.04 24.82
CA PRO U 125 -58.99 -17.30 26.04
C PRO U 125 -57.58 -17.76 25.75
N SER U 126 -57.39 -18.60 24.73
CA SER U 126 -56.05 -19.04 24.36
C SER U 126 -55.24 -17.91 23.74
N THR U 127 -55.89 -17.05 22.96
CA THR U 127 -55.19 -15.89 22.39
C THR U 127 -54.74 -14.93 23.49
N VAL U 128 -55.57 -14.72 24.50
CA VAL U 128 -55.21 -13.87 25.62
C VAL U 128 -54.09 -14.50 26.43
N ALA U 129 -54.12 -15.83 26.57
CA ALA U 129 -52.99 -16.51 27.22
C ALA U 129 -51.70 -16.30 26.43
N GLY U 130 -51.77 -16.37 25.11
CA GLY U 130 -50.60 -16.08 24.29
C GLY U 130 -50.12 -14.65 24.46
N VAL U 131 -51.05 -13.71 24.54
CA VAL U 131 -50.69 -12.31 24.74
C VAL U 131 -50.01 -12.12 26.08
N THR U 132 -50.50 -12.77 27.13
CA THR U 132 -49.88 -12.67 28.44
C THR U 132 -48.50 -13.31 28.45
N ALA U 133 -48.34 -14.44 27.76
CA ALA U 133 -47.02 -15.07 27.67
C ALA U 133 -46.04 -14.16 26.95
N MET U 134 -46.48 -13.51 25.88
CA MET U 134 -45.65 -12.53 25.20
C MET U 134 -45.33 -11.35 26.10
N LYS U 135 -46.30 -10.93 26.93
CA LYS U 135 -46.06 -9.85 27.86
C LYS U 135 -44.96 -10.22 28.85
N GLY U 136 -44.99 -11.44 29.38
CA GLY U 136 -43.93 -11.88 30.26
C GLY U 136 -42.59 -11.95 29.56
N VAL U 137 -42.58 -12.47 28.33
CA VAL U 137 -41.35 -12.56 27.56
C VAL U 137 -40.74 -11.18 27.33
N VAL U 138 -41.57 -10.21 26.94
CA VAL U 138 -41.08 -8.86 26.68
C VAL U 138 -40.62 -8.19 27.97
N ALA U 139 -41.38 -8.37 29.05
CA ALA U 139 -41.02 -7.77 30.32
C ALA U 139 -39.71 -8.33 30.85
N SER U 140 -39.42 -9.59 30.55
CA SER U 140 -38.12 -10.15 30.90
C SER U 140 -37.00 -9.43 30.16
N MET U 141 -37.26 -8.97 28.94
CA MET U 141 -36.21 -8.37 28.13
C MET U 141 -36.00 -6.90 28.47
N ILE U 142 -37.08 -6.14 28.60
CA ILE U 142 -36.97 -4.69 28.67
C ILE U 142 -37.64 -4.12 29.93
N GLY U 143 -38.19 -4.97 30.77
CA GLY U 143 -38.95 -4.46 31.90
C GLY U 143 -40.40 -4.18 31.52
N SER U 144 -41.04 -3.39 32.37
CA SER U 144 -42.49 -3.21 32.31
C SER U 144 -42.92 -2.03 31.44
N GLU U 145 -42.09 -1.62 30.48
CA GLU U 145 -42.45 -0.47 29.65
C GLU U 145 -43.62 -0.78 28.74
N ALA U 146 -43.70 -2.00 28.22
CA ALA U 146 -44.72 -2.39 27.26
C ALA U 146 -45.87 -3.16 27.89
N ASN U 147 -45.95 -3.21 29.22
CA ASN U 147 -47.02 -3.97 29.87
C ASN U 147 -48.39 -3.35 29.60
N VAL U 148 -48.45 -2.02 29.54
CA VAL U 148 -49.73 -1.34 29.35
C VAL U 148 -50.37 -1.75 28.03
N TYR U 149 -49.56 -1.82 26.97
CA TYR U 149 -50.11 -2.08 25.64
C TYR U 149 -50.52 -3.53 25.47
N PHE U 150 -49.73 -4.46 26.01
CA PHE U 150 -50.13 -5.86 26.00
C PHE U 150 -51.39 -6.07 26.82
N ASP U 151 -51.50 -5.39 27.96
CA ASP U 151 -52.72 -5.48 28.76
C ASP U 151 -53.91 -4.89 28.01
N HIS U 152 -53.69 -3.82 27.25
CA HIS U 152 -54.76 -3.24 26.44
C HIS U 152 -55.23 -4.22 25.38
N ILE U 153 -54.29 -4.90 24.72
CA ILE U 153 -54.65 -5.91 23.73
C ILE U 153 -55.45 -7.02 24.39
N ALA U 154 -54.99 -7.50 25.54
CA ALA U 154 -55.67 -8.59 26.22
C ALA U 154 -57.08 -8.20 26.65
N LYS U 155 -57.24 -6.99 27.19
CA LYS U 155 -58.56 -6.52 27.59
C LYS U 155 -59.47 -6.35 26.38
N GLY U 156 -58.94 -5.84 25.27
CA GLY U 156 -59.74 -5.72 24.06
C GLY U 156 -60.23 -7.07 23.56
N LEU U 157 -59.37 -8.09 23.62
CA LEU U 157 -59.80 -9.43 23.25
C LEU U 157 -60.81 -9.99 24.24
N SER U 158 -60.69 -9.64 25.51
CA SER U 158 -61.64 -10.08 26.52
C SER U 158 -62.74 -9.04 26.71
N MET V 1 -65.17 -26.95 -1.65
CA MET V 1 -66.00 -28.13 -1.44
C MET V 1 -65.14 -29.37 -1.22
N LEU V 2 -65.75 -30.43 -0.71
CA LEU V 2 -65.07 -31.68 -0.48
C LEU V 2 -65.97 -32.84 -0.88
N ASP V 3 -65.36 -33.88 -1.45
CA ASP V 3 -66.08 -35.07 -1.84
C ASP V 3 -66.04 -36.10 -0.70
N ALA V 4 -66.46 -37.33 -1.01
CA ALA V 4 -66.54 -38.35 0.03
C ALA V 4 -65.15 -38.80 0.48
N VAL V 5 -64.24 -38.98 -0.46
CA VAL V 5 -62.88 -39.38 -0.11
C VAL V 5 -62.23 -38.32 0.77
N THR V 6 -62.35 -37.05 0.38
CA THR V 6 -61.79 -35.97 1.17
C THR V 6 -62.49 -35.85 2.52
N LYS V 7 -63.79 -36.14 2.57
CA LYS V 7 -64.49 -36.12 3.85
C LYS V 7 -63.95 -37.18 4.80
N ILE V 8 -63.71 -38.40 4.30
CA ILE V 8 -63.11 -39.43 5.14
C ILE V 8 -61.71 -39.04 5.57
N ILE V 9 -60.93 -38.47 4.64
CA ILE V 9 -59.59 -38.00 4.97
C ILE V 9 -59.65 -36.97 6.09
N ASN V 10 -60.58 -36.02 6.00
CA ASN V 10 -60.70 -34.98 7.01
C ASN V 10 -61.12 -35.56 8.35
N ARG V 11 -62.02 -36.55 8.34
CA ARG V 11 -62.43 -37.15 9.60
C ARG V 11 -61.29 -37.92 10.25
N THR V 12 -60.49 -38.62 9.46
CA THR V 12 -59.30 -39.28 10.00
C THR V 12 -58.28 -38.26 10.49
N ASP V 13 -58.22 -37.10 9.84
CA ASP V 13 -57.27 -36.07 10.22
C ASP V 13 -57.72 -35.34 11.49
N ALA V 14 -59.03 -35.33 11.76
CA ALA V 14 -59.53 -34.65 12.95
C ALA V 14 -58.98 -35.28 14.22
N GLU V 15 -58.94 -36.61 14.27
CA GLU V 15 -58.29 -37.30 15.38
C GLU V 15 -56.87 -37.73 15.05
N GLY V 16 -56.33 -37.28 13.92
CA GLY V 16 -54.92 -37.46 13.63
C GLY V 16 -54.44 -38.89 13.58
N ARG V 17 -55.15 -39.76 12.87
CA ARG V 17 -54.80 -41.16 12.76
C ARG V 17 -54.78 -41.57 11.30
N TYR V 18 -54.08 -42.66 11.03
CA TYR V 18 -54.13 -43.28 9.71
C TYR V 18 -55.49 -43.91 9.49
N PHE V 19 -55.78 -44.23 8.23
CA PHE V 19 -57.06 -44.89 7.93
C PHE V 19 -57.13 -46.27 8.56
N ALA V 20 -58.27 -46.57 9.16
CA ALA V 20 -58.56 -47.90 9.66
C ALA V 20 -59.22 -48.73 8.57
N SER V 21 -59.63 -49.94 8.95
CA SER V 21 -60.30 -50.82 7.99
C SER V 21 -61.66 -50.25 7.59
N LYS V 22 -62.37 -49.62 8.53
CA LYS V 22 -63.67 -49.04 8.20
C LYS V 22 -63.53 -47.86 7.24
N ASP V 23 -62.46 -47.07 7.40
CA ASP V 23 -62.21 -45.98 6.48
C ASP V 23 -61.96 -46.51 5.07
N PHE V 24 -61.16 -47.56 4.95
CA PHE V 24 -60.89 -48.15 3.66
C PHE V 24 -62.15 -48.77 3.07
N ASP V 25 -63.01 -49.32 3.91
CA ASP V 25 -64.29 -49.85 3.43
C ASP V 25 -65.18 -48.74 2.88
N GLU V 26 -65.22 -47.59 3.57
CA GLU V 26 -65.98 -46.46 3.07
C GLU V 26 -65.44 -45.99 1.72
N VAL V 27 -64.12 -45.89 1.62
CA VAL V 27 -63.49 -45.48 0.36
C VAL V 27 -63.80 -46.49 -0.74
N THR V 28 -63.75 -47.78 -0.42
CA THR V 28 -64.02 -48.82 -1.40
C THR V 28 -65.46 -48.79 -1.89
N ARG V 29 -66.41 -48.57 -0.98
CA ARG V 29 -67.80 -48.48 -1.42
C ARG V 29 -68.03 -47.24 -2.29
N PHE V 30 -67.36 -46.12 -1.95
CA PHE V 30 -67.44 -44.95 -2.80
C PHE V 30 -66.94 -45.26 -4.20
N PHE V 31 -65.78 -45.92 -4.30
CA PHE V 31 -65.23 -46.27 -5.60
C PHE V 31 -66.12 -47.25 -6.33
N ALA V 32 -66.83 -48.11 -5.59
CA ALA V 32 -67.73 -49.07 -6.21
C ALA V 32 -68.94 -48.39 -6.84
N THR V 33 -69.52 -47.42 -6.13
CA THR V 33 -70.69 -46.72 -6.65
C THR V 33 -70.34 -45.60 -7.63
N GLY V 34 -69.05 -45.28 -7.76
CA GLY V 34 -68.65 -44.18 -8.62
C GLY V 34 -69.08 -44.32 -10.07
N GLU V 35 -69.03 -45.54 -10.61
CA GLU V 35 -69.32 -45.72 -12.03
C GLU V 35 -70.79 -45.43 -12.33
N ALA V 36 -71.69 -45.95 -11.49
CA ALA V 36 -73.11 -45.65 -11.66
C ALA V 36 -73.39 -44.19 -11.44
N ARG V 37 -72.69 -43.56 -10.47
CA ARG V 37 -72.88 -42.13 -10.28
C ARG V 37 -72.44 -41.34 -11.52
N LEU V 38 -71.33 -41.74 -12.14
CA LEU V 38 -70.89 -41.08 -13.36
C LEU V 38 -71.88 -41.26 -14.49
N ARG V 39 -72.47 -42.45 -14.61
CA ARG V 39 -73.47 -42.66 -15.65
C ARG V 39 -74.68 -41.76 -15.44
N ALA V 40 -75.15 -41.67 -14.20
CA ALA V 40 -76.28 -40.78 -13.91
C ALA V 40 -75.94 -39.33 -14.18
N ALA V 41 -74.72 -38.91 -13.82
CA ALA V 41 -74.31 -37.53 -14.06
C ALA V 41 -74.25 -37.22 -15.54
N SER V 42 -73.71 -38.14 -16.34
CA SER V 42 -73.70 -37.94 -17.78
C SER V 42 -75.11 -37.88 -18.34
N THR V 43 -76.02 -38.72 -17.83
CA THR V 43 -77.40 -38.67 -18.29
C THR V 43 -78.03 -37.33 -18.02
N ILE V 44 -77.82 -36.78 -16.81
CA ILE V 44 -78.37 -35.47 -16.49
C ILE V 44 -77.73 -34.39 -17.36
N SER V 45 -76.42 -34.48 -17.58
CA SER V 45 -75.73 -33.50 -18.42
C SER V 45 -76.28 -33.48 -19.84
N ALA V 46 -76.55 -34.67 -20.40
CA ALA V 46 -77.00 -34.74 -21.79
C ALA V 46 -78.42 -34.21 -21.94
N ASN V 47 -79.19 -34.19 -20.85
CA ASN V 47 -80.60 -33.83 -20.92
C ASN V 47 -80.93 -32.62 -20.07
N ALA V 48 -79.96 -31.76 -19.80
CA ALA V 48 -80.19 -30.66 -18.87
C ALA V 48 -81.25 -29.70 -19.38
N ALA V 49 -81.23 -29.41 -20.68
CA ALA V 49 -82.21 -28.49 -21.25
C ALA V 49 -83.62 -29.04 -21.11
N SER V 50 -83.82 -30.32 -21.47
CA SER V 50 -85.14 -30.91 -21.33
C SER V 50 -85.55 -31.02 -19.86
N ILE V 51 -84.65 -31.48 -18.99
CA ILE V 51 -84.99 -31.58 -17.58
C ILE V 51 -85.44 -30.23 -17.07
N LEU V 52 -84.71 -29.17 -17.41
CA LEU V 52 -85.08 -27.82 -17.03
C LEU V 52 -86.43 -27.43 -17.60
N ARG V 53 -86.71 -27.82 -18.84
CA ARG V 53 -87.95 -27.41 -19.48
C ARG V 53 -89.16 -28.03 -18.79
N GLU V 54 -89.17 -29.35 -18.59
CA GLU V 54 -90.32 -29.92 -17.90
C GLU V 54 -90.34 -29.61 -16.41
N SER V 55 -89.19 -29.28 -15.81
CA SER V 55 -89.23 -28.85 -14.42
C SER V 55 -89.91 -27.50 -14.27
N ALA V 56 -89.53 -26.53 -15.12
CA ALA V 56 -90.19 -25.24 -15.10
C ALA V 56 -91.66 -25.37 -15.49
N ALA V 57 -91.96 -26.23 -16.47
CA ALA V 57 -93.35 -26.44 -16.86
C ALA V 57 -94.18 -26.97 -15.72
N ALA V 58 -93.63 -27.93 -14.97
CA ALA V 58 -94.34 -28.46 -13.80
C ALA V 58 -94.56 -27.37 -12.76
N LEU V 59 -93.52 -26.59 -12.46
CA LEU V 59 -93.64 -25.57 -11.42
C LEU V 59 -94.71 -24.54 -11.78
N PHE V 60 -94.77 -24.14 -13.05
CA PHE V 60 -95.67 -23.04 -13.40
C PHE V 60 -97.06 -23.55 -13.77
N THR V 61 -97.18 -24.83 -14.10
CA THR V 61 -98.51 -25.43 -14.23
C THR V 61 -99.13 -25.63 -12.86
N GLU V 62 -98.32 -26.01 -11.88
CA GLU V 62 -98.82 -26.16 -10.51
C GLU V 62 -99.19 -24.80 -9.92
N GLN V 63 -98.39 -23.77 -10.19
CA GLN V 63 -98.56 -22.46 -9.59
C GLN V 63 -98.60 -21.41 -10.70
N PRO V 64 -99.74 -21.24 -11.37
CA PRO V 64 -99.82 -20.23 -12.42
C PRO V 64 -99.75 -18.80 -11.90
N ASP V 65 -99.95 -18.60 -10.60
CA ASP V 65 -99.92 -17.26 -10.03
C ASP V 65 -98.57 -16.58 -10.19
N LEU V 66 -97.49 -17.35 -10.20
CA LEU V 66 -96.15 -16.77 -10.30
C LEU V 66 -95.98 -16.02 -11.61
N LEU V 67 -96.51 -16.57 -12.70
CA LEU V 67 -96.29 -15.97 -14.01
C LEU V 67 -97.23 -14.79 -14.27
N ARG V 68 -98.33 -14.71 -13.55
CA ARG V 68 -99.26 -13.60 -13.72
C ARG V 68 -98.61 -12.30 -13.25
N PRO V 69 -99.08 -11.16 -13.74
CA PRO V 69 -98.53 -9.88 -13.29
C PRO V 69 -98.64 -9.71 -11.78
N GLY V 70 -97.58 -9.19 -11.18
CA GLY V 70 -97.45 -9.14 -9.75
C GLY V 70 -96.80 -10.37 -9.14
N GLY V 71 -96.71 -11.47 -9.87
CA GLY V 71 -96.01 -12.63 -9.38
C GLY V 71 -94.51 -12.49 -9.47
N ASN V 72 -93.80 -13.27 -8.65
CA ASN V 72 -92.35 -13.16 -8.61
C ASN V 72 -91.71 -13.69 -9.88
N ALA V 73 -92.42 -14.48 -10.67
CA ALA V 73 -91.89 -14.93 -11.95
C ALA V 73 -92.42 -14.13 -13.12
N TYR V 74 -93.08 -13.01 -12.86
CA TYR V 74 -93.60 -12.18 -13.93
C TYR V 74 -92.62 -11.08 -14.31
N THR V 75 -91.81 -11.36 -15.32
CA THR V 75 -91.24 -10.47 -16.32
C THR V 75 -90.37 -11.38 -17.17
N SER V 76 -89.78 -10.85 -18.23
CA SER V 76 -88.74 -11.62 -18.91
C SER V 76 -87.55 -11.84 -18.00
N ARG V 77 -87.12 -10.78 -17.30
CA ARG V 77 -85.96 -10.87 -16.43
C ARG V 77 -86.20 -11.83 -15.26
N ARG V 78 -87.38 -11.72 -14.64
CA ARG V 78 -87.63 -12.51 -13.43
C ARG V 78 -87.84 -13.97 -13.77
N TYR V 79 -88.53 -14.26 -14.88
CA TYR V 79 -88.62 -15.64 -15.33
C TYR V 79 -87.26 -16.21 -15.67
N ALA V 80 -86.42 -15.42 -16.35
CA ALA V 80 -85.08 -15.90 -16.68
C ALA V 80 -84.28 -16.19 -15.41
N ALA V 81 -84.39 -15.33 -14.40
CA ALA V 81 -83.69 -15.57 -13.14
C ALA V 81 -84.20 -16.81 -12.43
N CYS V 82 -85.51 -17.03 -12.44
CA CYS V 82 -86.06 -18.24 -11.84
C CYS V 82 -85.54 -19.50 -12.51
N VAL V 83 -85.58 -19.53 -13.84
CA VAL V 83 -85.08 -20.70 -14.55
C VAL V 83 -83.57 -20.86 -14.34
N ARG V 84 -82.85 -19.75 -14.23
CA ARG V 84 -81.42 -19.83 -13.95
C ARG V 84 -81.15 -20.42 -12.58
N ASP V 85 -81.97 -20.07 -11.59
CA ASP V 85 -81.87 -20.70 -10.28
C ASP V 85 -82.11 -22.20 -10.37
N MET V 86 -83.12 -22.60 -11.14
CA MET V 86 -83.39 -24.03 -11.28
C MET V 86 -82.24 -24.76 -11.96
N GLU V 87 -81.64 -24.14 -12.99
CA GLU V 87 -80.45 -24.72 -13.62
C GLU V 87 -79.30 -24.81 -12.63
N TYR V 88 -79.14 -23.81 -11.77
CA TYR V 88 -78.16 -23.88 -10.70
C TYR V 88 -78.39 -25.11 -9.83
N PHE V 89 -79.63 -25.31 -9.40
CA PHE V 89 -79.93 -26.44 -8.52
C PHE V 89 -79.61 -27.75 -9.21
N LEU V 90 -79.97 -27.88 -10.48
CA LEU V 90 -79.71 -29.11 -11.22
C LEU V 90 -78.21 -29.36 -11.35
N ARG V 91 -77.45 -28.35 -11.76
CA ARG V 91 -76.03 -28.54 -11.97
C ARG V 91 -75.30 -28.86 -10.66
N TYR V 92 -75.68 -28.20 -9.57
CA TYR V 92 -74.99 -28.47 -8.32
C TYR V 92 -75.43 -29.79 -7.70
N ALA V 93 -76.64 -30.24 -8.00
CA ALA V 93 -77.01 -31.60 -7.65
C ALA V 93 -76.17 -32.61 -8.42
N THR V 94 -75.90 -32.34 -9.70
CA THR V 94 -75.04 -33.23 -10.47
C THR V 94 -73.62 -33.24 -9.92
N TYR V 95 -73.10 -32.07 -9.55
CA TYR V 95 -71.78 -32.01 -8.91
C TYR V 95 -71.77 -32.82 -7.62
N ALA V 96 -72.81 -32.67 -6.80
CA ALA V 96 -72.89 -33.42 -5.56
C ALA V 96 -72.96 -34.92 -5.81
N LEU V 97 -73.67 -35.31 -6.88
CA LEU V 97 -73.77 -36.73 -7.22
C LEU V 97 -72.40 -37.29 -7.59
N VAL V 98 -71.64 -36.55 -8.41
CA VAL V 98 -70.32 -37.01 -8.79
C VAL V 98 -69.40 -37.07 -7.57
N ALA V 99 -69.42 -36.02 -6.75
CA ALA V 99 -68.56 -35.98 -5.57
C ALA V 99 -68.99 -36.98 -4.52
N GLY V 100 -70.24 -37.41 -4.57
CA GLY V 100 -70.76 -38.33 -3.58
C GLY V 100 -71.01 -37.73 -2.24
N ASP V 101 -70.97 -36.40 -2.13
CA ASP V 101 -71.16 -35.69 -0.88
C ASP V 101 -71.99 -34.44 -1.14
N THR V 102 -72.55 -33.88 -0.08
CA THR V 102 -73.43 -32.72 -0.21
C THR V 102 -72.75 -31.41 0.14
N SER V 103 -71.42 -31.41 0.29
CA SER V 103 -70.72 -30.20 0.71
C SER V 103 -70.85 -29.09 -0.32
N VAL V 104 -70.80 -29.44 -1.62
CA VAL V 104 -70.87 -28.43 -2.65
C VAL V 104 -72.22 -27.71 -2.60
N ILE V 105 -73.30 -28.46 -2.38
CA ILE V 105 -74.63 -27.86 -2.25
C ILE V 105 -74.68 -26.94 -1.06
N ASP V 106 -74.09 -27.36 0.06
CA ASP V 106 -74.14 -26.55 1.28
C ASP V 106 -73.38 -25.25 1.12
N GLU V 107 -72.21 -25.30 0.46
CA GLU V 107 -71.33 -24.15 0.51
C GLU V 107 -71.50 -23.22 -0.68
N ARG V 108 -71.92 -23.76 -1.83
CA ARG V 108 -72.02 -22.96 -3.04
C ARG V 108 -73.45 -22.67 -3.47
N VAL V 109 -74.44 -23.26 -2.81
CA VAL V 109 -75.83 -23.05 -3.20
C VAL V 109 -76.64 -22.55 -2.02
N LEU V 110 -76.68 -23.35 -0.95
CA LEU V 110 -77.56 -23.05 0.17
C LEU V 110 -77.02 -21.90 1.02
N ASN V 111 -75.71 -21.67 0.96
CA ASN V 111 -75.07 -20.69 1.84
C ASN V 111 -75.48 -19.29 1.44
N GLY V 112 -76.31 -18.66 2.27
CA GLY V 112 -76.79 -17.32 1.98
C GLY V 112 -78.01 -17.27 1.09
N LEU V 113 -78.74 -18.37 0.93
CA LEU V 113 -79.87 -18.38 0.00
C LEU V 113 -81.17 -17.99 0.70
N LYS V 114 -81.34 -18.37 1.97
CA LYS V 114 -82.43 -17.82 2.76
C LYS V 114 -82.40 -16.31 2.77
N GLU V 115 -81.25 -15.72 3.10
CA GLU V 115 -81.15 -14.28 3.19
C GLU V 115 -81.43 -13.63 1.84
N THR V 116 -80.87 -14.19 0.78
CA THR V 116 -81.10 -13.64 -0.55
C THR V 116 -82.57 -13.69 -0.94
N TYR V 117 -83.22 -14.83 -0.72
CA TYR V 117 -84.61 -14.98 -1.14
C TYR V 117 -85.54 -14.11 -0.30
N MET V 118 -85.25 -13.97 0.99
CA MET V 118 -86.06 -13.08 1.82
C MET V 118 -85.83 -11.62 1.46
N SER V 119 -84.60 -11.25 1.14
CA SER V 119 -84.31 -9.88 0.74
C SER V 119 -85.00 -9.52 -0.56
N LEU V 120 -85.05 -10.45 -1.51
CA LEU V 120 -85.60 -10.12 -2.82
C LEU V 120 -87.10 -10.39 -2.89
N GLY V 121 -87.66 -11.07 -1.90
CA GLY V 121 -89.05 -11.44 -1.94
C GLY V 121 -89.35 -12.70 -2.70
N VAL V 122 -88.35 -13.54 -2.96
CA VAL V 122 -88.59 -14.82 -3.62
C VAL V 122 -89.42 -15.72 -2.70
N PRO V 123 -90.47 -16.36 -3.20
CA PRO V 123 -91.23 -17.31 -2.37
C PRO V 123 -90.44 -18.60 -2.19
N ILE V 124 -89.92 -18.80 -0.97
CA ILE V 124 -89.16 -20.03 -0.68
C ILE V 124 -90.01 -21.28 -0.84
N PRO V 125 -91.25 -21.36 -0.34
CA PRO V 125 -92.04 -22.58 -0.57
C PRO V 125 -92.25 -22.89 -2.04
N SER V 126 -92.41 -21.87 -2.88
CA SER V 126 -92.58 -22.12 -4.30
C SER V 126 -91.29 -22.63 -4.94
N THR V 127 -90.14 -22.09 -4.51
CA THR V 127 -88.86 -22.61 -4.96
C THR V 127 -88.69 -24.06 -4.54
N VAL V 128 -89.15 -24.41 -3.34
CA VAL V 128 -89.06 -25.79 -2.87
C VAL V 128 -89.97 -26.70 -3.71
N ALA V 129 -91.15 -26.20 -4.06
CA ALA V 129 -92.02 -26.96 -4.95
C ALA V 129 -91.37 -27.19 -6.31
N GLY V 130 -90.69 -26.17 -6.83
CA GLY V 130 -89.97 -26.34 -8.08
C GLY V 130 -88.83 -27.34 -7.97
N VAL V 131 -88.11 -27.32 -6.85
CA VAL V 131 -87.04 -28.29 -6.64
C VAL V 131 -87.60 -29.69 -6.55
N THR V 132 -88.78 -29.84 -5.92
CA THR V 132 -89.43 -31.15 -5.87
C THR V 132 -89.84 -31.62 -7.26
N ALA V 133 -90.35 -30.71 -8.09
CA ALA V 133 -90.68 -31.06 -9.46
C ALA V 133 -89.45 -31.49 -10.24
N MET V 134 -88.34 -30.77 -10.07
CA MET V 134 -87.09 -31.14 -10.71
C MET V 134 -86.61 -32.50 -10.22
N LYS V 135 -86.76 -32.76 -8.93
CA LYS V 135 -86.39 -34.06 -8.38
C LYS V 135 -87.18 -35.18 -9.03
N GLY V 136 -88.49 -34.99 -9.18
CA GLY V 136 -89.31 -36.00 -9.83
C GLY V 136 -88.92 -36.22 -11.28
N VAL V 137 -88.69 -35.12 -12.01
CA VAL V 137 -88.29 -35.24 -13.41
C VAL V 137 -86.97 -35.99 -13.54
N VAL V 138 -86.00 -35.68 -12.67
CA VAL V 138 -84.70 -36.33 -12.72
C VAL V 138 -84.83 -37.80 -12.37
N ALA V 139 -85.63 -38.12 -11.35
CA ALA V 139 -85.83 -39.51 -10.97
C ALA V 139 -86.52 -40.29 -12.08
N SER V 140 -87.31 -39.60 -12.90
CA SER V 140 -87.92 -40.26 -14.05
C SER V 140 -86.86 -40.72 -15.06
N MET V 141 -85.66 -40.15 -15.00
CA MET V 141 -84.65 -40.46 -16.01
C MET V 141 -83.56 -41.37 -15.44
N ILE V 142 -83.02 -41.01 -14.28
CA ILE V 142 -81.89 -41.73 -13.71
C ILE V 142 -82.29 -42.56 -12.50
N GLY V 143 -83.57 -42.56 -12.14
CA GLY V 143 -84.01 -43.31 -10.99
C GLY V 143 -83.73 -42.59 -9.68
N SER V 144 -83.54 -43.39 -8.63
CA SER V 144 -83.39 -42.89 -7.28
C SER V 144 -81.96 -42.51 -6.93
N GLU V 145 -81.11 -42.29 -7.93
CA GLU V 145 -79.69 -42.09 -7.67
C GLU V 145 -79.44 -40.74 -6.98
N ALA V 146 -80.21 -39.72 -7.35
CA ALA V 146 -79.96 -38.36 -6.90
C ALA V 146 -81.13 -37.72 -6.17
N ASN V 147 -81.95 -38.51 -5.48
CA ASN V 147 -83.01 -37.90 -4.66
C ASN V 147 -82.44 -37.25 -3.42
N VAL V 148 -81.33 -37.77 -2.89
CA VAL V 148 -80.81 -37.27 -1.62
C VAL V 148 -80.35 -35.82 -1.77
N TYR V 149 -79.78 -35.47 -2.92
CA TYR V 149 -79.25 -34.12 -3.10
C TYR V 149 -80.36 -33.11 -3.33
N PHE V 150 -81.38 -33.48 -4.09
CA PHE V 150 -82.54 -32.60 -4.23
C PHE V 150 -83.28 -32.44 -2.92
N ASP V 151 -83.39 -33.52 -2.14
CA ASP V 151 -83.97 -33.43 -0.80
C ASP V 151 -83.13 -32.53 0.10
N HIS V 152 -81.82 -32.60 -0.03
CA HIS V 152 -80.94 -31.71 0.73
C HIS V 152 -81.19 -30.26 0.38
N ILE V 153 -81.33 -29.96 -0.92
CA ILE V 153 -81.63 -28.60 -1.34
C ILE V 153 -82.97 -28.15 -0.78
N ALA V 154 -83.99 -29.00 -0.89
CA ALA V 154 -85.33 -28.64 -0.42
C ALA V 154 -85.33 -28.37 1.07
N LYS V 155 -84.68 -29.25 1.85
CA LYS V 155 -84.70 -29.08 3.30
C LYS V 155 -83.79 -27.94 3.74
N GLY V 156 -82.74 -27.63 2.99
CA GLY V 156 -81.96 -26.45 3.26
C GLY V 156 -82.73 -25.18 2.96
N LEU V 157 -83.69 -25.27 2.04
CA LEU V 157 -84.57 -24.13 1.79
C LEU V 157 -85.83 -24.20 2.65
N SER V 158 -86.32 -25.40 2.95
CA SER V 158 -87.51 -25.54 3.78
C SER V 158 -87.14 -25.47 5.26
N MET W 1 -83.89 5.04 -10.65
CA MET W 1 -84.86 5.90 -10.01
C MET W 1 -86.19 5.88 -10.74
N LEU W 2 -87.14 6.69 -10.26
CA LEU W 2 -88.49 6.73 -10.79
C LEU W 2 -88.92 8.17 -11.01
N ASP W 3 -89.61 8.41 -12.13
CA ASP W 3 -90.38 9.63 -12.26
C ASP W 3 -91.87 9.33 -12.18
N ALA W 4 -92.69 10.36 -12.37
CA ALA W 4 -94.13 10.17 -12.30
C ALA W 4 -94.62 9.22 -13.39
N VAL W 5 -94.13 9.40 -14.62
CA VAL W 5 -94.59 8.58 -15.73
C VAL W 5 -94.19 7.12 -15.52
N THR W 6 -92.95 6.88 -15.09
CA THR W 6 -92.52 5.51 -14.85
C THR W 6 -93.26 4.92 -13.65
N LYS W 7 -93.62 5.75 -12.68
CA LYS W 7 -94.45 5.29 -11.58
C LYS W 7 -95.80 4.80 -12.08
N ILE W 8 -96.45 5.56 -12.97
CA ILE W 8 -97.72 5.13 -13.54
C ILE W 8 -97.55 3.87 -14.37
N ILE W 9 -96.47 3.80 -15.15
CA ILE W 9 -96.20 2.61 -15.95
C ILE W 9 -96.05 1.40 -15.06
N ASN W 10 -95.34 1.53 -13.95
CA ASN W 10 -95.12 0.40 -13.06
C ASN W 10 -96.41 0.01 -12.36
N ARG W 11 -97.24 0.99 -12.01
CA ARG W 11 -98.54 0.67 -11.41
C ARG W 11 -99.41 -0.11 -12.39
N THR W 12 -99.42 0.30 -13.65
CA THR W 12 -100.22 -0.41 -14.65
C THR W 12 -99.63 -1.78 -14.95
N ASP W 13 -98.31 -1.92 -14.88
CA ASP W 13 -97.66 -3.19 -15.17
C ASP W 13 -97.85 -4.19 -14.05
N ALA W 14 -97.93 -3.71 -12.81
CA ALA W 14 -98.18 -4.62 -11.69
C ALA W 14 -99.54 -5.28 -11.84
N GLU W 15 -100.49 -4.61 -12.47
CA GLU W 15 -101.77 -5.20 -12.79
C GLU W 15 -101.82 -5.83 -14.18
N GLY W 16 -100.74 -5.71 -14.94
CA GLY W 16 -100.69 -6.31 -16.27
C GLY W 16 -101.70 -5.73 -17.24
N ARG W 17 -101.99 -4.45 -17.11
CA ARG W 17 -103.06 -3.84 -17.88
C ARG W 17 -102.51 -2.69 -18.73
N TYR W 18 -103.21 -2.40 -19.82
CA TYR W 18 -102.92 -1.21 -20.59
C TYR W 18 -103.35 0.01 -19.80
N PHE W 19 -102.88 1.18 -20.22
CA PHE W 19 -103.31 2.41 -19.58
C PHE W 19 -104.82 2.61 -19.77
N ALA W 20 -105.46 3.09 -18.73
CA ALA W 20 -106.87 3.44 -18.77
C ALA W 20 -107.01 4.96 -18.83
N SER W 21 -108.25 5.43 -18.75
CA SER W 21 -108.50 6.86 -18.80
C SER W 21 -107.85 7.57 -17.61
N LYS W 22 -107.96 6.98 -16.41
CA LYS W 22 -107.36 7.58 -15.23
C LYS W 22 -105.85 7.72 -15.37
N ASP W 23 -105.19 6.69 -15.89
CA ASP W 23 -103.74 6.74 -16.05
C ASP W 23 -103.33 7.78 -17.07
N PHE W 24 -104.08 7.88 -18.16
CA PHE W 24 -103.78 8.89 -19.17
C PHE W 24 -104.01 10.30 -18.62
N ASP W 25 -105.03 10.48 -17.77
CA ASP W 25 -105.24 11.79 -17.14
C ASP W 25 -104.09 12.13 -16.19
N GLU W 26 -103.61 11.16 -15.43
CA GLU W 26 -102.46 11.43 -14.57
C GLU W 26 -101.23 11.81 -15.38
N VAL W 27 -100.98 11.09 -16.48
CA VAL W 27 -99.86 11.42 -17.35
C VAL W 27 -100.02 12.82 -17.94
N THR W 28 -101.23 13.16 -18.37
CA THR W 28 -101.49 14.48 -18.94
C THR W 28 -101.27 15.57 -17.89
N ARG W 29 -101.69 15.32 -16.66
CA ARG W 29 -101.42 16.26 -15.58
C ARG W 29 -99.92 16.43 -15.36
N PHE W 30 -99.17 15.34 -15.43
CA PHE W 30 -97.73 15.45 -15.26
C PHE W 30 -97.10 16.29 -16.38
N PHE W 31 -97.53 16.08 -17.62
CA PHE W 31 -97.00 16.87 -18.71
C PHE W 31 -97.43 18.32 -18.62
N ALA W 32 -98.59 18.57 -18.00
CA ALA W 32 -99.14 19.93 -17.93
C ALA W 32 -98.26 20.84 -17.07
N THR W 33 -97.75 20.33 -15.96
CA THR W 33 -96.94 21.12 -15.04
C THR W 33 -95.44 20.98 -15.30
N GLY W 34 -95.05 20.33 -16.38
CA GLY W 34 -93.63 20.08 -16.61
C GLY W 34 -92.85 21.35 -16.89
N GLU W 35 -93.44 22.29 -17.62
CA GLU W 35 -92.71 23.50 -18.00
C GLU W 35 -92.43 24.37 -16.79
N ALA W 36 -93.39 24.52 -15.89
CA ALA W 36 -93.17 25.28 -14.67
C ALA W 36 -92.09 24.64 -13.81
N ARG W 37 -92.09 23.32 -13.72
CA ARG W 37 -91.09 22.64 -12.91
C ARG W 37 -89.70 22.76 -13.52
N LEU W 38 -89.62 22.71 -14.86
CA LEU W 38 -88.34 22.97 -15.51
C LEU W 38 -87.86 24.38 -15.25
N ARG W 39 -88.77 25.36 -15.29
CA ARG W 39 -88.37 26.73 -15.03
C ARG W 39 -87.86 26.89 -13.60
N ALA W 40 -88.53 26.28 -12.63
CA ALA W 40 -88.07 26.34 -11.25
C ALA W 40 -86.72 25.66 -11.09
N ALA W 41 -86.52 24.52 -11.75
CA ALA W 41 -85.24 23.84 -11.69
C ALA W 41 -84.13 24.69 -12.26
N SER W 42 -84.40 25.36 -13.39
CA SER W 42 -83.38 26.21 -14.00
C SER W 42 -83.06 27.41 -13.13
N THR W 43 -84.09 28.00 -12.50
CA THR W 43 -83.84 29.10 -11.58
C THR W 43 -83.00 28.66 -10.40
N ILE W 44 -83.28 27.48 -9.86
CA ILE W 44 -82.48 26.97 -8.74
C ILE W 44 -81.05 26.73 -9.18
N SER W 45 -80.86 26.13 -10.35
CA SER W 45 -79.52 25.82 -10.82
C SER W 45 -78.73 27.10 -11.08
N ALA W 46 -79.39 28.14 -11.58
CA ALA W 46 -78.68 29.38 -11.87
C ALA W 46 -78.25 30.10 -10.60
N ASN W 47 -78.89 29.79 -9.48
CA ASN W 47 -78.62 30.45 -8.21
C ASN W 47 -78.14 29.49 -7.13
N ALA W 48 -77.53 28.36 -7.51
CA ALA W 48 -77.19 27.35 -6.53
C ALA W 48 -76.18 27.87 -5.52
N ALA W 49 -75.15 28.59 -5.99
CA ALA W 49 -74.12 29.09 -5.09
C ALA W 49 -74.70 30.04 -4.06
N SER W 50 -75.53 30.98 -4.49
CA SER W 50 -76.15 31.87 -3.52
C SER W 50 -77.06 31.10 -2.56
N ILE W 51 -78.04 30.36 -3.11
CA ILE W 51 -78.95 29.59 -2.27
C ILE W 51 -78.18 28.86 -1.17
N LEU W 52 -77.10 28.18 -1.55
CA LEU W 52 -76.30 27.47 -0.57
C LEU W 52 -75.64 28.43 0.41
N ARG W 53 -75.21 29.59 -0.08
CA ARG W 53 -74.52 30.55 0.78
C ARG W 53 -75.43 31.09 1.88
N GLU W 54 -76.59 31.63 1.53
CA GLU W 54 -77.46 32.13 2.60
C GLU W 54 -78.18 31.01 3.33
N SER W 55 -78.27 29.82 2.76
CA SER W 55 -78.76 28.69 3.54
C SER W 55 -77.79 28.35 4.67
N ALA W 56 -76.50 28.28 4.36
CA ALA W 56 -75.51 28.04 5.41
C ALA W 56 -75.50 29.18 6.40
N ALA W 57 -75.65 30.41 5.92
CA ALA W 57 -75.70 31.55 6.84
C ALA W 57 -76.88 31.41 7.81
N ALA W 58 -78.05 31.03 7.30
CA ALA W 58 -79.21 30.86 8.17
C ALA W 58 -79.01 29.73 9.17
N LEU W 59 -78.46 28.60 8.71
CA LEU W 59 -78.21 27.48 9.60
C LEU W 59 -77.26 27.87 10.72
N PHE W 60 -76.18 28.57 10.38
CA PHE W 60 -75.13 28.81 11.38
C PHE W 60 -75.38 30.10 12.15
N THR W 61 -76.39 30.86 11.76
CA THR W 61 -76.82 31.97 12.61
C THR W 61 -77.88 31.51 13.59
N GLU W 62 -78.76 30.60 13.16
CA GLU W 62 -79.74 30.04 14.08
C GLU W 62 -79.07 29.14 15.12
N GLN W 63 -77.99 28.47 14.74
CA GLN W 63 -77.19 27.64 15.66
C GLN W 63 -75.72 27.99 15.51
N PRO W 64 -75.25 29.04 16.19
CA PRO W 64 -73.81 29.35 16.13
C PRO W 64 -72.94 28.38 16.90
N ASP W 65 -73.53 27.51 17.73
CA ASP W 65 -72.74 26.58 18.51
C ASP W 65 -72.10 25.51 17.64
N LEU W 66 -72.65 25.29 16.44
CA LEU W 66 -72.08 24.30 15.54
C LEU W 66 -70.67 24.70 15.11
N LEU W 67 -70.47 25.98 14.83
CA LEU W 67 -69.17 26.44 14.34
C LEU W 67 -68.16 26.54 15.47
N ARG W 68 -68.61 26.78 16.70
CA ARG W 68 -67.67 26.93 17.79
C ARG W 68 -66.98 25.61 18.09
N PRO W 69 -65.75 25.66 18.63
CA PRO W 69 -64.99 24.42 18.85
C PRO W 69 -65.73 23.43 19.72
N GLY W 70 -65.67 22.16 19.31
CA GLY W 70 -66.50 21.12 19.88
C GLY W 70 -67.76 20.86 19.09
N GLY W 71 -68.16 21.79 18.22
CA GLY W 71 -69.31 21.56 17.37
C GLY W 71 -69.00 20.67 16.20
N ASN W 72 -70.05 20.12 15.60
CA ASN W 72 -69.86 19.20 14.48
C ASN W 72 -69.48 19.93 13.21
N ALA W 73 -69.71 21.25 13.18
CA ALA W 73 -69.24 22.03 12.04
C ALA W 73 -67.89 22.69 12.30
N TYR W 74 -67.28 22.45 13.46
CA TYR W 74 -66.01 23.10 13.75
C TYR W 74 -64.84 22.34 13.15
N THR W 75 -64.50 22.72 11.92
CA THR W 75 -63.19 22.68 11.28
C THR W 75 -63.43 23.21 9.88
N SER W 76 -62.38 23.49 9.12
CA SER W 76 -62.59 23.75 7.70
C SER W 76 -63.14 22.51 7.01
N ARG W 77 -62.64 21.34 7.41
CA ARG W 77 -63.04 20.09 6.78
C ARG W 77 -64.51 19.76 7.07
N ARG W 78 -64.89 19.84 8.35
CA ARG W 78 -66.27 19.50 8.70
C ARG W 78 -67.25 20.56 8.22
N TYR W 79 -66.81 21.82 8.18
CA TYR W 79 -67.65 22.85 7.58
C TYR W 79 -67.89 22.58 6.10
N ALA W 80 -66.83 22.18 5.39
CA ALA W 80 -66.97 21.89 3.97
C ALA W 80 -67.85 20.67 3.75
N ALA W 81 -67.75 19.68 4.63
CA ALA W 81 -68.62 18.51 4.56
C ALA W 81 -70.08 18.88 4.78
N CYS W 82 -70.35 19.74 5.77
CA CYS W 82 -71.70 20.26 5.99
C CYS W 82 -72.25 20.96 4.77
N VAL W 83 -71.46 21.85 4.18
CA VAL W 83 -71.92 22.60 3.02
C VAL W 83 -72.14 21.66 1.85
N ARG W 84 -71.29 20.64 1.70
CA ARG W 84 -71.47 19.67 0.64
C ARG W 84 -72.74 18.86 0.84
N ASP W 85 -73.07 18.51 2.09
CA ASP W 85 -74.32 17.82 2.36
C ASP W 85 -75.52 18.68 1.96
N MET W 86 -75.47 19.96 2.32
CA MET W 86 -76.59 20.84 1.97
C MET W 86 -76.72 21.00 0.45
N GLU W 87 -75.59 21.10 -0.24
CA GLU W 87 -75.62 21.18 -1.70
C GLU W 87 -76.16 19.90 -2.32
N TYR W 88 -75.82 18.74 -1.73
CA TYR W 88 -76.44 17.50 -2.13
C TYR W 88 -77.95 17.60 -2.03
N PHE W 89 -78.44 18.08 -0.89
CA PHE W 89 -79.87 18.15 -0.68
C PHE W 89 -80.53 19.05 -1.71
N LEU W 90 -79.92 20.19 -2.01
CA LEU W 90 -80.48 21.10 -2.99
C LEU W 90 -80.50 20.49 -4.39
N ARG W 91 -79.41 19.84 -4.79
CA ARG W 91 -79.35 19.24 -6.11
C ARG W 91 -80.34 18.09 -6.27
N TYR W 92 -80.50 17.27 -5.22
CA TYR W 92 -81.43 16.16 -5.33
C TYR W 92 -82.88 16.61 -5.22
N ALA W 93 -83.14 17.67 -4.46
CA ALA W 93 -84.48 18.25 -4.46
C ALA W 93 -84.82 18.81 -5.82
N THR W 94 -83.84 19.40 -6.51
CA THR W 94 -84.07 19.86 -7.87
C THR W 94 -84.33 18.69 -8.81
N TYR W 95 -83.58 17.59 -8.64
CA TYR W 95 -83.84 16.40 -9.44
C TYR W 95 -85.26 15.90 -9.26
N ALA W 96 -85.71 15.80 -8.01
CA ALA W 96 -87.07 15.35 -7.74
C ALA W 96 -88.11 16.35 -8.24
N LEU W 97 -87.78 17.63 -8.23
CA LEU W 97 -88.67 18.64 -8.77
C LEU W 97 -88.86 18.46 -10.27
N VAL W 98 -87.79 18.14 -10.99
CA VAL W 98 -87.94 17.83 -12.41
C VAL W 98 -88.69 16.53 -12.61
N ALA W 99 -88.30 15.49 -11.88
CA ALA W 99 -88.90 14.17 -12.06
C ALA W 99 -90.36 14.16 -11.63
N GLY W 100 -90.73 15.03 -10.69
CA GLY W 100 -92.05 14.99 -10.13
C GLY W 100 -92.28 13.87 -9.14
N ASP W 101 -91.22 13.21 -8.69
CA ASP W 101 -91.33 12.06 -7.81
C ASP W 101 -90.19 12.11 -6.82
N THR W 102 -90.49 11.72 -5.58
CA THR W 102 -89.51 11.71 -4.51
C THR W 102 -88.69 10.43 -4.45
N SER W 103 -88.65 9.66 -5.54
CA SER W 103 -87.96 8.38 -5.51
C SER W 103 -86.45 8.57 -5.38
N VAL W 104 -85.89 9.53 -6.11
CA VAL W 104 -84.43 9.73 -6.08
C VAL W 104 -83.99 10.16 -4.69
N ILE W 105 -84.80 10.99 -4.04
CA ILE W 105 -84.49 11.43 -2.69
C ILE W 105 -84.47 10.25 -1.73
N ASP W 106 -85.46 9.36 -1.83
CA ASP W 106 -85.48 8.18 -0.96
C ASP W 106 -84.28 7.27 -1.23
N GLU W 107 -84.09 6.89 -2.48
CA GLU W 107 -83.15 5.80 -2.76
C GLU W 107 -81.70 6.27 -2.70
N ARG W 108 -81.44 7.54 -2.96
CA ARG W 108 -80.05 7.95 -3.05
C ARG W 108 -79.69 9.09 -2.10
N VAL W 109 -80.63 9.59 -1.32
CA VAL W 109 -80.30 10.57 -0.29
C VAL W 109 -80.72 10.07 1.08
N LEU W 110 -82.03 9.83 1.24
CA LEU W 110 -82.56 9.49 2.56
C LEU W 110 -82.13 8.10 3.00
N ASN W 111 -81.89 7.21 2.05
CA ASN W 111 -81.61 5.82 2.38
C ASN W 111 -80.23 5.70 3.00
N GLY W 112 -80.18 5.29 4.26
CA GLY W 112 -78.93 5.12 4.96
C GLY W 112 -78.37 6.37 5.59
N LEU W 113 -79.00 7.53 5.36
CA LEU W 113 -78.46 8.78 5.88
C LEU W 113 -78.60 8.85 7.40
N LYS W 114 -79.69 8.29 7.93
CA LYS W 114 -79.94 8.37 9.37
C LYS W 114 -78.83 7.65 10.14
N GLU W 115 -78.52 6.41 9.75
CA GLU W 115 -77.50 5.65 10.48
C GLU W 115 -76.10 6.15 10.17
N THR W 116 -75.89 6.70 8.98
CA THR W 116 -74.61 7.35 8.70
C THR W 116 -74.39 8.53 9.62
N TYR W 117 -75.44 9.33 9.83
CA TYR W 117 -75.31 10.50 10.68
C TYR W 117 -75.18 10.12 12.16
N MET W 118 -75.81 9.04 12.59
CA MET W 118 -75.58 8.62 13.98
C MET W 118 -74.19 8.00 14.15
N SER W 119 -73.70 7.27 13.15
CA SER W 119 -72.37 6.69 13.26
C SER W 119 -71.29 7.77 13.18
N LEU W 120 -71.62 8.91 12.59
CA LEU W 120 -70.64 9.99 12.49
C LEU W 120 -70.76 10.97 13.65
N GLY W 121 -71.88 10.93 14.37
CA GLY W 121 -72.16 11.92 15.36
C GLY W 121 -72.74 13.21 14.82
N VAL W 122 -73.20 13.22 13.57
CA VAL W 122 -73.81 14.40 12.97
C VAL W 122 -75.13 14.69 13.67
N PRO W 123 -75.42 15.94 14.05
CA PRO W 123 -76.67 16.25 14.75
C PRO W 123 -77.83 16.33 13.77
N ILE W 124 -78.69 15.31 13.80
CA ILE W 124 -79.80 15.24 12.85
C ILE W 124 -80.79 16.39 13.01
N PRO W 125 -81.18 16.80 14.23
CA PRO W 125 -82.05 17.99 14.34
C PRO W 125 -81.46 19.24 13.69
N SER W 126 -80.14 19.44 13.81
CA SER W 126 -79.54 20.61 13.18
C SER W 126 -79.53 20.49 11.67
N THR W 127 -79.36 19.27 11.16
CA THR W 127 -79.46 19.04 9.72
C THR W 127 -80.88 19.33 9.22
N VAL W 128 -81.88 18.94 10.00
CA VAL W 128 -83.27 19.25 9.65
C VAL W 128 -83.49 20.75 9.65
N ALA W 129 -82.91 21.45 10.61
CA ALA W 129 -82.98 22.91 10.62
C ALA W 129 -82.36 23.51 9.36
N GLY W 130 -81.23 22.94 8.92
CA GLY W 130 -80.61 23.42 7.70
C GLY W 130 -81.47 23.17 6.48
N VAL W 131 -82.08 21.98 6.39
CA VAL W 131 -82.95 21.67 5.27
C VAL W 131 -84.14 22.61 5.25
N THR W 132 -84.70 22.94 6.42
CA THR W 132 -85.83 23.86 6.46
C THR W 132 -85.42 25.28 6.08
N ALA W 133 -84.23 25.73 6.50
CA ALA W 133 -83.76 27.04 6.07
C ALA W 133 -83.55 27.10 4.57
N MET W 134 -83.00 26.03 3.99
CA MET W 134 -82.81 25.99 2.55
C MET W 134 -84.15 25.92 1.83
N LYS W 135 -85.14 25.25 2.43
CA LYS W 135 -86.49 25.30 1.91
C LYS W 135 -87.03 26.72 1.90
N GLY W 136 -86.79 27.47 2.97
CA GLY W 136 -87.25 28.85 3.01
C GLY W 136 -86.61 29.71 1.94
N VAL W 137 -85.29 29.57 1.76
CA VAL W 137 -84.60 30.38 0.74
C VAL W 137 -85.11 30.01 -0.66
N VAL W 138 -85.23 28.72 -0.94
CA VAL W 138 -85.69 28.30 -2.25
C VAL W 138 -87.14 28.74 -2.49
N ALA W 139 -87.97 28.69 -1.45
CA ALA W 139 -89.35 29.14 -1.59
C ALA W 139 -89.41 30.64 -1.85
N SER W 140 -88.51 31.39 -1.24
CA SER W 140 -88.45 32.82 -1.54
C SER W 140 -87.97 33.06 -2.96
N MET W 141 -87.24 32.09 -3.53
CA MET W 141 -86.67 32.32 -4.85
C MET W 141 -87.56 31.82 -5.99
N ILE W 142 -88.31 30.74 -5.79
CA ILE W 142 -89.14 30.17 -6.85
C ILE W 142 -90.60 30.01 -6.43
N GLY W 143 -90.91 30.14 -5.15
CA GLY W 143 -92.25 29.87 -4.68
C GLY W 143 -92.36 28.53 -3.98
N SER W 144 -93.61 28.13 -3.72
CA SER W 144 -93.90 26.90 -3.00
C SER W 144 -93.80 25.66 -3.86
N GLU W 145 -93.14 25.75 -5.01
CA GLU W 145 -93.18 24.66 -5.97
C GLU W 145 -92.28 23.50 -5.56
N ALA W 146 -91.21 23.80 -4.82
CA ALA W 146 -90.26 22.79 -4.38
C ALA W 146 -90.40 22.43 -2.90
N ASN W 147 -91.45 22.89 -2.23
CA ASN W 147 -91.56 22.65 -0.80
C ASN W 147 -91.66 21.16 -0.47
N VAL W 148 -92.40 20.42 -1.28
CA VAL W 148 -92.72 19.03 -0.95
C VAL W 148 -91.45 18.19 -0.80
N TYR W 149 -90.48 18.38 -1.68
CA TYR W 149 -89.29 17.55 -1.66
C TYR W 149 -88.41 17.88 -0.46
N PHE W 150 -88.37 19.17 -0.08
CA PHE W 150 -87.66 19.55 1.13
C PHE W 150 -88.33 18.97 2.36
N ASP W 151 -89.67 18.99 2.40
CA ASP W 151 -90.37 18.35 3.51
C ASP W 151 -90.11 16.85 3.52
N HIS W 152 -89.95 16.24 2.34
CA HIS W 152 -89.64 14.82 2.30
C HIS W 152 -88.27 14.54 2.91
N ILE W 153 -87.27 15.33 2.56
CA ILE W 153 -85.96 15.18 3.18
C ILE W 153 -86.04 15.40 4.69
N ALA W 154 -86.77 16.44 5.10
CA ALA W 154 -86.86 16.78 6.52
C ALA W 154 -87.55 15.69 7.32
N LYS W 155 -88.61 15.09 6.76
CA LYS W 155 -89.31 14.02 7.45
C LYS W 155 -88.49 12.74 7.45
N GLY W 156 -87.79 12.44 6.35
CA GLY W 156 -86.95 11.26 6.32
C GLY W 156 -85.81 11.34 7.31
N LEU W 157 -85.26 12.53 7.51
CA LEU W 157 -84.19 12.70 8.49
C LEU W 157 -84.74 12.68 9.91
N SER W 158 -85.84 13.37 10.14
CA SER W 158 -86.43 13.45 11.48
C SER W 158 -87.08 12.13 11.87
N MET X 1 -51.23 -22.98 -26.97
CA MET X 1 -50.15 -23.87 -27.37
C MET X 1 -50.68 -25.07 -28.14
N LEU X 2 -49.76 -25.93 -28.57
CA LEU X 2 -50.10 -27.14 -29.30
C LEU X 2 -49.31 -28.31 -28.75
N ASP X 3 -49.87 -29.50 -28.96
CA ASP X 3 -49.11 -30.74 -28.95
C ASP X 3 -49.22 -31.39 -30.31
N ALA X 4 -48.59 -32.55 -30.44
CA ALA X 4 -48.51 -33.19 -31.75
C ALA X 4 -49.89 -33.55 -32.29
N VAL X 5 -50.76 -34.07 -31.43
CA VAL X 5 -52.09 -34.48 -31.87
C VAL X 5 -52.89 -33.28 -32.37
N THR X 6 -52.82 -32.16 -31.65
CA THR X 6 -53.53 -30.96 -32.08
C THR X 6 -52.93 -30.41 -33.36
N LYS X 7 -51.62 -30.56 -33.55
CA LYS X 7 -51.00 -30.16 -34.80
C LYS X 7 -51.53 -30.99 -35.96
N ILE X 8 -51.68 -32.30 -35.78
CA ILE X 8 -52.26 -33.13 -36.82
C ILE X 8 -53.69 -32.74 -37.11
N ILE X 9 -54.47 -32.49 -36.05
CA ILE X 9 -55.87 -32.09 -36.22
C ILE X 9 -55.96 -30.80 -37.00
N ASN X 10 -55.12 -29.82 -36.66
CA ASN X 10 -55.14 -28.53 -37.34
C ASN X 10 -54.71 -28.65 -38.79
N ARG X 11 -53.74 -29.51 -39.08
CA ARG X 11 -53.38 -29.74 -40.47
C ARG X 11 -54.55 -30.32 -41.26
N THR X 12 -55.13 -31.41 -40.77
CA THR X 12 -56.25 -32.02 -41.48
C THR X 12 -57.43 -31.06 -41.62
N ASP X 13 -57.66 -30.23 -40.61
CA ASP X 13 -58.75 -29.26 -40.68
C ASP X 13 -58.41 -28.16 -41.67
N ALA X 14 -57.13 -27.83 -41.83
CA ALA X 14 -56.73 -26.90 -42.87
C ALA X 14 -57.07 -27.44 -44.24
N GLU X 15 -56.80 -28.72 -44.50
CA GLU X 15 -57.40 -29.28 -45.71
C GLU X 15 -58.88 -29.60 -45.55
N GLY X 16 -59.44 -29.48 -44.35
CA GLY X 16 -60.87 -29.67 -44.16
C GLY X 16 -61.34 -31.08 -44.44
N ARG X 17 -60.56 -32.08 -44.03
CA ARG X 17 -60.86 -33.47 -44.34
C ARG X 17 -60.88 -34.28 -43.06
N TYR X 18 -61.46 -35.47 -43.15
CA TYR X 18 -61.36 -36.44 -42.08
C TYR X 18 -59.96 -37.03 -42.02
N PHE X 19 -59.60 -37.55 -40.86
CA PHE X 19 -58.30 -38.19 -40.70
C PHE X 19 -58.17 -39.36 -41.66
N ALA X 20 -57.03 -39.43 -42.33
CA ALA X 20 -56.75 -40.55 -43.22
C ALA X 20 -55.84 -41.55 -42.52
N SER X 21 -55.42 -42.57 -43.25
CA SER X 21 -54.55 -43.60 -42.68
C SER X 21 -53.22 -43.01 -42.25
N LYS X 22 -52.66 -42.11 -43.04
CA LYS X 22 -51.37 -41.50 -42.68
C LYS X 22 -51.49 -40.68 -41.40
N ASP X 23 -52.60 -39.95 -41.22
CA ASP X 23 -52.80 -39.18 -40.00
C ASP X 23 -52.93 -40.10 -38.79
N PHE X 24 -53.67 -41.19 -38.94
CA PHE X 24 -53.80 -42.15 -37.85
C PHE X 24 -52.46 -42.78 -37.51
N ASP X 25 -51.65 -43.09 -38.51
CA ASP X 25 -50.32 -43.63 -38.25
C ASP X 25 -49.47 -42.63 -37.50
N GLU X 26 -49.52 -41.36 -37.92
CA GLU X 26 -48.70 -40.33 -37.29
C GLU X 26 -49.18 -40.01 -35.88
N VAL X 27 -50.45 -40.29 -35.57
CA VAL X 27 -50.92 -40.02 -34.21
C VAL X 27 -50.66 -41.21 -33.29
N THR X 28 -50.77 -42.44 -33.81
CA THR X 28 -50.39 -43.60 -33.02
C THR X 28 -48.90 -43.61 -32.75
N ARG X 29 -48.11 -43.04 -33.66
CA ARG X 29 -46.68 -42.89 -33.41
C ARG X 29 -46.44 -42.01 -32.20
N PHE X 30 -47.21 -40.92 -32.07
CA PHE X 30 -47.11 -40.06 -30.89
C PHE X 30 -47.57 -40.79 -29.64
N PHE X 31 -48.64 -41.57 -29.74
CA PHE X 31 -49.11 -42.35 -28.60
C PHE X 31 -48.06 -43.37 -28.18
N ALA X 32 -47.23 -43.82 -29.12
CA ALA X 32 -46.23 -44.84 -28.83
C ALA X 32 -45.16 -44.33 -27.88
N THR X 33 -44.69 -43.11 -28.11
CA THR X 33 -43.56 -42.55 -27.37
C THR X 33 -43.98 -41.78 -26.13
N GLY X 34 -45.27 -41.79 -25.79
CA GLY X 34 -45.73 -40.97 -24.69
C GLY X 34 -45.19 -41.43 -23.34
N GLU X 35 -45.02 -42.74 -23.17
CA GLU X 35 -44.57 -43.26 -21.88
C GLU X 35 -43.14 -42.83 -21.58
N ALA X 36 -42.26 -42.92 -22.57
CA ALA X 36 -40.87 -42.52 -22.36
C ALA X 36 -40.77 -41.04 -22.02
N ARG X 37 -41.50 -40.20 -22.75
CA ARG X 37 -41.48 -38.76 -22.48
C ARG X 37 -42.09 -38.44 -21.12
N LEU X 38 -43.16 -39.13 -20.74
CA LEU X 38 -43.72 -38.92 -19.40
C LEU X 38 -42.73 -39.28 -18.33
N ARG X 39 -42.04 -40.42 -18.49
CA ARG X 39 -41.08 -40.85 -17.48
C ARG X 39 -39.92 -39.87 -17.38
N ALA X 40 -39.43 -39.39 -18.51
CA ALA X 40 -38.35 -38.41 -18.50
C ALA X 40 -38.78 -37.10 -17.85
N ALA X 41 -39.99 -36.65 -18.15
CA ALA X 41 -40.48 -35.41 -17.56
C ALA X 41 -40.69 -35.56 -16.06
N SER X 42 -41.14 -36.72 -15.62
CA SER X 42 -41.28 -36.97 -14.19
C SER X 42 -39.93 -37.00 -13.50
N THR X 43 -38.93 -37.59 -14.14
CA THR X 43 -37.58 -37.57 -13.60
C THR X 43 -37.06 -36.15 -13.49
N ILE X 44 -37.29 -35.32 -14.50
CA ILE X 44 -36.84 -33.93 -14.46
C ILE X 44 -37.55 -33.18 -13.35
N SER X 45 -38.86 -33.38 -13.20
CA SER X 45 -39.62 -32.72 -12.14
C SER X 45 -39.12 -33.14 -10.77
N ALA X 46 -38.71 -34.40 -10.64
CA ALA X 46 -38.30 -34.92 -9.34
C ALA X 46 -36.97 -34.33 -8.88
N ASN X 47 -36.07 -34.06 -9.83
CA ASN X 47 -34.72 -33.59 -9.52
C ASN X 47 -34.47 -32.16 -9.98
N ALA X 48 -35.53 -31.34 -10.03
CA ALA X 48 -35.38 -30.00 -10.58
C ALA X 48 -34.41 -29.16 -9.76
N ALA X 49 -34.48 -29.27 -8.43
CA ALA X 49 -33.57 -28.51 -7.58
C ALA X 49 -32.13 -28.90 -7.83
N SER X 50 -31.84 -30.20 -7.89
CA SER X 50 -30.47 -30.64 -8.14
C SER X 50 -29.99 -30.23 -9.52
N ILE X 51 -30.86 -30.35 -10.53
CA ILE X 51 -30.49 -29.97 -11.89
C ILE X 51 -30.19 -28.48 -11.94
N LEU X 52 -31.01 -27.67 -11.28
CA LEU X 52 -30.80 -26.22 -11.27
C LEU X 52 -29.49 -25.86 -10.57
N ARG X 53 -29.22 -26.50 -9.43
CA ARG X 53 -27.97 -26.25 -8.71
C ARG X 53 -26.77 -26.60 -9.58
N GLU X 54 -26.78 -27.79 -10.19
CA GLU X 54 -25.65 -28.23 -11.00
C GLU X 54 -25.49 -27.38 -12.24
N SER X 55 -26.60 -26.96 -12.84
CA SER X 55 -26.53 -26.15 -14.05
C SER X 55 -25.98 -24.76 -13.76
N ALA X 56 -26.44 -24.13 -12.67
CA ALA X 56 -25.89 -22.85 -12.28
C ALA X 56 -24.42 -22.97 -11.93
N ALA X 57 -24.04 -24.03 -11.23
CA ALA X 57 -22.63 -24.26 -10.93
C ALA X 57 -21.82 -24.37 -12.21
N ALA X 58 -22.29 -25.13 -13.19
CA ALA X 58 -21.55 -25.28 -14.44
C ALA X 58 -21.42 -23.96 -15.16
N LEU X 59 -22.51 -23.19 -15.25
CA LEU X 59 -22.48 -21.92 -15.95
C LEU X 59 -21.47 -20.97 -15.30
N PHE X 60 -21.47 -20.89 -13.97
CA PHE X 60 -20.65 -19.88 -13.32
C PHE X 60 -19.22 -20.36 -13.10
N THR X 61 -18.97 -21.66 -13.23
CA THR X 61 -17.58 -22.13 -13.33
C THR X 61 -17.02 -21.88 -14.72
N GLU X 62 -17.87 -21.95 -15.75
CA GLU X 62 -17.40 -21.61 -17.09
C GLU X 62 -17.13 -20.12 -17.22
N GLN X 63 -18.00 -19.29 -16.66
CA GLN X 63 -17.96 -17.84 -16.83
C GLN X 63 -18.01 -17.17 -15.47
N PRO X 64 -16.92 -17.21 -14.71
CA PRO X 64 -16.94 -16.60 -13.38
C PRO X 64 -17.03 -15.09 -13.40
N ASP X 65 -16.81 -14.47 -14.56
CA ASP X 65 -16.87 -13.03 -14.66
C ASP X 65 -18.28 -12.48 -14.46
N LEU X 66 -19.30 -13.32 -14.62
CA LEU X 66 -20.66 -12.89 -14.34
C LEU X 66 -20.85 -12.60 -12.85
N LEU X 67 -20.18 -13.38 -12.00
CA LEU X 67 -20.39 -13.24 -10.56
C LEU X 67 -19.60 -12.08 -9.99
N ARG X 68 -18.57 -11.61 -10.68
CA ARG X 68 -17.77 -10.51 -10.17
C ARG X 68 -18.58 -9.22 -10.20
N PRO X 69 -18.22 -8.24 -9.37
CA PRO X 69 -18.92 -6.95 -9.42
C PRO X 69 -18.90 -6.35 -10.81
N GLY X 70 -20.03 -5.78 -11.21
CA GLY X 70 -20.22 -5.32 -12.57
C GLY X 70 -20.70 -6.38 -13.53
N GLY X 71 -20.74 -7.65 -13.10
CA GLY X 71 -21.33 -8.68 -13.91
C GLY X 71 -22.85 -8.66 -13.81
N ASN X 72 -23.49 -9.23 -14.83
CA ASN X 72 -24.95 -9.20 -14.85
C ASN X 72 -25.54 -10.15 -13.82
N ALA X 73 -24.76 -11.11 -13.34
CA ALA X 73 -25.23 -11.98 -12.27
C ALA X 73 -24.72 -11.59 -10.91
N TYR X 74 -24.06 -10.44 -10.78
CA TYR X 74 -23.59 -9.99 -9.48
C TYR X 74 -24.64 -9.13 -8.80
N THR X 75 -25.41 -9.77 -7.93
CA THR X 75 -26.09 -9.27 -6.74
C THR X 75 -26.87 -10.48 -6.22
N SER X 76 -27.47 -10.39 -5.05
CA SER X 76 -28.40 -11.44 -4.66
C SER X 76 -29.60 -11.45 -5.59
N ARG X 77 -30.11 -10.26 -5.94
CA ARG X 77 -31.29 -10.17 -6.77
C ARG X 77 -31.04 -10.66 -8.20
N ARG X 78 -29.93 -10.25 -8.80
CA ARG X 78 -29.67 -10.64 -10.18
C ARG X 78 -29.24 -12.09 -10.26
N TYR X 79 -28.54 -12.60 -9.24
CA TYR X 79 -28.24 -14.02 -9.19
C TYR X 79 -29.53 -14.84 -9.09
N ALA X 80 -30.45 -14.41 -8.24
CA ALA X 80 -31.73 -15.09 -8.13
C ALA X 80 -32.51 -15.02 -9.43
N ALA X 81 -32.49 -13.87 -10.10
CA ALA X 81 -33.18 -13.74 -11.39
C ALA X 81 -32.59 -14.69 -12.42
N CYS X 82 -31.27 -14.82 -12.44
CA CYS X 82 -30.61 -15.74 -13.37
C CYS X 82 -31.03 -17.19 -13.10
N VAL X 83 -31.00 -17.62 -11.85
CA VAL X 83 -31.37 -19.01 -11.58
C VAL X 83 -32.85 -19.22 -11.84
N ARG X 84 -33.67 -18.19 -11.62
CA ARG X 84 -35.09 -18.30 -11.91
C ARG X 84 -35.34 -18.45 -13.40
N ASP X 85 -34.57 -17.75 -14.23
CA ASP X 85 -34.68 -17.89 -15.67
C ASP X 85 -34.30 -19.30 -16.12
N MET X 86 -33.23 -19.86 -15.52
CA MET X 86 -32.86 -21.23 -15.87
C MET X 86 -33.95 -22.21 -15.45
N GLU X 87 -34.59 -21.97 -14.30
CA GLU X 87 -35.69 -22.81 -13.88
C GLU X 87 -36.86 -22.70 -14.84
N TYR X 88 -37.14 -21.50 -15.36
CA TYR X 88 -38.14 -21.34 -16.41
C TYR X 88 -37.81 -22.20 -17.61
N PHE X 89 -36.55 -22.15 -18.07
CA PHE X 89 -36.17 -22.93 -19.23
C PHE X 89 -36.37 -24.41 -18.98
N LEU X 90 -35.99 -24.89 -17.80
CA LEU X 90 -36.17 -26.30 -17.46
C LEU X 90 -37.65 -26.69 -17.47
N ARG X 91 -38.49 -25.89 -16.83
CA ARG X 91 -39.90 -26.23 -16.73
C ARG X 91 -40.57 -26.24 -18.10
N TYR X 92 -40.23 -25.28 -18.95
CA TYR X 92 -40.89 -25.21 -20.25
C TYR X 92 -40.33 -26.27 -21.20
N ALA X 93 -39.08 -26.68 -21.01
CA ALA X 93 -38.61 -27.85 -21.73
C ALA X 93 -39.36 -29.10 -21.29
N THR X 94 -39.71 -29.19 -20.01
CA THR X 94 -40.53 -30.30 -19.55
C THR X 94 -41.91 -30.28 -20.20
N TYR X 95 -42.52 -29.10 -20.28
CA TYR X 95 -43.81 -28.97 -20.94
C TYR X 95 -43.73 -29.40 -22.40
N ALA X 96 -42.70 -28.93 -23.11
CA ALA X 96 -42.52 -29.30 -24.50
C ALA X 96 -42.30 -30.80 -24.64
N LEU X 97 -41.55 -31.39 -23.71
CA LEU X 97 -41.26 -32.82 -23.76
C LEU X 97 -42.53 -33.63 -23.62
N VAL X 98 -43.39 -33.28 -22.67
CA VAL X 98 -44.68 -33.96 -22.55
C VAL X 98 -45.54 -33.72 -23.78
N ALA X 99 -45.60 -32.48 -24.24
CA ALA X 99 -46.45 -32.12 -25.37
C ALA X 99 -45.97 -32.76 -26.66
N GLY X 100 -44.67 -32.94 -26.82
CA GLY X 100 -44.12 -33.44 -28.06
C GLY X 100 -43.91 -32.39 -29.12
N ASP X 101 -44.20 -31.13 -28.83
CA ASP X 101 -44.03 -30.03 -29.76
C ASP X 101 -43.26 -28.92 -29.06
N THR X 102 -42.58 -28.10 -29.86
CA THR X 102 -41.78 -26.99 -29.33
C THR X 102 -42.56 -25.68 -29.27
N SER X 103 -43.85 -25.69 -29.59
CA SER X 103 -44.58 -24.43 -29.70
C SER X 103 -44.64 -23.71 -28.35
N VAL X 104 -44.90 -24.46 -27.27
CA VAL X 104 -45.01 -23.85 -25.95
C VAL X 104 -43.77 -23.03 -25.64
N ILE X 105 -42.61 -23.50 -26.11
CA ILE X 105 -41.39 -22.71 -25.98
C ILE X 105 -41.47 -21.49 -26.89
N ASP X 106 -42.07 -21.63 -28.07
CA ASP X 106 -42.09 -20.54 -29.05
C ASP X 106 -42.90 -19.34 -28.56
N GLU X 107 -44.09 -19.56 -27.99
CA GLU X 107 -44.83 -18.38 -27.51
C GLU X 107 -44.58 -18.11 -26.03
N ARG X 108 -44.51 -19.14 -25.21
CA ARG X 108 -44.34 -18.92 -23.78
C ARG X 108 -42.96 -18.36 -23.46
N VAL X 109 -41.93 -18.81 -24.16
CA VAL X 109 -40.56 -18.44 -23.79
C VAL X 109 -39.94 -17.51 -24.81
N LEU X 110 -39.83 -17.96 -26.06
CA LEU X 110 -39.00 -17.25 -27.02
C LEU X 110 -39.65 -15.95 -27.47
N ASN X 111 -40.98 -15.89 -27.43
CA ASN X 111 -41.70 -14.72 -27.94
C ASN X 111 -41.42 -13.52 -27.04
N GLY X 112 -40.54 -12.64 -27.48
CA GLY X 112 -40.18 -11.46 -26.74
C GLY X 112 -39.01 -11.60 -25.79
N LEU X 113 -38.33 -12.76 -25.78
CA LEU X 113 -37.26 -12.96 -24.81
C LEU X 113 -35.99 -12.21 -25.20
N LYS X 114 -35.67 -12.18 -26.50
CA LYS X 114 -34.50 -11.43 -26.94
C LYS X 114 -34.68 -9.94 -26.67
N GLU X 115 -35.88 -9.42 -26.89
CA GLU X 115 -36.17 -8.03 -26.56
C GLU X 115 -36.02 -7.79 -25.07
N THR X 116 -36.52 -8.71 -24.25
CA THR X 116 -36.37 -8.58 -22.80
C THR X 116 -34.90 -8.51 -22.42
N TYR X 117 -34.09 -9.39 -22.99
CA TYR X 117 -32.71 -9.50 -22.57
C TYR X 117 -31.89 -8.33 -23.10
N MET X 118 -32.24 -7.80 -24.26
CA MET X 118 -31.52 -6.64 -24.77
C MET X 118 -31.93 -5.37 -24.03
N SER X 119 -33.19 -5.26 -23.63
CA SER X 119 -33.62 -4.10 -22.86
C SER X 119 -33.06 -4.13 -21.46
N LEU X 120 -32.80 -5.31 -20.92
CA LEU X 120 -32.28 -5.42 -19.57
C LEU X 120 -30.77 -5.44 -19.49
N GLY X 121 -30.08 -5.50 -20.63
CA GLY X 121 -28.64 -5.64 -20.60
C GLY X 121 -28.14 -7.02 -20.27
N VAL X 122 -29.02 -8.00 -20.26
CA VAL X 122 -28.62 -9.39 -19.99
C VAL X 122 -27.81 -9.92 -21.17
N PRO X 123 -26.65 -10.53 -20.93
CA PRO X 123 -25.85 -11.07 -22.04
C PRO X 123 -26.49 -12.34 -22.58
N ILE X 124 -26.90 -12.30 -23.84
CA ILE X 124 -27.58 -13.41 -24.50
C ILE X 124 -26.66 -14.62 -24.68
N PRO X 125 -25.42 -14.47 -25.17
CA PRO X 125 -24.57 -15.66 -25.32
C PRO X 125 -24.30 -16.39 -24.02
N SER X 126 -24.22 -15.66 -22.91
CA SER X 126 -24.04 -16.31 -21.62
C SER X 126 -25.28 -17.09 -21.22
N THR X 127 -26.46 -16.58 -21.57
CA THR X 127 -27.69 -17.34 -21.33
C THR X 127 -27.75 -18.59 -22.19
N VAL X 128 -27.26 -18.49 -23.43
CA VAL X 128 -27.18 -19.68 -24.28
C VAL X 128 -26.23 -20.70 -23.68
N ALA X 129 -25.11 -20.23 -23.13
CA ALA X 129 -24.16 -21.12 -22.48
C ALA X 129 -24.79 -21.80 -21.27
N GLY X 130 -25.57 -21.06 -20.49
CA GLY X 130 -26.26 -21.67 -19.36
C GLY X 130 -27.28 -22.70 -19.79
N VAL X 131 -28.00 -22.41 -20.88
CA VAL X 131 -28.97 -23.36 -21.40
C VAL X 131 -28.26 -24.63 -21.88
N THR X 132 -27.09 -24.49 -22.50
CA THR X 132 -26.33 -25.65 -22.93
C THR X 132 -25.80 -26.46 -21.75
N ALA X 133 -25.35 -25.78 -20.70
CA ALA X 133 -24.93 -26.47 -19.48
C ALA X 133 -26.09 -27.25 -18.87
N MET X 134 -27.27 -26.64 -18.81
CA MET X 134 -28.44 -27.33 -18.29
C MET X 134 -28.82 -28.50 -19.20
N LYS X 135 -28.65 -28.33 -20.51
CA LYS X 135 -28.90 -29.43 -21.43
C LYS X 135 -28.02 -30.62 -21.12
N GLY X 136 -26.72 -30.38 -20.91
CA GLY X 136 -25.84 -31.47 -20.56
C GLY X 136 -26.19 -32.13 -19.24
N VAL X 137 -26.54 -31.31 -18.25
CA VAL X 137 -26.91 -31.86 -16.94
C VAL X 137 -28.15 -32.73 -17.06
N VAL X 138 -29.16 -32.26 -17.80
CA VAL X 138 -30.41 -33.02 -17.94
C VAL X 138 -30.17 -34.27 -18.76
N ALA X 139 -29.33 -34.17 -19.80
CA ALA X 139 -29.00 -35.33 -20.62
C ALA X 139 -28.35 -36.42 -19.78
N SER X 140 -27.44 -36.03 -18.89
CA SER X 140 -26.74 -37.03 -18.08
C SER X 140 -27.71 -37.87 -17.26
N MET X 141 -28.93 -37.36 -17.06
CA MET X 141 -29.88 -38.07 -16.19
C MET X 141 -30.94 -38.79 -17.01
N ILE X 142 -31.42 -38.18 -18.10
CA ILE X 142 -32.58 -38.71 -18.81
C ILE X 142 -32.25 -39.15 -20.23
N GLY X 143 -30.97 -39.25 -20.59
CA GLY X 143 -30.66 -39.53 -21.97
C GLY X 143 -30.85 -38.29 -22.83
N SER X 144 -30.95 -38.52 -24.14
CA SER X 144 -31.05 -37.44 -25.12
C SER X 144 -32.50 -36.99 -25.34
N GLU X 145 -33.36 -37.17 -24.35
CA GLU X 145 -34.79 -37.02 -24.58
C GLU X 145 -35.21 -35.55 -24.70
N ALA X 146 -34.50 -34.65 -24.03
CA ALA X 146 -34.84 -33.23 -24.02
C ALA X 146 -33.90 -32.39 -24.85
N ASN X 147 -32.99 -33.03 -25.61
CA ASN X 147 -31.96 -32.28 -26.32
C ASN X 147 -32.56 -31.36 -27.37
N VAL X 148 -33.62 -31.83 -28.05
CA VAL X 148 -34.22 -31.02 -29.10
C VAL X 148 -34.88 -29.77 -28.52
N TYR X 149 -35.52 -29.88 -27.36
CA TYR X 149 -36.18 -28.72 -26.79
C TYR X 149 -35.18 -27.72 -26.22
N PHE X 150 -34.11 -28.22 -25.59
CA PHE X 150 -33.08 -27.30 -25.13
C PHE X 150 -32.35 -26.65 -26.31
N ASP X 151 -32.13 -27.40 -27.38
CA ASP X 151 -31.52 -26.83 -28.58
C ASP X 151 -32.43 -25.80 -29.23
N HIS X 152 -33.74 -26.04 -29.20
CA HIS X 152 -34.69 -25.05 -29.69
C HIS X 152 -34.58 -23.76 -28.90
N ILE X 153 -34.53 -23.87 -27.56
CA ILE X 153 -34.41 -22.67 -26.74
C ILE X 153 -33.11 -21.93 -27.05
N ALA X 154 -32.01 -22.67 -27.12
CA ALA X 154 -30.71 -22.04 -27.35
C ALA X 154 -30.64 -21.37 -28.71
N LYS X 155 -31.15 -22.03 -29.76
CA LYS X 155 -31.12 -21.44 -31.09
C LYS X 155 -32.06 -20.25 -31.20
N GLY X 156 -33.18 -20.30 -30.48
CA GLY X 156 -34.07 -19.15 -30.47
C GLY X 156 -33.46 -17.95 -29.79
N LEU X 157 -32.66 -18.19 -28.74
CA LEU X 157 -31.95 -17.09 -28.10
C LEU X 157 -30.82 -16.58 -28.98
N SER X 158 -30.03 -17.49 -29.54
CA SER X 158 -29.00 -17.13 -30.50
C SER X 158 -29.63 -16.67 -31.80
N MET Y 1 -65.90 13.41 -30.31
CA MET Y 1 -65.75 13.33 -31.76
C MET Y 1 -66.33 14.56 -32.44
N LEU Y 2 -66.33 14.56 -33.78
CA LEU Y 2 -66.68 15.73 -34.56
C LEU Y 2 -67.86 15.44 -35.47
N ASP Y 3 -68.82 16.35 -35.50
CA ASP Y 3 -69.82 16.44 -36.55
C ASP Y 3 -69.56 17.71 -37.35
N ALA Y 4 -70.45 17.99 -38.29
CA ALA Y 4 -70.25 19.13 -39.17
C ALA Y 4 -70.24 20.45 -38.41
N VAL Y 5 -71.17 20.61 -37.47
CA VAL Y 5 -71.28 21.85 -36.72
C VAL Y 5 -70.04 22.08 -35.88
N THR Y 6 -69.56 21.03 -35.20
CA THR Y 6 -68.33 21.16 -34.41
C THR Y 6 -67.14 21.41 -35.31
N LYS Y 7 -67.15 20.89 -36.53
CA LYS Y 7 -66.09 21.19 -37.48
C LYS Y 7 -66.07 22.69 -37.80
N ILE Y 8 -67.24 23.28 -38.05
CA ILE Y 8 -67.30 24.71 -38.36
C ILE Y 8 -66.90 25.54 -37.14
N ILE Y 9 -67.36 25.14 -35.96
CA ILE Y 9 -67.00 25.85 -34.73
C ILE Y 9 -65.49 25.80 -34.51
N ASN Y 10 -64.89 24.62 -34.71
CA ASN Y 10 -63.45 24.48 -34.52
C ASN Y 10 -62.69 25.35 -35.50
N ARG Y 11 -63.14 25.39 -36.76
CA ARG Y 11 -62.49 26.24 -37.75
C ARG Y 11 -62.51 27.70 -37.33
N THR Y 12 -63.71 28.20 -37.00
CA THR Y 12 -63.82 29.62 -36.63
C THR Y 12 -63.03 29.93 -35.37
N ASP Y 13 -63.05 29.01 -34.40
CA ASP Y 13 -62.31 29.22 -33.16
C ASP Y 13 -60.81 29.26 -33.40
N ALA Y 14 -60.30 28.39 -34.28
CA ALA Y 14 -58.89 28.42 -34.61
C ALA Y 14 -58.53 29.71 -35.33
N GLU Y 15 -59.46 30.26 -36.10
CA GLU Y 15 -59.23 31.61 -36.63
C GLU Y 15 -59.52 32.70 -35.61
N GLY Y 16 -60.12 32.36 -34.47
CA GLY Y 16 -60.40 33.34 -33.44
C GLY Y 16 -61.42 34.36 -33.85
N ARG Y 17 -62.45 33.95 -34.58
CA ARG Y 17 -63.46 34.86 -35.08
C ARG Y 17 -64.84 34.32 -34.79
N TYR Y 18 -65.80 35.23 -34.76
CA TYR Y 18 -67.21 34.85 -34.64
C TYR Y 18 -67.68 34.23 -35.95
N PHE Y 19 -68.81 33.54 -35.88
CA PHE Y 19 -69.46 33.05 -37.09
C PHE Y 19 -69.83 34.22 -37.99
N ALA Y 20 -69.62 34.05 -39.28
CA ALA Y 20 -70.03 35.00 -40.29
C ALA Y 20 -71.15 34.40 -41.13
N SER Y 21 -71.54 35.12 -42.18
CA SER Y 21 -72.68 34.69 -42.99
C SER Y 21 -72.41 33.34 -43.65
N LYS Y 22 -71.20 33.13 -44.17
CA LYS Y 22 -70.90 31.89 -44.87
C LYS Y 22 -71.00 30.68 -43.93
N ASP Y 23 -70.49 30.82 -42.70
CA ASP Y 23 -70.58 29.73 -41.73
C ASP Y 23 -72.02 29.47 -41.35
N PHE Y 24 -72.83 30.52 -41.23
CA PHE Y 24 -74.24 30.32 -40.92
C PHE Y 24 -74.96 29.61 -42.06
N ASP Y 25 -74.63 29.95 -43.31
CA ASP Y 25 -75.21 29.22 -44.43
C ASP Y 25 -74.81 27.75 -44.40
N GLU Y 26 -73.56 27.46 -44.07
CA GLU Y 26 -73.10 26.08 -44.00
C GLU Y 26 -73.84 25.30 -42.91
N VAL Y 27 -73.98 25.90 -41.73
CA VAL Y 27 -74.66 25.21 -40.64
C VAL Y 27 -76.15 25.06 -40.94
N THR Y 28 -76.74 26.03 -41.64
CA THR Y 28 -78.13 25.89 -42.03
C THR Y 28 -78.32 24.77 -43.05
N ARG Y 29 -77.36 24.60 -43.96
CA ARG Y 29 -77.43 23.47 -44.88
C ARG Y 29 -77.38 22.15 -44.12
N PHE Y 30 -76.51 22.08 -43.10
CA PHE Y 30 -76.47 20.90 -42.25
C PHE Y 30 -77.83 20.63 -41.61
N PHE Y 31 -78.43 21.67 -41.02
CA PHE Y 31 -79.72 21.51 -40.37
C PHE Y 31 -80.81 21.14 -41.38
N ALA Y 32 -80.64 21.57 -42.63
CA ALA Y 32 -81.63 21.25 -43.66
C ALA Y 32 -81.57 19.78 -44.06
N THR Y 33 -80.38 19.24 -44.23
CA THR Y 33 -80.25 17.83 -44.61
C THR Y 33 -80.38 16.88 -43.42
N GLY Y 34 -80.41 17.41 -42.20
CA GLY Y 34 -80.42 16.55 -41.03
C GLY Y 34 -81.58 15.59 -40.97
N GLU Y 35 -82.77 16.02 -41.38
CA GLU Y 35 -83.95 15.19 -41.22
C GLU Y 35 -83.91 13.98 -42.16
N ALA Y 36 -83.52 14.20 -43.41
CA ALA Y 36 -83.32 13.09 -44.33
C ALA Y 36 -82.22 12.16 -43.83
N ARG Y 37 -81.18 12.73 -43.24
CA ARG Y 37 -80.10 11.88 -42.74
C ARG Y 37 -80.54 11.02 -41.56
N LEU Y 38 -81.36 11.58 -40.66
CA LEU Y 38 -81.93 10.74 -39.60
C LEU Y 38 -82.85 9.67 -40.15
N ARG Y 39 -83.64 9.99 -41.16
CA ARG Y 39 -84.49 8.95 -41.74
C ARG Y 39 -83.65 7.80 -42.29
N ALA Y 40 -82.58 8.13 -43.01
CA ALA Y 40 -81.70 7.08 -43.52
C ALA Y 40 -81.08 6.29 -42.37
N ALA Y 41 -80.63 6.98 -41.32
CA ALA Y 41 -79.98 6.30 -40.22
C ALA Y 41 -80.94 5.37 -39.49
N SER Y 42 -82.17 5.82 -39.25
CA SER Y 42 -83.15 4.99 -38.58
C SER Y 42 -83.53 3.78 -39.44
N THR Y 43 -83.66 3.98 -40.76
CA THR Y 43 -83.97 2.85 -41.62
C THR Y 43 -82.84 1.82 -41.60
N ILE Y 44 -81.59 2.28 -41.62
CA ILE Y 44 -80.47 1.35 -41.54
C ILE Y 44 -80.49 0.60 -40.20
N SER Y 45 -80.76 1.32 -39.12
CA SER Y 45 -80.78 0.71 -37.80
C SER Y 45 -81.87 -0.34 -37.68
N ALA Y 46 -83.05 -0.06 -38.22
CA ALA Y 46 -84.16 -0.99 -38.10
C ALA Y 46 -83.93 -2.25 -38.91
N ASN Y 47 -83.24 -2.13 -40.03
CA ASN Y 47 -83.02 -3.22 -40.96
C ASN Y 47 -81.59 -3.74 -40.94
N ALA Y 48 -80.87 -3.51 -39.84
CA ALA Y 48 -79.45 -3.86 -39.80
C ALA Y 48 -79.23 -5.35 -40.00
N ALA Y 49 -80.06 -6.20 -39.38
CA ALA Y 49 -79.93 -7.63 -39.54
C ALA Y 49 -80.10 -8.05 -40.99
N SER Y 50 -81.13 -7.52 -41.66
CA SER Y 50 -81.34 -7.83 -43.06
C SER Y 50 -80.18 -7.34 -43.92
N ILE Y 51 -79.66 -6.16 -43.62
CA ILE Y 51 -78.54 -5.62 -44.39
C ILE Y 51 -77.32 -6.52 -44.26
N LEU Y 52 -76.99 -6.92 -43.02
CA LEU Y 52 -75.87 -7.84 -42.82
C LEU Y 52 -76.09 -9.16 -43.54
N ARG Y 53 -77.30 -9.71 -43.45
CA ARG Y 53 -77.58 -10.97 -44.12
C ARG Y 53 -77.36 -10.86 -45.62
N GLU Y 54 -77.95 -9.85 -46.26
CA GLU Y 54 -77.80 -9.68 -47.70
C GLU Y 54 -76.36 -9.42 -48.10
N SER Y 55 -75.66 -8.58 -47.34
CA SER Y 55 -74.30 -8.22 -47.74
C SER Y 55 -73.33 -9.37 -47.54
N ALA Y 56 -73.50 -10.15 -46.47
CA ALA Y 56 -72.66 -11.33 -46.29
C ALA Y 56 -72.95 -12.36 -47.38
N ALA Y 57 -74.22 -12.54 -47.73
CA ALA Y 57 -74.55 -13.43 -48.83
C ALA Y 57 -73.91 -12.96 -50.12
N ALA Y 58 -73.97 -11.67 -50.40
CA ALA Y 58 -73.41 -11.14 -51.64
C ALA Y 58 -71.90 -11.32 -51.68
N LEU Y 59 -71.23 -11.04 -50.56
CA LEU Y 59 -69.78 -11.23 -50.50
C LEU Y 59 -69.40 -12.69 -50.72
N PHE Y 60 -70.10 -13.62 -50.06
CA PHE Y 60 -69.66 -15.00 -50.09
C PHE Y 60 -70.18 -15.73 -51.32
N THR Y 61 -71.10 -15.11 -52.06
CA THR Y 61 -71.42 -15.61 -53.39
C THR Y 61 -70.42 -15.10 -54.41
N GLU Y 62 -69.98 -13.86 -54.27
CA GLU Y 62 -68.92 -13.34 -55.13
C GLU Y 62 -67.63 -14.14 -54.95
N GLN Y 63 -67.26 -14.44 -53.71
CA GLN Y 63 -66.00 -15.10 -53.39
C GLN Y 63 -66.28 -16.34 -52.55
N PRO Y 64 -66.63 -17.45 -53.20
CA PRO Y 64 -66.91 -18.68 -52.43
C PRO Y 64 -65.68 -19.27 -51.77
N ASP Y 65 -64.47 -18.88 -52.20
CA ASP Y 65 -63.26 -19.48 -51.66
C ASP Y 65 -63.05 -19.12 -50.20
N LEU Y 66 -63.63 -18.00 -49.75
CA LEU Y 66 -63.44 -17.58 -48.36
C LEU Y 66 -64.04 -18.58 -47.39
N LEU Y 67 -65.16 -19.20 -47.77
CA LEU Y 67 -65.86 -20.10 -46.85
C LEU Y 67 -65.25 -21.49 -46.86
N ARG Y 68 -64.62 -21.89 -47.97
CA ARG Y 68 -64.02 -23.20 -48.05
C ARG Y 68 -62.80 -23.29 -47.14
N PRO Y 69 -62.43 -24.50 -46.72
CA PRO Y 69 -61.29 -24.66 -45.81
C PRO Y 69 -60.02 -24.05 -46.40
N GLY Y 70 -59.23 -23.41 -45.55
CA GLY Y 70 -58.14 -22.59 -45.98
C GLY Y 70 -58.50 -21.14 -46.21
N GLY Y 71 -59.77 -20.84 -46.44
CA GLY Y 71 -60.19 -19.45 -46.56
C GLY Y 71 -60.19 -18.74 -45.23
N ASN Y 72 -60.18 -17.41 -45.30
CA ASN Y 72 -60.07 -16.64 -44.06
C ASN Y 72 -61.39 -16.58 -43.33
N ALA Y 73 -62.50 -16.87 -44.00
CA ALA Y 73 -63.79 -16.95 -43.33
C ALA Y 73 -64.21 -18.39 -43.04
N TYR Y 74 -63.29 -19.34 -43.16
CA TYR Y 74 -63.60 -20.73 -42.84
C TYR Y 74 -63.37 -21.03 -41.37
N THR Y 75 -64.43 -20.87 -40.58
CA THR Y 75 -64.78 -21.56 -39.34
C THR Y 75 -66.07 -20.89 -38.90
N SER Y 76 -66.69 -21.39 -37.84
CA SER Y 76 -67.76 -20.59 -37.25
C SER Y 76 -67.19 -19.32 -36.64
N ARG Y 77 -65.98 -19.40 -36.08
CA ARG Y 77 -65.39 -18.25 -35.41
C ARG Y 77 -64.92 -17.20 -36.40
N ARG Y 78 -64.25 -17.62 -37.48
CA ARG Y 78 -63.79 -16.64 -38.44
C ARG Y 78 -64.94 -16.05 -39.24
N TYR Y 79 -65.98 -16.85 -39.50
CA TYR Y 79 -67.18 -16.29 -40.13
C TYR Y 79 -67.87 -15.29 -39.21
N ALA Y 80 -67.95 -15.60 -37.91
CA ALA Y 80 -68.57 -14.67 -36.98
C ALA Y 80 -67.75 -13.38 -36.88
N ALA Y 81 -66.43 -13.48 -36.90
CA ALA Y 81 -65.59 -12.28 -36.93
C ALA Y 81 -65.83 -11.46 -38.19
N CYS Y 82 -65.98 -12.13 -39.33
CA CYS Y 82 -66.23 -11.42 -40.58
C CYS Y 82 -67.55 -10.65 -40.54
N VAL Y 83 -68.63 -11.33 -40.17
CA VAL Y 83 -69.92 -10.64 -40.12
C VAL Y 83 -69.93 -9.58 -39.05
N ARG Y 84 -69.15 -9.79 -37.98
CA ARG Y 84 -68.99 -8.76 -36.96
C ARG Y 84 -68.32 -7.52 -37.52
N ASP Y 85 -67.31 -7.69 -38.37
CA ASP Y 85 -66.63 -6.54 -38.95
C ASP Y 85 -67.56 -5.78 -39.90
N MET Y 86 -68.38 -6.52 -40.65
CA MET Y 86 -69.39 -5.85 -41.45
C MET Y 86 -70.40 -5.08 -40.58
N GLU Y 87 -70.80 -5.67 -39.46
CA GLU Y 87 -71.65 -4.97 -38.50
C GLU Y 87 -70.99 -3.68 -38.01
N TYR Y 88 -69.70 -3.74 -37.69
CA TYR Y 88 -68.97 -2.53 -37.32
C TYR Y 88 -69.07 -1.48 -38.41
N PHE Y 89 -68.81 -1.89 -39.65
CA PHE Y 89 -68.79 -0.94 -40.75
C PHE Y 89 -70.14 -0.26 -40.88
N LEU Y 90 -71.23 -1.04 -40.82
CA LEU Y 90 -72.56 -0.45 -40.94
C LEU Y 90 -72.89 0.47 -39.78
N ARG Y 91 -72.59 0.05 -38.55
CA ARG Y 91 -72.90 0.86 -37.39
C ARG Y 91 -72.17 2.20 -37.43
N TYR Y 92 -70.88 2.18 -37.77
CA TYR Y 92 -70.12 3.42 -37.79
C TYR Y 92 -70.47 4.26 -39.01
N ALA Y 93 -70.91 3.63 -40.10
CA ALA Y 93 -71.43 4.41 -41.22
C ALA Y 93 -72.69 5.15 -40.81
N THR Y 94 -73.56 4.51 -40.03
CA THR Y 94 -74.74 5.20 -39.53
C THR Y 94 -74.37 6.36 -38.60
N TYR Y 95 -73.38 6.14 -37.74
CA TYR Y 95 -72.88 7.24 -36.90
C TYR Y 95 -72.41 8.41 -37.76
N ALA Y 96 -71.59 8.13 -38.76
CA ALA Y 96 -71.07 9.19 -39.62
C ALA Y 96 -72.17 9.88 -40.39
N LEU Y 97 -73.19 9.13 -40.81
CA LEU Y 97 -74.30 9.72 -41.53
C LEU Y 97 -75.10 10.67 -40.65
N VAL Y 98 -75.31 10.31 -39.39
CA VAL Y 98 -75.97 11.24 -38.47
C VAL Y 98 -75.08 12.45 -38.20
N ALA Y 99 -73.79 12.23 -38.00
CA ALA Y 99 -72.88 13.33 -37.71
C ALA Y 99 -72.72 14.24 -38.93
N GLY Y 100 -72.88 13.69 -40.12
CA GLY Y 100 -72.61 14.43 -41.33
C GLY Y 100 -71.15 14.59 -41.64
N ASP Y 101 -70.29 13.80 -40.99
CA ASP Y 101 -68.85 13.93 -41.10
C ASP Y 101 -68.24 12.54 -40.97
N THR Y 102 -67.06 12.37 -41.57
CA THR Y 102 -66.41 11.07 -41.63
C THR Y 102 -65.27 10.92 -40.63
N SER Y 103 -65.07 11.88 -39.74
CA SER Y 103 -63.94 11.79 -38.81
C SER Y 103 -64.10 10.65 -37.83
N VAL Y 104 -65.35 10.28 -37.52
CA VAL Y 104 -65.58 9.16 -36.62
C VAL Y 104 -65.11 7.86 -37.27
N ILE Y 105 -65.21 7.76 -38.59
CA ILE Y 105 -64.72 6.58 -39.29
C ILE Y 105 -63.20 6.56 -39.28
N ASP Y 106 -62.57 7.71 -39.46
CA ASP Y 106 -61.11 7.77 -39.43
C ASP Y 106 -60.57 7.40 -38.06
N GLU Y 107 -61.23 7.87 -37.00
CA GLU Y 107 -60.69 7.66 -35.66
C GLU Y 107 -61.05 6.28 -35.13
N ARG Y 108 -62.31 5.90 -35.18
CA ARG Y 108 -62.75 4.70 -34.49
C ARG Y 108 -62.55 3.45 -35.34
N VAL Y 109 -62.51 3.60 -36.65
CA VAL Y 109 -62.51 2.47 -37.57
C VAL Y 109 -61.17 2.33 -38.29
N LEU Y 110 -60.78 3.34 -39.06
CA LEU Y 110 -59.72 3.16 -40.03
C LEU Y 110 -58.34 3.12 -39.37
N ASN Y 111 -58.13 3.94 -38.36
CA ASN Y 111 -56.83 4.01 -37.71
C ASN Y 111 -56.50 2.69 -37.03
N GLY Y 112 -55.49 1.98 -37.55
CA GLY Y 112 -55.10 0.70 -37.01
C GLY Y 112 -55.77 -0.49 -37.65
N LEU Y 113 -56.77 -0.28 -38.50
CA LEU Y 113 -57.46 -1.41 -39.12
C LEU Y 113 -56.58 -2.12 -40.13
N LYS Y 114 -55.80 -1.38 -40.91
CA LYS Y 114 -54.93 -2.00 -41.88
C LYS Y 114 -53.90 -2.88 -41.19
N GLU Y 115 -53.33 -2.41 -40.08
CA GLU Y 115 -52.36 -3.20 -39.35
C GLU Y 115 -53.01 -4.38 -38.65
N THR Y 116 -54.23 -4.23 -38.16
CA THR Y 116 -54.95 -5.35 -37.58
C THR Y 116 -55.14 -6.46 -38.60
N TYR Y 117 -55.59 -6.08 -39.80
CA TYR Y 117 -55.84 -7.06 -40.85
C TYR Y 117 -54.55 -7.70 -41.33
N MET Y 118 -53.48 -6.91 -41.48
CA MET Y 118 -52.20 -7.48 -41.89
C MET Y 118 -51.67 -8.45 -40.83
N SER Y 119 -51.82 -8.09 -39.56
CA SER Y 119 -51.38 -8.97 -38.49
C SER Y 119 -52.15 -10.27 -38.49
N LEU Y 120 -53.46 -10.21 -38.72
CA LEU Y 120 -54.28 -11.42 -38.66
C LEU Y 120 -54.33 -12.17 -39.98
N GLY Y 121 -53.91 -11.57 -41.08
CA GLY Y 121 -54.06 -12.20 -42.37
C GLY Y 121 -55.42 -12.07 -43.00
N VAL Y 122 -56.24 -11.12 -42.52
CA VAL Y 122 -57.49 -10.80 -43.20
C VAL Y 122 -57.20 -10.27 -44.59
N PRO Y 123 -57.84 -10.78 -45.63
CA PRO Y 123 -57.59 -10.24 -46.97
C PRO Y 123 -58.32 -8.91 -47.18
N ILE Y 124 -57.54 -7.83 -47.22
CA ILE Y 124 -58.14 -6.50 -47.31
C ILE Y 124 -58.93 -6.30 -48.60
N PRO Y 125 -58.47 -6.73 -49.78
CA PRO Y 125 -59.32 -6.60 -50.97
C PRO Y 125 -60.70 -7.24 -50.82
N SER Y 126 -60.77 -8.41 -50.18
CA SER Y 126 -62.05 -9.07 -50.00
C SER Y 126 -62.92 -8.29 -49.01
N THR Y 127 -62.30 -7.72 -47.98
CA THR Y 127 -63.05 -6.88 -47.05
C THR Y 127 -63.61 -5.65 -47.77
N VAL Y 128 -62.85 -5.08 -48.70
CA VAL Y 128 -63.36 -3.95 -49.48
C VAL Y 128 -64.50 -4.40 -50.38
N ALA Y 129 -64.41 -5.62 -50.93
CA ALA Y 129 -65.53 -6.18 -51.67
C ALA Y 129 -66.77 -6.29 -50.80
N GLY Y 130 -66.59 -6.69 -49.54
CA GLY Y 130 -67.71 -6.75 -48.62
C GLY Y 130 -68.30 -5.39 -48.33
N VAL Y 131 -67.44 -4.38 -48.16
CA VAL Y 131 -67.92 -3.02 -47.93
C VAL Y 131 -68.69 -2.52 -49.14
N THR Y 132 -68.23 -2.85 -50.35
CA THR Y 132 -68.95 -2.47 -51.56
C THR Y 132 -70.30 -3.17 -51.65
N ALA Y 133 -70.34 -4.45 -51.29
CA ALA Y 133 -71.62 -5.18 -51.28
C ALA Y 133 -72.59 -4.55 -50.28
N MET Y 134 -72.08 -4.18 -49.11
CA MET Y 134 -72.91 -3.48 -48.14
C MET Y 134 -73.40 -2.15 -48.68
N LYS Y 135 -72.54 -1.42 -49.39
CA LYS Y 135 -72.95 -0.14 -49.95
C LYS Y 135 -74.11 -0.33 -50.92
N GLY Y 136 -74.02 -1.34 -51.78
CA GLY Y 136 -75.12 -1.62 -52.69
C GLY Y 136 -76.40 -2.02 -51.97
N VAL Y 137 -76.29 -2.89 -50.97
CA VAL Y 137 -77.46 -3.35 -50.24
C VAL Y 137 -78.14 -2.17 -49.54
N VAL Y 138 -77.34 -1.31 -48.92
CA VAL Y 138 -77.89 -0.16 -48.19
C VAL Y 138 -78.49 0.86 -49.15
N ALA Y 139 -77.83 1.07 -50.29
CA ALA Y 139 -78.35 2.01 -51.28
C ALA Y 139 -79.67 1.53 -51.86
N SER Y 140 -79.84 0.20 -51.94
CA SER Y 140 -81.11 -0.33 -52.41
C SER Y 140 -82.24 -0.02 -51.44
N MET Y 141 -81.90 0.44 -50.25
CA MET Y 141 -82.92 0.62 -49.21
C MET Y 141 -83.16 2.10 -48.90
N ILE Y 142 -82.10 2.88 -48.73
CA ILE Y 142 -82.27 4.26 -48.28
C ILE Y 142 -82.01 5.26 -49.40
N GLY Y 143 -81.47 4.82 -50.53
CA GLY Y 143 -81.01 5.74 -51.53
C GLY Y 143 -79.50 5.92 -51.47
N SER Y 144 -79.06 7.13 -51.83
CA SER Y 144 -77.65 7.39 -52.00
C SER Y 144 -77.05 8.25 -50.89
N GLU Y 145 -77.65 8.25 -49.71
CA GLU Y 145 -77.18 9.15 -48.67
C GLU Y 145 -75.93 8.62 -47.96
N ALA Y 146 -75.80 7.31 -47.85
CA ALA Y 146 -74.66 6.72 -47.15
C ALA Y 146 -73.54 6.30 -48.09
N ASN Y 147 -73.63 6.62 -49.39
CA ASN Y 147 -72.62 6.18 -50.34
C ASN Y 147 -71.24 6.73 -49.98
N VAL Y 148 -71.17 7.99 -49.56
CA VAL Y 148 -69.88 8.63 -49.33
C VAL Y 148 -69.17 8.00 -48.14
N TYR Y 149 -69.93 7.56 -47.14
CA TYR Y 149 -69.31 6.99 -45.95
C TYR Y 149 -68.73 5.60 -46.24
N PHE Y 150 -69.45 4.80 -47.02
CA PHE Y 150 -68.89 3.51 -47.44
C PHE Y 150 -67.71 3.71 -48.38
N ASP Y 151 -67.77 4.71 -49.25
CA ASP Y 151 -66.63 5.02 -50.10
C ASP Y 151 -65.44 5.45 -49.26
N HIS Y 152 -65.68 6.19 -48.18
CA HIS Y 152 -64.61 6.57 -47.27
C HIS Y 152 -63.98 5.34 -46.62
N ILE Y 153 -64.80 4.42 -46.15
CA ILE Y 153 -64.26 3.20 -45.54
C ILE Y 153 -63.48 2.40 -46.58
N ALA Y 154 -63.95 2.36 -47.82
CA ALA Y 154 -63.28 1.58 -48.86
C ALA Y 154 -61.95 2.22 -49.24
N LYS Y 155 -61.90 3.54 -49.39
CA LYS Y 155 -60.64 4.20 -49.69
C LYS Y 155 -59.66 4.05 -48.54
N GLY Y 156 -60.14 4.18 -47.30
CA GLY Y 156 -59.26 4.00 -46.16
C GLY Y 156 -58.70 2.60 -46.07
N LEU Y 157 -59.51 1.59 -46.41
CA LEU Y 157 -59.04 0.22 -46.33
C LEU Y 157 -58.06 -0.11 -47.44
N SER Y 158 -58.35 0.32 -48.66
CA SER Y 158 -57.44 0.09 -49.77
C SER Y 158 -56.24 1.02 -49.66
N MET Z 1 -35.41 6.45 -7.72
CA MET Z 1 -34.53 7.60 -7.86
C MET Z 1 -33.28 7.45 -6.99
N LEU Z 2 -32.29 8.31 -7.26
CA LEU Z 2 -31.02 8.29 -6.56
C LEU Z 2 -30.67 9.69 -6.10
N ASP Z 3 -29.86 9.78 -5.05
CA ASP Z 3 -29.24 11.01 -4.65
C ASP Z 3 -27.73 10.89 -4.75
N ALA Z 4 -27.01 11.91 -4.30
CA ALA Z 4 -25.56 11.91 -4.42
C ALA Z 4 -24.94 10.75 -3.66
N VAL Z 5 -25.41 10.50 -2.43
CA VAL Z 5 -24.85 9.41 -1.63
C VAL Z 5 -25.12 8.07 -2.29
N THR Z 6 -26.35 7.86 -2.76
CA THR Z 6 -26.68 6.61 -3.43
C THR Z 6 -25.92 6.46 -4.74
N LYS Z 7 -25.72 7.57 -5.46
CA LYS Z 7 -24.92 7.51 -6.68
C LYS Z 7 -23.49 7.06 -6.38
N ILE Z 8 -22.89 7.62 -5.33
CA ILE Z 8 -21.53 7.22 -4.96
C ILE Z 8 -21.50 5.77 -4.49
N ILE Z 9 -22.54 5.34 -3.77
CA ILE Z 9 -22.61 3.95 -3.31
C ILE Z 9 -22.69 2.99 -4.48
N ASN Z 10 -23.53 3.30 -5.47
CA ASN Z 10 -23.60 2.45 -6.65
C ASN Z 10 -22.28 2.46 -7.41
N ARG Z 11 -21.59 3.60 -7.45
CA ARG Z 11 -20.30 3.62 -8.12
C ARG Z 11 -19.30 2.72 -7.42
N THR Z 12 -19.22 2.78 -6.09
CA THR Z 12 -18.28 1.93 -5.37
C THR Z 12 -18.67 0.46 -5.48
N ASP Z 13 -19.98 0.18 -5.58
CA ASP Z 13 -20.42 -1.21 -5.64
C ASP Z 13 -20.17 -1.81 -7.01
N ALA Z 14 -20.28 -1.00 -8.07
CA ALA Z 14 -19.97 -1.49 -9.41
C ALA Z 14 -18.54 -2.01 -9.47
N GLU Z 15 -17.67 -1.49 -8.61
CA GLU Z 15 -16.31 -1.98 -8.47
C GLU Z 15 -16.15 -3.00 -7.36
N GLY Z 16 -17.20 -3.24 -6.57
CA GLY Z 16 -17.09 -4.17 -5.46
C GLY Z 16 -16.09 -3.77 -4.41
N ARG Z 17 -15.84 -2.48 -4.26
CA ARG Z 17 -14.83 -1.99 -3.33
C ARG Z 17 -15.50 -1.24 -2.20
N TYR Z 18 -14.76 -1.08 -1.11
CA TYR Z 18 -15.21 -0.24 -0.02
C TYR Z 18 -15.03 1.23 -0.39
N PHE Z 19 -15.58 2.11 0.44
CA PHE Z 19 -15.35 3.53 0.24
C PHE Z 19 -13.89 3.87 0.49
N ALA Z 20 -13.26 4.48 -0.51
CA ALA Z 20 -11.90 4.96 -0.35
C ALA Z 20 -11.93 6.38 0.21
N SER Z 21 -10.75 6.98 0.35
CA SER Z 21 -10.66 8.34 0.90
C SER Z 21 -11.36 9.34 0.00
N LYS Z 22 -11.18 9.20 -1.31
CA LYS Z 22 -11.80 10.15 -2.24
C LYS Z 22 -13.32 10.05 -2.20
N ASP Z 23 -13.86 8.83 -2.03
CA ASP Z 23 -15.29 8.66 -1.93
C ASP Z 23 -15.84 9.33 -0.67
N PHE Z 24 -15.16 9.15 0.45
CA PHE Z 24 -15.54 9.81 1.69
C PHE Z 24 -15.48 11.32 1.53
N ASP Z 25 -14.47 11.82 0.83
CA ASP Z 25 -14.36 13.25 0.59
C ASP Z 25 -15.52 13.76 -0.25
N GLU Z 26 -15.91 13.00 -1.27
CA GLU Z 26 -17.04 13.41 -2.09
C GLU Z 26 -18.34 13.44 -1.30
N VAL Z 27 -18.54 12.46 -0.43
CA VAL Z 27 -19.72 12.43 0.41
C VAL Z 27 -19.69 13.58 1.41
N THR Z 28 -18.52 13.90 1.95
CA THR Z 28 -18.40 15.04 2.86
C THR Z 28 -18.71 16.35 2.14
N ARG Z 29 -18.23 16.50 0.91
CA ARG Z 29 -18.53 17.69 0.14
C ARG Z 29 -20.04 17.80 -0.11
N PHE Z 30 -20.70 16.66 -0.37
CA PHE Z 30 -22.15 16.71 -0.51
C PHE Z 30 -22.83 17.11 0.79
N PHE Z 31 -22.37 16.59 1.92
CA PHE Z 31 -22.97 16.93 3.20
C PHE Z 31 -22.77 18.41 3.52
N ALA Z 32 -21.64 18.97 3.11
CA ALA Z 32 -21.32 20.36 3.44
C ALA Z 32 -22.24 21.33 2.71
N THR Z 33 -22.67 20.97 1.50
CA THR Z 33 -23.54 21.82 0.71
C THR Z 33 -25.01 21.63 1.06
N GLY Z 34 -25.32 20.79 2.05
CA GLY Z 34 -26.71 20.46 2.31
C GLY Z 34 -27.52 21.61 2.84
N GLU Z 35 -26.93 22.43 3.71
CA GLU Z 35 -27.68 23.53 4.32
C GLU Z 35 -28.05 24.58 3.29
N ALA Z 36 -27.11 24.95 2.43
CA ALA Z 36 -27.40 25.91 1.37
C ALA Z 36 -28.46 25.37 0.41
N ARG Z 37 -28.36 24.09 0.07
CA ARG Z 37 -29.34 23.51 -0.83
C ARG Z 37 -30.72 23.46 -0.20
N LEU Z 38 -30.79 23.17 1.11
CA LEU Z 38 -32.08 23.16 1.78
C LEU Z 38 -32.67 24.56 1.88
N ARG Z 39 -31.85 25.57 2.16
CA ARG Z 39 -32.40 26.92 2.23
C ARG Z 39 -32.87 27.37 0.85
N ALA Z 40 -32.15 26.98 -0.20
CA ALA Z 40 -32.57 27.30 -1.56
C ALA Z 40 -33.88 26.60 -1.91
N ALA Z 41 -34.02 25.33 -1.53
CA ALA Z 41 -35.25 24.60 -1.79
C ALA Z 41 -36.42 25.23 -1.06
N SER Z 42 -36.20 25.62 0.20
CA SER Z 42 -37.26 26.29 0.95
C SER Z 42 -37.63 27.63 0.33
N THR Z 43 -36.63 28.37 -0.16
CA THR Z 43 -36.92 29.65 -0.79
C THR Z 43 -37.75 29.45 -2.05
N ILE Z 44 -37.41 28.45 -2.87
CA ILE Z 44 -38.21 28.16 -4.05
C ILE Z 44 -39.62 27.76 -3.65
N SER Z 45 -39.75 26.90 -2.65
CA SER Z 45 -41.06 26.43 -2.23
C SER Z 45 -41.92 27.57 -1.72
N ALA Z 46 -41.31 28.57 -1.08
CA ALA Z 46 -42.09 29.69 -0.55
C ALA Z 46 -42.58 30.60 -1.66
N ASN Z 47 -41.83 30.70 -2.75
CA ASN Z 47 -42.16 31.63 -3.84
C ASN Z 47 -42.57 30.91 -5.11
N ALA Z 48 -43.09 29.69 -5.00
CA ALA Z 48 -43.36 28.90 -6.20
C ALA Z 48 -44.40 29.58 -7.09
N ALA Z 49 -45.45 30.15 -6.48
CA ALA Z 49 -46.48 30.81 -7.27
C ALA Z 49 -45.93 32.01 -8.01
N SER Z 50 -45.14 32.84 -7.35
CA SER Z 50 -44.52 33.98 -8.03
C SER Z 50 -43.53 33.52 -9.10
N ILE Z 51 -42.74 32.50 -8.81
CA ILE Z 51 -41.79 32.01 -9.81
C ILE Z 51 -42.53 31.58 -11.07
N LEU Z 52 -43.61 30.80 -10.90
CA LEU Z 52 -44.38 30.35 -12.04
C LEU Z 52 -45.03 31.51 -12.77
N ARG Z 53 -45.53 32.49 -12.03
CA ARG Z 53 -46.16 33.65 -12.66
C ARG Z 53 -45.17 34.43 -13.53
N GLU Z 54 -44.01 34.80 -12.98
CA GLU Z 54 -43.05 35.52 -13.80
C GLU Z 54 -42.49 34.66 -14.93
N SER Z 55 -42.35 33.35 -14.71
CA SER Z 55 -41.85 32.49 -15.77
C SER Z 55 -42.83 32.44 -16.95
N ALA Z 56 -44.12 32.26 -16.66
CA ALA Z 56 -45.12 32.25 -17.73
C ALA Z 56 -45.19 33.61 -18.42
N ALA Z 57 -45.14 34.70 -17.65
CA ALA Z 57 -45.15 36.01 -18.25
C ALA Z 57 -43.97 36.19 -19.21
N ALA Z 58 -42.78 35.76 -18.80
CA ALA Z 58 -41.62 35.86 -19.67
C ALA Z 58 -41.78 35.02 -20.92
N LEU Z 59 -42.27 33.78 -20.76
CA LEU Z 59 -42.46 32.91 -21.92
C LEU Z 59 -43.37 33.57 -22.94
N PHE Z 60 -44.52 34.07 -22.49
CA PHE Z 60 -45.52 34.54 -23.45
C PHE Z 60 -45.23 35.97 -23.90
N THR Z 61 -44.35 36.68 -23.21
CA THR Z 61 -43.83 37.93 -23.74
C THR Z 61 -42.85 37.68 -24.86
N GLU Z 62 -42.02 36.64 -24.72
CA GLU Z 62 -41.13 36.27 -25.81
C GLU Z 62 -41.90 35.81 -27.05
N GLN Z 63 -42.94 35.00 -26.86
CA GLN Z 63 -43.66 34.36 -27.96
C GLN Z 63 -45.15 34.54 -27.78
N PRO Z 64 -45.68 35.73 -28.13
CA PRO Z 64 -47.12 35.97 -27.94
C PRO Z 64 -47.99 35.16 -28.89
N ASP Z 65 -47.42 34.59 -29.94
CA ASP Z 65 -48.22 33.81 -30.89
C ASP Z 65 -48.79 32.56 -30.23
N LEU Z 66 -48.09 32.04 -29.23
CA LEU Z 66 -48.55 30.85 -28.53
C LEU Z 66 -49.93 31.06 -27.93
N LEU Z 67 -50.22 32.28 -27.47
CA LEU Z 67 -51.50 32.53 -26.82
C LEU Z 67 -52.58 32.91 -27.84
N ARG Z 68 -52.17 33.35 -29.02
CA ARG Z 68 -53.14 33.78 -30.02
C ARG Z 68 -53.90 32.58 -30.58
N PRO Z 69 -55.11 32.79 -31.11
CA PRO Z 69 -55.87 31.68 -31.69
C PRO Z 69 -55.07 30.89 -32.71
N GLY Z 70 -55.09 29.57 -32.54
CA GLY Z 70 -54.25 28.70 -33.33
C GLY Z 70 -52.89 28.40 -32.73
N GLY Z 71 -52.51 29.07 -31.64
CA GLY Z 71 -51.29 28.73 -30.96
C GLY Z 71 -51.46 27.51 -30.08
N ASN Z 72 -50.33 26.91 -29.68
CA ASN Z 72 -50.42 25.70 -28.90
C ASN Z 72 -50.72 26.00 -27.44
N ALA Z 73 -50.65 27.25 -27.04
CA ALA Z 73 -51.12 27.64 -25.73
C ALA Z 73 -52.50 28.28 -25.78
N TYR Z 74 -53.11 28.36 -26.95
CA TYR Z 74 -54.44 28.97 -27.06
C TYR Z 74 -55.53 27.97 -26.72
N THR Z 75 -55.92 27.98 -25.45
CA THR Z 75 -57.25 27.76 -24.89
C THR Z 75 -57.06 27.85 -23.40
N SER Z 76 -58.14 27.90 -22.63
CA SER Z 76 -57.99 27.80 -21.19
C SER Z 76 -57.32 26.49 -20.81
N ARG Z 77 -57.73 25.40 -21.45
CA ARG Z 77 -57.16 24.08 -21.15
C ARG Z 77 -55.69 24.01 -21.53
N ARG Z 78 -55.34 24.57 -22.69
CA ARG Z 78 -53.98 24.42 -23.18
C ARG Z 78 -53.01 25.32 -22.42
N TYR Z 79 -53.45 26.53 -22.09
CA TYR Z 79 -52.66 27.39 -21.20
C TYR Z 79 -52.53 26.76 -19.82
N ALA Z 80 -53.60 26.16 -19.33
CA ALA Z 80 -53.55 25.48 -18.05
C ALA Z 80 -52.51 24.37 -18.07
N ALA Z 81 -52.49 23.57 -19.13
CA ALA Z 81 -51.51 22.50 -19.25
C ALA Z 81 -50.09 23.05 -19.34
N CYS Z 82 -49.91 24.18 -20.02
CA CYS Z 82 -48.59 24.79 -20.13
C CYS Z 82 -48.07 25.23 -18.76
N VAL Z 83 -48.89 25.94 -17.99
CA VAL Z 83 -48.43 26.42 -16.69
C VAL Z 83 -48.28 25.25 -15.72
N ARG Z 84 -49.10 24.21 -15.88
CA ARG Z 84 -48.93 23.02 -15.06
C ARG Z 84 -47.63 22.30 -15.37
N ASP Z 85 -47.24 22.27 -16.64
CA ASP Z 85 -45.95 21.68 -16.99
C ASP Z 85 -44.81 22.46 -16.38
N MET Z 86 -44.87 23.79 -16.44
CA MET Z 86 -43.81 24.58 -15.83
C MET Z 86 -43.79 24.40 -14.32
N GLU Z 87 -44.95 24.22 -13.71
CA GLU Z 87 -45.01 23.95 -12.28
C GLU Z 87 -44.37 22.62 -11.94
N TYR Z 88 -44.62 21.60 -12.77
CA TYR Z 88 -43.93 20.32 -12.61
C TYR Z 88 -42.43 20.50 -12.71
N PHE Z 89 -41.97 21.26 -13.71
CA PHE Z 89 -40.54 21.47 -13.87
C PHE Z 89 -39.94 22.10 -12.62
N LEU Z 90 -40.63 23.10 -12.08
CA LEU Z 90 -40.13 23.77 -10.89
C LEU Z 90 -40.06 22.84 -9.69
N ARG Z 91 -41.13 22.09 -9.44
CA ARG Z 91 -41.14 21.20 -8.27
C ARG Z 91 -40.09 20.10 -8.40
N TYR Z 92 -39.95 19.52 -9.58
CA TYR Z 92 -39.01 18.41 -9.71
C TYR Z 92 -37.57 18.90 -9.79
N ALA Z 93 -37.33 20.11 -10.28
CA ALA Z 93 -35.99 20.67 -10.18
C ALA Z 93 -35.65 20.96 -8.73
N THR Z 94 -36.62 21.38 -7.93
CA THR Z 94 -36.37 21.53 -6.50
C THR Z 94 -36.04 20.18 -5.86
N TYR Z 95 -36.76 19.13 -6.24
CA TYR Z 95 -36.44 17.79 -5.74
C TYR Z 95 -35.01 17.41 -6.09
N ALA Z 96 -34.61 17.61 -7.35
CA ALA Z 96 -33.26 17.25 -7.77
C ALA Z 96 -32.21 18.11 -7.08
N LEU Z 97 -32.55 19.36 -6.77
CA LEU Z 97 -31.65 20.21 -6.01
C LEU Z 97 -31.45 19.67 -4.61
N VAL Z 98 -32.52 19.21 -3.96
CA VAL Z 98 -32.39 18.63 -2.62
C VAL Z 98 -31.57 17.34 -2.69
N ALA Z 99 -31.87 16.47 -3.65
CA ALA Z 99 -31.18 15.19 -3.71
C ALA Z 99 -29.75 15.35 -4.21
N GLY Z 100 -29.47 16.41 -4.94
CA GLY Z 100 -28.17 16.58 -5.55
C GLY Z 100 -27.94 15.74 -6.78
N ASP Z 101 -28.96 15.07 -7.29
CA ASP Z 101 -28.84 14.20 -8.45
C ASP Z 101 -30.03 14.45 -9.36
N THR Z 102 -29.81 14.32 -10.66
CA THR Z 102 -30.83 14.55 -11.67
C THR Z 102 -31.65 13.31 -12.00
N SER Z 103 -31.58 12.27 -11.16
CA SER Z 103 -32.28 11.02 -11.49
C SER Z 103 -33.78 11.15 -11.29
N VAL Z 104 -34.21 12.01 -10.38
CA VAL Z 104 -35.64 12.18 -10.16
C VAL Z 104 -36.30 12.82 -11.37
N ILE Z 105 -35.59 13.73 -12.04
CA ILE Z 105 -36.09 14.33 -13.27
C ILE Z 105 -36.22 13.26 -14.36
N ASP Z 106 -35.23 12.39 -14.48
CA ASP Z 106 -35.28 11.33 -15.47
C ASP Z 106 -36.41 10.35 -15.18
N GLU Z 107 -36.65 10.05 -13.90
CA GLU Z 107 -37.65 9.06 -13.53
C GLU Z 107 -39.06 9.61 -13.67
N ARG Z 108 -39.27 10.86 -13.29
CA ARG Z 108 -40.62 11.40 -13.15
C ARG Z 108 -41.00 12.43 -14.20
N VAL Z 109 -40.04 13.06 -14.85
CA VAL Z 109 -40.35 14.15 -15.76
C VAL Z 109 -40.04 13.82 -17.22
N LEU Z 110 -38.87 13.26 -17.49
CA LEU Z 110 -38.45 12.96 -18.86
C LEU Z 110 -38.82 11.55 -19.29
N ASN Z 111 -39.74 10.90 -18.57
CA ASN Z 111 -40.17 9.54 -18.91
C ASN Z 111 -41.30 9.61 -19.94
N GLY Z 112 -40.89 9.84 -21.18
CA GLY Z 112 -41.83 9.98 -22.28
C GLY Z 112 -42.27 11.39 -22.57
N LEU Z 113 -41.62 12.40 -21.96
CA LEU Z 113 -42.06 13.78 -22.15
C LEU Z 113 -41.80 14.26 -23.57
N LYS Z 114 -40.61 13.98 -24.10
CA LYS Z 114 -40.28 14.42 -25.46
C LYS Z 114 -41.17 13.75 -26.49
N GLU Z 115 -41.42 12.45 -26.32
CA GLU Z 115 -42.34 11.76 -27.21
C GLU Z 115 -43.75 12.33 -27.09
N THR Z 116 -44.18 12.63 -25.86
CA THR Z 116 -45.50 13.22 -25.66
C THR Z 116 -45.62 14.56 -26.36
N TYR Z 117 -44.59 15.40 -26.26
CA TYR Z 117 -44.65 16.73 -26.86
C TYR Z 117 -44.60 16.65 -28.37
N MET Z 118 -43.75 15.77 -28.92
CA MET Z 118 -43.71 15.61 -30.37
C MET Z 118 -45.02 15.05 -30.89
N SER Z 119 -45.66 14.16 -30.13
CA SER Z 119 -46.94 13.61 -30.55
C SER Z 119 -48.05 14.65 -30.50
N LEU Z 120 -48.08 15.46 -29.43
CA LEU Z 120 -49.17 16.42 -29.27
C LEU Z 120 -48.94 17.68 -30.06
N GLY Z 121 -47.74 17.89 -30.58
CA GLY Z 121 -47.43 19.12 -31.27
C GLY Z 121 -47.02 20.25 -30.37
N VAL Z 122 -46.67 19.97 -29.12
CA VAL Z 122 -46.14 20.99 -28.22
C VAL Z 122 -44.81 21.49 -28.78
N PRO Z 123 -44.64 22.79 -29.02
CA PRO Z 123 -43.41 23.27 -29.67
C PRO Z 123 -42.25 23.19 -28.68
N ILE Z 124 -41.34 22.25 -28.92
CA ILE Z 124 -40.26 22.00 -27.96
C ILE Z 124 -39.31 23.17 -27.81
N PRO Z 125 -38.85 23.84 -28.87
CA PRO Z 125 -37.99 25.02 -28.63
C PRO Z 125 -38.64 26.09 -27.79
N SER Z 126 -39.97 26.27 -27.92
CA SER Z 126 -40.68 27.21 -27.06
C SER Z 126 -40.73 26.71 -25.61
N THR Z 127 -40.92 25.41 -25.42
CA THR Z 127 -40.90 24.85 -24.07
C THR Z 127 -39.54 25.04 -23.43
N VAL Z 128 -38.47 24.85 -24.20
CA VAL Z 128 -37.13 25.06 -23.69
C VAL Z 128 -36.90 26.52 -23.34
N ALA Z 129 -37.45 27.43 -24.16
CA ALA Z 129 -37.37 28.84 -23.82
C ALA Z 129 -38.06 29.12 -22.49
N GLY Z 130 -39.23 28.51 -22.27
CA GLY Z 130 -39.90 28.69 -21.00
C GLY Z 130 -39.12 28.13 -19.82
N VAL Z 131 -38.55 26.94 -19.99
CA VAL Z 131 -37.73 26.33 -18.94
C VAL Z 131 -36.54 27.22 -18.63
N THR Z 132 -35.94 27.82 -19.67
CA THR Z 132 -34.79 28.68 -19.45
C THR Z 132 -35.18 29.97 -18.76
N ALA Z 133 -36.36 30.50 -19.08
CA ALA Z 133 -36.87 31.67 -18.37
C ALA Z 133 -37.10 31.37 -16.90
N MET Z 134 -37.66 30.20 -16.60
CA MET Z 134 -37.84 29.81 -15.21
C MET Z 134 -36.50 29.63 -14.51
N LYS Z 135 -35.51 29.10 -15.23
CA LYS Z 135 -34.16 29.04 -14.70
C LYS Z 135 -33.64 30.42 -14.34
N GLY Z 136 -33.88 31.41 -15.22
CA GLY Z 136 -33.44 32.75 -14.93
C GLY Z 136 -34.09 33.34 -13.69
N VAL Z 137 -35.40 33.11 -13.54
CA VAL Z 137 -36.10 33.62 -12.36
C VAL Z 137 -35.57 32.96 -11.09
N VAL Z 138 -35.41 31.64 -11.12
CA VAL Z 138 -34.93 30.92 -9.96
C VAL Z 138 -33.52 31.36 -9.60
N ALA Z 139 -32.68 31.60 -10.61
CA ALA Z 139 -31.32 32.08 -10.37
C ALA Z 139 -31.34 33.48 -9.77
N SER Z 140 -32.27 34.33 -10.23
CA SER Z 140 -32.37 35.66 -9.64
C SER Z 140 -32.73 35.57 -8.17
N MET Z 141 -33.50 34.55 -7.77
CA MET Z 141 -33.85 34.44 -6.36
C MET Z 141 -32.76 33.77 -5.53
N ILE Z 142 -32.26 32.62 -5.97
CA ILE Z 142 -31.41 31.78 -5.13
C ILE Z 142 -29.99 31.64 -5.67
N GLY Z 143 -29.72 32.16 -6.85
CA GLY Z 143 -28.42 31.95 -7.45
C GLY Z 143 -28.37 30.75 -8.37
N SER Z 144 -27.16 30.38 -8.75
CA SER Z 144 -26.92 29.39 -9.80
C SER Z 144 -27.10 27.95 -9.32
N GLU Z 145 -27.41 27.75 -8.04
CA GLU Z 145 -27.37 26.41 -7.46
C GLU Z 145 -28.27 25.43 -8.21
N ALA Z 146 -29.33 25.93 -8.84
CA ALA Z 146 -30.29 25.06 -9.50
C ALA Z 146 -30.11 25.01 -11.01
N ASN Z 147 -29.24 25.85 -11.58
CA ASN Z 147 -29.17 25.98 -13.03
C ASN Z 147 -29.03 24.63 -13.72
N VAL Z 148 -28.07 23.82 -13.27
CA VAL Z 148 -27.79 22.55 -13.93
C VAL Z 148 -29.06 21.71 -14.03
N TYR Z 149 -29.85 21.67 -12.96
CA TYR Z 149 -31.04 20.83 -12.97
C TYR Z 149 -32.03 21.32 -14.02
N PHE Z 150 -32.23 22.63 -14.11
CA PHE Z 150 -33.08 23.15 -15.17
C PHE Z 150 -32.50 22.80 -16.53
N ASP Z 151 -31.18 22.93 -16.67
CA ASP Z 151 -30.55 22.56 -17.93
C ASP Z 151 -30.87 21.12 -18.27
N HIS Z 152 -30.90 20.26 -17.26
CA HIS Z 152 -31.21 18.86 -17.51
C HIS Z 152 -32.54 18.72 -18.21
N ILE Z 153 -33.57 19.41 -17.68
CA ILE Z 153 -34.89 19.32 -18.31
C ILE Z 153 -34.81 19.79 -19.75
N ALA Z 154 -34.10 20.90 -19.99
CA ALA Z 154 -33.98 21.38 -21.37
C ALA Z 154 -33.31 20.34 -22.25
N LYS Z 155 -32.26 19.70 -21.73
CA LYS Z 155 -31.56 18.69 -22.51
C LYS Z 155 -32.43 17.46 -22.71
N GLY Z 156 -33.37 17.23 -21.79
CA GLY Z 156 -34.29 16.12 -21.97
C GLY Z 156 -35.30 16.39 -23.06
N LEU Z 157 -35.54 17.66 -23.38
CA LEU Z 157 -36.53 17.99 -24.39
C LEU Z 157 -35.90 18.14 -25.76
N SER Z 158 -34.63 18.51 -25.81
CA SER Z 158 -33.93 18.68 -27.07
C SER Z 158 -33.40 17.35 -27.61
N ALA AA 2 -83.97 1.95 -9.19
CA ALA AA 2 -82.68 1.35 -8.89
C ALA AA 2 -82.69 0.67 -7.52
N ARG AA 3 -82.03 -0.48 -7.42
CA ARG AA 3 -81.90 -1.19 -6.17
C ARG AA 3 -80.47 -1.71 -6.01
N THR AA 4 -80.02 -1.75 -4.76
CA THR AA 4 -78.69 -2.22 -4.40
C THR AA 4 -78.78 -3.14 -3.20
N ILE AA 5 -77.73 -3.94 -2.99
CA ILE AA 5 -77.70 -4.95 -1.93
C ILE AA 5 -76.46 -4.73 -1.08
N SER AA 6 -76.62 -4.84 0.23
CA SER AA 6 -75.50 -4.86 1.16
C SER AA 6 -75.31 -6.30 1.61
N ILE AA 7 -74.09 -6.82 1.42
CA ILE AA 7 -73.80 -8.22 1.68
C ILE AA 7 -72.67 -8.31 2.69
N THR AA 8 -72.86 -9.14 3.72
CA THR AA 8 -71.89 -9.38 4.78
C THR AA 8 -71.36 -10.80 4.65
N ALA AA 9 -70.05 -10.92 4.47
CA ALA AA 9 -69.41 -12.21 4.24
C ALA AA 9 -68.13 -12.33 5.05
N CYS AA 10 -67.86 -13.55 5.49
CA CYS AA 10 -66.60 -13.93 6.10
C CYS AA 10 -65.86 -14.86 5.14
N VAL AA 11 -64.74 -14.38 4.60
CA VAL AA 11 -63.92 -15.15 3.67
C VAL AA 11 -62.65 -15.58 4.40
N PRO AA 12 -62.51 -16.85 4.75
CA PRO AA 12 -61.25 -17.31 5.36
C PRO AA 12 -60.12 -17.29 4.35
N ARG AA 13 -58.90 -17.25 4.87
CA ARG AA 13 -57.68 -17.21 4.07
C ARG AA 13 -56.91 -18.53 4.16
N ARG AA 14 -57.61 -19.67 4.15
CA ARG AA 14 -56.95 -20.95 4.34
C ARG AA 14 -56.13 -21.36 3.11
N THR AA 15 -56.70 -21.19 1.91
CA THR AA 15 -56.01 -21.64 0.71
C THR AA 15 -54.68 -20.90 0.51
N LYS AA 16 -54.62 -19.65 0.92
CA LYS AA 16 -53.41 -18.86 0.79
C LYS AA 16 -52.48 -19.10 1.98
N SER AA 17 -51.21 -18.73 1.81
CA SER AA 17 -50.27 -18.76 2.92
C SER AA 17 -50.46 -17.54 3.81
N VAL AA 18 -49.91 -17.59 5.02
CA VAL AA 18 -50.05 -16.48 5.95
C VAL AA 18 -49.08 -15.37 5.57
N GLY AA 19 -49.50 -14.12 5.77
CA GLY AA 19 -48.68 -12.98 5.43
C GLY AA 19 -48.67 -11.96 6.54
N ALA AA 20 -47.50 -11.31 6.69
CA ALA AA 20 -47.34 -10.33 7.76
C ALA AA 20 -48.19 -9.09 7.52
N SER AA 21 -48.70 -8.93 6.30
CA SER AA 21 -49.56 -7.80 5.99
C SER AA 21 -50.92 -7.96 6.65
N ARG AA 22 -51.51 -6.82 7.03
CA ARG AA 22 -52.84 -6.81 7.61
C ARG AA 22 -53.86 -7.31 6.59
N GLU AA 23 -54.71 -8.26 7.02
CA GLU AA 23 -55.66 -8.91 6.13
C GLU AA 23 -57.06 -9.03 6.74
N ILE AA 24 -57.29 -8.43 7.90
CA ILE AA 24 -58.58 -8.59 8.58
C ILE AA 24 -59.70 -7.93 7.77
N GLN AA 25 -59.38 -6.90 7.01
CA GLN AA 25 -60.40 -6.21 6.23
C GLN AA 25 -60.96 -7.10 5.13
N ASN AA 26 -60.12 -7.97 4.56
CA ASN AA 26 -60.58 -8.87 3.51
C ASN AA 26 -61.38 -10.03 4.09
N VAL AA 27 -61.03 -10.48 5.30
CA VAL AA 27 -61.63 -11.69 5.85
C VAL AA 27 -63.10 -11.47 6.16
N TYR AA 28 -63.42 -10.39 6.87
CA TYR AA 28 -64.76 -10.09 7.32
C TYR AA 28 -65.17 -8.75 6.74
N PHE AA 29 -66.24 -8.71 5.97
CA PHE AA 29 -66.61 -7.44 5.37
C PHE AA 29 -68.11 -7.37 5.15
N THR AA 30 -68.60 -6.14 5.02
CA THR AA 30 -69.92 -5.83 4.52
C THR AA 30 -69.77 -4.79 3.43
N LYS AA 31 -70.26 -5.10 2.24
CA LYS AA 31 -70.07 -4.20 1.10
C LYS AA 31 -71.38 -3.93 0.39
N ARG AA 32 -71.46 -2.74 -0.19
CA ARG AA 32 -72.58 -2.27 -0.99
C ARG AA 32 -72.29 -2.59 -2.46
N ILE AA 33 -73.23 -3.25 -3.13
CA ILE AA 33 -73.08 -3.64 -4.51
C ILE AA 33 -74.38 -3.34 -5.25
N SER AA 34 -74.28 -3.19 -6.56
CA SER AA 34 -75.48 -3.10 -7.39
C SER AA 34 -76.09 -4.49 -7.58
N PHE AA 35 -77.37 -4.50 -7.96
CA PHE AA 35 -78.07 -5.76 -8.16
C PHE AA 35 -77.44 -6.57 -9.30
N ASP AA 36 -77.02 -5.88 -10.36
CA ASP AA 36 -76.41 -6.58 -11.49
C ASP AA 36 -75.12 -7.27 -11.08
N GLN AA 37 -74.52 -6.82 -9.99
CA GLN AA 37 -73.29 -7.42 -9.47
C GLN AA 37 -73.52 -8.44 -8.39
N PHE AA 38 -74.78 -8.67 -7.99
CA PHE AA 38 -75.05 -9.56 -6.86
C PHE AA 38 -74.64 -10.99 -7.18
N THR AA 39 -75.05 -11.51 -8.33
CA THR AA 39 -74.65 -12.88 -8.68
C THR AA 39 -73.14 -13.05 -8.83
N PRO AA 40 -72.40 -12.21 -9.56
CA PRO AA 40 -70.97 -12.44 -9.68
C PRO AA 40 -70.22 -12.46 -8.35
N GLU AA 41 -70.54 -11.55 -7.43
CA GLU AA 41 -69.82 -11.54 -6.16
C GLU AA 41 -70.29 -12.65 -5.24
N TYR AA 42 -71.57 -13.03 -5.35
CA TYR AA 42 -72.07 -14.21 -4.63
C TYR AA 42 -71.26 -15.45 -5.01
N GLN AA 43 -71.15 -15.70 -6.31
CA GLN AA 43 -70.36 -16.85 -6.75
C GLN AA 43 -68.88 -16.66 -6.42
N ARG AA 44 -68.37 -15.43 -6.50
CA ARG AA 44 -66.97 -15.18 -6.19
C ARG AA 44 -66.66 -15.52 -4.74
N ILE AA 45 -67.55 -15.12 -3.83
CA ILE AA 45 -67.37 -15.44 -2.41
C ILE AA 45 -67.44 -16.95 -2.21
N HIS AA 46 -68.36 -17.62 -2.90
CA HIS AA 46 -68.45 -19.07 -2.75
C HIS AA 46 -67.20 -19.76 -3.28
N ARG AA 47 -66.59 -19.22 -4.35
CA ARG AA 47 -65.41 -19.85 -4.93
C ARG AA 47 -64.25 -19.86 -3.95
N GLN AA 48 -64.12 -18.79 -3.17
CA GLN AA 48 -62.98 -18.59 -2.27
C GLN AA 48 -63.16 -19.29 -0.93
N GLY AA 49 -64.21 -20.08 -0.77
CA GLY AA 49 -64.49 -20.70 0.51
C GLY AA 49 -65.18 -19.82 1.52
N GLY AA 50 -65.60 -18.63 1.13
CA GLY AA 50 -66.24 -17.73 2.06
C GLY AA 50 -67.67 -18.14 2.36
N THR AA 51 -68.16 -17.63 3.48
CA THR AA 51 -69.52 -17.89 3.94
C THR AA 51 -70.30 -16.59 3.92
N ILE AA 52 -71.48 -16.63 3.29
CA ILE AA 52 -72.37 -15.48 3.24
C ILE AA 52 -73.09 -15.40 4.59
N LEU AA 53 -72.81 -14.34 5.34
CA LEU AA 53 -73.38 -14.21 6.67
C LEU AA 53 -74.71 -13.48 6.63
N ASN AA 54 -74.83 -12.45 5.79
CA ASN AA 54 -76.04 -11.65 5.80
C ASN AA 54 -76.24 -11.00 4.44
N VAL AA 55 -77.51 -10.81 4.07
CA VAL AA 55 -77.89 -10.10 2.86
C VAL AA 55 -79.03 -9.15 3.21
N GLN AA 56 -78.91 -7.89 2.78
CA GLN AA 56 -79.94 -6.91 3.05
C GLN AA 56 -80.18 -6.07 1.80
N CYS AA 57 -81.43 -5.66 1.63
CA CYS AA 57 -81.83 -4.72 0.59
C CYS AA 57 -82.60 -3.58 1.25
N MET AA 58 -81.98 -2.41 1.28
CA MET AA 58 -82.59 -1.26 1.94
C MET AA 58 -83.51 -0.50 0.99
N GLY AA 59 -84.72 -0.25 1.44
CA GLY AA 59 -85.72 0.44 0.64
C GLY AA 59 -86.92 0.89 1.45
N MET BA 1 69.77 78.18 77.23
CA MET BA 1 70.04 76.87 76.68
C MET BA 1 71.10 76.93 75.60
N GLN BA 2 72.35 76.87 76.02
CA GLN BA 2 73.46 76.88 75.09
C GLN BA 2 74.43 75.70 75.22
N PRO BA 3 73.96 74.47 75.42
CA PRO BA 3 74.81 73.32 75.09
C PRO BA 3 74.47 72.77 73.73
N ILE BA 4 75.51 72.36 73.00
CA ILE BA 4 75.31 71.74 71.70
C ILE BA 4 74.82 70.32 71.92
N ILE BA 5 73.57 70.06 71.57
CA ILE BA 5 72.98 68.73 71.67
C ILE BA 5 72.53 68.34 70.26
N LEU BA 6 72.95 67.17 69.82
CA LEU BA 6 72.70 66.69 68.47
C LEU BA 6 71.48 65.78 68.53
N ARG BA 7 70.49 66.05 67.68
CA ARG BA 7 69.22 65.34 67.79
C ARG BA 7 69.08 64.27 66.72
N THR BA 8 69.22 64.63 65.44
CA THR BA 8 68.92 63.73 64.33
C THR BA 8 70.24 63.33 63.66
N LEU BA 9 70.86 62.30 64.19
CA LEU BA 9 72.06 61.75 63.57
C LEU BA 9 71.64 60.72 62.52
N SER BA 10 72.37 60.69 61.41
CA SER BA 10 72.09 59.71 60.37
C SER BA 10 72.46 58.31 60.84
N ALA BA 11 71.82 57.32 60.22
CA ALA BA 11 72.01 55.93 60.63
C ALA BA 11 73.19 55.29 59.92
N ARG BA 12 73.59 54.12 60.44
CA ARG BA 12 74.66 53.36 59.80
C ARG BA 12 74.26 52.88 58.41
N ARG BA 13 73.02 52.44 58.26
CA ARG BA 13 72.62 51.72 57.06
C ARG BA 13 72.65 52.65 55.84
N PRO BA 14 72.90 52.12 54.65
CA PRO BA 14 72.84 52.94 53.45
C PRO BA 14 71.41 53.14 52.98
N VAL BA 15 71.24 54.03 52.00
CA VAL BA 15 69.92 54.40 51.53
C VAL BA 15 69.39 53.45 50.47
N GLN BA 16 70.26 52.60 49.93
CA GLN BA 16 69.90 51.68 48.86
C GLN BA 16 68.85 50.67 49.33
N GLY BA 17 68.38 49.87 48.37
CA GLY BA 17 67.39 48.87 48.67
C GLY BA 17 67.99 47.51 48.97
N ARG BA 18 67.11 46.53 49.13
CA ARG BA 18 67.55 45.21 49.54
C ARG BA 18 68.22 44.48 48.37
N PRO BA 19 69.44 43.97 48.56
CA PRO BA 19 70.07 43.18 47.51
C PRO BA 19 69.30 41.90 47.25
N ASN BA 20 69.34 41.45 46.00
CA ASN BA 20 68.53 40.29 45.61
C ASN BA 20 69.13 39.01 46.15
N LEU BA 21 68.29 38.00 46.32
CA LEU BA 21 68.65 36.77 47.00
C LEU BA 21 68.58 35.55 46.10
N GLU BA 22 68.86 35.72 44.80
CA GLU BA 22 68.71 34.60 43.87
C GLU BA 22 69.73 33.49 44.13
N THR BA 23 70.97 33.86 44.44
CA THR BA 23 71.98 32.83 44.73
C THR BA 23 71.67 32.12 46.04
N TYR BA 24 71.26 32.88 47.06
CA TYR BA 24 70.85 32.26 48.31
C TYR BA 24 69.65 31.36 48.11
N THR BA 25 68.69 31.81 47.29
CA THR BA 25 67.52 30.98 47.00
C THR BA 25 67.92 29.69 46.30
N SER BA 26 68.87 29.76 45.38
CA SER BA 26 69.36 28.55 44.73
C SER BA 26 70.00 27.58 45.71
N GLU BA 27 70.83 28.08 46.64
CA GLU BA 27 71.45 27.18 47.60
C GLU BA 27 70.41 26.59 48.55
N VAL BA 28 69.39 27.37 48.91
CA VAL BA 28 68.31 26.84 49.73
C VAL BA 28 67.56 25.75 49.00
N GLU BA 29 67.33 25.94 47.70
CA GLU BA 29 66.71 24.88 46.89
C GLU BA 29 67.58 23.63 46.85
N ARG BA 30 68.89 23.80 46.82
CA ARG BA 30 69.77 22.64 46.90
C ARG BA 30 69.60 21.91 48.21
N TRP BA 31 69.54 22.64 49.33
CA TRP BA 31 69.30 21.99 50.62
C TRP BA 31 67.97 21.27 50.63
N LYS BA 32 66.95 21.89 50.03
CA LYS BA 32 65.64 21.26 49.95
C LYS BA 32 65.71 19.96 49.16
N ALA BA 33 66.43 19.95 48.05
CA ALA BA 33 66.57 18.75 47.26
C ALA BA 33 67.28 17.65 48.04
N ILE BA 34 68.33 18.02 48.76
CA ILE BA 34 69.05 17.04 49.57
C ILE BA 34 68.12 16.47 50.64
N ALA BA 35 67.32 17.31 51.28
CA ALA BA 35 66.41 16.83 52.32
C ALA BA 35 65.29 15.99 51.74
N GLN BA 36 64.84 16.31 50.53
CA GLN BA 36 63.78 15.53 49.91
C GLN BA 36 64.30 14.16 49.50
N THR BA 37 65.57 14.07 49.14
CA THR BA 37 66.13 12.78 48.74
C THR BA 37 66.09 11.78 49.89
N GLN BA 38 66.30 12.24 51.12
CA GLN BA 38 66.41 11.30 52.24
C GLN BA 38 65.06 10.73 52.63
N TYR BA 39 63.97 11.43 52.32
CA TYR BA 39 62.64 10.87 52.54
C TYR BA 39 62.17 10.07 51.33
N ALA BA 40 62.54 10.53 50.13
CA ALA BA 40 62.19 9.80 48.93
C ALA BA 40 62.87 8.43 48.90
N LEU BA 41 64.05 8.32 49.52
CA LEU BA 41 64.72 7.02 49.59
C LEU BA 41 63.91 6.03 50.39
N GLU BA 42 63.35 6.46 51.52
CA GLU BA 42 62.53 5.56 52.33
C GLU BA 42 61.26 5.18 51.59
N LEU BA 43 60.60 6.16 50.97
CA LEU BA 43 59.35 5.85 50.30
C LEU BA 43 59.61 4.95 49.08
N ALA BA 44 60.76 5.12 48.44
CA ALA BA 44 61.16 4.26 47.33
C ALA BA 44 61.43 2.85 47.81
N LYS BA 45 62.10 2.71 48.96
CA LYS BA 45 62.23 1.39 49.58
C LYS BA 45 60.87 0.76 49.76
N GLU BA 46 59.87 1.56 50.12
CA GLU BA 46 58.50 1.03 50.22
C GLU BA 46 57.98 0.58 48.86
N MET BA 47 58.29 1.34 47.80
CA MET BA 47 57.72 1.04 46.49
C MET BA 47 58.22 -0.29 45.95
N SER BA 48 59.41 -0.71 46.34
CA SER BA 48 60.01 -1.90 45.76
C SER BA 48 59.73 -3.18 46.54
N ARG BA 49 58.69 -3.18 47.37
CA ARG BA 49 58.32 -4.39 48.08
C ARG BA 49 57.37 -5.23 47.23
N PRO BA 50 57.26 -6.53 47.50
CA PRO BA 50 56.40 -7.38 46.66
C PRO BA 50 54.94 -7.01 46.77
N ALA BA 51 54.13 -7.62 45.90
CA ALA BA 51 52.82 -7.09 45.58
C ALA BA 51 51.77 -7.48 46.63
N LEU BA 52 51.62 -8.78 46.89
CA LEU BA 52 50.43 -9.29 47.58
C LEU BA 52 50.84 -10.18 48.76
N ARG BA 53 51.76 -9.69 49.58
CA ARG BA 53 52.33 -10.48 50.66
C ARG BA 53 52.10 -9.78 52.00
N THR BA 54 50.89 -9.27 52.21
CA THR BA 54 50.50 -8.63 53.45
C THR BA 54 50.11 -9.70 54.46
N SER BA 55 50.68 -9.61 55.66
CA SER BA 55 50.43 -10.65 56.65
C SER BA 55 49.37 -10.22 57.65
N VAL BA 56 49.38 -8.97 58.07
CA VAL BA 56 48.46 -8.49 59.09
C VAL BA 56 47.56 -7.42 58.50
N GLY BA 57 46.27 -7.52 58.82
CA GLY BA 57 45.30 -6.48 58.48
C GLY BA 57 45.02 -6.31 57.00
N ASP BA 58 45.03 -7.41 56.25
CA ASP BA 58 44.73 -7.38 54.83
C ASP BA 58 43.29 -7.83 54.63
N LEU BA 59 42.57 -7.16 53.73
CA LEU BA 59 41.21 -7.53 53.46
C LEU BA 59 41.16 -8.71 52.49
N PRO BA 60 40.17 -9.59 52.61
CA PRO BA 60 40.05 -10.68 51.64
C PRO BA 60 39.78 -10.15 50.24
N GLY BA 61 40.36 -10.82 49.26
CA GLY BA 61 40.20 -10.45 47.86
C GLY BA 61 41.47 -10.07 47.15
N GLY BA 62 42.60 -9.97 47.84
CA GLY BA 62 43.87 -9.72 47.17
C GLY BA 62 43.92 -8.37 46.50
N LEU BA 63 44.07 -8.37 45.17
CA LEU BA 63 44.03 -7.13 44.40
C LEU BA 63 42.69 -6.43 44.57
N TRP BA 64 41.66 -7.17 44.98
CA TRP BA 64 40.31 -6.63 45.13
C TRP BA 64 39.85 -6.65 46.58
N GLY BA 65 40.79 -6.52 47.51
CA GLY BA 65 40.46 -6.49 48.93
C GLY BA 65 39.99 -5.13 49.37
N VAL BA 66 38.90 -4.65 48.77
CA VAL BA 66 38.33 -3.35 49.10
C VAL BA 66 36.85 -3.55 49.35
N ARG BA 67 36.27 -2.64 50.13
CA ARG BA 67 34.87 -2.70 50.46
C ARG BA 67 34.40 -1.25 50.62
N PRO BA 68 33.45 -0.81 49.81
CA PRO BA 68 33.00 0.59 49.88
C PRO BA 68 32.51 0.95 51.27
N GLY BA 69 32.93 2.13 51.74
CA GLY BA 69 32.66 2.52 53.11
C GLY BA 69 31.19 2.67 53.43
N PHE BA 70 30.35 2.77 52.40
CA PHE BA 70 28.91 2.78 52.65
C PHE BA 70 28.43 1.47 53.25
N GLN BA 71 29.17 0.40 53.07
CA GLN BA 71 28.75 -0.90 53.57
C GLN BA 71 29.54 -1.28 54.83
N SER BA 72 29.19 -2.44 55.38
CA SER BA 72 29.82 -2.89 56.61
C SER BA 72 31.25 -3.34 56.33
N PRO BA 73 32.10 -3.34 57.35
CA PRO BA 73 33.42 -3.92 57.18
C PRO BA 73 33.31 -5.39 56.85
N PRO BA 74 34.19 -5.91 56.00
CA PRO BA 74 33.96 -7.24 55.42
C PRO BA 74 33.97 -8.39 56.41
N LYS BA 75 34.53 -8.21 57.61
CA LYS BA 75 34.59 -9.31 58.58
C LYS BA 75 33.65 -9.14 59.76
N GLN BA 76 32.75 -8.15 59.72
CA GLN BA 76 31.88 -7.89 60.85
C GLN BA 76 30.64 -8.76 60.82
N ARG BA 77 30.20 -9.20 61.99
CA ARG BA 77 29.03 -10.05 62.12
C ARG BA 77 28.04 -9.42 63.09
N TYR BA 78 26.78 -9.35 62.66
CA TYR BA 78 25.73 -8.69 63.40
C TYR BA 78 24.65 -9.69 63.72
N ARG BA 79 24.53 -10.04 64.99
CA ARG BA 79 23.64 -11.10 65.44
C ARG BA 79 22.59 -10.52 66.37
N TRP BA 80 21.36 -10.96 66.22
CA TRP BA 80 20.30 -10.58 67.13
C TRP BA 80 20.27 -11.50 68.33
N THR BA 81 20.27 -10.92 69.52
CA THR BA 81 19.98 -11.62 70.75
C THR BA 81 18.73 -11.01 71.38
N LEU BA 82 18.07 -11.77 72.24
CA LEU BA 82 16.77 -11.33 72.73
C LEU BA 82 16.90 -10.20 73.74
N LYS BA 83 17.89 -10.27 74.62
CA LYS BA 83 18.13 -9.22 75.59
C LYS BA 83 19.46 -8.55 75.27
N GLN BA 84 19.39 -7.45 74.53
CA GLN BA 84 20.57 -6.66 74.19
C GLN BA 84 20.16 -5.19 74.31
N SER BA 85 21.17 -4.32 74.40
CA SER BA 85 20.89 -2.92 74.63
C SER BA 85 20.18 -2.30 73.42
N LYS BA 86 19.56 -1.16 73.66
CA LYS BA 86 18.83 -0.47 72.60
C LYS BA 86 19.77 0.06 71.54
N ALA BA 87 20.98 0.47 71.96
CA ALA BA 87 21.99 0.87 70.99
C ALA BA 87 22.42 -0.31 70.13
N GLU BA 88 22.56 -1.49 70.75
CA GLU BA 88 22.86 -2.69 69.97
C GLU BA 88 21.74 -3.00 68.99
N LYS BA 89 20.48 -2.84 69.41
CA LYS BA 89 19.35 -3.06 68.52
C LYS BA 89 19.38 -2.10 67.33
N GLU BA 90 19.63 -0.82 67.60
CA GLU BA 90 19.67 0.17 66.55
C GLU BA 90 20.83 -0.09 65.58
N ALA BA 91 21.99 -0.49 66.12
CA ALA BA 91 23.11 -0.83 65.27
C ALA BA 91 22.81 -2.04 64.40
N LEU BA 92 22.10 -3.04 64.95
CA LEU BA 92 21.73 -4.20 64.16
C LEU BA 92 20.79 -3.82 63.02
N LEU BA 93 19.81 -2.97 63.31
CA LEU BA 93 18.91 -2.52 62.25
C LEU BA 93 19.66 -1.75 61.18
N GLU BA 94 20.59 -0.89 61.60
CA GLU BA 94 21.40 -0.12 60.68
C GLU BA 94 22.27 -1.03 59.80
N ALA BA 95 22.81 -2.10 60.39
CA ALA BA 95 23.57 -3.07 59.60
C ALA BA 95 22.69 -3.81 58.60
N ILE BA 96 21.46 -4.15 59.00
CA ILE BA 96 20.56 -4.82 58.06
C ILE BA 96 20.30 -3.93 56.86
N TYR BA 97 19.99 -2.65 57.10
CA TYR BA 97 19.79 -1.73 55.98
C TYR BA 97 21.06 -1.58 55.16
N ARG BA 98 22.20 -1.47 55.82
CA ARG BA 98 23.45 -1.26 55.13
C ARG BA 98 23.78 -2.45 54.23
N GLN BA 99 23.27 -3.62 54.57
CA GLN BA 99 23.72 -4.80 53.84
C GLN BA 99 22.72 -5.17 52.75
N VAL BA 100 21.41 -5.07 53.04
CA VAL BA 100 20.40 -5.33 52.02
C VAL BA 100 20.35 -4.20 51.01
N LEU BA 101 20.34 -2.96 51.47
CA LEU BA 101 20.20 -1.82 50.57
C LEU BA 101 21.52 -1.16 50.19
N GLU BA 102 22.64 -1.68 50.71
CA GLU BA 102 24.02 -1.29 50.41
C GLU BA 102 24.42 0.07 50.99
N ARG BA 103 23.54 0.75 51.72
CA ARG BA 103 23.89 2.00 52.38
C ARG BA 103 22.72 2.45 53.24
N VAL BA 104 22.97 3.44 54.08
CA VAL BA 104 21.92 4.00 54.92
C VAL BA 104 21.06 4.95 54.10
N LEU BA 105 19.75 4.81 54.24
CA LEU BA 105 18.82 5.65 53.53
C LEU BA 105 18.70 7.01 54.23
N PRO BA 106 18.26 8.03 53.51
CA PRO BA 106 17.91 9.30 54.16
C PRO BA 106 16.83 9.06 55.20
N GLU BA 107 16.94 9.79 56.30
CA GLU BA 107 16.03 9.57 57.41
C GLU BA 107 14.59 9.85 57.00
N GLY BA 108 13.68 9.00 57.47
CA GLY BA 108 12.33 8.97 56.98
C GLY BA 108 12.01 7.82 56.05
N SER BA 109 13.01 7.04 55.64
CA SER BA 109 12.82 5.94 54.70
C SER BA 109 12.76 4.58 55.38
N ARG BA 110 13.20 4.47 56.62
CA ARG BA 110 13.22 3.19 57.30
C ARG BA 110 11.81 2.68 57.57
N LEU BA 111 11.69 1.36 57.64
CA LEU BA 111 10.44 0.73 58.00
C LEU BA 111 10.07 1.04 59.44
N ASN BA 112 8.78 1.23 59.70
CA ASN BA 112 8.32 1.57 61.03
C ASN BA 112 7.87 0.34 61.81
N GLU BA 113 6.85 -0.35 61.30
CA GLU BA 113 6.24 -1.46 62.04
C GLU BA 113 7.16 -2.68 62.09
N GLU BA 114 7.88 -2.93 61.00
CA GLU BA 114 8.80 -4.05 60.95
C GLU BA 114 9.94 -3.90 61.94
N GLU BA 115 10.44 -2.68 62.09
CA GLU BA 115 11.49 -2.44 63.09
C GLU BA 115 10.96 -2.68 64.50
N SER BA 116 9.73 -2.28 64.78
CA SER BA 116 9.15 -2.52 66.09
C SER BA 116 8.99 -4.01 66.35
N ARG BA 117 8.57 -4.77 65.33
CA ARG BA 117 8.46 -6.22 65.49
C ARG BA 117 9.82 -6.85 65.72
N LEU BA 118 10.84 -6.41 65.01
CA LEU BA 118 12.18 -6.98 65.18
C LEU BA 118 12.73 -6.67 66.56
N ASN BA 119 12.53 -5.43 67.04
CA ASN BA 119 13.02 -5.07 68.37
C ASN BA 119 12.36 -5.90 69.45
N ASN BA 120 11.10 -6.23 69.27
CA ASN BA 120 10.33 -7.00 70.23
C ASN BA 120 10.60 -8.50 70.15
N GLY BA 121 11.21 -8.97 69.06
CA GLY BA 121 11.39 -10.39 68.86
C GLY BA 121 10.20 -11.09 68.25
N ASP BA 122 9.17 -10.34 67.83
CA ASP BA 122 8.02 -10.96 67.19
C ASP BA 122 8.41 -11.60 65.87
N ILE BA 123 9.24 -10.94 65.09
CA ILE BA 123 9.80 -11.51 63.87
C ILE BA 123 11.30 -11.67 64.09
N THR BA 124 11.94 -12.33 63.14
CA THR BA 124 13.37 -12.53 63.27
C THR BA 124 14.12 -11.67 62.26
N VAL BA 125 15.45 -11.72 62.35
CA VAL BA 125 16.27 -11.01 61.39
C VAL BA 125 16.01 -11.52 59.98
N ARG BA 126 15.89 -12.84 59.83
CA ARG BA 126 15.61 -13.41 58.52
C ARG BA 126 14.28 -12.90 57.97
N GLU BA 127 13.26 -12.82 58.83
CA GLU BA 127 11.98 -12.31 58.39
C GLU BA 127 12.06 -10.84 58.03
N PHE BA 128 12.81 -10.05 58.82
CA PHE BA 128 12.98 -8.64 58.50
C PHE BA 128 13.70 -8.47 57.16
N VAL BA 129 14.73 -9.27 56.92
CA VAL BA 129 15.49 -9.21 55.68
C VAL BA 129 14.59 -9.58 54.51
N ARG BA 130 13.79 -10.63 54.68
CA ARG BA 130 12.80 -11.01 53.68
C ARG BA 130 11.86 -9.87 53.36
N ARG BA 131 11.35 -9.19 54.37
CA ARG BA 131 10.39 -8.11 54.12
C ARG BA 131 11.06 -6.89 53.49
N LEU BA 132 12.29 -6.57 53.90
CA LEU BA 132 13.00 -5.45 53.32
C LEU BA 132 13.35 -5.70 51.87
N ALA BA 133 13.85 -6.91 51.55
CA ALA BA 133 14.31 -7.19 50.21
C ALA BA 133 13.16 -7.18 49.20
N SER BA 134 11.94 -7.34 49.66
CA SER BA 134 10.76 -7.22 48.81
C SER BA 134 9.98 -5.94 49.04
N SER BA 135 10.49 -5.02 49.86
CA SER BA 135 9.81 -3.79 50.18
C SER BA 135 9.91 -2.80 49.03
N ASP BA 136 9.14 -1.71 49.15
CA ASP BA 136 9.17 -0.66 48.14
C ASP BA 136 10.54 0.02 48.07
N LEU BA 137 11.27 0.04 49.19
CA LEU BA 137 12.62 0.58 49.17
C LEU BA 137 13.50 -0.19 48.18
N TYR BA 138 13.48 -1.52 48.27
CA TYR BA 138 14.28 -2.32 47.36
C TYR BA 138 13.82 -2.16 45.92
N VAL BA 139 12.51 -2.03 45.70
CA VAL BA 139 11.99 -1.83 44.36
C VAL BA 139 12.49 -0.52 43.78
N GLN BA 140 12.36 0.56 44.54
CA GLN BA 140 12.77 1.87 44.04
C GLN BA 140 14.29 1.98 43.94
N SER BA 141 15.01 1.16 44.68
CA SER BA 141 16.47 1.26 44.67
C SER BA 141 17.09 0.47 43.54
N PHE BA 142 16.62 -0.75 43.31
CA PHE BA 142 17.27 -1.65 42.37
C PHE BA 142 16.36 -2.09 41.22
N LEU BA 143 15.12 -2.47 41.50
CA LEU BA 143 14.28 -3.08 40.47
C LEU BA 143 13.96 -2.10 39.35
N VAL BA 144 13.69 -0.84 39.67
CA VAL BA 144 13.23 0.09 38.64
C VAL BA 144 14.37 0.48 37.72
N ARG BA 145 15.62 0.18 38.09
CA ARG BA 145 16.74 0.63 37.29
C ARG BA 145 17.53 -0.49 36.65
N TYR BA 146 17.17 -1.74 36.88
CA TYR BA 146 17.92 -2.89 36.39
C TYR BA 146 17.00 -3.93 35.79
N PRO BA 147 17.50 -4.71 34.84
CA PRO BA 147 16.76 -5.88 34.37
C PRO BA 147 16.83 -7.00 35.40
N ASN BA 148 15.95 -7.99 35.22
CA ASN BA 148 15.83 -9.05 36.22
C ASN BA 148 17.11 -9.87 36.32
N THR BA 149 17.88 -9.95 35.23
CA THR BA 149 19.16 -10.64 35.28
C THR BA 149 20.10 -9.96 36.27
N LYS BA 150 20.13 -8.63 36.26
CA LYS BA 150 20.92 -7.90 37.25
C LYS BA 150 20.34 -8.06 38.64
N LEU BA 151 19.01 -8.14 38.75
CA LEU BA 151 18.40 -8.36 40.05
C LEU BA 151 18.81 -9.69 40.64
N VAL BA 152 19.13 -10.68 39.80
CA VAL BA 152 19.59 -11.95 40.33
C VAL BA 152 20.93 -11.79 41.05
N GLU BA 153 21.88 -11.06 40.44
CA GLU BA 153 23.14 -10.87 41.13
C GLU BA 153 22.96 -9.98 42.36
N LYS BA 154 22.07 -8.98 42.27
CA LYS BA 154 21.83 -8.14 43.43
C LYS BA 154 21.29 -8.94 44.60
N LEU BA 155 20.31 -9.82 44.34
CA LEU BA 155 19.74 -10.63 45.40
C LEU BA 155 20.74 -11.62 45.94
N TYR BA 156 21.60 -12.18 45.09
CA TYR BA 156 22.64 -13.05 45.61
C TYR BA 156 23.57 -12.28 46.54
N LYS BA 157 23.98 -11.08 46.13
CA LYS BA 157 24.90 -10.29 46.94
C LYS BA 157 24.27 -9.89 48.26
N HIS BA 158 22.99 -9.53 48.24
CA HIS BA 158 22.36 -9.00 49.44
C HIS BA 158 21.94 -10.10 50.40
N LEU BA 159 21.39 -11.20 49.88
CA LEU BA 159 20.79 -12.20 50.73
C LEU BA 159 21.72 -13.36 51.03
N LEU BA 160 22.68 -13.64 50.16
CA LEU BA 160 23.56 -14.78 50.36
C LEU BA 160 25.03 -14.40 50.45
N GLY BA 161 25.38 -13.13 50.26
CA GLY BA 161 26.75 -12.69 50.43
C GLY BA 161 27.72 -13.18 49.39
N ARG BA 162 27.25 -13.61 48.23
CA ARG BA 162 28.15 -14.16 47.22
C ARG BA 162 27.58 -13.87 45.84
N ALA BA 163 28.20 -14.47 44.85
CA ALA BA 163 27.76 -14.41 43.47
C ALA BA 163 27.19 -15.74 43.03
N PRO BA 164 26.31 -15.74 42.03
CA PRO BA 164 25.94 -17.00 41.38
C PRO BA 164 27.16 -17.65 40.75
N SER BA 165 27.25 -18.97 40.86
CA SER BA 165 28.41 -19.68 40.38
C SER BA 165 28.20 -20.36 39.03
N ASN BA 166 26.96 -20.62 38.64
CA ASN BA 166 26.71 -21.30 37.37
C ASN BA 166 25.31 -20.96 36.89
N GLN BA 167 24.98 -21.46 35.70
CA GLN BA 167 23.78 -21.05 35.00
C GLN BA 167 22.52 -21.55 35.69
N LYS BA 168 22.60 -22.69 36.38
CA LYS BA 168 21.44 -23.19 37.12
C LYS BA 168 21.06 -22.26 38.26
N GLU BA 169 22.05 -21.69 38.94
CA GLU BA 169 21.79 -20.77 40.03
C GLU BA 169 21.16 -19.48 39.53
N ILE BA 170 21.53 -19.04 38.33
CA ILE BA 170 20.87 -17.89 37.72
C ILE BA 170 19.46 -18.25 37.26
N ILE BA 171 19.30 -19.43 36.67
CA ILE BA 171 18.02 -19.83 36.09
C ILE BA 171 16.95 -19.89 37.18
N LYS BA 172 17.28 -20.44 38.34
CA LYS BA 172 16.29 -20.59 39.41
C LYS BA 172 15.62 -19.25 39.73
N TYR BA 173 16.42 -18.27 40.15
CA TYR BA 173 15.84 -17.02 40.63
C TYR BA 173 15.40 -16.13 39.48
N HIS BA 174 15.99 -16.28 38.30
CA HIS BA 174 15.46 -15.53 37.16
C HIS BA 174 14.09 -16.03 36.77
N ASP BA 175 13.87 -17.34 36.80
CA ASP BA 175 12.55 -17.86 36.53
C ASP BA 175 11.55 -17.38 37.56
N LEU BA 176 11.95 -17.39 38.85
CA LEU BA 176 11.04 -16.88 39.87
C LEU BA 176 10.71 -15.41 39.64
N LEU BA 177 11.69 -14.59 39.29
CA LEU BA 177 11.44 -13.17 39.02
C LEU BA 177 10.53 -13.00 37.81
N ALA BA 178 10.76 -13.79 36.76
CA ALA BA 178 10.01 -13.67 35.52
C ALA BA 178 8.55 -14.04 35.71
N ARG BA 179 8.27 -15.09 36.47
CA ARG BA 179 6.91 -15.60 36.55
C ARG BA 179 6.15 -15.09 37.76
N LYS BA 180 6.82 -14.89 38.90
CA LYS BA 180 6.13 -14.56 40.13
C LYS BA 180 6.56 -13.24 40.76
N GLY BA 181 7.65 -12.63 40.30
CA GLY BA 181 8.04 -11.33 40.81
C GLY BA 181 9.10 -11.38 41.89
N LEU BA 182 9.43 -10.19 42.39
CA LEU BA 182 10.53 -10.04 43.34
C LEU BA 182 10.26 -10.76 44.66
N LYS BA 183 9.02 -10.67 45.15
CA LYS BA 183 8.71 -11.22 46.46
C LYS BA 183 8.91 -12.74 46.48
N ALA BA 184 8.50 -13.42 45.42
CA ALA BA 184 8.69 -14.87 45.36
C ALA BA 184 10.17 -15.23 45.30
N ALA BA 185 10.96 -14.48 44.53
CA ALA BA 185 12.39 -14.76 44.46
C ALA BA 185 13.06 -14.55 45.81
N VAL BA 186 12.68 -13.50 46.54
CA VAL BA 186 13.26 -13.26 47.86
C VAL BA 186 12.84 -14.35 48.83
N ASP BA 187 11.56 -14.73 48.81
CA ASP BA 187 11.08 -15.79 49.68
C ASP BA 187 11.84 -17.09 49.42
N ALA BA 188 12.05 -17.41 48.15
CA ALA BA 188 12.79 -18.61 47.80
C ALA BA 188 14.23 -18.53 48.26
N MET BA 189 14.87 -17.38 48.10
CA MET BA 189 16.28 -17.27 48.43
C MET BA 189 16.53 -17.33 49.93
N VAL BA 190 15.69 -16.70 50.75
CA VAL BA 190 15.94 -16.72 52.19
C VAL BA 190 15.43 -17.97 52.87
N THR BA 191 14.68 -18.82 52.18
CA THR BA 191 14.30 -20.13 52.71
C THR BA 191 15.16 -21.25 52.16
N THR BA 192 16.24 -20.94 51.45
CA THR BA 192 17.18 -21.99 51.07
C THR BA 192 17.92 -22.50 52.30
N GLU BA 193 18.34 -23.76 52.22
CA GLU BA 193 19.12 -24.35 53.29
C GLU BA 193 20.48 -23.67 53.41
N GLU BA 194 20.99 -23.15 52.30
CA GLU BA 194 22.25 -22.41 52.36
C GLU BA 194 22.14 -21.21 53.28
N TYR BA 195 21.06 -20.42 53.11
CA TYR BA 195 20.82 -19.29 54.00
C TYR BA 195 20.62 -19.75 55.43
N THR BA 196 19.84 -20.82 55.63
CA THR BA 196 19.55 -21.30 56.97
C THR BA 196 20.80 -21.78 57.69
N GLU BA 197 21.77 -22.32 56.95
CA GLU BA 197 22.95 -22.88 57.58
C GLU BA 197 24.03 -21.82 57.76
N ILE BA 198 24.12 -20.88 56.82
CA ILE BA 198 25.17 -19.88 56.89
C ILE BA 198 24.76 -18.73 57.81
N PHE BA 199 23.59 -18.17 57.58
CA PHE BA 199 23.12 -17.03 58.35
C PHE BA 199 22.15 -17.40 59.44
N GLY BA 200 21.52 -18.56 59.34
CA GLY BA 200 20.59 -18.97 60.37
C GLY BA 200 19.35 -18.11 60.36
N ASP BA 201 18.92 -17.74 61.56
CA ASP BA 201 17.66 -17.04 61.68
C ASP BA 201 17.85 -15.66 62.30
N ASP BA 202 18.98 -15.43 62.97
CA ASP BA 202 19.19 -14.21 63.74
C ASP BA 202 20.47 -13.46 63.39
N THR BA 203 21.14 -13.80 62.29
CA THR BA 203 22.35 -13.07 61.90
C THR BA 203 22.05 -12.29 60.64
N VAL BA 204 22.60 -11.09 60.55
CA VAL BA 204 22.52 -10.34 59.30
C VAL BA 204 23.35 -11.06 58.25
N PRO BA 205 22.86 -11.22 57.03
CA PRO BA 205 23.69 -11.81 55.98
C PRO BA 205 24.93 -10.98 55.75
N PHE BA 206 26.00 -11.63 55.33
CA PHE BA 206 27.27 -10.94 55.11
C PHE BA 206 27.93 -11.48 53.85
N ALA BA 207 28.81 -10.66 53.29
CA ALA BA 207 29.64 -11.09 52.18
C ALA BA 207 30.63 -12.15 52.65
N ARG BA 208 30.63 -13.28 51.97
CA ARG BA 208 31.41 -14.44 52.35
C ARG BA 208 32.65 -14.53 51.47
N TYR BA 209 33.81 -14.72 52.10
CA TYR BA 209 35.07 -14.68 51.39
C TYR BA 209 35.91 -15.93 51.54
N THR BA 210 35.47 -16.92 52.30
CA THR BA 210 36.20 -18.16 52.47
C THR BA 210 35.55 -19.27 51.66
N THR BA 211 36.36 -20.00 50.90
CA THR BA 211 35.84 -21.07 50.07
C THR BA 211 35.13 -22.10 50.93
N ASP BA 212 33.93 -22.49 50.49
CA ASP BA 212 33.05 -23.36 51.27
C ASP BA 212 32.16 -24.12 50.29
N PRO BA 213 32.73 -25.08 49.56
CA PRO BA 213 32.01 -25.66 48.42
C PRO BA 213 30.72 -26.35 48.79
N ALA BA 214 30.57 -26.82 50.02
CA ALA BA 214 29.34 -27.47 50.44
C ALA BA 214 28.20 -26.47 50.49
N HIS BA 215 28.49 -25.20 50.70
CA HIS BA 215 27.48 -24.18 50.89
C HIS BA 215 27.47 -23.12 49.80
N GLY BA 216 28.06 -23.40 48.64
CA GLY BA 216 27.96 -22.49 47.52
C GLY BA 216 29.19 -21.71 47.16
N LEU BA 217 30.15 -21.54 48.08
CA LEU BA 217 31.42 -20.88 47.75
C LEU BA 217 32.37 -21.85 47.08
N VAL BA 218 32.14 -22.01 45.78
CA VAL BA 218 33.13 -22.53 44.85
C VAL BA 218 33.93 -21.35 44.35
N THR BA 219 35.03 -21.62 43.64
CA THR BA 219 35.94 -20.56 43.24
C THR BA 219 35.26 -19.51 42.35
N GLN BA 220 34.31 -19.93 41.51
CA GLN BA 220 33.62 -18.96 40.68
C GLN BA 220 32.73 -18.06 41.53
N ALA BA 221 32.03 -18.63 42.50
CA ALA BA 221 31.24 -17.82 43.40
C ALA BA 221 32.12 -16.89 44.22
N TYR BA 222 33.30 -17.36 44.60
CA TYR BA 222 34.23 -16.51 45.34
C TYR BA 222 34.69 -15.34 44.50
N LEU BA 223 35.09 -15.60 43.25
CA LEU BA 223 35.58 -14.56 42.37
C LEU BA 223 34.49 -13.53 42.08
N GLY BA 224 33.29 -14.00 41.75
CA GLY BA 224 32.19 -13.08 41.55
C GLY BA 224 31.86 -12.28 42.80
N GLY BA 225 31.86 -12.94 43.96
CA GLY BA 225 31.56 -12.24 45.19
C GLY BA 225 32.55 -11.14 45.47
N VAL BA 226 33.84 -11.39 45.28
CA VAL BA 226 34.83 -10.36 45.54
C VAL BA 226 34.74 -9.25 44.50
N LEU BA 227 34.36 -9.58 43.27
CA LEU BA 227 34.27 -8.53 42.24
C LEU BA 227 33.05 -7.63 42.46
N VAL BA 228 31.91 -8.20 42.83
CA VAL BA 228 30.72 -7.38 43.00
C VAL BA 228 30.71 -6.71 44.36
N ASN BA 229 31.39 -7.31 45.35
CA ASN BA 229 31.47 -6.74 46.67
C ASN BA 229 32.48 -5.62 46.76
N ALA BA 230 33.34 -5.47 45.76
CA ALA BA 230 34.27 -4.34 45.71
C ALA BA 230 33.65 -3.10 45.11
N LYS BA 231 32.49 -3.22 44.48
CA LYS BA 231 31.90 -2.14 43.71
C LYS BA 231 31.00 -1.30 44.59
N HIS BA 232 31.02 0.00 44.34
CA HIS BA 232 30.07 0.90 44.98
C HIS BA 232 28.67 0.64 44.43
N THR BA 233 27.68 1.08 45.17
CA THR BA 233 26.31 1.02 44.66
C THR BA 233 26.15 2.00 43.51
N TYR BA 234 25.50 1.53 42.44
CA TYR BA 234 25.40 2.26 41.17
C TYR BA 234 26.78 2.62 40.61
N GLN BA 235 27.78 1.76 40.81
CA GLN BA 235 29.09 2.02 40.22
C GLN BA 235 29.00 2.02 38.70
N ASN BA 236 28.19 1.13 38.15
CA ASN BA 236 27.89 1.09 36.72
C ASN BA 236 26.58 0.34 36.57
N ARG BA 237 26.14 0.17 35.32
CA ARG BA 237 24.92 -0.57 35.03
C ARG BA 237 25.19 -1.89 34.33
N THR BA 238 26.44 -2.33 34.27
CA THR BA 238 26.77 -3.56 33.56
C THR BA 238 26.26 -4.76 34.34
N LEU BA 239 25.79 -5.76 33.60
CA LEU BA 239 25.43 -7.05 34.18
C LEU BA 239 26.71 -7.86 34.35
N ASN BA 240 27.17 -7.99 35.59
CA ASN BA 240 28.44 -8.67 35.83
C ASN BA 240 28.35 -10.15 35.52
N PHE BA 241 27.17 -10.75 35.68
CA PHE BA 241 26.93 -12.14 35.34
C PHE BA 241 25.71 -12.22 34.45
N PRO BA 242 25.84 -11.86 33.17
CA PRO BA 242 24.67 -11.92 32.29
C PRO BA 242 24.11 -13.32 32.16
N SER BA 243 24.98 -14.31 31.93
CA SER BA 243 24.63 -15.72 31.93
C SER BA 243 25.90 -16.52 31.72
N TYR BA 244 25.92 -17.76 32.18
CA TYR BA 244 27.04 -18.66 31.91
C TYR BA 244 26.67 -19.52 30.72
N GLY BA 245 27.46 -19.43 29.66
CA GLY BA 245 27.20 -20.18 28.47
C GLY BA 245 28.42 -20.36 27.59
N PRO BA 246 28.25 -21.02 26.46
CA PRO BA 246 29.39 -21.26 25.56
C PRO BA 246 30.01 -19.99 25.01
N GLY BA 247 29.20 -18.96 24.75
CA GLY BA 247 29.65 -17.81 24.00
C GLY BA 247 30.14 -16.67 24.87
N SER BA 248 30.54 -15.60 24.19
CA SER BA 248 31.01 -14.39 24.82
C SER BA 248 29.87 -13.38 24.93
N GLN BA 249 30.11 -12.31 25.68
CA GLN BA 249 29.10 -11.28 25.83
C GLN BA 249 28.92 -10.48 24.55
N THR BA 250 29.92 -10.52 23.68
CA THR BA 250 29.91 -9.66 22.50
C THR BA 250 29.48 -10.43 21.25
N GLY BA 251 29.74 -11.73 21.23
CA GLY BA 251 29.36 -12.52 20.08
C GLY BA 251 30.33 -12.47 18.93
N GLY BA 252 31.58 -12.07 19.18
CA GLY BA 252 32.53 -11.95 18.09
C GLY BA 252 32.90 -13.30 17.48
N GLU BA 253 32.63 -14.39 18.19
CA GLU BA 253 32.87 -15.71 17.63
C GLU BA 253 31.92 -16.00 16.48
N GLN BA 254 30.76 -15.33 16.45
CA GLN BA 254 29.78 -15.60 15.41
C GLN BA 254 30.00 -14.73 14.18
N ARG BA 255 30.92 -13.77 14.25
CA ARG BA 255 31.14 -12.85 13.15
C ARG BA 255 31.75 -13.59 11.97
N SER BA 256 31.48 -13.08 10.77
CA SER BA 256 32.10 -13.62 9.58
C SER BA 256 33.52 -13.10 9.45
N LEU BA 257 34.43 -13.98 9.06
CA LEU BA 257 35.81 -13.56 8.93
C LEU BA 257 36.12 -13.17 7.49
N PRO BA 258 36.86 -12.10 7.26
CA PRO BA 258 37.25 -11.76 5.89
C PRO BA 258 38.03 -12.89 5.26
N LEU BA 259 37.75 -13.13 3.98
CA LEU BA 259 38.40 -14.23 3.27
C LEU BA 259 39.88 -13.96 3.11
N VAL BA 260 40.24 -12.71 2.85
CA VAL BA 260 41.62 -12.26 2.68
C VAL BA 260 41.79 -10.98 3.48
N PRO BA 261 42.99 -10.71 3.99
CA PRO BA 261 43.20 -9.42 4.65
C PRO BA 261 42.88 -8.27 3.72
N GLU BA 262 42.39 -7.18 4.32
CA GLU BA 262 41.92 -6.05 3.53
C GLU BA 262 43.04 -5.47 2.67
N ARG BA 263 44.29 -5.67 3.07
CA ARG BA 263 45.46 -5.16 2.37
C ARG BA 263 46.54 -6.22 2.30
N VAL BA 264 47.05 -6.45 1.11
CA VAL BA 264 48.18 -7.34 0.86
C VAL BA 264 49.33 -6.47 0.40
N PHE BA 265 50.47 -6.62 1.05
CA PHE BA 265 51.60 -5.72 0.85
C PHE BA 265 52.56 -6.33 -0.16
N SER BA 266 52.84 -5.59 -1.23
CA SER BA 266 53.66 -6.05 -2.34
C SER BA 266 54.45 -4.89 -2.91
N LEU BA 267 55.68 -5.15 -3.32
CA LEU BA 267 56.42 -4.14 -4.07
C LEU BA 267 55.83 -3.97 -5.47
N GLY BA 268 55.37 -5.06 -6.07
CA GLY BA 268 54.76 -4.96 -7.39
C GLY BA 268 53.50 -4.13 -7.39
N ASP BA 269 52.68 -4.28 -6.35
CA ASP BA 269 51.44 -3.53 -6.26
C ASP BA 269 51.64 -2.11 -5.73
N GLY BA 270 52.89 -1.66 -5.60
CA GLY BA 270 53.16 -0.27 -5.30
C GLY BA 270 53.19 0.11 -3.84
N ALA BA 271 53.38 -0.85 -2.94
CA ALA BA 271 53.54 -0.51 -1.53
C ALA BA 271 54.91 0.11 -1.29
N SER BA 272 54.98 1.02 -0.32
CA SER BA 272 56.25 1.63 0.04
C SER BA 272 57.06 0.66 0.89
N VAL BA 273 58.36 0.96 1.01
CA VAL BA 273 59.24 0.12 1.82
C VAL BA 273 58.81 0.15 3.28
N ASP BA 274 58.32 1.30 3.76
CA ASP BA 274 57.87 1.39 5.14
C ASP BA 274 56.69 0.47 5.41
N GLN BA 275 55.71 0.47 4.51
CA GLN BA 275 54.56 -0.41 4.67
C GLN BA 275 54.97 -1.87 4.63
N ILE BA 276 55.87 -2.21 3.70
CA ILE BA 276 56.37 -3.58 3.60
C ILE BA 276 57.10 -3.98 4.88
N LEU BA 277 57.88 -3.08 5.44
CA LEU BA 277 58.64 -3.40 6.66
C LEU BA 277 57.71 -3.64 7.83
N ARG BA 278 56.76 -2.73 8.06
CA ARG BA 278 55.83 -2.92 9.17
C ARG BA 278 55.02 -4.20 8.99
N ALA BA 279 54.58 -4.48 7.76
CA ALA BA 279 53.82 -5.69 7.49
C ALA BA 279 54.66 -6.93 7.75
N SER BA 280 55.93 -6.90 7.35
CA SER BA 280 56.81 -8.05 7.56
C SER BA 280 57.03 -8.29 9.04
N TYR BA 281 57.23 -7.22 9.82
CA TYR BA 281 57.44 -7.39 11.25
C TYR BA 281 56.18 -7.93 11.93
N ARG BA 282 55.00 -7.52 11.48
CA ARG BA 282 53.78 -8.07 12.07
C ARG BA 282 53.55 -9.51 11.63
N GLN BA 283 53.91 -9.85 10.40
CA GLN BA 283 53.62 -11.18 9.88
C GLN BA 283 54.58 -12.22 10.44
N ILE BA 284 55.85 -11.85 10.62
CA ILE BA 284 56.87 -12.83 10.97
C ILE BA 284 57.15 -12.85 12.46
N LEU BA 285 57.24 -11.68 13.09
CA LEU BA 285 57.59 -11.59 14.49
C LEU BA 285 56.43 -11.18 15.37
N GLU BA 286 55.25 -10.92 14.78
CA GLU BA 286 54.03 -10.61 15.52
C GLU BA 286 54.20 -9.40 16.43
N LYS BA 287 55.06 -8.47 16.04
CA LYS BA 287 55.30 -7.26 16.81
C LYS BA 287 55.45 -6.08 15.87
N GLU BA 288 55.19 -4.89 16.37
CA GLU BA 288 55.49 -3.67 15.64
C GLU BA 288 56.98 -3.38 15.70
N PRO BA 289 57.51 -2.67 14.70
CA PRO BA 289 58.96 -2.46 14.64
C PRO BA 289 59.53 -1.74 15.84
N GLN BA 290 58.76 -0.85 16.48
CA GLN BA 290 59.28 -0.11 17.61
C GLN BA 290 59.56 -1.02 18.81
N GLU BA 291 58.81 -2.11 18.93
CA GLU BA 291 59.02 -3.02 20.06
C GLU BA 291 60.31 -3.81 19.87
N LEU BA 292 60.81 -3.90 18.64
CA LEU BA 292 61.90 -4.78 18.31
C LEU BA 292 63.18 -4.00 18.07
N GLN BA 293 64.29 -4.72 18.00
CA GLN BA 293 65.55 -4.20 17.48
C GLN BA 293 65.56 -4.47 15.99
N ARG BA 294 65.33 -3.43 15.20
CA ARG BA 294 65.11 -3.60 13.77
C ARG BA 294 66.37 -4.07 13.07
N LEU BA 295 66.18 -4.74 11.93
CA LEU BA 295 67.30 -5.20 11.12
C LEU BA 295 67.71 -4.06 10.21
N SER BA 296 68.61 -3.22 10.71
CA SER BA 296 68.94 -1.97 10.03
C SER BA 296 69.58 -2.23 8.66
N VAL BA 297 70.52 -3.17 8.60
CA VAL BA 297 71.20 -3.42 7.34
C VAL BA 297 70.26 -4.12 6.35
N ALA BA 298 69.46 -5.07 6.83
CA ALA BA 298 68.49 -5.70 5.95
C ALA BA 298 67.44 -4.70 5.47
N GLU BA 299 66.99 -3.82 6.37
CA GLU BA 299 66.06 -2.78 5.98
C GLU BA 299 66.67 -1.87 4.93
N SER BA 300 67.94 -1.49 5.11
CA SER BA 300 68.60 -0.63 4.15
C SER BA 300 68.75 -1.33 2.80
N GLN BA 301 69.05 -2.62 2.81
CA GLN BA 301 69.17 -3.36 1.56
C GLN BA 301 67.83 -3.45 0.85
N LEU BA 302 66.75 -3.68 1.59
CA LEU BA 302 65.43 -3.69 0.97
C LEU BA 302 65.07 -2.31 0.43
N ARG BA 303 65.36 -1.25 1.19
CA ARG BA 303 65.09 0.11 0.73
C ARG BA 303 65.90 0.43 -0.52
N ASN BA 304 67.15 0.02 -0.55
CA ASN BA 304 67.99 0.20 -1.73
C ASN BA 304 67.64 -0.75 -2.86
N GLY BA 305 66.87 -1.80 -2.59
CA GLY BA 305 66.34 -2.66 -3.62
C GLY BA 305 67.26 -3.73 -4.14
N GLU BA 306 68.29 -4.13 -3.39
CA GLU BA 306 69.13 -5.23 -3.86
C GLU BA 306 68.75 -6.56 -3.21
N ILE BA 307 67.77 -6.54 -2.30
CA ILE BA 307 67.18 -7.78 -1.82
C ILE BA 307 65.68 -7.67 -1.99
N SER BA 308 65.03 -8.84 -2.05
CA SER BA 308 63.60 -8.88 -2.23
C SER BA 308 62.90 -8.88 -0.87
N VAL BA 309 61.57 -8.78 -0.90
CA VAL BA 309 60.78 -8.93 0.32
C VAL BA 309 60.99 -10.31 0.91
N LYS BA 310 61.13 -11.32 0.07
CA LYS BA 310 61.36 -12.68 0.56
C LYS BA 310 62.69 -12.78 1.31
N GLU BA 311 63.72 -12.08 0.84
CA GLU BA 311 65.00 -12.13 1.54
C GLU BA 311 64.93 -11.39 2.87
N PHE BA 312 64.12 -10.33 2.95
CA PHE BA 312 63.89 -9.71 4.24
C PHE BA 312 63.11 -10.63 5.17
N ILE BA 313 62.15 -11.38 4.63
CA ILE BA 313 61.39 -12.33 5.44
C ILE BA 313 62.32 -13.40 5.99
N ARG BA 314 63.24 -13.88 5.16
CA ARG BA 314 64.22 -14.85 5.63
C ARG BA 314 65.19 -14.26 6.62
N ALA BA 315 65.53 -12.98 6.49
CA ALA BA 315 66.36 -12.32 7.48
C ALA BA 315 65.64 -12.23 8.82
N LEU BA 316 64.33 -11.98 8.79
CA LEU BA 316 63.54 -11.99 10.02
C LEU BA 316 63.47 -13.39 10.62
N GLY BA 317 63.31 -14.41 9.78
CA GLY BA 317 63.28 -15.78 10.29
C GLY BA 317 64.62 -16.22 10.85
N TYR BA 318 65.72 -15.78 10.23
CA TYR BA 318 67.04 -16.18 10.68
C TYR BA 318 67.47 -15.47 11.95
N SER BA 319 66.77 -14.42 12.35
CA SER BA 319 67.17 -13.64 13.50
C SER BA 319 67.14 -14.46 14.78
N GLU BA 320 67.98 -14.07 15.73
CA GLU BA 320 67.96 -14.70 17.05
C GLU BA 320 66.67 -14.36 17.78
N ILE BA 321 66.03 -13.25 17.41
CA ILE BA 321 64.77 -12.88 18.04
C ILE BA 321 63.66 -13.83 17.64
N TYR BA 322 63.71 -14.38 16.42
CA TYR BA 322 62.74 -15.38 16.03
C TYR BA 322 62.86 -16.63 16.88
N ALA BA 323 64.09 -17.10 17.08
CA ALA BA 323 64.30 -18.28 17.91
C ALA BA 323 63.91 -18.02 19.35
N LYS BA 324 64.13 -16.79 19.83
CA LYS BA 324 63.72 -16.44 21.19
C LYS BA 324 62.21 -16.43 21.32
N PHE BA 325 61.50 -15.92 20.30
CA PHE BA 325 60.06 -15.79 20.38
C PHE BA 325 59.35 -17.12 20.19
N PHE BA 326 59.85 -17.97 19.30
CA PHE BA 326 59.05 -19.08 18.81
C PHE BA 326 59.70 -20.44 18.93
N LEU BA 327 60.89 -20.55 19.53
CA LEU BA 327 61.48 -21.85 19.78
C LEU BA 327 61.98 -22.05 21.20
N ALA BA 328 62.47 -21.00 21.87
CA ALA BA 328 63.11 -21.19 23.17
C ALA BA 328 62.12 -21.72 24.19
N ARG BA 329 60.90 -21.18 24.19
CA ARG BA 329 59.88 -21.58 25.13
C ARG BA 329 58.72 -22.29 24.45
N TRP BA 330 59.00 -23.18 23.51
CA TRP BA 330 57.97 -23.93 22.82
C TRP BA 330 58.44 -25.33 22.46
N TYR BA 331 57.47 -26.24 22.40
CA TYR BA 331 57.65 -27.58 21.86
C TYR BA 331 57.73 -27.51 20.34
N ASN BA 332 58.39 -28.50 19.75
CA ASN BA 332 58.67 -28.46 18.31
C ASN BA 332 57.40 -28.44 17.48
N GLY BA 333 56.31 -29.03 17.98
CA GLY BA 333 55.03 -28.92 17.28
C GLY BA 333 54.52 -27.49 17.25
N LYS BA 334 54.66 -26.79 18.36
CA LYS BA 334 54.30 -25.38 18.38
C LYS BA 334 55.21 -24.57 17.47
N VAL BA 335 56.49 -24.92 17.40
CA VAL BA 335 57.40 -24.23 16.51
C VAL BA 335 56.97 -24.43 15.06
N ALA BA 336 56.56 -25.65 14.71
CA ALA BA 336 56.08 -25.90 13.36
C ALA BA 336 54.81 -25.10 13.06
N GLU BA 337 53.89 -25.04 14.01
CA GLU BA 337 52.69 -24.23 13.82
C GLU BA 337 53.04 -22.75 13.65
N PHE BA 338 54.00 -22.27 14.42
CA PHE BA 338 54.43 -20.87 14.28
C PHE BA 338 55.01 -20.61 12.91
N ASN BA 339 55.86 -21.53 12.43
CA ASN BA 339 56.49 -21.36 11.13
C ASN BA 339 55.45 -21.37 10.02
N PHE BA 340 54.43 -22.23 10.14
CA PHE BA 340 53.39 -22.27 9.13
C PHE BA 340 52.54 -21.01 9.15
N LYS BA 341 52.25 -20.48 10.34
CA LYS BA 341 51.48 -19.25 10.40
C LYS BA 341 52.27 -18.08 9.87
N HIS BA 342 53.57 -18.02 10.18
CA HIS BA 342 54.35 -16.83 9.82
C HIS BA 342 54.72 -16.83 8.35
N PHE BA 343 55.17 -17.96 7.83
CA PHE BA 343 55.77 -17.94 6.50
C PHE BA 343 54.86 -18.47 5.41
N LEU BA 344 53.80 -19.18 5.78
CA LEU BA 344 52.83 -19.64 4.81
C LEU BA 344 51.46 -19.00 4.99
N GLY BA 345 51.19 -18.45 6.17
CA GLY BA 345 49.89 -17.88 6.43
C GLY BA 345 48.80 -18.88 6.73
N ARG BA 346 49.17 -20.09 7.15
CA ARG BA 346 48.19 -21.14 7.42
C ARG BA 346 48.69 -22.00 8.56
N GLN BA 347 48.09 -23.18 8.70
CA GLN BA 347 48.41 -24.12 9.75
C GLN BA 347 48.66 -25.51 9.17
N PRO BA 348 49.45 -26.34 9.84
CA PRO BA 348 49.66 -27.70 9.36
C PRO BA 348 48.38 -28.52 9.51
N ALA BA 349 48.02 -29.25 8.45
CA ALA BA 349 46.70 -29.88 8.42
C ALA BA 349 46.77 -31.35 8.80
N SER BA 350 47.81 -32.04 8.36
CA SER BA 350 47.92 -33.47 8.54
C SER BA 350 48.96 -33.77 9.62
N ALA BA 351 48.97 -35.02 10.06
CA ALA BA 351 50.01 -35.46 10.97
C ALA BA 351 51.32 -35.68 10.22
N THR BA 352 51.24 -36.08 8.95
CA THR BA 352 52.45 -36.28 8.17
C THR BA 352 53.18 -34.97 7.92
N GLU BA 353 52.45 -33.91 7.59
CA GLU BA 353 53.09 -32.62 7.30
C GLU BA 353 53.69 -32.01 8.56
N LEU BA 354 52.92 -32.00 9.65
CA LEU BA 354 53.43 -31.47 10.91
C LEU BA 354 54.61 -32.29 11.42
N GLY BA 355 54.53 -33.61 11.30
CA GLY BA 355 55.62 -34.45 11.74
C GLY BA 355 56.88 -34.27 10.92
N SER BA 356 56.73 -34.12 9.60
CA SER BA 356 57.88 -33.87 8.75
C SER BA 356 58.55 -32.54 9.11
N HIS BA 357 57.75 -31.50 9.35
CA HIS BA 357 58.35 -30.22 9.72
C HIS BA 357 59.01 -30.28 11.09
N ILE BA 358 58.39 -30.99 12.03
CA ILE BA 358 59.00 -31.16 13.35
C ILE BA 358 60.34 -31.87 13.22
N THR BA 359 60.40 -32.90 12.38
CA THR BA 359 61.65 -33.61 12.17
C THR BA 359 62.71 -32.70 11.56
N LEU BA 360 62.30 -31.85 10.62
CA LEU BA 360 63.23 -30.87 10.06
C LEU BA 360 63.79 -29.95 11.15
N ILE BA 361 62.91 -29.43 12.02
CA ILE BA 361 63.40 -28.55 13.08
C ILE BA 361 64.32 -29.32 14.03
N GLY BA 362 63.95 -30.54 14.37
CA GLY BA 362 64.66 -31.25 15.41
C GLY BA 362 65.96 -31.87 14.95
N THR BA 363 66.16 -32.00 13.64
CA THR BA 363 67.40 -32.60 13.15
C THR BA 363 68.25 -31.69 12.30
N LYS BA 364 67.67 -30.67 11.66
CA LYS BA 364 68.46 -29.77 10.83
C LYS BA 364 68.49 -28.34 11.35
N GLY BA 365 67.65 -28.00 12.32
CA GLY BA 365 67.63 -26.66 12.87
C GLY BA 365 66.49 -25.81 12.34
N LEU BA 366 66.23 -24.73 13.07
CA LEU BA 366 65.14 -23.82 12.74
C LEU BA 366 65.33 -23.19 11.36
N LYS BA 367 66.56 -22.82 11.02
CA LYS BA 367 66.82 -22.13 9.76
C LYS BA 367 66.55 -23.01 8.56
N VAL BA 368 66.92 -24.29 8.63
CA VAL BA 368 66.68 -25.18 7.50
C VAL BA 368 65.18 -25.42 7.32
N ALA BA 369 64.44 -25.50 8.42
CA ALA BA 369 62.99 -25.64 8.33
C ALA BA 369 62.36 -24.41 7.69
N ILE BA 370 62.80 -23.22 8.10
CA ILE BA 370 62.28 -21.99 7.50
C ILE BA 370 62.65 -21.93 6.01
N ASP BA 371 63.86 -22.39 5.68
CA ASP BA 371 64.26 -22.45 4.28
C ASP BA 371 63.37 -23.39 3.48
N THR BA 372 63.02 -24.53 4.07
CA THR BA 372 62.12 -25.46 3.39
C THR BA 372 60.76 -24.83 3.15
N LEU BA 373 60.27 -24.07 4.13
CA LEU BA 373 59.02 -23.35 3.92
C LEU BA 373 59.15 -22.33 2.80
N LEU BA 374 60.28 -21.62 2.73
CA LEU BA 374 60.42 -20.54 1.75
C LEU BA 374 60.66 -21.09 0.34
N ALA BA 375 61.33 -22.23 0.22
CA ALA BA 375 61.61 -22.78 -1.09
C ALA BA 375 60.44 -23.59 -1.63
N SER BA 376 59.41 -23.78 -0.81
CA SER BA 376 58.28 -24.61 -1.21
C SER BA 376 57.52 -23.97 -2.36
N GLN BA 377 56.93 -24.81 -3.19
CA GLN BA 377 56.11 -24.33 -4.30
C GLN BA 377 54.90 -23.57 -3.77
N GLU BA 378 54.40 -23.94 -2.59
CA GLU BA 378 53.29 -23.23 -1.99
C GLU BA 378 53.65 -21.76 -1.77
N TYR BA 379 54.82 -21.51 -1.20
CA TYR BA 379 55.27 -20.14 -0.98
C TYR BA 379 55.45 -19.39 -2.30
N GLN BA 380 56.10 -20.04 -3.27
CA GLN BA 380 56.36 -19.38 -4.55
C GLN BA 380 55.06 -19.00 -5.24
N ASP BA 381 54.06 -19.88 -5.19
CA ASP BA 381 52.77 -19.60 -5.82
C ASP BA 381 52.03 -18.49 -5.09
N ASN BA 382 51.95 -18.57 -3.77
CA ASN BA 382 51.08 -17.65 -3.05
C ASN BA 382 51.70 -16.27 -2.92
N PHE BA 383 53.00 -16.20 -2.68
CA PHE BA 383 53.65 -14.94 -2.36
C PHE BA 383 54.83 -14.61 -3.25
N GLY BA 384 55.52 -15.61 -3.77
CA GLY BA 384 56.60 -15.31 -4.69
C GLY BA 384 57.78 -14.70 -3.98
N ASP BA 385 58.15 -13.50 -4.42
CA ASP BA 385 59.39 -12.87 -4.01
C ASP BA 385 59.22 -11.45 -3.51
N ASP BA 386 58.04 -10.84 -3.67
CA ASP BA 386 57.87 -9.44 -3.33
C ASP BA 386 56.66 -9.14 -2.46
N THR BA 387 55.89 -10.15 -2.06
CA THR BA 387 54.73 -9.91 -1.20
C THR BA 387 54.99 -10.50 0.17
N VAL BA 388 54.54 -9.79 1.20
CA VAL BA 388 54.53 -10.34 2.56
C VAL BA 388 53.48 -11.43 2.64
N PRO BA 389 53.75 -12.56 3.29
CA PRO BA 389 52.73 -13.61 3.40
C PRO BA 389 51.52 -13.16 4.19
N TYR BA 390 50.40 -13.82 3.95
CA TYR BA 390 49.14 -13.49 4.59
C TYR BA 390 48.23 -14.71 4.55
N TYR BA 391 47.21 -14.70 5.39
CA TYR BA 391 46.24 -15.78 5.44
C TYR BA 391 45.21 -15.60 4.33
N ARG BA 392 44.57 -16.70 3.94
CA ARG BA 392 43.53 -16.68 2.92
C ARG BA 392 42.55 -17.79 3.25
N LEU BA 393 41.35 -17.41 3.70
CA LEU BA 393 40.35 -18.39 4.14
C LEU BA 393 39.47 -18.79 2.97
N GLN BA 394 40.11 -19.39 1.97
CA GLN BA 394 39.44 -19.85 0.78
C GLN BA 394 39.85 -21.29 0.50
N ALA BA 395 38.92 -22.08 -0.01
CA ALA BA 395 39.19 -23.49 -0.25
C ALA BA 395 40.26 -23.68 -1.32
N GLU BA 396 40.33 -22.80 -2.34
CA GLU BA 396 41.44 -22.83 -3.33
C GLU BA 396 42.81 -22.72 -2.68
N ARG BA 397 42.87 -22.09 -1.51
CA ARG BA 397 44.15 -21.94 -0.81
C ARG BA 397 44.72 -23.30 -0.39
N TYR BA 398 43.85 -24.28 -0.16
CA TYR BA 398 44.28 -25.51 0.47
C TYR BA 398 44.02 -26.76 -0.37
N VAL BA 399 43.13 -26.71 -1.35
CA VAL BA 399 42.67 -27.94 -1.99
C VAL BA 399 43.79 -28.61 -2.77
N GLY BA 400 44.50 -27.84 -3.60
CA GLY BA 400 45.57 -28.43 -4.38
C GLY BA 400 46.85 -28.61 -3.60
N THR BA 401 47.04 -27.81 -2.54
CA THR BA 401 48.35 -27.73 -1.90
C THR BA 401 48.45 -28.68 -0.71
N THR BA 402 47.32 -28.99 -0.08
CA THR BA 402 47.31 -29.66 1.21
C THR BA 402 46.61 -31.01 1.10
N ASP BA 403 47.11 -31.99 1.85
CA ASP BA 403 46.55 -33.33 1.79
C ASP BA 403 45.30 -33.49 2.66
N ALA BA 404 44.99 -32.48 3.47
CA ALA BA 404 43.75 -32.44 4.25
C ALA BA 404 43.12 -31.06 4.07
N PRO BA 405 42.55 -30.78 2.89
CA PRO BA 405 42.11 -29.40 2.61
C PRO BA 405 41.06 -28.85 3.56
N SER BA 406 40.03 -29.63 3.90
CA SER BA 406 39.02 -29.14 4.83
C SER BA 406 39.61 -28.94 6.22
N ARG BA 407 40.45 -29.88 6.66
CA ARG BA 407 41.14 -29.73 7.93
C ARG BA 407 42.06 -28.52 7.92
N ALA BA 408 42.75 -28.29 6.79
CA ALA BA 408 43.59 -27.11 6.66
C ALA BA 408 42.77 -25.84 6.80
N TYR BA 409 41.59 -25.81 6.17
CA TYR BA 409 40.73 -24.65 6.32
C TYR BA 409 40.29 -24.46 7.76
N VAL BA 410 39.89 -25.54 8.43
CA VAL BA 410 39.40 -25.42 9.80
C VAL BA 410 40.49 -24.87 10.71
N LEU BA 411 41.71 -25.42 10.59
CA LEU BA 411 42.80 -24.97 11.43
C LEU BA 411 43.20 -23.54 11.11
N ALA BA 412 43.25 -23.18 9.83
CA ALA BA 412 43.60 -21.81 9.46
C ALA BA 412 42.56 -20.81 9.96
N ARG BA 413 41.28 -21.17 9.85
CA ARG BA 413 40.23 -20.27 10.29
C ARG BA 413 40.22 -20.11 11.80
N SER BA 414 40.48 -21.21 12.53
CA SER BA 414 40.59 -21.09 13.98
C SER BA 414 41.78 -20.23 14.38
N ARG BA 415 42.91 -20.40 13.70
CA ARG BA 415 44.08 -19.59 14.02
C ARG BA 415 43.84 -18.11 13.74
N VAL BA 416 43.17 -17.80 12.63
CA VAL BA 416 42.86 -16.40 12.32
C VAL BA 416 41.83 -15.84 13.30
N GLN BA 417 40.87 -16.66 13.70
CA GLN BA 417 39.81 -16.23 14.62
C GLN BA 417 40.39 -15.67 15.92
N THR BA 418 41.50 -16.23 16.38
CA THR BA 418 42.15 -15.83 17.62
C THR BA 418 43.62 -15.50 17.34
N ALA BA 419 43.83 -14.66 16.33
CA ALA BA 419 45.18 -14.35 15.87
C ALA BA 419 46.04 -13.73 16.97
N LEU BA 420 45.41 -13.01 17.91
CA LEU BA 420 46.16 -12.39 18.98
C LEU BA 420 46.75 -13.42 19.93
N ASN BA 421 46.10 -14.57 20.07
CA ASN BA 421 46.52 -15.56 21.03
C ASN BA 421 47.62 -16.45 20.46
N LYS BA 422 48.48 -16.94 21.35
CA LYS BA 422 49.43 -18.01 21.05
C LYS BA 422 48.89 -19.27 21.70
N PRO BA 423 48.13 -20.10 20.99
CA PRO BA 423 47.41 -21.18 21.65
C PRO BA 423 48.34 -22.21 22.26
N THR BA 424 47.94 -22.73 23.42
CA THR BA 424 48.66 -23.78 24.10
C THR BA 424 47.96 -25.13 23.97
N VAL BA 425 46.89 -25.18 23.18
CA VAL BA 425 46.27 -26.47 22.87
C VAL BA 425 47.27 -27.35 22.12
N PRO BA 426 47.44 -28.60 22.53
CA PRO BA 426 48.49 -29.44 21.94
C PRO BA 426 48.37 -29.57 20.43
N SER BA 427 49.53 -29.58 19.77
CA SER BA 427 49.57 -29.52 18.31
C SER BA 427 49.00 -30.77 17.68
N TYR BA 428 49.23 -31.93 18.30
CA TYR BA 428 48.75 -33.18 17.73
C TYR BA 428 47.31 -33.47 18.11
N SER BA 429 46.75 -32.73 19.07
CA SER BA 429 45.33 -32.83 19.34
C SER BA 429 44.51 -32.13 18.25
N LEU BA 430 45.03 -31.03 17.73
CA LEU BA 430 44.40 -30.36 16.59
C LEU BA 430 44.42 -31.23 15.35
N VAL BA 431 45.52 -31.94 15.12
CA VAL BA 431 45.59 -32.90 14.03
C VAL BA 431 45.27 -34.30 14.54
N SER CA 2 20.27 -45.87 57.33
CA SER CA 2 20.41 -46.97 56.40
C SER CA 2 20.44 -46.49 54.96
N ALA CA 3 20.69 -47.41 54.03
CA ALA CA 3 20.57 -47.08 52.61
C ALA CA 3 19.13 -46.69 52.27
N ILE CA 4 18.17 -47.39 52.87
CA ILE CA 4 16.76 -47.06 52.68
C ILE CA 4 16.48 -45.66 53.17
N THR CA 5 17.03 -45.29 54.33
CA THR CA 5 16.81 -43.96 54.87
C THR CA 5 17.41 -42.88 53.97
N LYS CA 6 18.60 -43.13 53.41
CA LYS CA 6 19.18 -42.17 52.48
C LYS CA 6 18.31 -41.99 51.25
N ALA CA 7 17.83 -43.10 50.68
CA ALA CA 7 16.95 -42.99 49.53
C ALA CA 7 15.69 -42.22 49.86
N ILE CA 8 15.10 -42.49 51.02
CA ILE CA 8 13.85 -41.83 51.39
C ILE CA 8 14.07 -40.34 51.66
N LEU CA 9 15.20 -39.99 52.26
CA LEU CA 9 15.48 -38.57 52.49
C LEU CA 9 15.73 -37.85 51.16
N ASN CA 10 16.38 -38.52 50.21
CA ASN CA 10 16.51 -37.93 48.88
C ASN CA 10 15.16 -37.71 48.23
N ALA CA 11 14.26 -38.70 48.34
CA ALA CA 11 12.93 -38.54 47.76
C ALA CA 11 12.16 -37.39 48.43
N ASP CA 12 12.26 -37.29 49.76
CA ASP CA 12 11.51 -36.29 50.48
C ASP CA 12 12.08 -34.89 50.29
N ALA CA 13 13.39 -34.79 50.04
CA ALA CA 13 13.99 -33.49 49.77
C ALA CA 13 13.38 -32.86 48.52
N GLU CA 14 12.93 -33.68 47.59
CA GLU CA 14 12.28 -33.22 46.37
C GLU CA 14 10.78 -33.43 46.38
N ALA CA 15 10.20 -33.84 47.51
CA ALA CA 15 8.76 -34.00 47.66
C ALA CA 15 8.18 -34.89 46.56
N ARG CA 16 8.81 -36.05 46.36
CA ARG CA 16 8.39 -37.00 45.34
C ARG CA 16 8.49 -38.41 45.90
N TYR CA 17 7.97 -39.36 45.12
CA TYR CA 17 8.14 -40.77 45.39
C TYR CA 17 9.53 -41.22 45.00
N LEU CA 18 9.90 -42.42 45.43
CA LEU CA 18 11.21 -42.97 45.08
C LEU CA 18 11.33 -43.11 43.57
N SER CA 19 12.46 -42.65 43.04
CA SER CA 19 12.77 -42.72 41.63
C SER CA 19 13.28 -44.11 41.28
N PRO CA 20 13.37 -44.49 40.00
CA PRO CA 20 13.90 -45.81 39.67
C PRO CA 20 15.29 -46.08 40.23
N GLY CA 21 16.16 -45.07 40.24
CA GLY CA 21 17.49 -45.26 40.83
C GLY CA 21 17.43 -45.60 42.30
N GLU CA 22 16.54 -44.93 43.05
CA GLU CA 22 16.43 -45.19 44.47
C GLU CA 22 15.78 -46.55 44.75
N ILE CA 23 14.84 -46.96 43.89
CA ILE CA 23 14.28 -48.30 44.00
C ILE CA 23 15.36 -49.34 43.77
N ASP CA 24 16.22 -49.13 42.77
CA ASP CA 24 17.31 -50.06 42.51
C ASP CA 24 18.28 -50.08 43.69
N VAL CA 25 18.55 -48.93 44.28
CA VAL CA 25 19.41 -48.87 45.47
C VAL CA 25 18.84 -49.71 46.59
N VAL CA 26 17.55 -49.54 46.88
CA VAL CA 26 16.92 -50.26 47.96
C VAL CA 26 16.89 -51.75 47.66
N ARG CA 27 16.61 -52.12 46.41
CA ARG CA 27 16.57 -53.52 46.04
C ARG CA 27 17.94 -54.18 46.18
N GLY CA 28 19.00 -53.48 45.78
CA GLY CA 28 20.34 -54.02 45.96
C GLY CA 28 20.72 -54.16 47.42
N TYR CA 29 20.36 -53.18 48.24
CA TYR CA 29 20.60 -53.29 49.67
C TYR CA 29 19.87 -54.49 50.25
N LEU CA 30 18.61 -54.69 49.90
CA LEU CA 30 17.84 -55.80 50.45
C LEU CA 30 18.38 -57.14 49.96
N ALA CA 31 18.86 -57.19 48.72
CA ALA CA 31 19.49 -58.41 48.24
C ALA CA 31 20.77 -58.71 48.99
N SER CA 32 21.52 -57.66 49.39
CA SER CA 32 22.75 -57.86 50.13
C SER CA 32 22.53 -58.13 51.62
N GLY CA 33 21.28 -58.30 52.05
CA GLY CA 33 21.00 -58.40 53.46
C GLY CA 33 21.58 -59.64 54.11
N GLU CA 34 21.54 -60.77 53.40
CA GLU CA 34 22.06 -62.01 53.97
C GLU CA 34 23.56 -61.93 54.19
N ARG CA 35 24.30 -61.42 53.20
CA ARG CA 35 25.73 -61.23 53.34
C ARG CA 35 26.04 -60.25 54.46
N ARG CA 36 25.28 -59.17 54.55
CA ARG CA 36 25.52 -58.19 55.60
C ARG CA 36 25.30 -58.80 56.97
N VAL CA 37 24.22 -59.57 57.14
CA VAL CA 37 23.94 -60.22 58.40
C VAL CA 37 25.04 -61.21 58.75
N ARG CA 38 25.52 -61.96 57.76
CA ARG CA 38 26.60 -62.91 58.03
C ARG CA 38 27.85 -62.22 58.53
N VAL CA 39 28.28 -61.16 57.84
CA VAL CA 39 29.50 -60.46 58.25
C VAL CA 39 29.33 -59.85 59.63
N ALA CA 40 28.19 -59.20 59.88
CA ALA CA 40 27.95 -58.59 61.18
C ALA CA 40 27.90 -59.63 62.29
N ARG CA 41 27.30 -60.78 62.03
CA ARG CA 41 27.20 -61.82 63.05
C ARG CA 41 28.57 -62.40 63.38
N VAL CA 42 29.41 -62.61 62.36
CA VAL CA 42 30.76 -63.07 62.62
C VAL CA 42 31.53 -62.05 63.44
N LEU CA 43 31.39 -60.76 63.10
CA LEU CA 43 32.05 -59.72 63.88
C LEU CA 43 31.54 -59.67 65.32
N SER CA 44 30.23 -59.85 65.51
CA SER CA 44 29.63 -59.65 66.83
C SER CA 44 29.91 -60.82 67.75
N ASP CA 45 29.98 -62.04 67.19
CA ASP CA 45 30.24 -63.21 68.02
C ASP CA 45 31.69 -63.25 68.49
N ASN CA 46 32.61 -62.70 67.72
CA ASN CA 46 34.02 -62.71 68.04
C ASN CA 46 34.52 -61.36 68.53
N ALA CA 47 33.62 -60.54 69.07
CA ALA CA 47 33.96 -59.17 69.40
C ALA CA 47 35.02 -59.10 70.48
N LEU CA 48 34.89 -59.91 71.52
CA LEU CA 48 35.85 -59.86 72.62
C LEU CA 48 37.23 -60.32 72.16
N ARG CA 49 37.29 -61.36 71.34
CA ARG CA 49 38.55 -61.80 70.77
C ARG CA 49 39.20 -60.70 69.92
N ILE CA 50 38.41 -60.06 69.06
CA ILE CA 50 38.95 -59.01 68.20
C ILE CA 50 39.45 -57.84 69.02
N VAL CA 51 38.70 -57.44 70.03
CA VAL CA 51 39.09 -56.29 70.85
C VAL CA 51 40.32 -56.62 71.70
N ARG CA 52 40.39 -57.84 72.23
CA ARG CA 52 41.57 -58.25 72.98
C ARG CA 52 42.81 -58.29 72.10
N GLY CA 53 42.68 -58.82 70.89
CA GLY CA 53 43.80 -58.82 69.97
C GLY CA 53 44.23 -57.42 69.59
N ALA CA 54 43.27 -56.54 69.31
CA ALA CA 54 43.58 -55.17 68.98
C ALA CA 54 44.28 -54.47 70.13
N GLY CA 55 43.81 -54.70 71.36
CA GLY CA 55 44.45 -54.08 72.51
C GLY CA 55 45.88 -54.54 72.69
N ASP CA 56 46.12 -55.84 72.59
CA ASP CA 56 47.49 -56.34 72.72
C ASP CA 56 48.40 -55.79 71.63
N THR CA 57 47.94 -55.83 70.37
CA THR CA 57 48.77 -55.33 69.28
C THR CA 57 49.04 -53.84 69.42
N MET CA 58 48.02 -53.09 69.82
CA MET CA 58 48.16 -51.66 70.06
C MET CA 58 49.18 -51.37 71.13
N PHE CA 59 49.14 -52.09 72.24
CA PHE CA 59 50.07 -51.81 73.33
C PHE CA 59 51.47 -52.29 72.99
N GLN CA 60 51.57 -53.31 72.13
CA GLN CA 60 52.88 -53.67 71.57
C GLN CA 60 53.44 -52.52 70.75
N LYS CA 61 52.60 -51.88 69.93
CA LYS CA 61 53.11 -50.85 69.04
C LYS CA 61 53.36 -49.54 69.77
N ARG CA 62 52.59 -49.26 70.81
CA ARG CA 62 52.63 -47.98 71.51
C ARG CA 62 52.63 -48.24 73.01
N PRO CA 63 53.74 -48.74 73.56
CA PRO CA 63 53.75 -49.10 74.98
C PRO CA 63 53.76 -47.89 75.90
N ASP CA 64 53.89 -46.69 75.36
CA ASP CA 64 53.87 -45.48 76.18
C ASP CA 64 52.47 -45.17 76.66
N LEU CA 65 51.45 -45.66 75.96
CA LEU CA 65 50.06 -45.40 76.36
C LEU CA 65 49.76 -46.02 77.72
N VAL CA 66 50.26 -47.23 77.96
CA VAL CA 66 49.97 -47.92 79.21
C VAL CA 66 51.10 -47.79 80.22
N ALA CA 67 52.22 -47.20 79.84
CA ALA CA 67 53.27 -46.89 80.78
C ALA CA 67 52.84 -45.72 81.65
N PRO CA 68 53.45 -45.55 82.83
CA PRO CA 68 53.13 -44.37 83.65
C PRO CA 68 53.37 -43.09 82.87
N GLY CA 69 52.45 -42.15 83.03
CA GLY CA 69 52.41 -40.98 82.19
C GLY CA 69 51.60 -41.14 80.92
N GLY CA 70 51.13 -42.34 80.62
CA GLY CA 70 50.36 -42.57 79.42
C GLY CA 70 48.89 -42.26 79.62
N ASN CA 71 48.21 -42.02 78.50
CA ASN CA 71 46.80 -41.70 78.55
C ASN CA 71 45.97 -42.90 79.01
N ALA CA 72 46.48 -44.10 78.80
CA ALA CA 72 45.80 -45.33 79.17
C ALA CA 72 46.38 -45.98 80.40
N TYR CA 73 47.22 -45.28 81.15
CA TYR CA 73 47.92 -45.89 82.28
C TYR CA 73 46.95 -46.32 83.36
N GLY CA 74 47.20 -47.48 83.95
CA GLY CA 74 46.36 -48.02 84.98
C GLY CA 74 45.31 -48.98 84.44
N GLU CA 75 44.65 -49.68 85.36
CA GLU CA 75 43.65 -50.67 84.95
C GLU CA 75 42.38 -50.02 84.45
N VAL CA 76 41.94 -48.93 85.11
CA VAL CA 76 40.68 -48.31 84.74
C VAL CA 76 40.80 -47.61 83.38
N ARG CA 77 41.91 -46.91 83.16
CA ARG CA 77 42.09 -46.19 81.90
C ARG CA 77 42.34 -47.16 80.76
N THR CA 78 43.03 -48.28 81.03
CA THR CA 78 43.17 -49.30 80.00
C THR CA 78 41.82 -49.95 79.70
N ALA CA 79 40.97 -50.12 80.71
CA ALA CA 79 39.63 -50.62 80.45
C ALA CA 79 38.83 -49.63 79.61
N LYS CA 80 38.98 -48.33 79.84
CA LYS CA 80 38.31 -47.36 79.00
C LYS CA 80 38.83 -47.39 77.57
N CYS CA 81 40.13 -47.59 77.39
CA CYS CA 81 40.69 -47.76 76.06
C CYS CA 81 40.10 -48.97 75.33
N LEU CA 82 40.05 -50.11 76.02
CA LEU CA 82 39.50 -51.32 75.42
C LEU CA 82 38.00 -51.17 75.16
N ARG CA 83 37.31 -50.43 76.01
CA ARG CA 83 35.89 -50.14 75.78
C ARG CA 83 35.69 -49.23 74.58
N ASP CA 84 36.61 -48.30 74.34
CA ASP CA 84 36.55 -47.50 73.13
C ASP CA 84 36.73 -48.35 71.89
N LEU CA 85 37.68 -49.29 71.94
CA LEU CA 85 37.86 -50.18 70.80
C LEU CA 85 36.62 -51.03 70.55
N ASP CA 86 36.01 -51.52 71.63
CA ASP CA 86 34.78 -52.29 71.48
C ASP CA 86 33.66 -51.42 70.94
N TYR CA 87 33.60 -50.15 71.36
CA TYR CA 87 32.61 -49.23 70.83
C TYR CA 87 32.75 -49.09 69.33
N PHE CA 88 33.98 -48.89 68.84
CA PHE CA 88 34.18 -48.71 67.41
C PHE CA 88 33.92 -50.00 66.64
N LEU CA 89 34.21 -51.16 67.23
CA LEU CA 89 33.87 -52.40 66.57
C LEU CA 89 32.35 -52.59 66.46
N ARG CA 90 31.61 -52.25 67.53
CA ARG CA 90 30.16 -52.36 67.48
C ARG CA 90 29.57 -51.37 66.48
N LEU CA 91 30.18 -50.19 66.36
CA LEU CA 91 29.75 -49.26 65.33
C LEU CA 91 30.05 -49.79 63.93
N VAL CA 92 31.15 -50.52 63.76
CA VAL CA 92 31.42 -51.11 62.45
C VAL CA 92 30.39 -52.16 62.11
N THR CA 93 29.96 -52.93 63.10
CA THR CA 93 28.88 -53.88 62.87
C THR CA 93 27.59 -53.17 62.50
N TYR CA 94 27.30 -52.05 63.16
CA TYR CA 94 26.12 -51.26 62.81
C TYR CA 94 26.19 -50.77 61.38
N GLY CA 95 27.38 -50.31 60.96
CA GLY CA 95 27.54 -49.83 59.60
C GLY CA 95 27.42 -50.94 58.57
N VAL CA 96 27.92 -52.13 58.88
CA VAL CA 96 27.74 -53.26 57.98
C VAL CA 96 26.26 -53.61 57.85
N LEU CA 97 25.54 -53.62 58.97
CA LEU CA 97 24.12 -53.95 58.95
C LEU CA 97 23.30 -52.91 58.22
N ALA CA 98 23.60 -51.63 58.44
CA ALA CA 98 22.77 -50.56 57.90
C ALA CA 98 23.05 -50.32 56.43
N GLY CA 99 24.19 -50.79 55.94
CA GLY CA 99 24.58 -50.53 54.58
C GLY CA 99 25.09 -49.14 54.31
N ASP CA 100 25.29 -48.34 55.35
CA ASP CA 100 25.86 -47.01 55.23
C ASP CA 100 26.46 -46.63 56.57
N THR CA 101 27.04 -45.44 56.62
CA THR CA 101 27.80 -45.00 57.77
C THR CA 101 27.02 -44.06 58.68
N SER CA 102 25.71 -43.97 58.51
CA SER CA 102 24.90 -43.12 59.38
C SER CA 102 25.02 -43.48 60.85
N PRO CA 103 24.90 -44.76 61.26
CA PRO CA 103 25.07 -45.05 62.70
C PRO CA 103 26.44 -44.69 63.24
N ILE CA 104 27.49 -44.87 62.44
CA ILE CA 104 28.83 -44.59 62.91
C ILE CA 104 29.02 -43.10 63.14
N ASP CA 105 28.46 -42.27 62.26
CA ASP CA 105 28.55 -40.83 62.46
C ASP CA 105 27.69 -40.38 63.63
N GLU CA 106 26.49 -40.92 63.75
CA GLU CA 106 25.57 -40.45 64.78
C GLU CA 106 26.04 -40.85 66.17
N ILE CA 107 26.49 -42.10 66.33
CA ILE CA 107 26.75 -42.61 67.68
C ILE CA 107 28.19 -42.34 68.09
N GLY CA 108 29.14 -42.42 67.16
CA GLY CA 108 30.52 -42.43 67.55
C GLY CA 108 31.48 -41.41 66.97
N LEU CA 109 31.21 -40.89 65.78
CA LEU CA 109 32.20 -40.07 65.10
C LEU CA 109 31.98 -38.57 65.25
N ILE CA 110 30.73 -38.11 65.23
CA ILE CA 110 30.47 -36.70 65.43
C ILE CA 110 30.88 -36.31 66.85
N GLY CA 111 31.86 -35.43 66.96
CA GLY CA 111 32.36 -35.01 68.25
C GLY CA 111 33.50 -35.82 68.81
N ILE CA 112 33.90 -36.92 68.15
CA ILE CA 112 34.93 -37.78 68.72
C ILE CA 112 36.28 -37.07 68.69
N LYS CA 113 36.50 -36.25 67.67
CA LYS CA 113 37.81 -35.68 67.46
C LYS CA 113 38.12 -34.63 68.52
N GLU CA 114 37.17 -33.72 68.76
CA GLU CA 114 37.32 -32.74 69.83
C GLU CA 114 37.35 -33.43 71.19
N THR CA 115 36.56 -34.49 71.36
CA THR CA 115 36.55 -35.23 72.61
C THR CA 115 37.94 -35.77 72.94
N TYR CA 116 38.55 -36.44 71.98
CA TYR CA 116 39.87 -37.01 72.20
C TYR CA 116 40.92 -35.93 72.38
N SER CA 117 40.78 -34.80 71.67
CA SER CA 117 41.74 -33.73 71.86
C SER CA 117 41.63 -33.11 73.26
N LEU CA 118 40.43 -33.05 73.82
CA LEU CA 118 40.30 -32.51 75.17
C LEU CA 118 40.74 -33.52 76.22
N LEU CA 119 40.64 -34.81 75.91
CA LEU CA 119 41.07 -35.83 76.84
C LEU CA 119 42.54 -36.18 76.68
N GLU CA 120 43.25 -35.53 75.76
CA GLU CA 120 44.63 -35.87 75.42
C GLU CA 120 44.76 -37.32 74.97
N VAL CA 121 43.69 -37.88 74.42
CA VAL CA 121 43.75 -39.22 73.85
C VAL CA 121 44.48 -39.15 72.51
N PRO CA 122 45.57 -39.92 72.33
CA PRO CA 122 46.32 -39.86 71.07
C PRO CA 122 45.55 -40.53 69.94
N VAL CA 123 45.10 -39.72 68.97
CA VAL CA 123 44.38 -40.28 67.82
C VAL CA 123 45.21 -41.30 67.06
N PRO CA 124 46.52 -41.12 66.84
CA PRO CA 124 47.28 -42.20 66.19
C PRO CA 124 47.20 -43.52 66.91
N GLY CA 125 47.20 -43.53 68.24
CA GLY CA 125 47.01 -44.78 68.96
C GLY CA 125 45.68 -45.42 68.67
N VAL CA 126 44.61 -44.62 68.65
CA VAL CA 126 43.29 -45.16 68.32
C VAL CA 126 43.30 -45.74 66.91
N ILE CA 127 43.97 -45.06 65.98
CA ILE CA 127 44.02 -45.55 64.61
C ILE CA 127 44.75 -46.88 64.54
N ASP CA 128 45.85 -47.00 65.28
CA ASP CA 128 46.56 -48.27 65.32
C ASP CA 128 45.68 -49.37 65.90
N GLY CA 129 44.92 -49.06 66.94
CA GLY CA 129 44.01 -50.04 67.50
C GLY CA 129 42.91 -50.47 66.54
N ILE CA 130 42.37 -49.52 65.78
CA ILE CA 130 41.34 -49.85 64.81
C ILE CA 130 41.92 -50.65 63.65
N LYS CA 131 43.15 -50.35 63.24
CA LYS CA 131 43.81 -51.18 62.24
C LYS CA 131 44.04 -52.59 62.75
N ALA CA 132 44.42 -52.72 64.02
CA ALA CA 132 44.59 -54.04 64.61
C ALA CA 132 43.26 -54.78 64.64
N ALA CA 133 42.18 -54.08 64.98
CA ALA CA 133 40.85 -54.70 64.95
C ALA CA 133 40.47 -55.14 63.55
N LYS CA 134 40.81 -54.33 62.55
CA LYS CA 134 40.57 -54.72 61.16
C LYS CA 134 41.34 -55.98 60.80
N GLN CA 135 42.59 -56.09 61.24
CA GLN CA 135 43.36 -57.30 61.00
C GLN CA 135 42.73 -58.51 61.69
N GLN CA 136 42.30 -58.34 62.94
CA GLN CA 136 41.64 -59.42 63.66
C GLN CA 136 40.37 -59.85 62.97
N ALA CA 137 39.58 -58.89 62.47
CA ALA CA 137 38.35 -59.21 61.77
C ALA CA 137 38.64 -59.93 60.46
N ALA CA 138 39.66 -59.48 59.73
CA ALA CA 138 40.02 -60.13 58.47
C ALA CA 138 40.49 -61.56 58.70
N ALA CA 139 41.15 -61.81 59.83
CA ALA CA 139 41.57 -63.17 60.14
C ALA CA 139 40.37 -64.11 60.26
N LEU CA 140 39.23 -63.59 60.65
CA LEU CA 140 38.03 -64.38 60.91
C LEU CA 140 37.04 -64.38 59.76
N LEU CA 141 37.34 -63.69 58.67
CA LEU CA 141 36.40 -63.50 57.58
C LEU CA 141 37.03 -63.91 56.26
N SER CA 142 36.18 -64.34 55.34
CA SER CA 142 36.66 -64.58 53.99
C SER CA 142 36.99 -63.26 53.31
N SER CA 143 37.73 -63.34 52.20
CA SER CA 143 38.21 -62.13 51.54
C SER CA 143 37.07 -61.24 51.09
N GLU CA 144 36.01 -61.84 50.55
CA GLU CA 144 34.85 -61.06 50.12
C GLU CA 144 34.20 -60.34 51.30
N ASP CA 145 34.03 -61.04 52.42
CA ASP CA 145 33.47 -60.40 53.61
C ASP CA 145 34.47 -59.45 54.25
N ALA CA 146 35.76 -59.80 54.19
CA ALA CA 146 36.78 -58.96 54.78
C ALA CA 146 36.83 -57.59 54.12
N ALA CA 147 36.73 -57.55 52.79
CA ALA CA 147 36.73 -56.27 52.10
C ALA CA 147 35.51 -55.43 52.49
N GLU CA 148 34.35 -56.07 52.60
CA GLU CA 148 33.14 -55.37 52.99
C GLU CA 148 33.29 -54.74 54.38
N ALA CA 149 33.78 -55.52 55.34
CA ALA CA 149 33.97 -54.97 56.68
C ALA CA 149 35.10 -53.94 56.70
N SER CA 150 36.10 -54.13 55.84
CA SER CA 150 37.22 -53.21 55.77
C SER CA 150 36.80 -51.85 55.26
N PHE CA 151 35.76 -51.81 54.43
CA PHE CA 151 35.21 -50.50 54.03
C PHE CA 151 34.85 -49.67 55.24
N TYR CA 152 34.16 -50.26 56.22
CA TYR CA 152 33.71 -49.50 57.38
C TYR CA 152 34.84 -49.29 58.37
N PHE CA 153 35.76 -50.25 58.49
CA PHE CA 153 36.94 -50.00 59.30
C PHE CA 153 37.74 -48.82 58.77
N ASP CA 154 37.94 -48.76 57.45
CA ASP CA 154 38.68 -47.66 56.84
C ASP CA 154 37.91 -46.36 56.93
N TYR CA 155 36.58 -46.43 56.88
CA TYR CA 155 35.80 -45.21 57.09
C TYR CA 155 36.04 -44.65 58.48
N VAL CA 156 36.04 -45.51 59.50
CA VAL CA 156 36.32 -45.04 60.85
C VAL CA 156 37.74 -44.49 60.95
N ILE CA 157 38.69 -45.17 60.33
CA ILE CA 157 40.09 -44.72 60.40
C ILE CA 157 40.25 -43.35 59.74
N SER CA 158 39.66 -43.17 58.56
CA SER CA 158 39.81 -41.91 57.84
C SER CA 158 39.05 -40.80 58.53
N ALA CA 159 37.97 -41.15 59.23
CA ALA CA 159 37.32 -40.17 60.10
C ALA CA 159 38.26 -39.73 61.22
N MET CA 160 39.01 -40.69 61.80
CA MET CA 160 40.00 -40.34 62.81
C MET CA 160 41.09 -39.44 62.23
N SER CA 161 41.60 -39.78 61.06
CA SER CA 161 42.73 -39.05 60.49
C SER CA 161 42.27 -37.78 59.80
N SER DA 2 23.00 -39.21 36.10
CA SER DA 2 22.94 -40.66 36.23
C SER DA 2 23.19 -41.08 37.68
N VAL DA 3 23.36 -42.39 37.89
CA VAL DA 3 23.61 -42.90 39.24
C VAL DA 3 24.92 -42.36 39.80
N VAL DA 4 25.97 -42.39 38.99
CA VAL DA 4 27.27 -41.88 39.40
C VAL DA 4 27.18 -40.38 39.67
N THR DA 5 26.48 -39.65 38.80
CA THR DA 5 26.34 -38.22 38.99
C THR DA 5 25.62 -37.89 40.29
N LYS DA 6 24.55 -38.63 40.60
CA LYS DA 6 23.84 -38.40 41.86
C LYS DA 6 24.73 -38.71 43.06
N ALA DA 7 25.50 -39.80 42.99
CA ALA DA 7 26.40 -40.11 44.09
C ALA DA 7 27.44 -39.02 44.29
N ILE DA 8 28.07 -38.57 43.21
CA ILE DA 8 29.10 -37.55 43.33
C ILE DA 8 28.49 -36.24 43.83
N VAL DA 9 27.31 -35.88 43.35
CA VAL DA 9 26.68 -34.63 43.76
C VAL DA 9 26.32 -34.70 45.24
N SER DA 10 25.81 -35.83 45.71
CA SER DA 10 25.51 -35.98 47.13
C SER DA 10 26.77 -35.88 47.97
N ALA DA 11 27.86 -36.51 47.54
CA ALA DA 11 29.10 -36.44 48.30
C ALA DA 11 29.67 -35.02 48.30
N ASP DA 12 29.54 -34.33 47.17
CA ASP DA 12 30.08 -32.97 47.06
C ASP DA 12 29.28 -31.98 47.88
N ALA DA 13 27.96 -32.18 47.97
CA ALA DA 13 27.14 -31.29 48.80
C ALA DA 13 27.52 -31.41 50.27
N GLU DA 14 28.08 -32.55 50.67
CA GLU DA 14 28.58 -32.75 52.02
C GLU DA 14 30.09 -32.48 52.10
N ALA DA 15 30.73 -32.21 50.96
CA ALA DA 15 32.15 -31.89 50.89
C ALA DA 15 33.00 -33.02 51.48
N ARG DA 16 32.82 -34.23 50.94
CA ARG DA 16 33.53 -35.41 51.44
C ARG DA 16 33.73 -36.39 50.30
N TYR DA 17 34.56 -37.40 50.56
CA TYR DA 17 34.67 -38.52 49.65
C TYR DA 17 33.41 -39.38 49.74
N LEU DA 18 33.21 -40.22 48.74
CA LEU DA 18 32.05 -41.10 48.76
C LEU DA 18 32.18 -42.11 49.90
N SER DA 19 31.08 -42.30 50.62
CA SER DA 19 31.00 -43.27 51.69
C SER DA 19 30.86 -44.66 51.11
N PRO DA 20 31.04 -45.70 51.93
CA PRO DA 20 30.86 -47.07 51.41
C PRO DA 20 29.51 -47.31 50.77
N GLY DA 21 28.44 -46.70 51.28
CA GLY DA 21 27.13 -46.90 50.67
C GLY DA 21 27.03 -46.28 49.29
N GLU DA 22 27.63 -45.11 49.10
CA GLU DA 22 27.62 -44.46 47.80
C GLU DA 22 28.41 -45.28 46.78
N LEU DA 23 29.57 -45.79 47.19
CA LEU DA 23 30.33 -46.69 46.32
C LEU DA 23 29.58 -47.98 46.07
N ASP DA 24 28.75 -48.41 47.02
CA ASP DA 24 27.91 -49.58 46.81
C ASP DA 24 26.87 -49.31 45.74
N ARG DA 25 26.26 -48.12 45.75
CA ARG DA 25 25.37 -47.74 44.67
C ARG DA 25 26.08 -47.78 43.33
N ILE DA 26 27.31 -47.26 43.27
CA ILE DA 26 28.01 -47.25 41.99
C ILE DA 26 28.37 -48.66 41.54
N ARG DA 27 28.79 -49.52 42.47
CA ARG DA 27 29.10 -50.89 42.11
C ARG DA 27 27.87 -51.62 41.59
N GLY DA 28 26.73 -51.45 42.26
CA GLY DA 28 25.50 -52.03 41.76
C GLY DA 28 25.13 -51.52 40.38
N PHE DA 29 25.32 -50.22 40.14
CA PHE DA 29 25.02 -49.67 38.83
C PHE DA 29 25.93 -50.22 37.75
N VAL DA 30 27.23 -50.35 38.01
CA VAL DA 30 28.15 -50.75 36.96
C VAL DA 30 28.03 -52.25 36.68
N SER DA 31 27.66 -53.02 37.70
CA SER DA 31 27.47 -54.45 37.49
C SER DA 31 26.32 -54.71 36.52
N SER DA 32 25.23 -53.96 36.66
CA SER DA 32 24.06 -54.15 35.81
C SER DA 32 24.16 -53.42 34.48
N GLY DA 33 25.35 -53.00 34.06
CA GLY DA 33 25.46 -52.19 32.86
C GLY DA 33 25.05 -52.92 31.60
N GLU DA 34 25.49 -54.18 31.46
CA GLU DA 34 25.19 -54.93 30.24
C GLU DA 34 23.70 -55.20 30.10
N ARG DA 35 23.03 -55.47 31.21
CA ARG DA 35 21.59 -55.71 31.16
C ARG DA 35 20.85 -54.46 30.68
N ARG DA 36 21.19 -53.30 31.24
CA ARG DA 36 20.57 -52.05 30.80
C ARG DA 36 20.87 -51.77 29.34
N LEU DA 37 22.11 -52.03 28.91
CA LEU DA 37 22.46 -51.77 27.53
C LEU DA 37 21.69 -52.67 26.57
N ARG DA 38 21.46 -53.92 26.97
CA ARG DA 38 20.70 -54.80 26.11
C ARG DA 38 19.23 -54.40 26.07
N VAL DA 39 18.68 -53.95 27.19
CA VAL DA 39 17.31 -53.45 27.19
C VAL DA 39 17.18 -52.24 26.26
N ALA DA 40 18.13 -51.32 26.36
CA ALA DA 40 18.09 -50.12 25.52
C ALA DA 40 18.24 -50.47 24.05
N GLN DA 41 19.12 -51.43 23.72
CA GLN DA 41 19.25 -51.87 22.33
C GLN DA 41 17.95 -52.49 21.85
N THR DA 42 17.29 -53.28 22.71
CA THR DA 42 16.01 -53.89 22.32
C THR DA 42 14.98 -52.82 22.01
N LEU DA 43 14.91 -51.78 22.83
CA LEU DA 43 13.92 -50.74 22.59
C LEU DA 43 14.27 -49.88 21.38
N THR DA 44 15.56 -49.65 21.15
CA THR DA 44 15.98 -48.83 20.01
C THR DA 44 15.79 -49.58 18.69
N GLU DA 45 15.92 -50.91 18.70
CA GLU DA 45 15.68 -51.65 17.47
C GLU DA 45 14.20 -51.58 17.08
N SER DA 46 13.32 -51.57 18.07
CA SER DA 46 11.88 -51.57 17.85
C SER DA 46 11.25 -50.18 17.93
N ARG DA 47 12.02 -49.13 17.60
CA ARG DA 47 11.50 -47.76 17.66
C ARG DA 47 10.17 -47.63 16.93
N GLU DA 48 10.21 -47.78 15.60
CA GLU DA 48 9.09 -47.39 14.76
C GLU DA 48 7.86 -48.24 15.05
N ARG DA 49 8.07 -49.52 15.30
CA ARG DA 49 6.95 -50.40 15.60
C ARG DA 49 6.33 -50.06 16.95
N ILE DA 50 7.16 -49.72 17.94
CA ILE DA 50 6.63 -49.24 19.22
C ILE DA 50 5.80 -47.98 19.02
N ILE DA 51 6.33 -47.00 18.28
CA ILE DA 51 5.63 -45.73 18.14
C ILE DA 51 4.34 -45.91 17.35
N LYS DA 52 4.38 -46.72 16.29
CA LYS DA 52 3.17 -47.02 15.54
C LYS DA 52 2.11 -47.67 16.42
N GLN DA 53 2.47 -48.69 17.21
CA GLN DA 53 1.45 -49.35 18.01
C GLN DA 53 0.96 -48.46 19.15
N ALA DA 54 1.86 -47.69 19.77
CA ALA DA 54 1.41 -46.80 20.84
C ALA DA 54 0.49 -45.73 20.31
N GLY DA 55 0.81 -45.15 19.16
CA GLY DA 55 -0.09 -44.20 18.54
C GLY DA 55 -1.43 -44.82 18.19
N ASP DA 56 -1.41 -46.06 17.70
CA ASP DA 56 -2.65 -46.73 17.37
C ASP DA 56 -3.52 -46.91 18.61
N GLN DA 57 -2.96 -47.40 19.72
CA GLN DA 57 -3.77 -47.56 20.93
C GLN DA 57 -4.22 -46.23 21.50
N LEU DA 58 -3.37 -45.21 21.46
CA LEU DA 58 -3.77 -43.90 21.95
C LEU DA 58 -4.94 -43.35 21.16
N PHE DA 59 -4.84 -43.35 19.84
CA PHE DA 59 -5.90 -42.79 19.01
C PHE DA 59 -7.14 -43.70 19.01
N GLN DA 60 -6.96 -44.97 19.38
CA GLN DA 60 -8.10 -45.86 19.54
C GLN DA 60 -8.84 -45.57 20.84
N LYS DA 61 -8.11 -45.23 21.91
CA LYS DA 61 -8.74 -45.04 23.20
C LYS DA 61 -9.13 -43.58 23.42
N ARG DA 62 -8.53 -42.67 22.67
CA ARG DA 62 -8.90 -41.25 22.69
C ARG DA 62 -9.11 -40.80 21.26
N PRO DA 63 -10.19 -41.26 20.62
CA PRO DA 63 -10.43 -40.85 19.22
C PRO DA 63 -10.70 -39.37 19.07
N ASP DA 64 -11.09 -38.69 20.14
CA ASP DA 64 -11.36 -37.26 20.07
C ASP DA 64 -10.11 -36.45 19.76
N LEU DA 65 -8.92 -37.01 20.01
CA LEU DA 65 -7.69 -36.30 19.71
C LEU DA 65 -7.49 -36.12 18.20
N VAL DA 66 -7.84 -37.14 17.42
CA VAL DA 66 -7.72 -37.09 15.97
C VAL DA 66 -9.04 -36.83 15.29
N SER DA 67 -10.12 -36.71 16.06
CA SER DA 67 -11.43 -36.29 15.56
C SER DA 67 -11.37 -34.79 15.25
N PRO DA 68 -12.26 -34.29 14.38
CA PRO DA 68 -12.28 -32.85 14.11
C PRO DA 68 -12.47 -32.04 15.38
N GLY DA 69 -11.67 -30.99 15.51
CA GLY DA 69 -11.62 -30.21 16.73
C GLY DA 69 -10.62 -30.69 17.75
N GLY DA 70 -10.02 -31.87 17.54
CA GLY DA 70 -9.01 -32.36 18.46
C GLY DA 70 -7.68 -31.68 18.25
N ASN DA 71 -6.83 -31.80 19.27
CA ASN DA 71 -5.49 -31.22 19.20
C ASN DA 71 -4.65 -31.88 18.11
N ALA DA 72 -4.85 -33.17 17.89
CA ALA DA 72 -4.05 -33.93 16.94
C ALA DA 72 -4.75 -34.18 15.62
N TYR DA 73 -5.86 -33.49 15.36
CA TYR DA 73 -6.54 -33.66 14.08
C TYR DA 73 -5.69 -33.11 12.94
N GLY DA 74 -5.74 -33.79 11.81
CA GLY DA 74 -4.87 -33.49 10.69
C GLY DA 74 -3.66 -34.39 10.65
N ALA DA 75 -3.12 -34.57 9.45
CA ALA DA 75 -1.93 -35.41 9.30
C ALA DA 75 -0.71 -34.76 9.94
N GLU DA 76 -0.59 -33.45 9.83
CA GLU DA 76 0.57 -32.77 10.40
C GLU DA 76 0.55 -32.84 11.93
N ARG DA 77 -0.62 -32.66 12.53
CA ARG DA 77 -0.70 -32.68 13.98
C ARG DA 77 -0.58 -34.09 14.52
N THR DA 78 -1.13 -35.08 13.81
CA THR DA 78 -0.92 -36.47 14.19
C THR DA 78 0.56 -36.85 14.09
N ALA DA 79 1.24 -36.36 13.05
CA ALA DA 79 2.67 -36.63 12.92
C ALA DA 79 3.46 -35.98 14.04
N SER DA 80 3.08 -34.75 14.44
CA SER DA 80 3.72 -34.11 15.58
C SER DA 80 3.50 -34.89 16.86
N CYS DA 81 2.29 -35.42 17.05
CA CYS DA 81 2.00 -36.27 18.19
C CYS DA 81 2.91 -37.51 18.22
N LEU DA 82 2.99 -38.24 17.11
CA LEU DA 82 3.84 -39.41 17.04
C LEU DA 82 5.30 -39.05 17.22
N ARG DA 83 5.70 -37.88 16.72
CA ARG DA 83 7.03 -37.36 16.94
C ARG DA 83 7.33 -37.14 18.42
N ASP DA 84 6.38 -36.59 19.18
CA ASP DA 84 6.58 -36.42 20.61
C ASP DA 84 6.69 -37.76 21.32
N LEU DA 85 5.88 -38.73 20.90
CA LEU DA 85 6.02 -40.07 21.46
C LEU DA 85 7.41 -40.63 21.18
N ASP DA 86 7.93 -40.42 19.98
CA ASP DA 86 9.27 -40.90 19.65
C ASP DA 86 10.34 -40.18 20.47
N TYR DA 87 10.19 -38.87 20.68
CA TYR DA 87 11.08 -38.15 21.58
C TYR DA 87 11.13 -38.80 22.95
N TYR DA 88 9.97 -39.08 23.51
CA TYR DA 88 9.93 -39.59 24.88
C TYR DA 88 10.42 -41.02 24.95
N LEU DA 89 10.24 -41.79 23.87
CA LEU DA 89 10.82 -43.13 23.82
C LEU DA 89 12.34 -43.07 23.82
N ARG DA 90 12.90 -42.16 23.04
CA ARG DA 90 14.35 -41.99 23.03
C ARG DA 90 14.86 -41.52 24.39
N LEU DA 91 14.08 -40.65 25.04
CA LEU DA 91 14.45 -40.19 26.37
C LEU DA 91 14.44 -41.35 27.37
N VAL DA 92 13.46 -42.25 27.24
CA VAL DA 92 13.40 -43.41 28.12
C VAL DA 92 14.60 -44.33 27.90
N THR DA 93 15.05 -44.50 26.66
CA THR DA 93 16.26 -45.28 26.43
C THR DA 93 17.48 -44.61 27.07
N PHE DA 94 17.58 -43.29 26.92
CA PHE DA 94 18.66 -42.54 27.57
C PHE DA 94 18.63 -42.74 29.09
N GLY DA 95 17.45 -42.67 29.68
CA GLY DA 95 17.33 -42.86 31.12
C GLY DA 95 17.67 -44.26 31.55
N ILE DA 96 17.30 -45.24 30.73
CA ILE DA 96 17.62 -46.63 31.05
C ILE DA 96 19.12 -46.84 31.10
N VAL DA 97 19.85 -46.31 30.12
CA VAL DA 97 21.30 -46.49 30.17
C VAL DA 97 21.90 -45.70 31.32
N ALA DA 98 21.31 -44.55 31.65
CA ALA DA 98 21.86 -43.74 32.75
C ALA DA 98 21.55 -44.33 34.12
N GLY DA 99 20.62 -45.27 34.19
CA GLY DA 99 20.25 -45.85 35.46
C GLY DA 99 19.33 -44.98 36.30
N ASP DA 100 19.03 -43.77 35.85
CA ASP DA 100 18.13 -42.88 36.56
C ASP DA 100 17.41 -42.02 35.54
N VAL DA 101 16.36 -41.33 36.01
CA VAL DA 101 15.51 -40.54 35.13
C VAL DA 101 16.03 -39.14 34.89
N THR DA 102 17.27 -38.85 35.27
CA THR DA 102 17.82 -37.51 35.09
C THR DA 102 17.81 -37.03 33.64
N PRO DA 103 18.24 -37.82 32.64
CA PRO DA 103 18.12 -37.32 31.26
C PRO DA 103 16.68 -37.04 30.85
N ILE DA 104 15.75 -37.89 31.25
CA ILE DA 104 14.34 -37.63 30.96
C ILE DA 104 13.91 -36.32 31.59
N GLU DA 105 14.30 -36.10 32.84
CA GLU DA 105 13.89 -34.92 33.57
C GLU DA 105 14.46 -33.66 32.93
N GLU DA 106 15.73 -33.69 32.53
CA GLU DA 106 16.38 -32.49 32.01
C GLU DA 106 15.95 -32.19 30.58
N ILE DA 107 15.69 -33.21 29.78
CA ILE DA 107 15.38 -32.95 28.37
C ILE DA 107 13.89 -32.83 28.10
N GLY DA 108 13.04 -33.56 28.82
CA GLY DA 108 11.63 -33.56 28.47
C GLY DA 108 10.64 -33.39 29.59
N VAL DA 109 11.07 -32.89 30.74
CA VAL DA 109 10.16 -32.74 31.87
C VAL DA 109 10.14 -31.31 32.40
N ILE DA 110 11.30 -30.68 32.53
CA ILE DA 110 11.34 -29.29 32.99
C ILE DA 110 10.66 -28.41 31.95
N GLY DA 111 9.65 -27.66 32.39
CA GLY DA 111 8.94 -26.79 31.49
C GLY DA 111 7.97 -27.48 30.55
N VAL DA 112 7.68 -28.76 30.76
CA VAL DA 112 6.83 -29.48 29.83
C VAL DA 112 5.39 -28.97 29.89
N LYS DA 113 4.92 -28.61 31.09
CA LYS DA 113 3.54 -28.16 31.22
C LYS DA 113 3.33 -26.80 30.57
N GLU DA 114 4.27 -25.88 30.75
CA GLU DA 114 4.21 -24.61 30.02
C GLU DA 114 4.26 -24.84 28.52
N MET DA 115 5.11 -25.75 28.06
CA MET DA 115 5.20 -26.04 26.63
C MET DA 115 3.87 -26.54 26.07
N TYR DA 116 3.26 -27.52 26.72
CA TYR DA 116 2.04 -28.07 26.18
C TYR DA 116 0.86 -27.13 26.38
N ARG DA 117 0.90 -26.28 27.41
CA ARG DA 117 -0.13 -25.26 27.53
C ARG DA 117 -0.03 -24.26 26.40
N ASN DA 118 1.19 -23.91 25.99
CA ASN DA 118 1.35 -23.06 24.82
C ASN DA 118 0.89 -23.77 23.55
N LEU DA 119 0.98 -25.09 23.53
CA LEU DA 119 0.59 -25.83 22.33
C LEU DA 119 -0.85 -26.33 22.36
N GLU DA 120 -1.62 -26.00 23.39
CA GLU DA 120 -3.00 -26.46 23.58
C GLU DA 120 -3.08 -27.97 23.71
N VAL DA 121 -1.98 -28.63 24.05
CA VAL DA 121 -1.93 -30.08 24.16
C VAL DA 121 -2.52 -30.47 25.51
N PRO DA 122 -3.53 -31.34 25.55
CA PRO DA 122 -4.11 -31.73 26.84
C PRO DA 122 -3.20 -32.71 27.57
N LEU DA 123 -2.88 -32.37 28.82
CA LEU DA 123 -1.99 -33.22 29.62
C LEU DA 123 -2.54 -34.62 29.88
N PRO DA 124 -3.83 -34.83 30.18
CA PRO DA 124 -4.31 -36.21 30.32
C PRO DA 124 -4.10 -37.05 29.07
N GLY DA 125 -4.17 -36.45 27.89
CA GLY DA 125 -3.85 -37.17 26.67
C GLY DA 125 -2.38 -37.56 26.62
N MET DA 126 -1.50 -36.70 27.12
CA MET DA 126 -0.09 -37.05 27.24
C MET DA 126 0.09 -38.23 28.19
N VAL DA 127 -0.63 -38.22 29.31
CA VAL DA 127 -0.55 -39.31 30.27
C VAL DA 127 -1.02 -40.62 29.63
N GLU DA 128 -2.11 -40.57 28.87
CA GLU DA 128 -2.63 -41.77 28.22
C GLU DA 128 -1.68 -42.27 27.13
N ALA DA 129 -1.07 -41.35 26.39
CA ALA DA 129 -0.06 -41.73 25.40
C ALA DA 129 1.13 -42.41 26.06
N VAL DA 130 1.59 -41.88 27.19
CA VAL DA 130 2.72 -42.49 27.88
C VAL DA 130 2.34 -43.88 28.40
N LYS DA 131 1.12 -44.04 28.90
CA LYS DA 131 0.70 -45.35 29.34
C LYS DA 131 0.62 -46.34 28.18
N ALA DA 132 0.13 -45.90 27.04
CA ALA DA 132 0.09 -46.76 25.85
C ALA DA 132 1.48 -47.16 25.40
N MET DA 133 2.40 -46.20 25.38
CA MET DA 133 3.77 -46.48 24.97
C MET DA 133 4.44 -47.43 25.95
N LYS DA 134 4.15 -47.27 27.24
CA LYS DA 134 4.66 -48.19 28.25
C LYS DA 134 4.14 -49.60 28.02
N SER DA 135 2.85 -49.75 27.73
CA SER DA 135 2.30 -51.06 27.46
C SER DA 135 3.02 -51.72 26.30
N VAL DA 136 3.16 -50.99 25.19
CA VAL DA 136 3.81 -51.56 24.01
C VAL DA 136 5.27 -51.91 24.30
N ALA DA 137 5.98 -51.02 25.00
CA ALA DA 137 7.41 -51.24 25.23
C ALA DA 137 7.66 -52.38 26.20
N THR DA 138 6.88 -52.44 27.29
CA THR DA 138 7.05 -53.53 28.25
C THR DA 138 6.61 -54.86 27.67
N GLY DA 139 5.65 -54.87 26.75
CA GLY DA 139 5.24 -56.12 26.13
C GLY DA 139 6.35 -56.74 25.30
N LEU DA 140 7.35 -55.96 24.94
CA LEU DA 140 8.45 -56.48 24.13
C LEU DA 140 9.59 -57.00 24.99
N LEU DA 141 9.48 -56.85 26.31
CA LEU DA 141 10.59 -57.17 27.19
C LEU DA 141 10.25 -58.37 28.08
N SER DA 142 11.29 -58.91 28.70
CA SER DA 142 11.12 -60.04 29.60
C SER DA 142 10.44 -59.59 30.89
N GLY DA 143 10.15 -60.56 31.74
CA GLY DA 143 9.51 -60.24 33.01
C GLY DA 143 10.35 -59.35 33.89
N ASP DA 144 11.65 -59.62 33.97
CA ASP DA 144 12.50 -58.80 34.82
C ASP DA 144 12.67 -57.40 34.22
N ASP DA 145 12.98 -57.30 32.93
CA ASP DA 145 13.29 -56.01 32.32
C ASP DA 145 12.07 -55.09 32.27
N SER DA 146 10.89 -55.68 32.10
CA SER DA 146 9.67 -54.88 32.01
C SER DA 146 9.45 -54.08 33.27
N ALA DA 147 9.83 -54.62 34.43
CA ALA DA 147 9.62 -53.89 35.67
C ALA DA 147 10.42 -52.59 35.71
N GLU DA 148 11.72 -52.64 35.40
CA GLU DA 148 12.48 -51.40 35.51
C GLU DA 148 12.11 -50.43 34.39
N VAL DA 149 11.76 -50.93 33.19
CA VAL DA 149 11.38 -49.96 32.18
C VAL DA 149 10.01 -49.35 32.49
N GLY DA 150 9.12 -50.14 33.09
CA GLY DA 150 7.87 -49.59 33.55
C GLY DA 150 8.07 -48.52 34.59
N TYR DA 151 9.13 -48.66 35.41
CA TYR DA 151 9.40 -47.60 36.38
C TYR DA 151 9.73 -46.27 35.69
N TYR DA 152 10.50 -46.30 34.61
CA TYR DA 152 10.79 -45.07 33.89
C TYR DA 152 9.54 -44.51 33.23
N PHE DA 153 8.71 -45.40 32.68
CA PHE DA 153 7.47 -44.91 32.07
C PHE DA 153 6.52 -44.35 33.12
N ASP DA 154 6.48 -44.94 34.31
CA ASP DA 154 5.64 -44.41 35.38
C ASP DA 154 6.15 -43.08 35.88
N TYR DA 155 7.48 -42.90 35.95
CA TYR DA 155 7.99 -41.58 36.28
C TYR DA 155 7.55 -40.57 35.24
N LEU DA 156 7.64 -40.92 33.96
CA LEU DA 156 7.26 -39.99 32.90
C LEU DA 156 5.77 -39.64 32.97
N ALA DA 157 4.93 -40.65 33.22
CA ALA DA 157 3.49 -40.41 33.30
C ALA DA 157 3.15 -39.56 34.52
N GLY DA 158 3.83 -39.80 35.64
CA GLY DA 158 3.61 -38.96 36.81
C GLY DA 158 4.05 -37.53 36.58
N ALA DA 159 5.14 -37.34 35.85
CA ALA DA 159 5.62 -35.99 35.58
C ALA DA 159 4.69 -35.26 34.64
N LEU DA 160 4.10 -35.95 33.66
CA LEU DA 160 3.18 -35.29 32.74
C LEU DA 160 1.82 -35.07 33.38
N ALA DA 161 1.56 -35.71 34.52
CA ALA DA 161 0.26 -35.58 35.17
C ALA DA 161 0.22 -34.37 36.08
N SER EA 2 -11.31 -4.93 48.69
CA SER EA 2 -11.82 -4.03 47.66
C SER EA 2 -10.75 -3.03 47.26
N ALA EA 3 -11.17 -2.02 46.49
CA ALA EA 3 -10.26 -0.92 46.15
C ALA EA 3 -9.86 -0.15 47.39
N ILE EA 4 -10.80 0.05 48.32
CA ILE EA 4 -10.50 0.71 49.58
C ILE EA 4 -9.46 -0.07 50.35
N THR EA 5 -9.61 -1.40 50.38
CA THR EA 5 -8.65 -2.25 51.07
C THR EA 5 -7.27 -2.15 50.46
N LYS EA 6 -7.19 -2.10 49.13
CA LYS EA 6 -5.89 -2.02 48.48
C LYS EA 6 -5.21 -0.69 48.74
N ALA EA 7 -5.98 0.40 48.69
CA ALA EA 7 -5.40 1.70 49.01
C ALA EA 7 -4.92 1.75 50.46
N ILE EA 8 -5.70 1.19 51.38
CA ILE EA 8 -5.29 1.17 52.78
C ILE EA 8 -4.05 0.31 52.97
N LEU EA 9 -3.94 -0.79 52.21
CA LEU EA 9 -2.76 -1.64 52.32
C LEU EA 9 -1.52 -0.91 51.83
N ASN EA 10 -1.63 -0.17 50.73
CA ASN EA 10 -0.49 0.62 50.27
C ASN EA 10 -0.10 1.69 51.28
N ALA EA 11 -1.09 2.33 51.91
CA ALA EA 11 -0.78 3.31 52.95
C ALA EA 11 -0.13 2.66 54.16
N ASP EA 12 -0.59 1.47 54.53
CA ASP EA 12 -0.06 0.78 55.70
C ASP EA 12 1.38 0.31 55.45
N ALA EA 13 1.66 -0.21 54.26
CA ALA EA 13 2.99 -0.70 53.95
C ALA EA 13 4.04 0.39 54.10
N GLU EA 14 3.66 1.64 53.86
CA GLU EA 14 4.58 2.76 54.01
C GLU EA 14 4.38 3.52 55.32
N ALA EA 15 3.53 3.02 56.21
CA ALA EA 15 3.26 3.65 57.50
C ALA EA 15 2.90 5.12 57.35
N ARG EA 16 1.95 5.41 56.46
CA ARG EA 16 1.53 6.76 56.20
C ARG EA 16 0.01 6.79 56.04
N TYR EA 17 -0.54 7.98 56.10
CA TYR EA 17 -1.95 8.17 55.82
C TYR EA 17 -2.20 8.05 54.33
N LEU EA 18 -3.49 8.04 53.96
CA LEU EA 18 -3.86 7.97 52.56
C LEU EA 18 -3.30 9.17 51.80
N SER EA 19 -2.73 8.91 50.64
CA SER EA 19 -2.14 9.93 49.80
C SER EA 19 -3.20 10.54 48.89
N PRO EA 20 -2.91 11.69 48.28
CA PRO EA 20 -3.87 12.26 47.31
C PRO EA 20 -4.27 11.28 46.22
N GLY EA 21 -3.35 10.46 45.71
CA GLY EA 21 -3.72 9.47 44.72
C GLY EA 21 -4.64 8.40 45.27
N GLU EA 22 -4.34 7.90 46.47
CA GLU EA 22 -5.22 6.91 47.09
C GLU EA 22 -6.56 7.52 47.45
N ILE EA 23 -6.59 8.79 47.84
CA ILE EA 23 -7.85 9.46 48.11
C ILE EA 23 -8.67 9.59 46.83
N ASP EA 24 -8.02 9.92 45.72
CA ASP EA 24 -8.72 9.93 44.44
C ASP EA 24 -9.26 8.56 44.10
N VAL EA 25 -8.50 7.51 44.42
CA VAL EA 25 -8.95 6.15 44.15
C VAL EA 25 -10.20 5.83 44.97
N VAL EA 26 -10.17 6.11 46.27
CA VAL EA 26 -11.30 5.78 47.13
C VAL EA 26 -12.52 6.60 46.72
N ARG EA 27 -12.33 7.87 46.40
CA ARG EA 27 -13.43 8.71 45.96
C ARG EA 27 -14.03 8.22 44.65
N GLY EA 28 -13.18 7.88 43.68
CA GLY EA 28 -13.69 7.38 42.40
C GLY EA 28 -14.36 6.03 42.54
N TYR EA 29 -13.97 5.25 43.56
CA TYR EA 29 -14.66 4.00 43.81
C TYR EA 29 -16.02 4.24 44.43
N LEU EA 30 -16.11 5.18 45.38
CA LEU EA 30 -17.39 5.51 45.98
C LEU EA 30 -18.33 6.14 44.95
N ALA EA 31 -17.77 6.82 43.95
CA ALA EA 31 -18.60 7.40 42.90
C ALA EA 31 -19.13 6.34 41.95
N SER EA 32 -18.42 5.21 41.84
CA SER EA 32 -18.88 4.10 41.01
C SER EA 32 -19.86 3.20 41.74
N GLY EA 33 -20.26 3.56 42.95
CA GLY EA 33 -21.06 2.66 43.76
C GLY EA 33 -22.39 2.32 43.13
N GLU EA 34 -23.13 3.32 42.65
CA GLU EA 34 -24.44 3.06 42.07
C GLU EA 34 -24.34 2.22 40.79
N ARG EA 35 -23.36 2.52 39.94
CA ARG EA 35 -23.19 1.77 38.71
C ARG EA 35 -22.78 0.32 38.99
N ARG EA 36 -21.85 0.12 39.92
CA ARG EA 36 -21.43 -1.23 40.27
C ARG EA 36 -22.57 -2.01 40.90
N VAL EA 37 -23.38 -1.36 41.74
CA VAL EA 37 -24.51 -2.04 42.34
C VAL EA 37 -25.56 -2.38 41.30
N ARG EA 38 -25.76 -1.51 40.32
CA ARG EA 38 -26.69 -1.79 39.23
C ARG EA 38 -26.25 -3.03 38.44
N VAL EA 39 -24.98 -3.06 38.05
CA VAL EA 39 -24.47 -4.21 37.31
C VAL EA 39 -24.57 -5.48 38.15
N ALA EA 40 -24.30 -5.37 39.46
CA ALA EA 40 -24.38 -6.53 40.33
C ALA EA 40 -25.81 -7.05 40.44
N ARG EA 41 -26.79 -6.15 40.56
CA ARG EA 41 -28.18 -6.60 40.59
C ARG EA 41 -28.57 -7.28 39.29
N VAL EA 42 -28.17 -6.73 38.15
CA VAL EA 42 -28.54 -7.35 36.89
C VAL EA 42 -27.92 -8.73 36.76
N LEU EA 43 -26.65 -8.88 37.16
CA LEU EA 43 -25.99 -10.17 37.04
C LEU EA 43 -26.55 -11.18 38.05
N SER EA 44 -26.95 -10.70 39.23
CA SER EA 44 -27.46 -11.62 40.25
C SER EA 44 -28.87 -12.08 39.93
N ASP EA 45 -29.74 -11.16 39.49
CA ASP EA 45 -31.14 -11.51 39.25
C ASP EA 45 -31.30 -12.44 38.06
N ASN EA 46 -30.41 -12.36 37.07
CA ASN EA 46 -30.46 -13.20 35.89
C ASN EA 46 -29.42 -14.31 35.92
N ALA EA 47 -28.97 -14.70 37.11
CA ALA EA 47 -27.87 -15.66 37.21
C ALA EA 47 -28.27 -17.01 36.64
N LEU EA 48 -29.49 -17.47 36.94
CA LEU EA 48 -29.93 -18.78 36.48
C LEU EA 48 -29.93 -18.86 34.96
N ARG EA 49 -30.47 -17.85 34.29
CA ARG EA 49 -30.56 -17.92 32.83
C ARG EA 49 -29.20 -17.71 32.19
N ILE EA 50 -28.35 -16.87 32.79
CA ILE EA 50 -26.99 -16.73 32.30
C ILE EA 50 -26.26 -18.06 32.36
N VAL EA 51 -26.38 -18.78 33.47
CA VAL EA 51 -25.71 -20.07 33.59
C VAL EA 51 -26.31 -21.08 32.61
N ARG EA 52 -27.64 -21.10 32.46
CA ARG EA 52 -28.27 -22.00 31.50
C ARG EA 52 -27.71 -21.78 30.09
N GLY EA 53 -27.69 -20.53 29.65
CA GLY EA 53 -27.19 -20.24 28.31
C GLY EA 53 -25.72 -20.55 28.16
N ALA EA 54 -24.92 -20.22 29.18
CA ALA EA 54 -23.48 -20.48 29.10
C ALA EA 54 -23.22 -21.98 29.01
N GLY EA 55 -23.91 -22.78 29.83
CA GLY EA 55 -23.73 -24.22 29.77
C GLY EA 55 -24.17 -24.78 28.44
N ASP EA 56 -25.29 -24.29 27.90
CA ASP EA 56 -25.72 -24.73 26.58
C ASP EA 56 -24.65 -24.47 25.54
N THR EA 57 -24.14 -23.23 25.50
CA THR EA 57 -23.13 -22.87 24.50
C THR EA 57 -21.87 -23.73 24.66
N MET EA 58 -21.41 -23.89 25.90
CA MET EA 58 -20.21 -24.68 26.14
C MET EA 58 -20.38 -26.13 25.69
N PHE EA 59 -21.52 -26.73 26.04
CA PHE EA 59 -21.71 -28.14 25.70
C PHE EA 59 -21.90 -28.30 24.19
N GLN EA 60 -22.44 -27.28 23.52
CA GLN EA 60 -22.48 -27.33 22.05
C GLN EA 60 -21.09 -27.26 21.44
N LYS EA 61 -20.24 -26.36 21.94
CA LYS EA 61 -18.90 -26.23 21.38
C LYS EA 61 -18.04 -27.45 21.67
N ARG EA 62 -18.23 -28.06 22.84
CA ARG EA 62 -17.38 -29.17 23.30
C ARG EA 62 -18.27 -30.34 23.70
N PRO EA 63 -18.77 -31.10 22.73
CA PRO EA 63 -19.64 -32.24 23.06
C PRO EA 63 -18.94 -33.33 23.83
N ASP EA 64 -17.63 -33.51 23.61
CA ASP EA 64 -16.90 -34.58 24.29
C ASP EA 64 -16.88 -34.40 25.79
N LEU EA 65 -17.22 -33.20 26.28
CA LEU EA 65 -17.36 -32.99 27.72
C LEU EA 65 -18.46 -33.86 28.30
N VAL EA 66 -19.59 -33.95 27.61
CA VAL EA 66 -20.71 -34.74 28.08
C VAL EA 66 -20.80 -36.10 27.39
N ALA EA 67 -19.95 -36.33 26.39
CA ALA EA 67 -19.90 -37.63 25.72
C ALA EA 67 -19.36 -38.68 26.67
N PRO EA 68 -19.81 -39.93 26.53
CA PRO EA 68 -19.33 -41.00 27.41
C PRO EA 68 -17.81 -41.03 27.46
N GLY EA 69 -17.27 -41.04 28.68
CA GLY EA 69 -15.87 -40.83 28.90
C GLY EA 69 -15.48 -39.38 29.11
N GLY EA 70 -16.40 -38.45 28.88
CA GLY EA 70 -16.12 -37.06 29.16
C GLY EA 70 -16.18 -36.74 30.63
N ASN EA 71 -15.61 -35.58 30.98
CA ASN EA 71 -15.52 -35.21 32.39
C ASN EA 71 -16.90 -34.92 32.98
N ALA EA 72 -17.78 -34.29 32.21
CA ALA EA 72 -19.08 -33.90 32.70
C ALA EA 72 -20.16 -34.92 32.39
N TYR EA 73 -19.79 -36.16 32.07
CA TYR EA 73 -20.79 -37.17 31.74
C TYR EA 73 -21.66 -37.49 32.95
N GLY EA 74 -22.94 -37.70 32.70
CA GLY EA 74 -23.87 -38.03 33.76
C GLY EA 74 -24.50 -36.79 34.39
N GLU EA 75 -25.64 -37.01 35.05
CA GLU EA 75 -26.37 -35.90 35.64
C GLU EA 75 -25.56 -35.19 36.71
N VAL EA 76 -24.92 -35.96 37.59
CA VAL EA 76 -24.24 -35.37 38.74
C VAL EA 76 -23.05 -34.53 38.27
N ARG EA 77 -22.28 -35.03 37.33
CA ARG EA 77 -21.06 -34.32 36.91
C ARG EA 77 -21.40 -33.09 36.08
N THR EA 78 -22.43 -33.17 35.25
CA THR EA 78 -22.88 -31.99 34.50
C THR EA 78 -23.47 -30.94 35.42
N ALA EA 79 -24.23 -31.37 36.43
CA ALA EA 79 -24.73 -30.43 37.42
C ALA EA 79 -23.60 -29.78 38.19
N LYS EA 80 -22.55 -30.55 38.48
CA LYS EA 80 -21.38 -30.03 39.16
C LYS EA 80 -20.70 -28.96 38.30
N CYS EA 81 -20.61 -29.23 37.00
CA CYS EA 81 -20.10 -28.26 36.03
C CYS EA 81 -20.90 -26.96 36.05
N LEU EA 82 -22.22 -27.06 35.99
CA LEU EA 82 -23.05 -25.86 35.99
C LEU EA 82 -22.95 -25.14 37.31
N ARG EA 83 -22.74 -25.88 38.39
CA ARG EA 83 -22.47 -25.27 39.69
C ARG EA 83 -21.18 -24.47 39.66
N ASP EA 84 -20.15 -24.98 38.99
CA ASP EA 84 -18.91 -24.23 38.87
C ASP EA 84 -19.11 -22.96 38.07
N LEU EA 85 -19.89 -23.02 36.99
CA LEU EA 85 -20.18 -21.82 36.22
C LEU EA 85 -20.91 -20.78 37.08
N ASP EA 86 -21.89 -21.23 37.86
CA ASP EA 86 -22.60 -20.33 38.75
C ASP EA 86 -21.65 -19.73 39.79
N TYR EA 87 -20.72 -20.54 40.30
CA TYR EA 87 -19.70 -20.03 41.21
C TYR EA 87 -18.94 -18.88 40.58
N PHE EA 88 -18.43 -19.08 39.36
CA PHE EA 88 -17.63 -18.04 38.72
C PHE EA 88 -18.44 -16.79 38.45
N LEU EA 89 -19.72 -16.95 38.11
CA LEU EA 89 -20.56 -15.77 37.93
C LEU EA 89 -20.74 -15.01 39.25
N ARG EA 90 -20.93 -15.72 40.35
CA ARG EA 90 -21.06 -15.06 41.65
C ARG EA 90 -19.77 -14.33 42.03
N LEU EA 91 -18.62 -14.95 41.75
CA LEU EA 91 -17.36 -14.26 41.97
C LEU EA 91 -17.20 -13.03 41.10
N VAL EA 92 -17.68 -13.08 39.85
CA VAL EA 92 -17.62 -11.90 38.99
C VAL EA 92 -18.46 -10.77 39.57
N THR EA 93 -19.63 -11.09 40.13
CA THR EA 93 -20.40 -10.06 40.80
C THR EA 93 -19.67 -9.51 42.02
N TYR EA 94 -19.02 -10.39 42.77
CA TYR EA 94 -18.23 -9.93 43.91
C TYR EA 94 -17.14 -8.96 43.47
N GLY EA 95 -16.48 -9.26 42.35
CA GLY EA 95 -15.48 -8.36 41.82
C GLY EA 95 -16.05 -7.03 41.36
N VAL EA 96 -17.25 -7.07 40.77
CA VAL EA 96 -17.89 -5.84 40.34
C VAL EA 96 -18.21 -4.94 41.53
N LEU EA 97 -18.73 -5.51 42.62
CA LEU EA 97 -19.03 -4.69 43.79
C LEU EA 97 -17.76 -4.24 44.52
N ALA EA 98 -16.79 -5.14 44.67
CA ALA EA 98 -15.59 -4.80 45.40
C ALA EA 98 -14.74 -3.79 44.65
N GLY EA 99 -14.86 -3.75 43.34
CA GLY EA 99 -14.02 -2.88 42.56
C GLY EA 99 -12.63 -3.41 42.31
N ASP EA 100 -12.31 -4.60 42.81
CA ASP EA 100 -11.04 -5.25 42.50
C ASP EA 100 -11.29 -6.73 42.34
N THR EA 101 -10.23 -7.45 42.03
CA THR EA 101 -10.33 -8.90 41.82
C THR EA 101 -9.97 -9.69 43.06
N SER EA 102 -9.75 -9.03 44.19
CA SER EA 102 -9.32 -9.73 45.40
C SER EA 102 -10.29 -10.80 45.88
N PRO EA 103 -11.60 -10.56 45.98
CA PRO EA 103 -12.50 -11.66 46.39
C PRO EA 103 -12.50 -12.81 45.41
N ILE EA 104 -12.37 -12.52 44.11
CA ILE EA 104 -12.35 -13.58 43.10
C ILE EA 104 -11.15 -14.47 43.30
N ASP EA 105 -9.99 -13.89 43.57
CA ASP EA 105 -8.81 -14.69 43.88
C ASP EA 105 -8.97 -15.45 45.18
N GLU EA 106 -9.47 -14.78 46.22
CA GLU EA 106 -9.52 -15.39 47.54
C GLU EA 106 -10.50 -16.54 47.60
N ILE EA 107 -11.52 -16.53 46.76
CA ILE EA 107 -12.53 -17.58 46.85
C ILE EA 107 -12.34 -18.66 45.79
N GLY EA 108 -12.13 -18.27 44.53
CA GLY EA 108 -12.17 -19.26 43.48
C GLY EA 108 -10.97 -19.43 42.56
N LEU EA 109 -10.10 -18.43 42.46
CA LEU EA 109 -9.03 -18.50 41.48
C LEU EA 109 -7.76 -19.08 42.06
N ILE EA 110 -7.49 -18.83 43.34
CA ILE EA 110 -6.30 -19.40 43.96
C ILE EA 110 -6.55 -20.88 44.21
N GLY EA 111 -5.71 -21.73 43.60
CA GLY EA 111 -5.84 -23.16 43.71
C GLY EA 111 -6.79 -23.79 42.71
N ILE EA 112 -7.31 -23.02 41.75
CA ILE EA 112 -8.26 -23.59 40.79
C ILE EA 112 -7.52 -24.40 39.73
N LYS EA 113 -6.28 -24.02 39.43
CA LYS EA 113 -5.53 -24.74 38.40
C LYS EA 113 -5.08 -26.11 38.89
N GLU EA 114 -4.58 -26.18 40.13
CA GLU EA 114 -4.27 -27.46 40.73
C GLU EA 114 -5.52 -28.34 40.86
N THR EA 115 -6.62 -27.74 41.30
CA THR EA 115 -7.88 -28.48 41.41
C THR EA 115 -8.29 -29.08 40.07
N TYR EA 116 -8.30 -28.26 39.03
CA TYR EA 116 -8.81 -28.72 37.74
C TYR EA 116 -7.84 -29.69 37.08
N SER EA 117 -6.54 -29.56 37.38
CA SER EA 117 -5.58 -30.54 36.85
C SER EA 117 -5.73 -31.88 37.54
N LEU EA 118 -5.93 -31.89 38.86
CA LEU EA 118 -6.15 -33.16 39.55
C LEU EA 118 -7.44 -33.82 39.08
N LEU EA 119 -8.49 -33.05 38.89
CA LEU EA 119 -9.77 -33.60 38.48
C LEU EA 119 -9.84 -33.85 36.98
N GLU EA 120 -8.76 -33.59 36.24
CA GLU EA 120 -8.76 -33.63 34.78
C GLU EA 120 -9.93 -32.85 34.20
N VAL EA 121 -10.13 -31.63 34.71
CA VAL EA 121 -11.10 -30.70 34.15
C VAL EA 121 -10.40 -29.91 33.05
N PRO EA 122 -10.86 -29.96 31.81
CA PRO EA 122 -10.20 -29.19 30.75
C PRO EA 122 -10.47 -27.71 30.92
N VAL EA 123 -9.44 -26.99 31.32
CA VAL EA 123 -9.53 -25.55 31.58
C VAL EA 123 -9.99 -24.78 30.35
N PRO EA 124 -9.53 -25.11 29.13
CA PRO EA 124 -10.11 -24.42 27.96
C PRO EA 124 -11.62 -24.52 27.87
N GLY EA 125 -12.21 -25.66 28.23
CA GLY EA 125 -13.67 -25.76 28.24
C GLY EA 125 -14.31 -24.83 29.26
N VAL EA 126 -13.69 -24.71 30.44
CA VAL EA 126 -14.15 -23.73 31.42
C VAL EA 126 -14.07 -22.33 30.84
N ILE EA 127 -13.04 -22.07 30.04
CA ILE EA 127 -12.87 -20.77 29.41
C ILE EA 127 -13.98 -20.52 28.41
N ASP EA 128 -14.39 -21.55 27.65
CA ASP EA 128 -15.55 -21.39 26.78
C ASP EA 128 -16.81 -21.12 27.58
N GLY EA 129 -16.99 -21.81 28.71
CA GLY EA 129 -18.17 -21.56 29.52
C GLY EA 129 -18.21 -20.13 30.04
N ILE EA 130 -17.07 -19.62 30.51
CA ILE EA 130 -17.02 -18.26 31.02
C ILE EA 130 -17.20 -17.25 29.90
N LYS EA 131 -16.63 -17.53 28.72
CA LYS EA 131 -16.85 -16.65 27.58
C LYS EA 131 -18.33 -16.58 27.21
N ALA EA 132 -19.01 -17.74 27.25
CA ALA EA 132 -20.44 -17.78 26.98
C ALA EA 132 -21.20 -16.97 28.03
N ALA EA 133 -20.83 -17.10 29.30
CA ALA EA 133 -21.50 -16.32 30.34
C ALA EA 133 -21.26 -14.83 30.14
N LYS EA 134 -20.05 -14.45 29.73
CA LYS EA 134 -19.77 -13.06 29.44
C LYS EA 134 -20.66 -12.55 28.32
N GLN EA 135 -20.85 -13.35 27.27
CA GLN EA 135 -21.72 -12.92 26.18
C GLN EA 135 -23.17 -12.80 26.64
N GLN EA 136 -23.66 -13.78 27.41
CA GLN EA 136 -25.02 -13.72 27.94
C GLN EA 136 -25.21 -12.47 28.80
N ALA EA 137 -24.25 -12.16 29.65
CA ALA EA 137 -24.40 -11.01 30.54
C ALA EA 137 -24.29 -9.70 29.77
N ALA EA 138 -23.39 -9.65 28.78
CA ALA EA 138 -23.26 -8.45 27.96
C ALA EA 138 -24.54 -8.20 27.17
N ALA EA 139 -25.27 -9.26 26.86
CA ALA EA 139 -26.59 -9.08 26.25
C ALA EA 139 -27.52 -8.30 27.17
N LEU EA 140 -27.44 -8.57 28.47
CA LEU EA 140 -28.40 -8.01 29.42
C LEU EA 140 -27.93 -6.68 30.00
N LEU EA 141 -26.80 -6.16 29.57
CA LEU EA 141 -26.23 -4.94 30.11
C LEU EA 141 -26.07 -3.90 29.00
N SER EA 142 -26.00 -2.64 29.42
CA SER EA 142 -25.66 -1.58 28.49
C SER EA 142 -24.18 -1.64 28.14
N SER EA 143 -23.79 -0.85 27.14
CA SER EA 143 -22.41 -0.94 26.64
C SER EA 143 -21.40 -0.63 27.73
N GLU EA 144 -21.63 0.44 28.50
CA GLU EA 144 -20.74 0.75 29.62
C GLU EA 144 -20.82 -0.33 30.70
N ASP EA 145 -22.04 -0.78 31.02
CA ASP EA 145 -22.21 -1.82 32.02
C ASP EA 145 -21.56 -3.12 31.57
N ALA EA 146 -21.75 -3.48 30.30
CA ALA EA 146 -21.12 -4.68 29.76
C ALA EA 146 -19.61 -4.56 29.80
N ALA EA 147 -19.07 -3.38 29.51
CA ALA EA 147 -17.64 -3.18 29.62
C ALA EA 147 -17.15 -3.35 31.05
N GLU EA 148 -17.94 -2.85 32.02
CA GLU EA 148 -17.56 -2.97 33.41
C GLU EA 148 -17.52 -4.44 33.86
N ALA EA 149 -18.50 -5.23 33.45
CA ALA EA 149 -18.51 -6.64 33.83
C ALA EA 149 -17.49 -7.45 33.04
N SER EA 150 -17.22 -7.04 31.80
CA SER EA 150 -16.30 -7.78 30.95
C SER EA 150 -14.89 -7.73 31.48
N PHE EA 151 -14.54 -6.70 32.23
CA PHE EA 151 -13.21 -6.66 32.84
C PHE EA 151 -13.00 -7.87 33.74
N TYR EA 152 -13.98 -8.17 34.60
CA TYR EA 152 -13.81 -9.26 35.54
C TYR EA 152 -14.01 -10.61 34.87
N PHE EA 153 -14.89 -10.68 33.87
CA PHE EA 153 -14.98 -11.90 33.09
C PHE EA 153 -13.66 -12.22 32.38
N ASP EA 154 -13.04 -11.22 31.76
CA ASP EA 154 -11.76 -11.43 31.11
C ASP EA 154 -10.66 -11.74 32.13
N TYR EA 155 -10.74 -11.15 33.32
CA TYR EA 155 -9.73 -11.46 34.32
C TYR EA 155 -9.83 -12.93 34.74
N VAL EA 156 -11.04 -13.44 34.93
CA VAL EA 156 -11.21 -14.85 35.24
C VAL EA 156 -10.67 -15.71 34.11
N ILE EA 157 -11.00 -15.34 32.87
CA ILE EA 157 -10.54 -16.11 31.72
C ILE EA 157 -9.01 -16.14 31.65
N SER EA 158 -8.38 -14.98 31.84
CA SER EA 158 -6.93 -14.90 31.73
C SER EA 158 -6.24 -15.63 32.88
N ALA EA 159 -6.85 -15.60 34.07
CA ALA EA 159 -6.30 -16.36 35.19
C ALA EA 159 -6.39 -17.85 34.94
N MET EA 160 -7.44 -18.30 34.25
CA MET EA 160 -7.50 -19.70 33.84
C MET EA 160 -6.39 -20.05 32.86
N SER EA 161 -6.28 -19.28 31.78
CA SER EA 161 -5.36 -19.60 30.70
C SER EA 161 -3.94 -19.11 30.98
N SER FA 2 4.40 9.02 38.72
CA SER FA 2 3.00 9.42 38.66
C SER FA 2 2.07 8.23 38.94
N VAL FA 3 0.78 8.43 38.64
CA VAL FA 3 -0.20 7.37 38.83
C VAL FA 3 0.12 6.18 37.93
N VAL FA 4 0.37 6.45 36.66
CA VAL FA 4 0.66 5.40 35.69
C VAL FA 4 1.94 4.66 36.06
N THR FA 5 2.98 5.41 36.43
CA THR FA 5 4.23 4.80 36.83
C THR FA 5 4.06 3.93 38.07
N LYS FA 6 3.30 4.40 39.05
CA LYS FA 6 3.10 3.61 40.25
C LYS FA 6 2.40 2.30 39.92
N ALA FA 7 1.38 2.37 39.07
CA ALA FA 7 0.69 1.16 38.66
C ALA FA 7 1.63 0.21 37.92
N ILE FA 8 2.42 0.73 36.99
CA ILE FA 8 3.28 -0.13 36.18
C ILE FA 8 4.35 -0.78 37.05
N VAL FA 9 4.92 -0.02 37.99
CA VAL FA 9 5.96 -0.57 38.85
C VAL FA 9 5.38 -1.63 39.77
N SER FA 10 4.19 -1.40 40.33
CA SER FA 10 3.58 -2.42 41.17
C SER FA 10 3.28 -3.69 40.38
N ALA FA 11 2.81 -3.55 39.15
CA ALA FA 11 2.56 -4.74 38.32
C ALA FA 11 3.88 -5.42 37.93
N ASP FA 12 4.90 -4.63 37.62
CA ASP FA 12 6.19 -5.14 37.19
C ASP FA 12 6.86 -5.96 38.29
N ALA FA 13 6.82 -5.47 39.52
CA ALA FA 13 7.46 -6.18 40.62
C ALA FA 13 6.72 -7.48 40.94
N GLU FA 14 5.49 -7.62 40.45
CA GLU FA 14 4.74 -8.85 40.61
C GLU FA 14 4.65 -9.66 39.33
N ALA FA 15 5.41 -9.29 38.30
CA ALA FA 15 5.51 -10.02 37.03
C ALA FA 15 4.14 -10.26 36.41
N ARG FA 16 3.32 -9.21 36.35
CA ARG FA 16 1.96 -9.36 35.86
C ARG FA 16 1.56 -8.13 35.05
N TYR FA 17 0.54 -8.33 34.21
CA TYR FA 17 -0.13 -7.23 33.56
C TYR FA 17 -0.98 -6.48 34.58
N LEU FA 18 -1.28 -5.23 34.28
CA LEU FA 18 -2.11 -4.45 35.19
C LEU FA 18 -3.51 -5.05 35.28
N SER FA 19 -3.99 -5.17 36.51
CA SER FA 19 -5.29 -5.75 36.81
C SER FA 19 -6.39 -4.76 36.51
N PRO FA 20 -7.66 -5.21 36.54
CA PRO FA 20 -8.77 -4.26 36.31
C PRO FA 20 -8.79 -3.07 37.25
N GLY FA 21 -8.40 -3.25 38.51
CA GLY FA 21 -8.39 -2.12 39.43
C GLY FA 21 -7.37 -1.07 39.06
N GLU FA 22 -6.16 -1.49 38.69
CA GLU FA 22 -5.13 -0.53 38.27
C GLU FA 22 -5.53 0.17 36.99
N LEU FA 23 -6.14 -0.54 36.05
CA LEU FA 23 -6.63 0.09 34.84
C LEU FA 23 -7.76 1.06 35.15
N ASP FA 24 -8.58 0.76 36.16
CA ASP FA 24 -9.57 1.73 36.62
C ASP FA 24 -8.90 2.98 37.18
N ARG FA 25 -7.84 2.81 37.95
CA ARG FA 25 -7.11 3.96 38.47
C ARG FA 25 -6.58 4.83 37.34
N ILE FA 26 -5.98 4.21 36.32
CA ILE FA 26 -5.43 4.99 35.21
C ILE FA 26 -6.55 5.64 34.41
N ARG FA 27 -7.66 4.94 34.21
CA ARG FA 27 -8.77 5.50 33.48
C ARG FA 27 -9.33 6.74 34.17
N GLY FA 28 -9.52 6.66 35.49
CA GLY FA 28 -9.96 7.81 36.23
C GLY FA 28 -8.95 8.94 36.23
N PHE FA 29 -7.67 8.59 36.19
CA PHE FA 29 -6.62 9.62 36.15
C PHE FA 29 -6.62 10.36 34.81
N VAL FA 30 -6.69 9.64 33.71
CA VAL FA 30 -6.62 10.31 32.40
C VAL FA 30 -7.94 11.00 32.09
N SER FA 31 -9.03 10.55 32.70
CA SER FA 31 -10.30 11.26 32.53
C SER FA 31 -10.27 12.62 33.24
N SER FA 32 -9.47 12.74 34.28
CA SER FA 32 -9.37 13.96 35.05
C SER FA 32 -8.19 14.84 34.65
N GLY FA 33 -7.49 14.49 33.58
CA GLY FA 33 -6.30 15.23 33.20
C GLY FA 33 -6.58 16.69 32.88
N GLU FA 34 -7.73 16.95 32.24
CA GLU FA 34 -8.05 18.32 31.85
C GLU FA 34 -8.25 19.23 33.06
N ARG FA 35 -9.01 18.78 34.07
CA ARG FA 35 -9.24 19.63 35.23
C ARG FA 35 -7.99 19.77 36.07
N ARG FA 36 -7.22 18.69 36.23
CA ARG FA 36 -5.94 18.79 36.92
C ARG FA 36 -5.06 19.81 36.25
N LEU FA 37 -5.05 19.81 34.93
CA LEU FA 37 -4.14 20.65 34.19
C LEU FA 37 -4.59 22.11 34.26
N ARG FA 38 -5.91 22.34 34.26
CA ARG FA 38 -6.43 23.67 34.50
C ARG FA 38 -6.07 24.17 35.89
N VAL FA 39 -6.16 23.30 36.89
CA VAL FA 39 -5.79 23.70 38.25
C VAL FA 39 -4.31 24.04 38.33
N ALA FA 40 -3.47 23.23 37.71
CA ALA FA 40 -2.03 23.51 37.71
C ALA FA 40 -1.73 24.83 37.01
N GLN FA 41 -2.39 25.08 35.87
CA GLN FA 41 -2.25 26.39 35.24
C GLN FA 41 -2.65 27.50 36.20
N THR FA 42 -3.85 27.40 36.79
CA THR FA 42 -4.34 28.43 37.70
C THR FA 42 -3.35 28.72 38.82
N LEU FA 43 -2.78 27.68 39.41
CA LEU FA 43 -1.74 27.91 40.42
C LEU FA 43 -0.51 28.56 39.80
N THR FA 44 -0.26 28.30 38.52
CA THR FA 44 0.93 28.88 37.91
C THR FA 44 0.77 30.38 37.65
N GLU FA 45 -0.42 30.84 37.24
CA GLU FA 45 -0.57 32.30 37.11
C GLU FA 45 -0.57 33.00 38.46
N SER FA 46 -1.00 32.33 39.52
CA SER FA 46 -1.09 32.96 40.83
C SER FA 46 0.23 32.84 41.57
N ARG FA 47 1.31 32.67 40.82
CA ARG FA 47 2.68 32.54 41.28
C ARG FA 47 3.09 33.62 42.30
N GLU FA 48 3.18 34.87 41.85
CA GLU FA 48 3.82 35.87 42.69
C GLU FA 48 2.99 36.14 43.92
N ARG FA 49 1.66 36.08 43.77
CA ARG FA 49 0.78 36.36 44.88
C ARG FA 49 0.84 35.27 45.94
N ILE FA 50 0.81 34.00 45.52
CA ILE FA 50 0.91 32.92 46.51
C ILE FA 50 2.22 33.05 47.27
N ILE FA 51 3.35 33.20 46.56
CA ILE FA 51 4.62 33.25 47.26
C ILE FA 51 4.69 34.47 48.19
N LYS FA 52 4.28 35.64 47.70
CA LYS FA 52 4.39 36.87 48.48
C LYS FA 52 3.51 36.83 49.72
N GLN FA 53 2.25 36.40 49.58
CA GLN FA 53 1.36 36.38 50.74
C GLN FA 53 1.77 35.30 51.73
N ALA FA 54 2.21 34.14 51.24
CA ALA FA 54 2.68 33.11 52.16
C ALA FA 54 3.89 33.60 52.93
N GLY FA 55 4.81 34.29 52.27
CA GLY FA 55 5.97 34.82 52.97
C GLY FA 55 5.59 35.86 54.00
N ASP FA 56 4.64 36.73 53.65
CA ASP FA 56 4.16 37.73 54.62
C ASP FA 56 3.55 37.07 55.84
N GLN FA 57 2.70 36.07 55.63
CA GLN FA 57 2.06 35.40 56.76
C GLN FA 57 3.07 34.66 57.61
N LEU FA 58 4.05 34.01 56.99
CA LEU FA 58 5.08 33.32 57.75
C LEU FA 58 5.87 34.31 58.59
N PHE FA 59 6.26 35.42 58.00
CA PHE FA 59 7.10 36.38 58.72
C PHE FA 59 6.32 37.08 59.83
N GLN FA 60 5.01 37.22 59.67
CA GLN FA 60 4.21 37.77 60.75
C GLN FA 60 4.03 36.76 61.88
N LYS FA 61 3.80 35.49 61.53
CA LYS FA 61 3.54 34.51 62.57
C LYS FA 61 4.84 33.96 63.15
N ARG FA 62 5.97 34.21 62.51
CA ARG FA 62 7.28 33.82 63.01
C ARG FA 62 8.27 34.97 62.84
N PRO FA 63 8.07 36.08 63.55
CA PRO FA 63 8.95 37.24 63.34
C PRO FA 63 10.39 36.99 63.70
N ASP FA 64 10.67 35.94 64.48
CA ASP FA 64 12.04 35.63 64.86
C ASP FA 64 12.91 35.27 63.66
N LEU FA 65 12.30 34.72 62.60
CA LEU FA 65 13.07 34.27 61.44
C LEU FA 65 13.78 35.43 60.76
N VAL FA 66 13.12 36.59 60.67
CA VAL FA 66 13.72 37.74 60.01
C VAL FA 66 14.23 38.79 60.98
N SER FA 67 14.14 38.55 62.27
CA SER FA 67 14.83 39.36 63.26
C SER FA 67 16.31 39.00 63.23
N PRO FA 68 17.19 39.87 63.74
CA PRO FA 68 18.62 39.57 63.71
C PRO FA 68 18.94 38.26 64.40
N GLY FA 69 19.84 37.50 63.78
CA GLY FA 69 20.15 36.17 64.25
C GLY FA 69 19.21 35.09 63.74
N GLY FA 70 18.09 35.47 63.12
CA GLY FA 70 17.22 34.50 62.51
C GLY FA 70 17.80 33.95 61.22
N ASN FA 71 17.27 32.81 60.78
CA ASN FA 71 17.81 32.18 59.59
C ASN FA 71 17.50 32.99 58.33
N ALA FA 72 16.33 33.61 58.27
CA ALA FA 72 15.93 34.39 57.10
C ALA FA 72 16.28 35.87 57.24
N TYR FA 73 17.27 36.20 58.06
CA TYR FA 73 17.56 37.61 58.34
C TYR FA 73 18.38 38.23 57.22
N GLY FA 74 17.96 39.41 56.78
CA GLY FA 74 18.59 40.09 55.68
C GLY FA 74 17.79 39.97 54.40
N ALA FA 75 18.22 40.73 53.39
CA ALA FA 75 17.55 40.67 52.09
C ALA FA 75 17.88 39.38 51.36
N GLU FA 76 19.16 38.97 51.37
CA GLU FA 76 19.57 37.77 50.64
C GLU FA 76 18.95 36.53 51.26
N ARG FA 77 18.95 36.44 52.58
CA ARG FA 77 18.40 35.26 53.24
C ARG FA 77 16.88 35.22 53.09
N THR FA 78 16.23 36.37 53.11
CA THR FA 78 14.79 36.40 52.86
C THR FA 78 14.48 36.02 51.41
N ALA FA 79 15.33 36.41 50.47
CA ALA FA 79 15.16 35.99 49.10
C ALA FA 79 15.33 34.49 48.94
N SER FA 80 16.31 33.90 49.62
CA SER FA 80 16.47 32.45 49.58
C SER FA 80 15.28 31.75 50.24
N CYS FA 81 14.78 32.34 51.32
CA CYS FA 81 13.56 31.85 51.96
C CYS FA 81 12.39 31.81 50.98
N LEU FA 82 12.16 32.91 50.27
CA LEU FA 82 11.04 32.96 49.33
C LEU FA 82 11.28 32.03 48.15
N ARG FA 83 12.55 31.85 47.78
CA ARG FA 83 12.90 30.94 46.70
C ARG FA 83 12.60 29.49 47.07
N ASP FA 84 12.77 29.11 48.33
CA ASP FA 84 12.37 27.75 48.73
C ASP FA 84 10.87 27.53 48.63
N LEU FA 85 10.06 28.51 49.09
CA LEU FA 85 8.62 28.44 48.90
C LEU FA 85 8.29 28.36 47.43
N ASP FA 86 9.11 29.02 46.63
CA ASP FA 86 8.94 29.05 45.20
C ASP FA 86 9.11 27.65 44.61
N TYR FA 87 10.21 27.00 44.98
CA TYR FA 87 10.46 25.61 44.64
C TYR FA 87 9.28 24.73 45.00
N TYR FA 88 8.76 24.90 46.22
CA TYR FA 88 7.76 23.97 46.69
C TYR FA 88 6.43 24.17 46.00
N LEU FA 89 6.08 25.40 45.65
CA LEU FA 89 4.88 25.61 44.85
C LEU FA 89 5.02 24.98 43.46
N ARG FA 90 6.20 25.10 42.85
CA ARG FA 90 6.41 24.42 41.57
C ARG FA 90 6.26 22.90 41.71
N LEU FA 91 6.77 22.35 42.82
CA LEU FA 91 6.62 20.91 43.05
C LEU FA 91 5.16 20.52 43.25
N VAL FA 92 4.38 21.37 43.92
CA VAL FA 92 2.97 21.07 44.12
C VAL FA 92 2.22 21.05 42.79
N THR FA 93 2.58 21.95 41.87
CA THR FA 93 1.99 21.88 40.53
C THR FA 93 2.40 20.61 39.80
N PHE FA 94 3.68 20.21 39.91
CA PHE FA 94 4.12 18.96 39.31
C PHE FA 94 3.30 17.78 39.84
N GLY FA 95 3.11 17.74 41.16
CA GLY FA 95 2.36 16.63 41.74
C GLY FA 95 0.91 16.65 41.36
N ILE FA 96 0.33 17.83 41.19
CA ILE FA 96 -1.04 17.91 40.72
C ILE FA 96 -1.18 17.32 39.33
N VAL FA 97 -0.26 17.64 38.41
CA VAL FA 97 -0.40 17.10 37.07
C VAL FA 97 -0.09 15.61 37.06
N ALA FA 98 0.78 15.14 37.96
CA ALA FA 98 1.12 13.73 37.96
C ALA FA 98 0.05 12.88 38.63
N GLY FA 99 -0.85 13.49 39.38
CA GLY FA 99 -1.86 12.75 40.09
C GLY FA 99 -1.39 12.10 41.37
N ASP FA 100 -0.12 12.27 41.74
CA ASP FA 100 0.41 11.71 42.97
C ASP FA 100 1.46 12.66 43.53
N VAL FA 101 1.97 12.33 44.70
CA VAL FA 101 2.95 13.18 45.38
C VAL FA 101 4.34 12.61 45.13
N THR FA 102 4.47 11.80 44.10
CA THR FA 102 5.78 11.28 43.72
C THR FA 102 6.77 12.38 43.33
N PRO FA 103 6.44 13.35 42.47
CA PRO FA 103 7.41 14.43 42.21
C PRO FA 103 7.81 15.19 43.45
N ILE FA 104 6.85 15.48 44.32
CA ILE FA 104 7.16 16.20 45.56
C ILE FA 104 8.11 15.37 46.42
N GLU FA 105 7.80 14.08 46.57
CA GLU FA 105 8.62 13.21 47.39
C GLU FA 105 10.03 13.09 46.84
N GLU FA 106 10.16 12.94 45.52
CA GLU FA 106 11.46 12.65 44.94
C GLU FA 106 12.31 13.91 44.78
N ILE FA 107 11.69 15.08 44.62
CA ILE FA 107 12.48 16.27 44.37
C ILE FA 107 12.70 17.07 45.65
N GLY FA 108 11.72 17.09 46.55
CA GLY FA 108 11.81 17.97 47.68
C GLY FA 108 11.46 17.43 49.04
N VAL FA 109 11.29 16.12 49.20
CA VAL FA 109 10.97 15.54 50.50
C VAL FA 109 12.06 14.57 50.96
N ILE FA 110 12.50 13.66 50.11
CA ILE FA 110 13.54 12.72 50.50
C ILE FA 110 14.84 13.48 50.71
N GLY FA 111 15.42 13.34 51.89
CA GLY FA 111 16.60 14.08 52.26
C GLY FA 111 16.37 15.49 52.73
N VAL FA 112 15.11 15.95 52.81
CA VAL FA 112 14.87 17.35 53.14
C VAL FA 112 15.28 17.65 54.58
N LYS FA 113 15.14 16.66 55.47
CA LYS FA 113 15.56 16.81 56.85
C LYS FA 113 17.05 17.10 56.95
N GLU FA 114 17.87 16.33 56.22
CA GLU FA 114 19.32 16.55 56.26
C GLU FA 114 19.70 17.87 55.62
N MET FA 115 19.07 18.21 54.50
CA MET FA 115 19.32 19.51 53.88
C MET FA 115 19.08 20.66 54.83
N TYR FA 116 17.94 20.66 55.50
CA TYR FA 116 17.60 21.81 56.33
C TYR FA 116 18.35 21.77 57.65
N ARG FA 117 18.73 20.59 58.13
CA ARG FA 117 19.62 20.54 59.28
C ARG FA 117 20.98 21.12 58.94
N ASN FA 118 21.49 20.79 57.74
CA ASN FA 118 22.78 21.30 57.30
C ASN FA 118 22.73 22.80 57.05
N LEU FA 119 21.57 23.32 56.67
CA LEU FA 119 21.41 24.75 56.43
C LEU FA 119 20.94 25.53 57.64
N GLU FA 120 20.65 24.87 58.76
CA GLU FA 120 20.14 25.50 59.98
C GLU FA 120 18.75 26.10 59.80
N VAL FA 121 17.97 25.56 58.89
CA VAL FA 121 16.63 26.11 58.62
C VAL FA 121 15.61 25.38 59.51
N PRO FA 122 14.89 26.08 60.37
CA PRO FA 122 13.95 25.40 61.27
C PRO FA 122 12.78 24.80 60.51
N LEU FA 123 12.55 23.51 60.74
CA LEU FA 123 11.43 22.82 60.11
C LEU FA 123 10.06 23.38 60.45
N PRO FA 124 9.75 23.77 61.70
CA PRO FA 124 8.43 24.39 61.94
C PRO FA 124 8.20 25.63 61.10
N GLY FA 125 9.26 26.33 60.71
CA GLY FA 125 9.12 27.38 59.73
C GLY FA 125 8.69 26.87 58.37
N MET FA 126 9.30 25.77 57.91
CA MET FA 126 8.77 25.04 56.76
C MET FA 126 7.28 24.79 56.88
N VAL FA 127 6.86 24.21 58.00
CA VAL FA 127 5.47 23.79 58.13
C VAL FA 127 4.56 24.99 58.05
N GLU FA 128 4.95 26.07 58.73
CA GLU FA 128 4.08 27.25 58.75
C GLU FA 128 4.03 27.94 57.39
N ALA FA 129 5.17 27.99 56.69
CA ALA FA 129 5.18 28.59 55.37
C ALA FA 129 4.38 27.77 54.37
N VAL FA 130 4.43 26.45 54.50
CA VAL FA 130 3.65 25.60 53.62
C VAL FA 130 2.16 25.71 53.91
N LYS FA 131 1.79 25.82 55.19
CA LYS FA 131 0.38 26.02 55.50
C LYS FA 131 -0.10 27.39 55.03
N ALA FA 132 0.76 28.41 55.09
CA ALA FA 132 0.38 29.70 54.53
C ALA FA 132 0.20 29.63 53.02
N MET FA 133 1.10 28.91 52.33
CA MET FA 133 0.92 28.68 50.91
C MET FA 133 -0.38 27.93 50.64
N LYS FA 134 -0.70 26.94 51.48
CA LYS FA 134 -1.98 26.25 51.35
C LYS FA 134 -3.14 27.21 51.41
N SER FA 135 -3.18 28.06 52.44
CA SER FA 135 -4.31 28.96 52.59
C SER FA 135 -4.44 29.89 51.39
N VAL FA 136 -3.33 30.49 50.96
CA VAL FA 136 -3.39 31.43 49.84
C VAL FA 136 -3.80 30.72 48.56
N ALA FA 137 -3.20 29.55 48.29
CA ALA FA 137 -3.46 28.84 47.04
C ALA FA 137 -4.90 28.34 46.99
N THR FA 138 -5.34 27.64 48.04
CA THR FA 138 -6.71 27.12 48.03
C THR FA 138 -7.73 28.23 48.12
N GLY FA 139 -7.33 29.44 48.50
CA GLY FA 139 -8.24 30.56 48.41
C GLY FA 139 -8.57 30.93 46.98
N LEU FA 140 -7.79 30.43 46.03
CA LEU FA 140 -7.93 30.81 44.63
C LEU FA 140 -8.68 29.80 43.79
N LEU FA 141 -9.19 28.72 44.38
CA LEU FA 141 -9.84 27.67 43.61
C LEU FA 141 -11.25 27.43 44.12
N SER FA 142 -12.01 26.66 43.34
CA SER FA 142 -13.38 26.33 43.69
C SER FA 142 -13.40 25.18 44.71
N GLY FA 143 -14.59 24.60 44.90
CA GLY FA 143 -14.77 23.65 45.98
C GLY FA 143 -13.89 22.41 45.86
N ASP FA 144 -14.14 21.58 44.85
CA ASP FA 144 -13.42 20.31 44.74
C ASP FA 144 -11.94 20.52 44.52
N ASP FA 145 -11.58 21.50 43.68
CA ASP FA 145 -10.17 21.75 43.38
C ASP FA 145 -9.42 22.25 44.60
N SER FA 146 -10.10 23.03 45.46
CA SER FA 146 -9.45 23.50 46.67
C SER FA 146 -9.07 22.34 47.58
N ALA FA 147 -9.98 21.39 47.78
CA ALA FA 147 -9.66 20.21 48.56
C ALA FA 147 -8.57 19.38 47.90
N GLU FA 148 -8.61 19.25 46.58
CA GLU FA 148 -7.62 18.44 45.89
C GLU FA 148 -6.22 19.02 46.06
N VAL FA 149 -6.09 20.35 46.00
CA VAL FA 149 -4.78 20.97 46.15
C VAL FA 149 -4.37 21.03 47.61
N GLY FA 150 -5.36 21.13 48.50
CA GLY FA 150 -5.08 21.06 49.91
C GLY FA 150 -4.46 19.75 50.31
N TYR FA 151 -4.89 18.65 49.69
CA TYR FA 151 -4.28 17.36 50.01
C TYR FA 151 -2.80 17.33 49.69
N TYR FA 152 -2.40 17.90 48.55
CA TYR FA 152 -0.98 17.94 48.22
C TYR FA 152 -0.22 18.79 49.23
N PHE FA 153 -0.77 19.95 49.58
CA PHE FA 153 -0.10 20.79 50.56
C PHE FA 153 -0.02 20.12 51.92
N ASP FA 154 -1.04 19.36 52.29
CA ASP FA 154 -1.02 18.66 53.58
C ASP FA 154 -0.02 17.53 53.56
N TYR FA 155 0.11 16.82 52.44
CA TYR FA 155 1.17 15.84 52.35
C TYR FA 155 2.52 16.50 52.58
N LEU FA 156 2.72 17.67 51.97
CA LEU FA 156 4.04 18.27 52.02
C LEU FA 156 4.32 18.83 53.41
N ALA FA 157 3.30 19.39 54.06
CA ALA FA 157 3.48 19.91 55.42
C ALA FA 157 3.64 18.78 56.44
N GLY FA 158 2.99 17.64 56.21
CA GLY FA 158 3.24 16.49 57.06
C GLY FA 158 4.63 15.92 56.87
N ALA FA 159 5.12 15.94 55.63
CA ALA FA 159 6.46 15.43 55.35
C ALA FA 159 7.53 16.33 55.95
N LEU FA 160 7.28 17.64 55.98
CA LEU FA 160 8.27 18.55 56.56
C LEU FA 160 8.23 18.51 58.08
N ALA FA 161 7.26 17.83 58.66
CA ALA FA 161 7.20 17.65 60.10
C ALA FA 161 7.84 16.33 60.50
N SER GA 2 29.17 0.33 80.11
CA SER GA 2 30.46 0.67 80.71
C SER GA 2 31.61 0.12 79.87
N ALA GA 3 32.83 0.52 80.22
CA ALA GA 3 34.01 0.01 79.52
C ALA GA 3 34.14 -1.49 79.68
N ILE GA 4 33.91 -1.98 80.91
CA ILE GA 4 33.95 -3.41 81.16
C ILE GA 4 32.87 -4.12 80.36
N THR GA 5 31.69 -3.51 80.29
CA THR GA 5 30.60 -4.10 79.50
C THR GA 5 31.00 -4.22 78.04
N LYS GA 6 31.65 -3.20 77.48
CA LYS GA 6 32.05 -3.27 76.08
C LYS GA 6 33.11 -4.34 75.86
N ALA GA 7 34.10 -4.42 76.75
CA ALA GA 7 35.12 -5.45 76.60
C ALA GA 7 34.51 -6.85 76.67
N ILE GA 8 33.59 -7.06 77.62
CA ILE GA 8 32.99 -8.38 77.79
C ILE GA 8 32.09 -8.70 76.61
N LEU GA 9 31.34 -7.72 76.10
CA LEU GA 9 30.48 -7.99 74.95
C LEU GA 9 31.30 -8.33 73.72
N ASN GA 10 32.45 -7.68 73.56
CA ASN GA 10 33.31 -8.01 72.44
C ASN GA 10 33.91 -9.41 72.60
N ALA GA 11 34.31 -9.78 73.82
CA ALA GA 11 34.82 -11.12 74.03
C ALA GA 11 33.74 -12.18 73.82
N ASP GA 12 32.52 -11.90 74.26
CA ASP GA 12 31.44 -12.86 74.14
C ASP GA 12 30.95 -12.99 72.70
N ALA GA 13 31.05 -11.90 71.94
CA ALA GA 13 30.67 -11.96 70.53
C ALA GA 13 31.53 -12.98 69.78
N GLU GA 14 32.78 -13.17 70.21
CA GLU GA 14 33.67 -14.14 69.59
C GLU GA 14 33.79 -15.44 70.37
N ALA GA 15 32.99 -15.61 71.44
CA ALA GA 15 32.98 -16.84 72.23
C ALA GA 15 34.36 -17.17 72.77
N ARG GA 16 35.07 -16.16 73.26
CA ARG GA 16 36.41 -16.34 73.77
C ARG GA 16 36.54 -15.61 75.10
N TYR GA 17 37.69 -15.76 75.73
CA TYR GA 17 37.97 -15.08 76.98
C TYR GA 17 38.55 -13.69 76.71
N LEU GA 18 38.68 -12.90 77.76
CA LEU GA 18 39.22 -11.56 77.61
C LEU GA 18 40.67 -11.62 77.12
N SER GA 19 40.94 -10.87 76.07
CA SER GA 19 42.26 -10.84 75.45
C SER GA 19 43.18 -9.89 76.21
N PRO GA 20 44.49 -9.97 75.98
CA PRO GA 20 45.40 -9.03 76.66
C PRO GA 20 45.04 -7.57 76.44
N GLY GA 21 44.60 -7.20 75.24
CA GLY GA 21 44.16 -5.84 75.01
C GLY GA 21 42.90 -5.50 75.78
N GLU GA 22 41.97 -6.46 75.85
CA GLU GA 22 40.74 -6.23 76.59
C GLU GA 22 41.00 -6.18 78.09
N ILE GA 23 41.86 -7.08 78.58
CA ILE GA 23 42.26 -7.04 79.98
C ILE GA 23 42.96 -5.72 80.29
N ASP GA 24 43.77 -5.22 79.35
CA ASP GA 24 44.44 -3.95 79.54
C ASP GA 24 43.44 -2.80 79.57
N VAL GA 25 42.40 -2.87 78.74
CA VAL GA 25 41.36 -1.84 78.76
C VAL GA 25 40.64 -1.83 80.11
N VAL GA 26 40.31 -3.02 80.60
CA VAL GA 26 39.62 -3.11 81.88
C VAL GA 26 40.51 -2.62 83.01
N ARG GA 27 41.80 -2.95 82.97
CA ARG GA 27 42.74 -2.47 83.97
C ARG GA 27 42.90 -0.95 83.90
N GLY GA 28 42.93 -0.38 82.70
CA GLY GA 28 43.02 1.06 82.57
C GLY GA 28 41.80 1.77 83.14
N TYR GA 29 40.62 1.21 82.90
CA TYR GA 29 39.40 1.79 83.47
C TYR GA 29 39.42 1.69 84.99
N LEU GA 30 39.81 0.54 85.53
CA LEU GA 30 39.85 0.37 86.97
C LEU GA 30 40.90 1.26 87.61
N ALA GA 31 41.94 1.62 86.86
CA ALA GA 31 42.92 2.57 87.36
C ALA GA 31 42.37 3.99 87.33
N SER GA 32 41.66 4.36 86.27
CA SER GA 32 41.09 5.70 86.16
C SER GA 32 39.86 5.91 87.04
N GLY GA 33 39.40 4.86 87.72
CA GLY GA 33 38.21 4.99 88.56
C GLY GA 33 38.27 6.10 89.59
N GLU GA 34 39.42 6.31 90.23
CA GLU GA 34 39.51 7.35 91.26
C GLU GA 34 39.29 8.74 90.69
N ARG GA 35 39.96 9.05 89.57
CA ARG GA 35 39.76 10.32 88.89
C ARG GA 35 38.32 10.45 88.39
N ARG GA 36 37.74 9.35 87.91
CA ARG GA 36 36.37 9.40 87.45
C ARG GA 36 35.40 9.73 88.58
N VAL GA 37 35.60 9.10 89.74
CA VAL GA 37 34.73 9.37 90.89
C VAL GA 37 34.91 10.81 91.35
N ARG GA 38 36.13 11.32 91.29
CA ARG GA 38 36.34 12.72 91.67
C ARG GA 38 35.57 13.67 90.74
N VAL GA 39 35.69 13.48 89.42
CA VAL GA 39 34.99 14.37 88.50
C VAL GA 39 33.48 14.26 88.68
N ALA GA 40 32.97 13.03 88.81
CA ALA GA 40 31.53 12.84 88.98
C ALA GA 40 31.04 13.46 90.28
N ARG GA 41 31.81 13.34 91.35
CA ARG GA 41 31.41 13.96 92.62
C ARG GA 41 31.35 15.48 92.49
N VAL GA 42 32.36 16.08 91.84
CA VAL GA 42 32.35 17.53 91.71
C VAL GA 42 31.15 17.98 90.89
N LEU GA 43 30.83 17.25 89.82
CA LEU GA 43 29.67 17.64 89.01
C LEU GA 43 28.36 17.38 89.75
N SER GA 44 28.33 16.38 90.63
CA SER GA 44 27.10 16.02 91.32
C SER GA 44 26.77 16.99 92.44
N ASP GA 45 27.78 17.43 93.20
CA ASP GA 45 27.50 18.35 94.30
C ASP GA 45 27.19 19.75 93.78
N ASN GA 46 27.57 20.05 92.54
CA ASN GA 46 27.40 21.38 91.98
C ASN GA 46 26.32 21.42 90.90
N ALA GA 47 25.41 20.45 90.90
CA ALA GA 47 24.41 20.37 89.84
C ALA GA 47 23.53 21.61 89.81
N LEU GA 48 23.10 22.08 90.99
CA LEU GA 48 22.19 23.22 91.04
C LEU GA 48 22.81 24.45 90.40
N ARG GA 49 24.05 24.78 90.77
CA ARG GA 49 24.66 25.99 90.23
C ARG GA 49 24.99 25.84 88.75
N ILE GA 50 25.40 24.65 88.33
CA ILE GA 50 25.70 24.44 86.91
C ILE GA 50 24.45 24.64 86.08
N VAL GA 51 23.34 24.03 86.49
CA VAL GA 51 22.11 24.12 85.71
C VAL GA 51 21.57 25.54 85.76
N ARG GA 52 21.64 26.19 86.93
CA ARG GA 52 21.16 27.57 87.03
C ARG GA 52 21.96 28.50 86.13
N GLY GA 53 23.29 28.41 86.16
CA GLY GA 53 24.10 29.29 85.33
C GLY GA 53 23.91 29.01 83.84
N ALA GA 54 23.88 27.73 83.47
CA ALA GA 54 23.68 27.37 82.08
C ALA GA 54 22.33 27.85 81.57
N GLY GA 55 21.29 27.70 82.38
CA GLY GA 55 19.98 28.20 81.98
C GLY GA 55 19.94 29.71 81.86
N ASP GA 56 20.61 30.41 82.77
CA ASP GA 56 20.65 31.86 82.70
C ASP GA 56 21.30 32.32 81.39
N THR GA 57 22.47 31.76 81.07
CA THR GA 57 23.18 32.22 79.89
C THR GA 57 22.52 31.72 78.60
N MET GA 58 21.85 30.56 78.64
CA MET GA 58 21.06 30.12 77.49
C MET GA 58 19.89 31.07 77.22
N PHE GA 59 19.17 31.45 78.28
CA PHE GA 59 18.03 32.33 78.10
C PHE GA 59 18.46 33.74 77.74
N GLN GA 60 19.68 34.13 78.13
CA GLN GA 60 20.19 35.43 77.71
C GLN GA 60 20.62 35.39 76.24
N LYS GA 61 21.23 34.28 75.81
CA LYS GA 61 21.63 34.17 74.42
C LYS GA 61 20.43 34.07 73.50
N ARG GA 62 19.36 33.41 73.95
CA ARG GA 62 18.16 33.18 73.14
C ARG GA 62 16.93 33.60 73.92
N PRO GA 63 16.70 34.91 74.09
CA PRO GA 63 15.54 35.35 74.89
C PRO GA 63 14.21 34.99 74.28
N ASP GA 64 14.15 34.71 72.98
CA ASP GA 64 12.88 34.37 72.35
C ASP GA 64 12.35 33.03 72.81
N LEU GA 65 13.20 32.16 73.36
CA LEU GA 65 12.73 30.90 73.92
C LEU GA 65 11.79 31.11 75.09
N VAL GA 66 12.10 32.08 75.95
CA VAL GA 66 11.24 32.37 77.09
C VAL GA 66 10.32 33.55 76.84
N ALA GA 67 10.43 34.20 75.70
CA ALA GA 67 9.50 35.23 75.29
C ALA GA 67 8.15 34.62 74.94
N PRO GA 68 7.08 35.42 74.93
CA PRO GA 68 5.77 34.86 74.58
C PRO GA 68 5.80 34.21 73.20
N GLY GA 69 5.15 33.05 73.10
CA GLY GA 69 5.28 32.22 71.92
C GLY GA 69 6.57 31.42 71.85
N GLY GA 70 7.40 31.45 72.88
CA GLY GA 70 8.60 30.65 72.91
C GLY GA 70 8.34 29.24 73.42
N ASN GA 71 9.20 28.32 73.01
CA ASN GA 71 8.99 26.92 73.35
C ASN GA 71 9.04 26.68 74.85
N ALA GA 72 9.76 27.52 75.59
CA ALA GA 72 9.85 27.43 77.03
C ALA GA 72 9.14 28.58 77.74
N TYR GA 73 8.21 29.25 77.06
CA TYR GA 73 7.50 30.36 77.68
C TYR GA 73 6.63 29.88 78.84
N GLY GA 74 6.62 30.64 79.92
CA GLY GA 74 5.85 30.31 81.09
C GLY GA 74 6.67 29.57 82.13
N GLU GA 75 6.08 29.44 83.32
CA GLU GA 75 6.80 28.82 84.43
C GLU GA 75 6.95 27.32 84.23
N VAL GA 76 5.89 26.65 83.77
CA VAL GA 76 5.93 25.20 83.60
C VAL GA 76 6.94 24.82 82.53
N ARG GA 77 6.96 25.56 81.42
CA ARG GA 77 7.81 25.19 80.31
C ARG GA 77 9.27 25.56 80.58
N THR GA 78 9.51 26.68 81.27
CA THR GA 78 10.86 26.98 81.72
C THR GA 78 11.35 25.92 82.70
N ALA GA 79 10.45 25.46 83.58
CA ALA GA 79 10.80 24.39 84.50
C ALA GA 79 11.18 23.11 83.76
N LYS GA 80 10.41 22.74 82.74
CA LYS GA 80 10.73 21.55 81.98
C LYS GA 80 12.03 21.70 81.20
N CYS GA 81 12.31 22.90 80.71
CA CYS GA 81 13.57 23.17 80.04
C CYS GA 81 14.76 23.01 80.98
N LEU GA 82 14.68 23.61 82.18
CA LEU GA 82 15.75 23.47 83.14
C LEU GA 82 15.86 22.03 83.65
N ARG GA 83 14.74 21.33 83.74
CA ARG GA 83 14.75 19.92 84.09
C ARG GA 83 15.46 19.08 83.03
N ASP GA 84 15.30 19.43 81.77
CA ASP GA 84 16.03 18.75 80.71
C ASP GA 84 17.53 19.00 80.81
N LEU GA 85 17.91 20.24 81.11
CA LEU GA 85 19.33 20.54 81.29
C LEU GA 85 19.91 19.75 82.47
N ASP GA 86 19.16 19.66 83.57
CA ASP GA 86 19.58 18.87 84.71
C ASP GA 86 19.70 17.39 84.34
N TYR GA 87 18.75 16.89 83.55
CA TYR GA 87 18.82 15.52 83.07
C TYR GA 87 20.11 15.27 82.31
N PHE GA 88 20.49 16.19 81.44
CA PHE GA 88 21.68 15.99 80.64
C PHE GA 88 22.94 16.08 81.49
N LEU GA 89 22.93 16.92 82.53
CA LEU GA 89 24.07 16.95 83.44
C LEU GA 89 24.21 15.63 84.19
N ARG GA 90 23.08 15.06 84.63
CA ARG GA 90 23.12 13.75 85.29
C ARG GA 90 23.65 12.68 84.35
N LEU GA 91 23.25 12.75 83.08
CA LEU GA 91 23.74 11.79 82.10
C LEU GA 91 25.23 11.94 81.87
N VAL GA 92 25.73 13.18 81.87
CA VAL GA 92 27.17 13.40 81.74
C VAL GA 92 27.91 12.79 82.92
N THR GA 93 27.36 12.93 84.13
CA THR GA 93 27.99 12.30 85.28
C THR GA 93 28.00 10.78 85.15
N TYR GA 94 26.89 10.21 84.69
CA TYR GA 94 26.85 8.77 84.46
C TYR GA 94 27.91 8.33 83.48
N GLY GA 95 28.05 9.06 82.37
CA GLY GA 95 29.06 8.71 81.38
C GLY GA 95 30.47 8.82 81.93
N VAL GA 96 30.73 9.86 82.72
CA VAL GA 96 32.03 10.02 83.35
C VAL GA 96 32.34 8.83 84.25
N LEU GA 97 31.34 8.35 84.98
CA LEU GA 97 31.55 7.20 85.87
C LEU GA 97 31.76 5.91 85.09
N ALA GA 98 30.89 5.62 84.13
CA ALA GA 98 30.93 4.34 83.43
C ALA GA 98 32.16 4.22 82.55
N GLY GA 99 32.64 5.34 82.02
CA GLY GA 99 33.74 5.32 81.09
C GLY GA 99 33.35 5.14 79.66
N ASP GA 100 32.06 5.06 79.35
CA ASP GA 100 31.58 5.17 77.97
C ASP GA 100 30.26 5.93 78.00
N THR GA 101 29.64 5.98 76.84
CA THR GA 101 28.40 6.73 76.65
C THR GA 101 27.17 5.84 76.66
N SER GA 102 27.30 4.58 77.07
CA SER GA 102 26.16 3.67 77.12
C SER GA 102 25.05 4.15 78.05
N PRO GA 103 25.30 4.60 79.28
CA PRO GA 103 24.21 5.19 80.06
C PRO GA 103 23.59 6.41 79.40
N ILE GA 104 24.42 7.28 78.81
CA ILE GA 104 23.90 8.48 78.15
C ILE GA 104 23.01 8.09 76.98
N ASP GA 105 23.44 7.12 76.19
CA ASP GA 105 22.67 6.71 75.03
C ASP GA 105 21.37 6.02 75.45
N GLU GA 106 21.46 5.13 76.44
CA GLU GA 106 20.29 4.35 76.84
C GLU GA 106 19.24 5.23 77.49
N ILE GA 107 19.65 6.19 78.33
CA ILE GA 107 18.69 6.91 79.14
C ILE GA 107 18.19 8.15 78.44
N GLY GA 108 19.06 8.88 77.75
CA GLY GA 108 18.68 10.20 77.31
C GLY GA 108 18.80 10.53 75.83
N LEU GA 109 19.65 9.82 75.10
CA LEU GA 109 19.97 10.27 73.75
C LEU GA 109 19.15 9.52 72.70
N ILE GA 110 19.09 8.20 72.77
CA ILE GA 110 18.27 7.45 71.83
C ILE GA 110 16.83 7.92 71.94
N GLY GA 111 16.31 8.47 70.85
CA GLY GA 111 14.96 8.98 70.84
C GLY GA 111 14.78 10.43 71.18
N ILE GA 112 15.85 11.14 71.58
CA ILE GA 112 15.69 12.55 71.94
C ILE GA 112 15.41 13.39 70.72
N LYS GA 113 15.94 12.98 69.56
CA LYS GA 113 15.83 13.81 68.37
C LYS GA 113 14.40 13.85 67.87
N GLU GA 114 13.75 12.69 67.76
CA GLU GA 114 12.35 12.66 67.37
C GLU GA 114 11.45 13.23 68.45
N THR GA 115 11.82 13.04 69.72
CA THR GA 115 11.05 13.64 70.82
C THR GA 115 11.00 15.16 70.69
N TYR GA 116 12.17 15.78 70.52
CA TYR GA 116 12.23 17.23 70.41
C TYR GA 116 11.69 17.70 69.07
N SER GA 117 11.71 16.83 68.06
CA SER GA 117 11.10 17.17 66.78
C SER GA 117 9.59 17.24 66.89
N LEU GA 118 8.97 16.23 67.50
CA LEU GA 118 7.52 16.24 67.68
C LEU GA 118 7.11 17.33 68.66
N LEU GA 119 7.94 17.62 69.64
CA LEU GA 119 7.66 18.71 70.57
C LEU GA 119 8.01 20.07 70.01
N GLU GA 120 8.68 20.11 68.85
CA GLU GA 120 9.15 21.34 68.24
C GLU GA 120 10.08 22.10 69.17
N VAL GA 121 10.83 21.38 69.98
CA VAL GA 121 11.86 22.00 70.82
C VAL GA 121 13.06 22.33 69.95
N PRO GA 122 13.56 23.57 69.98
CA PRO GA 122 14.72 23.92 69.15
C PRO GA 122 15.97 23.22 69.67
N VAL GA 123 16.50 22.30 68.86
CA VAL GA 123 17.75 21.63 69.24
C VAL GA 123 18.90 22.60 69.41
N PRO GA 124 19.08 23.64 68.57
CA PRO GA 124 20.14 24.62 68.85
C PRO GA 124 20.04 25.27 70.22
N GLY GA 125 18.82 25.50 70.72
CA GLY GA 125 18.70 26.01 72.09
C GLY GA 125 19.19 25.02 73.12
N VAL GA 126 18.88 23.73 72.92
CA VAL GA 126 19.35 22.70 73.83
C VAL GA 126 20.87 22.63 73.81
N ILE GA 127 21.46 22.74 72.61
CA ILE GA 127 22.91 22.68 72.47
C ILE GA 127 23.55 23.90 73.11
N ASP GA 128 22.90 25.06 73.02
CA ASP GA 128 23.40 26.23 73.72
C ASP GA 128 23.41 26.01 75.23
N GLY GA 129 22.34 25.42 75.77
CA GLY GA 129 22.31 25.11 77.18
C GLY GA 129 23.35 24.09 77.59
N ILE GA 130 23.60 23.10 76.73
CA ILE GA 130 24.56 22.06 77.06
C ILE GA 130 25.98 22.60 77.00
N LYS GA 131 26.31 23.42 75.99
CA LYS GA 131 27.61 24.07 75.97
C LYS GA 131 27.78 24.97 77.17
N ALA GA 132 26.73 25.70 77.54
CA ALA GA 132 26.80 26.54 78.72
C ALA GA 132 27.10 25.72 79.97
N ALA GA 133 26.45 24.55 80.10
CA ALA GA 133 26.73 23.67 81.21
C ALA GA 133 28.16 23.16 81.17
N LYS GA 134 28.69 22.92 79.97
CA LYS GA 134 30.09 22.51 79.84
C LYS GA 134 31.03 23.58 80.37
N GLN GA 135 30.80 24.85 80.01
CA GLN GA 135 31.65 25.91 80.54
C GLN GA 135 31.48 26.08 82.06
N GLN GA 136 30.25 25.98 82.55
CA GLN GA 136 30.04 26.05 83.99
C GLN GA 136 30.82 24.94 84.71
N ALA GA 137 30.78 23.73 84.16
CA ALA GA 137 31.50 22.61 84.75
C ALA GA 137 33.00 22.82 84.67
N ALA GA 138 33.51 23.30 83.54
CA ALA GA 138 34.94 23.52 83.40
C ALA GA 138 35.42 24.58 84.37
N ALA GA 139 34.55 25.53 84.72
CA ALA GA 139 34.92 26.52 85.73
C ALA GA 139 35.18 25.87 87.08
N LEU GA 140 34.44 24.81 87.40
CA LEU GA 140 34.58 24.19 88.72
C LEU GA 140 35.62 23.07 88.71
N LEU GA 141 36.08 22.67 87.54
CA LEU GA 141 37.00 21.55 87.43
C LEU GA 141 38.41 22.04 87.12
N SER GA 142 39.39 21.18 87.38
CA SER GA 142 40.74 21.42 86.91
C SER GA 142 40.81 21.17 85.41
N SER GA 143 41.96 21.48 84.81
CA SER GA 143 42.08 21.40 83.35
C SER GA 143 41.87 19.97 82.85
N GLU GA 144 42.50 18.99 83.51
CA GLU GA 144 42.33 17.61 83.07
C GLU GA 144 40.93 17.08 83.39
N ASP GA 145 40.41 17.44 84.57
CA ASP GA 145 39.03 17.08 84.90
C ASP GA 145 38.06 17.73 83.92
N ALA GA 146 38.32 18.99 83.56
CA ALA GA 146 37.46 19.67 82.59
C ALA GA 146 37.51 18.98 81.24
N ALA GA 147 38.69 18.52 80.82
CA ALA GA 147 38.77 17.79 79.55
C ALA GA 147 37.98 16.49 79.61
N GLU GA 148 38.11 15.76 80.72
CA GLU GA 148 37.39 14.49 80.87
C GLU GA 148 35.89 14.71 80.82
N ALA GA 149 35.39 15.73 81.53
CA ALA GA 149 33.96 16.04 81.47
C ALA GA 149 33.57 16.49 80.07
N SER GA 150 34.40 17.29 79.43
CA SER GA 150 34.06 17.86 78.13
C SER GA 150 33.98 16.79 77.06
N PHE GA 151 34.67 15.68 77.22
CA PHE GA 151 34.48 14.57 76.29
C PHE GA 151 33.00 14.16 76.21
N TYR GA 152 32.38 13.94 77.36
CA TYR GA 152 31.00 13.46 77.39
C TYR GA 152 30.02 14.60 77.10
N PHE GA 153 30.34 15.82 77.51
CA PHE GA 153 29.56 16.97 77.08
C PHE GA 153 29.53 17.10 75.57
N ASP GA 154 30.69 16.94 74.91
CA ASP GA 154 30.75 17.06 73.47
C ASP GA 154 30.06 15.89 72.78
N TYR GA 155 30.13 14.71 73.38
CA TYR GA 155 29.33 13.61 72.86
C TYR GA 155 27.84 13.94 72.86
N VAL GA 156 27.36 14.53 73.96
CA VAL GA 156 25.93 14.87 74.02
C VAL GA 156 25.60 15.92 72.96
N ILE GA 157 26.46 16.92 72.81
CA ILE GA 157 26.21 17.97 71.82
C ILE GA 157 26.16 17.38 70.43
N SER GA 158 27.10 16.49 70.11
CA SER GA 158 27.18 15.95 68.76
C SER GA 158 26.03 15.00 68.48
N ALA GA 159 25.55 14.31 69.51
CA ALA GA 159 24.36 13.48 69.32
C ALA GA 159 23.12 14.34 69.09
N MET GA 160 23.04 15.49 69.77
CA MET GA 160 21.95 16.41 69.49
C MET GA 160 22.04 16.97 68.08
N SER GA 161 23.22 17.40 67.68
CA SER GA 161 23.42 17.99 66.36
C SER GA 161 23.55 16.91 65.29
N SER HA 2 45.97 -4.67 66.19
CA SER HA 2 46.43 -3.50 66.95
C SER HA 2 45.29 -2.92 67.77
N VAL HA 3 45.65 -2.17 68.82
CA VAL HA 3 44.63 -1.47 69.61
C VAL HA 3 43.96 -0.40 68.76
N VAL HA 4 44.76 0.37 68.01
CA VAL HA 4 44.25 1.45 67.19
C VAL HA 4 43.37 0.90 66.08
N THR HA 5 43.80 -0.19 65.46
CA THR HA 5 43.03 -0.76 64.36
C THR HA 5 41.72 -1.36 64.86
N LYS HA 6 41.73 -2.04 66.00
CA LYS HA 6 40.47 -2.55 66.56
C LYS HA 6 39.53 -1.41 66.94
N ALA HA 7 40.07 -0.33 67.51
CA ALA HA 7 39.21 0.81 67.81
C ALA HA 7 38.60 1.39 66.53
N ILE HA 8 39.41 1.55 65.49
CA ILE HA 8 38.89 2.12 64.25
C ILE HA 8 37.86 1.21 63.62
N VAL HA 9 38.11 -0.11 63.65
CA VAL HA 9 37.19 -1.04 63.02
C VAL HA 9 35.89 -1.14 63.81
N SER HA 10 35.96 -1.04 65.14
CA SER HA 10 34.73 -0.99 65.91
C SER HA 10 33.94 0.26 65.59
N ALA HA 11 34.62 1.40 65.43
CA ALA HA 11 33.92 2.63 65.07
C ALA HA 11 33.32 2.54 63.68
N ASP HA 12 34.05 1.92 62.75
CA ASP HA 12 33.61 1.80 61.37
C ASP HA 12 32.43 0.85 61.24
N ALA HA 13 32.38 -0.19 62.06
CA ALA HA 13 31.29 -1.16 61.98
C ALA HA 13 29.95 -0.52 62.34
N GLU HA 14 29.98 0.52 63.18
CA GLU HA 14 28.79 1.28 63.53
C GLU HA 14 28.70 2.60 62.78
N ALA HA 15 29.59 2.84 61.82
CA ALA HA 15 29.58 4.03 60.97
C ALA HA 15 29.59 5.32 61.79
N ARG HA 16 30.41 5.36 62.83
CA ARG HA 16 30.45 6.49 63.73
C ARG HA 16 31.89 6.88 64.01
N TYR HA 17 32.07 8.10 64.49
CA TYR HA 17 33.35 8.50 65.05
C TYR HA 17 33.64 7.70 66.31
N LEU HA 18 34.92 7.60 66.64
CA LEU HA 18 35.30 6.93 67.87
C LEU HA 18 34.68 7.64 69.06
N SER HA 19 34.12 6.87 69.98
CA SER HA 19 33.49 7.40 71.17
C SER HA 19 34.56 7.83 72.16
N PRO HA 20 34.18 8.49 73.26
CA PRO HA 20 35.17 8.79 74.31
C PRO HA 20 35.85 7.54 74.85
N GLY HA 21 35.13 6.42 74.94
CA GLY HA 21 35.75 5.20 75.46
C GLY HA 21 36.87 4.67 74.57
N GLU HA 22 36.64 4.63 73.26
CA GLU HA 22 37.66 4.14 72.34
C GLU HA 22 38.88 5.06 72.34
N LEU HA 23 38.65 6.37 72.39
CA LEU HA 23 39.76 7.31 72.48
C LEU HA 23 40.54 7.12 73.78
N ASP HA 24 39.83 6.83 74.89
CA ASP HA 24 40.52 6.54 76.14
C ASP HA 24 41.37 5.28 76.03
N ARG HA 25 40.84 4.26 75.35
CA ARG HA 25 41.61 3.04 75.12
C ARG HA 25 42.87 3.33 74.31
N ILE HA 26 42.77 4.19 73.29
CA ILE HA 26 43.93 4.51 72.48
C ILE HA 26 44.94 5.33 73.27
N ARG HA 27 44.46 6.27 74.10
CA ARG HA 27 45.34 7.01 74.99
C ARG HA 27 46.08 6.08 75.92
N GLY HA 28 45.37 5.13 76.52
CA GLY HA 28 46.02 4.18 77.41
C GLY HA 28 47.05 3.33 76.69
N PHE HA 29 46.75 2.92 75.46
CA PHE HA 29 47.72 2.16 74.70
C PHE HA 29 48.98 2.98 74.39
N VAL HA 30 48.81 4.20 73.88
CA VAL HA 30 49.98 4.97 73.47
C VAL HA 30 50.79 5.44 74.67
N SER HA 31 50.15 5.56 75.83
CA SER HA 31 50.89 6.00 77.02
C SER HA 31 51.80 4.89 77.53
N SER HA 32 51.50 3.65 77.17
CA SER HA 32 52.30 2.51 77.57
C SER HA 32 53.32 2.10 76.52
N GLY HA 33 53.43 2.85 75.43
CA GLY HA 33 54.24 2.40 74.31
C GLY HA 33 55.69 2.19 74.68
N GLU HA 34 56.24 3.05 75.52
CA GLU HA 34 57.65 2.94 75.89
C GLU HA 34 57.90 1.68 76.71
N ARG HA 35 57.00 1.34 77.62
CA ARG HA 35 57.19 0.15 78.44
C ARG HA 35 57.12 -1.12 77.60
N ARG HA 36 56.07 -1.27 76.78
CA ARG HA 36 55.96 -2.46 75.95
C ARG HA 36 57.05 -2.51 74.90
N LEU HA 37 57.62 -1.36 74.56
CA LEU HA 37 58.64 -1.34 73.54
C LEU HA 37 59.98 -1.74 74.14
N ARG HA 38 60.22 -1.35 75.39
CA ARG HA 38 61.36 -1.87 76.15
C ARG HA 38 61.23 -3.38 76.35
N VAL HA 39 60.02 -3.87 76.60
CA VAL HA 39 59.81 -5.30 76.74
C VAL HA 39 60.10 -6.03 75.43
N ALA HA 40 59.66 -5.46 74.30
CA ALA HA 40 59.98 -6.05 73.01
C ALA HA 40 61.48 -6.10 72.78
N GLN HA 41 62.18 -5.01 73.11
CA GLN HA 41 63.63 -4.99 72.97
C GLN HA 41 64.30 -6.04 73.86
N THR HA 42 63.81 -6.20 75.10
CA THR HA 42 64.40 -7.17 76.00
C THR HA 42 64.21 -8.60 75.50
N LEU HA 43 63.01 -8.91 75.01
CA LEU HA 43 62.79 -10.24 74.46
C LEU HA 43 63.61 -10.46 73.20
N THR HA 44 63.74 -9.41 72.38
CA THR HA 44 64.45 -9.53 71.12
C THR HA 44 65.94 -9.76 71.33
N GLU HA 45 66.51 -9.14 72.37
CA GLU HA 45 67.96 -9.24 72.57
C GLU HA 45 68.34 -10.59 73.16
N SER HA 46 67.45 -11.21 73.93
CA SER HA 46 67.72 -12.49 74.55
C SER HA 46 67.08 -13.66 73.80
N ARG HA 47 66.84 -13.51 72.49
CA ARG HA 47 66.14 -14.55 71.76
C ARG HA 47 66.91 -15.86 71.75
N GLU HA 48 68.23 -15.81 71.59
CA GLU HA 48 69.02 -17.03 71.62
C GLU HA 48 68.91 -17.71 72.98
N ARG HA 49 69.04 -16.92 74.05
CA ARG HA 49 68.92 -17.44 75.40
C ARG HA 49 67.56 -18.07 75.65
N ILE HA 50 66.49 -17.38 75.22
CA ILE HA 50 65.14 -17.89 75.46
C ILE HA 50 64.89 -19.17 74.66
N ILE HA 51 65.27 -19.18 73.39
CA ILE HA 51 65.03 -20.35 72.56
C ILE HA 51 65.82 -21.54 73.09
N LYS HA 52 67.08 -21.34 73.48
CA LYS HA 52 67.88 -22.46 73.94
C LYS HA 52 67.35 -23.00 75.28
N GLN HA 53 67.08 -22.13 76.25
CA GLN HA 53 66.55 -22.63 77.51
C GLN HA 53 65.18 -23.27 77.35
N ALA HA 54 64.30 -22.66 76.56
CA ALA HA 54 62.96 -23.21 76.40
C ALA HA 54 63.00 -24.55 75.68
N GLY HA 55 63.87 -24.69 74.68
CA GLY HA 55 64.03 -25.98 74.04
C GLY HA 55 64.55 -27.03 75.00
N ASP HA 56 65.51 -26.65 75.84
CA ASP HA 56 66.03 -27.59 76.83
C ASP HA 56 64.93 -28.03 77.80
N GLN HA 57 64.13 -27.08 78.29
CA GLN HA 57 63.04 -27.41 79.20
C GLN HA 57 62.00 -28.29 78.53
N LEU HA 58 61.68 -28.00 77.27
CA LEU HA 58 60.68 -28.79 76.55
C LEU HA 58 61.16 -30.20 76.33
N PHE HA 59 62.43 -30.38 75.96
CA PHE HA 59 62.92 -31.71 75.64
C PHE HA 59 63.16 -32.52 76.91
N GLN HA 60 63.43 -31.84 78.03
CA GLN HA 60 63.46 -32.55 79.30
C GLN HA 60 62.07 -32.96 79.74
N LYS HA 61 61.08 -32.09 79.49
CA LYS HA 61 59.72 -32.38 79.93
C LYS HA 61 59.04 -33.38 79.02
N ARG HA 62 59.41 -33.41 77.74
CA ARG HA 62 58.82 -34.29 76.74
C ARG HA 62 59.92 -35.01 75.97
N PRO HA 63 60.56 -36.01 76.58
CA PRO HA 63 61.67 -36.69 75.89
C PRO HA 63 61.26 -37.45 74.65
N ASP HA 64 59.97 -37.77 74.50
CA ASP HA 64 59.53 -38.57 73.36
C ASP HA 64 59.65 -37.79 72.05
N LEU HA 65 59.65 -36.46 72.12
CA LEU HA 65 59.71 -35.66 70.91
C LEU HA 65 61.05 -35.80 70.22
N VAL HA 66 62.13 -35.90 70.98
CA VAL HA 66 63.47 -35.95 70.39
C VAL HA 66 64.12 -37.31 70.52
N SER HA 67 63.37 -38.33 70.92
CA SER HA 67 63.79 -39.72 70.82
C SER HA 67 63.25 -40.31 69.52
N PRO HA 68 63.80 -41.45 69.07
CA PRO HA 68 63.38 -41.99 67.78
C PRO HA 68 61.88 -42.28 67.74
N GLY HA 69 61.29 -42.04 66.58
CA GLY HA 69 59.86 -42.01 66.45
C GLY HA 69 59.24 -40.69 66.80
N GLY HA 70 60.04 -39.73 67.27
CA GLY HA 70 59.52 -38.43 67.61
C GLY HA 70 59.51 -37.49 66.43
N ASN HA 71 58.69 -36.45 66.56
CA ASN HA 71 58.52 -35.50 65.46
C ASN HA 71 59.75 -34.61 65.31
N ALA HA 72 60.43 -34.30 66.42
CA ALA HA 72 61.64 -33.50 66.39
C ALA HA 72 62.91 -34.33 66.45
N TYR HA 73 62.82 -35.65 66.27
CA TYR HA 73 64.00 -36.51 66.33
C TYR HA 73 64.93 -36.27 65.15
N GLY HA 74 66.21 -36.24 65.45
CA GLY HA 74 67.21 -35.77 64.52
C GLY HA 74 67.59 -34.33 64.79
N ALA HA 75 68.79 -33.95 64.33
CA ALA HA 75 69.23 -32.57 64.53
C ALA HA 75 68.47 -31.62 63.60
N GLU HA 76 68.13 -32.07 62.39
CA GLU HA 76 67.44 -31.21 61.44
C GLU HA 76 66.01 -30.93 61.89
N ARG HA 77 65.33 -31.94 62.41
CA ARG HA 77 63.97 -31.73 62.88
C ARG HA 77 63.94 -30.97 64.20
N THR HA 78 64.96 -31.16 65.04
CA THR HA 78 65.06 -30.34 66.24
C THR HA 78 65.33 -28.89 65.90
N ALA HA 79 66.16 -28.65 64.88
CA ALA HA 79 66.39 -27.29 64.44
C ALA HA 79 65.11 -26.66 63.89
N SER HA 80 64.30 -27.44 63.17
CA SER HA 80 63.00 -26.93 62.73
C SER HA 80 62.09 -26.59 63.91
N CYS HA 81 62.10 -27.45 64.93
CA CYS HA 81 61.37 -27.20 66.16
C CYS HA 81 61.78 -25.87 66.80
N LEU HA 82 63.09 -25.68 66.98
CA LEU HA 82 63.59 -24.45 67.60
C LEU HA 82 63.33 -23.24 66.70
N ARG HA 83 63.35 -23.45 65.38
CA ARG HA 83 63.06 -22.38 64.43
C ARG HA 83 61.63 -21.88 64.59
N ASP HA 84 60.66 -22.77 64.76
CA ASP HA 84 59.33 -22.18 64.91
C ASP HA 84 59.02 -21.80 66.35
N LEU HA 85 59.79 -22.26 67.33
CA LEU HA 85 59.82 -21.54 68.60
C LEU HA 85 60.25 -20.09 68.40
N ASP HA 86 61.28 -19.87 67.57
CA ASP HA 86 61.73 -18.52 67.27
C ASP HA 86 60.64 -17.73 66.54
N TYR HA 87 59.92 -18.39 65.63
CA TYR HA 87 58.75 -17.78 65.00
C TYR HA 87 57.77 -17.25 66.05
N TYR HA 88 57.45 -18.06 67.04
CA TYR HA 88 56.43 -17.64 67.99
C TYR HA 88 56.97 -16.58 68.95
N LEU HA 89 58.25 -16.61 69.26
CA LEU HA 89 58.81 -15.54 70.07
C LEU HA 89 58.75 -14.21 69.34
N ARG HA 90 59.08 -14.23 68.04
CA ARG HA 90 58.98 -13.00 67.25
C ARG HA 90 57.54 -12.51 67.15
N LEU HA 91 56.58 -13.43 66.99
CA LEU HA 91 55.18 -13.04 66.97
C LEU HA 91 54.76 -12.44 68.29
N VAL HA 92 55.27 -12.96 69.40
CA VAL HA 92 54.97 -12.40 70.71
C VAL HA 92 55.46 -10.97 70.80
N THR HA 93 56.69 -10.70 70.33
CA THR HA 93 57.20 -9.33 70.36
C THR HA 93 56.35 -8.41 69.49
N PHE HA 94 55.95 -8.89 68.32
CA PHE HA 94 55.04 -8.12 67.47
C PHE HA 94 53.76 -7.78 68.22
N GLY HA 95 53.14 -8.78 68.85
CA GLY HA 95 51.89 -8.54 69.56
C GLY HA 95 52.07 -7.61 70.74
N ILE HA 96 53.26 -7.59 71.32
CA ILE HA 96 53.53 -6.69 72.44
C ILE HA 96 53.59 -5.25 71.96
N VAL HA 97 54.21 -5.01 70.81
CA VAL HA 97 54.25 -3.63 70.33
C VAL HA 97 52.89 -3.22 69.77
N ALA HA 98 52.07 -4.20 69.38
CA ALA HA 98 50.79 -3.88 68.79
C ALA HA 98 49.69 -3.71 69.84
N GLY HA 99 49.94 -4.14 71.08
CA GLY HA 99 48.94 -4.02 72.11
C GLY HA 99 47.81 -5.02 72.03
N ASP HA 100 47.88 -5.99 71.13
CA ASP HA 100 46.86 -7.01 71.01
C ASP HA 100 47.47 -8.21 70.31
N VAL HA 101 46.73 -9.31 70.33
CA VAL HA 101 47.21 -10.58 69.80
C VAL HA 101 46.85 -10.70 68.32
N THR HA 102 46.40 -9.62 67.73
CA THR HA 102 46.04 -9.63 66.32
C THR HA 102 47.18 -10.07 65.40
N PRO HA 103 48.41 -9.54 65.51
CA PRO HA 103 49.49 -10.09 64.68
C PRO HA 103 49.74 -11.57 64.94
N ILE HA 104 49.68 -11.99 66.20
CA ILE HA 104 49.90 -13.40 66.52
C ILE HA 104 48.81 -14.26 65.88
N GLU HA 105 47.56 -13.79 65.95
CA GLU HA 105 46.45 -14.56 65.44
C GLU HA 105 46.49 -14.65 63.91
N GLU HA 106 46.88 -13.57 63.25
CA GLU HA 106 46.83 -13.55 61.79
C GLU HA 106 48.08 -14.17 61.17
N ILE HA 107 49.18 -14.26 61.92
CA ILE HA 107 50.37 -14.86 61.34
C ILE HA 107 50.53 -16.31 61.79
N GLY HA 108 50.21 -16.61 63.04
CA GLY HA 108 50.59 -17.90 63.59
C GLY HA 108 49.49 -18.69 64.27
N VAL HA 109 48.25 -18.22 64.26
CA VAL HA 109 47.17 -18.92 64.92
C VAL HA 109 46.10 -19.40 63.95
N ILE HA 110 45.57 -18.53 63.10
CA ILE HA 110 44.56 -18.95 62.13
C ILE HA 110 45.12 -20.08 61.28
N GLY HA 111 44.45 -21.23 61.32
CA GLY HA 111 44.89 -22.37 60.55
C GLY HA 111 46.06 -23.13 61.12
N VAL HA 112 46.43 -22.89 62.38
CA VAL HA 112 47.63 -23.52 62.93
C VAL HA 112 47.41 -25.02 63.14
N LYS HA 113 46.20 -25.41 63.55
CA LYS HA 113 45.95 -26.82 63.82
C LYS HA 113 46.02 -27.65 62.55
N GLU HA 114 45.48 -27.13 61.45
CA GLU HA 114 45.56 -27.83 60.18
C GLU HA 114 47.00 -27.95 59.71
N MET HA 115 47.79 -26.88 59.86
CA MET HA 115 49.21 -26.94 59.53
C MET HA 115 49.93 -28.00 60.35
N TYR HA 116 49.69 -28.04 61.65
CA TYR HA 116 50.46 -28.96 62.49
C TYR HA 116 49.94 -30.39 62.37
N ARG HA 117 48.69 -30.57 61.91
CA ARG HA 117 48.26 -31.91 61.54
C ARG HA 117 48.90 -32.36 60.23
N ASN HA 118 48.99 -31.47 59.25
CA ASN HA 118 49.63 -31.84 58.00
C ASN HA 118 51.11 -32.15 58.21
N LEU HA 119 51.73 -31.49 59.19
CA LEU HA 119 53.13 -31.71 59.50
C LEU HA 119 53.36 -32.83 60.50
N GLU HA 120 52.29 -33.40 61.06
CA GLU HA 120 52.35 -34.41 62.12
C GLU HA 120 53.01 -33.87 63.40
N VAL HA 121 52.89 -32.58 63.66
CA VAL HA 121 53.40 -32.02 64.90
C VAL HA 121 52.33 -32.16 65.99
N PRO HA 122 52.66 -32.76 67.13
CA PRO HA 122 51.68 -32.87 68.21
C PRO HA 122 51.38 -31.51 68.83
N LEU HA 123 50.11 -31.18 68.90
CA LEU HA 123 49.66 -29.94 69.51
C LEU HA 123 49.98 -29.86 71.00
N PRO HA 124 49.80 -30.95 71.78
CA PRO HA 124 50.26 -30.87 73.18
C PRO HA 124 51.74 -30.56 73.32
N GLY HA 125 52.56 -31.05 72.39
CA GLY HA 125 53.97 -30.65 72.39
C GLY HA 125 54.14 -29.17 72.15
N MET HA 126 53.32 -28.58 71.26
CA MET HA 126 53.36 -27.14 71.07
C MET HA 126 52.93 -26.40 72.31
N VAL HA 127 51.91 -26.90 73.01
CA VAL HA 127 51.47 -26.24 74.24
C VAL HA 127 52.58 -26.27 75.28
N GLU HA 128 53.24 -27.42 75.44
CA GLU HA 128 54.35 -27.49 76.38
C GLU HA 128 55.50 -26.58 75.97
N ALA HA 129 55.78 -26.48 74.67
CA ALA HA 129 56.83 -25.58 74.21
C ALA HA 129 56.49 -24.11 74.49
N VAL HA 130 55.23 -23.74 74.29
CA VAL HA 130 54.82 -22.37 74.56
C VAL HA 130 54.89 -22.08 76.06
N LYS HA 131 54.56 -23.06 76.90
CA LYS HA 131 54.68 -22.84 78.33
C LYS HA 131 56.13 -22.74 78.77
N ALA HA 132 57.03 -23.50 78.14
CA ALA HA 132 58.45 -23.37 78.43
C ALA HA 132 58.97 -21.99 78.01
N MET HA 133 58.56 -21.52 76.83
CA MET HA 133 58.96 -20.19 76.39
C MET HA 133 58.41 -19.12 77.32
N LYS HA 134 57.17 -19.29 77.78
CA LYS HA 134 56.59 -18.38 78.77
C LYS HA 134 57.42 -18.32 80.04
N SER HA 135 57.78 -19.49 80.58
CA SER HA 135 58.55 -19.50 81.82
C SER HA 135 59.90 -18.80 81.62
N VAL HA 136 60.62 -19.15 80.55
CA VAL HA 136 61.93 -18.54 80.33
C VAL HA 136 61.80 -17.04 80.10
N ALA HA 137 60.84 -16.62 79.29
CA ALA HA 137 60.75 -15.21 78.91
C ALA HA 137 60.28 -14.35 80.08
N THR HA 138 59.38 -14.87 80.91
CA THR HA 138 58.95 -14.12 82.08
C THR HA 138 60.01 -14.16 83.17
N GLY HA 139 60.93 -15.12 83.11
CA GLY HA 139 62.05 -15.09 84.03
C GLY HA 139 62.98 -13.91 83.79
N LEU HA 140 63.00 -13.39 82.56
CA LEU HA 140 63.94 -12.34 82.22
C LEU HA 140 63.34 -10.97 82.42
N LEU HA 141 62.08 -10.91 82.84
CA LEU HA 141 61.38 -9.64 83.01
C LEU HA 141 60.96 -9.45 84.47
N SER HA 142 60.70 -8.20 84.81
CA SER HA 142 60.14 -7.86 86.11
C SER HA 142 58.69 -8.32 86.19
N GLY HA 143 58.15 -8.33 87.41
CA GLY HA 143 56.86 -8.96 87.64
C GLY HA 143 55.72 -8.33 86.84
N ASP HA 144 55.64 -7.01 86.83
CA ASP HA 144 54.58 -6.35 86.09
C ASP HA 144 54.70 -6.62 84.59
N ASP HA 145 55.92 -6.54 84.05
CA ASP HA 145 56.11 -6.88 82.64
C ASP HA 145 55.94 -8.38 82.41
N SER HA 146 56.35 -9.19 83.39
CA SER HA 146 56.19 -10.63 83.26
C SER HA 146 54.72 -10.99 83.11
N ALA HA 147 53.83 -10.34 83.85
CA ALA HA 147 52.42 -10.67 83.75
C ALA HA 147 51.86 -10.34 82.36
N GLU HA 148 52.20 -9.15 81.83
CA GLU HA 148 51.63 -8.75 80.55
C GLU HA 148 52.17 -9.61 79.42
N VAL HA 149 53.45 -9.99 79.48
CA VAL HA 149 53.97 -10.93 78.48
C VAL HA 149 53.36 -12.31 78.65
N GLY HA 150 53.14 -12.71 79.91
CA GLY HA 150 52.54 -14.00 80.15
C GLY HA 150 51.14 -14.09 79.59
N TYR HA 151 50.42 -12.97 79.53
CA TYR HA 151 49.09 -13.00 78.91
C TYR HA 151 49.20 -13.37 77.43
N TYR HA 152 50.17 -12.80 76.72
CA TYR HA 152 50.36 -13.14 75.33
C TYR HA 152 50.73 -14.60 75.15
N PHE HA 153 51.62 -15.10 76.00
CA PHE HA 153 51.98 -16.52 75.90
C PHE HA 153 50.82 -17.42 76.27
N ASP HA 154 49.98 -16.99 77.23
CA ASP HA 154 48.81 -17.76 77.63
C ASP HA 154 47.78 -17.82 76.51
N TYR HA 155 47.57 -16.70 75.82
CA TYR HA 155 46.73 -16.72 74.64
C TYR HA 155 47.28 -17.67 73.60
N LEU HA 156 48.60 -17.65 73.38
CA LEU HA 156 49.21 -18.55 72.41
C LEU HA 156 48.97 -20.01 72.78
N ALA HA 157 49.20 -20.37 74.04
CA ALA HA 157 49.03 -21.75 74.48
C ALA HA 157 47.57 -22.18 74.36
N GLY HA 158 46.64 -21.29 74.72
CA GLY HA 158 45.23 -21.63 74.56
C GLY HA 158 44.84 -21.79 73.11
N ALA HA 159 45.45 -21.00 72.23
CA ALA HA 159 45.14 -21.09 70.81
C ALA HA 159 45.68 -22.38 70.21
N LEU HA 160 46.81 -22.89 70.73
CA LEU HA 160 47.35 -24.12 70.19
C LEU HA 160 46.64 -25.34 70.76
N ALA HA 161 45.74 -25.15 71.72
CA ALA HA 161 45.04 -26.27 72.34
C ALA HA 161 43.55 -26.25 72.01
N MET IA 1 23.87 -6.68 79.13
CA MET IA 1 24.27 -7.04 80.48
C MET IA 1 24.79 -5.83 81.25
N LEU IA 2 24.88 -5.96 82.56
CA LEU IA 2 25.31 -4.89 83.44
C LEU IA 2 26.59 -5.29 84.15
N ASP IA 3 27.38 -4.28 84.48
CA ASP IA 3 28.43 -4.44 85.47
C ASP IA 3 28.00 -3.69 86.73
N ALA IA 4 28.86 -3.71 87.75
CA ALA IA 4 28.48 -3.12 89.03
C ALA IA 4 28.24 -1.62 88.91
N VAL IA 5 29.09 -0.92 88.16
CA VAL IA 5 28.89 0.51 87.95
C VAL IA 5 27.59 0.78 87.24
N THR IA 6 27.28 0.02 86.19
CA THR IA 6 26.04 0.23 85.46
C THR IA 6 24.84 -0.09 86.32
N LYS IA 7 24.95 -1.11 87.17
CA LYS IA 7 23.87 -1.43 88.09
C LYS IA 7 23.61 -0.27 89.05
N ILE IA 8 24.67 0.33 89.59
CA ILE IA 8 24.49 1.47 90.48
C ILE IA 8 23.90 2.66 89.71
N ILE IA 9 24.36 2.88 88.49
CA ILE IA 9 23.84 4.00 87.69
C ILE IA 9 22.35 3.81 87.43
N ASN IA 10 21.94 2.57 87.10
CA ASN IA 10 20.53 2.31 86.87
C ASN IA 10 19.72 2.49 88.14
N ARG IA 11 20.26 2.07 89.28
CA ARG IA 11 19.56 2.27 90.54
C ARG IA 11 19.35 3.75 90.83
N THR IA 12 20.37 4.58 90.61
CA THR IA 12 20.22 6.01 90.83
C THR IA 12 19.27 6.63 89.80
N ASP IA 13 19.31 6.13 88.56
CA ASP IA 13 18.48 6.71 87.50
C ASP IA 13 17.02 6.40 87.73
N ALA IA 14 16.71 5.22 88.27
CA ALA IA 14 15.33 4.87 88.58
C ALA IA 14 14.74 5.80 89.62
N GLU IA 15 15.58 6.43 90.43
CA GLU IA 15 15.14 7.46 91.36
C GLU IA 15 15.36 8.87 90.82
N GLY IA 16 15.98 9.00 89.65
CA GLY IA 16 16.25 10.31 89.08
C GLY IA 16 17.08 11.20 89.98
N ARG IA 17 18.09 10.64 90.63
CA ARG IA 17 18.94 11.40 91.51
C ARG IA 17 20.39 11.24 91.06
N TYR IA 18 21.20 12.23 91.43
CA TYR IA 18 22.63 12.12 91.18
C TYR IA 18 23.25 11.12 92.13
N PHE IA 19 24.48 10.73 91.83
CA PHE IA 19 25.24 9.90 92.75
C PHE IA 19 25.47 10.63 94.05
N ALA IA 20 25.22 9.94 95.15
CA ALA IA 20 25.50 10.45 96.49
C ALA IA 20 26.69 9.70 97.06
N SER IA 21 26.99 9.97 98.33
CA SER IA 21 28.20 9.43 98.95
C SER IA 21 28.19 7.91 98.96
N LYS IA 22 27.05 7.30 99.30
CA LYS IA 22 27.01 5.85 99.37
C LYS IA 22 27.22 5.21 98.01
N ASP IA 23 26.65 5.80 96.95
CA ASP IA 23 26.82 5.25 95.61
C ASP IA 23 28.28 5.35 95.18
N PHE IA 24 28.93 6.47 95.49
CA PHE IA 24 30.35 6.58 95.24
C PHE IA 24 31.12 5.57 96.07
N ASP IA 25 30.56 5.16 97.21
CA ASP IA 25 31.22 4.16 98.04
C ASP IA 25 31.16 2.77 97.42
N GLU IA 26 29.98 2.35 96.92
CA GLU IA 26 29.97 1.09 96.19
C GLU IA 26 30.87 1.16 94.97
N VAL IA 27 30.91 2.31 94.31
CA VAL IA 27 31.72 2.42 93.10
C VAL IA 27 33.20 2.28 93.42
N THR IA 28 33.67 2.97 94.46
CA THR IA 28 35.07 2.87 94.83
C THR IA 28 35.42 1.49 95.36
N ARG IA 29 34.47 0.84 96.04
CA ARG IA 29 34.73 -0.53 96.48
C ARG IA 29 34.82 -1.49 95.29
N PHE IA 30 34.03 -1.25 94.25
CA PHE IA 30 34.17 -2.04 93.03
C PHE IA 30 35.54 -1.81 92.40
N PHE IA 31 35.98 -0.56 92.34
CA PHE IA 31 37.28 -0.28 91.74
C PHE IA 31 38.42 -0.87 92.57
N ALA IA 32 38.26 -0.92 93.89
CA ALA IA 32 39.30 -1.44 94.75
C ALA IA 32 39.54 -2.94 94.52
N THR IA 33 38.46 -3.69 94.28
CA THR IA 33 38.55 -5.13 94.07
C THR IA 33 38.81 -5.50 92.62
N GLY IA 34 38.99 -4.52 91.74
CA GLY IA 34 39.05 -4.81 90.32
C GLY IA 34 40.27 -5.63 89.93
N GLU IA 35 41.43 -5.31 90.50
CA GLU IA 35 42.66 -5.98 90.08
C GLU IA 35 42.69 -7.43 90.51
N ALA IA 36 42.18 -7.74 91.71
CA ALA IA 36 42.13 -9.12 92.15
C ALA IA 36 41.19 -9.95 91.28
N ARG IA 37 40.05 -9.38 90.91
CA ARG IA 37 39.13 -10.07 90.02
C ARG IA 37 39.73 -10.25 88.63
N LEU IA 38 40.48 -9.27 88.13
CA LEU IA 38 41.17 -9.47 86.86
C LEU IA 38 42.22 -10.56 86.95
N ARG IA 39 42.96 -10.61 88.06
CA ARG IA 39 43.97 -11.66 88.20
C ARG IA 39 43.31 -13.04 88.25
N ALA IA 40 42.20 -13.15 88.96
CA ALA IA 40 41.46 -14.41 89.01
C ALA IA 40 40.94 -14.80 87.63
N ALA IA 41 40.39 -13.84 86.89
CA ALA IA 41 39.86 -14.14 85.56
C ALA IA 41 40.97 -14.54 84.60
N SER IA 42 42.12 -13.87 84.68
CA SER IA 42 43.27 -14.26 83.86
C SER IA 42 43.73 -15.67 84.22
N THR IA 43 43.76 -15.98 85.52
CA THR IA 43 44.13 -17.33 85.95
C THR IA 43 43.18 -18.37 85.40
N ILE IA 44 41.87 -18.09 85.42
CA ILE IA 44 40.91 -19.03 84.88
C ILE IA 44 41.10 -19.20 83.38
N SER IA 45 41.28 -18.09 82.67
CA SER IA 45 41.45 -18.17 81.22
C SER IA 45 42.68 -18.97 80.85
N ALA IA 46 43.78 -18.78 81.59
CA ALA IA 46 45.02 -19.48 81.27
C ALA IA 46 44.89 -20.97 81.50
N ASN IA 47 44.04 -21.38 82.44
CA ASN IA 47 43.88 -22.77 82.81
C ASN IA 47 42.50 -23.32 82.44
N ALA IA 48 41.84 -22.73 81.45
CA ALA IA 48 40.47 -23.12 81.13
C ALA IA 48 40.38 -24.58 80.71
N ALA IA 49 41.32 -25.05 79.89
CA ALA IA 49 41.24 -26.41 79.40
C ALA IA 49 41.40 -27.42 80.52
N SER IA 50 42.35 -27.20 81.42
CA SER IA 50 42.48 -28.11 82.56
C SER IA 50 41.26 -28.04 83.46
N ILE IA 51 40.85 -26.84 83.86
CA ILE IA 51 39.68 -26.69 84.73
C ILE IA 51 38.51 -27.47 84.16
N LEU IA 52 38.27 -27.32 82.86
CA LEU IA 52 37.22 -28.06 82.19
C LEU IA 52 37.47 -29.57 82.26
N ARG IA 53 38.73 -30.00 82.10
CA ARG IA 53 39.02 -31.42 82.09
C ARG IA 53 38.73 -32.07 83.43
N GLU IA 54 39.30 -31.54 84.53
CA GLU IA 54 38.99 -32.19 85.81
C GLU IA 54 37.59 -31.87 86.32
N SER IA 55 36.93 -30.82 85.82
CA SER IA 55 35.51 -30.68 86.15
C SER IA 55 34.69 -31.79 85.52
N ALA IA 56 34.93 -32.08 84.24
CA ALA IA 56 34.23 -33.20 83.59
C ALA IA 56 34.60 -34.51 84.26
N ALA IA 57 35.87 -34.71 84.61
CA ALA IA 57 36.28 -35.92 85.29
C ALA IA 57 35.58 -36.07 86.63
N ALA IA 58 35.48 -34.99 87.40
CA ALA IA 58 34.80 -35.05 88.69
C ALA IA 58 33.33 -35.39 88.50
N LEU IA 59 32.66 -34.74 87.55
CA LEU IA 59 31.25 -35.01 87.32
C LEU IA 59 31.01 -36.46 86.93
N PHE IA 60 31.84 -36.99 86.03
CA PHE IA 60 31.56 -38.33 85.51
C PHE IA 60 32.14 -39.42 86.39
N THR IA 61 33.01 -39.04 87.34
CA THR IA 61 33.35 -39.96 88.40
C THR IA 61 32.21 -40.06 89.41
N GLU IA 62 31.60 -38.93 89.75
CA GLU IA 62 30.47 -38.95 90.67
C GLU IA 62 29.28 -39.67 90.07
N GLN IA 63 29.02 -39.46 88.79
CA GLN IA 63 27.83 -39.98 88.11
C GLN IA 63 28.24 -40.71 86.84
N PRO IA 64 28.83 -41.90 86.96
CA PRO IA 64 29.22 -42.64 85.75
C PRO IA 64 28.03 -43.05 84.89
N ASP IA 65 26.84 -43.16 85.47
CA ASP IA 65 25.68 -43.62 84.71
C ASP IA 65 25.28 -42.63 83.61
N LEU IA 66 25.81 -41.41 83.64
CA LEU IA 66 25.59 -40.50 82.52
C LEU IA 66 26.32 -40.97 81.27
N LEU IA 67 27.42 -41.69 81.45
CA LEU IA 67 28.25 -42.07 80.31
C LEU IA 67 27.90 -43.46 79.79
N ARG IA 68 27.12 -44.21 80.56
CA ARG IA 68 26.77 -45.56 80.16
C ARG IA 68 25.78 -45.51 79.00
N PRO IA 69 25.72 -46.57 78.19
CA PRO IA 69 24.74 -46.61 77.10
C PRO IA 69 23.33 -46.33 77.61
N GLY IA 70 22.63 -45.46 76.89
CA GLY IA 70 21.34 -44.96 77.33
C GLY IA 70 21.40 -43.77 78.26
N GLY IA 71 22.58 -43.36 78.70
CA GLY IA 71 22.70 -42.15 79.48
C GLY IA 71 22.65 -40.91 78.61
N ASN IA 72 22.36 -39.78 79.24
CA ASN IA 72 22.24 -38.54 78.48
C ASN IA 72 23.56 -38.12 77.86
N ALA IA 73 24.68 -38.49 78.48
CA ALA IA 73 25.99 -38.14 77.96
C ALA IA 73 26.62 -39.26 77.16
N TYR IA 74 25.85 -40.27 76.76
CA TYR IA 74 26.39 -41.37 76.00
C TYR IA 74 26.19 -41.15 74.50
N THR IA 75 27.22 -40.57 73.88
CA THR IA 75 27.67 -40.69 72.50
C THR IA 75 28.85 -39.73 72.43
N SER IA 76 29.68 -39.81 71.41
CA SER IA 76 30.74 -38.81 71.31
C SER IA 76 30.16 -37.41 71.20
N ARG IA 77 29.06 -37.26 70.47
CA ARG IA 77 28.45 -35.96 70.26
C ARG IA 77 27.81 -35.44 71.55
N ARG IA 78 27.18 -36.30 72.33
CA ARG IA 78 26.51 -35.81 73.54
C ARG IA 78 27.52 -35.52 74.64
N TYR IA 79 28.61 -36.30 74.71
CA TYR IA 79 29.70 -35.93 75.60
C TYR IA 79 30.31 -34.60 75.18
N ALA IA 80 30.49 -34.40 73.88
CA ALA IA 80 30.91 -33.11 73.36
C ALA IA 80 29.99 -32.00 73.85
N ALA IA 81 28.68 -32.20 73.74
CA ALA IA 81 27.73 -31.17 74.12
C ALA IA 81 27.79 -30.88 75.62
N CYS IA 82 27.93 -31.93 76.43
CA CYS IA 82 28.09 -31.75 77.87
C CYS IA 82 29.30 -30.88 78.19
N VAL IA 83 30.47 -31.22 77.64
CA VAL IA 83 31.66 -30.45 77.95
C VAL IA 83 31.56 -29.04 77.37
N ARG IA 84 30.86 -28.89 76.25
CA ARG IA 84 30.62 -27.58 75.66
C ARG IA 84 29.78 -26.71 76.59
N ASP IA 85 28.75 -27.30 77.21
CA ASP IA 85 27.94 -26.56 78.17
C ASP IA 85 28.76 -26.16 79.38
N MET IA 86 29.62 -27.04 79.85
CA MET IA 86 30.48 -26.69 80.97
C MET IA 86 31.44 -25.56 80.60
N GLU IA 87 31.93 -25.55 79.37
CA GLU IA 87 32.74 -24.44 78.89
C GLU IA 87 31.93 -23.14 78.86
N TYR IA 88 30.67 -23.21 78.43
CA TYR IA 88 29.77 -22.06 78.56
C TYR IA 88 29.74 -21.52 79.98
N PHE IA 89 29.46 -22.39 80.94
CA PHE IA 89 29.32 -21.94 82.32
C PHE IA 89 30.62 -21.32 82.82
N LEU IA 90 31.76 -21.92 82.47
CA LEU IA 90 33.04 -21.38 82.90
C LEU IA 90 33.28 -20.00 82.31
N ARG IA 91 33.08 -19.85 81.00
CA ARG IA 91 33.35 -18.58 80.36
C ARG IA 91 32.44 -17.48 80.90
N TYR IA 92 31.17 -17.79 81.11
CA TYR IA 92 30.24 -16.75 81.54
C TYR IA 92 30.40 -16.44 83.03
N ALA IA 93 30.82 -17.42 83.83
CA ALA IA 93 31.20 -17.12 85.20
C ALA IA 93 32.42 -16.20 85.22
N THR IA 94 33.35 -16.39 84.29
CA THR IA 94 34.49 -15.48 84.20
C THR IA 94 34.07 -14.08 83.80
N TYR IA 95 33.15 -13.97 82.84
CA TYR IA 95 32.60 -12.67 82.46
C TYR IA 95 31.93 -11.99 83.66
N ALA IA 96 31.16 -12.75 84.43
CA ALA IA 96 30.50 -12.19 85.59
C ALA IA 96 31.49 -11.78 86.66
N LEU IA 97 32.60 -12.52 86.77
CA LEU IA 97 33.63 -12.16 87.73
C LEU IA 97 34.32 -10.86 87.35
N VAL IA 98 34.55 -10.65 86.05
CA VAL IA 98 35.15 -9.40 85.62
C VAL IA 98 34.17 -8.25 85.78
N ALA IA 99 32.91 -8.45 85.38
CA ALA IA 99 31.91 -7.40 85.52
C ALA IA 99 31.57 -7.15 86.98
N GLY IA 100 31.57 -8.19 87.80
CA GLY IA 100 31.13 -8.07 89.17
C GLY IA 100 29.64 -8.16 89.36
N ASP IA 101 28.89 -8.45 88.30
CA ASP IA 101 27.45 -8.53 88.35
C ASP IA 101 27.00 -9.76 87.60
N THR IA 102 25.94 -10.40 88.10
CA THR IA 102 25.49 -11.69 87.58
C THR IA 102 24.49 -11.57 86.44
N SER IA 103 24.24 -10.36 85.93
CA SER IA 103 23.24 -10.21 84.88
C SER IA 103 23.64 -10.98 83.63
N VAL IA 104 24.90 -10.84 83.20
CA VAL IA 104 25.35 -11.51 81.98
C VAL IA 104 25.02 -13.00 82.04
N ILE IA 105 25.05 -13.58 83.24
CA ILE IA 105 24.65 -14.96 83.40
C ILE IA 105 23.16 -15.10 83.15
N ASP IA 106 22.36 -14.15 83.62
CA ASP IA 106 20.91 -14.25 83.50
C ASP IA 106 20.47 -14.14 82.04
N GLU IA 107 20.93 -13.12 81.32
CA GLU IA 107 20.48 -12.98 79.93
C GLU IA 107 21.18 -13.94 78.99
N ARG IA 108 22.47 -14.21 79.21
CA ARG IA 108 23.21 -14.97 78.21
C ARG IA 108 23.13 -16.47 78.44
N VAL IA 109 23.00 -16.91 79.70
CA VAL IA 109 23.06 -18.32 80.03
C VAL IA 109 21.71 -18.87 80.47
N LEU IA 110 21.10 -18.24 81.46
CA LEU IA 110 19.96 -18.83 82.15
C LEU IA 110 18.62 -18.59 81.46
N ASN IA 111 18.58 -17.73 80.45
CA ASN IA 111 17.31 -17.32 79.87
C ASN IA 111 16.82 -18.40 78.91
N GLY IA 112 15.76 -19.10 79.32
CA GLY IA 112 15.23 -20.18 78.51
C GLY IA 112 15.98 -21.48 78.62
N LEU IA 113 16.97 -21.58 79.50
CA LEU IA 113 17.81 -22.76 79.55
C LEU IA 113 17.09 -23.94 80.17
N LYS IA 114 16.32 -23.71 81.24
CA LYS IA 114 15.66 -24.80 81.92
C LYS IA 114 14.62 -25.46 81.01
N GLU IA 115 13.83 -24.65 80.31
CA GLU IA 115 12.89 -25.20 79.33
C GLU IA 115 13.60 -25.88 78.18
N THR IA 116 14.73 -25.33 77.73
CA THR IA 116 15.46 -25.96 76.63
C THR IA 116 16.02 -27.32 77.05
N TYR IA 117 16.55 -27.43 78.26
CA TYR IA 117 17.00 -28.74 78.74
C TYR IA 117 15.84 -29.72 78.88
N MET IA 118 14.70 -29.26 79.42
CA MET IA 118 13.57 -30.17 79.52
C MET IA 118 13.13 -30.67 78.15
N SER IA 119 13.10 -29.77 77.16
CA SER IA 119 12.78 -30.20 75.80
C SER IA 119 13.83 -31.16 75.25
N LEU IA 120 15.11 -30.90 75.54
CA LEU IA 120 16.19 -31.75 75.02
C LEU IA 120 16.28 -33.06 75.78
N GLY IA 121 15.79 -33.09 77.02
CA GLY IA 121 15.98 -34.22 77.89
C GLY IA 121 17.26 -34.17 78.70
N VAL IA 122 17.92 -33.03 78.77
CA VAL IA 122 19.14 -32.92 79.58
C VAL IA 122 18.78 -32.86 81.05
N PRO IA 123 19.31 -33.75 81.89
CA PRO IA 123 18.94 -33.76 83.32
C PRO IA 123 19.46 -32.53 84.04
N ILE IA 124 18.54 -31.78 84.66
CA ILE IA 124 18.92 -30.60 85.42
C ILE IA 124 19.82 -30.93 86.61
N PRO IA 125 19.47 -31.86 87.50
CA PRO IA 125 20.31 -32.06 88.70
C PRO IA 125 21.73 -32.50 88.38
N SER IA 126 21.93 -33.30 87.34
CA SER IA 126 23.28 -33.70 86.97
C SER IA 126 24.06 -32.51 86.42
N THR IA 127 23.41 -31.64 85.66
CA THR IA 127 24.07 -30.42 85.19
C THR IA 127 24.43 -29.50 86.36
N VAL IA 128 23.56 -29.43 87.36
CA VAL IA 128 23.86 -28.68 88.57
C VAL IA 128 25.06 -29.27 89.29
N ALA IA 129 25.13 -30.60 89.35
CA ALA IA 129 26.28 -31.25 89.96
C ALA IA 129 27.56 -30.94 89.21
N GLY IA 130 27.48 -30.90 87.87
CA GLY IA 130 28.64 -30.53 87.08
C GLY IA 130 29.08 -29.10 87.34
N VAL IA 131 28.12 -28.18 87.44
CA VAL IA 131 28.44 -26.80 87.78
C VAL IA 131 29.10 -26.73 89.15
N THR IA 132 28.60 -27.50 90.12
CA THR IA 132 29.19 -27.51 91.45
C THR IA 132 30.61 -28.04 91.45
N ALA IA 133 30.86 -29.12 90.70
CA ALA IA 133 32.22 -29.65 90.61
C ALA IA 133 33.16 -28.65 89.96
N MET IA 134 32.70 -27.99 88.90
CA MET IA 134 33.50 -26.93 88.28
C MET IA 134 33.77 -25.80 89.24
N LYS IA 135 32.78 -25.45 90.06
CA LYS IA 135 32.98 -24.44 91.09
C LYS IA 135 34.06 -24.87 92.07
N GLY IA 136 34.07 -26.15 92.45
CA GLY IA 136 35.10 -26.64 93.34
C GLY IA 136 36.49 -26.54 92.73
N VAL IA 137 36.62 -26.94 91.47
CA VAL IA 137 37.92 -26.87 90.80
C VAL IA 137 38.40 -25.42 90.70
N VAL IA 138 37.52 -24.52 90.26
CA VAL IA 138 37.89 -23.12 90.15
C VAL IA 138 38.27 -22.55 91.50
N ALA IA 139 37.52 -22.89 92.55
CA ALA IA 139 37.83 -22.39 93.87
C ALA IA 139 39.18 -22.91 94.36
N SER IA 140 39.49 -24.17 94.06
CA SER IA 140 40.80 -24.70 94.39
C SER IA 140 41.90 -23.93 93.67
N MET IA 141 41.59 -23.40 92.49
CA MET IA 141 42.65 -22.76 91.72
C MET IA 141 42.82 -21.27 92.04
N ILE IA 142 41.72 -20.57 92.34
CA ILE IA 142 41.76 -19.12 92.52
C ILE IA 142 41.21 -18.68 93.87
N GLY IA 143 40.50 -19.56 94.57
CA GLY IA 143 39.84 -19.16 95.80
C GLY IA 143 38.35 -18.96 95.61
N SER IA 144 37.74 -18.25 96.55
CA SER IA 144 36.30 -18.13 96.62
C SER IA 144 35.75 -16.96 95.81
N GLU IA 145 36.57 -16.34 94.95
CA GLU IA 145 36.13 -15.14 94.26
C GLU IA 145 34.96 -15.42 93.32
N ALA IA 146 35.00 -16.56 92.63
CA ALA IA 146 34.00 -16.89 91.63
C ALA IA 146 32.91 -17.81 92.16
N ASN IA 147 32.81 -17.99 93.48
CA ASN IA 147 31.80 -18.90 94.02
C ASN IA 147 30.39 -18.36 93.80
N VAL IA 148 30.19 -17.06 93.93
CA VAL IA 148 28.85 -16.49 93.86
C VAL IA 148 28.24 -16.70 92.48
N TYR IA 149 29.05 -16.61 91.43
CA TYR IA 149 28.51 -16.73 90.08
C TYR IA 149 28.15 -18.16 89.75
N PHE IA 150 28.96 -19.12 90.22
CA PHE IA 150 28.60 -20.52 90.05
C PHE IA 150 27.35 -20.87 90.85
N ASP IA 151 27.22 -20.32 92.06
CA ASP IA 151 26.00 -20.52 92.82
C ASP IA 151 24.80 -19.93 92.11
N HIS IA 152 24.98 -18.77 91.46
CA HIS IA 152 23.91 -18.20 90.66
C HIS IA 152 23.49 -19.13 89.53
N ILE IA 153 24.46 -19.73 88.83
CA ILE IA 153 24.11 -20.65 87.76
C ILE IA 153 23.37 -21.86 88.31
N ALA IA 154 23.85 -22.39 89.44
CA ALA IA 154 23.20 -23.56 90.05
C ALA IA 154 21.78 -23.25 90.46
N LYS IA 155 21.55 -22.08 91.06
CA LYS IA 155 20.19 -21.69 91.44
C LYS IA 155 19.32 -21.48 90.22
N GLY IA 156 19.88 -20.93 89.14
CA GLY IA 156 19.10 -20.75 87.93
C GLY IA 156 18.64 -22.06 87.34
N LEU IA 157 19.52 -23.05 87.32
CA LEU IA 157 19.11 -24.38 86.84
C LEU IA 157 18.19 -25.06 87.84
N SER IA 158 18.56 -25.05 89.12
CA SER IA 158 17.75 -25.68 90.15
C SER IA 158 16.40 -25.00 90.29
N MET JA 1 14.46 -39.71 60.69
CA MET JA 1 13.56 -40.86 60.59
C MET JA 1 14.31 -42.16 60.79
N LEU JA 2 13.57 -43.22 61.04
CA LEU JA 2 14.12 -44.56 61.25
C LEU JA 2 13.48 -45.54 60.29
N ASP JA 3 14.25 -46.53 59.87
CA ASP JA 3 13.69 -47.72 59.28
C ASP JA 3 13.87 -48.88 60.26
N ALA JA 4 13.45 -50.07 59.85
CA ALA JA 4 13.47 -51.22 60.77
C ALA JA 4 14.88 -51.52 61.25
N VAL JA 5 15.85 -51.54 60.34
CA VAL JA 5 17.23 -51.84 60.70
C VAL JA 5 17.78 -50.78 61.66
N THR JA 6 17.53 -49.50 61.37
CA THR JA 6 18.02 -48.45 62.25
C THR JA 6 17.32 -48.46 63.59
N LYS JA 7 16.04 -48.87 63.60
CA LYS JA 7 15.34 -49.02 64.87
C LYS JA 7 15.98 -50.09 65.73
N ILE JA 8 16.31 -51.23 65.12
CA ILE JA 8 16.97 -52.31 65.86
C ILE JA 8 18.35 -51.87 66.35
N ILE JA 9 19.09 -51.17 65.49
CA ILE JA 9 20.39 -50.63 65.86
C ILE JA 9 20.27 -49.70 67.07
N ASN JA 10 19.27 -48.81 67.05
CA ASN JA 10 19.12 -47.88 68.16
C ASN JA 10 18.72 -48.60 69.44
N ARG JA 11 17.89 -49.63 69.33
CA ARG JA 11 17.62 -50.45 70.51
C ARG JA 11 18.92 -51.01 71.08
N THR JA 12 19.63 -51.82 70.29
CA THR JA 12 20.83 -52.48 70.80
C THR JA 12 21.87 -51.48 71.29
N ASP JA 13 21.90 -50.29 70.69
CA ASP JA 13 22.82 -49.26 71.18
C ASP JA 13 22.34 -48.67 72.49
N ALA JA 14 21.02 -48.61 72.70
CA ALA JA 14 20.50 -48.20 74.00
C ALA JA 14 20.93 -49.18 75.08
N GLU JA 15 20.87 -50.48 74.81
CA GLU JA 15 21.52 -51.40 75.72
C GLU JA 15 23.03 -51.43 75.57
N GLY JA 16 23.58 -50.79 74.54
CA GLY JA 16 25.02 -50.80 74.36
C GLY JA 16 25.59 -52.18 74.12
N ARG JA 17 24.89 -53.00 73.36
CA ARG JA 17 25.26 -54.39 73.14
C ARG JA 17 25.30 -54.69 71.65
N TYR JA 18 25.99 -55.77 71.32
CA TYR JA 18 26.02 -56.24 69.95
C TYR JA 18 24.69 -56.89 69.60
N PHE JA 19 24.53 -57.23 68.33
CA PHE JA 19 23.34 -57.95 67.91
C PHE JA 19 23.39 -59.38 68.43
N ALA JA 20 22.31 -59.81 69.05
CA ALA JA 20 22.15 -61.20 69.43
C ALA JA 20 21.43 -61.95 68.32
N SER JA 21 21.07 -63.20 68.59
CA SER JA 21 20.39 -64.00 67.58
C SER JA 21 19.04 -63.40 67.21
N LYS JA 22 18.27 -62.96 68.21
CA LYS JA 22 16.94 -62.44 67.95
C LYS JA 22 16.96 -61.20 67.07
N ASP JA 23 17.88 -60.27 67.35
CA ASP JA 23 17.97 -59.05 66.56
C ASP JA 23 18.28 -59.37 65.10
N PHE JA 24 19.22 -60.29 64.88
CA PHE JA 24 19.47 -60.78 63.53
C PHE JA 24 18.23 -61.43 62.94
N ASP JA 25 17.37 -61.99 63.79
CA ASP JA 25 16.14 -62.60 63.30
C ASP JA 25 15.16 -61.55 62.75
N GLU JA 26 14.92 -60.48 63.49
CA GLU JA 26 14.01 -59.47 62.92
C GLU JA 26 14.66 -58.75 61.74
N VAL JA 27 15.98 -58.62 61.75
CA VAL JA 27 16.67 -58.07 60.59
C VAL JA 27 16.43 -58.93 59.36
N THR JA 28 16.53 -60.25 59.52
CA THR JA 28 16.33 -61.16 58.40
C THR JA 28 14.87 -61.15 57.94
N ARG JA 29 13.92 -61.04 58.87
CA ARG JA 29 12.52 -60.93 58.47
C ARG JA 29 12.25 -59.64 57.69
N PHE JA 30 12.86 -58.53 58.11
CA PHE JA 30 12.72 -57.30 57.34
C PHE JA 30 13.29 -57.46 55.94
N PHE JA 31 14.48 -58.06 55.83
CA PHE JA 31 15.07 -58.27 54.51
C PHE JA 31 14.23 -59.22 53.67
N ALA JA 32 13.50 -60.12 54.31
CA ALA JA 32 12.66 -61.06 53.56
C ALA JA 32 11.41 -60.38 53.01
N THR JA 33 10.79 -59.50 53.79
CA THR JA 33 9.59 -58.81 53.31
C THR JA 33 9.90 -57.57 52.48
N GLY JA 34 11.19 -57.20 52.36
CA GLY JA 34 11.52 -55.99 51.63
C GLY JA 34 11.06 -55.97 50.18
N GLU JA 35 11.12 -57.11 49.50
CA GLU JA 35 10.78 -57.13 48.08
C GLU JA 35 9.29 -56.90 47.86
N ALA JA 36 8.44 -57.56 48.65
CA ALA JA 36 7.02 -57.28 48.60
C ALA JA 36 6.74 -55.83 48.93
N ARG JA 37 7.46 -55.28 49.92
CA ARG JA 37 7.23 -53.88 50.27
C ARG JA 37 7.61 -52.95 49.13
N LEU JA 38 8.71 -53.22 48.43
CA LEU JA 38 9.09 -52.39 47.28
C LEU JA 38 8.10 -52.50 46.15
N ARG JA 39 7.60 -53.71 45.88
CA ARG JA 39 6.62 -53.85 44.81
C ARG JA 39 5.35 -53.07 45.13
N ALA JA 40 4.88 -53.16 46.38
CA ALA JA 40 3.70 -52.40 46.79
C ALA JA 40 3.94 -50.90 46.70
N ALA JA 41 5.12 -50.43 47.11
CA ALA JA 41 5.43 -49.01 47.04
C ALA JA 41 5.48 -48.52 45.59
N SER JA 42 6.06 -49.33 44.70
CA SER JA 42 6.11 -48.94 43.30
C SER JA 42 4.71 -48.92 42.69
N THR JA 43 3.86 -49.86 43.09
CA THR JA 43 2.48 -49.86 42.63
C THR JA 43 1.74 -48.61 43.09
N ILE JA 44 1.95 -48.19 44.34
CA ILE JA 44 1.32 -46.97 44.81
C ILE JA 44 1.85 -45.76 44.05
N SER JA 45 3.17 -45.70 43.87
CA SER JA 45 3.77 -44.54 43.20
C SER JA 45 3.25 -44.41 41.78
N ALA JA 46 3.04 -45.53 41.08
CA ALA JA 46 2.56 -45.45 39.70
C ALA JA 46 1.12 -44.98 39.63
N ASN JA 47 0.36 -45.14 40.71
CA ASN JA 47 -1.07 -44.86 40.72
C ASN JA 47 -1.44 -43.74 41.67
N ALA JA 48 -0.47 -42.91 42.08
CA ALA JA 48 -0.68 -41.98 43.18
C ALA JA 48 -1.75 -40.94 42.85
N ALA JA 49 -1.72 -40.39 41.63
CA ALA JA 49 -2.73 -39.40 41.25
C ALA JA 49 -4.11 -40.01 41.21
N SER JA 50 -4.23 -41.21 40.63
CA SER JA 50 -5.51 -41.89 40.62
C SER JA 50 -5.97 -42.23 42.03
N ILE JA 51 -5.09 -42.81 42.84
CA ILE JA 51 -5.45 -43.16 44.21
C ILE JA 51 -5.97 -41.93 44.94
N LEU JA 52 -5.26 -40.81 44.79
CA LEU JA 52 -5.67 -39.57 45.44
C LEU JA 52 -7.03 -39.12 44.93
N ARG JA 53 -7.28 -39.30 43.62
CA ARG JA 53 -8.56 -38.90 43.06
C ARG JA 53 -9.72 -39.69 43.65
N GLU JA 54 -9.64 -41.02 43.64
CA GLU JA 54 -10.73 -41.79 44.27
C GLU JA 54 -10.79 -41.54 45.78
N SER JA 55 -9.67 -41.29 46.45
CA SER JA 55 -9.74 -41.02 47.88
C SER JA 55 -10.54 -39.74 48.15
N ALA JA 56 -10.22 -38.66 47.43
CA ALA JA 56 -10.94 -37.41 47.64
C ALA JA 56 -12.40 -37.55 47.26
N ALA JA 57 -12.69 -38.26 46.16
CA ALA JA 57 -14.08 -38.46 45.77
C ALA JA 57 -14.85 -39.22 46.84
N ALA JA 58 -14.22 -40.27 47.41
CA ALA JA 58 -14.86 -41.02 48.48
C ALA JA 58 -15.12 -40.15 49.70
N LEU JA 59 -14.13 -39.36 50.09
CA LEU JA 59 -14.30 -38.48 51.25
C LEU JA 59 -15.45 -37.50 51.04
N PHE JA 60 -15.54 -36.92 49.85
CA PHE JA 60 -16.49 -35.85 49.65
C PHE JA 60 -17.85 -36.35 49.21
N THR JA 61 -17.95 -37.64 48.89
CA THR JA 61 -19.27 -38.22 48.71
C THR JA 61 -19.81 -38.74 50.04
N GLU JA 62 -18.92 -39.17 50.94
CA GLU JA 62 -19.41 -39.60 52.26
C GLU JA 62 -19.66 -38.40 53.17
N GLN JA 63 -19.02 -37.26 52.90
CA GLN JA 63 -19.21 -36.04 53.69
C GLN JA 63 -19.36 -34.85 52.75
N PRO JA 64 -20.53 -34.67 52.14
CA PRO JA 64 -20.70 -33.56 51.19
C PRO JA 64 -20.76 -32.20 51.86
N ASP JA 65 -20.96 -32.14 53.18
CA ASP JA 65 -20.99 -30.86 53.87
C ASP JA 65 -19.66 -30.12 53.78
N LEU JA 66 -18.56 -30.87 53.64
CA LEU JA 66 -17.24 -30.24 53.57
C LEU JA 66 -17.12 -29.33 52.36
N LEU JA 67 -17.92 -29.58 51.33
CA LEU JA 67 -17.76 -28.86 50.08
C LEU JA 67 -18.72 -27.70 49.94
N ARG JA 68 -19.83 -27.71 50.67
CA ARG JA 68 -20.78 -26.61 50.51
C ARG JA 68 -20.23 -25.35 51.19
N PRO JA 69 -20.74 -24.17 50.81
CA PRO JA 69 -20.23 -22.93 51.38
C PRO JA 69 -20.30 -22.92 52.90
N GLY JA 70 -19.23 -22.45 53.52
CA GLY JA 70 -19.03 -22.57 54.94
C GLY JA 70 -18.27 -23.81 55.36
N GLY JA 71 -18.19 -24.83 54.51
CA GLY JA 71 -17.40 -26.00 54.83
C GLY JA 71 -15.91 -25.71 54.80
N ASN JA 72 -15.15 -26.57 55.47
CA ASN JA 72 -13.71 -26.33 55.57
C ASN JA 72 -13.02 -26.53 54.23
N ALA JA 73 -13.57 -27.38 53.38
CA ALA JA 73 -13.01 -27.57 52.05
C ALA JA 73 -13.68 -26.70 50.98
N TYR JA 74 -14.62 -25.85 51.37
CA TYR JA 74 -15.23 -24.94 50.41
C TYR JA 74 -14.35 -23.74 50.16
N THR JA 75 -13.55 -23.83 49.10
CA THR JA 75 -13.03 -22.79 48.22
C THR JA 75 -12.12 -23.55 47.27
N SER JA 76 -11.61 -22.91 46.22
CA SER JA 76 -10.59 -23.58 45.44
C SER JA 76 -9.33 -23.75 46.26
N ARG JA 77 -8.98 -22.74 47.07
CA ARG JA 77 -7.78 -22.80 47.88
C ARG JA 77 -7.85 -23.90 48.93
N ARG JA 78 -8.99 -24.00 49.62
CA ARG JA 78 -9.10 -24.97 50.70
C ARG JA 78 -9.31 -26.39 50.18
N TYR JA 79 -9.98 -26.55 49.03
CA TYR JA 79 -10.01 -27.87 48.39
C TYR JA 79 -8.62 -28.30 47.96
N ALA JA 80 -7.84 -27.38 47.41
CA ALA JA 80 -6.47 -27.70 47.03
C ALA JA 80 -5.65 -28.08 48.25
N ALA JA 81 -5.85 -27.38 49.37
CA ALA JA 81 -5.11 -27.71 50.59
C ALA JA 81 -5.52 -29.06 51.16
N CYS JA 82 -6.82 -29.38 51.12
CA CYS JA 82 -7.29 -30.68 51.55
C CYS JA 82 -6.68 -31.80 50.72
N VAL JA 83 -6.67 -31.62 49.41
CA VAL JA 83 -6.12 -32.65 48.53
C VAL JA 83 -4.61 -32.76 48.71
N ARG JA 84 -3.95 -31.63 48.97
CA ARG JA 84 -2.51 -31.65 49.20
C ARG JA 84 -2.16 -32.38 50.49
N ASP JA 85 -2.99 -32.22 51.53
CA ASP JA 85 -2.78 -32.97 52.76
C ASP JA 85 -2.97 -34.46 52.53
N MET JA 86 -3.97 -34.83 51.73
CA MET JA 86 -4.17 -36.23 51.41
C MET JA 86 -2.99 -36.79 50.61
N GLU JA 87 -2.41 -35.98 49.73
CA GLU JA 87 -1.21 -36.37 49.02
C GLU JA 87 -0.04 -36.58 49.99
N TYR JA 88 0.09 -35.70 50.98
CA TYR JA 88 1.12 -35.89 52.01
C TYR JA 88 0.94 -37.23 52.69
N PHE JA 89 -0.29 -37.55 53.08
CA PHE JA 89 -0.51 -38.81 53.78
C PHE JA 89 -0.14 -39.99 52.90
N LEU JA 90 -0.53 -39.96 51.63
CA LEU JA 90 -0.23 -41.07 50.73
C LEU JA 90 1.28 -41.24 50.56
N ARG JA 91 2.00 -40.15 50.30
CA ARG JA 91 3.43 -40.28 50.02
C ARG JA 91 4.21 -40.65 51.28
N TYR JA 92 3.80 -40.17 52.44
CA TYR JA 92 4.52 -40.52 53.65
C TYR JA 92 4.16 -41.91 54.13
N ALA JA 93 2.94 -42.38 53.85
CA ALA JA 93 2.64 -43.78 54.08
C ALA JA 93 3.50 -44.66 53.17
N THR JA 94 3.75 -44.23 51.94
CA THR JA 94 4.65 -44.96 51.06
C THR JA 94 6.07 -44.98 51.62
N TYR JA 95 6.54 -43.83 52.13
CA TYR JA 95 7.84 -43.79 52.79
C TYR JA 95 7.92 -44.79 53.94
N ALA JA 96 6.91 -44.78 54.81
CA ALA JA 96 6.89 -45.68 55.95
C ALA JA 96 6.84 -47.12 55.50
N LEU JA 97 6.14 -47.41 54.40
CA LEU JA 97 6.09 -48.77 53.89
C LEU JA 97 7.45 -49.23 53.41
N VAL JA 98 8.19 -48.37 52.70
CA VAL JA 98 9.54 -48.74 52.29
C VAL JA 98 10.46 -48.90 53.50
N ALA JA 99 10.37 -47.97 54.45
CA ALA JA 99 11.22 -48.01 55.62
C ALA JA 99 10.93 -49.24 56.48
N GLY JA 100 9.70 -49.73 56.45
CA GLY JA 100 9.30 -50.75 57.39
C GLY JA 100 9.07 -50.24 58.79
N ASP JA 101 9.06 -48.92 58.97
CA ASP JA 101 8.88 -48.28 60.26
C ASP JA 101 7.94 -47.11 60.09
N THR JA 102 7.22 -46.77 61.15
CA THR JA 102 6.30 -45.63 61.14
C THR JA 102 6.99 -44.34 61.54
N SER JA 103 8.29 -44.39 61.84
CA SER JA 103 8.97 -43.24 62.43
C SER JA 103 8.91 -42.02 61.53
N VAL JA 104 8.96 -42.22 60.20
CA VAL JA 104 8.90 -41.09 59.29
C VAL JA 104 7.55 -40.39 59.36
N ILE JA 105 6.49 -41.15 59.66
CA ILE JA 105 5.18 -40.53 59.85
C ILE JA 105 5.14 -39.71 61.12
N ASP JA 106 5.69 -40.24 62.21
CA ASP JA 106 5.71 -39.49 63.47
C ASP JA 106 6.57 -38.24 63.36
N GLU JA 107 7.67 -38.30 62.61
CA GLU JA 107 8.57 -37.16 62.54
C GLU JA 107 8.06 -36.11 61.55
N ARG JA 108 7.68 -36.52 60.35
CA ARG JA 108 7.40 -35.58 59.27
C ARG JA 108 5.92 -35.25 59.11
N VAL JA 109 5.02 -36.03 59.69
CA VAL JA 109 3.60 -35.84 59.41
C VAL JA 109 2.84 -35.51 60.69
N LEU JA 110 2.84 -36.42 61.65
CA LEU JA 110 2.01 -36.27 62.83
C LEU JA 110 2.53 -35.22 63.79
N ASN JA 111 3.83 -34.92 63.72
CA ASN JA 111 4.43 -33.99 64.68
C ASN JA 111 3.89 -32.59 64.43
N GLY JA 112 3.16 -32.06 65.39
CA GLY JA 112 2.54 -30.76 65.25
C GLY JA 112 1.32 -30.72 64.37
N LEU JA 113 0.84 -31.86 63.89
CA LEU JA 113 -0.27 -31.87 62.94
C LEU JA 113 -1.61 -31.59 63.64
N LYS JA 114 -1.82 -32.21 64.80
CA LYS JA 114 -3.07 -32.01 65.52
C LYS JA 114 -3.22 -30.55 65.98
N GLU JA 115 -2.14 -29.96 66.48
CA GLU JA 115 -2.19 -28.56 66.90
C GLU JA 115 -2.48 -27.65 65.70
N THR JA 116 -1.84 -27.91 64.56
CA THR JA 116 -2.10 -27.12 63.37
C THR JA 116 -3.56 -27.23 62.94
N TYR JA 117 -4.11 -28.45 62.94
CA TYR JA 117 -5.49 -28.63 62.51
C TYR JA 117 -6.46 -27.97 63.48
N MET JA 118 -6.17 -28.03 64.78
CA MET JA 118 -7.04 -27.36 65.74
C MET JA 118 -6.97 -25.85 65.58
N SER JA 119 -5.78 -25.30 65.40
CA SER JA 119 -5.64 -23.86 65.29
C SER JA 119 -6.19 -23.34 63.96
N LEU JA 120 -6.32 -24.23 62.97
CA LEU JA 120 -6.82 -23.79 61.67
C LEU JA 120 -8.30 -24.10 61.50
N GLY JA 121 -8.91 -24.76 62.49
CA GLY JA 121 -10.29 -25.16 62.38
C GLY JA 121 -10.55 -26.34 61.49
N VAL JA 122 -9.51 -27.03 61.06
CA VAL JA 122 -9.67 -28.20 60.18
C VAL JA 122 -10.35 -29.32 60.95
N PRO JA 123 -11.42 -29.93 60.42
CA PRO JA 123 -12.12 -30.97 61.18
C PRO JA 123 -11.35 -32.28 61.23
N ILE JA 124 -10.79 -32.59 62.40
CA ILE JA 124 -9.95 -33.77 62.54
C ILE JA 124 -10.71 -35.06 62.27
N PRO JA 125 -11.92 -35.28 62.79
CA PRO JA 125 -12.64 -36.52 62.44
C PRO JA 125 -12.88 -36.69 60.96
N SER JA 126 -13.15 -35.60 60.24
CA SER JA 126 -13.32 -35.69 58.80
C SER JA 126 -12.02 -36.08 58.12
N THR JA 127 -10.89 -35.52 58.57
CA THR JA 127 -9.59 -35.89 58.02
C THR JA 127 -9.30 -37.36 58.28
N VAL JA 128 -9.68 -37.86 59.45
CA VAL JA 128 -9.52 -39.28 59.74
C VAL JA 128 -10.37 -40.13 58.80
N ALA JA 129 -11.59 -39.67 58.52
CA ALA JA 129 -12.43 -40.39 57.57
C ALA JA 129 -11.79 -40.41 56.19
N GLY JA 130 -11.16 -39.29 55.79
CA GLY JA 130 -10.44 -39.27 54.53
C GLY JA 130 -9.25 -40.22 54.51
N VAL JA 131 -8.54 -40.32 55.64
CA VAL JA 131 -7.45 -41.27 55.74
C VAL JA 131 -7.96 -42.71 55.60
N THR JA 132 -9.12 -43.01 56.21
CA THR JA 132 -9.68 -44.34 56.05
C THR JA 132 -10.10 -44.61 54.61
N ALA JA 133 -10.66 -43.60 53.94
CA ALA JA 133 -11.00 -43.75 52.53
C ALA JA 133 -9.76 -44.04 51.70
N MET JA 134 -8.67 -43.31 51.96
CA MET JA 134 -7.42 -43.57 51.25
C MET JA 134 -6.87 -44.95 51.56
N LYS JA 135 -6.99 -45.39 52.81
CA LYS JA 135 -6.54 -46.73 53.18
C LYS JA 135 -7.30 -47.79 52.41
N GLY JA 136 -8.62 -47.65 52.32
CA GLY JA 136 -9.40 -48.61 51.56
C GLY JA 136 -9.08 -48.59 50.08
N VAL JA 137 -8.92 -47.40 49.51
CA VAL JA 137 -8.58 -47.30 48.09
C VAL JA 137 -7.24 -47.96 47.81
N VAL JA 138 -6.27 -47.77 48.71
CA VAL JA 138 -4.94 -48.36 48.51
C VAL JA 138 -4.99 -49.87 48.67
N ALA JA 139 -5.71 -50.36 49.69
CA ALA JA 139 -5.79 -51.79 49.94
C ALA JA 139 -6.57 -52.50 48.84
N SER JA 140 -7.42 -51.76 48.13
CA SER JA 140 -8.09 -52.35 46.97
C SER JA 140 -7.10 -52.65 45.87
N MET JA 141 -5.88 -52.12 45.99
CA MET JA 141 -4.90 -52.28 44.91
C MET JA 141 -3.73 -53.16 45.34
N ILE JA 142 -3.22 -52.96 46.55
CA ILE JA 142 -2.01 -53.63 46.97
C ILE JA 142 -2.22 -54.56 48.15
N GLY JA 143 -3.46 -54.78 48.57
CA GLY JA 143 -3.68 -55.62 49.71
C GLY JA 143 -3.49 -54.89 51.03
N SER JA 144 -3.43 -55.66 52.10
CA SER JA 144 -3.41 -55.15 53.45
C SER JA 144 -2.02 -54.75 53.91
N GLU JA 145 -1.09 -54.53 52.98
CA GLU JA 145 0.29 -54.32 53.36
C GLU JA 145 0.52 -52.93 53.95
N ALA JA 146 -0.09 -51.91 53.37
CA ALA JA 146 0.05 -50.54 53.85
C ALA JA 146 -0.98 -50.15 54.90
N ASN JA 147 -1.79 -51.10 55.36
CA ASN JA 147 -2.87 -50.78 56.28
C ASN JA 147 -2.35 -50.21 57.58
N VAL JA 148 -1.23 -50.75 58.08
CA VAL JA 148 -0.72 -50.36 59.38
C VAL JA 148 -0.31 -48.89 59.40
N TYR JA 149 0.25 -48.39 58.30
CA TYR JA 149 0.76 -47.03 58.29
C TYR JA 149 -0.36 -46.00 58.18
N PHE JA 150 -1.38 -46.30 57.37
CA PHE JA 150 -2.58 -45.46 57.36
C PHE JA 150 -3.27 -45.48 58.72
N ASP JA 151 -3.31 -46.65 59.36
CA ASP JA 151 -3.86 -46.73 60.70
C ASP JA 151 -3.06 -45.89 61.68
N HIS JA 152 -1.73 -45.89 61.55
CA HIS JA 152 -0.92 -45.05 62.41
C HIS JA 152 -1.24 -43.57 62.22
N ILE JA 153 -1.40 -43.14 60.97
CA ILE JA 153 -1.79 -41.76 60.70
C ILE JA 153 -3.13 -41.46 61.34
N ALA JA 154 -4.11 -42.35 61.17
CA ALA JA 154 -5.45 -42.11 61.69
C ALA JA 154 -5.46 -42.03 63.21
N LYS JA 155 -4.73 -42.93 63.89
CA LYS JA 155 -4.68 -42.89 65.35
C LYS JA 155 -3.93 -41.67 65.84
N GLY JA 156 -2.86 -41.29 65.15
CA GLY JA 156 -2.14 -40.09 65.53
C GLY JA 156 -3.01 -38.85 65.45
N LEU JA 157 -3.86 -38.78 64.42
CA LEU JA 157 -4.79 -37.66 64.33
C LEU JA 157 -5.95 -37.83 65.31
N SER JA 158 -6.36 -39.06 65.58
CA SER JA 158 -7.44 -39.31 66.51
C SER JA 158 -7.02 -39.08 67.96
N MET KA 1 -7.02 -7.27 55.21
CA MET KA 1 -8.04 -6.67 56.05
C MET KA 1 -9.39 -6.65 55.33
N LEU KA 2 -10.44 -6.35 56.09
CA LEU KA 2 -11.79 -6.29 55.57
C LEU KA 2 -12.28 -4.85 55.60
N ASP KA 3 -12.87 -4.40 54.51
CA ASP KA 3 -13.75 -3.25 54.58
C ASP KA 3 -15.20 -3.72 54.61
N ALA KA 4 -16.13 -2.76 54.64
CA ALA KA 4 -17.54 -3.12 54.78
C ALA KA 4 -18.03 -3.94 53.61
N VAL KA 5 -17.62 -3.57 52.38
CA VAL KA 5 -18.03 -4.30 51.20
C VAL KA 5 -17.49 -5.72 51.23
N THR KA 6 -16.22 -5.89 51.59
CA THR KA 6 -15.65 -7.24 51.67
C THR KA 6 -16.30 -8.05 52.78
N LYS KA 7 -16.71 -7.39 53.87
CA LYS KA 7 -17.39 -8.12 54.93
C LYS KA 7 -18.75 -8.62 54.46
N ILE KA 8 -19.49 -7.80 53.73
CA ILE KA 8 -20.76 -8.25 53.16
C ILE KA 8 -20.53 -9.37 52.15
N ILE KA 9 -19.47 -9.26 51.34
CA ILE KA 9 -19.17 -10.30 50.36
C ILE KA 9 -18.87 -11.61 51.06
N ASN KA 10 -18.12 -11.56 52.16
CA ASN KA 10 -17.78 -12.77 52.90
C ASN KA 10 -19.01 -13.38 53.54
N ARG KA 11 -19.92 -12.53 54.03
CA ARG KA 11 -21.18 -13.06 54.56
C ARG KA 11 -21.97 -13.80 53.49
N THR KA 12 -22.14 -13.19 52.31
CA THR KA 12 -22.86 -13.86 51.24
C THR KA 12 -22.14 -15.13 50.79
N ASP KA 13 -20.82 -15.08 50.68
CA ASP KA 13 -20.06 -16.23 50.21
C ASP KA 13 -20.14 -17.39 51.19
N ALA KA 14 -20.07 -17.11 52.49
CA ALA KA 14 -20.29 -18.16 53.47
C ALA KA 14 -21.69 -18.73 53.36
N GLU KA 15 -22.67 -17.88 53.05
CA GLU KA 15 -24.01 -18.41 52.80
C GLU KA 15 -24.12 -19.07 51.43
N GLY KA 16 -23.22 -18.74 50.50
CA GLY KA 16 -23.23 -19.32 49.18
C GLY KA 16 -24.19 -18.68 48.19
N ARG KA 17 -24.80 -17.57 48.53
CA ARG KA 17 -25.87 -16.98 47.77
C ARG KA 17 -25.41 -15.70 47.08
N TYR KA 18 -26.08 -15.38 45.98
CA TYR KA 18 -25.88 -14.09 45.34
C TYR KA 18 -26.39 -12.99 46.26
N PHE KA 19 -25.91 -11.77 46.02
CA PHE KA 19 -26.42 -10.63 46.76
C PHE KA 19 -27.92 -10.47 46.56
N ALA KA 20 -28.62 -10.25 47.67
CA ALA KA 20 -30.03 -9.92 47.65
C ALA KA 20 -30.23 -8.42 47.85
N SER KA 21 -31.49 -8.01 47.83
CA SER KA 21 -31.80 -6.58 47.96
C SER KA 21 -31.29 -6.03 49.30
N LYS KA 22 -31.40 -6.82 50.37
CA LYS KA 22 -30.93 -6.37 51.67
C LYS KA 22 -29.43 -6.06 51.64
N ASP KA 23 -28.62 -7.01 51.16
CA ASP KA 23 -27.19 -6.80 51.08
C ASP KA 23 -26.85 -5.60 50.21
N PHE KA 24 -27.54 -5.45 49.08
CA PHE KA 24 -27.35 -4.28 48.24
C PHE KA 24 -27.68 -3.01 49.01
N ASP KA 25 -28.63 -3.09 49.96
CA ASP KA 25 -28.95 -1.93 50.78
C ASP KA 25 -27.80 -1.56 51.71
N GLU KA 26 -27.21 -2.53 52.40
CA GLU KA 26 -26.04 -2.16 53.22
C GLU KA 26 -24.91 -1.61 52.35
N VAL KA 27 -24.72 -2.18 51.17
CA VAL KA 27 -23.65 -1.70 50.29
C VAL KA 27 -23.90 -0.26 49.88
N THR KA 28 -25.13 0.07 49.52
CA THR KA 28 -25.46 1.44 49.15
C THR KA 28 -25.30 2.40 50.33
N ARG KA 29 -25.67 1.95 51.54
CA ARG KA 29 -25.50 2.80 52.71
C ARG KA 29 -24.02 3.10 52.95
N PHE KA 30 -23.17 2.09 52.81
CA PHE KA 30 -21.73 2.32 52.94
C PHE KA 30 -21.24 3.31 51.89
N PHE KA 31 -21.67 3.14 50.64
CA PHE KA 31 -21.31 4.07 49.59
C PHE KA 31 -21.80 5.48 49.90
N ALA KA 32 -22.92 5.58 50.61
CA ALA KA 32 -23.49 6.88 50.93
C ALA KA 32 -22.69 7.60 52.01
N THR KA 33 -22.24 6.86 53.02
CA THR KA 33 -21.40 7.44 54.07
C THR KA 33 -19.94 7.61 53.67
N GLY KA 34 -19.56 7.06 52.51
CA GLY KA 34 -18.17 7.09 52.12
C GLY KA 34 -17.56 8.48 52.00
N GLU KA 35 -18.26 9.41 51.35
CA GLU KA 35 -17.65 10.71 51.08
C GLU KA 35 -17.40 11.49 52.37
N ALA KA 36 -18.35 11.43 53.31
CA ALA KA 36 -18.15 12.09 54.59
C ALA KA 36 -17.05 11.41 55.39
N ARG KA 37 -16.96 10.08 55.33
CA ARG KA 37 -15.89 9.39 56.03
C ARG KA 37 -14.54 9.73 55.43
N LEU KA 38 -14.48 9.91 54.11
CA LEU KA 38 -13.25 10.36 53.46
C LEU KA 38 -12.85 11.74 53.92
N ARG KA 39 -13.81 12.66 54.01
CA ARG KA 39 -13.49 14.01 54.46
C ARG KA 39 -12.98 14.00 55.90
N ALA KA 40 -13.61 13.20 56.76
CA ALA KA 40 -13.13 13.08 58.13
C ALA KA 40 -11.72 12.51 58.20
N ALA KA 41 -11.44 11.47 57.40
CA ALA KA 41 -10.11 10.89 57.39
C ALA KA 41 -9.07 11.88 56.90
N SER KA 42 -9.40 12.64 55.85
CA SER KA 42 -8.49 13.67 55.36
C SER KA 42 -8.23 14.74 56.40
N THR KA 43 -9.27 15.11 57.15
CA THR KA 43 -9.07 16.07 58.23
C THR KA 43 -8.12 15.53 59.28
N ILE KA 44 -8.29 14.26 59.67
CA ILE KA 44 -7.38 13.66 60.65
C ILE KA 44 -5.96 13.66 60.11
N SER KA 45 -5.79 13.26 58.85
CA SER KA 45 -4.46 13.18 58.27
C SER KA 45 -3.78 14.54 58.20
N ALA KA 46 -4.54 15.59 57.87
CA ALA KA 46 -3.95 16.92 57.76
C ALA KA 46 -3.45 17.43 59.12
N ASN KA 47 -4.07 16.99 60.20
CA ASN KA 47 -3.72 17.45 61.54
C ASN KA 47 -3.10 16.36 62.41
N ALA KA 48 -2.46 15.37 61.81
CA ALA KA 48 -2.03 14.20 62.58
C ALA KA 48 -1.02 14.59 63.65
N ALA KA 49 -0.03 15.42 63.28
CA ALA KA 49 0.99 15.82 64.24
C ALA KA 49 0.39 16.65 65.37
N SER KA 50 -0.51 17.57 65.03
CA SER KA 50 -1.18 18.37 66.05
C SER KA 50 -2.03 17.50 66.97
N ILE KA 51 -2.77 16.55 66.40
CA ILE KA 51 -3.61 15.67 67.20
C ILE KA 51 -2.75 14.85 68.14
N LEU KA 52 -1.65 14.30 67.62
CA LEU KA 52 -0.76 13.47 68.43
C LEU KA 52 -0.13 14.28 69.56
N ARG KA 53 0.35 15.48 69.25
CA ARG KA 53 0.96 16.34 70.24
C ARG KA 53 -0.04 16.71 71.33
N GLU KA 54 -1.26 17.09 70.94
CA GLU KA 54 -2.28 17.45 71.92
C GLU KA 54 -2.68 16.26 72.79
N SER KA 55 -2.79 15.08 72.20
CA SER KA 55 -3.24 13.93 72.96
C SER KA 55 -2.15 13.42 73.91
N ALA KA 56 -0.89 13.49 73.48
CA ALA KA 56 0.20 13.18 74.41
C ALA KA 56 0.24 14.19 75.55
N ALA KA 57 0.04 15.47 75.24
CA ALA KA 57 -0.04 16.47 76.29
C ALA KA 57 -1.14 16.14 77.29
N ALA KA 58 -2.32 15.76 76.79
CA ALA KA 58 -3.43 15.45 77.68
C ALA KA 58 -3.13 14.22 78.56
N LEU KA 59 -2.61 13.17 77.95
CA LEU KA 59 -2.32 11.96 78.73
C LEU KA 59 -1.30 12.23 79.82
N PHE KA 60 -0.23 12.96 79.50
CA PHE KA 60 0.83 13.12 80.48
C PHE KA 60 0.49 14.20 81.49
N THR KA 61 -0.41 15.12 81.15
CA THR KA 61 -0.91 16.04 82.16
C THR KA 61 -1.82 15.32 83.14
N GLU KA 62 -2.63 14.39 82.63
CA GLU KA 62 -3.55 13.68 83.51
C GLU KA 62 -2.86 12.61 84.34
N GLN KA 63 -1.77 12.03 83.82
CA GLN KA 63 -0.94 11.07 84.55
C GLN KA 63 0.51 11.53 84.51
N PRO KA 64 0.86 12.54 85.30
CA PRO KA 64 2.25 13.02 85.29
C PRO KA 64 3.26 12.01 85.80
N ASP KA 65 2.81 10.98 86.53
CA ASP KA 65 3.75 10.04 87.13
C ASP KA 65 4.43 9.16 86.08
N LEU KA 66 3.80 8.99 84.93
CA LEU KA 66 4.42 8.19 83.87
C LEU KA 66 5.75 8.78 83.42
N LEU KA 67 5.90 10.10 83.52
CA LEU KA 67 7.09 10.77 82.99
C LEU KA 67 8.19 10.88 84.04
N ARG KA 68 7.85 10.69 85.31
CA ARG KA 68 8.83 10.78 86.36
C ARG KA 68 9.76 9.57 86.31
N PRO KA 69 11.00 9.71 86.82
CA PRO KA 69 11.93 8.58 86.83
C PRO KA 69 11.32 7.35 87.49
N GLY KA 70 11.42 6.23 86.80
CA GLY KA 70 10.72 5.02 87.19
C GLY KA 70 9.37 4.83 86.54
N GLY KA 71 8.84 5.84 85.86
CA GLY KA 71 7.64 5.67 85.08
C GLY KA 71 7.92 4.95 83.78
N ASN KA 72 6.88 4.35 83.21
CA ASN KA 72 7.05 3.62 81.96
C ASN KA 72 7.30 4.55 80.79
N ALA KA 73 6.89 5.80 80.89
CA ALA KA 73 7.20 6.79 79.87
C ALA KA 73 8.44 7.61 80.19
N TYR KA 74 9.19 7.25 81.24
CA TYR KA 74 10.42 7.95 81.56
C TYR KA 74 11.60 7.32 80.84
N THR KA 75 11.98 7.93 79.73
CA THR KA 75 13.31 8.15 79.14
C THR KA 75 12.98 8.81 77.82
N SER KA 76 13.97 9.31 77.09
CA SER KA 76 13.66 9.80 75.76
C SER KA 76 13.18 8.66 74.87
N ARG KA 77 13.75 7.48 75.07
CA ARG KA 77 13.40 6.31 74.27
C ARG KA 77 11.99 5.83 74.59
N ARG KA 78 11.66 5.70 75.88
CA ARG KA 78 10.33 5.20 76.24
C ARG KA 78 9.25 6.22 75.93
N TYR KA 79 9.57 7.52 76.04
CA TYR KA 79 8.62 8.53 75.61
C TYR KA 79 8.40 8.47 74.10
N ALA KA 80 9.48 8.31 73.33
CA ALA KA 80 9.34 8.19 71.89
C ALA KA 80 8.50 6.98 71.52
N ALA KA 81 8.68 5.87 72.23
CA ALA KA 81 7.88 4.68 71.96
C ALA KA 81 6.42 4.90 72.31
N CYS KA 82 6.16 5.62 73.41
CA CYS KA 82 4.78 5.94 73.77
C CYS KA 82 4.08 6.77 72.69
N VAL KA 83 4.74 7.82 72.21
CA VAL KA 83 4.09 8.67 71.22
C VAL KA 83 4.02 7.95 69.88
N ARG KA 84 4.97 7.04 69.64
CA ARG KA 84 4.94 6.19 68.46
C ARG KA 84 3.71 5.27 68.47
N ASP KA 85 3.39 4.70 69.64
CA ASP KA 85 2.22 3.84 69.74
C ASP KA 85 0.94 4.65 69.59
N MET KA 86 0.93 5.88 70.11
CA MET KA 86 -0.20 6.77 69.87
C MET KA 86 -0.39 7.06 68.39
N GLU KA 87 0.71 7.26 67.67
CA GLU KA 87 0.62 7.49 66.23
C GLU KA 87 0.09 6.25 65.51
N TYR KA 88 0.53 5.06 65.95
CA TYR KA 88 -0.06 3.82 65.43
C TYR KA 88 -1.58 3.83 65.61
N PHE KA 89 -2.03 4.16 66.81
CA PHE KA 89 -3.47 4.11 67.09
C PHE KA 89 -4.23 5.10 66.22
N LEU KA 90 -3.71 6.32 66.07
CA LEU KA 90 -4.40 7.31 65.27
C LEU KA 90 -4.46 6.90 63.80
N ARG KA 91 -3.35 6.42 63.25
CA ARG KA 91 -3.35 6.05 61.84
C ARG KA 91 -4.23 4.83 61.57
N TYR KA 92 -4.26 3.87 62.49
CA TYR KA 92 -5.08 2.69 62.23
C TYR KA 92 -6.55 2.96 62.49
N ALA KA 93 -6.87 3.88 63.40
CA ALA KA 93 -8.25 4.33 63.52
C ALA KA 93 -8.70 5.05 62.26
N THR KA 94 -7.78 5.77 61.61
CA THR KA 94 -8.13 6.45 60.37
C THR KA 94 -8.34 5.44 59.24
N TYR KA 95 -7.48 4.42 59.16
CA TYR KA 95 -7.71 3.34 58.21
C TYR KA 95 -9.06 2.70 58.42
N ALA KA 96 -9.39 2.38 59.67
CA ALA KA 96 -10.66 1.73 59.96
C ALA KA 96 -11.84 2.63 59.64
N LEU KA 97 -11.67 3.94 59.85
CA LEU KA 97 -12.72 4.89 59.49
C LEU KA 97 -12.96 4.87 57.99
N VAL KA 98 -11.89 4.84 57.20
CA VAL KA 98 -12.05 4.84 55.74
C VAL KA 98 -12.66 3.52 55.27
N ALA KA 99 -12.24 2.41 55.85
CA ALA KA 99 -12.72 1.11 55.40
C ALA KA 99 -14.14 0.83 55.85
N GLY KA 100 -14.61 1.55 56.87
CA GLY KA 100 -15.89 1.26 57.46
C GLY KA 100 -15.93 0.03 58.33
N ASP KA 101 -14.76 -0.54 58.67
CA ASP KA 101 -14.71 -1.76 59.46
C ASP KA 101 -13.53 -1.69 60.41
N THR KA 102 -13.64 -2.40 61.53
CA THR KA 102 -12.60 -2.43 62.56
C THR KA 102 -11.62 -3.58 62.36
N SER KA 103 -11.71 -4.31 61.25
CA SER KA 103 -10.89 -5.50 61.05
C SER KA 103 -9.40 -5.15 60.99
N VAL KA 104 -9.06 -4.04 60.35
CA VAL KA 104 -7.66 -3.63 60.25
C VAL KA 104 -7.08 -3.39 61.65
N ILE KA 105 -7.88 -2.81 62.54
CA ILE KA 105 -7.41 -2.58 63.91
C ILE KA 105 -7.15 -3.91 64.61
N ASP KA 106 -8.05 -4.86 64.44
CA ASP KA 106 -7.88 -6.15 65.12
C ASP KA 106 -6.64 -6.88 64.61
N GLU KA 107 -6.44 -6.93 63.29
CA GLU KA 107 -5.36 -7.78 62.81
C GLU KA 107 -4.01 -7.08 62.90
N ARG KA 108 -3.98 -5.75 62.74
CA ARG KA 108 -2.73 -5.02 62.68
C ARG KA 108 -2.32 -4.40 64.00
N VAL KA 109 -3.25 -4.15 64.91
CA VAL KA 109 -2.97 -3.45 66.16
C VAL KA 109 -3.24 -4.33 67.36
N LEU KA 110 -4.47 -4.83 67.50
CA LEU KA 110 -4.90 -5.44 68.74
C LEU KA 110 -4.34 -6.85 68.91
N ASN KA 111 -4.08 -7.55 67.81
CA ASN KA 111 -3.67 -8.95 67.90
C ASN KA 111 -2.35 -9.07 68.66
N GLY KA 112 -2.41 -9.62 69.87
CA GLY KA 112 -1.23 -9.79 70.67
C GLY KA 112 -0.73 -8.55 71.37
N LEU KA 113 -1.49 -7.46 71.35
CA LEU KA 113 -1.01 -6.22 71.94
C LEU KA 113 -1.02 -6.27 73.47
N LYS KA 114 -2.06 -6.87 74.06
CA LYS KA 114 -2.06 -7.03 75.51
C LYS KA 114 -0.87 -7.84 75.97
N GLU KA 115 -0.61 -8.97 75.31
CA GLU KA 115 0.53 -9.80 75.71
C GLU KA 115 1.84 -9.04 75.59
N THR KA 116 2.00 -8.28 74.50
CA THR KA 116 3.19 -7.46 74.32
C THR KA 116 3.32 -6.42 75.43
N TYR KA 117 2.24 -5.77 75.81
CA TYR KA 117 2.30 -4.74 76.84
C TYR KA 117 2.58 -5.33 78.22
N MET KA 118 1.99 -6.48 78.54
CA MET KA 118 2.35 -7.11 79.81
C MET KA 118 3.79 -7.58 79.83
N SER KA 119 4.28 -8.18 78.73
CA SER KA 119 5.67 -8.59 78.70
C SER KA 119 6.60 -7.39 78.86
N LEU KA 120 6.27 -6.26 78.23
CA LEU KA 120 7.12 -5.08 78.32
C LEU KA 120 6.97 -4.37 79.66
N GLY KA 121 5.82 -4.48 80.30
CA GLY KA 121 5.54 -3.70 81.48
C GLY KA 121 4.78 -2.43 81.22
N VAL KA 122 4.31 -2.21 80.01
CA VAL KA 122 3.49 -1.05 79.67
C VAL KA 122 2.18 -1.12 80.44
N PRO KA 123 1.78 -0.07 81.17
CA PRO KA 123 0.54 -0.10 81.94
C PRO KA 123 -0.69 0.06 81.04
N ILE KA 124 -1.57 -0.93 81.08
CA ILE KA 124 -2.72 -0.94 80.17
C ILE KA 124 -3.69 0.21 80.42
N PRO KA 125 -4.13 0.50 81.65
CA PRO KA 125 -5.08 1.60 81.83
C PRO KA 125 -4.51 2.95 81.43
N SER KA 126 -3.20 3.15 81.58
CA SER KA 126 -2.59 4.38 81.11
C SER KA 126 -2.69 4.52 79.60
N THR KA 127 -2.45 3.43 78.88
CA THR KA 127 -2.58 3.45 77.42
C THR KA 127 -4.03 3.66 77.01
N VAL KA 128 -4.96 3.02 77.72
CA VAL KA 128 -6.37 3.21 77.43
C VAL KA 128 -6.77 4.66 77.65
N ALA KA 129 -6.23 5.28 78.71
CA ALA KA 129 -6.49 6.70 78.95
C ALA KA 129 -5.92 7.56 77.83
N GLY KA 130 -4.75 7.19 77.32
CA GLY KA 130 -4.20 7.91 76.18
C GLY KA 130 -5.08 7.79 74.95
N VAL KA 131 -5.59 6.60 74.69
CA VAL KA 131 -6.49 6.40 73.55
C VAL KA 131 -7.77 7.20 73.74
N THR KA 132 -8.27 7.27 74.98
CA THR KA 132 -9.47 8.06 75.27
C THR KA 132 -9.23 9.55 75.03
N ALA KA 133 -8.08 10.06 75.47
CA ALA KA 133 -7.75 11.47 75.23
C ALA KA 133 -7.64 11.75 73.73
N MET KA 134 -6.99 10.83 73.00
CA MET KA 134 -6.89 10.96 71.56
C MET KA 134 -8.28 10.97 70.93
N LYS KA 135 -9.17 10.11 71.41
CA LYS KA 135 -10.55 10.09 70.94
C LYS KA 135 -11.22 11.44 71.17
N GLY KA 136 -11.02 12.03 72.34
CA GLY KA 136 -11.63 13.31 72.62
C GLY KA 136 -11.13 14.40 71.69
N VAL KA 137 -9.83 14.45 71.43
CA VAL KA 137 -9.28 15.45 70.52
C VAL KA 137 -9.82 15.25 69.11
N VAL KA 138 -9.79 13.99 68.62
CA VAL KA 138 -10.25 13.71 67.28
C VAL KA 138 -11.73 14.02 67.14
N ALA KA 139 -12.52 13.72 68.16
CA ALA KA 139 -13.93 14.07 68.16
C ALA KA 139 -14.12 15.58 68.12
N SER KA 140 -13.28 16.32 68.85
CA SER KA 140 -13.38 17.77 68.80
C SER KA 140 -13.10 18.30 67.42
N MET KA 141 -12.28 17.58 66.64
CA MET KA 141 -11.87 18.13 65.35
C MET KA 141 -12.77 17.66 64.20
N ILE KA 142 -13.30 16.45 64.27
CA ILE KA 142 -14.07 15.90 63.17
C ILE KA 142 -15.48 15.49 63.58
N GLY KA 143 -15.83 15.63 64.84
CA GLY KA 143 -17.11 15.14 65.32
C GLY KA 143 -17.04 13.70 65.77
N SER KA 144 -18.22 13.10 65.89
CA SER KA 144 -18.34 11.75 66.44
C SER KA 144 -18.14 10.67 65.38
N GLU KA 145 -17.45 10.97 64.30
CA GLU KA 145 -17.40 10.04 63.18
C GLU KA 145 -16.48 8.85 63.46
N ALA KA 146 -15.45 9.06 64.27
CA ALA KA 146 -14.40 8.05 64.46
C ALA KA 146 -14.34 7.48 65.87
N ASN KA 147 -15.24 7.87 66.77
CA ASN KA 147 -15.07 7.45 68.16
C ASN KA 147 -15.42 5.98 68.37
N VAL KA 148 -16.11 5.35 67.41
CA VAL KA 148 -16.35 3.92 67.52
C VAL KA 148 -15.05 3.14 67.38
N TYR KA 149 -14.14 3.62 66.52
CA TYR KA 149 -12.89 2.92 66.32
C TYR KA 149 -11.96 3.08 67.51
N PHE KA 150 -11.95 4.27 68.11
CA PHE KA 150 -11.20 4.47 69.35
C PHE KA 150 -11.79 3.64 70.48
N ASP KA 151 -13.12 3.54 70.54
CA ASP KA 151 -13.75 2.67 71.52
C ASP KA 151 -13.36 1.22 71.30
N HIS KA 152 -13.27 0.80 70.04
CA HIS KA 152 -12.84 -0.55 69.74
C HIS KA 152 -11.42 -0.80 70.23
N ILE KA 153 -10.52 0.16 70.00
CA ILE KA 153 -9.15 0.01 70.47
C ILE KA 153 -9.11 -0.06 71.99
N ALA KA 154 -9.89 0.79 72.66
CA ALA KA 154 -9.91 0.79 74.11
C ALA KA 154 -10.45 -0.52 74.67
N LYS KA 155 -11.49 -1.07 74.05
CA LYS KA 155 -12.01 -2.36 74.50
C LYS KA 155 -11.01 -3.48 74.23
N GLY KA 156 -10.36 -3.46 73.07
CA GLY KA 156 -9.39 -4.50 72.76
C GLY KA 156 -8.21 -4.48 73.72
N LEU KA 157 -7.78 -3.29 74.11
CA LEU KA 157 -6.73 -3.20 75.13
C LEU KA 157 -7.23 -3.70 76.47
N SER KA 158 -8.46 -3.35 76.83
CA SER KA 158 -9.03 -3.75 78.12
C SER KA 158 -9.31 -5.25 78.16
N MET LA 1 26.64 -31.40 36.98
CA MET LA 1 27.84 -31.98 36.39
C MET LA 1 27.48 -33.05 35.35
N GLN LA 2 28.50 -33.58 34.69
CA GLN LA 2 28.32 -34.51 33.59
C GLN LA 2 29.29 -35.67 33.77
N ASP LA 3 28.79 -36.89 33.62
CA ASP LA 3 29.66 -38.05 33.59
C ASP LA 3 29.81 -38.56 32.16
N ALA LA 4 30.51 -39.68 32.01
CA ALA LA 4 30.75 -40.24 30.68
C ALA LA 4 29.45 -40.63 30.00
N ILE LA 5 28.54 -41.27 30.75
CA ILE LA 5 27.26 -41.68 30.21
C ILE LA 5 26.42 -40.48 29.80
N THR LA 6 26.34 -39.47 30.68
CA THR LA 6 25.58 -38.28 30.33
C THR LA 6 26.24 -37.52 29.20
N SER LA 7 27.57 -37.59 29.10
CA SER LA 7 28.26 -36.99 27.96
C SER LA 7 27.81 -37.62 26.66
N VAL LA 8 27.80 -38.96 26.60
CA VAL LA 8 27.34 -39.64 25.39
C VAL LA 8 25.87 -39.33 25.12
N ILE LA 9 25.05 -39.37 26.17
CA ILE LA 9 23.63 -39.07 26.01
C ILE LA 9 23.43 -37.68 25.41
N ASN LA 10 24.22 -36.71 25.86
CA ASN LA 10 24.08 -35.36 25.35
C ASN LA 10 24.52 -35.27 23.91
N THR LA 11 25.61 -35.94 23.56
CA THR LA 11 26.07 -35.91 22.17
C THR LA 11 25.03 -36.52 21.25
N TYR LA 12 24.23 -37.47 21.74
CA TYR LA 12 23.20 -38.03 20.87
C TYR LA 12 21.90 -37.24 20.94
N ASP LA 13 21.70 -36.50 22.03
CA ASP LA 13 20.50 -35.69 22.16
C ASP LA 13 20.55 -34.45 21.28
N VAL LA 14 21.74 -33.85 21.14
CA VAL LA 14 21.84 -32.66 20.30
C VAL LA 14 21.60 -33.02 18.84
N GLN LA 15 21.83 -34.27 18.47
CA GLN LA 15 21.54 -34.71 17.11
C GLN LA 15 20.18 -35.35 16.98
N GLY LA 16 19.44 -35.52 18.07
CA GLY LA 16 18.16 -36.18 18.01
C GLY LA 16 18.24 -37.63 17.58
N LYS LA 17 19.33 -38.30 17.91
CA LYS LA 17 19.54 -39.67 17.48
C LYS LA 17 19.37 -40.63 18.64
N TYR LA 18 18.79 -41.78 18.32
CA TYR LA 18 18.89 -42.94 19.18
C TYR LA 18 20.31 -43.48 19.16
N PHE LA 19 20.65 -44.23 20.20
CA PHE LA 19 21.97 -44.83 20.30
C PHE LA 19 22.22 -45.78 19.14
N ASP LA 20 23.38 -45.65 18.51
CA ASP LA 20 23.85 -46.63 17.53
C ASP LA 20 24.90 -47.54 18.17
N THR LA 21 25.54 -48.34 17.34
CA THR LA 21 26.52 -49.30 17.83
C THR LA 21 27.67 -48.61 18.55
N SER LA 22 28.15 -47.48 18.00
CA SER LA 22 29.30 -46.80 18.59
C SER LA 22 28.97 -46.26 19.98
N ALA LA 23 27.76 -45.73 20.16
CA ALA LA 23 27.36 -45.25 21.47
C ALA LA 23 27.34 -46.39 22.48
N PHE LA 24 26.79 -47.54 22.10
CA PHE LA 24 26.76 -48.68 23.00
C PHE LA 24 28.17 -49.18 23.29
N ASP LA 25 29.07 -49.06 22.32
CA ASP LA 25 30.47 -49.42 22.56
C ASP LA 25 31.10 -48.50 23.59
N LYS LA 26 30.86 -47.20 23.48
CA LYS LA 26 31.39 -46.26 24.46
C LYS LA 26 30.82 -46.53 25.84
N LEU LA 27 29.52 -46.84 25.92
CA LEU LA 27 28.91 -47.13 27.21
C LEU LA 27 29.47 -48.41 27.82
N LYS LA 28 29.73 -49.42 26.99
CA LYS LA 28 30.37 -50.63 27.47
C LYS LA 28 31.78 -50.36 27.97
N ALA LA 29 32.50 -49.48 27.27
CA ALA LA 29 33.84 -49.10 27.72
C ALA LA 29 33.78 -48.45 29.10
N TYR LA 30 32.76 -47.64 29.35
CA TYR LA 30 32.67 -47.01 30.67
C TYR LA 30 32.25 -48.02 31.73
N TYR LA 31 31.28 -48.88 31.42
CA TYR LA 31 30.82 -49.86 32.40
C TYR LA 31 31.92 -50.86 32.74
N ALA LA 32 32.82 -51.12 31.79
CA ALA LA 32 33.86 -52.13 32.01
C ALA LA 32 34.90 -51.64 33.01
N THR LA 33 35.08 -50.33 33.11
CA THR LA 33 36.05 -49.75 34.02
C THR LA 33 35.47 -49.37 35.37
N GLY LA 34 34.20 -49.67 35.62
CA GLY LA 34 33.55 -49.18 36.83
C GLY LA 34 34.13 -49.76 38.10
N GLU LA 35 34.42 -51.05 38.10
CA GLU LA 35 35.00 -51.67 39.29
C GLU LA 35 36.40 -51.12 39.57
N LEU LA 36 37.19 -50.90 38.52
CA LEU LA 36 38.51 -50.31 38.71
C LEU LA 36 38.40 -48.90 39.30
N ARG LA 37 37.49 -48.09 38.76
CA ARG LA 37 37.30 -46.74 39.27
C ARG LA 37 36.82 -46.74 40.71
N VAL LA 38 35.91 -47.65 41.06
CA VAL LA 38 35.38 -47.70 42.42
C VAL LA 38 36.48 -48.11 43.40
N ARG LA 39 37.26 -49.13 43.05
CA ARG LA 39 38.37 -49.53 43.92
C ARG LA 39 39.37 -48.40 44.08
N ALA LA 40 39.67 -47.69 42.98
CA ALA LA 40 40.61 -46.58 43.07
C ALA LA 40 40.08 -45.48 43.98
N ALA LA 41 38.79 -45.14 43.85
CA ALA LA 41 38.22 -44.07 44.67
C ALA LA 41 38.21 -44.46 46.13
N GLY LA 42 37.88 -45.72 46.43
CA GLY LA 42 37.94 -46.17 47.81
C GLY LA 42 39.33 -46.11 48.39
N THR LA 43 40.32 -46.60 47.62
CA THR LA 43 41.70 -46.55 48.09
C THR LA 43 42.15 -45.11 48.32
N ILE LA 44 41.79 -44.20 47.42
CA ILE LA 44 42.18 -42.81 47.57
C ILE LA 44 41.54 -42.19 48.80
N SER LA 45 40.25 -42.47 49.01
CA SER LA 45 39.55 -41.94 50.17
C SER LA 45 40.16 -42.46 51.47
N ALA LA 46 40.55 -43.74 51.48
CA ALA LA 46 41.14 -44.31 52.69
C ALA LA 46 42.43 -43.61 53.06
N ASN LA 47 43.20 -43.18 52.06
CA ASN LA 47 44.55 -42.67 52.29
C ASN LA 47 44.73 -41.22 51.86
N ALA LA 48 43.65 -40.44 51.82
CA ALA LA 48 43.72 -39.09 51.28
C ALA LA 48 44.62 -38.19 52.11
N ALA LA 49 44.52 -38.27 53.44
CA ALA LA 49 45.36 -37.45 54.30
C ALA LA 49 46.83 -37.79 54.11
N THR LA 50 47.15 -39.07 53.98
CA THR LA 50 48.53 -39.47 53.71
C THR LA 50 49.01 -38.92 52.38
N ILE LA 51 48.16 -38.98 51.35
CA ILE LA 51 48.53 -38.45 50.04
C ILE LA 51 48.83 -36.97 50.15
N ILE LA 52 47.96 -36.22 50.84
CA ILE LA 52 48.13 -34.78 50.94
C ILE LA 52 49.41 -34.45 51.70
N LYS LA 53 49.67 -35.17 52.80
CA LYS LA 53 50.88 -34.92 53.56
C LYS LA 53 52.13 -35.20 52.74
N GLU LA 54 52.15 -36.33 52.03
CA GLU LA 54 53.34 -36.68 51.25
C GLU LA 54 53.54 -35.71 50.09
N ALA LA 55 52.47 -35.33 49.41
CA ALA LA 55 52.60 -34.44 48.27
C ALA LA 55 52.98 -33.02 48.71
N SER LA 56 52.43 -32.55 49.83
CA SER LA 56 52.84 -31.25 50.33
C SER LA 56 54.30 -31.26 50.76
N ALA LA 57 54.75 -32.36 51.39
CA ALA LA 57 56.16 -32.48 51.71
C ALA LA 57 57.02 -32.41 50.45
N LYS LA 58 56.60 -33.09 49.38
CA LYS LA 58 57.36 -33.03 48.12
C LYS LA 58 57.37 -31.62 47.53
N LEU LA 59 56.21 -30.97 47.50
CA LEU LA 59 56.14 -29.63 46.91
C LEU LA 59 57.00 -28.64 47.68
N PHE LA 60 56.94 -28.68 49.01
CA PHE LA 60 57.70 -27.70 49.79
C PHE LA 60 59.17 -28.06 49.87
N SER LA 61 59.52 -29.34 49.67
CA SER LA 61 60.93 -29.69 49.55
C SER LA 61 61.51 -29.17 48.25
N ASN LA 62 60.75 -29.27 47.15
CA ASN LA 62 61.27 -28.80 45.88
C ASN LA 62 61.26 -27.29 45.79
N GLN LA 63 60.37 -26.63 46.53
CA GLN LA 63 60.31 -25.17 46.58
C GLN LA 63 60.27 -24.71 48.02
N PRO LA 64 61.41 -24.64 48.69
CA PRO LA 64 61.41 -24.21 50.09
C PRO LA 64 61.00 -22.76 50.30
N ASP LA 65 61.15 -21.91 49.28
CA ASP LA 65 60.84 -20.51 49.44
C ASP LA 65 59.35 -20.28 49.70
N LEU LA 66 58.52 -21.25 49.38
CA LEU LA 66 57.08 -21.08 49.55
C LEU LA 66 56.71 -20.93 51.02
N VAL LA 67 57.35 -21.69 51.91
CA VAL LA 67 56.96 -21.66 53.31
C VAL LA 67 57.83 -20.78 54.18
N ARG LA 68 58.87 -20.18 53.62
CA ARG LA 68 59.67 -19.20 54.34
C ARG LA 68 59.03 -17.81 54.21
N PRO LA 69 59.39 -16.88 55.09
CA PRO LA 69 58.77 -15.54 55.04
C PRO LA 69 58.90 -14.92 53.66
N GLY LA 70 57.82 -14.30 53.22
CA GLY LA 70 57.72 -13.81 51.86
C GLY LA 70 57.08 -14.77 50.88
N GLY LA 71 57.05 -16.06 51.19
CA GLY LA 71 56.39 -17.01 50.31
C GLY LA 71 54.89 -17.04 50.51
N ASN LA 72 54.17 -17.53 49.50
CA ASN LA 72 52.72 -17.51 49.58
C ASN LA 72 52.18 -18.61 50.49
N ALA LA 73 53.02 -19.53 50.93
CA ALA LA 73 52.63 -20.48 51.96
C ALA LA 73 53.24 -20.15 53.31
N TYR LA 74 53.63 -18.90 53.52
CA TYR LA 74 54.12 -18.49 54.82
C TYR LA 74 53.08 -17.68 55.57
N THR LA 75 52.32 -18.39 56.40
CA THR LA 75 51.66 -18.03 57.64
C THR LA 75 50.93 -19.32 57.95
N THR LA 76 50.44 -19.51 59.17
CA THR LA 76 49.64 -20.71 59.40
C THR LA 76 48.38 -20.69 58.54
N ARG LA 77 47.83 -19.51 58.28
CA ARG LA 77 46.61 -19.42 57.50
C ARG LA 77 46.86 -19.70 56.03
N ARG LA 78 47.98 -19.23 55.49
CA ARG LA 78 48.26 -19.50 54.08
C ARG LA 78 48.71 -20.95 53.89
N TYR LA 79 49.47 -21.50 54.83
CA TYR LA 79 49.82 -22.91 54.75
C TYR LA 79 48.57 -23.78 54.81
N ALA LA 80 47.65 -23.45 55.72
CA ALA LA 80 46.39 -24.18 55.80
C ALA LA 80 45.60 -24.06 54.51
N ALA LA 81 45.53 -22.86 53.94
CA ALA LA 81 44.79 -22.69 52.70
C ALA LA 81 45.41 -23.50 51.57
N CYS LA 82 46.74 -23.55 51.52
CA CYS LA 82 47.43 -24.34 50.50
C CYS LA 82 47.13 -25.83 50.63
N VAL LA 83 47.27 -26.39 51.83
CA VAL LA 83 47.02 -27.83 51.95
C VAL LA 83 45.54 -28.12 51.76
N ARG LA 84 44.67 -27.18 52.13
CA ARG LA 84 43.24 -27.36 51.87
C ARG LA 84 42.96 -27.36 50.37
N ASP LA 85 43.63 -26.49 49.62
CA ASP LA 85 43.50 -26.48 48.17
C ASP LA 85 43.92 -27.80 47.58
N MET LA 86 45.03 -28.36 48.06
CA MET LA 86 45.50 -29.65 47.57
C MET LA 86 44.50 -30.76 47.90
N ASP LA 87 43.90 -30.70 49.09
CA ASP LA 87 42.86 -31.67 49.44
C ASP LA 87 41.67 -31.56 48.49
N TYR LA 88 41.27 -30.32 48.16
CA TYR LA 88 40.20 -30.14 47.16
C TYR LA 88 40.58 -30.76 45.83
N PHE LA 89 41.81 -30.53 45.38
CA PHE LA 89 42.23 -31.07 44.10
C PHE LA 89 42.17 -32.58 44.10
N LEU LA 90 42.66 -33.22 45.16
CA LEU LA 90 42.60 -34.67 45.23
C LEU LA 90 41.16 -35.16 45.23
N ARG LA 91 40.28 -34.53 46.01
CA ARG LA 91 38.91 -34.99 46.09
C ARG LA 91 38.18 -34.86 44.75
N TYR LA 92 38.33 -33.72 44.07
CA TYR LA 92 37.60 -33.54 42.83
C TYR LA 92 38.21 -34.35 41.69
N ALA LA 93 39.51 -34.63 41.77
CA ALA LA 93 40.10 -35.56 40.82
C ALA LA 93 39.50 -36.94 41.00
N THR LA 94 39.26 -37.34 42.26
CA THR LA 94 38.56 -38.59 42.50
C THR LA 94 37.13 -38.56 41.96
N TYR LA 95 36.43 -37.43 42.15
CA TYR LA 95 35.08 -37.30 41.61
C TYR LA 95 35.07 -37.47 40.11
N ALA LA 96 36.01 -36.83 39.42
CA ALA LA 96 36.06 -36.90 37.97
C ALA LA 96 36.47 -38.29 37.50
N MET LA 97 37.42 -38.91 38.19
CA MET LA 97 37.82 -40.26 37.84
C MET LA 97 36.66 -41.23 38.00
N LEU LA 98 35.85 -41.04 39.02
CA LEU LA 98 34.68 -41.88 39.21
C LEU LA 98 33.62 -41.58 38.15
N ALA LA 99 33.54 -40.31 37.73
CA ALA LA 99 32.56 -39.93 36.71
C ALA LA 99 33.05 -40.26 35.30
N GLY LA 100 34.34 -40.55 35.16
CA GLY LA 100 34.89 -40.81 33.85
C GLY LA 100 34.93 -39.61 32.93
N ASP LA 101 34.84 -38.40 33.47
CA ASP LA 101 34.69 -37.22 32.64
C ASP LA 101 35.15 -35.99 33.42
N THR LA 102 35.77 -35.06 32.70
CA THR LA 102 36.42 -33.89 33.29
C THR LA 102 35.48 -32.71 33.51
N SER LA 103 34.18 -32.89 33.28
CA SER LA 103 33.25 -31.77 33.33
C SER LA 103 33.21 -31.13 34.71
N ILE LA 104 33.25 -31.95 35.77
CA ILE LA 104 33.12 -31.39 37.12
C ILE LA 104 34.34 -30.54 37.46
N LEU LA 105 35.50 -30.89 36.91
CA LEU LA 105 36.69 -30.09 37.14
C LEU LA 105 36.53 -28.69 36.55
N ASP LA 106 35.91 -28.60 35.38
CA ASP LA 106 35.59 -27.29 34.82
C ASP LA 106 34.55 -26.58 35.67
N GLU LA 107 33.46 -27.27 36.01
CA GLU LA 107 32.30 -26.60 36.58
C GLU LA 107 32.60 -26.07 37.98
N ARG LA 108 33.27 -26.87 38.82
CA ARG LA 108 33.42 -26.52 40.22
C ARG LA 108 34.83 -26.13 40.63
N VAL LA 109 35.82 -26.33 39.77
CA VAL LA 109 37.21 -26.12 40.19
C VAL LA 109 37.90 -25.09 39.30
N LEU LA 110 37.92 -25.34 37.99
CA LEU LA 110 38.80 -24.56 37.12
C LEU LA 110 38.17 -23.25 36.69
N ASN LA 111 36.84 -23.16 36.70
CA ASN LA 111 36.18 -21.93 36.28
C ASN LA 111 36.43 -20.82 37.28
N GLY LA 112 37.28 -19.87 36.92
CA GLY LA 112 37.64 -18.77 37.77
C GLY LA 112 38.85 -18.99 38.65
N LEU LA 113 39.46 -20.18 38.62
CA LEU LA 113 40.55 -20.47 39.54
C LEU LA 113 41.83 -19.72 39.17
N LYS LA 114 42.15 -19.65 37.87
CA LYS LA 114 43.36 -18.93 37.46
C LYS LA 114 43.24 -17.45 37.77
N GLU LA 115 42.06 -16.86 37.50
CA GLU LA 115 41.82 -15.48 37.86
C GLU LA 115 41.89 -15.28 39.37
N THR LA 116 41.33 -16.21 40.13
CA THR LA 116 41.40 -16.12 41.59
C THR LA 116 42.84 -16.14 42.08
N TYR LA 117 43.64 -17.07 41.58
CA TYR LA 117 45.04 -17.18 42.01
C TYR LA 117 45.84 -15.97 41.59
N ASN LA 118 45.55 -15.42 40.41
CA ASN LA 118 46.20 -14.18 40.01
C ASN LA 118 45.83 -13.04 40.94
N SER LA 119 44.56 -12.97 41.34
CA SER LA 119 44.11 -11.87 42.18
C SER LA 119 44.63 -12.03 43.60
N LEU LA 120 45.02 -13.23 44.00
CA LEU LA 120 45.51 -13.46 45.35
C LEU LA 120 47.02 -13.49 45.46
N GLY LA 121 47.74 -13.55 44.35
CA GLY LA 121 49.17 -13.76 44.42
C GLY LA 121 49.58 -15.20 44.60
N VAL LA 122 48.68 -16.15 44.37
CA VAL LA 122 49.04 -17.58 44.43
C VAL LA 122 49.87 -17.92 43.20
N PRO LA 123 51.07 -18.46 43.35
CA PRO LA 123 51.85 -18.89 42.18
C PRO LA 123 51.16 -20.04 41.46
N ILE LA 124 51.01 -19.89 40.15
CA ILE LA 124 50.36 -20.91 39.34
C ILE LA 124 51.29 -22.11 39.12
N SER LA 125 52.56 -21.84 38.81
CA SER LA 125 53.49 -22.93 38.53
C SER LA 125 53.71 -23.80 39.75
N SER LA 126 53.77 -23.19 40.94
CA SER LA 126 53.92 -23.97 42.16
C SER LA 126 52.69 -24.83 42.43
N THR LA 127 51.50 -24.30 42.17
CA THR LA 127 50.29 -25.10 42.33
C THR LA 127 50.27 -26.26 41.35
N VAL LA 128 50.73 -26.03 40.13
CA VAL LA 128 50.83 -27.10 39.15
C VAL LA 128 51.82 -28.16 39.62
N GLN LA 129 52.94 -27.74 40.21
CA GLN LA 129 53.90 -28.70 40.76
C GLN LA 129 53.28 -29.52 41.88
N GLY LA 130 52.50 -28.89 42.75
CA GLY LA 130 51.83 -29.63 43.80
C GLY LA 130 50.84 -30.63 43.25
N ILE LA 131 50.16 -30.26 42.17
CA ILE LA 131 49.25 -31.20 41.51
C ILE LA 131 50.04 -32.39 40.96
N GLN LA 132 51.20 -32.13 40.38
CA GLN LA 132 52.04 -33.23 39.88
C GLN LA 132 52.54 -34.11 41.02
N ALA LA 133 52.85 -33.51 42.17
CA ALA LA 133 53.26 -34.29 43.32
C ALA LA 133 52.14 -35.21 43.78
N MET LA 134 50.91 -34.70 43.82
CA MET LA 134 49.76 -35.54 44.12
C MET LA 134 49.58 -36.63 43.07
N LYS LA 135 49.81 -36.31 41.81
CA LYS LA 135 49.78 -37.33 40.75
C LYS LA 135 50.73 -38.48 41.08
N GLU LA 136 51.98 -38.16 41.41
CA GLU LA 136 52.96 -39.20 41.70
C GLU LA 136 52.56 -40.04 42.92
N VAL LA 137 52.22 -39.38 44.03
CA VAL LA 137 51.90 -40.11 45.25
C VAL LA 137 50.65 -40.98 45.04
N THR LA 138 49.62 -40.42 44.42
CA THR LA 138 48.38 -41.15 44.17
C THR LA 138 48.64 -42.36 43.29
N GLY LA 139 49.45 -42.19 42.24
CA GLY LA 139 49.75 -43.33 41.37
C GLY LA 139 50.46 -44.44 42.10
N SER LA 140 51.48 -44.07 42.90
CA SER LA 140 52.16 -45.08 43.71
C SER LA 140 51.17 -45.80 44.62
N LEU LA 141 50.17 -45.09 45.13
CA LEU LA 141 49.23 -45.70 46.06
C LEU LA 141 48.21 -46.59 45.34
N VAL LA 142 47.77 -46.21 44.15
CA VAL LA 142 46.63 -46.90 43.53
C VAL LA 142 47.03 -47.93 42.48
N GLY LA 143 48.29 -47.98 42.06
CA GLY LA 143 48.70 -48.98 41.11
C GLY LA 143 48.53 -48.51 39.67
N SER LA 144 48.89 -49.40 38.74
CA SER LA 144 49.17 -48.98 37.36
C SER LA 144 47.94 -48.44 36.65
N GLY LA 145 46.89 -49.26 36.51
CA GLY LA 145 45.73 -48.83 35.74
C GLY LA 145 45.00 -47.66 36.37
N ALA LA 146 44.74 -47.74 37.67
CA ALA LA 146 44.08 -46.65 38.36
C ALA LA 146 44.92 -45.39 38.32
N ALA LA 147 46.25 -45.54 38.26
CA ALA LA 147 47.13 -44.39 38.19
C ALA LA 147 47.06 -43.74 36.83
N LYS LA 148 47.02 -44.55 35.77
CA LYS LA 148 46.84 -43.98 34.44
C LYS LA 148 45.50 -43.27 34.34
N GLU LA 149 44.48 -43.77 35.06
CA GLU LA 149 43.18 -43.11 35.00
C GLU LA 149 43.18 -41.80 35.78
N MET LA 150 43.71 -41.79 37.01
CA MET LA 150 43.78 -40.55 37.78
C MET LA 150 44.72 -39.55 37.16
N GLY LA 151 45.69 -40.03 36.36
CA GLY LA 151 46.58 -39.12 35.69
C GLY LA 151 45.87 -38.21 34.71
N VAL LA 152 44.83 -38.72 34.05
CA VAL LA 152 44.07 -37.93 33.10
C VAL LA 152 43.49 -36.69 33.78
N TYR LA 153 42.96 -36.86 34.98
CA TYR LA 153 42.27 -35.76 35.64
C TYR LA 153 43.25 -34.84 36.36
N PHE LA 154 44.35 -35.41 36.87
CA PHE LA 154 45.42 -34.56 37.38
C PHE LA 154 45.99 -33.68 36.28
N ASP LA 155 46.20 -34.25 35.10
CA ASP LA 155 46.72 -33.49 33.97
C ASP LA 155 45.71 -32.48 33.47
N TYR LA 156 44.42 -32.81 33.55
CA TYR LA 156 43.42 -31.81 33.19
C TYR LA 156 43.48 -30.62 34.13
N LEU LA 157 43.64 -30.87 35.42
CA LEU LA 157 43.80 -29.78 36.37
C LEU LA 157 45.05 -28.96 36.06
N SER LA 158 46.17 -29.62 35.83
CA SER LA 158 47.42 -28.91 35.55
C SER LA 158 47.30 -28.07 34.28
N SER LA 159 46.68 -28.62 33.24
CA SER LA 159 46.51 -27.88 31.99
C SER LA 159 45.57 -26.70 32.19
N GLY LA 160 44.52 -26.87 33.00
CA GLY LA 160 43.63 -25.77 33.27
C GLY LA 160 44.31 -24.65 34.01
N LEU LA 161 45.28 -24.98 34.86
CA LEU LA 161 46.03 -23.94 35.55
C LEU LA 161 47.14 -23.38 34.66
N SER LA 162 47.74 -24.22 33.85
CA SER LA 162 48.82 -23.78 32.97
C SER LA 162 48.27 -23.21 31.67
N MET MA 1 11.66 4.23 36.16
CA MET MA 1 11.17 4.47 34.81
C MET MA 1 10.57 5.86 34.69
N GLN MA 2 10.40 6.32 33.46
CA GLN MA 2 9.70 7.56 33.18
C GLN MA 2 8.47 7.26 32.32
N ASP MA 3 7.34 7.83 32.69
CA ASP MA 3 6.22 7.94 31.80
C ASP MA 3 6.30 9.28 31.07
N ALA MA 4 5.33 9.55 30.20
CA ALA MA 4 5.31 10.82 29.48
C ALA MA 4 5.21 12.00 30.44
N ILE MA 5 4.32 11.89 31.43
CA ILE MA 5 4.07 12.99 32.35
C ILE MA 5 5.31 13.30 33.17
N THR MA 6 5.95 12.27 33.72
CA THR MA 6 7.15 12.48 34.51
C THR MA 6 8.31 12.88 33.61
N SER MA 7 8.28 12.51 32.33
CA SER MA 7 9.28 13.02 31.40
C SER MA 7 9.19 14.53 31.28
N VAL MA 8 7.97 15.05 31.09
CA VAL MA 8 7.79 16.50 31.03
C VAL MA 8 8.15 17.15 32.37
N ILE MA 9 7.73 16.53 33.47
CA ILE MA 9 8.04 17.05 34.80
C ILE MA 9 9.53 17.16 34.99
N ASN MA 10 10.28 16.13 34.59
CA ASN MA 10 11.74 16.15 34.75
C ASN MA 10 12.36 17.22 33.89
N THR MA 11 11.91 17.36 32.64
CA THR MA 11 12.46 18.41 31.79
C THR MA 11 12.29 19.78 32.43
N TYR MA 12 11.10 20.06 32.96
CA TYR MA 12 10.85 21.39 33.50
C TYR MA 12 11.51 21.58 34.86
N ASP MA 13 11.60 20.52 35.66
CA ASP MA 13 12.34 20.59 36.91
C ASP MA 13 13.82 20.85 36.67
N VAL MA 14 14.42 20.18 35.69
CA VAL MA 14 15.82 20.41 35.36
C VAL MA 14 16.03 21.84 34.87
N GLN MA 15 15.09 22.36 34.09
CA GLN MA 15 15.20 23.77 33.74
C GLN MA 15 14.82 24.70 34.88
N GLY MA 16 14.24 24.18 35.96
CA GLY MA 16 13.75 25.03 37.03
C GLY MA 16 12.56 25.88 36.64
N LYS MA 17 11.69 25.35 35.80
CA LYS MA 17 10.60 26.11 35.20
C LYS MA 17 9.26 25.50 35.54
N TYR MA 18 8.27 26.37 35.67
CA TYR MA 18 6.88 25.94 35.60
C TYR MA 18 6.49 25.49 34.22
N PHE MA 19 5.41 24.73 34.20
CA PHE MA 19 4.78 24.34 32.96
C PHE MA 19 4.31 25.59 32.24
N ASP MA 20 4.60 25.64 30.95
CA ASP MA 20 4.15 26.68 30.05
C ASP MA 20 3.26 26.03 28.99
N THR MA 21 2.92 26.81 27.95
CA THR MA 21 1.96 26.33 26.97
C THR MA 21 2.42 25.04 26.31
N SER MA 22 3.71 24.93 26.00
CA SER MA 22 4.22 23.71 25.38
C SER MA 22 4.08 22.50 26.32
N ALA MA 23 4.43 22.67 27.59
CA ALA MA 23 4.30 21.58 28.55
C ALA MA 23 2.85 21.16 28.70
N PHE MA 24 1.95 22.13 28.84
CA PHE MA 24 0.54 21.82 28.99
C PHE MA 24 0.01 21.12 27.73
N ASP MA 25 0.55 21.47 26.57
CA ASP MA 25 0.13 20.81 25.33
C ASP MA 25 0.62 19.37 25.28
N LYS MA 26 1.85 19.12 25.71
CA LYS MA 26 2.34 17.74 25.77
C LYS MA 26 1.51 16.91 26.72
N LEU MA 27 1.16 17.48 27.88
CA LEU MA 27 0.33 16.76 28.83
C LEU MA 27 -1.07 16.52 28.30
N LYS MA 28 -1.66 17.50 27.60
CA LYS MA 28 -2.95 17.26 26.96
C LYS MA 28 -2.86 16.16 25.92
N ALA MA 29 -1.77 16.14 25.15
CA ALA MA 29 -1.60 15.08 24.16
C ALA MA 29 -1.56 13.72 24.82
N TYR MA 30 -0.87 13.61 25.95
CA TYR MA 30 -0.83 12.31 26.63
C TYR MA 30 -2.19 11.94 27.23
N TYR MA 31 -2.89 12.91 27.84
CA TYR MA 31 -4.19 12.60 28.44
C TYR MA 31 -5.19 12.21 27.38
N ALA MA 32 -5.12 12.83 26.20
CA ALA MA 32 -6.07 12.55 25.14
C ALA MA 32 -5.99 11.10 24.69
N THR MA 33 -4.78 10.55 24.56
CA THR MA 33 -4.58 9.18 24.13
C THR MA 33 -4.76 8.17 25.26
N GLY MA 34 -4.99 8.62 26.49
CA GLY MA 34 -4.96 7.71 27.63
C GLY MA 34 -6.02 6.64 27.57
N GLU MA 35 -7.22 6.99 27.15
CA GLU MA 35 -8.29 6.00 27.02
C GLU MA 35 -7.93 4.93 26.01
N LEU MA 36 -7.33 5.33 24.88
CA LEU MA 36 -6.87 4.37 23.89
C LEU MA 36 -5.82 3.43 24.46
N ARG MA 37 -4.85 3.98 25.19
CA ARG MA 37 -3.79 3.16 25.77
C ARG MA 37 -4.34 2.18 26.80
N VAL MA 38 -5.27 2.64 27.62
CA VAL MA 38 -5.88 1.77 28.63
C VAL MA 38 -6.68 0.65 27.96
N ARG MA 39 -7.43 0.98 26.90
CA ARG MA 39 -8.17 -0.02 26.17
C ARG MA 39 -7.24 -1.06 25.57
N ALA MA 40 -6.12 -0.61 24.98
CA ALA MA 40 -5.17 -1.53 24.39
C ALA MA 40 -4.51 -2.42 25.45
N ALA MA 41 -4.16 -1.84 26.59
CA ALA MA 41 -3.55 -2.63 27.65
C ALA MA 41 -4.50 -3.69 28.16
N GLY MA 42 -5.78 -3.34 28.34
CA GLY MA 42 -6.76 -4.34 28.75
C GLY MA 42 -6.98 -5.42 27.72
N THR MA 43 -7.04 -5.04 26.43
CA THR MA 43 -7.20 -6.04 25.38
C THR MA 43 -6.01 -6.98 25.34
N ILE MA 44 -4.80 -6.44 25.42
CA ILE MA 44 -3.59 -7.27 25.39
C ILE MA 44 -3.55 -8.19 26.59
N SER MA 45 -3.85 -7.67 27.79
CA SER MA 45 -3.84 -8.50 28.98
C SER MA 45 -4.88 -9.61 28.89
N ALA MA 46 -6.02 -9.33 28.26
CA ALA MA 46 -7.04 -10.36 28.14
C ALA MA 46 -6.63 -11.48 27.19
N ASN MA 47 -5.81 -11.17 26.19
CA ASN MA 47 -5.47 -12.10 25.13
C ASN MA 47 -4.01 -12.49 25.11
N ALA MA 48 -3.26 -12.23 26.19
CA ALA MA 48 -1.81 -12.38 26.16
C ALA MA 48 -1.41 -13.80 25.78
N ALA MA 49 -2.00 -14.80 26.44
CA ALA MA 49 -1.61 -16.18 26.18
C ALA MA 49 -1.93 -16.58 24.73
N THR MA 50 -3.05 -16.09 24.20
CA THR MA 50 -3.38 -16.33 22.81
C THR MA 50 -2.37 -15.68 21.87
N ILE MA 51 -1.97 -14.45 22.17
CA ILE MA 51 -0.98 -13.75 21.37
C ILE MA 51 0.32 -14.53 21.34
N ILE MA 52 0.72 -15.06 22.50
CA ILE MA 52 1.98 -15.79 22.58
C ILE MA 52 1.88 -17.11 21.84
N LYS MA 53 0.75 -17.81 21.97
CA LYS MA 53 0.55 -19.03 21.21
C LYS MA 53 0.69 -18.78 19.72
N GLU MA 54 0.03 -17.73 19.21
CA GLU MA 54 0.07 -17.47 17.78
C GLU MA 54 1.44 -17.00 17.32
N ALA MA 55 2.08 -16.11 18.09
CA ALA MA 55 3.38 -15.60 17.70
C ALA MA 55 4.45 -16.67 17.75
N SER MA 56 4.46 -17.51 18.79
CA SER MA 56 5.42 -18.59 18.84
C SER MA 56 5.17 -19.61 17.74
N ALA MA 57 3.90 -19.91 17.45
CA ALA MA 57 3.60 -20.83 16.36
C ALA MA 57 4.13 -20.29 15.03
N LYS MA 58 3.92 -19.00 14.76
CA LYS MA 58 4.45 -18.41 13.54
C LYS MA 58 5.98 -18.45 13.50
N LEU MA 59 6.63 -18.11 14.61
CA LEU MA 59 8.08 -18.05 14.60
C LEU MA 59 8.70 -19.43 14.43
N PHE MA 60 8.14 -20.45 15.08
CA PHE MA 60 8.68 -21.79 14.97
C PHE MA 60 8.27 -22.46 13.67
N SER MA 61 7.21 -21.95 13.01
CA SER MA 61 6.90 -22.45 11.68
C SER MA 61 7.83 -21.84 10.65
N ASN MA 62 8.20 -20.57 10.82
CA ASN MA 62 9.11 -19.93 9.88
C ASN MA 62 10.55 -20.40 10.08
N GLN MA 63 10.89 -20.80 11.29
CA GLN MA 63 12.22 -21.32 11.61
C GLN MA 63 12.07 -22.63 12.37
N PRO MA 64 11.75 -23.71 11.67
CA PRO MA 64 11.56 -25.00 12.35
C PRO MA 64 12.82 -25.52 13.05
N ASP MA 65 14.00 -25.10 12.60
CA ASP MA 65 15.23 -25.62 13.20
C ASP MA 65 15.39 -25.18 14.65
N LEU MA 66 14.64 -24.15 15.08
CA LEU MA 66 14.75 -23.70 16.46
C LEU MA 66 14.23 -24.73 17.46
N VAL MA 67 13.23 -25.51 17.06
CA VAL MA 67 12.61 -26.45 17.99
C VAL MA 67 13.01 -27.90 17.73
N ARG MA 68 13.64 -28.20 16.61
CA ARG MA 68 14.19 -29.52 16.37
C ARG MA 68 15.50 -29.69 17.14
N PRO MA 69 15.93 -30.93 17.34
CA PRO MA 69 17.19 -31.17 18.06
C PRO MA 69 18.35 -30.39 17.47
N GLY MA 70 19.15 -29.82 18.36
CA GLY MA 70 20.21 -28.92 17.98
C GLY MA 70 19.83 -27.46 17.95
N GLY MA 71 18.54 -27.16 17.96
CA GLY MA 71 18.08 -25.79 18.02
C GLY MA 71 18.20 -25.23 19.42
N ASN MA 72 18.14 -23.91 19.52
CA ASN MA 72 18.28 -23.27 20.82
C ASN MA 72 17.03 -23.44 21.66
N ALA MA 73 15.89 -23.71 21.02
CA ALA MA 73 14.66 -23.96 21.74
C ALA MA 73 14.32 -25.45 21.81
N TYR MA 74 15.25 -26.33 21.46
CA TYR MA 74 15.00 -27.75 21.60
C TYR MA 74 15.36 -28.23 22.99
N THR MA 75 14.35 -28.25 23.85
CA THR MA 75 14.07 -29.12 24.98
C THR MA 75 12.77 -28.54 25.52
N THR MA 76 12.11 -29.21 26.46
CA THR MA 76 10.94 -28.59 27.07
C THR MA 76 11.35 -27.36 27.86
N ARG MA 77 12.50 -27.43 28.53
CA ARG MA 77 12.97 -26.29 29.33
C ARG MA 77 13.31 -25.10 28.46
N ARG MA 78 13.98 -25.32 27.33
CA ARG MA 78 14.36 -24.18 26.52
C ARG MA 78 13.19 -23.64 25.70
N TYR MA 79 12.24 -24.51 25.34
CA TYR MA 79 10.98 -24.03 24.80
C TYR MA 79 10.25 -23.14 25.81
N ALA MA 80 10.19 -23.60 27.06
CA ALA MA 80 9.52 -22.81 28.10
C ALA MA 80 10.23 -21.48 28.30
N ALA MA 81 11.56 -21.48 28.30
CA ALA MA 81 12.33 -20.26 28.43
C ALA MA 81 12.07 -19.32 27.25
N CYS MA 82 11.94 -19.87 26.05
CA CYS MA 82 11.71 -19.06 24.86
C CYS MA 82 10.35 -18.38 24.89
N VAL MA 83 9.30 -19.11 25.23
CA VAL MA 83 7.99 -18.46 25.26
C VAL MA 83 7.84 -17.58 26.50
N ARG MA 84 8.60 -17.87 27.56
CA ARG MA 84 8.72 -16.95 28.68
C ARG MA 84 9.33 -15.62 28.24
N ASP MA 85 10.36 -15.67 27.41
CA ASP MA 85 10.98 -14.44 26.94
C ASP MA 85 10.02 -13.66 26.04
N MET MA 86 9.24 -14.38 25.24
CA MET MA 86 8.16 -13.72 24.49
C MET MA 86 7.16 -13.04 25.42
N ASP MA 87 6.90 -13.65 26.58
CA ASP MA 87 6.03 -13.04 27.57
C ASP MA 87 6.62 -11.73 28.11
N TYR MA 88 7.90 -11.75 28.51
CA TYR MA 88 8.62 -10.49 28.68
C TYR MA 88 8.34 -9.46 27.61
N PHE MA 89 8.61 -9.81 26.36
CA PHE MA 89 8.55 -8.77 25.34
C PHE MA 89 7.15 -8.21 25.22
N LEU MA 90 6.13 -9.07 25.31
CA LEU MA 90 4.75 -8.60 25.27
C LEU MA 90 4.41 -7.71 26.48
N ARG MA 91 4.74 -8.16 27.68
CA ARG MA 91 4.37 -7.46 28.90
C ARG MA 91 5.07 -6.11 29.00
N TYR MA 92 6.33 -6.04 28.59
CA TYR MA 92 7.05 -4.79 28.69
C TYR MA 92 6.67 -3.84 27.57
N ALA MA 93 6.33 -4.36 26.39
CA ALA MA 93 5.74 -3.48 25.38
C ALA MA 93 4.45 -2.86 25.88
N THR MA 94 3.62 -3.66 26.56
CA THR MA 94 2.37 -3.11 27.09
C THR MA 94 2.62 -2.06 28.16
N TYR MA 95 3.60 -2.29 29.05
CA TYR MA 95 3.96 -1.27 30.03
C TYR MA 95 4.40 0.02 29.34
N ALA MA 96 5.26 -0.10 28.32
CA ALA MA 96 5.80 1.09 27.66
C ALA MA 96 4.72 1.83 26.89
N MET MA 97 3.81 1.10 26.27
CA MET MA 97 2.69 1.72 25.56
C MET MA 97 1.78 2.45 26.52
N LEU MA 98 1.56 1.86 27.70
CA LEU MA 98 0.68 2.48 28.67
C LEU MA 98 1.34 3.69 29.30
N ALA MA 99 2.68 3.69 29.35
CA ALA MA 99 3.41 4.84 29.85
C ALA MA 99 3.59 5.90 28.79
N GLY MA 100 3.56 5.51 27.51
CA GLY MA 100 3.89 6.44 26.46
C GLY MA 100 5.35 6.76 26.37
N ASP MA 101 6.22 5.90 26.87
CA ASP MA 101 7.65 6.15 26.93
C ASP MA 101 8.39 4.83 26.78
N THR MA 102 9.58 4.89 26.18
CA THR MA 102 10.41 3.72 26.00
C THR MA 102 11.46 3.55 27.10
N SER MA 103 11.37 4.33 28.18
CA SER MA 103 12.40 4.26 29.21
C SER MA 103 12.43 2.88 29.86
N ILE MA 104 11.27 2.36 30.25
CA ILE MA 104 11.25 1.08 30.95
C ILE MA 104 11.83 -0.03 30.07
N LEU MA 105 11.72 0.12 28.76
CA LEU MA 105 12.39 -0.81 27.85
C LEU MA 105 13.90 -0.69 27.96
N ASP MA 106 14.38 0.48 28.40
CA ASP MA 106 15.81 0.67 28.54
C ASP MA 106 16.32 0.13 29.87
N GLU MA 107 15.68 0.51 30.99
CA GLU MA 107 16.16 -0.01 32.27
C GLU MA 107 15.86 -1.50 32.43
N ARG MA 108 14.66 -1.94 32.08
CA ARG MA 108 14.23 -3.27 32.48
C ARG MA 108 14.46 -4.35 31.45
N VAL MA 109 14.68 -4.01 30.18
CA VAL MA 109 14.76 -5.04 29.16
C VAL MA 109 16.10 -4.99 28.44
N LEU MA 110 16.37 -3.90 27.74
CA LEU MA 110 17.43 -3.91 26.75
C LEU MA 110 18.82 -3.95 27.40
N ASN MA 111 18.97 -3.33 28.57
CA ASN MA 111 20.28 -3.26 29.19
C ASN MA 111 20.77 -4.65 29.54
N GLY MA 112 21.89 -5.05 28.95
CA GLY MA 112 22.49 -6.34 29.18
C GLY MA 112 21.86 -7.49 28.40
N LEU MA 113 20.85 -7.21 27.59
CA LEU MA 113 20.13 -8.32 26.94
C LEU MA 113 20.95 -8.96 25.84
N LYS MA 114 21.61 -8.16 25.01
CA LYS MA 114 22.48 -8.71 23.98
C LYS MA 114 23.61 -9.52 24.58
N GLU MA 115 24.16 -9.07 25.71
CA GLU MA 115 25.22 -9.83 26.36
C GLU MA 115 24.70 -11.15 26.88
N THR MA 116 23.51 -11.15 27.49
CA THR MA 116 22.90 -12.39 27.96
C THR MA 116 22.68 -13.36 26.82
N TYR MA 117 22.11 -12.89 25.71
CA TYR MA 117 21.80 -13.78 24.60
C TYR MA 117 23.07 -14.28 23.91
N ASN MA 118 24.07 -13.42 23.79
CA ASN MA 118 25.32 -13.85 23.16
C ASN MA 118 26.04 -14.87 24.02
N SER MA 119 26.04 -14.67 25.35
CA SER MA 119 26.65 -15.64 26.23
C SER MA 119 25.92 -16.97 26.19
N LEU MA 120 24.58 -16.93 26.16
CA LEU MA 120 23.82 -18.16 26.07
C LEU MA 120 23.89 -18.76 24.68
N GLY MA 121 24.20 -17.96 23.67
CA GLY MA 121 24.07 -18.38 22.30
C GLY MA 121 22.66 -18.32 21.77
N VAL MA 122 21.79 -17.52 22.38
CA VAL MA 122 20.43 -17.36 21.87
C VAL MA 122 20.47 -16.57 20.57
N PRO MA 123 19.91 -17.07 19.48
CA PRO MA 123 20.02 -16.38 18.18
C PRO MA 123 19.20 -15.10 18.17
N ILE MA 124 19.87 -13.97 18.04
CA ILE MA 124 19.24 -12.67 18.22
C ILE MA 124 18.33 -12.32 17.04
N SER MA 125 18.72 -12.72 15.83
CA SER MA 125 17.86 -12.49 14.66
C SER MA 125 16.54 -13.24 14.81
N SER MA 126 16.59 -14.47 15.30
CA SER MA 126 15.37 -15.24 15.51
C SER MA 126 14.49 -14.60 16.58
N THR MA 127 15.09 -14.07 17.64
CA THR MA 127 14.32 -13.37 18.66
C THR MA 127 13.64 -12.13 18.08
N VAL MA 128 14.35 -11.39 17.22
CA VAL MA 128 13.72 -10.24 16.57
C VAL MA 128 12.58 -10.68 15.66
N GLN MA 129 12.73 -11.82 15.00
CA GLN MA 129 11.63 -12.33 14.18
C GLN MA 129 10.42 -12.68 15.05
N GLY MA 130 10.66 -13.28 16.21
CA GLY MA 130 9.56 -13.56 17.12
C GLY MA 130 8.89 -12.28 17.60
N ILE MA 131 9.67 -11.23 17.82
CA ILE MA 131 9.11 -9.95 18.23
C ILE MA 131 8.25 -9.36 17.12
N GLN MA 132 8.69 -9.51 15.87
CA GLN MA 132 7.90 -9.03 14.74
C GLN MA 132 6.58 -9.80 14.61
N ALA MA 133 6.64 -11.12 14.77
CA ALA MA 133 5.42 -11.92 14.73
C ALA MA 133 4.47 -11.52 15.85
N MET MA 134 5.02 -11.24 17.03
CA MET MA 134 4.21 -10.79 18.15
C MET MA 134 3.56 -9.45 17.85
N LYS MA 135 4.31 -8.54 17.22
CA LYS MA 135 3.74 -7.27 16.79
C LYS MA 135 2.57 -7.47 15.85
N GLU MA 136 2.71 -8.38 14.89
CA GLU MA 136 1.61 -8.62 13.94
C GLU MA 136 0.40 -9.20 14.64
N VAL MA 137 0.59 -10.17 15.52
CA VAL MA 137 -0.53 -10.75 16.24
C VAL MA 137 -1.24 -9.70 17.08
N THR MA 138 -0.47 -8.85 17.78
CA THR MA 138 -1.06 -7.83 18.64
C THR MA 138 -1.84 -6.81 17.81
N GLY MA 139 -1.26 -6.37 16.69
CA GLY MA 139 -1.97 -5.46 15.82
C GLY MA 139 -3.28 -6.04 15.33
N SER MA 140 -3.29 -7.36 15.08
CA SER MA 140 -4.53 -8.03 14.72
C SER MA 140 -5.43 -8.27 15.93
N LEU MA 141 -5.20 -7.56 17.04
CA LEU MA 141 -6.22 -7.56 18.09
C LEU MA 141 -6.62 -6.15 18.50
N VAL MA 142 -5.66 -5.24 18.63
CA VAL MA 142 -5.93 -4.01 19.37
C VAL MA 142 -6.57 -2.91 18.51
N GLY MA 143 -6.43 -2.95 17.20
CA GLY MA 143 -7.05 -1.90 16.42
C GLY MA 143 -6.03 -0.88 15.94
N SER MA 144 -6.42 -0.11 14.92
CA SER MA 144 -5.46 0.63 14.11
C SER MA 144 -4.60 1.58 14.93
N GLY MA 145 -5.23 2.44 15.74
CA GLY MA 145 -4.46 3.37 16.54
C GLY MA 145 -3.61 2.68 17.59
N ALA MA 146 -4.21 1.72 18.30
CA ALA MA 146 -3.45 1.00 19.32
C ALA MA 146 -2.40 0.10 18.69
N ALA MA 147 -2.69 -0.43 17.50
CA ALA MA 147 -1.68 -1.23 16.81
C ALA MA 147 -0.49 -0.38 16.40
N LYS MA 148 -0.76 0.80 15.85
CA LYS MA 148 0.32 1.71 15.48
C LYS MA 148 1.12 2.15 16.70
N GLU MA 149 0.45 2.27 17.85
CA GLU MA 149 1.18 2.65 19.06
C GLU MA 149 2.03 1.51 19.57
N MET MA 150 1.48 0.31 19.66
CA MET MA 150 2.24 -0.85 20.12
C MET MA 150 3.40 -1.14 19.19
N GLY MA 151 3.25 -0.83 17.91
CA GLY MA 151 4.32 -1.05 16.97
C GLY MA 151 5.56 -0.25 17.30
N VAL MA 152 5.39 0.96 17.81
CA VAL MA 152 6.53 1.80 18.17
C VAL MA 152 7.41 1.09 19.19
N TYR MA 153 6.79 0.50 20.21
CA TYR MA 153 7.57 -0.15 21.26
C TYR MA 153 8.10 -1.50 20.82
N PHE MA 154 7.39 -2.20 19.94
CA PHE MA 154 7.95 -3.42 19.37
C PHE MA 154 9.17 -3.12 18.51
N ASP MA 155 9.14 -2.06 17.70
CA ASP MA 155 10.32 -1.70 16.92
C ASP MA 155 11.43 -1.16 17.81
N TYR MA 156 11.08 -0.48 18.91
CA TYR MA 156 12.10 -0.11 19.88
C TYR MA 156 12.85 -1.33 20.38
N LEU MA 157 12.11 -2.37 20.77
CA LEU MA 157 12.77 -3.59 21.23
C LEU MA 157 13.59 -4.23 20.12
N SER MA 158 13.03 -4.33 18.91
CA SER MA 158 13.74 -4.97 17.81
C SER MA 158 15.03 -4.24 17.49
N SER MA 159 14.99 -2.92 17.44
CA SER MA 159 16.19 -2.14 17.17
C SER MA 159 17.20 -2.29 18.29
N GLY MA 160 16.74 -2.33 19.54
CA GLY MA 160 17.66 -2.51 20.64
C GLY MA 160 18.35 -3.85 20.60
N LEU MA 161 17.65 -4.88 20.12
CA LEU MA 161 18.28 -6.20 20.03
C LEU MA 161 19.20 -6.30 18.83
N SER MA 162 18.78 -5.80 17.68
CA SER MA 162 19.59 -5.91 16.46
C SER MA 162 20.47 -4.69 16.27
N MET NA 1 42.84 -3.21 57.52
CA MET NA 1 43.62 -2.00 57.31
C MET NA 1 44.93 -2.05 58.09
N GLN NA 2 45.78 -1.06 57.86
CA GLN NA 2 47.08 -0.95 58.53
C GLN NA 2 47.13 0.37 59.29
N ASP NA 3 47.79 0.35 60.43
CA ASP NA 3 48.26 1.57 61.05
C ASP NA 3 49.78 1.63 60.92
N ALA NA 4 50.40 2.63 61.52
CA ALA NA 4 51.85 2.72 61.45
C ALA NA 4 52.51 1.49 62.08
N ILE NA 5 51.96 1.03 63.20
CA ILE NA 5 52.50 -0.15 63.88
C ILE NA 5 52.34 -1.39 63.01
N THR NA 6 51.16 -1.58 62.42
CA THR NA 6 50.94 -2.74 61.56
C THR NA 6 51.76 -2.66 60.28
N SER NA 7 52.00 -1.46 59.77
CA SER NA 7 52.90 -1.31 58.64
C SER NA 7 54.31 -1.77 58.98
N VAL NA 8 54.81 -1.37 60.14
CA VAL NA 8 56.13 -1.85 60.57
C VAL NA 8 56.13 -3.36 60.76
N ILE NA 9 55.10 -3.89 61.42
CA ILE NA 9 55.02 -5.33 61.63
C ILE NA 9 55.00 -6.06 60.31
N ASN NA 10 54.28 -5.54 59.32
CA ASN NA 10 54.21 -6.20 58.03
C ASN NA 10 55.56 -6.21 57.34
N THR NA 11 56.26 -5.07 57.34
CA THR NA 11 57.60 -5.04 56.77
C THR NA 11 58.52 -6.08 57.41
N TYR NA 12 58.55 -6.11 58.74
CA TYR NA 12 59.52 -6.97 59.40
C TYR NA 12 59.10 -8.43 59.35
N ASP NA 13 57.79 -8.70 59.28
CA ASP NA 13 57.35 -10.08 59.20
C ASP NA 13 57.59 -10.67 57.82
N VAL NA 14 57.32 -9.89 56.77
CA VAL NA 14 57.60 -10.43 55.43
C VAL NA 14 59.10 -10.59 55.24
N GLN NA 15 59.90 -9.70 55.83
CA GLN NA 15 61.34 -9.92 55.81
C GLN NA 15 61.79 -11.01 56.77
N GLY NA 16 60.92 -11.43 57.70
CA GLY NA 16 61.25 -12.52 58.61
C GLY NA 16 62.13 -12.11 59.77
N LYS NA 17 62.30 -10.81 59.98
CA LYS NA 17 63.26 -10.31 60.95
C LYS NA 17 62.56 -9.84 62.21
N TYR NA 18 63.30 -9.89 63.31
CA TYR NA 18 62.90 -9.23 64.53
C TYR NA 18 63.04 -7.71 64.38
N PHE NA 19 62.41 -7.00 65.30
CA PHE NA 19 62.55 -5.54 65.32
C PHE NA 19 63.99 -5.13 65.59
N ASP NA 20 64.47 -4.21 64.76
CA ASP NA 20 65.79 -3.62 64.87
C ASP NA 20 65.66 -2.23 65.49
N THR NA 21 66.77 -1.50 65.53
CA THR NA 21 66.74 -0.15 66.10
C THR NA 21 65.85 0.77 65.28
N SER NA 22 65.91 0.68 63.95
CA SER NA 22 65.11 1.56 63.11
C SER NA 22 63.61 1.30 63.28
N ALA NA 23 63.23 0.03 63.42
CA ALA NA 23 61.83 -0.29 63.69
C ALA NA 23 61.39 0.33 65.01
N PHE NA 24 62.22 0.23 66.04
CA PHE NA 24 61.87 0.81 67.33
C PHE NA 24 61.78 2.32 67.24
N ASP NA 25 62.60 2.93 66.37
CA ASP NA 25 62.47 4.38 66.14
C ASP NA 25 61.14 4.72 65.51
N LYS NA 26 60.72 3.96 64.50
CA LYS NA 26 59.44 4.21 63.87
C LYS NA 26 58.29 4.04 64.86
N LEU NA 27 58.36 3.01 65.70
CA LEU NA 27 57.32 2.78 66.68
C LEU NA 27 57.29 3.88 67.73
N LYS NA 28 58.46 4.33 68.17
CA LYS NA 28 58.51 5.48 69.08
C LYS NA 28 57.88 6.71 68.43
N ALA NA 29 58.13 6.93 67.14
CA ALA NA 29 57.55 8.09 66.48
C ALA NA 29 56.01 8.02 66.51
N TYR NA 30 55.46 6.86 66.19
CA TYR NA 30 54.00 6.74 66.23
C TYR NA 30 53.46 6.92 67.65
N TYR NA 31 54.13 6.34 68.64
CA TYR NA 31 53.68 6.51 70.03
C TYR NA 31 53.74 7.97 70.44
N ALA NA 32 54.77 8.69 70.01
CA ALA NA 32 54.91 10.09 70.34
C ALA NA 32 53.78 10.92 69.74
N THR NA 33 53.40 10.63 68.49
CA THR NA 33 52.32 11.37 67.86
C THR NA 33 50.92 10.90 68.31
N GLY NA 34 50.84 9.79 69.04
CA GLY NA 34 49.53 9.26 69.40
C GLY NA 34 48.65 10.23 70.18
N GLU NA 35 49.24 10.98 71.11
CA GLU NA 35 48.45 11.91 71.90
C GLU NA 35 47.86 13.01 71.03
N LEU NA 36 48.66 13.56 70.12
CA LEU NA 36 48.16 14.55 69.18
C LEU NA 36 47.04 13.99 68.32
N ARG NA 37 47.21 12.75 67.83
CA ARG NA 37 46.18 12.16 67.00
C ARG NA 37 44.87 11.98 67.75
N VAL NA 38 44.95 11.50 68.99
CA VAL NA 38 43.74 11.28 69.78
C VAL NA 38 43.05 12.60 70.06
N ARG NA 39 43.83 13.63 70.40
CA ARG NA 39 43.25 14.95 70.62
C ARG NA 39 42.53 15.46 69.39
N ALA NA 40 43.18 15.36 68.22
CA ALA NA 40 42.59 15.85 66.99
C ALA NA 40 41.35 15.06 66.62
N ALA NA 41 41.36 13.74 66.82
CA ALA NA 41 40.19 12.93 66.51
C ALA NA 41 39.01 13.30 67.40
N GLY NA 42 39.26 13.55 68.69
CA GLY NA 42 38.20 13.98 69.56
C GLY NA 42 37.64 15.34 69.16
N THR NA 43 38.53 16.26 68.78
CA THR NA 43 38.06 17.56 68.34
C THR NA 43 37.21 17.45 67.09
N ILE NA 44 37.61 16.59 66.15
CA ILE NA 44 36.85 16.46 64.90
C ILE NA 44 35.49 15.83 65.18
N SER NA 45 35.46 14.77 65.97
CA SER NA 45 34.18 14.13 66.27
C SER NA 45 33.26 15.07 67.02
N ALA NA 46 33.83 15.97 67.83
CA ALA NA 46 33.02 16.96 68.53
C ALA NA 46 32.42 17.97 67.56
N ASN NA 47 33.06 18.18 66.41
CA ASN NA 47 32.74 19.31 65.55
C ASN NA 47 32.36 18.89 64.14
N ALA NA 48 32.06 17.62 63.91
CA ALA NA 48 31.91 17.11 62.55
C ALA NA 48 30.77 17.81 61.82
N ALA NA 49 29.63 17.99 62.47
CA ALA NA 49 28.50 18.64 61.84
C ALA NA 49 28.84 20.06 61.43
N THR NA 50 29.49 20.82 62.32
CA THR NA 50 29.88 22.18 62.00
C THR NA 50 30.86 22.23 60.84
N ILE NA 51 31.81 21.30 60.81
CA ILE NA 51 32.77 21.24 59.71
C ILE NA 51 32.03 21.01 58.39
N ILE NA 52 31.08 20.07 58.37
CA ILE NA 52 30.32 19.83 57.15
C ILE NA 52 29.51 21.08 56.76
N LYS NA 53 28.90 21.74 57.74
CA LYS NA 53 28.09 22.92 57.43
C LYS NA 53 28.94 24.00 56.79
N GLU NA 54 30.10 24.29 57.39
CA GLU NA 54 30.96 25.34 56.85
C GLU NA 54 31.54 24.95 55.50
N ALA NA 55 31.95 23.69 55.35
CA ALA NA 55 32.57 23.26 54.10
C ALA NA 55 31.57 23.25 52.95
N SER NA 56 30.36 22.74 53.19
CA SER NA 56 29.36 22.75 52.13
C SER NA 56 28.90 24.18 51.83
N ALA NA 57 28.82 25.03 52.85
CA ALA NA 57 28.51 26.43 52.58
C ALA NA 57 29.56 27.06 51.67
N LYS NA 58 30.84 26.81 51.93
CA LYS NA 58 31.88 27.40 51.10
C LYS NA 58 31.88 26.80 49.71
N LEU NA 59 31.65 25.50 49.60
CA LEU NA 59 31.60 24.87 48.28
C LEU NA 59 30.44 25.38 47.45
N PHE NA 60 29.25 25.49 48.06
CA PHE NA 60 28.09 25.93 47.31
C PHE NA 60 28.05 27.43 47.12
N SER NA 61 28.87 28.18 47.87
CA SER NA 61 29.04 29.60 47.57
C SER NA 61 30.02 29.79 46.42
N ASN NA 62 31.10 29.01 46.40
CA ASN NA 62 32.05 29.12 45.29
C ASN NA 62 31.45 28.59 44.00
N GLN NA 63 30.60 27.56 44.08
CA GLN NA 63 30.00 26.93 42.91
C GLN NA 63 28.49 26.90 43.10
N PRO NA 64 27.82 28.05 43.00
CA PRO NA 64 26.38 28.09 43.28
C PRO NA 64 25.53 27.27 42.34
N ASP NA 65 26.04 26.89 41.18
CA ASP NA 65 25.26 26.12 40.22
C ASP NA 65 25.08 24.67 40.63
N LEU NA 66 25.82 24.20 41.63
CA LEU NA 66 25.64 22.82 42.07
C LEU NA 66 24.25 22.60 42.67
N VAL NA 67 23.78 23.55 43.48
CA VAL NA 67 22.53 23.38 44.20
C VAL NA 67 21.38 24.15 43.57
N ARG NA 68 21.53 24.61 42.36
CA ARG NA 68 20.47 25.19 41.56
C ARG NA 68 20.00 24.19 40.51
N PRO NA 69 18.79 24.36 39.99
CA PRO NA 69 18.28 23.39 39.01
C PRO NA 69 19.24 23.17 37.86
N GLY NA 70 19.41 21.91 37.49
CA GLY NA 70 20.44 21.51 36.55
C GLY NA 70 21.75 21.10 37.19
N GLY NA 71 21.99 21.46 38.45
CA GLY NA 71 23.21 21.08 39.13
C GLY NA 71 23.05 19.73 39.79
N ASN NA 72 24.17 19.04 39.96
CA ASN NA 72 24.10 17.66 40.45
C ASN NA 72 23.63 17.61 41.91
N ALA NA 73 23.75 18.70 42.65
CA ALA NA 73 23.24 18.74 44.01
C ALA NA 73 21.90 19.47 44.12
N TYR NA 74 21.18 19.66 43.02
CA TYR NA 74 19.83 20.18 43.09
C TYR NA 74 18.83 19.03 43.18
N THR NA 75 18.42 18.74 44.40
CA THR NA 75 17.13 18.21 44.88
C THR NA 75 17.42 17.98 46.35
N THR NA 76 16.40 17.76 47.18
CA THR NA 76 16.72 17.44 48.56
C THR NA 76 17.46 16.13 48.66
N ARG NA 77 17.15 15.19 47.76
CA ARG NA 77 17.82 13.89 47.78
C ARG NA 77 19.28 14.00 47.36
N ARG NA 78 19.57 14.78 46.31
CA ARG NA 78 20.95 14.89 45.86
C ARG NA 78 21.77 15.81 46.75
N TYR NA 79 21.16 16.83 47.36
CA TYR NA 79 21.87 17.59 48.38
C TYR NA 79 22.20 16.71 49.58
N ALA NA 80 21.25 15.87 50.01
CA ALA NA 80 21.50 14.97 51.11
C ALA NA 80 22.61 13.98 50.79
N ALA NA 81 22.57 13.40 49.58
CA ALA NA 81 23.65 12.52 49.14
C ALA NA 81 24.99 13.25 49.17
N CYS NA 82 25.01 14.51 48.74
CA CYS NA 82 26.24 15.30 48.76
C CYS NA 82 26.80 15.44 50.17
N VAL NA 83 25.98 15.92 51.11
CA VAL NA 83 26.51 16.20 52.44
C VAL NA 83 26.86 14.91 53.16
N ARG NA 84 26.13 13.83 52.87
CA ARG NA 84 26.49 12.52 53.41
C ARG NA 84 27.85 12.07 52.88
N ASP NA 85 28.12 12.29 51.59
CA ASP NA 85 29.43 11.97 51.04
C ASP NA 85 30.53 12.73 51.75
N MET NA 86 30.31 14.03 51.98
CA MET NA 86 31.29 14.84 52.69
C MET NA 86 31.52 14.33 54.11
N ASP NA 87 30.45 13.92 54.78
CA ASP NA 87 30.56 13.38 56.12
C ASP NA 87 31.39 12.11 56.15
N TYR NA 88 31.17 11.21 55.19
CA TYR NA 88 31.97 10.00 55.12
C TYR NA 88 33.44 10.31 54.84
N PHE NA 89 33.70 11.27 53.95
CA PHE NA 89 35.08 11.68 53.69
C PHE NA 89 35.76 12.18 54.96
N LEU NA 90 35.05 13.01 55.73
CA LEU NA 90 35.61 13.52 56.98
C LEU NA 90 35.89 12.38 57.95
N ARG NA 91 34.93 11.48 58.15
CA ARG NA 91 35.11 10.39 59.10
C ARG NA 91 36.28 9.48 58.71
N TYR NA 92 36.40 9.14 57.44
CA TYR NA 92 37.49 8.25 57.05
C TYR NA 92 38.84 8.96 57.07
N ALA NA 93 38.86 10.28 56.82
CA ALA NA 93 40.11 11.00 57.00
C ALA NA 93 40.53 11.03 58.46
N THR NA 94 39.55 11.15 59.36
CA THR NA 94 39.85 11.11 60.79
C THR NA 94 40.37 9.73 61.20
N TYR NA 95 39.77 8.68 60.66
CA TYR NA 95 40.28 7.32 60.87
C TYR NA 95 41.72 7.20 60.44
N ALA NA 96 42.03 7.68 59.22
CA ALA NA 96 43.37 7.50 58.69
C ALA NA 96 44.38 8.37 59.43
N MET NA 97 43.94 9.49 60.00
CA MET NA 97 44.84 10.27 60.82
C MET NA 97 45.14 9.55 62.14
N LEU NA 98 44.13 8.96 62.78
CA LEU NA 98 44.41 8.12 63.95
C LEU NA 98 45.35 6.97 63.62
N ALA NA 99 45.11 6.28 62.52
CA ALA NA 99 45.95 5.13 62.20
C ALA NA 99 47.34 5.55 61.79
N GLY NA 100 47.55 6.83 61.49
CA GLY NA 100 48.80 7.25 60.92
C GLY NA 100 49.11 6.62 59.59
N ASP NA 101 48.09 6.17 58.86
CA ASP NA 101 48.30 5.40 57.65
C ASP NA 101 47.09 5.61 56.74
N THR NA 102 47.35 5.75 55.45
CA THR NA 102 46.32 6.04 54.46
C THR NA 102 45.68 4.79 53.85
N SER NA 103 45.98 3.61 54.39
CA SER NA 103 45.49 2.37 53.81
C SER NA 103 43.97 2.27 53.85
N ILE NA 104 43.35 2.77 54.92
CA ILE NA 104 41.90 2.64 55.05
C ILE NA 104 41.19 3.48 53.99
N LEU NA 105 41.82 4.57 53.55
CA LEU NA 105 41.26 5.34 52.44
C LEU NA 105 41.33 4.55 51.14
N ASP NA 106 42.31 3.67 51.02
CA ASP NA 106 42.41 2.83 49.83
C ASP NA 106 41.40 1.69 49.89
N GLU NA 107 41.14 1.17 51.09
CA GLU NA 107 40.30 -0.01 51.21
C GLU NA 107 38.82 0.34 51.27
N ARG NA 108 38.48 1.50 51.80
CA ARG NA 108 37.09 1.82 52.10
C ARG NA 108 36.51 2.98 51.32
N VAL NA 109 37.33 3.79 50.65
CA VAL NA 109 36.86 5.02 50.04
C VAL NA 109 37.14 5.07 48.54
N LEU NA 110 38.41 5.03 48.16
CA LEU NA 110 38.79 5.52 46.83
C LEU NA 110 38.50 4.52 45.73
N ASN NA 111 38.65 3.23 46.01
CA ASN NA 111 38.61 2.23 44.96
C ASN NA 111 37.22 2.15 44.34
N GLY NA 112 37.13 2.46 43.05
CA GLY NA 112 35.87 2.49 42.34
C GLY NA 112 35.07 3.76 42.51
N LEU NA 113 35.58 4.75 43.25
CA LEU NA 113 34.80 5.96 43.51
C LEU NA 113 34.80 6.89 42.30
N LYS NA 114 35.93 6.99 41.61
CA LYS NA 114 36.00 7.82 40.42
C LYS NA 114 35.04 7.30 39.36
N GLU NA 115 34.98 5.98 39.19
CA GLU NA 115 34.04 5.39 38.24
C GLU NA 115 32.59 5.63 38.64
N THR NA 116 32.26 5.47 39.92
CA THR NA 116 30.91 5.72 40.38
C THR NA 116 30.52 7.17 40.14
N TYR NA 117 31.43 8.09 40.42
CA TYR NA 117 31.13 9.50 40.21
C TYR NA 117 30.94 9.82 38.73
N ASN NA 118 31.78 9.23 37.86
CA ASN NA 118 31.61 9.44 36.43
C ASN NA 118 30.30 8.84 35.94
N SER NA 119 29.93 7.68 36.47
CA SER NA 119 28.73 7.00 36.01
C SER NA 119 27.47 7.71 36.48
N LEU NA 120 27.54 8.33 37.65
CA LEU NA 120 26.37 9.03 38.19
C LEU NA 120 26.26 10.44 37.66
N GLY NA 121 27.30 10.94 37.01
CA GLY NA 121 27.36 12.33 36.64
C GLY NA 121 27.76 13.27 37.75
N VAL NA 122 28.27 12.77 38.86
CA VAL NA 122 28.77 13.63 39.93
C VAL NA 122 30.02 14.37 39.43
N PRO NA 123 30.09 15.70 39.58
CA PRO NA 123 31.32 16.42 39.21
C PRO NA 123 32.44 16.10 40.19
N ILE NA 124 33.57 15.60 39.67
CA ILE NA 124 34.63 15.13 40.54
C ILE NA 124 35.51 16.28 41.01
N SER NA 125 35.75 17.26 40.15
CA SER NA 125 36.52 18.43 40.56
C SER NA 125 35.81 19.18 41.67
N SER NA 126 34.49 19.30 41.56
CA SER NA 126 33.71 19.93 42.62
C SER NA 126 33.78 19.13 43.91
N THR NA 127 33.79 17.81 43.82
CA THR NA 127 33.93 16.99 45.02
C THR NA 127 35.30 17.19 45.66
N VAL NA 128 36.34 17.29 44.85
CA VAL NA 128 37.68 17.59 45.36
C VAL NA 128 37.70 18.95 46.02
N GLN NA 129 36.99 19.92 45.46
CA GLN NA 129 36.92 21.25 46.06
C GLN NA 129 36.20 21.20 47.40
N GLY NA 130 35.16 20.38 47.50
CA GLY NA 130 34.50 20.21 48.80
C GLY NA 130 35.41 19.57 49.83
N ILE NA 131 36.20 18.58 49.41
CA ILE NA 131 37.18 17.97 50.30
C ILE NA 131 38.21 19.00 50.76
N GLN NA 132 38.63 19.88 49.87
CA GLN NA 132 39.53 20.97 50.22
C GLN NA 132 38.88 21.92 51.22
N ALA NA 133 37.59 22.20 51.05
CA ALA NA 133 36.89 23.08 51.98
C ALA NA 133 36.84 22.48 53.38
N MET NA 134 36.56 21.18 53.45
CA MET NA 134 36.64 20.48 54.72
C MET NA 134 38.04 20.56 55.31
N LYS NA 135 39.07 20.41 54.46
CA LYS NA 135 40.44 20.58 54.93
C LYS NA 135 40.65 21.94 55.58
N GLU NA 136 40.21 23.01 54.94
CA GLU NA 136 40.41 24.34 55.51
C GLU NA 136 39.70 24.47 56.85
N VAL NA 137 38.44 24.07 56.92
CA VAL NA 137 37.70 24.19 58.17
C VAL NA 137 38.35 23.35 59.27
N THR NA 138 38.68 22.10 58.96
CA THR NA 138 39.25 21.21 59.96
C THR NA 138 40.58 21.73 60.46
N GLY NA 139 41.42 22.23 59.57
CA GLY NA 139 42.66 22.83 59.99
C GLY NA 139 42.45 24.00 60.92
N SER NA 140 41.42 24.81 60.64
CA SER NA 140 41.08 25.89 61.56
C SER NA 140 40.74 25.35 62.95
N LEU NA 141 39.97 24.27 63.02
CA LEU NA 141 39.49 23.82 64.32
C LEU NA 141 40.53 23.03 65.12
N VAL NA 142 41.46 22.33 64.47
CA VAL NA 142 42.33 21.42 65.22
C VAL NA 142 43.63 22.04 65.70
N GLY NA 143 44.09 23.12 65.08
CA GLY NA 143 45.37 23.69 65.45
C GLY NA 143 46.48 23.29 64.48
N SER NA 144 47.62 23.97 64.64
CA SER NA 144 48.65 23.95 63.60
C SER NA 144 49.22 22.55 63.37
N GLY NA 145 49.67 21.89 64.43
CA GLY NA 145 50.27 20.57 64.26
C GLY NA 145 49.27 19.53 63.79
N ALA NA 146 48.10 19.51 64.43
CA ALA NA 146 47.06 18.59 63.99
C ALA NA 146 46.58 18.95 62.58
N ALA NA 147 46.61 20.23 62.22
CA ALA NA 147 46.25 20.60 60.85
C ALA NA 147 47.23 20.03 59.86
N LYS NA 148 48.53 20.12 60.17
CA LYS NA 148 49.53 19.53 59.29
C LYS NA 148 49.36 18.01 59.20
N GLU NA 149 48.90 17.39 60.29
CA GLU NA 149 48.64 15.95 60.25
C GLU NA 149 47.42 15.60 59.38
N MET NA 150 46.30 16.30 59.59
CA MET NA 150 45.08 15.99 58.85
C MET NA 150 45.21 16.35 57.37
N GLY NA 151 46.04 17.35 57.06
CA GLY NA 151 46.20 17.76 55.68
C GLY NA 151 46.73 16.64 54.81
N VAL NA 152 47.56 15.77 55.37
CA VAL NA 152 48.12 14.66 54.62
C VAL NA 152 47.00 13.77 54.09
N TYR NA 153 46.04 13.43 54.94
CA TYR NA 153 44.99 12.51 54.56
C TYR NA 153 43.94 13.20 53.69
N PHE NA 154 43.69 14.49 53.94
CA PHE NA 154 42.84 15.24 53.03
C PHE NA 154 43.42 15.31 51.63
N ASP NA 155 44.73 15.57 51.53
CA ASP NA 155 45.37 15.63 50.22
C ASP NA 155 45.43 14.26 49.58
N TYR NA 156 45.55 13.21 50.39
CA TYR NA 156 45.48 11.86 49.83
C TYR NA 156 44.15 11.62 49.16
N LEU NA 157 43.05 11.97 49.85
CA LEU NA 157 41.73 11.85 49.23
C LEU NA 157 41.62 12.71 47.99
N SER NA 158 42.13 13.95 48.04
CA SER NA 158 42.02 14.85 46.89
C SER NA 158 42.76 14.30 45.69
N SER NA 159 43.98 13.81 45.88
CA SER NA 159 44.76 13.28 44.77
C SER NA 159 44.18 11.97 44.26
N GLY NA 160 43.62 11.16 45.15
CA GLY NA 160 42.96 9.94 44.71
C GLY NA 160 41.77 10.20 43.83
N LEU NA 161 40.98 11.23 44.16
CA LEU NA 161 39.83 11.55 43.32
C LEU NA 161 40.23 12.38 42.10
N SER NA 162 41.36 13.07 42.17
CA SER NA 162 41.79 13.91 41.06
C SER NA 162 42.39 13.05 39.95
N ALA OA 2 -3.16 -10.75 55.98
CA ALA OA 2 -3.98 -11.95 55.97
C ALA OA 2 -4.12 -12.53 57.36
N ARG OA 3 -3.37 -13.59 57.64
CA ARG OA 3 -3.35 -14.23 58.94
C ARG OA 3 -1.92 -14.59 59.30
N THR OA 4 -1.67 -14.69 60.61
CA THR OA 4 -0.35 -15.01 61.14
C THR OA 4 -0.47 -16.12 62.16
N ILE OA 5 0.50 -17.02 62.17
CA ILE OA 5 0.52 -18.20 63.03
C ILE OA 5 1.72 -18.09 63.95
N SER OA 6 1.50 -18.41 65.23
CA SER OA 6 2.57 -18.49 66.21
C SER OA 6 3.01 -19.94 66.33
N ILE OA 7 4.30 -20.18 66.09
CA ILE OA 7 4.87 -21.52 66.16
C ILE OA 7 5.84 -21.54 67.34
N THR OA 8 5.77 -22.59 68.14
CA THR OA 8 6.73 -22.84 69.21
C THR OA 8 7.35 -24.21 68.96
N ALA OA 9 8.66 -24.25 68.81
CA ALA OA 9 9.33 -25.46 68.38
C ALA OA 9 10.72 -25.57 69.02
N CYS OA 10 11.22 -26.80 69.01
CA CYS OA 10 12.59 -27.12 69.42
C CYS OA 10 13.28 -27.85 68.28
N VAL OA 11 14.30 -27.24 67.71
CA VAL OA 11 15.04 -27.79 66.59
C VAL OA 11 16.44 -28.16 67.07
N PRO OA 12 16.74 -29.44 67.28
CA PRO OA 12 18.02 -29.82 67.86
C PRO OA 12 19.17 -29.67 66.86
N ARG OA 13 20.37 -29.95 67.36
CA ARG OA 13 21.61 -29.92 66.59
C ARG OA 13 22.29 -31.28 66.57
N ARG OA 14 21.51 -32.37 66.50
CA ARG OA 14 22.06 -33.70 66.73
C ARG OA 14 22.83 -34.21 65.51
N THR OA 15 22.78 -33.49 64.40
CA THR OA 15 23.41 -33.95 63.17
C THR OA 15 24.73 -33.26 62.87
N LYS OA 16 25.17 -32.33 63.73
CA LYS OA 16 26.35 -31.53 63.45
C LYS OA 16 27.20 -31.36 64.71
N SER OA 17 28.45 -31.00 64.50
CA SER OA 17 29.40 -30.87 65.60
C SER OA 17 29.02 -29.70 66.51
N VAL OA 18 29.39 -29.82 67.78
CA VAL OA 18 29.06 -28.79 68.76
C VAL OA 18 29.96 -27.58 68.53
N GLY OA 19 29.44 -26.40 68.88
CA GLY OA 19 30.19 -25.17 68.74
C GLY OA 19 30.17 -24.37 70.02
N ALA OA 20 31.14 -23.46 70.14
CA ALA OA 20 31.29 -22.68 71.36
C ALA OA 20 30.44 -21.41 71.32
N SER OA 21 29.81 -21.14 70.18
CA SER OA 21 28.90 -20.01 70.10
C SER OA 21 27.58 -20.36 70.78
N ARG OA 22 26.78 -19.34 71.10
CA ARG OA 22 25.44 -19.56 71.61
C ARG OA 22 24.49 -19.91 70.47
N GLU OA 23 23.76 -21.02 70.62
CA GLU OA 23 22.70 -21.36 69.68
C GLU OA 23 21.38 -21.67 70.35
N ILE OA 24 21.19 -21.25 71.61
CA ILE OA 24 19.96 -21.59 72.32
C ILE OA 24 18.76 -20.94 71.65
N GLN OA 25 18.96 -19.81 70.98
CA GLN OA 25 17.87 -19.18 70.24
C GLN OA 25 17.48 -19.99 69.01
N ASN OA 26 18.46 -20.44 68.24
CA ASN OA 26 18.16 -21.20 67.02
C ASN OA 26 17.59 -22.57 67.35
N VAL OA 27 17.67 -22.99 68.62
CA VAL OA 27 17.26 -24.34 69.00
C VAL OA 27 15.80 -24.34 69.44
N TYR OA 28 15.49 -23.59 70.48
CA TYR OA 28 14.14 -23.48 71.03
C TYR OA 28 13.64 -22.08 70.73
N PHE OA 29 12.47 -21.98 70.12
CA PHE OA 29 12.01 -20.65 69.76
C PHE OA 29 10.49 -20.62 69.62
N THR OA 30 9.97 -19.40 69.64
CA THR OA 30 8.60 -19.07 69.29
C THR OA 30 8.65 -17.91 68.32
N LYS OA 31 7.90 -18.00 67.23
CA LYS OA 31 7.88 -16.90 66.28
C LYS OA 31 6.51 -16.76 65.63
N ARG OA 32 6.26 -15.56 65.10
CA ARG OA 32 5.08 -15.24 64.32
C ARG OA 32 5.47 -15.28 62.85
N ILE OA 33 4.79 -16.13 62.08
CA ILE OA 33 5.05 -16.24 60.65
C ILE OA 33 3.75 -16.11 59.90
N SER OA 34 3.81 -15.54 58.69
CA SER OA 34 2.60 -15.44 57.89
C SER OA 34 2.18 -16.82 57.40
N PHE OA 35 0.90 -16.94 57.08
CA PHE OA 35 0.33 -18.23 56.67
C PHE OA 35 1.07 -18.79 55.47
N ASP OA 36 1.53 -17.93 54.56
CA ASP OA 36 2.17 -18.40 53.33
C ASP OA 36 3.53 -19.03 53.62
N GLN OA 37 4.14 -18.68 54.75
CA GLN OA 37 5.41 -19.29 55.14
C GLN OA 37 5.23 -20.47 56.07
N PHE OA 38 4.00 -20.84 56.40
CA PHE OA 38 3.78 -21.84 57.44
C PHE OA 38 4.20 -23.22 56.99
N THR OA 39 3.86 -23.61 55.77
CA THR OA 39 4.32 -24.90 55.26
C THR OA 39 5.84 -25.00 55.14
N PRO OA 40 6.55 -24.01 54.58
CA PRO OA 40 8.02 -24.09 54.60
C PRO OA 40 8.61 -24.20 56.00
N GLU OA 41 8.10 -23.43 56.95
CA GLU OA 41 8.60 -23.52 58.32
C GLU OA 41 8.32 -24.88 58.92
N TYR OA 42 7.10 -25.39 58.73
CA TYR OA 42 6.74 -26.71 59.21
C TYR OA 42 7.71 -27.77 58.68
N GLN OA 43 7.93 -27.77 57.37
CA GLN OA 43 8.76 -28.80 56.77
C GLN OA 43 10.24 -28.63 57.14
N ARG OA 44 10.72 -27.40 57.29
CA ARG OA 44 12.12 -27.24 57.66
C ARG OA 44 12.35 -27.61 59.11
N ILE OA 45 11.36 -27.38 59.98
CA ILE OA 45 11.48 -27.86 61.35
C ILE OA 45 11.54 -29.37 61.36
N HIS OA 46 10.70 -30.02 60.56
CA HIS OA 46 10.71 -31.49 60.51
C HIS OA 46 12.02 -32.02 59.94
N ARG OA 47 12.55 -31.38 58.90
CA ARG OA 47 13.73 -31.91 58.22
C ARG OA 47 14.96 -31.83 59.09
N GLN OA 48 15.04 -30.84 59.96
CA GLN OA 48 16.17 -30.68 60.86
C GLN OA 48 16.01 -31.48 62.15
N GLY OA 49 15.07 -32.42 62.19
CA GLY OA 49 14.85 -33.22 63.38
C GLY OA 49 14.08 -32.52 64.47
N GLY OA 50 13.52 -31.35 64.20
CA GLY OA 50 12.84 -30.61 65.23
C GLY OA 50 11.48 -31.19 65.57
N THR OA 51 10.96 -30.72 66.70
CA THR OA 51 9.62 -31.05 67.16
C THR OA 51 8.82 -29.76 67.28
N ILE OA 52 7.64 -29.74 66.69
CA ILE OA 52 6.74 -28.60 66.81
C ILE OA 52 5.99 -28.75 68.12
N LEU OA 53 6.33 -27.91 69.09
CA LEU OA 53 5.75 -28.01 70.43
C LEU OA 53 4.32 -27.49 70.45
N ASN OA 54 4.06 -26.38 69.78
CA ASN OA 54 2.76 -25.74 69.89
C ASN OA 54 2.48 -24.86 68.68
N VAL OA 55 1.22 -24.84 68.25
CA VAL OA 55 0.77 -24.01 67.14
C VAL OA 55 -0.43 -23.21 67.60
N GLN OA 56 -0.41 -21.91 67.35
CA GLN OA 56 -1.51 -21.02 67.71
C GLN OA 56 -1.86 -20.10 66.56
N CYS OA 57 -3.12 -19.69 66.49
CA CYS OA 57 -3.58 -18.69 65.55
C CYS OA 57 -4.22 -17.55 66.33
N MET OA 58 -3.55 -16.40 66.36
CA MET OA 58 -4.01 -15.30 67.20
C MET OA 58 -5.30 -14.69 66.63
N GLY OA 59 -6.29 -14.52 67.50
CA GLY OA 59 -7.58 -14.02 67.10
C GLY OA 59 -8.72 -14.68 67.86
N SER PA 2 54.52 -32.85 -23.88
CA SER PA 2 54.48 -34.23 -24.33
C SER PA 2 54.57 -35.17 -23.13
N ALA PA 3 54.29 -36.45 -23.36
CA ALA PA 3 54.36 -37.43 -22.26
C ALA PA 3 55.77 -37.56 -21.73
N ILE PA 4 56.75 -37.64 -22.64
CA ILE PA 4 58.14 -37.76 -22.22
C ILE PA 4 58.59 -36.51 -21.48
N THR PA 5 58.19 -35.34 -21.96
CA THR PA 5 58.51 -34.10 -21.27
C THR PA 5 57.94 -34.09 -19.86
N LYS PA 6 56.70 -34.53 -19.71
CA LYS PA 6 56.08 -34.56 -18.39
C LYS PA 6 56.80 -35.51 -17.45
N ALA PA 7 57.17 -36.70 -17.94
CA ALA PA 7 57.90 -37.65 -17.11
C ALA PA 7 59.28 -37.12 -16.72
N ILE PA 8 59.98 -36.49 -17.66
CA ILE PA 8 61.31 -35.96 -17.38
C ILE PA 8 61.23 -34.83 -16.38
N LEU PA 9 60.22 -33.96 -16.50
CA LEU PA 9 60.06 -32.88 -15.53
C LEU PA 9 59.74 -33.44 -14.15
N ASN PA 10 58.90 -34.49 -14.10
CA ASN PA 10 58.61 -35.12 -12.81
C ASN PA 10 59.87 -35.71 -12.20
N ALA PA 11 60.72 -36.32 -13.01
CA ALA PA 11 62.00 -36.82 -12.51
C ALA PA 11 62.87 -35.68 -12.01
N ASP PA 12 62.93 -34.59 -12.77
CA ASP PA 12 63.84 -33.50 -12.46
C ASP PA 12 63.46 -32.79 -11.17
N ALA PA 13 62.17 -32.62 -10.92
CA ALA PA 13 61.72 -31.87 -9.75
C ALA PA 13 62.26 -32.49 -8.45
N GLU PA 14 62.42 -33.81 -8.43
CA GLU PA 14 63.04 -34.50 -7.29
C GLU PA 14 64.51 -34.82 -7.52
N ALA PA 15 65.10 -34.33 -8.62
CA ALA PA 15 66.54 -34.44 -8.86
C ALA PA 15 66.99 -35.89 -8.86
N ARG PA 16 66.34 -36.70 -9.71
CA ARG PA 16 66.56 -38.14 -9.72
C ARG PA 16 66.42 -38.64 -11.15
N TYR PA 17 66.91 -39.85 -11.38
CA TYR PA 17 66.69 -40.51 -12.65
C TYR PA 17 65.25 -40.96 -12.76
N LEU PA 18 64.86 -41.38 -13.96
CA LEU PA 18 63.48 -41.76 -14.20
C LEU PA 18 63.09 -42.97 -13.35
N SER PA 19 61.90 -42.92 -12.77
CA SER PA 19 61.39 -43.98 -11.94
C SER PA 19 60.85 -45.11 -12.81
N PRO PA 20 60.77 -46.33 -12.27
CA PRO PA 20 60.15 -47.42 -13.04
C PRO PA 20 58.74 -47.08 -13.51
N GLY PA 21 57.94 -46.39 -12.70
CA GLY PA 21 56.64 -45.93 -13.17
C GLY PA 21 56.76 -44.96 -14.33
N GLU PA 22 57.70 -44.02 -14.24
CA GLU PA 22 57.93 -43.08 -15.34
C GLU PA 22 58.42 -43.80 -16.58
N ILE PA 23 59.29 -44.80 -16.40
CA ILE PA 23 59.75 -45.59 -17.53
C ILE PA 23 58.58 -46.32 -18.19
N ASP PA 24 57.67 -46.87 -17.39
CA ASP PA 24 56.48 -47.51 -17.95
C ASP PA 24 55.62 -46.51 -18.71
N VAL PA 25 55.48 -45.30 -18.18
CA VAL PA 25 54.72 -44.26 -18.89
C VAL PA 25 55.34 -43.98 -20.24
N VAL PA 26 56.66 -43.77 -20.27
CA VAL PA 26 57.33 -43.44 -21.52
C VAL PA 26 57.26 -44.61 -22.49
N ARG PA 27 57.41 -45.83 -21.99
CA ARG PA 27 57.35 -47.01 -22.84
C ARG PA 27 55.97 -47.18 -23.45
N GLY PA 28 54.92 -47.04 -22.64
CA GLY PA 28 53.57 -47.10 -23.17
C GLY PA 28 53.29 -46.02 -24.18
N TYR PA 29 53.84 -44.83 -23.96
CA TYR PA 29 53.71 -43.77 -24.96
C TYR PA 29 54.38 -44.16 -26.26
N LEU PA 30 55.60 -44.69 -26.19
CA LEU PA 30 56.31 -45.09 -27.39
C LEU PA 30 55.61 -46.23 -28.12
N ALA PA 31 54.92 -47.09 -27.38
CA ALA PA 31 54.15 -48.16 -28.01
C ALA PA 31 53.00 -47.59 -28.85
N SER PA 32 52.32 -46.58 -28.33
CA SER PA 32 51.18 -45.98 -28.99
C SER PA 32 51.56 -45.07 -30.16
N GLY PA 33 52.82 -45.07 -30.58
CA GLY PA 33 53.25 -44.13 -31.59
C GLY PA 33 52.54 -44.29 -32.92
N GLU PA 34 52.42 -45.53 -33.40
CA GLU PA 34 51.78 -45.76 -34.69
C GLU PA 34 50.31 -45.36 -34.64
N ARG PA 35 49.62 -45.69 -33.56
CA ARG PA 35 48.21 -45.35 -33.43
C ARG PA 35 48.02 -43.84 -33.42
N ARG PA 36 48.90 -43.12 -32.71
CA ARG PA 36 48.82 -41.67 -32.67
C ARG PA 36 49.08 -41.06 -34.03
N VAL PA 37 50.09 -41.56 -34.75
CA VAL PA 37 50.37 -41.03 -36.08
C VAL PA 37 49.19 -41.30 -37.01
N ARG PA 38 48.56 -42.46 -36.87
CA ARG PA 38 47.40 -42.78 -37.71
C ARG PA 38 46.24 -41.83 -37.45
N VAL PA 39 45.89 -41.63 -36.17
CA VAL PA 39 44.80 -40.72 -35.84
C VAL PA 39 45.11 -39.32 -36.34
N ALA PA 40 46.33 -38.84 -36.10
CA ALA PA 40 46.68 -37.48 -36.49
C ALA PA 40 46.69 -37.32 -38.00
N ARG PA 41 47.16 -38.34 -38.72
CA ARG PA 41 47.18 -38.28 -40.17
C ARG PA 41 45.77 -38.24 -40.75
N VAL PA 42 44.87 -39.06 -40.19
CA VAL PA 42 43.49 -39.03 -40.64
C VAL PA 42 42.86 -37.67 -40.37
N LEU PA 43 43.15 -37.10 -39.20
CA LEU PA 43 42.61 -35.77 -38.87
C LEU PA 43 43.15 -34.70 -39.81
N SER PA 44 44.46 -34.71 -40.07
CA SER PA 44 45.08 -33.67 -40.88
C SER PA 44 44.65 -33.77 -42.34
N ASP PA 45 44.46 -35.00 -42.82
CA ASP PA 45 44.06 -35.17 -44.21
C ASP PA 45 42.63 -34.72 -44.43
N ASN PA 46 41.79 -34.81 -43.41
CA ASN PA 46 40.41 -34.37 -43.48
C ASN PA 46 40.20 -33.06 -42.74
N ALA PA 47 41.21 -32.19 -42.72
CA ALA PA 47 41.09 -30.93 -41.99
C ALA PA 47 39.97 -30.07 -42.57
N LEU PA 48 39.98 -29.86 -43.89
CA LEU PA 48 38.97 -29.01 -44.50
C LEU PA 48 37.58 -29.60 -44.36
N ARG PA 49 37.45 -30.91 -44.56
CA ARG PA 49 36.15 -31.55 -44.44
C ARG PA 49 35.60 -31.44 -43.03
N ILE PA 50 36.42 -31.74 -42.03
CA ILE PA 50 35.98 -31.62 -40.64
C ILE PA 50 35.60 -30.18 -40.32
N VAL PA 51 36.42 -29.23 -40.77
CA VAL PA 51 36.14 -27.83 -40.45
C VAL PA 51 34.83 -27.39 -41.08
N ARG PA 52 34.61 -27.73 -42.36
CA ARG PA 52 33.36 -27.33 -43.01
C ARG PA 52 32.17 -27.96 -42.32
N GLY PA 53 32.24 -29.27 -42.03
CA GLY PA 53 31.10 -29.94 -41.43
C GLY PA 53 30.79 -29.43 -40.04
N ALA PA 54 31.83 -29.23 -39.22
CA ALA PA 54 31.62 -28.71 -37.88
C ALA PA 54 31.06 -27.30 -37.92
N GLY PA 55 31.58 -26.45 -38.80
CA GLY PA 55 31.08 -25.09 -38.88
C GLY PA 55 29.64 -25.04 -39.33
N ASP PA 56 29.29 -25.87 -40.32
CA ASP PA 56 27.92 -25.92 -40.81
C ASP PA 56 26.99 -26.38 -39.69
N THR PA 57 27.38 -27.44 -38.97
CA THR PA 57 26.57 -27.94 -37.87
C THR PA 57 26.37 -26.87 -36.81
N MET PA 58 27.45 -26.17 -36.45
CA MET PA 58 27.34 -25.08 -35.47
C MET PA 58 26.38 -24.01 -35.97
N PHE PA 59 26.43 -23.71 -37.27
CA PHE PA 59 25.67 -22.57 -37.77
C PHE PA 59 24.17 -22.86 -37.86
N GLN PA 60 23.77 -24.12 -38.10
CA GLN PA 60 22.34 -24.36 -37.90
C GLN PA 60 22.01 -24.47 -36.42
N LYS PA 61 22.89 -25.06 -35.63
CA LYS PA 61 22.60 -25.24 -34.21
C LYS PA 61 22.43 -23.90 -33.51
N ARG PA 62 23.28 -22.93 -33.84
CA ARG PA 62 23.20 -21.58 -33.28
C ARG PA 62 23.21 -20.58 -34.43
N PRO PA 63 22.07 -20.37 -35.08
CA PRO PA 63 22.03 -19.44 -36.21
C PRO PA 63 22.15 -17.99 -35.80
N ASP PA 64 22.07 -17.70 -34.50
CA ASP PA 64 22.22 -16.33 -34.03
C ASP PA 64 23.62 -15.80 -34.32
N LEU PA 65 24.59 -16.72 -34.49
CA LEU PA 65 25.98 -16.30 -34.69
C LEU PA 65 26.18 -15.64 -36.04
N VAL PA 66 25.66 -16.26 -37.11
CA VAL PA 66 25.77 -15.69 -38.44
C VAL PA 66 24.64 -14.70 -38.75
N ALA PA 67 23.61 -14.66 -37.91
CA ALA PA 67 22.55 -13.69 -38.07
C ALA PA 67 23.08 -12.27 -37.86
N PRO PA 68 22.43 -11.27 -38.45
CA PRO PA 68 22.87 -9.89 -38.22
C PRO PA 68 22.88 -9.56 -36.73
N GLY PA 69 23.94 -8.88 -36.30
CA GLY PA 69 24.16 -8.64 -34.90
C GLY PA 69 24.82 -9.78 -34.16
N GLY PA 70 25.07 -10.90 -34.83
CA GLY PA 70 25.79 -11.99 -34.21
C GLY PA 70 27.28 -11.74 -34.19
N ASN PA 71 27.97 -12.53 -33.38
CA ASN PA 71 29.40 -12.33 -33.20
C ASN PA 71 30.17 -12.74 -34.45
N ALA PA 72 29.62 -13.64 -35.25
CA ALA PA 72 30.29 -14.15 -36.44
C ALA PA 72 29.67 -13.65 -37.74
N TYR PA 73 28.71 -12.73 -37.68
CA TYR PA 73 28.06 -12.24 -38.89
C TYR PA 73 29.04 -11.43 -39.73
N GLY PA 74 29.02 -11.68 -41.02
CA GLY PA 74 29.98 -11.08 -41.92
C GLY PA 74 30.99 -12.09 -42.42
N GLU PA 75 31.44 -11.90 -43.66
CA GLU PA 75 32.32 -12.90 -44.28
C GLU PA 75 33.68 -12.95 -43.60
N VAL PA 76 34.22 -11.79 -43.20
CA VAL PA 76 35.47 -11.79 -42.46
C VAL PA 76 35.32 -12.53 -41.13
N ARG PA 77 34.24 -12.25 -40.40
CA ARG PA 77 34.10 -12.81 -39.07
C ARG PA 77 33.75 -14.29 -39.13
N THR PA 78 32.92 -14.71 -40.08
CA THR PA 78 32.68 -16.13 -40.26
C THR PA 78 33.96 -16.86 -40.68
N ALA PA 79 34.76 -16.22 -41.54
CA ALA PA 79 36.03 -16.81 -41.92
C ALA PA 79 36.95 -16.98 -40.73
N LYS PA 80 37.00 -15.98 -39.83
CA LYS PA 80 37.82 -16.08 -38.64
C LYS PA 80 37.29 -17.17 -37.69
N CYS PA 81 35.97 -17.33 -37.65
CA CYS PA 81 35.36 -18.41 -36.89
C CYS PA 81 35.82 -19.77 -37.39
N LEU PA 82 35.76 -19.97 -38.71
CA LEU PA 82 36.22 -21.22 -39.30
C LEU PA 82 37.71 -21.41 -39.08
N ARG PA 83 38.48 -20.31 -39.12
CA ARG PA 83 39.92 -20.39 -38.89
C ARG PA 83 40.23 -20.81 -37.46
N ASP PA 84 39.47 -20.34 -36.48
CA ASP PA 84 39.68 -20.79 -35.12
C ASP PA 84 39.27 -22.24 -34.92
N LEU PA 85 38.20 -22.68 -35.60
CA LEU PA 85 37.88 -24.10 -35.55
C LEU PA 85 39.02 -24.93 -36.11
N ASP PA 86 39.62 -24.48 -37.21
CA ASP PA 86 40.77 -25.18 -37.78
C ASP PA 86 41.97 -25.12 -36.84
N TYR PA 87 42.14 -23.99 -36.14
CA TYR PA 87 43.17 -23.88 -35.13
C TYR PA 87 43.02 -24.95 -34.07
N PHE PA 88 41.81 -25.12 -33.56
CA PHE PA 88 41.59 -26.10 -32.50
C PHE PA 88 41.68 -27.52 -33.03
N LEU PA 89 41.37 -27.72 -34.30
CA LEU PA 89 41.60 -29.04 -34.90
C LEU PA 89 43.08 -29.36 -34.99
N ARG PA 90 43.89 -28.39 -35.40
CA ARG PA 90 45.34 -28.57 -35.43
C ARG PA 90 45.87 -28.83 -34.03
N LEU PA 91 45.36 -28.11 -33.04
CA LEU PA 91 45.75 -28.34 -31.66
C LEU PA 91 45.36 -29.73 -31.18
N VAL PA 92 44.20 -30.23 -31.61
CA VAL PA 92 43.78 -31.59 -31.25
C VAL PA 92 44.74 -32.61 -31.86
N THR PA 93 45.17 -32.39 -33.10
CA THR PA 93 46.17 -33.27 -33.68
C THR PA 93 47.47 -33.21 -32.89
N TYR PA 94 47.86 -32.02 -32.46
CA TYR PA 94 49.06 -31.88 -31.62
C TYR PA 94 48.92 -32.70 -30.34
N GLY PA 95 47.78 -32.58 -29.68
CA GLY PA 95 47.57 -33.34 -28.44
C GLY PA 95 47.59 -34.84 -28.67
N VAL PA 96 47.04 -35.29 -29.80
CA VAL PA 96 47.06 -36.71 -30.12
C VAL PA 96 48.49 -37.19 -30.32
N LEU PA 97 49.29 -36.41 -31.04
CA LEU PA 97 50.67 -36.83 -31.30
C LEU PA 97 51.53 -36.77 -30.05
N ALA PA 98 51.27 -35.78 -29.18
CA ALA PA 98 52.13 -35.55 -28.04
C ALA PA 98 51.89 -36.56 -26.93
N GLY PA 99 50.66 -37.08 -26.84
CA GLY PA 99 50.27 -37.85 -25.69
C GLY PA 99 49.98 -37.02 -24.47
N ASP PA 100 50.01 -35.70 -24.60
CA ASP PA 100 49.74 -34.78 -23.51
C ASP PA 100 48.99 -33.60 -24.10
N THR PA 101 48.45 -32.75 -23.24
CA THR PA 101 47.70 -31.60 -23.67
C THR PA 101 48.51 -30.30 -23.62
N SER PA 102 49.82 -30.40 -23.42
CA SER PA 102 50.63 -29.18 -23.33
C SER PA 102 50.62 -28.32 -24.59
N PRO PA 103 50.77 -28.86 -25.81
CA PRO PA 103 50.71 -27.96 -26.98
C PRO PA 103 49.37 -27.25 -27.11
N ILE PA 104 48.28 -27.95 -26.80
CA ILE PA 104 46.96 -27.33 -26.85
C ILE PA 104 46.88 -26.16 -25.89
N ASP PA 105 47.41 -26.34 -24.69
CA ASP PA 105 47.38 -25.27 -23.69
C ASP PA 105 48.24 -24.10 -24.10
N GLU PA 106 49.48 -24.36 -24.53
CA GLU PA 106 50.42 -23.26 -24.69
C GLU PA 106 50.27 -22.59 -26.05
N ILE PA 107 49.50 -23.18 -26.95
CA ILE PA 107 49.27 -22.53 -28.24
C ILE PA 107 47.92 -21.81 -28.26
N GLY PA 108 46.87 -22.50 -27.84
CA GLY PA 108 45.54 -21.95 -28.06
C GLY PA 108 44.63 -21.87 -26.85
N LEU PA 109 44.96 -22.57 -25.77
CA LEU PA 109 44.02 -22.67 -24.66
C LEU PA 109 44.30 -21.61 -23.60
N ILE PA 110 45.56 -21.39 -23.28
CA ILE PA 110 45.91 -20.41 -22.25
C ILE PA 110 45.71 -19.01 -22.82
N GLY PA 111 44.81 -18.25 -22.21
CA GLY PA 111 44.49 -16.92 -22.67
C GLY PA 111 43.30 -16.82 -23.59
N ILE PA 112 42.75 -17.94 -24.06
CA ILE PA 112 41.60 -17.88 -24.95
C ILE PA 112 40.36 -17.43 -24.19
N LYS PA 113 40.34 -17.64 -22.88
CA LYS PA 113 39.17 -17.27 -22.09
C LYS PA 113 39.00 -15.76 -22.03
N GLU PA 114 40.06 -15.04 -21.67
CA GLU PA 114 39.98 -13.57 -21.64
C GLU PA 114 39.92 -12.99 -23.04
N THR PA 115 40.58 -13.66 -24.01
CA THR PA 115 40.48 -13.22 -25.39
C THR PA 115 39.05 -13.25 -25.88
N TYR PA 116 38.35 -14.36 -25.66
CA TYR PA 116 36.98 -14.48 -26.11
C TYR PA 116 36.05 -13.60 -25.29
N SER PA 117 36.37 -13.37 -24.01
CA SER PA 117 35.62 -12.41 -23.23
C SER PA 117 35.71 -11.01 -23.83
N LEU PA 118 36.91 -10.61 -24.24
CA LEU PA 118 37.10 -9.26 -24.77
C LEU PA 118 36.48 -9.14 -26.16
N LEU PA 119 36.54 -10.21 -26.95
CA LEU PA 119 35.95 -10.20 -28.28
C LEU PA 119 34.46 -10.50 -28.26
N GLU PA 120 33.89 -10.79 -27.09
CA GLU PA 120 32.48 -11.14 -26.94
C GLU PA 120 32.13 -12.39 -27.75
N VAL PA 121 33.11 -13.27 -27.93
CA VAL PA 121 32.87 -14.54 -28.60
C VAL PA 121 32.10 -15.47 -27.68
N PRO PA 122 30.96 -16.02 -28.11
CA PRO PA 122 30.19 -16.90 -27.21
C PRO PA 122 30.87 -18.27 -27.07
N VAL PA 123 31.36 -18.54 -25.86
CA VAL PA 123 32.01 -19.82 -25.59
C VAL PA 123 31.09 -21.00 -25.85
N PRO PA 124 29.79 -20.98 -25.49
CA PRO PA 124 28.94 -22.12 -25.87
C PRO PA 124 28.90 -22.40 -27.37
N GLY PA 125 28.93 -21.35 -28.20
CA GLY PA 125 29.02 -21.58 -29.63
C GLY PA 125 30.30 -22.26 -30.03
N VAL PA 126 31.42 -21.85 -29.44
CA VAL PA 126 32.70 -22.50 -29.72
C VAL PA 126 32.65 -23.96 -29.30
N ILE PA 127 32.03 -24.23 -28.15
CA ILE PA 127 31.92 -25.59 -27.64
C ILE PA 127 31.09 -26.45 -28.58
N ASP PA 128 29.98 -25.90 -29.09
CA ASP PA 128 29.17 -26.64 -30.06
C ASP PA 128 29.96 -26.91 -31.34
N GLY PA 129 30.75 -25.94 -31.79
CA GLY PA 129 31.58 -26.17 -32.97
C GLY PA 129 32.61 -27.27 -32.75
N ILE PA 130 33.23 -27.28 -31.57
CA ILE PA 130 34.23 -28.30 -31.29
C ILE PA 130 33.57 -29.67 -31.13
N LYS PA 131 32.37 -29.72 -30.55
CA LYS PA 131 31.64 -30.98 -30.47
C LYS PA 131 31.25 -31.48 -31.85
N ALA PA 132 30.89 -30.58 -32.75
CA ALA PA 132 30.63 -30.96 -34.13
C ALA PA 132 31.88 -31.52 -34.79
N ALA PA 133 33.04 -30.90 -34.52
CA ALA PA 133 34.29 -31.44 -35.03
C ALA PA 133 34.58 -32.81 -34.45
N LYS PA 134 34.23 -33.01 -33.18
CA LYS PA 134 34.36 -34.32 -32.55
C LYS PA 134 33.52 -35.35 -33.29
N GLN PA 135 32.28 -35.01 -33.62
CA GLN PA 135 31.42 -35.91 -34.38
C GLN PA 135 32.00 -36.20 -35.76
N GLN PA 136 32.51 -35.18 -36.44
CA GLN PA 136 33.12 -35.38 -37.75
C GLN PA 136 34.30 -36.34 -37.66
N ALA PA 137 35.17 -36.15 -36.66
CA ALA PA 137 36.30 -37.05 -36.48
C ALA PA 137 35.84 -38.47 -36.18
N ALA PA 138 34.84 -38.61 -35.31
CA ALA PA 138 34.34 -39.94 -34.97
C ALA PA 138 33.79 -40.65 -36.20
N ALA PA 139 33.20 -39.89 -37.12
CA ALA PA 139 32.76 -40.48 -38.38
C ALA PA 139 33.94 -41.03 -39.19
N LEU PA 140 35.03 -40.26 -39.25
CA LEU PA 140 36.17 -40.66 -40.08
C LEU PA 140 37.00 -41.75 -39.42
N LEU PA 141 37.00 -41.81 -38.10
CA LEU PA 141 37.82 -42.77 -37.39
C LEU PA 141 37.03 -44.01 -37.01
N SER PA 142 37.76 -45.09 -36.73
CA SER PA 142 37.20 -46.27 -36.11
C SER PA 142 36.97 -46.01 -34.63
N SER PA 143 36.37 -47.00 -33.94
CA SER PA 143 35.93 -46.80 -32.56
C SER PA 143 37.10 -46.48 -31.64
N GLU PA 144 38.20 -47.23 -31.74
CA GLU PA 144 39.34 -46.98 -30.88
C GLU PA 144 40.00 -45.65 -31.19
N ASP PA 145 40.22 -45.38 -32.48
CA ASP PA 145 40.78 -44.10 -32.89
C ASP PA 145 39.85 -42.95 -32.50
N ALA PA 146 38.54 -43.15 -32.65
CA ALA PA 146 37.59 -42.13 -32.26
C ALA PA 146 37.68 -41.84 -30.77
N ALA PA 147 37.81 -42.88 -29.95
CA ALA PA 147 37.95 -42.67 -28.51
C ALA PA 147 39.22 -41.91 -28.18
N GLU PA 148 40.33 -42.29 -28.83
CA GLU PA 148 41.60 -41.63 -28.56
C GLU PA 148 41.54 -40.15 -28.92
N ALA PA 149 40.97 -39.80 -30.07
CA ALA PA 149 40.82 -38.40 -30.44
C ALA PA 149 39.80 -37.70 -29.55
N SER PA 150 38.77 -38.45 -29.12
CA SER PA 150 37.73 -37.88 -28.29
C SER PA 150 38.27 -37.45 -26.94
N PHE PA 151 39.32 -38.13 -26.45
CA PHE PA 151 39.97 -37.67 -25.23
C PHE PA 151 40.38 -36.20 -25.34
N TYR PA 152 41.05 -35.82 -26.44
CA TYR PA 152 41.56 -34.46 -26.57
C TYR PA 152 40.47 -33.49 -27.01
N PHE PA 153 39.52 -33.94 -27.81
CA PHE PA 153 38.36 -33.11 -28.10
C PHE PA 153 37.62 -32.74 -26.81
N ASP PA 154 37.41 -33.72 -25.93
CA ASP PA 154 36.77 -33.49 -24.65
C ASP PA 154 37.62 -32.60 -23.76
N TYR PA 155 38.95 -32.76 -23.80
CA TYR PA 155 39.80 -31.89 -23.01
C TYR PA 155 39.65 -30.43 -23.44
N VAL PA 156 39.58 -30.19 -24.74
CA VAL PA 156 39.36 -28.83 -25.24
C VAL PA 156 38.00 -28.32 -24.80
N ILE PA 157 36.96 -29.15 -24.92
CA ILE PA 157 35.63 -28.75 -24.46
C ILE PA 157 35.66 -28.32 -23.00
N SER PA 158 36.28 -29.14 -22.14
CA SER PA 158 36.29 -28.84 -20.71
C SER PA 158 37.12 -27.60 -20.43
N ALA PA 159 38.21 -27.40 -21.16
CA ALA PA 159 39.03 -26.21 -20.97
C ALA PA 159 38.26 -24.94 -21.35
N MET PA 160 37.48 -24.99 -22.43
CA MET PA 160 36.73 -23.82 -22.85
C MET PA 160 35.74 -23.38 -21.80
N SER PA 161 35.05 -24.33 -21.17
CA SER PA 161 34.10 -24.01 -20.12
C SER PA 161 34.80 -23.83 -18.78
N SER QA 2 50.68 -46.89 -5.57
CA SER QA 2 50.48 -47.50 -6.87
C SER QA 2 50.56 -46.45 -7.97
N ALA QA 3 50.52 -46.90 -9.23
CA ALA QA 3 50.43 -45.96 -10.34
C ALA QA 3 49.13 -45.19 -10.29
N ILE QA 4 48.06 -45.83 -9.82
CA ILE QA 4 46.78 -45.15 -9.65
C ILE QA 4 46.91 -43.99 -8.70
N THR QA 5 47.57 -44.20 -7.56
CA THR QA 5 47.70 -43.15 -6.56
C THR QA 5 48.59 -42.01 -7.07
N LYS QA 6 49.66 -42.34 -7.79
CA LYS QA 6 50.52 -41.31 -8.34
C LYS QA 6 49.75 -40.45 -9.34
N ALA QA 7 48.95 -41.07 -10.21
CA ALA QA 7 48.16 -40.30 -11.16
C ALA QA 7 47.10 -39.46 -10.47
N ILE QA 8 46.41 -40.03 -9.48
CA ILE QA 8 45.36 -39.28 -8.79
C ILE QA 8 45.96 -38.11 -8.01
N LEU QA 9 47.13 -38.31 -7.40
CA LEU QA 9 47.78 -37.21 -6.71
C LEU QA 9 48.20 -36.12 -7.68
N ASN QA 10 48.69 -36.51 -8.86
CA ASN QA 10 49.04 -35.51 -9.87
C ASN QA 10 47.82 -34.71 -10.29
N ALA QA 11 46.69 -35.39 -10.51
CA ALA QA 11 45.47 -34.69 -10.87
C ALA QA 11 45.01 -33.77 -9.74
N ASP QA 12 45.12 -34.26 -8.49
CA ASP QA 12 44.62 -33.50 -7.34
C ASP QA 12 45.46 -32.27 -7.09
N ALA QA 13 46.78 -32.36 -7.29
CA ALA QA 13 47.65 -31.21 -7.07
C ALA QA 13 47.28 -30.06 -8.00
N GLU QA 14 46.78 -30.36 -9.18
CA GLU QA 14 46.34 -29.35 -10.12
C GLU QA 14 44.85 -29.05 -10.00
N ALA QA 15 44.14 -29.71 -9.08
CA ALA QA 15 42.71 -29.51 -8.87
C ALA QA 15 41.93 -29.70 -10.17
N ARG QA 16 42.15 -30.82 -10.83
CA ARG QA 16 41.52 -31.10 -12.12
C ARG QA 16 41.21 -32.58 -12.20
N TYR QA 17 40.38 -32.94 -13.17
CA TYR QA 17 40.11 -34.33 -13.43
C TYR QA 17 41.33 -35.00 -14.05
N LEU QA 18 41.28 -36.33 -14.17
CA LEU QA 18 42.37 -37.06 -14.78
C LEU QA 18 42.51 -36.67 -16.25
N SER QA 19 43.71 -36.24 -16.63
CA SER QA 19 43.99 -35.81 -17.99
C SER QA 19 44.14 -37.03 -18.89
N PRO QA 20 44.11 -36.84 -20.22
CA PRO QA 20 44.26 -37.99 -21.11
C PRO QA 20 45.52 -38.81 -20.88
N GLY QA 21 46.64 -38.14 -20.58
CA GLY QA 21 47.85 -38.87 -20.26
C GLY QA 21 47.72 -39.71 -19.01
N GLU QA 22 47.09 -39.16 -17.97
CA GLU QA 22 46.87 -39.90 -16.74
C GLU QA 22 45.92 -41.08 -16.96
N ILE QA 23 44.89 -40.88 -17.78
CA ILE QA 23 44.00 -41.99 -18.12
C ILE QA 23 44.78 -43.09 -18.84
N ASP QA 24 45.67 -42.69 -19.75
CA ASP QA 24 46.50 -43.66 -20.47
C ASP QA 24 47.40 -44.42 -19.50
N VAL QA 25 47.99 -43.71 -18.53
CA VAL QA 25 48.85 -44.37 -17.55
C VAL QA 25 48.08 -45.39 -16.73
N VAL QA 26 46.90 -45.01 -16.24
CA VAL QA 26 46.11 -45.91 -15.43
C VAL QA 26 45.67 -47.12 -16.25
N ARG QA 27 45.26 -46.90 -17.49
CA ARG QA 27 44.85 -48.00 -18.35
C ARG QA 27 46.00 -48.95 -18.61
N GLY QA 28 47.20 -48.42 -18.88
CA GLY QA 28 48.35 -49.28 -19.09
C GLY QA 28 48.69 -50.10 -17.86
N TYR QA 29 48.61 -49.49 -16.68
CA TYR QA 29 48.86 -50.23 -15.46
C TYR QA 29 47.85 -51.37 -15.28
N LEU QA 30 46.57 -51.06 -15.50
CA LEU QA 30 45.55 -52.10 -15.36
C LEU QA 30 45.76 -53.22 -16.36
N ALA QA 31 46.20 -52.89 -17.58
CA ALA QA 31 46.49 -53.92 -18.57
C ALA QA 31 47.67 -54.78 -18.13
N SER QA 32 48.71 -54.15 -17.58
CA SER QA 32 49.91 -54.88 -17.18
C SER QA 32 49.74 -55.63 -15.87
N GLY QA 33 48.59 -55.49 -15.20
CA GLY QA 33 48.39 -56.15 -13.93
C GLY QA 33 48.61 -57.65 -13.93
N GLU QA 34 48.19 -58.34 -14.99
CA GLU QA 34 48.31 -59.79 -15.03
C GLU QA 34 49.77 -60.23 -15.09
N ARG QA 35 50.56 -59.58 -15.92
CA ARG QA 35 51.99 -59.85 -15.97
C ARG QA 35 52.66 -59.49 -14.64
N ARG QA 36 52.20 -58.41 -14.01
CA ARG QA 36 52.75 -58.03 -12.71
C ARG QA 36 52.50 -59.11 -11.67
N VAL QA 37 51.28 -59.67 -11.66
CA VAL QA 37 50.97 -60.75 -10.74
C VAL QA 37 51.84 -61.97 -11.04
N ARG QA 38 52.07 -62.25 -12.31
CA ARG QA 38 52.96 -63.36 -12.67
C ARG QA 38 54.35 -63.17 -12.07
N VAL QA 39 54.95 -62.00 -12.31
CA VAL QA 39 56.30 -61.73 -11.82
C VAL QA 39 56.35 -61.80 -10.30
N ALA QA 40 55.40 -61.15 -9.63
CA ALA QA 40 55.42 -61.12 -8.18
C ALA QA 40 55.19 -62.49 -7.59
N ARG QA 41 54.33 -63.29 -8.20
CA ARG QA 41 54.10 -64.65 -7.72
C ARG QA 41 55.35 -65.50 -7.83
N VAL QA 42 56.06 -65.39 -8.96
CA VAL QA 42 57.31 -66.15 -9.09
C VAL QA 42 58.33 -65.70 -8.06
N LEU QA 43 58.46 -64.38 -7.85
CA LEU QA 43 59.41 -63.90 -6.86
C LEU QA 43 59.03 -64.36 -5.45
N SER QA 44 57.75 -64.30 -5.11
CA SER QA 44 57.32 -64.66 -3.76
C SER QA 44 57.46 -66.14 -3.50
N ASP QA 45 57.14 -66.97 -4.49
CA ASP QA 45 57.24 -68.42 -4.30
C ASP QA 45 58.68 -68.86 -4.07
N ASN QA 46 59.62 -68.24 -4.78
CA ASN QA 46 61.03 -68.60 -4.68
C ASN QA 46 61.79 -67.69 -3.73
N ALA QA 47 61.11 -67.12 -2.74
CA ALA QA 47 61.74 -66.11 -1.89
C ALA QA 47 62.90 -66.69 -1.11
N LEU QA 48 62.69 -67.85 -0.47
CA LEU QA 48 63.73 -68.42 0.39
C LEU QA 48 64.96 -68.79 -0.42
N ARG QA 49 64.77 -69.38 -1.61
CA ARG QA 49 65.88 -69.74 -2.46
C ARG QA 49 66.65 -68.51 -2.92
N ILE QA 50 65.95 -67.47 -3.35
CA ILE QA 50 66.61 -66.24 -3.81
C ILE QA 50 67.44 -65.65 -2.69
N VAL QA 51 66.87 -65.57 -1.48
CA VAL QA 51 67.58 -64.91 -0.39
C VAL QA 51 68.77 -65.75 0.06
N ARG QA 52 68.61 -67.08 0.12
CA ARG QA 52 69.73 -67.93 0.50
C ARG QA 52 70.89 -67.78 -0.49
N GLY QA 53 70.59 -67.85 -1.78
CA GLY QA 53 71.63 -67.68 -2.78
C GLY QA 53 72.27 -66.31 -2.72
N ALA QA 54 71.47 -65.27 -2.53
CA ALA QA 54 72.01 -63.92 -2.46
C ALA QA 54 72.94 -63.75 -1.27
N GLY QA 55 72.55 -64.28 -0.11
CA GLY QA 55 73.42 -64.20 1.05
C GLY QA 55 74.71 -64.95 0.85
N ASP QA 56 74.64 -66.15 0.27
CA ASP QA 56 75.86 -66.90 -0.03
C ASP QA 56 76.78 -66.11 -0.94
N THR QA 57 76.23 -65.56 -2.02
CA THR QA 57 77.06 -64.81 -2.96
C THR QA 57 77.68 -63.59 -2.31
N MET QA 58 76.89 -62.86 -1.52
CA MET QA 58 77.42 -61.68 -0.83
C MET QA 58 78.56 -62.04 0.12
N PHE QA 59 78.37 -63.08 0.92
CA PHE QA 59 79.39 -63.40 1.92
C PHE QA 59 80.65 -63.94 1.25
N GLN QA 60 80.50 -64.65 0.14
CA GLN QA 60 81.67 -65.00 -0.65
C GLN QA 60 82.34 -63.77 -1.23
N LYS QA 61 81.55 -62.77 -1.62
CA LYS QA 61 82.10 -61.57 -2.23
C LYS QA 61 82.84 -60.71 -1.19
N ARG QA 62 82.25 -60.53 -0.01
CA ARG QA 62 82.89 -59.81 1.09
C ARG QA 62 82.86 -60.69 2.33
N PRO QA 63 83.89 -61.50 2.54
CA PRO QA 63 83.90 -62.37 3.73
C PRO QA 63 84.14 -61.64 5.02
N ASP QA 64 84.59 -60.38 4.97
CA ASP QA 64 84.87 -59.63 6.19
C ASP QA 64 83.60 -59.32 6.97
N LEU QA 65 82.45 -59.37 6.31
CA LEU QA 65 81.19 -59.10 7.00
C LEU QA 65 80.93 -60.14 8.07
N VAL QA 66 81.13 -61.42 7.76
CA VAL QA 66 80.89 -62.50 8.71
C VAL QA 66 82.14 -62.89 9.46
N ALA QA 67 83.27 -62.27 9.18
CA ALA QA 67 84.46 -62.43 9.99
C ALA QA 67 84.27 -61.69 11.32
N PRO QA 68 84.99 -62.11 12.36
CA PRO QA 68 84.93 -61.37 13.63
C PRO QA 68 85.31 -59.91 13.42
N GLY QA 69 84.57 -59.02 14.08
CA GLY QA 69 84.68 -57.61 13.84
C GLY QA 69 83.82 -57.09 12.72
N GLY QA 70 83.20 -57.98 11.93
CA GLY QA 70 82.30 -57.54 10.90
C GLY QA 70 80.92 -57.22 11.45
N ASN QA 71 80.12 -56.58 10.60
CA ASN QA 71 78.79 -56.15 11.05
C ASN QA 71 77.84 -57.33 11.13
N ALA QA 72 78.04 -58.36 10.31
CA ALA QA 72 77.19 -59.53 10.30
C ALA QA 72 77.80 -60.72 11.02
N TYR QA 73 78.84 -60.49 11.82
CA TYR QA 73 79.49 -61.58 12.53
C TYR QA 73 78.58 -62.17 13.58
N GLY QA 74 78.50 -63.49 13.61
CA GLY QA 74 77.67 -64.18 14.57
C GLY QA 74 76.42 -64.74 13.94
N GLU QA 75 75.71 -65.57 14.71
CA GLU QA 75 74.49 -66.18 14.20
C GLU QA 75 73.35 -65.17 14.14
N VAL QA 76 73.20 -64.36 15.18
CA VAL QA 76 72.08 -63.42 15.25
C VAL QA 76 72.26 -62.32 14.21
N ARG QA 77 73.47 -61.81 14.06
CA ARG QA 77 73.70 -60.75 13.10
C ARG QA 77 73.59 -61.27 11.66
N THR QA 78 74.05 -62.49 11.41
CA THR QA 78 73.86 -63.09 10.10
C THR QA 78 72.37 -63.29 9.82
N ALA QA 79 71.61 -63.71 10.84
CA ALA QA 79 70.17 -63.87 10.66
C ALA QA 79 69.50 -62.54 10.35
N LYS QA 80 69.92 -61.46 10.99
CA LYS QA 80 69.35 -60.15 10.69
C LYS QA 80 69.76 -59.66 9.31
N CYS QA 81 70.96 -60.01 8.87
CA CYS QA 81 71.36 -59.71 7.49
C CYS QA 81 70.47 -60.42 6.48
N LEU QA 82 70.21 -61.70 6.68
CA LEU QA 82 69.34 -62.42 5.75
C LEU QA 82 67.90 -61.95 5.87
N ARG QA 83 67.50 -61.51 7.06
CA ARG QA 83 66.20 -60.90 7.25
C ARG QA 83 66.08 -59.63 6.42
N ASP QA 84 67.14 -58.83 6.37
CA ASP QA 84 67.12 -57.63 5.55
C ASP QA 84 67.01 -57.96 4.08
N LEU QA 85 67.75 -58.97 3.63
CA LEU QA 85 67.64 -59.38 2.22
C LEU QA 85 66.23 -59.83 1.89
N ASP QA 86 65.61 -60.62 2.77
CA ASP QA 86 64.24 -61.03 2.56
C ASP QA 86 63.28 -59.84 2.57
N TYR QA 87 63.51 -58.88 3.47
CA TYR QA 87 62.70 -57.66 3.50
C TYR QA 87 62.75 -56.92 2.18
N PHE QA 88 63.95 -56.77 1.63
CA PHE QA 88 64.07 -56.03 0.38
C PHE QA 88 63.45 -56.78 -0.78
N LEU QA 89 63.53 -58.12 -0.77
CA LEU QA 89 62.86 -58.88 -1.82
C LEU QA 89 61.33 -58.71 -1.73
N ARG QA 90 60.78 -58.76 -0.52
CA ARG QA 90 59.35 -58.56 -0.36
C ARG QA 90 58.94 -57.17 -0.81
N LEU QA 91 59.77 -56.17 -0.52
CA LEU QA 91 59.52 -54.82 -1.00
C LEU QA 91 59.54 -54.74 -2.51
N VAL QA 92 60.47 -55.46 -3.15
CA VAL QA 92 60.52 -55.48 -4.61
C VAL QA 92 59.24 -56.05 -5.18
N THR QA 93 58.73 -57.13 -4.59
CA THR QA 93 57.45 -57.68 -5.07
C THR QA 93 56.30 -56.69 -4.85
N TYR QA 94 56.32 -55.97 -3.73
CA TYR QA 94 55.33 -54.92 -3.51
C TYR QA 94 55.38 -53.89 -4.62
N GLY QA 95 56.59 -53.46 -4.99
CA GLY QA 95 56.73 -52.49 -6.05
C GLY QA 95 56.30 -53.02 -7.39
N VAL QA 96 56.54 -54.30 -7.64
CA VAL QA 96 56.13 -54.92 -8.91
C VAL QA 96 54.61 -54.91 -9.03
N LEU QA 97 53.90 -55.28 -7.97
CA LEU QA 97 52.44 -55.23 -8.04
C LEU QA 97 51.89 -53.81 -8.03
N ALA QA 98 52.51 -52.91 -7.28
CA ALA QA 98 51.98 -51.56 -7.17
C ALA QA 98 52.17 -50.79 -8.47
N GLY QA 99 53.15 -51.18 -9.28
CA GLY QA 99 53.45 -50.44 -10.47
C GLY QA 99 54.27 -49.20 -10.24
N ASP QA 100 54.66 -48.94 -9.00
CA ASP QA 100 55.51 -47.80 -8.68
C ASP QA 100 56.33 -48.16 -7.46
N THR QA 101 57.23 -47.25 -7.10
CA THR QA 101 58.22 -47.50 -6.07
C THR QA 101 57.79 -47.06 -4.69
N SER QA 102 56.63 -46.43 -4.54
CA SER QA 102 56.27 -45.88 -3.23
C SER QA 102 56.26 -46.92 -2.12
N PRO QA 103 55.62 -48.10 -2.24
CA PRO QA 103 55.62 -49.02 -1.08
C PRO QA 103 57.02 -49.38 -0.62
N ILE QA 104 57.96 -49.51 -1.56
CA ILE QA 104 59.37 -49.69 -1.21
C ILE QA 104 59.84 -48.51 -0.37
N ASP QA 105 59.40 -47.30 -0.72
CA ASP QA 105 59.85 -46.10 -0.01
C ASP QA 105 59.29 -46.05 1.41
N GLU QA 106 57.97 -46.13 1.56
CA GLU QA 106 57.42 -46.02 2.92
C GLU QA 106 57.82 -47.20 3.80
N ILE QA 107 58.07 -48.38 3.22
CA ILE QA 107 58.34 -49.51 4.09
C ILE QA 107 59.84 -49.67 4.35
N GLY QA 108 60.68 -49.44 3.34
CA GLY QA 108 62.07 -49.80 3.51
C GLY QA 108 63.16 -48.78 3.26
N LEU QA 109 62.86 -47.69 2.58
CA LEU QA 109 63.93 -46.79 2.15
C LEU QA 109 63.96 -45.52 2.96
N ILE QA 110 62.81 -45.01 3.38
CA ILE QA 110 62.78 -43.88 4.29
C ILE QA 110 63.41 -44.28 5.62
N GLY QA 111 64.57 -43.69 5.92
CA GLY QA 111 65.25 -43.95 7.16
C GLY QA 111 66.31 -45.04 7.11
N ILE QA 112 66.43 -45.76 5.99
CA ILE QA 112 67.43 -46.83 5.92
C ILE QA 112 68.83 -46.25 5.93
N LYS QA 113 69.00 -45.03 5.40
CA LYS QA 113 70.31 -44.40 5.39
C LYS QA 113 70.81 -44.14 6.81
N GLU QA 114 70.00 -43.48 7.63
CA GLU QA 114 70.42 -43.22 9.00
C GLU QA 114 70.47 -44.49 9.83
N THR QA 115 69.58 -45.45 9.55
CA THR QA 115 69.61 -46.72 10.24
C THR QA 115 70.94 -47.43 10.03
N TYR QA 116 71.33 -47.60 8.77
CA TYR QA 116 72.55 -48.33 8.47
C TYR QA 116 73.78 -47.51 8.81
N SER QA 117 73.65 -46.19 8.88
CA SER QA 117 74.76 -45.37 9.33
C SER QA 117 75.00 -45.53 10.83
N LEU QA 118 73.93 -45.48 11.62
CA LEU QA 118 74.08 -45.65 13.06
C LEU QA 118 74.51 -47.06 13.42
N LEU QA 119 73.99 -48.07 12.72
CA LEU QA 119 74.35 -49.43 13.04
C LEU QA 119 75.67 -49.87 12.41
N GLU QA 120 76.30 -48.99 11.64
CA GLU QA 120 77.58 -49.27 10.98
C GLU QA 120 77.45 -50.42 9.98
N VAL QA 121 76.29 -50.51 9.34
CA VAL QA 121 76.07 -51.51 8.29
C VAL QA 121 76.77 -51.04 7.02
N PRO QA 122 77.63 -51.85 6.41
CA PRO QA 122 78.25 -51.45 5.14
C PRO QA 122 77.24 -51.51 4.00
N VAL QA 123 76.84 -50.34 3.53
CA VAL QA 123 75.90 -50.20 2.43
C VAL QA 123 76.42 -50.89 1.16
N PRO QA 124 77.72 -50.81 0.83
CA PRO QA 124 78.21 -51.62 -0.30
C PRO QA 124 77.93 -53.11 -0.15
N GLY QA 125 78.02 -53.65 1.06
CA GLY QA 125 77.64 -55.04 1.25
C GLY QA 125 76.17 -55.28 0.98
N VAL QA 126 75.32 -54.34 1.41
CA VAL QA 126 73.89 -54.45 1.15
C VAL QA 126 73.62 -54.45 -0.36
N ILE QA 127 74.29 -53.55 -1.08
CA ILE QA 127 74.13 -53.46 -2.52
C ILE QA 127 74.60 -54.75 -3.18
N ASP QA 128 75.69 -55.34 -2.67
CA ASP QA 128 76.13 -56.62 -3.21
C ASP QA 128 75.09 -57.71 -3.00
N GLY QA 129 74.50 -57.76 -1.81
CA GLY QA 129 73.46 -58.75 -1.56
C GLY QA 129 72.25 -58.54 -2.44
N ILE QA 130 71.90 -57.28 -2.70
CA ILE QA 130 70.71 -56.99 -3.51
C ILE QA 130 70.98 -57.28 -4.99
N LYS QA 131 72.21 -57.03 -5.45
CA LYS QA 131 72.57 -57.47 -6.80
C LYS QA 131 72.53 -58.98 -6.91
N ALA QA 132 72.98 -59.69 -5.88
CA ALA QA 132 72.90 -61.14 -5.90
C ALA QA 132 71.46 -61.61 -5.96
N ALA QA 133 70.57 -60.98 -5.18
CA ALA QA 133 69.15 -61.30 -5.25
C ALA QA 133 68.57 -61.00 -6.63
N LYS QA 134 68.99 -59.88 -7.22
CA LYS QA 134 68.61 -59.54 -8.58
C LYS QA 134 68.97 -60.64 -9.57
N GLN QA 135 70.21 -61.14 -9.49
CA GLN QA 135 70.65 -62.17 -10.41
C GLN QA 135 69.91 -63.49 -10.17
N GLN QA 136 69.71 -63.84 -8.89
CA GLN QA 136 68.91 -65.02 -8.58
C GLN QA 136 67.52 -64.92 -9.16
N ALA QA 137 66.90 -63.74 -9.06
CA ALA QA 137 65.57 -63.55 -9.63
C ALA QA 137 65.60 -63.65 -11.15
N ALA QA 138 66.57 -63.01 -11.79
CA ALA QA 138 66.67 -63.06 -13.24
C ALA QA 138 66.85 -64.49 -13.72
N ALA QA 139 67.47 -65.34 -12.89
CA ALA QA 139 67.56 -66.76 -13.23
C ALA QA 139 66.19 -67.41 -13.30
N LEU QA 140 65.29 -67.05 -12.38
CA LEU QA 140 63.99 -67.71 -12.31
C LEU QA 140 62.98 -67.08 -13.27
N LEU QA 141 63.27 -65.90 -13.79
CA LEU QA 141 62.30 -65.19 -14.59
C LEU QA 141 62.72 -65.16 -16.05
N SER QA 142 61.73 -65.06 -16.93
CA SER QA 142 61.97 -64.87 -18.35
C SER QA 142 62.62 -63.50 -18.58
N SER QA 143 63.08 -63.29 -19.82
CA SER QA 143 63.79 -62.06 -20.13
C SER QA 143 62.94 -60.83 -19.86
N GLU QA 144 61.68 -60.87 -20.28
CA GLU QA 144 60.78 -59.75 -20.01
C GLU QA 144 60.50 -59.60 -18.53
N ASP QA 145 60.21 -60.70 -17.84
CA ASP QA 145 59.93 -60.65 -16.42
C ASP QA 145 61.15 -60.22 -15.63
N ALA QA 146 62.33 -60.71 -16.03
CA ALA QA 146 63.56 -60.30 -15.38
C ALA QA 146 63.81 -58.81 -15.58
N ALA QA 147 63.57 -58.30 -16.79
CA ALA QA 147 63.72 -56.88 -17.02
C ALA QA 147 62.75 -56.07 -16.16
N GLU QA 148 61.53 -56.59 -15.97
CA GLU QA 148 60.55 -55.90 -15.15
C GLU QA 148 60.98 -55.82 -13.69
N ALA QA 149 61.41 -56.94 -13.11
CA ALA QA 149 61.81 -56.93 -11.71
C ALA QA 149 63.13 -56.19 -11.51
N SER QA 150 63.98 -56.18 -12.53
CA SER QA 150 65.26 -55.48 -12.47
C SER QA 150 65.06 -54.00 -12.22
N PHE QA 151 63.97 -53.42 -12.72
CA PHE QA 151 63.72 -52.01 -12.48
C PHE QA 151 63.66 -51.70 -10.99
N TYR QA 152 62.92 -52.50 -10.24
CA TYR QA 152 62.74 -52.24 -8.82
C TYR QA 152 63.97 -52.63 -8.03
N PHE QA 153 64.64 -53.71 -8.42
CA PHE QA 153 65.90 -54.05 -7.78
C PHE QA 153 66.92 -52.92 -7.93
N ASP QA 154 67.10 -52.42 -9.15
CA ASP QA 154 68.02 -51.32 -9.39
C ASP QA 154 67.57 -50.05 -8.68
N TYR QA 155 66.26 -49.85 -8.56
CA TYR QA 155 65.78 -48.70 -7.81
C TYR QA 155 66.22 -48.77 -6.35
N VAL QA 156 66.08 -49.95 -5.74
CA VAL QA 156 66.52 -50.12 -4.36
C VAL QA 156 68.02 -49.90 -4.24
N ILE QA 157 68.78 -50.49 -5.17
CA ILE QA 157 70.24 -50.36 -5.13
C ILE QA 157 70.65 -48.90 -5.25
N SER QA 158 69.98 -48.15 -6.13
CA SER QA 158 70.33 -46.76 -6.34
C SER QA 158 69.90 -45.89 -5.16
N ALA QA 159 68.80 -46.26 -4.50
CA ALA QA 159 68.37 -45.51 -3.34
C ALA QA 159 69.27 -45.78 -2.14
N MET QA 160 69.96 -46.92 -2.13
CA MET QA 160 70.97 -47.15 -1.12
C MET QA 160 72.17 -46.23 -1.32
N SER QA 161 72.61 -46.07 -2.56
CA SER QA 161 73.80 -45.27 -2.85
C SER QA 161 73.47 -44.03 -3.68
N SER RA 2 87.06 -17.45 13.25
CA SER RA 2 87.58 -17.83 14.55
C SER RA 2 86.52 -17.66 15.62
N ALA RA 3 86.95 -17.67 16.89
CA ALA RA 3 86.06 -17.28 17.98
C ALA RA 3 85.68 -15.82 17.85
N ILE RA 4 86.62 -14.98 17.41
CA ILE RA 4 86.35 -13.56 17.22
C ILE RA 4 85.36 -13.34 16.09
N THR RA 5 85.51 -14.08 14.99
CA THR RA 5 84.60 -13.96 13.86
C THR RA 5 83.18 -14.37 14.25
N LYS RA 6 83.04 -15.44 15.02
CA LYS RA 6 81.72 -15.85 15.48
C LYS RA 6 81.03 -14.74 16.25
N ALA RA 7 81.76 -14.13 17.18
CA ALA RA 7 81.19 -13.05 17.99
C ALA RA 7 80.83 -11.85 17.14
N ILE RA 8 81.70 -11.48 16.19
CA ILE RA 8 81.41 -10.30 15.37
C ILE RA 8 80.22 -10.54 14.47
N LEU RA 9 80.11 -11.75 13.89
CA LEU RA 9 78.94 -12.04 13.07
C LEU RA 9 77.67 -12.01 13.89
N ASN RA 10 77.71 -12.58 15.10
CA ASN RA 10 76.54 -12.54 15.97
C ASN RA 10 76.16 -11.10 16.32
N ALA RA 11 77.15 -10.27 16.63
CA ALA RA 11 76.86 -8.88 16.98
C ALA RA 11 76.30 -8.12 15.80
N ASP RA 12 76.83 -8.34 14.60
CA ASP RA 12 76.38 -7.55 13.46
C ASP RA 12 75.02 -8.02 12.96
N ALA RA 13 74.70 -9.29 13.14
CA ALA RA 13 73.35 -9.75 12.77
C ALA RA 13 72.28 -8.99 13.54
N GLU RA 14 72.61 -8.51 14.74
CA GLU RA 14 71.74 -7.63 15.50
C GLU RA 14 72.08 -6.15 15.33
N ALA RA 15 73.06 -5.83 14.51
CA ALA RA 15 73.45 -4.46 14.20
C ALA RA 15 73.81 -3.67 15.46
N ARG RA 16 74.72 -4.23 16.24
CA ARG RA 16 75.12 -3.65 17.51
C ARG RA 16 76.61 -3.82 17.71
N TYR RA 17 77.16 -3.06 18.65
CA TYR RA 17 78.52 -3.32 19.10
C TYR RA 17 78.56 -4.60 19.93
N LEU RA 18 79.76 -5.11 20.14
CA LEU RA 18 79.93 -6.33 20.89
C LEU RA 18 79.41 -6.18 22.31
N SER RA 19 78.60 -7.14 22.75
CA SER RA 19 77.99 -7.10 24.07
C SER RA 19 79.00 -7.54 25.13
N PRO RA 20 78.70 -7.27 26.41
CA PRO RA 20 79.62 -7.72 27.46
C PRO RA 20 79.91 -9.22 27.42
N GLY RA 21 78.92 -10.05 27.11
CA GLY RA 21 79.19 -11.48 26.97
C GLY RA 21 80.11 -11.80 25.81
N GLU RA 22 79.89 -11.15 24.66
CA GLU RA 22 80.77 -11.35 23.51
C GLU RA 22 82.17 -10.85 23.81
N ILE RA 23 82.28 -9.73 24.52
CA ILE RA 23 83.59 -9.22 24.92
C ILE RA 23 84.28 -10.22 25.83
N ASP RA 24 83.53 -10.84 26.75
CA ASP RA 24 84.11 -11.84 27.64
C ASP RA 24 84.61 -13.05 26.83
N VAL RA 25 83.85 -13.45 25.82
CA VAL RA 25 84.27 -14.56 24.96
C VAL RA 25 85.58 -14.22 24.24
N VAL RA 26 85.66 -13.02 23.67
CA VAL RA 26 86.85 -12.64 22.93
C VAL RA 26 88.05 -12.52 23.87
N ARG RA 27 87.82 -12.01 25.07
CA ARG RA 27 88.88 -11.91 26.07
C ARG RA 27 89.40 -13.28 26.46
N GLY RA 28 88.49 -14.24 26.67
CA GLY RA 28 88.93 -15.58 27.01
C GLY RA 28 89.73 -16.24 25.90
N TYR RA 29 89.30 -16.04 24.65
CA TYR RA 29 90.06 -16.58 23.52
C TYR RA 29 91.45 -15.97 23.46
N LEU RA 30 91.55 -14.65 23.61
CA LEU RA 30 92.85 -13.99 23.55
C LEU RA 30 93.73 -14.40 24.71
N ALA RA 31 93.11 -14.77 25.85
CA ALA RA 31 93.88 -15.24 26.99
C ALA RA 31 94.35 -16.68 26.79
N SER RA 32 93.58 -17.48 26.05
CA SER RA 32 93.96 -18.86 25.75
C SER RA 32 94.93 -18.97 24.59
N GLY RA 33 95.21 -17.87 23.90
CA GLY RA 33 96.07 -17.91 22.73
C GLY RA 33 97.38 -18.66 22.92
N GLU RA 34 98.06 -18.45 24.06
CA GLU RA 34 99.40 -19.03 24.20
C GLU RA 34 99.35 -20.56 24.33
N ARG RA 35 98.39 -21.08 25.10
CA ARG RA 35 98.26 -22.53 25.18
C ARG RA 35 97.77 -23.10 23.86
N ARG RA 36 96.93 -22.35 23.13
CA ARG RA 36 96.54 -22.79 21.80
C ARG RA 36 97.75 -22.90 20.88
N VAL RA 37 98.65 -21.91 20.95
CA VAL RA 37 99.82 -21.93 20.08
C VAL RA 37 100.71 -23.10 20.43
N ARG RA 38 100.91 -23.38 21.72
CA ARG RA 38 101.81 -24.49 22.04
C ARG RA 38 101.18 -25.84 21.70
N VAL RA 39 99.87 -26.00 21.91
CA VAL RA 39 99.23 -27.24 21.52
C VAL RA 39 99.33 -27.46 20.01
N ALA RA 40 99.02 -26.42 19.23
CA ALA RA 40 99.10 -26.55 17.78
C ALA RA 40 100.52 -26.77 17.32
N ARG RA 41 101.50 -26.15 17.99
CA ARG RA 41 102.90 -26.32 17.62
C ARG RA 41 103.38 -27.74 17.89
N VAL RA 42 102.95 -28.32 19.01
CA VAL RA 42 103.30 -29.71 19.30
C VAL RA 42 102.66 -30.63 18.27
N LEU RA 43 101.39 -30.39 17.93
CA LEU RA 43 100.74 -31.25 16.94
C LEU RA 43 101.37 -31.12 15.57
N SER RA 44 101.81 -29.92 15.20
CA SER RA 44 102.39 -29.71 13.87
C SER RA 44 103.81 -30.26 13.80
N ASP RA 45 104.58 -30.16 14.88
CA ASP RA 45 105.95 -30.63 14.85
C ASP RA 45 106.02 -32.15 14.90
N ASN RA 46 104.92 -32.81 15.27
CA ASN RA 46 104.88 -34.26 15.39
C ASN RA 46 103.95 -34.90 14.38
N ALA RA 47 103.58 -34.18 13.33
CA ALA RA 47 102.51 -34.62 12.45
C ALA RA 47 102.83 -35.95 11.77
N LEU RA 48 104.05 -36.10 11.26
CA LEU RA 48 104.42 -37.33 10.57
C LEU RA 48 104.37 -38.53 11.50
N ARG RA 49 104.93 -38.39 12.70
CA ARG RA 49 104.88 -39.46 13.69
C ARG RA 49 103.45 -39.81 14.07
N ILE RA 50 102.61 -38.79 14.31
CA ILE RA 50 101.24 -39.03 14.71
C ILE RA 50 100.48 -39.78 13.61
N VAL RA 51 100.62 -39.33 12.37
CA VAL RA 51 99.88 -39.97 11.28
C VAL RA 51 100.40 -41.37 11.02
N ARG RA 52 101.71 -41.57 11.14
CA ARG RA 52 102.26 -42.91 10.99
C ARG RA 52 101.67 -43.86 12.04
N GLY RA 53 101.66 -43.43 13.29
CA GLY RA 53 101.09 -44.26 14.34
C GLY RA 53 99.61 -44.51 14.16
N ALA RA 54 98.87 -43.49 13.76
CA ALA RA 54 97.44 -43.64 13.54
C ALA RA 54 97.15 -44.63 12.41
N GLY RA 55 97.89 -44.53 11.31
CA GLY RA 55 97.71 -45.46 10.22
C GLY RA 55 98.04 -46.88 10.61
N ASP RA 56 99.15 -47.06 11.33
CA ASP RA 56 99.50 -48.41 11.80
C ASP RA 56 98.41 -48.99 12.70
N THR RA 57 97.93 -48.19 13.66
CA THR RA 57 96.89 -48.67 14.57
C THR RA 57 95.61 -49.01 13.81
N MET RA 58 95.20 -48.13 12.90
CA MET RA 58 93.97 -48.37 12.15
C MET RA 58 94.07 -49.61 11.28
N PHE RA 59 95.21 -49.83 10.64
CA PHE RA 59 95.32 -50.98 9.76
C PHE RA 59 95.49 -52.27 10.57
N GLN RA 60 96.06 -52.18 11.77
CA GLN RA 60 96.02 -53.32 12.66
C GLN RA 60 94.59 -53.64 13.07
N LYS RA 61 93.80 -52.60 13.35
CA LYS RA 61 92.43 -52.83 13.81
C LYS RA 61 91.52 -53.28 12.67
N ARG RA 62 91.74 -52.73 11.47
CA ARG RA 62 90.90 -53.04 10.31
C ARG RA 62 91.80 -53.48 9.17
N PRO RA 63 92.25 -54.73 9.18
CA PRO RA 63 93.17 -55.18 8.12
C PRO RA 63 92.52 -55.29 6.76
N ASP RA 64 91.20 -55.41 6.70
CA ASP RA 64 90.54 -55.61 5.42
C ASP RA 64 90.64 -54.38 4.53
N LEU RA 65 90.93 -53.21 5.12
CA LEU RA 65 91.09 -52.00 4.30
C LEU RA 65 92.26 -52.15 3.35
N VAL RA 66 93.37 -52.72 3.80
CA VAL RA 66 94.52 -52.97 2.94
C VAL RA 66 94.55 -54.38 2.38
N ALA RA 67 93.55 -55.19 2.68
CA ALA RA 67 93.36 -56.48 2.04
C ALA RA 67 92.76 -56.26 0.65
N PRO RA 68 92.97 -57.20 -0.28
CA PRO RA 68 92.41 -57.02 -1.63
C PRO RA 68 90.89 -56.95 -1.58
N GLY RA 69 90.31 -56.03 -2.35
CA GLY RA 69 88.94 -55.66 -2.20
C GLY RA 69 88.70 -54.57 -1.18
N GLY RA 70 89.71 -54.17 -0.42
CA GLY RA 70 89.58 -53.10 0.54
C GLY RA 70 89.68 -51.73 -0.12
N ASN RA 71 89.11 -50.73 0.54
CA ASN RA 71 89.08 -49.40 -0.03
C ASN RA 71 90.48 -48.82 -0.17
N ALA RA 72 91.34 -49.05 0.82
CA ALA RA 72 92.70 -48.55 0.77
C ALA RA 72 93.70 -49.57 0.24
N TYR RA 73 93.22 -50.64 -0.39
CA TYR RA 73 94.13 -51.66 -0.91
C TYR RA 73 95.03 -51.08 -1.99
N GLY RA 74 96.30 -51.41 -1.91
CA GLY RA 74 97.28 -50.90 -2.85
C GLY RA 74 98.06 -49.74 -2.28
N GLU RA 75 99.27 -49.55 -2.81
CA GLU RA 75 100.16 -48.54 -2.27
C GLU RA 75 99.59 -47.14 -2.44
N VAL RA 76 99.01 -46.86 -3.61
CA VAL RA 76 98.48 -45.53 -3.88
C VAL RA 76 97.28 -45.23 -2.99
N ARG RA 77 96.34 -46.17 -2.92
CA ARG RA 77 95.15 -45.97 -2.11
C ARG RA 77 95.50 -45.88 -0.63
N THR RA 78 96.48 -46.66 -0.17
CA THR RA 78 96.92 -46.56 1.21
C THR RA 78 97.57 -45.21 1.49
N ALA RA 79 98.42 -44.74 0.57
CA ALA RA 79 99.05 -43.44 0.76
C ALA RA 79 98.00 -42.34 0.81
N LYS RA 80 96.94 -42.49 0.02
CA LYS RA 80 95.90 -41.46 0.00
C LYS RA 80 95.04 -41.53 1.27
N CYS RA 81 94.90 -42.74 1.83
CA CYS RA 81 94.32 -42.92 3.16
C CYS RA 81 95.11 -42.16 4.23
N LEU RA 82 96.43 -42.37 4.25
CA LEU RA 82 97.27 -41.65 5.20
C LEU RA 82 97.25 -40.15 4.94
N ARG RA 83 97.08 -39.77 3.68
CA ARG RA 83 96.97 -38.36 3.33
C ARG RA 83 95.70 -37.76 3.93
N ASP RA 84 94.61 -38.50 3.88
CA ASP RA 84 93.37 -38.04 4.53
C ASP RA 84 93.57 -37.87 6.02
N LEU RA 85 94.27 -38.83 6.64
CA LEU RA 85 94.55 -38.71 8.07
C LEU RA 85 95.39 -37.46 8.38
N ASP RA 86 96.41 -37.20 7.57
CA ASP RA 86 97.21 -35.99 7.75
C ASP RA 86 96.38 -34.74 7.55
N TYR RA 87 95.49 -34.75 6.54
CA TYR RA 87 94.55 -33.64 6.36
C TYR RA 87 93.77 -33.36 7.63
N PHE RA 88 93.21 -34.41 8.23
CA PHE RA 88 92.38 -34.23 9.41
C PHE RA 88 93.20 -33.74 10.60
N LEU RA 89 94.46 -34.18 10.70
CA LEU RA 89 95.31 -33.66 11.77
C LEU RA 89 95.57 -32.17 11.58
N ARG RA 90 95.87 -31.75 10.35
CA ARG RA 90 96.09 -30.33 10.11
C ARG RA 90 94.85 -29.52 10.40
N LEU RA 91 93.68 -30.06 10.06
CA LEU RA 91 92.42 -29.39 10.36
C LEU RA 91 92.19 -29.28 11.87
N VAL RA 92 92.57 -30.31 12.62
CA VAL RA 92 92.45 -30.24 14.08
C VAL RA 92 93.38 -29.16 14.63
N THR RA 93 94.58 -29.03 14.08
CA THR RA 93 95.46 -27.94 14.50
C THR RA 93 94.84 -26.58 14.18
N TYR RA 94 94.23 -26.45 13.00
CA TYR RA 94 93.56 -25.20 12.65
C TYR RA 94 92.45 -24.88 13.64
N GLY RA 95 91.62 -25.87 13.97
CA GLY RA 95 90.55 -25.64 14.92
C GLY RA 95 91.04 -25.29 16.30
N VAL RA 96 92.17 -25.88 16.70
CA VAL RA 96 92.77 -25.54 17.99
C VAL RA 96 93.23 -24.09 17.99
N LEU RA 97 93.85 -23.64 16.90
CA LEU RA 97 94.30 -22.26 16.82
C LEU RA 97 93.13 -21.29 16.78
N ALA RA 98 92.11 -21.59 15.98
CA ALA RA 98 91.02 -20.65 15.76
C ALA RA 98 90.12 -20.55 16.98
N GLY RA 99 90.05 -21.60 17.79
CA GLY RA 99 89.14 -21.63 18.89
C GLY RA 99 87.72 -21.99 18.53
N ASP RA 100 87.50 -22.54 17.35
CA ASP RA 100 86.20 -23.03 16.94
C ASP RA 100 86.42 -24.02 15.81
N THR RA 101 85.34 -24.46 15.21
CA THR RA 101 85.41 -25.51 14.21
C THR RA 101 85.09 -25.03 12.80
N SER RA 102 84.94 -23.73 12.59
CA SER RA 102 84.65 -23.24 11.25
C SER RA 102 85.75 -23.55 10.23
N PRO RA 103 87.06 -23.44 10.54
CA PRO RA 103 88.05 -23.88 9.53
C PRO RA 103 87.92 -25.34 9.18
N ILE RA 104 87.66 -26.20 10.17
CA ILE RA 104 87.50 -27.62 9.90
C ILE RA 104 86.32 -27.85 8.98
N ASP RA 105 85.19 -27.21 9.26
CA ASP RA 105 84.00 -27.39 8.44
C ASP RA 105 84.20 -26.86 7.03
N GLU RA 106 84.85 -25.69 6.90
CA GLU RA 106 84.99 -25.10 5.58
C GLU RA 106 85.99 -25.85 4.72
N ILE RA 107 86.96 -26.52 5.36
CA ILE RA 107 87.99 -27.19 4.59
C ILE RA 107 87.74 -28.68 4.51
N GLY RA 108 87.29 -29.30 5.60
CA GLY RA 108 87.27 -30.74 5.62
C GLY RA 108 85.98 -31.48 5.88
N LEU RA 109 84.97 -30.82 6.45
CA LEU RA 109 83.83 -31.57 6.93
C LEU RA 109 82.60 -31.39 6.05
N ILE RA 110 82.43 -30.21 5.45
CA ILE RA 110 81.27 -29.98 4.59
C ILE RA 110 81.50 -30.72 3.29
N GLY RA 111 80.61 -31.66 2.98
CA GLY RA 111 80.71 -32.46 1.79
C GLY RA 111 81.59 -33.69 1.90
N ILE RA 112 82.06 -34.03 3.11
CA ILE RA 112 82.93 -35.20 3.24
C ILE RA 112 82.10 -36.47 3.33
N LYS RA 113 80.87 -36.38 3.86
CA LYS RA 113 80.03 -37.56 3.91
C LYS RA 113 79.62 -38.02 2.53
N GLU RA 114 79.22 -37.09 1.67
CA GLU RA 114 78.90 -37.45 0.29
C GLU RA 114 80.13 -37.96 -0.45
N THR RA 115 81.28 -37.34 -0.21
CA THR RA 115 82.50 -37.77 -0.87
C THR RA 115 82.85 -39.21 -0.51
N TYR RA 116 82.88 -39.52 0.79
CA TYR RA 116 83.20 -40.88 1.20
C TYR RA 116 82.10 -41.88 0.85
N SER RA 117 80.84 -41.43 0.79
CA SER RA 117 79.78 -42.34 0.39
C SER RA 117 79.91 -42.71 -1.08
N LEU RA 118 80.24 -41.75 -1.93
CA LEU RA 118 80.46 -42.08 -3.34
C LEU RA 118 81.71 -42.94 -3.51
N LEU RA 119 82.81 -42.57 -2.86
CA LEU RA 119 84.04 -43.34 -2.98
C LEU RA 119 84.01 -44.64 -2.21
N GLU RA 120 82.98 -44.86 -1.41
CA GLU RA 120 82.84 -46.08 -0.61
C GLU RA 120 83.96 -46.20 0.42
N VAL RA 121 84.45 -45.05 0.87
CA VAL RA 121 85.40 -45.00 1.98
C VAL RA 121 84.63 -45.27 3.27
N PRO RA 122 85.02 -46.27 4.06
CA PRO RA 122 84.23 -46.65 5.24
C PRO RA 122 84.42 -45.68 6.39
N VAL RA 123 83.34 -44.97 6.74
CA VAL RA 123 83.42 -43.97 7.81
C VAL RA 123 83.87 -44.57 9.14
N PRO RA 124 83.42 -45.77 9.55
CA PRO RA 124 84.01 -46.36 10.76
C PRO RA 124 85.53 -46.45 10.73
N GLY RA 125 86.12 -46.83 9.59
CA GLY RA 125 87.56 -46.88 9.51
C GLY RA 125 88.20 -45.51 9.67
N VAL RA 126 87.60 -44.49 9.04
CA VAL RA 126 88.11 -43.13 9.20
C VAL RA 126 88.04 -42.71 10.66
N ILE RA 127 86.97 -43.10 11.35
CA ILE RA 127 86.83 -42.78 12.76
C ILE RA 127 87.90 -43.47 13.58
N ASP RA 128 88.20 -44.74 13.27
CA ASP RA 128 89.26 -45.44 13.99
C ASP RA 128 90.61 -44.76 13.77
N GLY RA 129 90.89 -44.34 12.53
CA GLY RA 129 92.12 -43.63 12.25
C GLY RA 129 92.23 -42.32 13.01
N ILE RA 130 91.12 -41.57 13.06
CA ILE RA 130 91.14 -40.29 13.76
C ILE RA 130 91.26 -40.50 15.27
N LYS RA 131 90.65 -41.55 15.80
CA LYS RA 131 90.81 -41.88 17.21
C LYS RA 131 92.26 -42.24 17.51
N ALA RA 132 92.90 -43.00 16.63
CA ALA RA 132 94.30 -43.34 16.82
C ALA RA 132 95.18 -42.10 16.76
N ALA RA 133 94.86 -41.17 15.85
CA ALA RA 133 95.58 -39.91 15.81
C ALA RA 133 95.40 -39.12 17.10
N LYS RA 134 94.18 -39.12 17.64
CA LYS RA 134 93.91 -38.48 18.91
C LYS RA 134 94.74 -39.08 20.04
N GLN RA 135 94.84 -40.41 20.07
CA GLN RA 135 95.63 -41.06 21.12
C GLN RA 135 97.11 -40.74 20.98
N GLN RA 136 97.63 -40.80 19.75
CA GLN RA 136 99.02 -40.41 19.53
C GLN RA 136 99.27 -38.97 19.95
N ALA RA 137 98.33 -38.08 19.66
CA ALA RA 137 98.47 -36.68 20.06
C ALA RA 137 98.45 -36.54 21.57
N ALA RA 138 97.51 -37.22 22.24
CA ALA RA 138 97.40 -37.12 23.68
C ALA RA 138 98.64 -37.65 24.37
N ALA RA 139 99.33 -38.61 23.73
CA ALA RA 139 100.59 -39.07 24.28
C ALA RA 139 101.63 -37.96 24.29
N LEU RA 140 101.65 -37.12 23.25
CA LEU RA 140 102.69 -36.11 23.13
C LEU RA 140 102.36 -34.86 23.94
N LEU RA 141 101.12 -34.71 24.37
CA LEU RA 141 100.72 -33.54 25.13
C LEU RA 141 100.55 -33.87 26.60
N SER RA 142 100.44 -32.82 27.41
CA SER RA 142 100.01 -32.99 28.80
C SER RA 142 98.51 -33.19 28.85
N SER RA 143 98.00 -33.45 30.05
CA SER RA 143 96.58 -33.74 30.21
C SER RA 143 95.71 -32.57 29.76
N GLU RA 144 96.07 -31.35 30.15
CA GLU RA 144 95.28 -30.18 29.75
C GLU RA 144 95.37 -29.94 28.25
N ASP RA 145 96.59 -30.00 27.70
CA ASP RA 145 96.77 -29.86 26.27
C ASP RA 145 96.09 -31.00 25.52
N ALA RA 146 96.14 -32.20 26.09
CA ALA RA 146 95.46 -33.34 25.47
C ALA RA 146 93.96 -33.10 25.40
N ALA RA 147 93.37 -32.58 26.47
CA ALA RA 147 91.94 -32.29 26.46
C ALA RA 147 91.61 -31.20 25.45
N GLU RA 148 92.44 -30.17 25.37
CA GLU RA 148 92.20 -29.08 24.42
C GLU RA 148 92.20 -29.59 22.99
N ALA RA 149 93.18 -30.42 22.63
CA ALA RA 149 93.18 -31.00 21.29
C ALA RA 149 92.05 -32.01 21.10
N SER RA 150 91.70 -32.72 22.18
CA SER RA 150 90.68 -33.76 22.10
C SER RA 150 89.31 -33.18 21.82
N PHE RA 151 89.04 -31.96 22.27
CA PHE RA 151 87.77 -31.33 21.92
C PHE RA 151 87.56 -31.35 20.41
N TYR RA 152 88.55 -30.92 19.65
CA TYR RA 152 88.41 -30.83 18.20
C TYR RA 152 88.55 -32.21 17.55
N PHE RA 153 89.37 -33.09 18.12
CA PHE RA 153 89.40 -34.47 17.63
C PHE RA 153 88.03 -35.13 17.72
N ASP RA 154 87.37 -35.01 18.88
CA ASP RA 154 86.04 -35.56 19.04
C ASP RA 154 85.02 -34.86 18.16
N TYR RA 155 85.21 -33.56 17.92
CA TYR RA 155 84.31 -32.88 16.99
C TYR RA 155 84.41 -33.49 15.61
N VAL RA 156 85.62 -33.77 15.14
CA VAL RA 156 85.80 -34.37 13.82
C VAL RA 156 85.20 -35.77 13.78
N ILE RA 157 85.44 -36.55 14.84
CA ILE RA 157 84.86 -37.89 14.92
C ILE RA 157 83.34 -37.83 14.88
N SER RA 158 82.75 -36.87 15.60
CA SER RA 158 81.30 -36.79 15.67
C SER RA 158 80.71 -36.32 14.35
N ALA RA 159 81.37 -35.37 13.68
CA ALA RA 159 80.88 -34.92 12.38
C ALA RA 159 80.98 -36.03 11.35
N MET RA 160 82.01 -36.87 11.43
CA MET RA 160 82.09 -38.01 10.54
C MET RA 160 80.94 -38.97 10.77
N SER RA 161 80.58 -39.20 12.03
CA SER RA 161 79.45 -40.05 12.37
C SER RA 161 78.25 -39.22 12.83
N SER SA 2 71.62 -15.82 30.66
CA SER SA 2 72.92 -16.34 31.05
C SER SA 2 73.77 -16.66 29.83
N ALA SA 3 75.09 -16.78 30.05
CA ALA SA 3 75.95 -17.30 29.01
C ALA SA 3 75.59 -18.75 28.67
N ILE SA 4 75.30 -19.54 29.69
CA ILE SA 4 74.88 -20.92 29.50
C ILE SA 4 73.57 -20.98 28.72
N THR SA 5 72.62 -20.12 29.07
CA THR SA 5 71.36 -20.05 28.35
C THR SA 5 71.57 -19.63 26.90
N LYS SA 6 72.45 -18.66 26.67
CA LYS SA 6 72.70 -18.21 25.30
C LYS SA 6 73.28 -19.34 24.46
N ALA SA 7 74.26 -20.07 24.99
CA ALA SA 7 74.87 -21.14 24.24
C ALA SA 7 73.89 -22.29 24.00
N ILE SA 8 73.08 -22.64 25.01
CA ILE SA 8 72.15 -23.74 24.83
C ILE SA 8 71.07 -23.38 23.82
N LEU SA 9 70.59 -22.14 23.85
CA LEU SA 9 69.60 -21.73 22.86
C LEU SA 9 70.19 -21.73 21.46
N ASN SA 10 71.44 -21.29 21.33
CA ASN SA 10 72.08 -21.33 20.02
C ASN SA 10 72.22 -22.76 19.51
N ALA SA 11 72.66 -23.68 20.38
CA ALA SA 11 72.83 -25.07 19.97
C ALA SA 11 71.49 -25.70 19.61
N ASP SA 12 70.46 -25.46 20.43
CA ASP SA 12 69.16 -26.05 20.18
C ASP SA 12 68.54 -25.54 18.89
N ALA SA 13 68.68 -24.23 18.62
CA ALA SA 13 68.16 -23.70 17.36
C ALA SA 13 68.84 -24.34 16.17
N GLU SA 14 70.09 -24.77 16.33
CA GLU SA 14 70.79 -25.52 15.29
C GLU SA 14 70.62 -27.02 15.43
N ALA SA 15 69.96 -27.47 16.50
CA ALA SA 15 69.65 -28.88 16.71
C ALA SA 15 70.92 -29.73 16.81
N ARG SA 16 71.91 -29.24 17.55
CA ARG SA 16 73.17 -29.93 17.70
C ARG SA 16 73.56 -29.96 19.17
N TYR SA 17 74.65 -30.66 19.47
CA TYR SA 17 75.27 -30.55 20.77
C TYR SA 17 76.09 -29.28 20.87
N LEU SA 18 76.55 -28.98 22.07
CA LEU SA 18 77.35 -27.78 22.27
C LEU SA 18 78.69 -27.91 21.56
N SER SA 19 79.03 -26.90 20.77
CA SER SA 19 80.27 -26.89 20.00
C SER SA 19 81.45 -26.61 20.91
N PRO SA 20 82.68 -26.95 20.48
CA PRO SA 20 83.84 -26.67 21.32
C PRO SA 20 83.95 -25.20 21.71
N GLY SA 21 83.58 -24.29 20.82
CA GLY SA 21 83.56 -22.89 21.18
C GLY SA 21 82.57 -22.58 22.28
N GLU SA 22 81.38 -23.18 22.20
CA GLU SA 22 80.36 -22.95 23.24
C GLU SA 22 80.78 -23.59 24.55
N ILE SA 23 81.43 -24.75 24.50
CA ILE SA 23 81.95 -25.36 25.72
C ILE SA 23 83.02 -24.48 26.33
N ASP SA 24 83.86 -23.87 25.49
CA ASP SA 24 84.87 -22.94 25.98
C ASP SA 24 84.22 -21.74 26.64
N VAL SA 25 83.17 -21.20 26.04
CA VAL SA 25 82.45 -20.07 26.62
C VAL SA 25 81.88 -20.44 27.98
N VAL SA 26 81.25 -21.61 28.07
CA VAL SA 26 80.63 -22.04 29.32
C VAL SA 26 81.69 -22.26 30.39
N ARG SA 27 82.82 -22.86 30.01
CA ARG SA 27 83.91 -23.12 30.95
C ARG SA 27 84.49 -21.81 31.47
N GLY SA 28 84.66 -20.83 30.59
CA GLY SA 28 85.14 -19.53 31.03
C GLY SA 28 84.18 -18.83 31.97
N TYR SA 29 82.88 -18.93 31.69
CA TYR SA 29 81.90 -18.34 32.60
C TYR SA 29 81.94 -19.02 33.97
N LEU SA 30 82.01 -20.35 33.98
CA LEU SA 30 82.08 -21.06 35.25
C LEU SA 30 83.36 -20.72 36.01
N ALA SA 31 84.43 -20.41 35.27
CA ALA SA 31 85.66 -19.99 35.91
C ALA SA 31 85.56 -18.58 36.48
N SER SA 32 84.81 -17.71 35.82
CA SER SA 32 84.59 -16.35 36.31
C SER SA 32 83.63 -16.29 37.48
N GLY SA 33 82.88 -17.37 37.70
CA GLY SA 33 81.86 -17.38 38.75
C GLY SA 33 82.22 -16.69 40.04
N GLU SA 34 83.44 -16.92 40.55
CA GLU SA 34 83.77 -16.40 41.88
C GLU SA 34 84.01 -14.89 41.88
N ARG SA 35 84.72 -14.36 40.88
CA ARG SA 35 84.86 -12.91 40.81
C ARG SA 35 83.53 -12.24 40.48
N ARG SA 36 82.68 -12.92 39.71
CA ARG SA 36 81.33 -12.38 39.50
C ARG SA 36 80.56 -12.30 40.81
N VAL SA 37 80.65 -13.34 41.63
CA VAL SA 37 79.92 -13.34 42.90
C VAL SA 37 80.47 -12.26 43.83
N ARG SA 38 81.79 -12.09 43.85
CA ARG SA 38 82.37 -11.07 44.70
C ARG SA 38 81.92 -9.67 44.29
N VAL SA 39 81.94 -9.38 42.98
CA VAL SA 39 81.52 -8.08 42.50
C VAL SA 39 80.05 -7.84 42.78
N ALA SA 40 79.21 -8.85 42.54
CA ALA SA 40 77.78 -8.72 42.80
C ALA SA 40 77.50 -8.53 44.28
N ARG SA 41 78.24 -9.23 45.13
CA ARG SA 41 78.05 -9.09 46.57
C ARG SA 41 78.41 -7.69 47.03
N VAL SA 42 79.52 -7.14 46.54
CA VAL SA 42 79.89 -5.78 46.91
C VAL SA 42 78.84 -4.79 46.44
N LEU SA 43 78.35 -4.96 45.20
CA LEU SA 43 77.35 -4.03 44.70
C LEU SA 43 76.04 -4.14 45.47
N SER SA 44 75.68 -5.36 45.91
CA SER SA 44 74.43 -5.54 46.63
C SER SA 44 74.51 -4.97 48.04
N ASP SA 45 75.63 -5.19 48.73
CA ASP SA 45 75.73 -4.75 50.12
C ASP SA 45 75.75 -3.23 50.22
N ASN SA 46 76.10 -2.55 49.14
CA ASN SA 46 76.21 -1.09 49.12
C ASN SA 46 75.15 -0.45 48.25
N ALA SA 47 74.01 -1.11 48.08
CA ALA SA 47 72.98 -0.58 47.20
C ALA SA 47 72.44 0.76 47.69
N LEU SA 48 72.19 0.88 48.99
CA LEU SA 48 71.63 2.12 49.52
C LEU SA 48 72.58 3.29 49.32
N ARG SA 49 73.86 3.11 49.64
CA ARG SA 49 74.80 4.22 49.52
C ARG SA 49 75.04 4.57 48.05
N ILE SA 50 75.09 3.57 47.16
CA ILE SA 50 75.26 3.86 45.75
C ILE SA 50 74.07 4.64 45.22
N VAL SA 51 72.85 4.23 45.58
CA VAL SA 51 71.67 4.89 45.05
C VAL SA 51 71.55 6.30 45.61
N ARG SA 52 71.85 6.48 46.90
CA ARG SA 52 71.85 7.82 47.48
C ARG SA 52 72.86 8.73 46.79
N GLY SA 53 74.09 8.24 46.60
CA GLY SA 53 75.09 9.04 45.94
C GLY SA 53 74.70 9.40 44.53
N ALA SA 54 74.20 8.43 43.77
CA ALA SA 54 73.80 8.69 42.39
C ALA SA 54 72.66 9.69 42.32
N GLY SA 55 71.66 9.54 43.18
CA GLY SA 55 70.56 10.49 43.19
C GLY SA 55 71.00 11.89 43.54
N ASP SA 56 71.84 12.02 44.57
CA ASP SA 56 72.35 13.34 44.93
C ASP SA 56 73.14 13.96 43.79
N THR SA 57 74.00 13.17 43.14
CA THR SA 57 74.80 13.70 42.05
C THR SA 57 73.94 14.14 40.88
N MET SA 58 72.98 13.31 40.49
CA MET SA 58 72.12 13.65 39.35
C MET SA 58 71.27 14.87 39.65
N PHE SA 59 70.76 14.98 40.88
CA PHE SA 59 69.90 16.13 41.18
C PHE SA 59 70.71 17.40 41.33
N GLN SA 60 71.97 17.29 41.75
CA GLN SA 60 72.84 18.47 41.73
C GLN SA 60 73.16 18.88 40.30
N LYS SA 61 73.35 17.90 39.42
CA LYS SA 61 73.70 18.21 38.04
C LYS SA 61 72.52 18.80 37.29
N ARG SA 62 71.32 18.28 37.54
CA ARG SA 62 70.10 18.76 36.88
C ARG SA 62 69.08 19.11 37.95
N PRO SA 63 69.19 20.29 38.55
CA PRO SA 63 68.24 20.67 39.60
C PRO SA 63 66.82 20.83 39.11
N ASP SA 64 66.62 20.96 37.79
CA ASP SA 64 65.27 21.23 37.28
C ASP SA 64 64.33 20.06 37.48
N LEU SA 65 64.87 18.84 37.54
CA LEU SA 65 64.02 17.66 37.66
C LEU SA 65 63.21 17.69 38.95
N VAL SA 66 63.84 18.07 40.06
CA VAL SA 66 63.14 18.18 41.33
C VAL SA 66 62.55 19.56 41.56
N ALA SA 67 62.91 20.54 40.73
CA ALA SA 67 62.27 21.84 40.75
C ALA SA 67 60.85 21.74 40.22
N PRO SA 68 59.97 22.67 40.61
CA PRO SA 68 58.59 22.64 40.10
C PRO SA 68 58.55 22.62 38.58
N GLY SA 69 57.69 21.78 38.04
CA GLY SA 69 57.62 21.56 36.61
C GLY SA 69 58.55 20.49 36.10
N GLY SA 70 59.40 19.93 36.95
CA GLY SA 70 60.27 18.86 36.53
C GLY SA 70 59.56 17.52 36.53
N ASN SA 71 60.19 16.55 35.84
CA ASN SA 71 59.60 15.22 35.76
C ASN SA 71 59.64 14.50 37.10
N ALA SA 72 60.58 14.87 37.97
CA ALA SA 72 60.71 14.23 39.26
C ALA SA 72 60.26 15.12 40.41
N TYR SA 73 59.46 16.14 40.14
CA TYR SA 73 59.04 17.06 41.21
C TYR SA 73 58.02 16.40 42.12
N GLY SA 74 58.26 16.50 43.41
CA GLY SA 74 57.37 15.93 44.40
C GLY SA 74 57.99 14.75 45.13
N GLU SA 75 57.37 14.38 46.25
CA GLU SA 75 57.86 13.25 47.03
C GLU SA 75 57.71 11.95 46.26
N VAL SA 76 56.54 11.71 45.68
CA VAL SA 76 56.27 10.44 45.01
C VAL SA 76 57.10 10.29 43.75
N ARG SA 77 57.25 11.36 42.98
CA ARG SA 77 58.03 11.27 41.75
C ARG SA 77 59.51 11.13 42.03
N THR SA 78 60.02 11.82 43.05
CA THR SA 78 61.41 11.62 43.44
C THR SA 78 61.63 10.21 43.97
N ALA SA 79 60.64 9.66 44.67
CA ALA SA 79 60.72 8.29 45.13
C ALA SA 79 60.76 7.31 43.96
N LYS SA 80 59.94 7.55 42.93
CA LYS SA 80 59.98 6.69 41.75
C LYS SA 80 61.32 6.80 41.04
N CYS SA 81 61.89 8.00 41.00
CA CYS SA 81 63.21 8.17 40.39
C CYS SA 81 64.28 7.38 41.14
N LEU SA 82 64.31 7.51 42.47
CA LEU SA 82 65.29 6.76 43.24
C LEU SA 82 65.03 5.26 43.15
N ARG SA 83 63.76 4.88 43.04
CA ARG SA 83 63.41 3.48 42.86
C ARG SA 83 63.91 2.95 41.52
N ASP SA 84 63.88 3.79 40.49
CA ASP SA 84 64.42 3.40 39.19
C ASP SA 84 65.93 3.25 39.24
N LEU SA 85 66.61 4.14 39.96
CA LEU SA 85 68.05 3.97 40.14
C LEU SA 85 68.37 2.68 40.87
N ASP SA 86 67.61 2.38 41.92
CA ASP SA 86 67.78 1.12 42.62
C ASP SA 86 67.51 -0.07 41.69
N TYR SA 87 66.48 0.03 40.86
CA TYR SA 87 66.17 -1.03 39.90
C TYR SA 87 67.32 -1.27 38.97
N PHE SA 88 67.95 -0.21 38.48
CA PHE SA 88 69.00 -0.39 37.50
C PHE SA 88 70.28 -0.90 38.14
N LEU SA 89 70.55 -0.52 39.38
CA LEU SA 89 71.67 -1.12 40.10
C LEU SA 89 71.45 -2.61 40.30
N ARG SA 90 70.23 -3.00 40.66
CA ARG SA 90 69.93 -4.42 40.84
C ARG SA 90 70.04 -5.17 39.52
N LEU SA 91 69.63 -4.54 38.42
CA LEU SA 91 69.78 -5.17 37.11
C LEU SA 91 71.25 -5.34 36.76
N VAL SA 92 72.08 -4.36 37.10
CA VAL SA 92 73.51 -4.48 36.85
C VAL SA 92 74.09 -5.66 37.63
N THR SA 93 73.67 -5.83 38.89
CA THR SA 93 74.13 -6.98 39.66
C THR SA 93 73.67 -8.28 39.01
N TYR SA 94 72.44 -8.33 38.51
CA TYR SA 94 71.96 -9.51 37.82
C TYR SA 94 72.79 -9.82 36.59
N GLY SA 95 73.15 -8.79 35.82
CA GLY SA 95 73.98 -9.01 34.65
C GLY SA 95 75.38 -9.48 35.01
N VAL SA 96 75.95 -8.94 36.08
CA VAL SA 96 77.25 -9.38 36.54
C VAL SA 96 77.21 -10.86 36.92
N LEU SA 97 76.16 -11.27 37.63
CA LEU SA 97 76.04 -12.67 38.01
C LEU SA 97 75.82 -13.57 36.80
N ALA SA 98 74.92 -13.18 35.90
CA ALA SA 98 74.55 -14.05 34.79
C ALA SA 98 75.63 -14.08 33.72
N GLY SA 99 76.52 -13.10 33.73
CA GLY SA 99 77.54 -13.03 32.72
C GLY SA 99 77.07 -12.56 31.36
N ASP SA 100 75.82 -12.12 31.25
CA ASP SA 100 75.31 -11.54 30.02
C ASP SA 100 74.25 -10.51 30.36
N THR SA 101 73.67 -9.93 29.33
CA THR SA 101 72.70 -8.85 29.49
C THR SA 101 71.26 -9.31 29.42
N SER SA 102 71.00 -10.61 29.29
CA SER SA 102 69.62 -11.06 29.15
C SER SA 102 68.73 -10.68 30.34
N PRO SA 103 69.14 -10.84 31.61
CA PRO SA 103 68.26 -10.36 32.69
C PRO SA 103 67.98 -8.87 32.63
N ILE SA 104 68.99 -8.07 32.27
CA ILE SA 104 68.81 -6.63 32.19
C ILE SA 104 67.80 -6.29 31.12
N ASP SA 105 67.91 -6.92 29.95
CA ASP SA 105 66.98 -6.62 28.87
C ASP SA 105 65.57 -7.07 29.20
N GLU SA 106 65.43 -8.28 29.76
CA GLU SA 106 64.10 -8.78 30.06
C GLU SA 106 63.41 -7.96 31.13
N ILE SA 107 64.14 -7.54 32.15
CA ILE SA 107 63.48 -6.93 33.30
C ILE SA 107 63.32 -5.42 33.11
N GLY SA 108 64.38 -4.74 32.68
CA GLY SA 108 64.29 -3.30 32.74
C GLY SA 108 64.68 -2.47 31.54
N LEU SA 109 65.10 -3.08 30.44
CA LEU SA 109 65.52 -2.31 29.28
C LEU SA 109 64.58 -2.41 28.10
N ILE SA 110 63.90 -3.53 27.91
CA ILE SA 110 62.93 -3.68 26.84
C ILE SA 110 61.68 -2.91 27.27
N GLY SA 111 61.31 -1.91 26.48
CA GLY SA 111 60.18 -1.07 26.81
C GLY SA 111 60.50 0.13 27.67
N ILE SA 112 61.73 0.29 28.14
CA ILE SA 112 62.06 1.45 28.96
C ILE SA 112 62.09 2.70 28.10
N LYS SA 113 62.45 2.55 26.83
CA LYS SA 113 62.45 3.68 25.91
C LYS SA 113 61.04 4.23 25.72
N GLU SA 114 60.09 3.37 25.37
CA GLU SA 114 58.72 3.81 25.19
C GLU SA 114 58.11 4.29 26.50
N THR SA 115 58.43 3.61 27.60
CA THR SA 115 57.93 4.02 28.90
C THR SA 115 58.37 5.44 29.24
N TYR SA 116 59.66 5.71 29.14
CA TYR SA 116 60.17 7.02 29.54
C TYR SA 116 59.77 8.07 28.53
N SER SA 117 59.54 7.69 27.28
CA SER SA 117 59.04 8.63 26.30
C SER SA 117 57.61 9.05 26.61
N LEU SA 118 56.74 8.09 26.90
CA LEU SA 118 55.36 8.42 27.23
C LEU SA 118 55.28 9.26 28.50
N LEU SA 119 56.09 8.93 29.50
CA LEU SA 119 56.05 9.64 30.77
C LEU SA 119 56.86 10.92 30.74
N GLU SA 120 57.51 11.23 29.61
CA GLU SA 120 58.35 12.42 29.48
C GLU SA 120 59.49 12.41 30.49
N VAL SA 121 59.99 11.22 30.79
CA VAL SA 121 61.16 11.05 31.65
C VAL SA 121 62.39 11.40 30.81
N PRO SA 122 63.19 12.38 31.23
CA PRO SA 122 64.35 12.79 30.42
C PRO SA 122 65.46 11.75 30.46
N VAL SA 123 65.70 11.12 29.31
CA VAL SA 123 66.74 10.09 29.23
C VAL SA 123 68.11 10.63 29.59
N PRO SA 124 68.52 11.84 29.17
CA PRO SA 124 69.81 12.36 29.65
C PRO SA 124 69.93 12.41 31.16
N GLY SA 125 68.86 12.74 31.88
CA GLY SA 125 68.92 12.73 33.33
C GLY SA 125 69.09 11.33 33.88
N VAL SA 126 68.40 10.35 33.29
CA VAL SA 126 68.58 8.96 33.70
C VAL SA 126 70.01 8.51 33.46
N ILE SA 127 70.59 8.91 32.33
CA ILE SA 127 71.95 8.54 32.01
C ILE SA 127 72.92 9.20 32.98
N ASP SA 128 72.65 10.44 33.37
CA ASP SA 128 73.48 11.09 34.39
C ASP SA 128 73.42 10.32 35.70
N GLY SA 129 72.22 9.89 36.10
CA GLY SA 129 72.10 9.12 37.32
C GLY SA 129 72.82 7.79 37.27
N ILE SA 130 72.74 7.10 36.13
CA ILE SA 130 73.37 5.79 36.02
C ILE SA 130 74.88 5.93 35.93
N LYS SA 131 75.37 6.98 35.30
CA LYS SA 131 76.80 7.26 35.31
C LYS SA 131 77.29 7.58 36.71
N ALA SA 132 76.48 8.32 37.47
CA ALA SA 132 76.81 8.58 38.87
C ALA SA 132 76.88 7.28 39.66
N ALA SA 133 75.92 6.38 39.43
CA ALA SA 133 75.95 5.07 40.07
C ALA SA 133 77.18 4.28 39.67
N LYS SA 134 77.58 4.37 38.40
CA LYS SA 134 78.79 3.69 37.95
C LYS SA 134 80.01 4.18 38.70
N GLN SA 135 80.13 5.50 38.86
CA GLN SA 135 81.27 6.05 39.60
C GLN SA 135 81.22 5.63 41.07
N GLN SA 136 80.05 5.70 41.68
CA GLN SA 136 79.90 5.27 43.08
C GLN SA 136 80.30 3.82 43.25
N ALA SA 137 79.93 2.97 42.30
CA ALA SA 137 80.26 1.56 42.38
C ALA SA 137 81.76 1.33 42.17
N ALA SA 138 82.35 2.02 41.19
CA ALA SA 138 83.77 1.86 40.92
C ALA SA 138 84.61 2.31 42.11
N ALA SA 139 84.10 3.28 42.87
CA ALA SA 139 84.79 3.68 44.09
C ALA SA 139 84.87 2.52 45.08
N LEU SA 140 83.85 1.66 45.11
CA LEU SA 140 83.80 0.58 46.09
C LEU SA 140 84.44 -0.70 45.56
N LEU SA 141 84.83 -0.69 44.28
CA LEU SA 141 85.40 -1.88 43.67
C LEU SA 141 86.87 -1.68 43.36
N SER SA 142 87.59 -2.80 43.27
CA SER SA 142 88.94 -2.76 42.74
C SER SA 142 88.89 -2.51 41.23
N SER SA 143 90.05 -2.18 40.66
CA SER SA 143 90.09 -1.76 39.27
C SER SA 143 89.58 -2.84 38.33
N GLU SA 144 89.98 -4.10 38.56
CA GLU SA 144 89.45 -5.20 37.76
C GLU SA 144 87.96 -5.39 37.98
N ASP SA 145 87.53 -5.39 39.24
CA ASP SA 145 86.11 -5.50 39.55
C ASP SA 145 85.34 -4.30 39.01
N ALA SA 146 85.94 -3.10 39.10
CA ALA SA 146 85.30 -1.91 38.56
C ALA SA 146 85.12 -2.03 37.06
N ALA SA 147 86.11 -2.57 36.36
CA ALA SA 147 85.95 -2.78 34.91
C ALA SA 147 84.83 -3.76 34.62
N GLU SA 148 84.77 -4.85 35.39
CA GLU SA 148 83.69 -5.82 35.17
C GLU SA 148 82.32 -5.19 35.35
N ALA SA 149 82.13 -4.42 36.41
CA ALA SA 149 80.82 -3.82 36.63
C ALA SA 149 80.55 -2.70 35.63
N SER SA 150 81.60 -1.98 35.24
CA SER SA 150 81.44 -0.89 34.30
C SER SA 150 81.00 -1.40 32.94
N PHE SA 151 81.32 -2.66 32.62
CA PHE SA 151 80.79 -3.23 31.39
C PHE SA 151 79.27 -3.15 31.36
N TYR SA 152 78.60 -3.59 32.43
CA TYR SA 152 77.15 -3.62 32.43
C TYR SA 152 76.57 -2.22 32.67
N PHE SA 153 77.25 -1.39 33.45
CA PHE SA 153 76.82 0.00 33.57
C PHE SA 153 76.83 0.70 32.21
N ASP SA 154 77.90 0.53 31.45
CA ASP SA 154 77.99 1.12 30.12
C ASP SA 154 76.98 0.51 29.18
N TYR SA 155 76.70 -0.79 29.33
CA TYR SA 155 75.66 -1.39 28.52
C TYR SA 155 74.31 -0.72 28.76
N VAL SA 156 73.96 -0.50 30.02
CA VAL SA 156 72.68 0.14 30.33
C VAL SA 156 72.65 1.57 29.79
N ILE SA 157 73.75 2.30 29.98
CA ILE SA 157 73.81 3.67 29.49
C ILE SA 157 73.63 3.71 27.97
N SER SA 158 74.32 2.81 27.26
CA SER SA 158 74.24 2.80 25.81
C SER SA 158 72.88 2.37 25.32
N ALA SA 159 72.22 1.47 26.05
CA ALA SA 159 70.89 1.04 25.67
C ALA SA 159 69.88 2.16 25.87
N MET SA 160 70.11 3.03 26.86
CA MET SA 160 69.26 4.20 27.00
C MET SA 160 69.39 5.13 25.80
N SER SA 161 70.61 5.38 25.36
CA SER SA 161 70.86 6.27 24.24
C SER SA 161 70.63 5.55 22.91
N SER TA 2 50.02 14.06 -3.10
CA SER TA 2 48.90 14.89 -2.68
C SER TA 2 47.68 14.04 -2.42
N ALA TA 3 46.51 14.67 -2.36
CA ALA TA 3 45.27 13.92 -2.25
C ALA TA 3 45.02 13.09 -3.50
N ILE TA 4 45.49 13.58 -4.65
CA ILE TA 4 45.36 12.82 -5.89
C ILE TA 4 46.24 11.58 -5.87
N THR TA 5 47.47 11.74 -5.37
CA THR TA 5 48.42 10.63 -5.36
C THR TA 5 47.93 9.49 -4.50
N LYS TA 6 47.29 9.79 -3.37
CA LYS TA 6 46.76 8.75 -2.51
C LYS TA 6 45.69 7.93 -3.22
N ALA TA 7 44.77 8.62 -3.91
CA ALA TA 7 43.74 7.92 -4.66
C ALA TA 7 44.32 7.08 -5.79
N ILE TA 8 45.29 7.63 -6.52
CA ILE TA 8 45.89 6.91 -7.63
C ILE TA 8 46.67 5.70 -7.12
N LEU TA 9 47.34 5.84 -5.98
CA LEU TA 9 48.04 4.72 -5.37
C LEU TA 9 47.07 3.62 -4.98
N ASN TA 10 45.92 4.00 -4.40
CA ASN TA 10 44.92 2.99 -4.06
C ASN TA 10 44.42 2.27 -5.30
N ALA TA 11 44.16 3.01 -6.39
CA ALA TA 11 43.71 2.38 -7.62
C ALA TA 11 44.79 1.47 -8.19
N ASP TA 12 46.05 1.91 -8.15
CA ASP TA 12 47.14 1.14 -8.71
C ASP TA 12 47.37 -0.15 -7.93
N ALA TA 13 47.21 -0.10 -6.61
CA ALA TA 13 47.43 -1.29 -5.79
C ALA TA 13 46.48 -2.41 -6.18
N GLU TA 14 45.22 -2.09 -6.43
CA GLU TA 14 44.23 -3.06 -6.85
C GLU TA 14 44.24 -3.31 -8.35
N ALA TA 15 45.10 -2.61 -9.09
CA ALA TA 15 45.25 -2.81 -10.53
C ALA TA 15 43.92 -2.60 -11.26
N ARG TA 16 43.36 -1.40 -11.11
CA ARG TA 16 42.05 -1.08 -11.63
C ARG TA 16 41.95 0.42 -11.87
N TYR TA 17 40.93 0.81 -12.62
CA TYR TA 17 40.67 2.22 -12.81
C TYR TA 17 40.15 2.85 -11.53
N LEU TA 18 40.12 4.18 -11.50
CA LEU TA 18 39.63 4.90 -10.34
C LEU TA 18 38.17 4.56 -10.07
N SER TA 19 37.87 4.25 -8.82
CA SER TA 19 36.51 3.91 -8.40
C SER TA 19 35.71 5.19 -8.15
N PRO TA 20 34.39 5.07 -8.03
CA PRO TA 20 33.60 6.27 -7.73
C PRO TA 20 34.04 7.00 -6.47
N GLY TA 21 34.45 6.28 -5.44
CA GLY TA 21 34.90 6.93 -4.21
C GLY TA 21 36.15 7.76 -4.41
N GLU TA 22 37.13 7.23 -5.15
CA GLU TA 22 38.36 7.98 -5.40
C GLU TA 22 38.09 9.18 -6.31
N ILE TA 23 37.16 9.02 -7.25
CA ILE TA 23 36.75 10.17 -8.05
C ILE TA 23 36.12 11.23 -7.18
N ASP TA 24 35.31 10.81 -6.20
CA ASP TA 24 34.70 11.77 -5.27
C ASP TA 24 35.76 12.48 -4.45
N VAL TA 25 36.77 11.75 -3.99
CA VAL TA 25 37.87 12.36 -3.25
C VAL TA 25 38.59 13.39 -4.08
N VAL TA 26 38.87 13.05 -5.35
CA VAL TA 26 39.58 13.98 -6.21
C VAL TA 26 38.73 15.22 -6.48
N ARG TA 27 37.44 15.03 -6.73
CA ARG TA 27 36.55 16.17 -6.95
C ARG TA 27 36.51 17.07 -5.73
N GLY TA 28 36.43 16.49 -4.53
CA GLY TA 28 36.44 17.29 -3.32
C GLY TA 28 37.72 18.09 -3.17
N TYR TA 29 38.87 17.47 -3.44
CA TYR TA 29 40.14 18.17 -3.33
C TYR TA 29 40.22 19.32 -4.33
N LEU TA 30 39.79 19.08 -5.57
CA LEU TA 30 39.83 20.14 -6.58
C LEU TA 30 38.86 21.26 -6.23
N ALA TA 31 37.74 20.93 -5.59
CA ALA TA 31 36.80 21.96 -5.15
C ALA TA 31 37.39 22.78 -4.01
N SER TA 32 38.16 22.13 -3.14
CA SER TA 32 38.77 22.81 -2.00
C SER TA 32 40.04 23.57 -2.36
N GLY TA 33 40.54 23.42 -3.59
CA GLY TA 33 41.82 23.99 -3.95
C GLY TA 33 41.96 25.48 -3.70
N GLU TA 34 40.92 26.26 -4.02
CA GLU TA 34 41.04 27.71 -3.88
C GLU TA 34 41.11 28.14 -2.42
N ARG TA 35 40.31 27.52 -1.56
CA ARG TA 35 40.45 27.75 -0.13
C ARG TA 35 41.83 27.35 0.37
N ARG TA 36 42.33 26.22 -0.14
CA ARG TA 36 43.67 25.77 0.24
C ARG TA 36 44.72 26.81 -0.12
N VAL TA 37 44.62 27.37 -1.33
CA VAL TA 37 45.60 28.34 -1.78
C VAL TA 37 45.50 29.61 -0.93
N ARG TA 38 44.28 30.03 -0.59
CA ARG TA 38 44.12 31.18 0.29
C ARG TA 38 44.80 30.96 1.64
N VAL TA 39 44.55 29.80 2.26
CA VAL TA 39 45.13 29.52 3.57
C VAL TA 39 46.65 29.46 3.49
N ALA TA 40 47.17 28.78 2.46
CA ALA TA 40 48.61 28.67 2.31
C ALA TA 40 49.24 30.03 2.07
N ARG TA 41 48.57 30.89 1.30
CA ARG TA 41 49.13 32.20 1.02
C ARG TA 41 49.18 33.06 2.27
N VAL TA 42 48.11 33.06 3.05
CA VAL TA 42 48.13 33.86 4.27
C VAL TA 42 49.16 33.31 5.26
N LEU TA 43 49.32 31.99 5.33
CA LEU TA 43 50.36 31.43 6.18
C LEU TA 43 51.75 31.80 5.70
N SER TA 44 51.97 31.79 4.39
CA SER TA 44 53.30 32.11 3.85
C SER TA 44 53.65 33.56 4.08
N ASP TA 45 52.72 34.48 3.83
CA ASP TA 45 53.06 35.90 3.87
C ASP TA 45 53.47 36.35 5.27
N ASN TA 46 53.01 35.64 6.30
CA ASN TA 46 53.23 36.04 7.67
C ASN TA 46 54.17 35.10 8.42
N ALA TA 47 54.92 34.26 7.71
CA ALA TA 47 55.73 33.23 8.35
C ALA TA 47 56.64 33.80 9.43
N LEU TA 48 57.24 34.96 9.17
CA LEU TA 48 58.15 35.58 10.12
C LEU TA 48 57.49 35.77 11.48
N ARG TA 49 56.26 36.29 11.49
CA ARG TA 49 55.63 36.65 12.75
C ARG TA 49 55.17 35.43 13.53
N ILE TA 50 54.67 34.40 12.83
CA ILE TA 50 54.36 33.14 13.52
C ILE TA 50 55.62 32.55 14.13
N VAL TA 51 56.71 32.52 13.36
CA VAL TA 51 57.95 31.94 13.89
C VAL TA 51 58.41 32.70 15.11
N ARG TA 52 58.42 34.04 15.04
CA ARG TA 52 58.86 34.83 16.18
C ARG TA 52 57.99 34.62 17.41
N GLY TA 53 56.67 34.68 17.24
CA GLY TA 53 55.77 34.52 18.38
C GLY TA 53 55.86 33.14 19.00
N ALA TA 54 55.88 32.10 18.17
CA ALA TA 54 55.97 30.74 18.68
C ALA TA 54 57.29 30.49 19.40
N GLY TA 55 58.40 30.97 18.82
CA GLY TA 55 59.67 30.82 19.48
C GLY TA 55 59.70 31.52 20.83
N ASP TA 56 59.18 32.75 20.87
CA ASP TA 56 59.10 33.46 22.14
C ASP TA 56 58.31 32.66 23.18
N THR TA 57 57.11 32.22 22.81
CA THR TA 57 56.25 31.52 23.76
C THR TA 57 56.91 30.24 24.26
N MET TA 58 57.54 29.49 23.34
CA MET TA 58 58.25 28.28 23.74
C MET TA 58 59.39 28.60 24.70
N PHE TA 59 60.11 29.68 24.45
CA PHE TA 59 61.22 30.04 25.32
C PHE TA 59 60.73 30.41 26.72
N GLN TA 60 59.65 31.18 26.81
CA GLN TA 60 59.17 31.55 28.15
C GLN TA 60 58.56 30.36 28.87
N LYS TA 61 57.91 29.46 28.14
CA LYS TA 61 57.24 28.33 28.79
C LYS TA 61 58.23 27.42 29.50
N ARG TA 62 59.42 27.28 28.93
CA ARG TA 62 60.49 26.49 29.55
C ARG TA 62 61.83 27.19 29.36
N PRO TA 63 62.32 27.94 30.36
CA PRO TA 63 63.60 28.64 30.19
C PRO TA 63 64.80 27.72 30.10
N ASP TA 64 64.66 26.47 30.55
CA ASP TA 64 65.81 25.57 30.60
C ASP TA 64 66.35 25.27 29.21
N LEU TA 65 65.55 25.45 28.16
CA LEU TA 65 66.02 25.23 26.82
C LEU TA 65 67.15 26.19 26.46
N VAL TA 66 66.97 27.49 26.77
CA VAL TA 66 67.98 28.49 26.47
C VAL TA 66 68.90 28.76 27.65
N ALA TA 67 68.70 28.09 28.77
CA ALA TA 67 69.59 28.21 29.91
C ALA TA 67 70.89 27.44 29.64
N PRO TA 68 71.98 27.79 30.33
CA PRO TA 68 73.23 27.06 30.15
C PRO TA 68 73.06 25.58 30.46
N GLY TA 69 73.70 24.74 29.64
CA GLY TA 69 73.47 23.31 29.70
C GLY TA 69 72.27 22.85 28.89
N GLY TA 70 71.49 23.77 28.33
CA GLY TA 70 70.36 23.39 27.52
C GLY TA 70 70.74 23.18 26.07
N ASN TA 71 69.84 22.50 25.35
CA ASN TA 71 70.10 22.17 23.95
C ASN TA 71 70.17 23.44 23.11
N ALA TA 72 69.28 24.40 23.35
CA ALA TA 72 69.25 25.62 22.58
C ALA TA 72 70.09 26.74 23.18
N TYR TA 73 70.88 26.45 24.21
CA TYR TA 73 71.74 27.47 24.79
C TYR TA 73 72.77 27.95 23.79
N GLY TA 74 72.85 29.27 23.64
CA GLY TA 74 73.76 29.88 22.68
C GLY TA 74 73.02 30.47 21.50
N GLU TA 75 73.72 31.37 20.79
CA GLU TA 75 73.10 32.09 19.69
C GLU TA 75 72.87 31.19 18.48
N VAL TA 76 73.89 30.41 18.10
CA VAL TA 76 73.79 29.57 16.92
C VAL TA 76 72.69 28.52 17.09
N ARG TA 77 72.60 27.95 18.29
CA ARG TA 77 71.60 26.91 18.52
C ARG TA 77 70.19 27.48 18.52
N THR TA 78 70.01 28.73 18.98
CA THR TA 78 68.71 29.37 18.85
C THR TA 78 68.39 29.69 17.39
N ALA TA 79 69.41 30.06 16.62
CA ALA TA 79 69.17 30.28 15.19
C ALA TA 79 68.68 28.99 14.53
N LYS TA 80 69.29 27.86 14.88
CA LYS TA 80 68.82 26.58 14.36
C LYS TA 80 67.44 26.24 14.89
N CYS TA 81 67.14 26.65 16.13
CA CYS TA 81 65.80 26.43 16.69
C CYS TA 81 64.72 27.14 15.88
N LEU TA 82 64.90 28.44 15.64
CA LEU TA 82 63.93 29.16 14.83
C LEU TA 82 63.95 28.69 13.38
N ARG TA 83 65.08 28.18 12.90
CA ARG TA 83 65.11 27.59 11.58
C ARG TA 83 64.24 26.34 11.51
N ASP TA 84 64.27 25.52 12.56
CA ASP TA 84 63.40 24.35 12.61
C ASP TA 84 61.94 24.76 12.68
N LEU TA 85 61.62 25.80 13.45
CA LEU TA 85 60.25 26.27 13.49
C LEU TA 85 59.78 26.76 12.12
N ASP TA 86 60.64 27.49 11.41
CA ASP TA 86 60.32 27.93 10.06
C ASP TA 86 60.14 26.73 9.13
N TYR TA 87 61.01 25.73 9.27
CA TYR TA 87 60.86 24.52 8.47
C TYR TA 87 59.49 23.89 8.67
N PHE TA 88 59.10 23.71 9.93
CA PHE TA 88 57.83 23.03 10.20
C PHE TA 88 56.65 23.87 9.72
N LEU TA 89 56.74 25.19 9.81
CA LEU TA 89 55.68 26.03 9.27
C LEU TA 89 55.57 25.87 7.76
N ARG TA 90 56.71 25.84 7.06
CA ARG TA 90 56.67 25.66 5.61
C ARG TA 90 56.07 24.32 5.23
N LEU TA 91 56.42 23.26 5.98
CA LEU TA 91 55.80 21.96 5.73
C LEU TA 91 54.30 21.99 6.02
N VAL TA 92 53.86 22.75 7.02
CA VAL TA 92 52.44 22.87 7.28
C VAL TA 92 51.74 23.52 6.09
N THR TA 93 52.35 24.55 5.51
CA THR TA 93 51.78 25.16 4.31
C THR TA 93 51.77 24.17 3.14
N TYR TA 94 52.84 23.40 3.00
CA TYR TA 94 52.88 22.38 1.95
C TYR TA 94 51.75 21.38 2.12
N GLY TA 95 51.52 20.94 3.35
CA GLY TA 95 50.44 19.98 3.59
C GLY TA 95 49.08 20.56 3.34
N VAL TA 96 48.90 21.85 3.65
CA VAL TA 96 47.64 22.51 3.34
C VAL TA 96 47.41 22.54 1.83
N LEU TA 97 48.45 22.88 1.07
CA LEU TA 97 48.31 22.91 -0.38
C LEU TA 97 48.07 21.52 -0.97
N ALA TA 98 48.81 20.52 -0.49
CA ALA TA 98 48.74 19.20 -1.09
C ALA TA 98 47.45 18.48 -0.73
N GLY TA 99 46.82 18.88 0.37
CA GLY TA 99 45.62 18.20 0.80
C GLY TA 99 45.87 16.93 1.57
N ASP TA 100 47.13 16.53 1.74
CA ASP TA 100 47.48 15.40 2.59
C ASP TA 100 48.72 15.78 3.39
N THR TA 101 49.17 14.83 4.20
CA THR TA 101 50.32 15.03 5.07
C THR TA 101 51.59 14.46 4.49
N SER TA 102 51.56 13.92 3.28
CA SER TA 102 52.76 13.29 2.73
C SER TA 102 53.96 14.22 2.66
N PRO TA 103 53.88 15.42 2.06
CA PRO TA 103 55.10 16.26 1.98
C PRO TA 103 55.71 16.52 3.34
N ILE TA 104 54.85 16.68 4.35
CA ILE TA 104 55.33 16.81 5.72
C ILE TA 104 56.12 15.57 6.12
N ASP TA 105 55.66 14.38 5.71
CA ASP TA 105 56.36 13.16 6.07
C ASP TA 105 57.70 13.02 5.35
N GLU TA 106 57.72 13.14 4.02
CA GLU TA 106 59.00 12.97 3.34
C GLU TA 106 60.00 14.05 3.71
N ILE TA 107 59.56 15.30 3.86
CA ILE TA 107 60.54 16.37 3.98
C ILE TA 107 60.98 16.54 5.44
N GLY TA 108 60.07 16.40 6.40
CA GLY TA 108 60.43 16.81 7.74
C GLY TA 108 60.30 15.84 8.89
N LEU TA 109 59.41 14.86 8.80
CA LEU TA 109 59.05 14.11 10.02
C LEU TA 109 59.53 12.67 9.97
N ILE TA 110 59.75 12.12 8.79
CA ILE TA 110 60.40 10.82 8.70
C ILE TA 110 61.86 11.01 9.09
N GLY TA 111 62.26 10.38 10.19
CA GLY TA 111 63.61 10.51 10.70
C GLY TA 111 63.84 11.65 11.66
N ILE TA 112 62.82 12.45 11.98
CA ILE TA 112 63.02 13.58 12.89
C ILE TA 112 63.18 13.08 14.32
N LYS TA 113 62.57 11.95 14.65
CA LYS TA 113 62.67 11.42 15.99
C LYS TA 113 64.09 10.93 16.29
N GLU TA 114 64.68 10.17 15.36
CA GLU TA 114 66.06 9.74 15.52
C GLU TA 114 67.01 10.93 15.58
N THR TA 115 66.78 11.92 14.72
CA THR TA 115 67.66 13.10 14.70
C THR TA 115 67.60 13.85 16.02
N TYR TA 116 66.40 14.04 16.57
CA TYR TA 116 66.27 14.80 17.79
C TYR TA 116 66.74 13.99 19.00
N SER TA 117 66.65 12.66 18.93
CA SER TA 117 67.19 11.84 20.01
C SER TA 117 68.71 11.87 20.00
N LEU TA 118 69.33 11.81 18.83
CA LEU TA 118 70.78 11.96 18.75
C LEU TA 118 71.23 13.33 19.23
N LEU TA 119 70.54 14.37 18.82
CA LEU TA 119 70.92 15.72 19.20
C LEU TA 119 70.46 16.09 20.60
N GLU TA 120 69.79 15.18 21.29
CA GLU TA 120 69.27 15.43 22.64
C GLU TA 120 68.34 16.63 22.66
N VAL TA 121 67.58 16.80 21.58
CA VAL TA 121 66.56 17.84 21.48
C VAL TA 121 65.33 17.40 22.26
N PRO TA 122 64.83 18.19 23.20
CA PRO TA 122 63.61 17.82 23.93
C PRO TA 122 62.40 17.82 23.00
N VAL TA 123 61.81 16.65 22.80
CA VAL TA 123 60.58 16.56 22.03
C VAL TA 123 59.45 17.36 22.68
N PRO TA 124 59.26 17.34 24.00
CA PRO TA 124 58.25 18.24 24.58
C PRO TA 124 58.49 19.71 24.26
N GLY TA 125 59.74 20.14 24.17
CA GLY TA 125 60.00 21.52 23.78
C GLY TA 125 59.57 21.81 22.35
N VAL TA 126 59.88 20.90 21.43
CA VAL TA 126 59.45 21.08 20.05
C VAL TA 126 57.94 21.09 19.96
N ILE TA 127 57.29 20.23 20.74
CA ILE TA 127 55.83 20.17 20.73
C ILE TA 127 55.24 21.47 21.26
N ASP TA 128 55.83 22.04 22.30
CA ASP TA 128 55.39 23.34 22.78
C ASP TA 128 55.59 24.42 21.73
N GLY TA 129 56.69 24.35 20.99
CA GLY TA 129 56.90 25.30 19.90
C GLY TA 129 55.86 25.19 18.81
N ILE TA 130 55.52 23.96 18.41
CA ILE TA 130 54.53 23.76 17.36
C ILE TA 130 53.14 24.15 17.85
N LYS TA 131 52.84 23.88 19.12
CA LYS TA 131 51.59 24.36 19.69
C LYS TA 131 51.51 25.87 19.61
N ALA TA 132 52.54 26.56 20.12
CA ALA TA 132 52.57 28.01 20.04
C ALA TA 132 52.39 28.47 18.60
N ALA TA 133 53.00 27.78 17.64
CA ALA TA 133 52.82 28.11 16.24
C ALA TA 133 51.37 27.97 15.81
N LYS TA 134 50.68 26.94 16.32
CA LYS TA 134 49.27 26.75 15.97
C LYS TA 134 48.41 27.88 16.51
N GLN TA 135 48.62 28.28 17.77
CA GLN TA 135 47.92 29.48 18.28
C GLN TA 135 48.24 30.73 17.47
N GLN TA 136 49.51 30.98 17.15
CA GLN TA 136 49.83 32.17 16.37
C GLN TA 136 49.18 32.11 15.00
N ALA TA 137 49.10 30.93 14.39
CA ALA TA 137 48.49 30.81 13.07
C ALA TA 137 47.00 31.03 13.14
N ALA TA 138 46.33 30.43 14.12
CA ALA TA 138 44.89 30.64 14.25
C ALA TA 138 44.58 32.09 14.63
N ALA TA 139 45.55 32.80 15.18
CA ALA TA 139 45.34 34.18 15.58
C ALA TA 139 45.02 35.07 14.38
N LEU TA 140 45.61 34.77 13.22
CA LEU TA 140 45.36 35.57 12.03
C LEU TA 140 44.61 34.80 10.94
N LEU TA 141 43.82 33.79 11.32
CA LEU TA 141 43.00 33.05 10.38
C LEU TA 141 41.54 33.14 10.78
N SER TA 142 40.66 33.00 9.79
CA SER TA 142 39.25 32.79 10.08
C SER TA 142 39.05 31.38 10.62
N SER TA 143 37.87 31.16 11.22
CA SER TA 143 37.65 29.91 11.96
C SER TA 143 37.80 28.69 11.06
N GLU TA 144 37.23 28.74 9.85
CA GLU TA 144 37.36 27.63 8.92
C GLU TA 144 38.83 27.41 8.54
N ASP TA 145 39.52 28.50 8.17
CA ASP TA 145 40.94 28.39 7.85
C ASP TA 145 41.75 28.01 9.08
N ALA TA 146 41.35 28.48 10.26
CA ALA TA 146 42.02 28.07 11.48
C ALA TA 146 41.96 26.57 11.67
N ALA TA 147 40.78 25.97 11.46
CA ALA TA 147 40.66 24.52 11.60
C ALA TA 147 41.43 23.80 10.50
N GLU TA 148 41.39 24.33 9.28
CA GLU TA 148 42.11 23.70 8.18
C GLU TA 148 43.61 23.63 8.47
N ALA TA 149 44.19 24.72 8.97
CA ALA TA 149 45.60 24.69 9.33
C ALA TA 149 45.85 23.90 10.61
N SER TA 150 44.86 23.89 11.51
CA SER TA 150 45.04 23.23 12.79
C SER TA 150 45.13 21.73 12.64
N PHE TA 151 44.45 21.17 11.64
CA PHE TA 151 44.58 19.75 11.37
C PHE TA 151 46.03 19.39 11.10
N TYR TA 152 46.72 20.19 10.29
CA TYR TA 152 48.09 19.87 9.92
C TYR TA 152 49.07 20.19 11.04
N PHE TA 153 48.81 21.26 11.80
CA PHE TA 153 49.61 21.53 12.98
C PHE TA 153 49.50 20.40 13.99
N ASP TA 154 48.29 19.90 14.22
CA ASP TA 154 48.09 18.80 15.15
C ASP TA 154 48.71 17.52 14.63
N TYR TA 155 48.69 17.30 13.32
CA TYR TA 155 49.37 16.15 12.77
C TYR TA 155 50.87 16.23 13.03
N VAL TA 156 51.47 17.40 12.82
CA VAL TA 156 52.89 17.57 13.09
C VAL TA 156 53.18 17.28 14.56
N ILE TA 157 52.36 17.83 15.46
CA ILE TA 157 52.55 17.60 16.89
C ILE TA 157 52.46 16.12 17.22
N SER TA 158 51.43 15.44 16.71
CA SER TA 158 51.22 14.05 17.05
C SER TA 158 52.35 13.18 16.53
N ALA TA 159 52.79 13.40 15.29
CA ALA TA 159 53.89 12.62 14.75
C ALA TA 159 55.19 12.95 15.48
N MET TA 160 55.28 14.15 16.06
CA MET TA 160 56.47 14.52 16.81
C MET TA 160 56.62 13.66 18.07
N SER TA 161 55.50 13.38 18.74
CA SER TA 161 55.52 12.53 19.92
C SER TA 161 55.36 11.07 19.53
N SER UA 2 32.48 0.94 3.43
CA SER UA 2 31.99 2.15 2.80
C SER UA 2 33.13 3.16 2.63
N ALA UA 3 32.77 4.43 2.44
CA ALA UA 3 33.78 5.47 2.35
C ALA UA 3 34.52 5.64 3.67
N ILE UA 4 33.80 5.54 4.79
CA ILE UA 4 34.42 5.63 6.10
C ILE UA 4 35.33 4.44 6.36
N THR UA 5 34.89 3.25 5.94
CA THR UA 5 35.65 2.02 6.21
C THR UA 5 37.01 2.06 5.53
N LYS UA 6 37.07 2.56 4.29
CA LYS UA 6 38.33 2.59 3.57
C LYS UA 6 39.32 3.54 4.25
N ALA UA 7 38.84 4.70 4.69
CA ALA UA 7 39.70 5.63 5.40
C ALA UA 7 40.19 5.05 6.73
N ILE UA 8 39.29 4.39 7.47
CA ILE UA 8 39.67 3.83 8.75
C ILE UA 8 40.68 2.70 8.57
N LEU UA 9 40.50 1.88 7.54
CA LEU UA 9 41.47 0.83 7.26
C LEU UA 9 42.81 1.39 6.84
N ASN UA 10 42.81 2.47 6.04
CA ASN UA 10 44.07 3.08 5.64
C ASN UA 10 44.80 3.63 6.85
N ALA UA 11 44.08 4.28 7.77
CA ALA UA 11 44.69 4.73 9.01
C ALA UA 11 45.23 3.55 9.81
N ASP UA 12 44.48 2.45 9.85
CA ASP UA 12 44.91 1.28 10.61
C ASP UA 12 46.16 0.64 10.00
N ALA UA 13 46.37 0.83 8.70
CA ALA UA 13 47.56 0.27 8.06
C ALA UA 13 48.84 0.85 8.66
N GLU UA 14 48.85 2.14 8.93
CA GLU UA 14 50.00 2.79 9.50
C GLU UA 14 49.94 2.84 11.02
N ALA UA 15 48.94 2.23 11.63
CA ALA UA 15 48.77 2.21 13.08
C ALA UA 15 48.73 3.63 13.64
N ARG UA 16 47.96 4.49 12.99
CA ARG UA 16 47.84 5.89 13.37
C ARG UA 16 46.37 6.28 13.38
N TYR UA 17 46.10 7.46 13.92
CA TYR UA 17 44.78 8.03 13.83
C TYR UA 17 44.53 8.57 12.42
N LEU UA 18 43.27 8.93 12.16
CA LEU UA 18 42.92 9.47 10.85
C LEU UA 18 43.67 10.76 10.57
N SER UA 19 44.25 10.84 9.38
CA SER UA 19 45.00 11.99 8.93
C SER UA 19 44.05 13.09 8.48
N PRO UA 20 44.55 14.31 8.31
CA PRO UA 20 43.69 15.37 7.76
C PRO UA 20 43.07 15.02 6.41
N GLY UA 21 43.80 14.32 5.55
CA GLY UA 21 43.22 13.90 4.29
C GLY UA 21 42.09 12.90 4.45
N GLU UA 22 42.27 11.91 5.32
CA GLU UA 22 41.23 10.92 5.55
C GLU UA 22 40.01 11.55 6.20
N ILE UA 23 40.22 12.52 7.09
CA ILE UA 23 39.12 13.25 7.69
C ILE UA 23 38.41 14.10 6.63
N ASP UA 24 39.17 14.65 5.69
CA ASP UA 24 38.54 15.36 4.58
C ASP UA 24 37.65 14.44 3.76
N VAL UA 25 38.14 13.22 3.50
CA VAL UA 25 37.34 12.22 2.79
C VAL UA 25 36.04 11.93 3.54
N VAL UA 26 36.16 11.68 4.85
CA VAL UA 26 34.98 11.35 5.65
C VAL UA 26 34.00 12.51 5.68
N ARG UA 27 34.51 13.74 5.85
CA ARG UA 27 33.65 14.91 5.90
C ARG UA 27 32.94 15.13 4.57
N GLY UA 28 33.65 14.93 3.46
CA GLY UA 28 33.01 15.05 2.16
C GLY UA 28 31.91 14.03 1.96
N TYR UA 29 32.14 12.79 2.38
CA TYR UA 29 31.11 11.77 2.28
C TYR UA 29 29.89 12.12 3.12
N LEU UA 30 30.13 12.57 4.36
CA LEU UA 30 29.02 12.95 5.23
C LEU UA 30 28.26 14.15 4.68
N ALA UA 31 28.96 15.02 3.96
CA ALA UA 31 28.29 16.14 3.29
C ALA UA 31 27.45 15.64 2.13
N SER UA 32 27.94 14.64 1.40
CA SER UA 32 27.19 14.09 0.27
C SER UA 32 26.04 13.20 0.69
N GLY UA 33 25.93 12.89 1.99
CA GLY UA 33 24.94 11.94 2.45
C GLY UA 33 23.51 12.23 2.04
N GLU UA 34 23.07 13.49 2.17
CA GLU UA 34 21.66 13.80 1.87
C GLU UA 34 21.37 13.68 0.38
N ARG UA 35 22.31 14.11 -0.47
CA ARG UA 35 22.18 13.90 -1.90
C ARG UA 35 22.15 12.41 -2.25
N ARG UA 36 22.99 11.62 -1.57
CA ARG UA 36 22.98 10.17 -1.78
C ARG UA 36 21.64 9.57 -1.40
N VAL UA 37 21.09 10.01 -0.27
CA VAL UA 37 19.81 9.47 0.19
C VAL UA 37 18.70 9.85 -0.78
N ARG UA 38 18.73 11.08 -1.30
CA ARG UA 38 17.73 11.49 -2.28
C ARG UA 38 17.79 10.62 -3.52
N VAL UA 39 18.99 10.43 -4.07
CA VAL UA 39 19.11 9.62 -5.28
C VAL UA 39 18.69 8.17 -5.01
N ALA UA 40 19.15 7.60 -3.91
CA ALA UA 40 18.82 6.22 -3.59
C ALA UA 40 17.32 6.04 -3.41
N ARG UA 41 16.66 6.98 -2.75
CA ARG UA 41 15.22 6.93 -2.61
C ARG UA 41 14.54 6.98 -3.98
N VAL UA 42 15.01 7.85 -4.87
CA VAL UA 42 14.41 7.93 -6.19
C VAL UA 42 14.53 6.60 -6.92
N LEU UA 43 15.71 5.99 -6.90
CA LEU UA 43 15.88 4.69 -7.56
C LEU UA 43 15.11 3.59 -6.85
N SER UA 44 14.79 3.78 -5.57
CA SER UA 44 14.05 2.75 -4.86
C SER UA 44 12.56 2.80 -5.17
N ASP UA 45 11.98 4.01 -5.21
CA ASP UA 45 10.55 4.10 -5.49
C ASP UA 45 10.22 3.66 -6.90
N ASN UA 46 11.12 3.91 -7.85
CA ASN UA 46 10.92 3.53 -9.24
C ASN UA 46 11.62 2.21 -9.57
N ALA UA 47 11.69 1.28 -8.62
CA ALA UA 47 12.35 0.01 -8.88
C ALA UA 47 11.65 -0.76 -9.99
N LEU UA 48 10.34 -0.94 -9.87
CA LEU UA 48 9.58 -1.57 -10.94
C LEU UA 48 9.69 -0.77 -12.24
N ARG UA 49 9.60 0.55 -12.14
CA ARG UA 49 9.79 1.42 -13.29
C ARG UA 49 11.05 1.06 -14.06
N ILE UA 50 12.19 1.18 -13.39
CA ILE UA 50 13.49 0.99 -14.02
C ILE UA 50 13.63 -0.44 -14.53
N VAL UA 51 13.15 -1.42 -13.75
CA VAL UA 51 13.35 -2.81 -14.14
C VAL UA 51 12.56 -3.13 -15.39
N ARG UA 52 11.29 -2.71 -15.46
CA ARG UA 52 10.50 -2.96 -16.66
C ARG UA 52 11.07 -2.23 -17.87
N GLY UA 53 11.47 -0.96 -17.70
CA GLY UA 53 12.03 -0.24 -18.82
C GLY UA 53 13.30 -0.87 -19.35
N ALA UA 54 14.20 -1.23 -18.44
CA ALA UA 54 15.46 -1.88 -18.82
C ALA UA 54 15.21 -3.23 -19.45
N GLY UA 55 14.26 -3.99 -18.92
CA GLY UA 55 13.98 -5.31 -19.47
C GLY UA 55 13.42 -5.23 -20.87
N ASP UA 56 12.47 -4.32 -21.11
CA ASP UA 56 11.95 -4.14 -22.46
C ASP UA 56 13.04 -3.69 -23.41
N THR UA 57 13.89 -2.75 -22.99
CA THR UA 57 14.96 -2.28 -23.86
C THR UA 57 15.93 -3.40 -24.18
N MET UA 58 16.29 -4.21 -23.19
CA MET UA 58 17.20 -5.33 -23.39
C MET UA 58 16.60 -6.40 -24.31
N PHE UA 59 15.33 -6.73 -24.11
CA PHE UA 59 14.72 -7.78 -24.91
C PHE UA 59 14.48 -7.33 -26.34
N GLN UA 60 14.21 -6.04 -26.55
CA GLN UA 60 14.09 -5.53 -27.91
C GLN UA 60 15.45 -5.45 -28.58
N LYS UA 61 16.47 -5.01 -27.85
CA LYS UA 61 17.81 -4.95 -28.41
C LYS UA 61 18.34 -6.33 -28.76
N ARG UA 62 18.11 -7.30 -27.90
CA ARG UA 62 18.74 -8.61 -27.99
C ARG UA 62 17.65 -9.67 -27.85
N PRO UA 63 16.81 -9.85 -28.88
CA PRO UA 63 15.63 -10.71 -28.73
C PRO UA 63 15.95 -12.20 -28.63
N ASP UA 64 17.16 -12.62 -29.00
CA ASP UA 64 17.48 -14.05 -28.98
C ASP UA 64 17.51 -14.60 -27.55
N LEU UA 65 17.52 -13.71 -26.56
CA LEU UA 65 17.43 -14.14 -25.17
C LEU UA 65 16.11 -14.83 -24.87
N VAL UA 66 15.01 -14.30 -25.44
CA VAL UA 66 13.69 -14.88 -25.22
C VAL UA 66 13.24 -15.71 -26.41
N ALA UA 67 13.98 -15.70 -27.51
CA ALA UA 67 13.69 -16.53 -28.66
C ALA UA 67 13.88 -18.01 -28.29
N PRO UA 68 13.27 -18.93 -29.03
CA PRO UA 68 13.41 -20.36 -28.70
C PRO UA 68 14.86 -20.77 -28.61
N GLY UA 69 15.16 -21.56 -27.58
CA GLY UA 69 16.54 -21.85 -27.24
C GLY UA 69 17.23 -20.75 -26.47
N GLY UA 70 16.53 -19.65 -26.17
CA GLY UA 70 17.14 -18.57 -25.45
C GLY UA 70 17.18 -18.80 -23.95
N ASN UA 71 18.12 -18.11 -23.30
CA ASN UA 71 18.34 -18.30 -21.87
C ASN UA 71 17.14 -17.88 -21.05
N ALA UA 72 16.48 -16.79 -21.44
CA ALA UA 72 15.34 -16.26 -20.71
C ALA UA 72 14.01 -16.72 -21.28
N TYR UA 73 14.01 -17.68 -22.20
CA TYR UA 73 12.77 -18.16 -22.80
C TYR UA 73 11.84 -18.70 -21.74
N GLY UA 74 10.58 -18.31 -21.82
CA GLY UA 74 9.59 -18.71 -20.85
C GLY UA 74 9.28 -17.60 -19.85
N GLU UA 75 8.11 -17.71 -19.24
CA GLU UA 75 7.72 -16.73 -18.23
C GLU UA 75 8.60 -16.82 -16.99
N VAL UA 76 8.97 -18.03 -16.58
CA VAL UA 76 9.76 -18.21 -15.36
C VAL UA 76 11.19 -17.72 -15.56
N ARG UA 77 11.80 -18.07 -16.69
CA ARG UA 77 13.18 -17.64 -16.93
C ARG UA 77 13.24 -16.14 -17.15
N THR UA 78 12.24 -15.57 -17.83
CA THR UA 78 12.20 -14.12 -17.98
C THR UA 78 11.97 -13.44 -16.64
N ALA UA 79 11.16 -14.05 -15.77
CA ALA UA 79 10.97 -13.51 -14.43
C ALA UA 79 12.28 -13.53 -13.65
N LYS UA 80 13.06 -14.61 -13.79
CA LYS UA 80 14.35 -14.67 -13.11
C LYS UA 80 15.33 -13.66 -13.68
N CYS UA 81 15.26 -13.44 -15.00
CA CYS UA 81 16.09 -12.40 -15.62
C CYS UA 81 15.75 -11.02 -15.08
N LEU UA 82 14.46 -10.72 -14.98
CA LEU UA 82 14.02 -9.45 -14.42
C LEU UA 82 14.39 -9.35 -12.95
N ARG UA 83 14.36 -10.46 -12.24
CA ARG UA 83 14.77 -10.47 -10.84
C ARG UA 83 16.26 -10.18 -10.71
N ASP UA 84 17.07 -10.69 -11.63
CA ASP UA 84 18.49 -10.36 -11.62
C ASP UA 84 18.69 -8.87 -11.89
N LEU UA 85 17.91 -8.31 -12.81
CA LEU UA 85 17.97 -6.87 -13.06
C LEU UA 85 17.61 -6.08 -11.81
N ASP UA 86 16.57 -6.51 -11.09
CA ASP UA 86 16.19 -5.88 -9.83
C ASP UA 86 17.27 -6.04 -8.78
N TYR UA 87 17.91 -7.20 -8.73
CA TYR UA 87 19.04 -7.42 -7.85
C TYR UA 87 20.12 -6.39 -8.08
N PHE UA 88 20.47 -6.17 -9.35
CA PHE UA 88 21.53 -5.22 -9.66
C PHE UA 88 21.08 -3.79 -9.40
N LEU UA 89 19.77 -3.52 -9.53
CA LEU UA 89 19.27 -2.20 -9.19
C LEU UA 89 19.39 -1.93 -7.69
N ARG UA 90 19.04 -2.92 -6.87
CA ARG UA 90 19.19 -2.77 -5.43
C ARG UA 90 20.66 -2.63 -5.06
N LEU UA 91 21.54 -3.33 -5.77
CA LEU UA 91 22.97 -3.19 -5.50
C LEU UA 91 23.49 -1.82 -5.91
N VAL UA 92 22.94 -1.24 -6.98
CA VAL UA 92 23.30 0.12 -7.35
C VAL UA 92 22.86 1.10 -6.28
N THR UA 93 21.66 0.89 -5.72
CA THR UA 93 21.21 1.74 -4.61
C THR UA 93 22.16 1.61 -3.41
N TYR UA 94 22.58 0.38 -3.10
CA TYR UA 94 23.51 0.18 -1.99
C TYR UA 94 24.82 0.89 -2.26
N GLY UA 95 25.33 0.80 -3.49
CA GLY UA 95 26.57 1.48 -3.82
C GLY UA 95 26.45 2.99 -3.72
N VAL UA 96 25.30 3.52 -4.13
CA VAL UA 96 25.06 4.96 -4.00
C VAL UA 96 25.07 5.37 -2.54
N LEU UA 97 24.40 4.58 -1.69
CA LEU UA 97 24.31 4.93 -0.27
C LEU UA 97 25.66 4.80 0.41
N ALA UA 98 26.40 3.73 0.12
CA ALA UA 98 27.63 3.44 0.84
C ALA UA 98 28.74 4.41 0.49
N GLY UA 99 28.70 4.97 -0.71
CA GLY UA 99 29.79 5.80 -1.18
C GLY UA 99 30.93 5.04 -1.80
N ASP UA 100 30.86 3.71 -1.83
CA ASP UA 100 31.82 2.90 -2.56
C ASP UA 100 31.09 1.71 -3.16
N THR UA 101 31.87 0.81 -3.75
CA THR UA 101 31.34 -0.32 -4.48
C THR UA 101 31.41 -1.63 -3.72
N SER UA 102 31.83 -1.60 -2.45
CA SER UA 102 31.98 -2.84 -1.70
C SER UA 102 30.68 -3.62 -1.53
N PRO UA 103 29.52 -3.02 -1.23
CA PRO UA 103 28.29 -3.84 -1.18
C PRO UA 103 27.98 -4.53 -2.49
N ILE UA 104 28.22 -3.86 -3.61
CA ILE UA 104 27.96 -4.46 -4.91
C ILE UA 104 28.83 -5.68 -5.12
N ASP UA 105 30.12 -5.56 -4.79
CA ASP UA 105 31.04 -6.69 -4.93
C ASP UA 105 30.66 -7.84 -4.01
N GLU UA 106 30.43 -7.53 -2.73
CA GLU UA 106 30.23 -8.60 -1.76
C GLU UA 106 28.92 -9.33 -1.97
N ILE UA 107 27.88 -8.62 -2.42
CA ILE UA 107 26.58 -9.26 -2.58
C ILE UA 107 26.42 -9.79 -4.00
N GLY UA 108 26.84 -9.03 -5.00
CA GLY UA 108 26.48 -9.38 -6.35
C GLY UA 108 27.56 -9.66 -7.36
N LEU UA 109 28.74 -9.05 -7.22
CA LEU UA 109 29.71 -9.12 -8.30
C LEU UA 109 30.70 -10.26 -8.11
N ILE UA 110 31.11 -10.53 -6.88
CA ILE UA 110 32.06 -11.60 -6.63
C ILE UA 110 31.37 -12.93 -6.87
N GLY UA 111 31.87 -13.69 -7.84
CA GLY UA 111 31.30 -14.97 -8.17
C GLY UA 111 30.18 -14.95 -9.18
N ILE UA 112 29.75 -13.78 -9.64
CA ILE UA 112 28.66 -13.73 -10.61
C ILE UA 112 29.15 -14.12 -11.99
N LYS UA 113 30.43 -13.88 -12.27
CA LYS UA 113 30.95 -14.22 -13.59
C LYS UA 113 31.03 -15.74 -13.76
N GLU UA 114 31.53 -16.44 -12.73
CA GLU UA 114 31.51 -17.91 -12.75
C GLU UA 114 30.09 -18.45 -12.75
N THR UA 115 29.21 -17.86 -11.94
CA THR UA 115 27.82 -18.31 -11.89
C THR UA 115 27.17 -18.23 -13.25
N TYR UA 116 27.32 -17.08 -13.92
CA TYR UA 116 26.71 -16.90 -15.23
C TYR UA 116 27.39 -17.76 -16.28
N SER UA 117 28.70 -18.00 -16.15
CA SER UA 117 29.38 -18.89 -17.07
C SER UA 117 28.82 -20.31 -16.97
N LEU UA 118 28.62 -20.79 -15.74
CA LEU UA 118 28.01 -22.10 -15.55
C LEU UA 118 26.60 -22.13 -16.10
N LEU UA 119 25.83 -21.07 -15.87
CA LEU UA 119 24.46 -21.05 -16.33
C LEU UA 119 24.31 -20.66 -17.80
N GLU UA 120 25.43 -20.41 -18.49
CA GLU UA 120 25.42 -19.94 -19.87
C GLU UA 120 24.59 -18.67 -20.02
N VAL UA 121 24.66 -17.80 -19.01
CA VAL UA 121 23.97 -16.52 -19.06
C VAL UA 121 24.81 -15.56 -19.88
N PRO UA 122 24.26 -15.01 -20.97
CA PRO UA 122 25.06 -14.13 -21.84
C PRO UA 122 25.35 -12.80 -21.13
N VAL UA 123 26.61 -12.60 -20.78
CA VAL UA 123 27.07 -11.40 -20.08
C VAL UA 123 26.84 -10.15 -20.92
N PRO UA 124 27.08 -10.15 -22.24
CA PRO UA 124 26.72 -8.96 -23.02
C PRO UA 124 25.25 -8.57 -22.91
N GLY UA 125 24.34 -9.54 -22.84
CA GLY UA 125 22.95 -9.21 -22.60
C GLY UA 125 22.72 -8.58 -21.24
N VAL UA 126 23.45 -9.06 -20.22
CA VAL UA 126 23.37 -8.46 -18.90
C VAL UA 126 23.88 -7.01 -18.95
N ILE UA 127 24.95 -6.78 -19.71
CA ILE UA 127 25.45 -5.42 -19.89
C ILE UA 127 24.39 -4.54 -20.53
N ASP UA 128 23.70 -5.08 -21.54
CA ASP UA 128 22.62 -4.33 -22.17
C ASP UA 128 21.54 -3.99 -21.16
N GLY UA 129 21.17 -4.95 -20.32
CA GLY UA 129 20.16 -4.68 -19.30
C GLY UA 129 20.59 -3.61 -18.32
N ILE UA 130 21.85 -3.66 -17.89
CA ILE UA 130 22.32 -2.68 -16.91
C ILE UA 130 22.43 -1.29 -17.55
N LYS UA 131 22.88 -1.21 -18.80
CA LYS UA 131 22.94 0.08 -19.48
C LYS UA 131 21.54 0.64 -19.71
N ALA UA 132 20.59 -0.22 -20.05
CA ALA UA 132 19.20 0.22 -20.18
C ALA UA 132 18.66 0.74 -18.86
N ALA UA 133 18.97 0.04 -17.77
CA ALA UA 133 18.54 0.51 -16.44
C ALA UA 133 19.19 1.83 -16.10
N LYS UA 134 20.45 2.01 -16.50
CA LYS UA 134 21.12 3.29 -16.29
C LYS UA 134 20.39 4.41 -17.02
N GLN UA 135 20.01 4.17 -18.28
CA GLN UA 135 19.27 5.18 -19.03
C GLN UA 135 17.91 5.46 -18.38
N GLN UA 136 17.20 4.41 -17.98
CA GLN UA 136 15.89 4.59 -17.35
C GLN UA 136 16.01 5.42 -16.08
N ALA UA 137 17.01 5.12 -15.24
CA ALA UA 137 17.17 5.85 -13.99
C ALA UA 137 17.63 7.28 -14.25
N ALA UA 138 18.49 7.49 -15.23
CA ALA UA 138 18.93 8.84 -15.56
C ALA UA 138 17.77 9.67 -16.09
N ALA UA 139 16.77 9.02 -16.69
CA ALA UA 139 15.56 9.72 -17.08
C ALA UA 139 14.83 10.28 -15.86
N LEU UA 140 14.82 9.52 -14.76
CA LEU UA 140 14.04 9.92 -13.60
C LEU UA 140 14.82 10.85 -12.68
N LEU UA 141 16.10 11.07 -12.97
CA LEU UA 141 16.91 11.94 -12.13
C LEU UA 141 17.30 13.20 -12.89
N SER UA 142 17.82 14.16 -12.14
CA SER UA 142 18.40 15.36 -12.75
C SER UA 142 19.79 15.02 -13.30
N SER UA 143 20.48 16.06 -13.77
CA SER UA 143 21.79 15.85 -14.37
C SER UA 143 22.79 15.32 -13.36
N GLU UA 144 22.92 15.99 -12.22
CA GLU UA 144 23.89 15.57 -11.22
C GLU UA 144 23.58 14.17 -10.70
N ASP UA 145 22.34 13.95 -10.26
CA ASP UA 145 21.95 12.67 -9.70
C ASP UA 145 22.18 11.56 -10.70
N ALA UA 146 21.89 11.83 -11.96
CA ALA UA 146 22.22 10.89 -13.02
C ALA UA 146 23.71 10.63 -13.07
N ALA UA 147 24.52 11.67 -12.85
CA ALA UA 147 25.96 11.45 -12.89
C ALA UA 147 26.40 10.45 -11.84
N GLU UA 148 26.02 10.66 -10.58
CA GLU UA 148 26.50 9.71 -9.57
C GLU UA 148 25.83 8.34 -9.70
N ALA UA 149 24.54 8.29 -10.05
CA ALA UA 149 23.95 6.98 -10.30
C ALA UA 149 24.67 6.25 -11.44
N SER UA 150 25.05 6.97 -12.49
CA SER UA 150 25.74 6.35 -13.61
C SER UA 150 27.12 5.89 -13.20
N PHE UA 151 27.71 6.54 -12.19
CA PHE UA 151 29.01 6.07 -11.69
C PHE UA 151 28.95 4.61 -11.27
N TYR UA 152 27.95 4.25 -10.45
CA TYR UA 152 27.85 2.87 -9.98
C TYR UA 152 27.27 1.95 -11.04
N PHE UA 153 26.40 2.48 -11.91
CA PHE UA 153 25.95 1.67 -13.04
C PHE UA 153 27.13 1.29 -13.93
N ASP UA 154 28.04 2.22 -14.16
CA ASP UA 154 29.21 1.96 -14.99
C ASP UA 154 30.20 1.04 -14.28
N TYR UA 155 30.30 1.17 -12.95
CA TYR UA 155 31.13 0.21 -12.22
C TYR UA 155 30.58 -1.21 -12.39
N VAL UA 156 29.26 -1.37 -12.30
CA VAL UA 156 28.67 -2.69 -12.49
C VAL UA 156 28.92 -3.19 -13.91
N ILE UA 157 28.76 -2.32 -14.90
CA ILE UA 157 29.01 -2.70 -16.29
C ILE UA 157 30.46 -3.17 -16.47
N SER UA 158 31.40 -2.41 -15.92
CA SER UA 158 32.81 -2.76 -16.07
C SER UA 158 33.15 -4.05 -15.35
N ALA UA 159 32.57 -4.26 -14.16
CA ALA UA 159 32.87 -5.47 -13.40
C ALA UA 159 32.28 -6.71 -14.04
N MET UA 160 31.10 -6.59 -14.63
CA MET UA 160 30.52 -7.72 -15.35
C MET UA 160 31.35 -8.09 -16.57
N SER UA 161 31.84 -7.08 -17.30
CA SER UA 161 32.66 -7.32 -18.47
C SER UA 161 34.13 -7.46 -18.09
N MET VA 1 55.47 8.33 -7.03
CA MET VA 1 54.95 9.16 -8.10
C MET VA 1 54.62 10.58 -7.65
N LEU VA 2 54.64 11.51 -8.60
CA LEU VA 2 54.31 12.90 -8.33
C LEU VA 2 53.06 13.30 -9.08
N ASP VA 3 52.47 14.41 -8.65
CA ASP VA 3 51.50 15.13 -9.46
C ASP VA 3 51.93 16.59 -9.54
N ALA VA 4 51.06 17.42 -10.12
CA ALA VA 4 51.42 18.81 -10.36
C ALA VA 4 51.68 19.55 -9.06
N VAL VA 5 50.80 19.39 -8.08
CA VAL VA 5 51.00 20.07 -6.80
C VAL VA 5 52.25 19.56 -6.12
N THR VA 6 52.47 18.25 -6.13
CA THR VA 6 53.65 17.70 -5.47
C THR VA 6 54.92 18.12 -6.17
N LYS VA 7 54.93 18.19 -7.50
CA LYS VA 7 56.14 18.64 -8.19
C LYS VA 7 56.41 20.10 -7.91
N ILE VA 8 55.36 20.92 -7.81
CA ILE VA 8 55.57 22.32 -7.42
C ILE VA 8 56.15 22.40 -6.01
N ILE VA 9 55.59 21.62 -5.09
CA ILE VA 9 56.07 21.61 -3.71
C ILE VA 9 57.53 21.19 -3.67
N ASN VA 10 57.89 20.17 -4.45
CA ASN VA 10 59.28 19.73 -4.51
C ASN VA 10 60.18 20.83 -5.06
N ARG VA 11 59.73 21.54 -6.09
CA ARG VA 11 60.53 22.63 -6.65
C ARG VA 11 60.76 23.73 -5.62
N THR VA 12 59.73 24.07 -4.84
CA THR VA 12 59.90 25.09 -3.81
C THR VA 12 60.75 24.57 -2.66
N ASP VA 13 60.70 23.27 -2.37
CA ASP VA 13 61.45 22.72 -1.26
C ASP VA 13 62.93 22.62 -1.59
N ALA VA 14 63.27 22.36 -2.85
CA ALA VA 14 64.66 22.32 -3.25
C ALA VA 14 65.34 23.66 -2.99
N GLU VA 15 64.60 24.74 -3.16
CA GLU VA 15 65.10 26.09 -2.88
C GLU VA 15 64.80 26.53 -1.46
N GLY VA 16 64.08 25.73 -0.68
CA GLY VA 16 63.83 26.06 0.71
C GLY VA 16 63.10 27.37 0.90
N ARG VA 17 62.17 27.67 -0.01
CA ARG VA 17 61.47 28.94 0.01
C ARG VA 17 59.97 28.70 0.09
N TYR VA 18 59.29 29.63 0.76
CA TYR VA 18 57.84 29.59 0.80
C TYR VA 18 57.26 29.82 -0.58
N PHE VA 19 56.00 29.46 -0.74
CA PHE VA 19 55.33 29.61 -2.02
C PHE VA 19 55.24 31.07 -2.43
N ALA VA 20 55.56 31.35 -3.68
CA ALA VA 20 55.44 32.67 -4.26
C ALA VA 20 54.16 32.77 -5.09
N SER VA 21 53.95 33.96 -5.67
CA SER VA 21 52.73 34.19 -6.43
C SER VA 21 52.70 33.34 -7.70
N LYS VA 22 53.85 33.15 -8.35
CA LYS VA 22 53.89 32.30 -9.54
C LYS VA 22 53.57 30.85 -9.21
N ASP VA 23 54.09 30.35 -8.09
CA ASP VA 23 53.79 29.00 -7.67
C ASP VA 23 52.29 28.83 -7.40
N PHE VA 24 51.69 29.80 -6.71
CA PHE VA 24 50.26 29.75 -6.45
C PHE VA 24 49.47 29.81 -7.74
N ASP VA 25 49.92 30.62 -8.70
CA ASP VA 25 49.23 30.70 -9.98
C ASP VA 25 49.27 29.36 -10.71
N GLU VA 26 50.43 28.69 -10.68
CA GLU VA 26 50.51 27.42 -11.40
C GLU VA 26 49.61 26.39 -10.73
N VAL VA 27 49.55 26.42 -9.39
CA VAL VA 27 48.67 25.53 -8.66
C VAL VA 27 47.22 25.78 -9.02
N THR VA 28 46.83 27.06 -9.11
CA THR VA 28 45.45 27.39 -9.46
C THR VA 28 45.13 26.96 -10.89
N ARG VA 29 46.11 27.04 -11.79
CA ARG VA 29 45.86 26.54 -13.14
C ARG VA 29 45.59 25.04 -13.13
N PHE VA 30 46.33 24.29 -12.31
CA PHE VA 30 46.07 22.86 -12.19
C PHE VA 30 44.68 22.61 -11.60
N PHE VA 31 44.29 23.39 -10.59
CA PHE VA 31 42.99 23.21 -9.97
C PHE VA 31 41.87 23.55 -10.92
N ALA VA 32 42.09 24.53 -11.81
CA ALA VA 32 41.04 24.96 -12.73
C ALA VA 32 40.68 23.86 -13.72
N THR VA 33 41.69 23.17 -14.24
CA THR VA 33 41.46 22.14 -15.26
C THR VA 33 41.12 20.78 -14.66
N GLY VA 34 40.79 20.73 -13.37
CA GLY VA 34 40.56 19.44 -12.72
C GLY VA 34 39.32 18.73 -13.24
N GLU VA 35 38.22 19.46 -13.39
CA GLU VA 35 36.96 18.82 -13.77
C GLU VA 35 37.03 18.21 -15.16
N ALA VA 36 37.64 18.91 -16.11
CA ALA VA 36 37.76 18.37 -17.46
C ALA VA 36 38.59 17.09 -17.47
N ARG VA 37 39.71 17.10 -16.74
CA ARG VA 37 40.56 15.91 -16.69
C ARG VA 37 39.84 14.75 -16.01
N LEU VA 38 39.09 15.03 -14.95
CA LEU VA 38 38.33 13.96 -14.29
C LEU VA 38 37.25 13.40 -15.21
N ARG VA 39 36.56 14.27 -15.94
CA ARG VA 39 35.53 13.80 -16.87
C ARG VA 39 36.15 12.94 -17.97
N ALA VA 40 37.30 13.35 -18.49
CA ALA VA 40 37.99 12.55 -19.50
C ALA VA 40 38.39 11.19 -18.93
N ALA VA 41 38.92 11.18 -17.71
CA ALA VA 41 39.33 9.92 -17.09
C ALA VA 41 38.13 9.01 -16.85
N SER VA 42 37.00 9.59 -16.40
CA SER VA 42 35.80 8.79 -16.17
C SER VA 42 35.26 8.22 -17.47
N THR VA 43 35.29 9.02 -18.55
CA THR VA 43 34.86 8.52 -19.84
C THR VA 43 35.74 7.38 -20.32
N ILE VA 44 37.06 7.51 -20.12
CA ILE VA 44 37.96 6.44 -20.49
C ILE VA 44 37.68 5.18 -19.67
N SER VA 45 37.47 5.35 -18.37
CA SER VA 45 37.22 4.20 -17.50
C SER VA 45 35.94 3.48 -17.87
N ALA VA 46 34.88 4.24 -18.17
CA ALA VA 46 33.60 3.63 -18.49
C ALA VA 46 33.66 2.87 -19.81
N ASN VA 47 34.55 3.29 -20.71
CA ASN VA 47 34.63 2.72 -22.05
C ASN VA 47 35.93 1.95 -22.29
N ALA VA 48 36.53 1.41 -21.23
CA ALA VA 48 37.84 0.78 -21.37
C ALA VA 48 37.79 -0.43 -22.29
N ALA VA 49 36.75 -1.27 -22.16
CA ALA VA 49 36.67 -2.48 -22.98
C ALA VA 49 36.52 -2.13 -24.45
N SER VA 50 35.66 -1.16 -24.79
CA SER VA 50 35.47 -0.79 -26.18
C SER VA 50 36.72 -0.13 -26.74
N ILE VA 51 37.40 0.69 -25.94
CA ILE VA 51 38.65 1.31 -26.40
C ILE VA 51 39.70 0.25 -26.68
N LEU VA 52 39.83 -0.73 -25.78
CA LEU VA 52 40.76 -1.83 -26.03
C LEU VA 52 40.41 -2.57 -27.30
N ARG VA 53 39.14 -2.91 -27.47
CA ARG VA 53 38.73 -3.70 -28.62
C ARG VA 53 39.03 -2.97 -29.91
N GLU VA 54 38.70 -1.68 -29.98
CA GLU VA 54 38.82 -0.99 -31.27
C GLU VA 54 40.27 -0.60 -31.52
N SER VA 55 41.05 -0.39 -30.46
CA SER VA 55 42.48 -0.11 -30.64
C SER VA 55 43.23 -1.36 -31.09
N ALA VA 56 42.90 -2.52 -30.51
CA ALA VA 56 43.48 -3.77 -30.98
C ALA VA 56 43.07 -4.07 -32.41
N ALA VA 57 41.81 -3.79 -32.76
CA ALA VA 57 41.37 -3.95 -34.14
C ALA VA 57 42.17 -3.06 -35.08
N ALA VA 58 42.40 -1.80 -34.70
CA ALA VA 58 43.19 -0.91 -35.54
C ALA VA 58 44.63 -1.40 -35.68
N LEU VA 59 45.23 -1.84 -34.56
CA LEU VA 59 46.62 -2.29 -34.60
C LEU VA 59 46.78 -3.52 -35.49
N PHE VA 60 45.85 -4.47 -35.38
CA PHE VA 60 46.00 -5.72 -36.12
C PHE VA 60 45.42 -5.63 -37.52
N THR VA 61 44.71 -4.53 -37.82
CA THR VA 61 44.36 -4.26 -39.21
C THR VA 61 45.51 -3.58 -39.94
N GLU VA 62 46.21 -2.68 -39.24
CA GLU VA 62 47.36 -2.02 -39.84
C GLU VA 62 48.52 -3.01 -40.02
N GLN VA 63 48.73 -3.88 -39.05
CA GLN VA 63 49.82 -4.87 -39.08
C GLN VA 63 49.25 -6.26 -38.85
N PRO VA 64 48.66 -6.87 -39.87
CA PRO VA 64 48.13 -8.23 -39.69
C PRO VA 64 49.19 -9.26 -39.37
N ASP VA 65 50.43 -9.03 -39.79
CA ASP VA 65 51.48 -10.04 -39.70
C ASP VA 65 51.71 -10.50 -38.25
N LEU VA 66 51.40 -9.63 -37.28
CA LEU VA 66 51.58 -10.02 -35.89
C LEU VA 66 50.67 -11.18 -35.52
N LEU VA 67 49.54 -11.32 -36.19
CA LEU VA 67 48.58 -12.36 -35.82
C LEU VA 67 48.81 -13.65 -36.58
N ARG VA 68 49.61 -13.60 -37.66
CA ARG VA 68 49.90 -14.80 -38.42
C ARG VA 68 50.89 -15.68 -37.66
N PRO VA 69 50.93 -16.98 -37.96
CA PRO VA 69 51.92 -17.85 -37.31
C PRO VA 69 53.33 -17.34 -37.50
N GLY VA 70 54.09 -17.32 -36.41
CA GLY VA 70 55.37 -16.68 -36.38
C GLY VA 70 55.35 -15.24 -35.87
N GLY VA 71 54.19 -14.58 -35.90
CA GLY VA 71 54.10 -13.24 -35.35
C GLY VA 71 54.10 -13.26 -33.83
N ASN VA 72 54.55 -12.15 -33.25
CA ASN VA 72 54.68 -12.11 -31.79
C ASN VA 72 53.32 -12.08 -31.11
N ALA VA 73 52.25 -11.83 -31.86
CA ALA VA 73 50.91 -11.92 -31.30
C ALA VA 73 50.21 -13.21 -31.67
N TYR VA 74 50.91 -14.17 -32.28
CA TYR VA 74 50.29 -15.43 -32.65
C TYR VA 74 50.32 -16.42 -31.50
N THR VA 75 49.26 -16.38 -30.69
CA THR VA 75 48.72 -17.44 -29.84
C THR VA 75 47.50 -16.83 -29.18
N SER VA 76 46.73 -17.62 -28.46
CA SER VA 76 45.78 -17.03 -27.53
C SER VA 76 46.53 -16.27 -26.44
N ARG VA 77 47.66 -16.82 -25.97
CA ARG VA 77 48.37 -16.24 -24.84
C ARG VA 77 49.10 -14.97 -25.23
N ARG VA 78 49.76 -14.96 -26.39
CA ARG VA 78 50.50 -13.77 -26.78
C ARG VA 78 49.57 -12.65 -27.21
N TYR VA 79 48.44 -12.99 -27.85
CA TYR VA 79 47.43 -11.97 -28.10
C TYR VA 79 46.87 -11.41 -26.80
N ALA VA 80 46.62 -12.28 -25.82
CA ALA VA 80 46.13 -11.82 -24.53
C ALA VA 80 47.15 -10.91 -23.86
N ALA VA 81 48.43 -11.26 -23.96
CA ALA VA 81 49.47 -10.41 -23.39
C ALA VA 81 49.55 -9.07 -24.09
N CYS VA 82 49.35 -9.05 -25.41
CA CYS VA 82 49.36 -7.80 -26.15
C CYS VA 82 48.24 -6.88 -25.70
N VAL VA 83 47.01 -7.39 -25.66
CA VAL VA 83 45.89 -6.56 -25.24
C VAL VA 83 46.03 -6.19 -23.76
N ARG VA 84 46.69 -7.05 -22.97
CA ARG VA 84 46.96 -6.75 -21.58
C ARG VA 84 47.91 -5.57 -21.44
N ASP VA 85 48.96 -5.54 -22.27
CA ASP VA 85 49.89 -4.41 -22.27
C ASP VA 85 49.19 -3.14 -22.70
N MET VA 86 48.29 -3.24 -23.68
CA MET VA 86 47.50 -2.07 -24.07
C MET VA 86 46.62 -1.59 -22.93
N GLU VA 87 46.05 -2.52 -22.16
CA GLU VA 87 45.32 -2.14 -20.95
C GLU VA 87 46.21 -1.45 -19.94
N TYR VA 88 47.44 -1.94 -19.75
CA TYR VA 88 48.40 -1.23 -18.91
C TYR VA 88 48.54 0.21 -19.36
N PHE VA 89 48.81 0.40 -20.64
CA PHE VA 89 49.06 1.74 -21.14
C PHE VA 89 47.85 2.64 -20.93
N LEU VA 90 46.66 2.13 -21.21
CA LEU VA 90 45.45 2.93 -21.04
C LEU VA 90 45.22 3.30 -19.58
N ARG VA 91 45.35 2.33 -18.67
CA ARG VA 91 45.10 2.60 -17.26
C ARG VA 91 46.09 3.61 -16.70
N TYR VA 92 47.36 3.49 -17.08
CA TYR VA 92 48.35 4.41 -16.55
C TYR VA 92 48.28 5.77 -17.23
N ALA VA 93 47.82 5.81 -18.48
CA ALA VA 93 47.52 7.09 -19.10
C ALA VA 93 46.39 7.79 -18.37
N THR VA 94 45.39 7.04 -17.93
CA THR VA 94 44.32 7.63 -17.13
C THR VA 94 44.86 8.13 -15.79
N TYR VA 95 45.73 7.35 -15.15
CA TYR VA 95 46.34 7.80 -13.90
C TYR VA 95 47.09 9.12 -14.08
N ALA VA 96 47.93 9.19 -15.11
CA ALA VA 96 48.71 10.39 -15.36
C ALA VA 96 47.80 11.54 -15.79
N LEU VA 97 46.69 11.24 -16.46
CA LEU VA 97 45.74 12.27 -16.84
C LEU VA 97 45.10 12.90 -15.61
N VAL VA 98 44.72 12.07 -14.64
CA VAL VA 98 44.18 12.62 -13.40
C VAL VA 98 45.25 13.40 -12.64
N ALA VA 99 46.45 12.84 -12.56
CA ALA VA 99 47.51 13.50 -11.79
C ALA VA 99 47.99 14.77 -12.48
N GLY VA 100 47.90 14.82 -13.81
CA GLY VA 100 48.45 15.93 -14.55
C GLY VA 100 49.96 15.87 -14.71
N ASP VA 101 50.58 14.74 -14.40
CA ASP VA 101 52.03 14.60 -14.44
C ASP VA 101 52.38 13.20 -14.94
N THR VA 102 53.50 13.10 -15.64
CA THR VA 102 53.88 11.86 -16.32
C THR VA 102 54.77 10.96 -15.48
N SER VA 103 55.07 11.33 -14.24
CA SER VA 103 56.03 10.55 -13.45
C SER VA 103 55.51 9.15 -13.15
N VAL VA 104 54.20 9.00 -12.96
CA VAL VA 104 53.63 7.68 -12.73
C VAL VA 104 53.90 6.78 -13.93
N ILE VA 105 53.87 7.34 -15.14
CA ILE VA 105 54.19 6.56 -16.33
C ILE VA 105 55.64 6.11 -16.31
N ASP VA 106 56.55 7.04 -15.98
CA ASP VA 106 57.97 6.73 -15.98
C ASP VA 106 58.30 5.66 -14.94
N GLU VA 107 57.64 5.71 -13.79
CA GLU VA 107 57.97 4.79 -12.71
C GLU VA 107 57.28 3.44 -12.89
N ARG VA 108 55.99 3.45 -13.21
CA ARG VA 108 55.21 2.22 -13.18
C ARG VA 108 55.19 1.53 -14.54
N VAL VA 109 55.41 2.27 -15.63
CA VAL VA 109 55.31 1.70 -16.96
C VAL VA 109 56.67 1.62 -17.65
N LEU VA 110 57.37 2.75 -17.76
CA LEU VA 110 58.57 2.83 -18.59
C LEU VA 110 59.83 2.38 -17.87
N ASN VA 111 59.74 2.03 -16.59
CA ASN VA 111 60.93 1.66 -15.82
C ASN VA 111 61.33 0.24 -16.20
N GLY VA 112 62.39 0.11 -17.01
CA GLY VA 112 62.88 -1.18 -17.45
C GLY VA 112 62.08 -1.84 -18.54
N LEU VA 113 61.16 -1.11 -19.19
CA LEU VA 113 60.28 -1.74 -20.16
C LEU VA 113 60.98 -1.98 -21.50
N LYS VA 114 61.80 -1.05 -21.95
CA LYS VA 114 62.47 -1.22 -23.24
C LYS VA 114 63.39 -2.43 -23.21
N GLU VA 115 64.17 -2.58 -22.14
CA GLU VA 115 65.04 -3.74 -22.02
C GLU VA 115 64.24 -5.03 -21.88
N THR VA 116 63.09 -4.97 -21.21
CA THR VA 116 62.25 -6.16 -21.09
C THR VA 116 61.71 -6.59 -22.45
N TYR VA 117 61.26 -5.63 -23.26
CA TYR VA 117 60.77 -5.96 -24.59
C TYR VA 117 61.89 -6.50 -25.48
N MET VA 118 63.10 -5.96 -25.36
CA MET VA 118 64.24 -6.55 -26.05
C MET VA 118 64.50 -7.98 -25.58
N SER VA 119 64.45 -8.22 -24.28
CA SER VA 119 64.70 -9.56 -23.76
C SER VA 119 63.65 -10.55 -24.24
N LEU VA 120 62.38 -10.14 -24.25
CA LEU VA 120 61.31 -11.04 -24.65
C LEU VA 120 61.24 -11.23 -26.16
N GLY VA 121 61.71 -10.24 -26.92
CA GLY VA 121 61.52 -10.25 -28.35
C GLY VA 121 60.33 -9.46 -28.83
N VAL VA 122 59.70 -8.69 -27.95
CA VAL VA 122 58.55 -7.88 -28.34
C VAL VA 122 58.99 -6.82 -29.34
N PRO VA 123 58.34 -6.68 -30.49
CA PRO VA 123 58.71 -5.61 -31.43
C PRO VA 123 58.24 -4.27 -30.90
N ILE VA 124 59.20 -3.45 -30.47
CA ILE VA 124 58.86 -2.14 -29.91
C ILE VA 124 58.17 -1.22 -30.91
N PRO VA 125 58.61 -1.11 -32.17
CA PRO VA 125 57.88 -0.22 -33.10
C PRO VA 125 56.41 -0.60 -33.28
N SER VA 126 56.09 -1.89 -33.29
CA SER VA 126 54.69 -2.29 -33.39
C SER VA 126 53.92 -1.92 -32.14
N THR VA 127 54.54 -2.05 -30.97
CA THR VA 127 53.90 -1.60 -29.74
C THR VA 127 53.64 -0.10 -29.78
N VAL VA 128 54.59 0.67 -30.31
CA VAL VA 128 54.39 2.11 -30.43
C VAL VA 128 53.25 2.41 -31.39
N ALA VA 129 53.15 1.64 -32.46
CA ALA VA 129 52.01 1.79 -33.37
C ALA VA 129 50.70 1.51 -32.65
N GLY VA 130 50.69 0.52 -31.76
CA GLY VA 130 49.50 0.26 -30.96
C GLY VA 130 49.17 1.40 -30.01
N VAL VA 131 50.20 1.99 -29.40
CA VAL VA 131 49.98 3.14 -28.51
C VAL VA 131 49.44 4.33 -29.31
N THR VA 132 49.94 4.54 -30.52
CA THR VA 132 49.41 5.60 -31.36
C THR VA 132 47.96 5.32 -31.77
N ALA VA 133 47.65 4.07 -32.06
CA ALA VA 133 46.26 3.73 -32.38
C ALA VA 133 45.35 4.03 -31.20
N MET VA 134 45.77 3.65 -29.99
CA MET VA 134 44.95 3.93 -28.81
C MET VA 134 44.87 5.42 -28.54
N LYS VA 135 45.95 6.17 -28.82
CA LYS VA 135 45.86 7.62 -28.83
C LYS VA 135 44.72 8.11 -29.71
N GLY VA 136 44.64 7.61 -30.94
CA GLY VA 136 43.57 8.04 -31.83
C GLY VA 136 42.20 7.66 -31.31
N VAL VA 137 42.08 6.45 -30.75
CA VAL VA 137 40.81 5.99 -30.20
C VAL VA 137 40.34 6.92 -29.09
N VAL VA 138 41.26 7.25 -28.18
CA VAL VA 138 40.92 8.07 -27.04
C VAL VA 138 40.66 9.51 -27.44
N ALA VA 139 41.37 10.00 -28.46
CA ALA VA 139 41.12 11.35 -28.95
C ALA VA 139 39.76 11.44 -29.62
N SER VA 140 39.31 10.35 -30.23
CA SER VA 140 37.99 10.35 -30.86
C SER VA 140 36.88 10.42 -29.82
N MET VA 141 37.22 10.25 -28.53
CA MET VA 141 36.18 10.20 -27.51
C MET VA 141 36.27 11.38 -26.55
N ILE VA 142 37.47 11.72 -26.08
CA ILE VA 142 37.63 12.72 -25.04
C ILE VA 142 38.34 13.97 -25.57
N GLY VA 143 38.74 13.96 -26.84
CA GLY VA 143 39.52 15.05 -27.35
C GLY VA 143 41.02 14.84 -27.13
N SER VA 144 41.77 15.90 -27.36
CA SER VA 144 43.23 15.85 -27.28
C SER VA 144 43.76 15.95 -25.86
N GLU VA 145 42.92 15.71 -24.86
CA GLU VA 145 43.32 15.94 -23.48
C GLU VA 145 44.40 14.95 -23.05
N ALA VA 146 44.33 13.71 -23.52
CA ALA VA 146 45.24 12.66 -23.09
C ALA VA 146 46.34 12.37 -24.10
N ASN VA 147 46.56 13.25 -25.08
CA ASN VA 147 47.56 12.96 -26.10
C ASN VA 147 48.97 13.04 -25.55
N VAL VA 148 49.21 13.92 -24.59
CA VAL VA 148 50.55 14.13 -24.06
C VAL VA 148 51.06 12.87 -23.39
N TYR VA 149 50.21 12.20 -22.62
CA TYR VA 149 50.66 11.04 -21.86
C TYR VA 149 50.91 9.84 -22.76
N PHE VA 150 50.06 9.65 -23.77
CA PHE VA 150 50.31 8.59 -24.75
C PHE VA 150 51.58 8.87 -25.54
N ASP VA 151 51.82 10.13 -25.89
CA ASP VA 151 53.08 10.50 -26.54
C ASP VA 151 54.27 10.20 -25.64
N HIS VA 152 54.13 10.46 -24.34
CA HIS VA 152 55.22 10.16 -23.42
C HIS VA 152 55.50 8.66 -23.38
N ILE VA 153 54.44 7.85 -23.32
CA ILE VA 153 54.63 6.40 -23.33
C ILE VA 153 55.31 5.97 -24.63
N ALA VA 154 54.87 6.52 -25.76
CA ALA VA 154 55.45 6.14 -27.04
C ALA VA 154 56.92 6.51 -27.12
N LYS VA 155 57.28 7.72 -26.70
CA LYS VA 155 58.69 8.12 -26.73
C LYS VA 155 59.54 7.29 -25.79
N GLY VA 156 58.99 6.96 -24.61
CA GLY VA 156 59.71 6.09 -23.71
C GLY VA 156 59.97 4.72 -24.31
N LEU VA 157 58.98 4.17 -25.01
CA LEU VA 157 59.20 2.95 -25.77
C LEU VA 157 60.23 3.16 -26.87
N SER VA 158 60.10 4.26 -27.61
CA SER VA 158 60.99 4.54 -28.73
C SER VA 158 62.28 5.20 -28.26
N MET WA 1 61.13 -27.23 -21.14
CA MET WA 1 61.86 -27.92 -22.19
C MET WA 1 60.91 -28.57 -23.17
N LEU WA 2 61.46 -29.15 -24.23
CA LEU WA 2 60.67 -29.80 -25.26
C LEU WA 2 61.47 -30.95 -25.87
N ASP WA 3 60.78 -32.04 -26.16
CA ASP WA 3 61.39 -33.23 -26.74
C ASP WA 3 61.29 -33.19 -28.26
N ALA WA 4 61.60 -34.32 -28.89
CA ALA WA 4 61.61 -34.38 -30.34
C ALA WA 4 60.22 -34.16 -30.92
N VAL WA 5 59.20 -34.80 -30.34
CA VAL WA 5 57.84 -34.63 -30.82
C VAL WA 5 57.39 -33.19 -30.68
N THR WA 6 57.64 -32.59 -29.52
CA THR WA 6 57.24 -31.20 -29.31
C THR WA 6 58.05 -30.25 -30.16
N LYS WA 7 59.31 -30.60 -30.46
CA LYS WA 7 60.11 -29.76 -31.33
C LYS WA 7 59.54 -29.76 -32.75
N ILE WA 8 59.10 -30.92 -33.22
CA ILE WA 8 58.44 -30.99 -34.52
C ILE WA 8 57.12 -30.22 -34.49
N ILE WA 9 56.37 -30.35 -33.38
CA ILE WA 9 55.11 -29.64 -33.27
C ILE WA 9 55.33 -28.14 -33.33
N ASN WA 10 56.39 -27.65 -32.71
CA ASN WA 10 56.67 -26.22 -32.73
C ASN WA 10 57.14 -25.76 -34.09
N ARG WA 11 57.91 -26.60 -34.80
CA ARG WA 11 58.27 -26.26 -36.17
C ARG WA 11 57.04 -26.13 -37.05
N THR WA 12 56.05 -27.00 -36.84
CA THR WA 12 54.82 -26.89 -37.64
C THR WA 12 54.00 -25.68 -37.24
N ASP WA 13 53.89 -25.42 -35.94
CA ASP WA 13 53.03 -24.36 -35.46
C ASP WA 13 53.60 -22.99 -35.78
N ALA WA 14 54.93 -22.88 -35.86
CA ALA WA 14 55.53 -21.61 -36.24
C ALA WA 14 55.13 -21.21 -37.65
N GLU WA 15 55.09 -22.17 -38.57
CA GLU WA 15 54.58 -21.92 -39.91
C GLU WA 15 53.08 -22.15 -40.02
N GLY WA 16 52.44 -22.57 -38.94
CA GLY WA 16 51.00 -22.66 -38.89
C GLY WA 16 50.37 -23.69 -39.81
N ARG WA 17 50.97 -24.88 -39.91
CA ARG WA 17 50.44 -25.90 -40.79
C ARG WA 17 50.19 -27.17 -39.99
N TYR WA 18 49.37 -28.04 -40.56
CA TYR WA 18 49.22 -29.38 -40.04
C TYR WA 18 50.47 -30.20 -40.32
N PHE WA 19 50.56 -31.36 -39.68
CA PHE WA 19 51.68 -32.26 -39.92
C PHE WA 19 51.67 -32.78 -41.35
N ALA WA 20 52.81 -32.70 -42.01
CA ALA WA 20 52.98 -33.27 -43.33
C ALA WA 20 53.51 -34.69 -43.22
N SER WA 21 53.75 -35.32 -44.38
CA SER WA 21 54.29 -36.66 -44.39
C SER WA 21 55.72 -36.70 -43.86
N LYS WA 22 56.50 -35.67 -44.15
CA LYS WA 22 57.86 -35.60 -43.65
C LYS WA 22 57.89 -35.55 -42.12
N ASP WA 23 56.99 -34.76 -41.52
CA ASP WA 23 56.95 -34.64 -40.08
C ASP WA 23 56.46 -35.93 -39.44
N PHE WA 24 55.49 -36.60 -40.07
CA PHE WA 24 55.06 -37.90 -39.59
C PHE WA 24 56.19 -38.91 -39.66
N ASP WA 25 57.03 -38.81 -40.69
CA ASP WA 25 58.19 -39.70 -40.77
C ASP WA 25 59.19 -39.41 -39.67
N GLU WA 26 59.43 -38.13 -39.36
CA GLU WA 26 60.33 -37.79 -38.27
C GLU WA 26 59.82 -38.33 -36.94
N VAL WA 27 58.53 -38.14 -36.68
CA VAL WA 27 57.91 -38.65 -35.46
C VAL WA 27 57.99 -40.17 -35.43
N THR WA 28 57.82 -40.81 -36.59
CA THR WA 28 57.89 -42.26 -36.66
C THR WA 28 59.29 -42.76 -36.32
N ARG WA 29 60.33 -42.11 -36.84
CA ARG WA 29 61.68 -42.51 -36.49
C ARG WA 29 61.96 -42.31 -35.00
N PHE WA 30 61.43 -41.23 -34.44
CA PHE WA 30 61.59 -41.02 -33.00
C PHE WA 30 60.95 -42.17 -32.22
N PHE WA 31 59.70 -42.51 -32.55
CA PHE WA 31 59.03 -43.61 -31.87
C PHE WA 31 59.76 -44.92 -32.07
N ALA WA 32 60.40 -45.09 -33.24
CA ALA WA 32 61.12 -46.32 -33.52
C ALA WA 32 62.36 -46.46 -32.64
N THR WA 33 63.14 -45.39 -32.50
CA THR WA 33 64.34 -45.44 -31.68
C THR WA 33 64.07 -45.30 -30.19
N GLY WA 34 62.83 -45.01 -29.81
CA GLY WA 34 62.51 -44.80 -28.40
C GLY WA 34 62.85 -45.98 -27.52
N GLU WA 35 62.63 -47.20 -28.01
CA GLU WA 35 62.89 -48.38 -27.19
C GLU WA 35 64.37 -48.52 -26.84
N ALA WA 36 65.24 -48.39 -27.84
CA ALA WA 36 66.67 -48.47 -27.60
C ALA WA 36 67.13 -47.34 -26.70
N ARG WA 37 66.57 -46.15 -26.89
CA ARG WA 37 66.95 -45.03 -26.02
C ARG WA 37 66.54 -45.28 -24.58
N LEU WA 38 65.35 -45.84 -24.36
CA LEU WA 38 64.93 -46.17 -23.00
C LEU WA 38 65.85 -47.21 -22.38
N ARG WA 39 66.25 -48.22 -23.16
CA ARG WA 39 67.19 -49.21 -22.65
C ARG WA 39 68.50 -48.56 -22.23
N ALA WA 40 69.04 -47.69 -23.07
CA ALA WA 40 70.31 -47.04 -22.73
C ALA WA 40 70.19 -46.15 -21.51
N ALA WA 41 69.08 -45.42 -21.39
CA ALA WA 41 68.89 -44.56 -20.23
C ALA WA 41 68.76 -45.37 -18.96
N SER WA 42 68.06 -46.50 -19.03
CA SER WA 42 67.93 -47.35 -17.84
C SER WA 42 69.28 -47.95 -17.45
N THR WA 43 70.11 -48.27 -18.45
CA THR WA 43 71.44 -48.76 -18.15
C THR WA 43 72.28 -47.69 -17.45
N ILE WA 44 72.18 -46.44 -17.92
CA ILE WA 44 72.88 -45.34 -17.27
C ILE WA 44 72.39 -45.15 -15.85
N SER WA 45 71.06 -45.22 -15.65
CA SER WA 45 70.50 -45.02 -14.33
C SER WA 45 70.93 -46.12 -13.36
N ALA WA 46 70.93 -47.37 -13.81
CA ALA WA 46 71.25 -48.48 -12.91
C ALA WA 46 72.72 -48.49 -12.53
N ASN WA 47 73.55 -47.75 -13.25
CA ASN WA 47 74.98 -47.74 -13.04
C ASN WA 47 75.53 -46.33 -12.83
N ALA WA 48 74.70 -45.41 -12.32
CA ALA WA 48 75.11 -44.01 -12.22
C ALA WA 48 76.28 -43.82 -11.28
N ALA WA 49 76.25 -44.46 -10.11
CA ALA WA 49 77.31 -44.28 -9.13
C ALA WA 49 78.66 -44.75 -9.68
N SER WA 50 78.67 -45.90 -10.35
CA SER WA 50 79.88 -46.34 -11.03
C SER WA 50 80.36 -45.27 -12.01
N ILE WA 51 79.52 -44.92 -12.99
CA ILE WA 51 79.92 -43.96 -14.02
C ILE WA 51 80.54 -42.73 -13.39
N LEU WA 52 79.93 -42.20 -12.32
CA LEU WA 52 80.53 -41.07 -11.62
C LEU WA 52 81.90 -41.42 -11.05
N ARG WA 53 82.04 -42.60 -10.45
CA ARG WA 53 83.30 -42.95 -9.82
C ARG WA 53 84.44 -43.04 -10.85
N GLU WA 54 84.24 -43.81 -11.92
CA GLU WA 54 85.29 -43.88 -12.93
C GLU WA 54 85.48 -42.56 -13.67
N SER WA 55 84.42 -41.78 -13.87
CA SER WA 55 84.58 -40.49 -14.53
C SER WA 55 85.45 -39.54 -13.69
N ALA WA 56 85.15 -39.42 -12.40
CA ALA WA 56 85.92 -38.56 -11.53
C ALA WA 56 87.36 -39.07 -11.38
N ALA WA 57 87.53 -40.38 -11.24
CA ALA WA 57 88.88 -40.93 -11.15
C ALA WA 57 89.67 -40.61 -12.41
N ALA WA 58 89.05 -40.75 -13.58
CA ALA WA 58 89.73 -40.42 -14.83
C ALA WA 58 90.10 -38.95 -14.89
N LEU WA 59 89.16 -38.08 -14.51
CA LEU WA 59 89.44 -36.64 -14.55
C LEU WA 59 90.61 -36.29 -13.64
N PHE WA 60 90.61 -36.79 -12.41
CA PHE WA 60 91.62 -36.37 -11.44
C PHE WA 60 92.90 -37.18 -11.59
N THR WA 61 92.89 -38.23 -12.41
CA THR WA 61 94.14 -38.89 -12.77
C THR WA 61 94.79 -38.18 -13.95
N GLU WA 62 93.98 -37.68 -14.88
CA GLU WA 62 94.51 -36.84 -15.94
C GLU WA 62 95.07 -35.54 -15.38
N GLN WA 63 94.36 -34.93 -14.42
CA GLN WA 63 94.71 -33.60 -13.91
C GLN WA 63 94.81 -33.65 -12.39
N PRO WA 64 95.92 -34.17 -11.87
CA PRO WA 64 96.06 -34.25 -10.40
C PRO WA 64 96.13 -32.90 -9.72
N ASP WA 65 96.46 -31.84 -10.46
CA ASP WA 65 96.61 -30.52 -9.86
C ASP WA 65 95.30 -30.03 -9.26
N LEU WA 66 94.17 -30.56 -9.75
CA LEU WA 66 92.87 -30.10 -9.27
C LEU WA 66 92.64 -30.47 -7.82
N LEU WA 67 93.33 -31.51 -7.33
CA LEU WA 67 93.12 -31.97 -5.97
C LEU WA 67 94.15 -31.40 -5.01
N ARG WA 68 95.29 -30.95 -5.52
CA ARG WA 68 96.35 -30.43 -4.68
C ARG WA 68 95.89 -29.13 -4.02
N PRO WA 69 96.42 -28.82 -2.84
CA PRO WA 69 96.03 -27.59 -2.14
C PRO WA 69 96.29 -26.36 -2.99
N GLY WA 70 95.27 -25.53 -3.11
CA GLY WA 70 95.23 -24.49 -4.11
C GLY WA 70 94.52 -24.87 -5.39
N GLY WA 71 94.19 -26.16 -5.57
CA GLY WA 71 93.40 -26.56 -6.70
C GLY WA 71 91.94 -26.17 -6.53
N ASN WA 72 91.21 -26.18 -7.65
CA ASN WA 72 89.81 -25.80 -7.58
C ASN WA 72 88.96 -26.90 -6.96
N ALA WA 73 89.41 -28.14 -7.01
CA ALA WA 73 88.69 -29.22 -6.35
C ALA WA 73 89.27 -29.55 -4.99
N TYR WA 74 90.27 -28.81 -4.52
CA TYR WA 74 90.82 -29.05 -3.20
C TYR WA 74 89.95 -28.41 -2.12
N THR WA 75 89.01 -29.20 -1.62
CA THR WA 75 88.42 -29.23 -0.28
C THR WA 75 87.38 -30.34 -0.37
N SER WA 76 86.83 -30.78 0.76
CA SER WA 76 85.71 -31.70 0.67
C SER WA 76 84.52 -31.02 0.00
N ARG WA 77 84.30 -29.74 0.30
CA ARG WA 77 83.21 -28.98 -0.28
C ARG WA 77 83.39 -28.80 -1.79
N ARG WA 78 84.58 -28.38 -2.22
CA ARG WA 78 84.77 -28.12 -3.63
C ARG WA 78 84.85 -29.42 -4.43
N TYR WA 79 85.43 -30.47 -3.85
CA TYR WA 79 85.40 -31.77 -4.50
C TYR WA 79 83.97 -32.27 -4.65
N ALA WA 80 83.15 -32.10 -3.61
CA ALA WA 80 81.76 -32.51 -3.70
C ALA WA 80 81.02 -31.71 -4.77
N ALA WA 81 81.30 -30.41 -4.85
CA ALA WA 81 80.67 -29.58 -5.89
C ALA WA 81 81.08 -30.03 -7.28
N CYS WA 82 82.34 -30.42 -7.45
CA CYS WA 82 82.79 -30.96 -8.73
C CYS WA 82 82.06 -32.24 -9.11
N VAL WA 83 82.04 -33.22 -8.19
CA VAL WA 83 81.37 -34.48 -8.48
C VAL WA 83 79.88 -34.26 -8.68
N ARG WA 84 79.32 -33.25 -8.04
CA ARG WA 84 77.90 -32.96 -8.19
C ARG WA 84 77.60 -32.32 -9.55
N ASP WA 85 78.51 -31.50 -10.05
CA ASP WA 85 78.39 -31.00 -11.41
C ASP WA 85 78.45 -32.15 -12.41
N MET WA 86 79.35 -33.10 -12.18
CA MET WA 86 79.44 -34.26 -13.06
C MET WA 86 78.17 -35.09 -13.00
N GLU WA 87 77.59 -35.23 -11.81
CA GLU WA 87 76.31 -35.93 -11.68
C GLU WA 87 75.20 -35.19 -12.43
N TYR WA 88 75.20 -33.87 -12.35
CA TYR WA 88 74.26 -33.07 -13.14
C TYR WA 88 74.39 -33.39 -14.62
N PHE WA 89 75.61 -33.37 -15.13
CA PHE WA 89 75.83 -33.61 -16.55
C PHE WA 89 75.34 -35.00 -16.95
N LEU WA 90 75.65 -36.01 -16.12
CA LEU WA 90 75.21 -37.36 -16.43
C LEU WA 90 73.69 -37.47 -16.44
N ARG WA 91 73.04 -36.95 -15.41
CA ARG WA 91 71.59 -37.07 -15.31
C ARG WA 91 70.89 -36.34 -16.45
N TYR WA 92 71.37 -35.15 -16.80
CA TYR WA 92 70.69 -34.40 -17.84
C TYR WA 92 71.03 -34.92 -19.23
N ALA WA 93 72.18 -35.60 -19.38
CA ALA WA 93 72.43 -36.31 -20.62
C ALA WA 93 71.47 -37.49 -20.76
N THR WA 94 71.16 -38.16 -19.65
CA THR WA 94 70.13 -39.21 -19.70
C THR WA 94 68.77 -38.62 -20.05
N TYR WA 95 68.43 -37.47 -19.48
CA TYR WA 95 67.17 -36.82 -19.85
C TYR WA 95 67.13 -36.50 -21.33
N ALA WA 96 68.21 -35.96 -21.87
CA ALA WA 96 68.25 -35.63 -23.30
C ALA WA 96 68.17 -36.89 -24.14
N LEU WA 97 68.81 -37.97 -23.69
CA LEU WA 97 68.75 -39.23 -24.42
C LEU WA 97 67.32 -39.75 -24.52
N VAL WA 98 66.59 -39.71 -23.40
CA VAL WA 98 65.20 -40.13 -23.42
C VAL WA 98 64.38 -39.20 -24.31
N ALA WA 99 64.57 -37.89 -24.14
CA ALA WA 99 63.75 -36.93 -24.88
C ALA WA 99 64.14 -36.85 -26.34
N GLY WA 100 65.33 -37.34 -26.69
CA GLY WA 100 65.78 -37.29 -28.06
C GLY WA 100 66.18 -35.92 -28.56
N ASP WA 101 66.33 -34.93 -27.67
CA ASP WA 101 66.63 -33.57 -28.07
C ASP WA 101 67.43 -32.88 -26.97
N THR WA 102 68.37 -32.04 -27.39
CA THR WA 102 69.30 -31.38 -26.49
C THR WA 102 68.75 -30.10 -25.88
N SER WA 103 67.43 -29.91 -25.92
CA SER WA 103 66.85 -28.68 -25.37
C SER WA 103 66.97 -28.62 -23.87
N VAL WA 104 66.81 -29.76 -23.19
CA VAL WA 104 66.84 -29.76 -21.73
C VAL WA 104 68.23 -29.42 -21.23
N ILE WA 105 69.27 -29.86 -21.95
CA ILE WA 105 70.64 -29.50 -21.57
C ILE WA 105 70.87 -28.02 -21.75
N ASP WA 106 70.39 -27.45 -22.86
CA ASP WA 106 70.55 -26.02 -23.10
C ASP WA 106 69.84 -25.20 -22.03
N GLU WA 107 68.59 -25.55 -21.73
CA GLU WA 107 67.78 -24.71 -20.85
C GLU WA 107 68.20 -24.86 -19.40
N ARG WA 108 68.49 -26.09 -18.96
CA ARG WA 108 68.68 -26.35 -17.54
C ARG WA 108 70.12 -26.59 -17.13
N VAL WA 109 71.05 -26.69 -18.08
CA VAL WA 109 72.45 -26.92 -17.71
C VAL WA 109 73.35 -25.83 -18.28
N LEU WA 110 73.38 -25.70 -19.60
CA LEU WA 110 74.31 -24.78 -20.23
C LEU WA 110 73.94 -23.33 -19.96
N ASN WA 111 72.68 -23.07 -19.62
CA ASN WA 111 72.22 -21.71 -19.47
C ASN WA 111 72.76 -21.12 -18.17
N GLY WA 112 73.60 -20.09 -18.28
CA GLY WA 112 74.23 -19.49 -17.14
C GLY WA 112 75.36 -20.29 -16.52
N LEU WA 113 75.89 -21.28 -17.24
CA LEU WA 113 76.95 -22.12 -16.67
C LEU WA 113 78.33 -21.51 -16.87
N LYS WA 114 78.60 -20.98 -18.07
CA LYS WA 114 79.90 -20.35 -18.30
C LYS WA 114 80.06 -19.11 -17.43
N GLU WA 115 78.99 -18.33 -17.27
CA GLU WA 115 79.04 -17.17 -16.40
C GLU WA 115 79.29 -17.58 -14.95
N THR WA 116 78.61 -18.62 -14.49
CA THR WA 116 78.81 -19.12 -13.14
C THR WA 116 80.25 -19.58 -12.94
N TYR WA 117 80.79 -20.30 -13.91
CA TYR WA 117 82.15 -20.83 -13.79
C TYR WA 117 83.18 -19.71 -13.83
N MET WA 118 82.94 -18.67 -14.66
CA MET WA 118 83.82 -17.50 -14.66
C MET WA 118 83.77 -16.77 -13.32
N SER WA 119 82.58 -16.63 -12.74
CA SER WA 119 82.48 -15.93 -11.47
C SER WA 119 83.15 -16.71 -10.35
N LEU WA 120 83.03 -18.03 -10.38
CA LEU WA 120 83.56 -18.83 -9.27
C LEU WA 120 85.03 -19.18 -9.47
N GLY WA 121 85.54 -19.04 -10.67
CA GLY WA 121 86.89 -19.46 -10.96
C GLY WA 121 87.02 -20.91 -11.36
N VAL WA 122 85.93 -21.56 -11.70
CA VAL WA 122 85.95 -22.97 -12.13
C VAL WA 122 86.63 -23.07 -13.49
N PRO WA 123 87.65 -23.91 -13.66
CA PRO WA 123 88.32 -24.04 -14.95
C PRO WA 123 87.45 -24.77 -15.96
N ILE WA 124 86.94 -24.02 -16.95
CA ILE WA 124 86.10 -24.64 -17.98
C ILE WA 124 86.83 -25.72 -18.76
N PRO WA 125 88.10 -25.57 -19.16
CA PRO WA 125 88.77 -26.68 -19.84
C PRO WA 125 88.82 -27.97 -19.02
N SER WA 126 89.01 -27.87 -17.71
CA SER WA 126 89.03 -29.07 -16.88
C SER WA 126 87.64 -29.68 -16.77
N THR WA 127 86.59 -28.83 -16.73
CA THR WA 127 85.23 -29.34 -16.75
C THR WA 127 84.93 -30.07 -18.06
N VAL WA 128 85.44 -29.53 -19.17
CA VAL WA 128 85.28 -30.18 -20.47
C VAL WA 128 86.01 -31.51 -20.49
N ALA WA 129 87.20 -31.57 -19.89
CA ALA WA 129 87.92 -32.84 -19.80
C ALA WA 129 87.15 -33.86 -18.98
N GLY WA 130 86.53 -33.42 -17.88
CA GLY WA 130 85.68 -34.32 -17.11
C GLY WA 130 84.49 -34.81 -17.90
N VAL WA 131 83.89 -33.92 -18.69
CA VAL WA 131 82.76 -34.31 -19.54
C VAL WA 131 83.20 -35.34 -20.57
N THR WA 132 84.39 -35.15 -21.16
CA THR WA 132 84.90 -36.11 -22.13
C THR WA 132 85.18 -37.47 -21.47
N ALA WA 133 85.75 -37.45 -20.27
CA ALA WA 133 85.99 -38.70 -19.56
C ALA WA 133 84.68 -39.42 -19.26
N MET WA 134 83.67 -38.67 -18.82
CA MET WA 134 82.36 -39.25 -18.55
C MET WA 134 81.73 -39.80 -19.83
N LYS WA 135 81.91 -39.09 -20.94
CA LYS WA 135 81.42 -39.58 -22.22
C LYS WA 135 82.05 -40.91 -22.59
N GLY WA 136 83.37 -41.01 -22.44
CA GLY WA 136 84.03 -42.27 -22.72
C GLY WA 136 83.55 -43.40 -21.84
N VAL WA 137 83.40 -43.11 -20.54
CA VAL WA 137 82.95 -44.13 -19.60
C VAL WA 137 81.55 -44.62 -19.95
N VAL WA 138 80.65 -43.69 -20.29
CA VAL WA 138 79.29 -44.07 -20.65
C VAL WA 138 79.28 -44.84 -21.96
N ALA WA 139 80.10 -44.43 -22.92
CA ALA WA 139 80.10 -45.06 -24.24
C ALA WA 139 80.65 -46.47 -24.16
N SER WA 140 81.53 -46.74 -23.19
CA SER WA 140 81.95 -48.12 -22.98
C SER WA 140 80.79 -49.00 -22.58
N MET WA 141 79.75 -48.41 -21.97
CA MET WA 141 78.69 -49.22 -21.39
C MET WA 141 77.50 -49.34 -22.33
N ILE WA 142 77.00 -48.21 -22.83
CA ILE WA 142 75.81 -48.21 -23.68
C ILE WA 142 76.13 -47.96 -25.14
N GLY WA 143 77.39 -47.77 -25.48
CA GLY WA 143 77.74 -47.50 -26.86
C GLY WA 143 77.62 -46.02 -27.20
N SER WA 144 77.31 -45.76 -28.48
CA SER WA 144 77.40 -44.43 -29.06
C SER WA 144 76.12 -43.62 -28.90
N GLU WA 145 75.13 -44.14 -28.17
CA GLU WA 145 73.82 -43.50 -28.11
C GLU WA 145 73.90 -42.09 -27.55
N ALA WA 146 74.69 -41.90 -26.49
CA ALA WA 146 74.68 -40.65 -25.74
C ALA WA 146 75.85 -39.74 -26.03
N ASN WA 147 76.65 -40.04 -27.06
CA ASN WA 147 77.80 -39.20 -27.36
C ASN WA 147 77.37 -37.80 -27.77
N VAL WA 148 76.22 -37.67 -28.44
CA VAL WA 148 75.82 -36.37 -28.97
C VAL WA 148 75.51 -35.40 -27.84
N TYR WA 149 74.91 -35.88 -26.76
CA TYR WA 149 74.54 -34.97 -25.67
C TYR WA 149 75.77 -34.57 -24.84
N PHE WA 150 76.72 -35.49 -24.67
CA PHE WA 150 77.96 -35.10 -24.00
C PHE WA 150 78.79 -34.17 -24.87
N ASP WA 151 78.78 -34.38 -26.18
CA ASP WA 151 79.42 -33.43 -27.09
C ASP WA 151 78.73 -32.08 -27.03
N HIS WA 152 77.40 -32.08 -26.88
CA HIS WA 152 76.68 -30.82 -26.73
C HIS WA 152 77.12 -30.09 -25.47
N ILE WA 153 77.24 -30.81 -24.35
CA ILE WA 153 77.67 -30.17 -23.11
C ILE WA 153 79.10 -29.65 -23.26
N ALA WA 154 79.98 -30.44 -23.88
CA ALA WA 154 81.37 -30.05 -24.02
C ALA WA 154 81.52 -28.81 -24.90
N LYS WA 155 80.77 -28.74 -26.01
CA LYS WA 155 80.87 -27.58 -26.87
C LYS WA 155 80.15 -26.37 -26.29
N GLY WA 156 79.11 -26.60 -25.50
CA GLY WA 156 78.45 -25.50 -24.82
C GLY WA 156 79.34 -24.85 -23.78
N LEU WA 157 80.14 -25.66 -23.08
CA LEU WA 157 81.11 -25.08 -22.16
C LEU WA 157 82.29 -24.48 -22.92
N SER WA 158 82.77 -25.16 -23.95
CA SER WA 158 83.88 -24.68 -24.76
C SER WA 158 83.41 -23.67 -25.80
N MET XA 1 83.44 -13.29 6.81
CA MET XA 1 84.53 -12.38 7.12
C MET XA 1 85.80 -13.14 7.52
N LEU XA 2 86.89 -12.40 7.69
CA LEU XA 2 88.18 -12.95 8.05
C LEU XA 2 88.76 -12.15 9.20
N ASP XA 3 89.27 -12.84 10.22
CA ASP XA 3 90.15 -12.20 11.17
C ASP XA 3 91.59 -12.45 10.79
N ALA XA 4 92.51 -12.10 11.68
CA ALA XA 4 93.93 -12.32 11.39
C ALA XA 4 94.27 -13.81 11.44
N VAL XA 5 93.81 -14.50 12.48
CA VAL XA 5 94.14 -15.91 12.63
C VAL XA 5 93.53 -16.73 11.50
N THR XA 6 92.30 -16.38 11.10
CA THR XA 6 91.66 -17.10 10.00
C THR XA 6 92.37 -16.82 8.69
N LYS XA 7 92.89 -15.60 8.51
CA LYS XA 7 93.69 -15.31 7.33
C LYS XA 7 94.95 -16.16 7.29
N ILE XA 8 95.63 -16.31 8.43
CA ILE XA 8 96.83 -17.15 8.45
C ILE XA 8 96.47 -18.60 8.18
N ILE XA 9 95.36 -19.08 8.75
CA ILE XA 9 94.91 -20.44 8.49
C ILE XA 9 94.67 -20.65 7.00
N ASN XA 10 94.01 -19.68 6.36
CA ASN XA 10 93.72 -19.80 4.93
C ASN XA 10 94.99 -19.75 4.11
N ARG XA 11 95.95 -18.92 4.50
CA ARG XA 11 97.22 -18.87 3.81
C ARG XA 11 97.96 -20.19 3.88
N THR XA 12 97.97 -20.81 5.07
CA THR XA 12 98.59 -22.13 5.18
C THR XA 12 97.80 -23.18 4.40
N ASP XA 13 96.48 -23.08 4.39
CA ASP XA 13 95.66 -24.09 3.73
C ASP XA 13 95.81 -24.05 2.22
N ALA XA 14 95.94 -22.85 1.66
CA ALA XA 14 96.10 -22.73 0.21
C ALA XA 14 97.40 -23.40 -0.25
N GLU XA 15 98.38 -23.48 0.64
CA GLU XA 15 99.61 -24.20 0.39
C GLU XA 15 99.56 -25.63 0.89
N GLY XA 16 98.54 -25.99 1.66
CA GLY XA 16 98.42 -27.34 2.19
C GLY XA 16 99.53 -27.73 3.13
N ARG XA 17 99.96 -26.81 3.98
CA ARG XA 17 101.04 -27.07 4.91
C ARG XA 17 100.58 -26.76 6.34
N TYR XA 18 101.28 -27.37 7.30
CA TYR XA 18 101.03 -27.06 8.70
C TYR XA 18 101.59 -25.68 9.03
N PHE XA 19 101.23 -25.20 10.21
CA PHE XA 19 101.77 -23.91 10.66
C PHE XA 19 103.27 -24.04 10.90
N ALA XA 20 104.01 -23.05 10.42
CA ALA XA 20 105.44 -22.98 10.62
C ALA XA 20 105.76 -21.96 11.71
N SER XA 21 107.06 -21.75 11.95
CA SER XA 21 107.46 -20.83 13.00
C SER XA 21 106.99 -19.41 12.70
N LYS XA 22 107.13 -18.97 11.45
CA LYS XA 22 106.71 -17.62 11.08
C LYS XA 22 105.22 -17.42 11.29
N ASP XA 23 104.42 -18.41 10.89
CA ASP XA 23 102.98 -18.33 11.09
C ASP XA 23 102.63 -18.29 12.57
N PHE XA 24 103.34 -19.08 13.38
CA PHE XA 24 103.11 -19.07 14.82
C PHE XA 24 103.48 -17.73 15.43
N ASP XA 25 104.56 -17.09 14.95
CA ASP XA 25 104.88 -15.76 15.45
C ASP XA 25 103.83 -14.74 15.04
N GLU XA 26 103.29 -14.86 13.83
CA GLU XA 26 102.23 -13.94 13.41
C GLU XA 26 101.00 -14.10 14.29
N VAL XA 27 100.64 -15.33 14.61
CA VAL XA 27 99.50 -15.59 15.50
C VAL XA 27 99.79 -15.08 16.90
N THR XA 28 101.03 -15.25 17.36
CA THR XA 28 101.43 -14.73 18.67
C THR XA 28 101.36 -13.21 18.71
N ARG XA 29 101.75 -12.55 17.63
CA ARG XA 29 101.65 -11.09 17.57
C ARG XA 29 100.20 -10.64 17.57
N PHE XA 30 99.33 -11.40 16.89
CA PHE XA 30 97.91 -11.07 16.94
C PHE XA 30 97.36 -11.24 18.35
N PHE XA 31 97.79 -12.29 19.06
CA PHE XA 31 97.29 -12.52 20.41
C PHE XA 31 97.86 -11.51 21.40
N ALA XA 32 99.06 -11.01 21.13
CA ALA XA 32 99.70 -10.07 22.04
C ALA XA 32 99.00 -8.72 22.04
N THR XA 33 98.62 -8.23 20.88
CA THR XA 33 97.98 -6.93 20.76
C THR XA 33 96.48 -6.99 20.96
N GLY XA 34 95.93 -8.16 21.26
CA GLY XA 34 94.48 -8.30 21.33
C GLY XA 34 93.84 -7.54 22.47
N GLU XA 35 94.48 -7.52 23.64
CA GLU XA 35 93.91 -6.87 24.80
C GLU XA 35 93.74 -5.37 24.58
N ALA XA 36 94.75 -4.72 24.01
CA ALA XA 36 94.67 -3.30 23.74
C ALA XA 36 93.57 -2.99 22.75
N ARG XA 37 93.44 -3.81 21.71
CA ARG XA 37 92.39 -3.58 20.71
C ARG XA 37 91.02 -3.81 21.30
N LEU XA 38 90.87 -4.80 22.18
CA LEU XA 38 89.61 -4.99 22.88
C LEU XA 38 89.26 -3.80 23.74
N ARG XA 39 90.24 -3.26 24.47
CA ARG XA 39 89.98 -2.08 25.29
C ARG XA 39 89.58 -0.89 24.44
N ALA XA 40 90.26 -0.69 23.30
CA ALA XA 40 89.92 0.41 22.41
C ALA XA 40 88.51 0.25 21.85
N ALA XA 41 88.14 -0.98 21.47
CA ALA XA 41 86.82 -1.23 20.93
C ALA XA 41 85.73 -1.02 21.98
N SER XA 42 86.00 -1.45 23.22
CA SER XA 42 85.04 -1.18 24.29
C SER XA 42 84.91 0.30 24.56
N THR XA 43 86.02 1.04 24.47
CA THR XA 43 85.97 2.48 24.62
C THR XA 43 85.11 3.13 23.54
N ILE XA 44 85.26 2.68 22.30
CA ILE XA 44 84.44 3.22 21.21
C ILE XA 44 82.97 2.87 21.43
N SER XA 45 82.69 1.62 21.80
CA SER XA 45 81.31 1.20 22.01
C SER XA 45 80.66 1.99 23.13
N ALA XA 46 81.40 2.28 24.18
CA ALA XA 46 80.84 3.05 25.29
C ALA XA 46 80.49 4.46 24.86
N ASN XA 47 81.24 5.01 23.92
CA ASN XA 47 81.12 6.41 23.52
C ASN XA 47 80.56 6.57 22.10
N ALA XA 48 79.87 5.57 21.58
CA ALA XA 48 79.50 5.59 20.17
C ALA XA 48 78.55 6.75 19.86
N ALA XA 49 77.56 6.98 20.72
CA ALA XA 49 76.62 8.07 20.49
C ALA XA 49 77.32 9.42 20.51
N SER XA 50 78.21 9.63 21.48
CA SER XA 50 78.98 10.86 21.50
C SER XA 50 79.84 10.97 20.25
N ILE XA 51 80.68 9.97 19.98
CA ILE XA 51 81.58 10.03 18.82
C ILE XA 51 80.80 10.38 17.56
N LEU XA 52 79.62 9.77 17.40
CA LEU XA 52 78.80 10.07 16.24
C LEU XA 52 78.33 11.52 16.26
N ARG XA 53 77.97 12.03 17.45
CA ARG XA 53 77.52 13.41 17.55
C ARG XA 53 78.62 14.40 17.14
N GLU XA 54 79.81 14.27 17.72
CA GLU XA 54 80.90 15.17 17.31
C GLU XA 54 81.30 14.96 15.85
N SER XA 55 81.29 13.72 15.35
CA SER XA 55 81.67 13.53 13.96
C SER XA 55 80.70 14.21 13.01
N ALA XA 56 79.39 14.04 13.25
CA ALA XA 56 78.40 14.70 12.41
C ALA XA 56 78.50 16.21 12.52
N ALA XA 57 78.66 16.72 13.73
CA ALA XA 57 78.77 18.16 13.91
C ALA XA 57 79.98 18.71 13.16
N ALA XA 58 81.12 18.03 13.26
CA ALA XA 58 82.32 18.49 12.58
C ALA XA 58 82.15 18.46 11.07
N LEU XA 59 81.59 17.38 10.53
CA LEU XA 59 81.41 17.29 9.09
C LEU XA 59 80.50 18.40 8.58
N PHE XA 60 79.40 18.65 9.28
CA PHE XA 60 78.43 19.60 8.76
C PHE XA 60 78.82 21.04 9.05
N THR XA 61 79.71 21.27 10.02
CA THR XA 61 80.33 22.58 10.13
C THR XA 61 81.31 22.81 9.00
N GLU XA 62 82.08 21.77 8.66
CA GLU XA 62 83.00 21.85 7.54
C GLU XA 62 82.25 22.10 6.23
N GLN XA 63 81.09 21.47 6.06
CA GLN XA 63 80.31 21.57 4.83
C GLN XA 63 78.85 21.91 5.17
N PRO XA 64 78.57 23.16 5.50
CA PRO XA 64 77.19 23.54 5.81
C PRO XA 64 76.24 23.42 4.63
N ASP XA 65 76.77 23.38 3.41
CA ASP XA 65 75.92 23.33 2.23
C ASP XA 65 75.13 22.04 2.15
N LEU XA 66 75.64 20.96 2.74
CA LEU XA 66 74.92 19.69 2.73
C LEU XA 66 73.59 19.80 3.46
N LEU XA 67 73.57 20.53 4.56
CA LEU XA 67 72.34 20.66 5.34
C LEU XA 67 71.40 21.71 4.75
N ARG XA 68 71.90 22.53 3.84
CA ARG XA 68 71.07 23.57 3.26
C ARG XA 68 70.16 22.97 2.19
N PRO XA 69 69.02 23.60 1.91
CA PRO XA 69 68.08 23.05 0.94
C PRO XA 69 68.74 22.86 -0.43
N GLY XA 70 68.43 21.74 -1.06
CA GLY XA 70 69.15 21.29 -2.22
C GLY XA 70 70.33 20.39 -1.90
N GLY XA 71 70.79 20.37 -0.65
CA GLY XA 71 71.86 19.48 -0.27
C GLY XA 71 71.39 18.06 -0.08
N ASN XA 72 72.34 17.12 -0.20
CA ASN XA 72 71.98 15.71 -0.12
C ASN XA 72 71.62 15.31 1.30
N ALA XA 73 72.06 16.08 2.29
CA ALA XA 73 71.65 15.82 3.65
C ALA XA 73 70.48 16.70 4.09
N TYR XA 74 69.89 17.46 3.18
CA TYR XA 74 68.75 18.30 3.53
C TYR XA 74 67.44 17.52 3.43
N THR XA 75 67.06 16.93 4.55
CA THR XA 75 65.71 16.61 5.02
C THR XA 75 65.95 15.90 6.34
N SER XA 76 64.91 15.68 7.13
CA SER XA 76 65.08 14.85 8.31
C SER XA 76 65.49 13.43 7.92
N ARG XA 77 64.88 12.91 6.85
CA ARG XA 77 65.15 11.55 6.42
C ARG XA 77 66.57 11.39 5.87
N ARG XA 78 67.01 12.34 5.06
CA ARG XA 78 68.33 12.21 4.46
C ARG XA 78 69.43 12.52 5.47
N TYR XA 79 69.17 13.45 6.39
CA TYR XA 79 70.09 13.64 7.50
C TYR XA 79 70.20 12.37 8.34
N ALA XA 80 69.08 11.74 8.63
CA ALA XA 80 69.10 10.49 9.40
C ALA XA 80 69.87 9.41 8.67
N ALA XA 81 69.70 9.31 7.35
CA ALA XA 81 70.42 8.31 6.58
C ALA XA 81 71.92 8.58 6.58
N CYS XA 82 72.31 9.86 6.51
CA CYS XA 82 73.72 10.21 6.62
C CYS XA 82 74.29 9.81 7.98
N VAL XA 83 73.56 10.10 9.05
CA VAL XA 83 74.04 9.74 10.38
C VAL XA 83 74.09 8.22 10.55
N ARG XA 84 73.13 7.51 9.97
CA ARG XA 84 73.14 6.05 10.02
C ARG XA 84 74.34 5.49 9.26
N ASP XA 85 74.71 6.12 8.15
CA ASP XA 85 75.91 5.70 7.44
C ASP XA 85 77.15 5.90 8.29
N MET XA 86 77.25 7.04 8.97
CA MET XA 86 78.42 7.28 9.81
C MET XA 86 78.47 6.30 10.98
N GLU XA 87 77.31 5.96 11.54
CA GLU XA 87 77.26 4.94 12.59
C GLU XA 87 77.68 3.57 12.07
N TYR XA 88 77.27 3.22 10.84
CA TYR XA 88 77.75 2.00 10.21
C TYR XA 88 79.26 2.00 10.10
N PHE XA 89 79.83 3.11 9.65
CA PHE XA 89 81.27 3.18 9.47
C PHE XA 89 81.99 2.97 10.80
N LEU XA 90 81.50 3.62 11.85
CA LEU XA 90 82.13 3.46 13.15
C LEU XA 90 82.01 2.03 13.66
N ARG XA 91 80.84 1.43 13.52
CA ARG XA 91 80.62 0.07 14.02
C ARG XA 91 81.49 -0.94 13.29
N TYR XA 92 81.60 -0.82 11.97
CA TYR XA 92 82.40 -1.79 11.24
C TYR XA 92 83.90 -1.53 11.40
N ALA XA 93 84.29 -0.28 11.62
CA ALA XA 93 85.67 -0.03 12.03
C ALA XA 93 85.98 -0.69 13.36
N THR XA 94 85.02 -0.67 14.29
CA THR XA 94 85.22 -1.36 15.56
C THR XA 94 85.32 -2.86 15.37
N TYR XA 95 84.47 -3.43 14.50
CA TYR XA 95 84.57 -4.85 14.18
C TYR XA 95 85.94 -5.18 13.62
N ALA XA 96 86.44 -4.36 12.71
CA ALA XA 96 87.74 -4.61 12.10
C ALA XA 96 88.87 -4.43 13.10
N LEU XA 97 88.70 -3.54 14.06
CA LEU XA 97 89.68 -3.36 15.12
C LEU XA 97 89.75 -4.59 16.02
N VAL XA 98 88.59 -5.15 16.35
CA VAL XA 98 88.57 -6.38 17.15
C VAL XA 98 89.14 -7.54 16.35
N ALA XA 99 88.76 -7.66 15.08
CA ALA XA 99 89.18 -8.80 14.27
C ALA XA 99 90.62 -8.66 13.81
N GLY XA 100 91.19 -7.47 13.94
CA GLY XA 100 92.53 -7.23 13.45
C GLY XA 100 92.67 -7.33 11.95
N ASP XA 101 91.58 -7.16 11.22
CA ASP XA 101 91.55 -7.38 9.79
C ASP XA 101 90.54 -6.44 9.16
N THR XA 102 90.88 -5.92 7.99
CA THR XA 102 89.99 -5.05 7.23
C THR XA 102 89.02 -5.84 6.35
N SER XA 103 88.98 -7.17 6.52
CA SER XA 103 88.15 -8.00 5.66
C SER XA 103 86.67 -7.68 5.79
N VAL XA 104 86.20 -7.46 7.01
CA VAL XA 104 84.78 -7.23 7.23
C VAL XA 104 84.36 -5.90 6.59
N ILE XA 105 85.23 -4.90 6.64
CA ILE XA 105 84.94 -3.63 5.98
C ILE XA 105 84.85 -3.81 4.48
N ASP XA 106 85.83 -4.52 3.89
CA ASP XA 106 85.81 -4.75 2.45
C ASP XA 106 84.58 -5.50 2.02
N GLU XA 107 84.23 -6.58 2.74
CA GLU XA 107 83.14 -7.43 2.30
C GLU XA 107 81.80 -6.75 2.51
N ARG XA 108 81.58 -6.15 3.67
CA ARG XA 108 80.22 -5.84 4.07
C ARG XA 108 79.99 -4.36 4.31
N VAL XA 109 80.92 -3.51 3.88
CA VAL XA 109 80.71 -2.06 3.82
C VAL XA 109 81.07 -1.55 2.43
N LEU XA 110 82.25 -1.90 1.94
CA LEU XA 110 82.79 -1.22 0.77
C LEU XA 110 82.25 -1.79 -0.53
N ASN XA 111 81.91 -3.08 -0.58
CA ASN XA 111 81.41 -3.66 -1.82
C ASN XA 111 80.11 -2.99 -2.25
N GLY XA 112 80.17 -2.27 -3.36
CA GLY XA 112 79.00 -1.63 -3.92
C GLY XA 112 78.67 -0.28 -3.32
N LEU XA 113 79.38 0.14 -2.27
CA LEU XA 113 79.06 1.41 -1.64
C LEU XA 113 79.27 2.57 -2.59
N LYS XA 114 80.36 2.55 -3.35
CA LYS XA 114 80.62 3.62 -4.30
C LYS XA 114 79.55 3.68 -5.37
N GLU XA 115 79.16 2.51 -5.91
CA GLU XA 115 78.09 2.47 -6.91
C GLU XA 115 76.76 2.87 -6.32
N THR XA 116 76.46 2.42 -5.09
CA THR XA 116 75.22 2.82 -4.44
C THR XA 116 75.16 4.33 -4.25
N TYR XA 117 76.26 4.93 -3.79
CA TYR XA 117 76.28 6.38 -3.59
C TYR XA 117 76.16 7.13 -4.91
N MET XA 118 76.82 6.64 -5.97
CA MET XA 118 76.69 7.30 -7.26
C MET XA 118 75.27 7.19 -7.80
N SER XA 119 74.63 6.04 -7.61
CA SER XA 119 73.24 5.89 -8.03
C SER XA 119 72.33 6.85 -7.25
N LEU XA 120 72.54 6.98 -5.95
CA LEU XA 120 71.67 7.81 -5.14
C LEU XA 120 71.97 9.29 -5.34
N GLY XA 121 73.19 9.62 -5.72
CA GLY XA 121 73.63 11.00 -5.76
C GLY XA 121 74.38 11.47 -4.53
N VAL XA 122 74.78 10.55 -3.66
CA VAL XA 122 75.52 10.93 -2.45
C VAL XA 122 76.90 11.46 -2.85
N PRO XA 123 77.35 12.58 -2.30
CA PRO XA 123 78.70 13.07 -2.61
C PRO XA 123 79.77 12.23 -1.92
N ILE XA 124 80.51 11.47 -2.72
CA ILE XA 124 81.56 10.61 -2.15
C ILE XA 124 82.68 11.41 -1.49
N PRO XA 125 83.18 12.51 -2.07
CA PRO XA 125 84.18 13.31 -1.32
C PRO XA 125 83.66 13.83 0.00
N SER XA 126 82.39 14.21 0.08
CA SER XA 126 81.82 14.65 1.35
C SER XA 126 81.78 13.52 2.37
N THR XA 127 81.45 12.31 1.91
CA THR XA 127 81.46 11.15 2.80
C THR XA 127 82.87 10.85 3.29
N VAL XA 128 83.86 11.02 2.41
CA VAL XA 128 85.25 10.86 2.82
C VAL XA 128 85.61 11.88 3.89
N ALA XA 129 85.14 13.11 3.73
CA ALA XA 129 85.38 14.13 4.75
C ALA XA 129 84.75 13.75 6.08
N GLY XA 130 83.53 13.19 6.03
CA GLY XA 130 82.90 12.72 7.25
C GLY XA 130 83.67 11.59 7.91
N VAL XA 131 84.18 10.66 7.12
CA VAL XA 131 84.96 9.54 7.66
C VAL XA 131 86.27 10.04 8.26
N THR XA 132 86.86 11.07 7.64
CA THR XA 132 88.09 11.65 8.18
C THR XA 132 87.83 12.37 9.50
N ALA XA 133 86.70 13.09 9.58
CA ALA XA 133 86.33 13.73 10.84
C ALA XA 133 86.11 12.69 11.93
N MET XA 134 85.43 11.60 11.59
CA MET XA 134 85.20 10.53 12.57
C MET XA 134 86.51 9.88 12.99
N LYS XA 135 87.43 9.70 12.05
CA LYS XA 135 88.76 9.19 12.39
C LYS XA 135 89.45 10.12 13.37
N GLY XA 136 89.33 11.43 13.16
CA GLY XA 136 89.90 12.36 14.11
C GLY XA 136 89.30 12.26 15.50
N VAL XA 137 87.97 12.15 15.57
CA VAL XA 137 87.31 12.03 16.87
C VAL XA 137 87.78 10.77 17.60
N VAL XA 138 87.78 9.64 16.89
CA VAL XA 138 88.16 8.38 17.51
C VAL XA 138 89.64 8.39 17.88
N ALA XA 139 90.47 9.01 17.05
CA ALA XA 139 91.89 9.09 17.36
C ALA XA 139 92.15 9.96 18.58
N SER XA 140 91.35 11.00 18.76
CA SER XA 140 91.43 11.77 20.00
C SER XA 140 91.03 10.91 21.18
N MET XA 141 90.02 10.07 21.02
CA MET XA 141 89.47 9.37 22.18
C MET XA 141 90.31 8.16 22.59
N ILE XA 142 90.88 7.43 21.63
CA ILE XA 142 91.61 6.21 21.93
C ILE XA 142 93.05 6.23 21.44
N GLY XA 143 93.36 7.01 20.41
CA GLY XA 143 94.69 6.99 19.83
C GLY XA 143 94.70 6.50 18.40
N SER XA 144 95.87 6.03 17.97
CA SER XA 144 96.08 5.59 16.60
C SER XA 144 95.66 4.14 16.37
N GLU XA 145 94.89 3.56 17.29
CA GLU XA 145 94.53 2.16 17.17
C GLU XA 145 93.69 1.89 15.92
N ALA XA 146 92.73 2.77 15.64
CA ALA XA 146 91.76 2.53 14.57
C ALA XA 146 92.01 3.38 13.34
N ASN XA 147 93.17 4.00 13.22
CA ASN XA 147 93.43 4.87 12.08
C ASN XA 147 93.48 4.10 10.77
N VAL XA 148 94.02 2.89 10.81
CA VAL XA 148 94.17 2.10 9.58
C VAL XA 148 92.81 1.73 9.01
N TYR XA 149 91.84 1.45 9.88
CA TYR XA 149 90.54 0.99 9.40
C TYR XA 149 89.74 2.14 8.80
N PHE XA 150 89.82 3.33 9.41
CA PHE XA 150 89.18 4.49 8.82
C PHE XA 150 89.89 4.91 7.54
N ASP XA 151 91.21 4.76 7.49
CA ASP XA 151 91.94 5.00 6.25
C ASP XA 151 91.50 4.03 5.17
N HIS XA 152 91.26 2.78 5.54
CA HIS XA 152 90.79 1.79 4.59
C HIS XA 152 89.42 2.17 4.05
N ILE XA 153 88.52 2.61 4.93
CA ILE XA 153 87.21 3.03 4.47
C ILE XA 153 87.31 4.23 3.53
N ALA XA 154 88.12 5.23 3.91
CA ALA XA 154 88.27 6.42 3.09
C ALA XA 154 88.86 6.09 1.73
N LYS XA 155 89.87 5.22 1.68
CA LYS XA 155 90.49 4.86 0.42
C LYS XA 155 89.54 4.02 -0.43
N GLY XA 156 88.74 3.17 0.19
CA GLY XA 156 87.75 2.43 -0.56
C GLY XA 156 86.69 3.33 -1.18
N LEU XA 157 86.31 4.39 -0.48
CA LEU XA 157 85.40 5.36 -1.07
C LEU XA 157 86.08 6.22 -2.12
N SER XA 158 87.28 6.71 -1.82
CA SER XA 158 88.00 7.58 -2.74
C SER XA 158 88.51 6.81 -3.95
N MET YA 1 46.37 -41.02 0.89
CA MET YA 1 45.32 -41.76 0.21
C MET YA 1 45.80 -43.14 -0.19
N LEU YA 2 44.89 -44.11 -0.23
CA LEU YA 2 45.19 -45.48 -0.61
C LEU YA 2 44.21 -45.93 -1.68
N ASP YA 3 44.71 -46.76 -2.59
CA ASP YA 3 43.85 -47.52 -3.48
C ASP YA 3 43.87 -49.00 -3.08
N ALA YA 4 43.16 -49.82 -3.85
CA ALA YA 4 42.94 -51.20 -3.44
C ALA YA 4 44.25 -51.99 -3.37
N VAL YA 5 45.11 -51.83 -4.38
CA VAL YA 5 46.37 -52.58 -4.41
C VAL YA 5 47.24 -52.20 -3.23
N THR YA 6 47.36 -50.91 -2.95
CA THR YA 6 48.20 -50.46 -1.85
C THR YA 6 47.62 -50.91 -0.51
N LYS YA 7 46.30 -51.06 -0.43
CA LYS YA 7 45.68 -51.51 0.80
C LYS YA 7 45.96 -53.00 1.04
N ILE YA 8 45.90 -53.80 -0.03
CA ILE YA 8 46.30 -55.20 0.07
C ILE YA 8 47.77 -55.31 0.45
N ILE YA 9 48.62 -54.50 -0.17
CA ILE YA 9 50.04 -54.50 0.17
C ILE YA 9 50.23 -54.15 1.63
N ASN YA 10 49.47 -53.17 2.13
CA ASN YA 10 49.59 -52.75 3.51
C ASN YA 10 49.19 -53.87 4.46
N ARG YA 11 48.11 -54.60 4.17
CA ARG YA 11 47.76 -55.68 5.09
C ARG YA 11 48.83 -56.75 5.08
N THR YA 12 49.35 -57.12 3.89
CA THR YA 12 50.37 -58.15 3.86
C THR YA 12 51.62 -57.72 4.62
N ASP YA 13 52.04 -56.46 4.47
CA ASP YA 13 53.20 -55.98 5.20
C ASP YA 13 52.92 -55.87 6.69
N ALA YA 14 51.66 -55.62 7.06
CA ALA YA 14 51.29 -55.63 8.47
C ALA YA 14 51.47 -57.01 9.07
N GLU YA 15 51.09 -58.05 8.34
CA GLU YA 15 51.48 -59.39 8.74
C GLU YA 15 52.94 -59.72 8.41
N GLY YA 16 53.64 -58.83 7.71
CA GLY YA 16 55.04 -59.07 7.39
C GLY YA 16 55.26 -60.29 6.55
N ARG YA 17 54.42 -60.52 5.55
CA ARG YA 17 54.48 -61.73 4.75
C ARG YA 17 54.26 -61.41 3.29
N TYR YA 18 54.74 -62.32 2.44
CA TYR YA 18 54.53 -62.20 1.00
C TYR YA 18 53.07 -62.45 0.66
N PHE YA 19 52.69 -62.01 -0.54
CA PHE YA 19 51.37 -62.30 -1.06
C PHE YA 19 51.16 -63.81 -1.20
N ALA YA 20 49.98 -64.27 -0.81
CA ALA YA 20 49.57 -65.63 -1.02
C ALA YA 20 48.60 -65.70 -2.20
N SER YA 21 47.99 -66.86 -2.40
CA SER YA 21 47.04 -67.02 -3.48
C SER YA 21 45.83 -66.11 -3.30
N LYS YA 22 45.35 -65.98 -2.05
CA LYS YA 22 44.22 -65.10 -1.78
C LYS YA 22 44.52 -63.66 -2.14
N ASP YA 23 45.72 -63.19 -1.77
CA ASP YA 23 46.10 -61.82 -2.05
C ASP YA 23 46.16 -61.56 -3.55
N PHE YA 24 46.77 -62.49 -4.29
CA PHE YA 24 46.86 -62.36 -5.74
C PHE YA 24 45.48 -62.39 -6.37
N ASP YA 25 44.58 -63.22 -5.85
CA ASP YA 25 43.22 -63.25 -6.37
C ASP YA 25 42.52 -61.92 -6.14
N GLU YA 26 42.69 -61.33 -4.96
CA GLU YA 26 42.03 -60.05 -4.69
C GLU YA 26 42.61 -58.94 -5.55
N VAL YA 27 43.92 -59.00 -5.84
CA VAL YA 27 44.53 -58.01 -6.72
C VAL YA 27 44.05 -58.20 -8.15
N THR YA 28 43.92 -59.45 -8.59
CA THR YA 28 43.39 -59.72 -9.93
C THR YA 28 41.96 -59.24 -10.07
N ARG YA 29 41.16 -59.40 -9.01
CA ARG YA 29 39.79 -58.91 -9.03
C ARG YA 29 39.75 -57.40 -9.26
N PHE YA 30 40.65 -56.67 -8.61
CA PHE YA 30 40.74 -55.23 -8.83
C PHE YA 30 41.18 -54.91 -10.25
N PHE YA 31 42.18 -55.64 -10.76
CA PHE YA 31 42.66 -55.39 -12.12
C PHE YA 31 41.57 -55.65 -13.15
N ALA YA 32 40.66 -56.58 -12.86
CA ALA YA 32 39.64 -56.93 -13.83
C ALA YA 32 38.62 -55.80 -14.01
N THR YA 33 38.20 -55.18 -12.92
CA THR YA 33 37.14 -54.18 -12.94
C THR YA 33 37.64 -52.78 -13.27
N GLY YA 34 38.94 -52.60 -13.48
CA GLY YA 34 39.47 -51.27 -13.63
C GLY YA 34 38.99 -50.56 -14.89
N GLU YA 35 38.76 -51.31 -15.96
CA GLU YA 35 38.39 -50.69 -17.23
C GLU YA 35 37.02 -50.03 -17.15
N ALA YA 36 36.06 -50.70 -16.51
CA ALA YA 36 34.73 -50.12 -16.36
C ALA YA 36 34.78 -48.84 -15.53
N ARG YA 37 35.57 -48.85 -14.46
CA ARG YA 37 35.70 -47.68 -13.62
C ARG YA 37 36.40 -46.53 -14.34
N LEU YA 38 37.39 -46.83 -15.17
CA LEU YA 38 38.02 -45.78 -15.97
C LEU YA 38 37.03 -45.20 -16.97
N ARG YA 39 36.23 -46.06 -17.61
CA ARG YA 39 35.23 -45.54 -18.53
C ARG YA 39 34.25 -44.63 -17.81
N ALA YA 40 33.80 -45.04 -16.62
CA ALA YA 40 32.89 -44.21 -15.84
C ALA YA 40 33.52 -42.88 -15.45
N ALA YA 41 34.78 -42.91 -15.02
CA ALA YA 41 35.47 -41.69 -14.65
C ALA YA 41 35.61 -40.74 -15.84
N SER YA 42 35.93 -41.29 -17.02
CA SER YA 42 36.04 -40.44 -18.21
C SER YA 42 34.68 -39.87 -18.60
N THR YA 43 33.62 -40.66 -18.46
CA THR YA 43 32.29 -40.13 -18.75
C THR YA 43 31.92 -39.00 -17.81
N ILE YA 44 32.24 -39.14 -16.52
CA ILE YA 44 31.97 -38.07 -15.57
C ILE YA 44 32.79 -36.83 -15.91
N SER YA 45 34.08 -37.02 -16.21
CA SER YA 45 34.94 -35.89 -16.50
C SER YA 45 34.50 -35.15 -17.76
N ALA YA 46 34.02 -35.89 -18.75
CA ALA YA 46 33.55 -35.27 -19.99
C ALA YA 46 32.34 -34.39 -19.74
N ASN YA 47 31.45 -34.82 -18.84
CA ASN YA 47 30.15 -34.20 -18.66
C ASN YA 47 30.04 -33.49 -17.32
N ALA YA 48 31.16 -33.01 -16.77
CA ALA YA 48 31.15 -32.47 -15.42
C ALA YA 48 30.35 -31.18 -15.33
N ALA YA 49 30.50 -30.29 -16.31
CA ALA YA 49 29.78 -29.03 -16.28
C ALA YA 49 28.28 -29.26 -16.35
N SER YA 50 27.84 -30.15 -17.24
CA SER YA 50 26.43 -30.50 -17.28
C SER YA 50 25.97 -31.07 -15.94
N ILE YA 51 26.66 -32.10 -15.45
CA ILE YA 51 26.27 -32.75 -14.20
C ILE YA 51 26.12 -31.72 -13.09
N LEU YA 52 27.06 -30.78 -13.01
CA LEU YA 52 26.93 -29.68 -12.05
C LEU YA 52 25.67 -28.87 -12.28
N ARG YA 53 25.37 -28.54 -13.55
CA ARG YA 53 24.18 -27.72 -13.79
C ARG YA 53 22.91 -28.40 -13.31
N GLU YA 54 22.66 -29.65 -13.73
CA GLU YA 54 21.39 -30.24 -13.29
C GLU YA 54 21.45 -30.70 -11.84
N SER YA 55 22.63 -30.90 -11.26
CA SER YA 55 22.69 -31.18 -9.83
C SER YA 55 22.27 -29.95 -9.02
N ALA YA 56 22.79 -28.78 -9.38
CA ALA YA 56 22.38 -27.55 -8.72
C ALA YA 56 20.91 -27.26 -8.97
N ALA YA 57 20.44 -27.52 -10.20
CA ALA YA 57 19.03 -27.29 -10.50
C ALA YA 57 18.13 -28.18 -9.66
N ALA YA 58 18.47 -29.46 -9.54
CA ALA YA 58 17.67 -30.36 -8.71
C ALA YA 58 17.71 -29.95 -7.25
N LEU YA 59 18.90 -29.60 -6.74
CA LEU YA 59 19.01 -29.21 -5.34
C LEU YA 59 18.15 -27.99 -5.04
N PHE YA 60 18.23 -26.96 -5.88
CA PHE YA 60 17.55 -25.72 -5.57
C PHE YA 60 16.08 -25.77 -5.99
N THR YA 61 15.71 -26.75 -6.80
CA THR YA 61 14.28 -27.01 -7.01
C THR YA 61 13.68 -27.68 -5.79
N GLU YA 62 14.40 -28.63 -5.20
CA GLU YA 62 13.92 -29.24 -3.97
C GLU YA 62 13.87 -28.23 -2.83
N GLN YA 63 14.87 -27.35 -2.74
CA GLN YA 63 15.02 -26.43 -1.62
C GLN YA 63 15.17 -25.00 -2.15
N PRO YA 64 14.08 -24.38 -2.59
CA PRO YA 64 14.18 -23.01 -3.11
C PRO YA 64 14.58 -21.99 -2.06
N ASP YA 65 14.44 -22.31 -0.77
CA ASP YA 65 14.70 -21.33 0.27
C ASP YA 65 16.18 -21.01 0.41
N LEU YA 66 17.06 -21.91 -0.06
CA LEU YA 66 18.49 -21.64 0.01
C LEU YA 66 18.88 -20.44 -0.85
N LEU YA 67 18.12 -20.19 -1.92
CA LEU YA 67 18.42 -19.06 -2.77
C LEU YA 67 17.70 -17.79 -2.32
N ARG YA 68 16.67 -17.94 -1.50
CA ARG YA 68 15.94 -16.79 -0.99
C ARG YA 68 16.85 -15.96 -0.09
N PRO YA 69 16.63 -14.64 -0.02
CA PRO YA 69 17.50 -13.79 0.81
C PRO YA 69 17.55 -14.28 2.24
N GLY YA 70 18.76 -14.33 2.78
CA GLY YA 70 19.01 -14.95 4.06
C GLY YA 70 19.33 -16.42 4.00
N GLY YA 71 19.02 -17.09 2.88
CA GLY YA 71 19.45 -18.45 2.70
C GLY YA 71 20.95 -18.53 2.49
N ASN YA 72 21.51 -19.70 2.78
CA ASN YA 72 22.97 -19.81 2.75
C ASN YA 72 23.51 -19.72 1.33
N ALA YA 73 22.68 -20.03 0.35
CA ALA YA 73 23.11 -19.89 -1.04
C ALA YA 73 22.65 -18.57 -1.66
N TYR YA 74 22.15 -17.64 -0.86
CA TYR YA 74 21.80 -16.33 -1.39
C TYR YA 74 22.98 -15.38 -1.34
N THR YA 75 23.71 -15.34 -2.45
CA THR YA 75 24.48 -14.23 -3.02
C THR YA 75 25.12 -14.81 -4.26
N SER YA 76 25.75 -13.98 -5.09
CA SER YA 76 26.57 -14.54 -6.16
C SER YA 76 27.72 -15.34 -5.58
N ARG YA 77 28.36 -14.80 -4.54
CA ARG YA 77 29.52 -15.47 -3.96
C ARG YA 77 29.15 -16.78 -3.27
N ARG YA 78 28.04 -16.80 -2.54
CA ARG YA 78 27.69 -18.01 -1.81
C ARG YA 78 27.12 -19.07 -2.73
N TYR YA 79 26.38 -18.65 -3.76
CA TYR YA 79 25.96 -19.61 -4.79
C TYR YA 79 27.19 -20.22 -5.47
N ALA YA 80 28.18 -19.39 -5.80
CA ALA YA 80 29.40 -19.91 -6.42
C ALA YA 80 30.12 -20.87 -5.49
N ALA YA 81 30.17 -20.55 -4.20
CA ALA YA 81 30.79 -21.46 -3.23
C ALA YA 81 30.04 -22.78 -3.15
N CYS YA 82 28.71 -22.73 -3.21
CA CYS YA 82 27.91 -23.94 -3.17
C CYS YA 82 28.18 -24.85 -4.38
N VAL YA 83 28.14 -24.27 -5.59
CA VAL YA 83 28.38 -25.10 -6.76
C VAL YA 83 29.83 -25.57 -6.79
N ARG YA 84 30.75 -24.79 -6.22
CA ARG YA 84 32.14 -25.23 -6.15
C ARG YA 84 32.29 -26.42 -5.22
N ASP YA 85 31.59 -26.42 -4.09
CA ASP YA 85 31.61 -27.58 -3.20
C ASP YA 85 31.08 -28.81 -3.90
N MET YA 86 30.01 -28.65 -4.68
CA MET YA 86 29.48 -29.80 -5.40
C MET YA 86 30.48 -30.29 -6.45
N GLU YA 87 31.22 -29.37 -7.06
CA GLU YA 87 32.28 -29.78 -7.99
C GLU YA 87 33.37 -30.55 -7.28
N TYR YA 88 33.74 -30.11 -6.08
CA TYR YA 88 34.69 -30.87 -5.25
C TYR YA 88 34.19 -32.29 -5.02
N PHE YA 89 32.91 -32.42 -4.67
CA PHE YA 89 32.37 -33.75 -4.39
C PHE YA 89 32.42 -34.62 -5.62
N LEU YA 90 32.05 -34.08 -6.78
CA LEU YA 90 32.08 -34.86 -8.01
C LEU YA 90 33.49 -35.30 -8.37
N ARG YA 91 34.44 -34.38 -8.28
CA ARG YA 91 35.82 -34.70 -8.64
C ARG YA 91 36.42 -35.75 -7.71
N TYR YA 92 36.16 -35.64 -6.41
CA TYR YA 92 36.74 -36.60 -5.49
C TYR YA 92 36.03 -37.94 -5.55
N ALA YA 93 34.74 -37.94 -5.92
CA ALA YA 93 34.08 -39.21 -6.21
C ALA YA 93 34.71 -39.89 -7.42
N THR YA 94 35.08 -39.11 -8.43
CA THR YA 94 35.80 -39.70 -9.57
C THR YA 94 37.14 -40.27 -9.15
N TYR YA 95 37.87 -39.55 -8.30
CA TYR YA 95 39.15 -40.07 -7.81
C TYR YA 95 38.97 -41.37 -7.05
N ALA YA 96 37.97 -41.44 -6.17
CA ALA YA 96 37.72 -42.66 -5.42
C ALA YA 96 37.27 -43.79 -6.35
N LEU YA 97 36.53 -43.44 -7.40
CA LEU YA 97 36.08 -44.45 -8.36
C LEU YA 97 37.27 -45.06 -9.09
N VAL YA 98 38.19 -44.22 -9.55
CA VAL YA 98 39.38 -44.75 -10.22
C VAL YA 98 40.23 -45.56 -9.26
N ALA YA 99 40.43 -45.05 -8.04
CA ALA YA 99 41.27 -45.76 -7.08
C ALA YA 99 40.64 -47.06 -6.62
N GLY YA 100 39.32 -47.13 -6.65
CA GLY YA 100 38.62 -48.27 -6.10
C GLY YA 100 38.50 -48.27 -4.60
N ASP YA 101 38.84 -47.16 -3.94
CA ASP YA 101 38.83 -47.07 -2.49
C ASP YA 101 38.29 -45.71 -2.09
N THR YA 102 37.65 -45.67 -0.92
CA THR YA 102 37.07 -44.44 -0.39
C THR YA 102 38.04 -43.64 0.47
N SER YA 103 39.31 -44.05 0.52
CA SER YA 103 40.24 -43.37 1.41
C SER YA 103 40.52 -41.95 0.95
N VAL YA 104 40.45 -41.69 -0.36
CA VAL YA 104 40.69 -40.34 -0.85
C VAL YA 104 39.57 -39.42 -0.38
N ILE YA 105 38.35 -39.94 -0.29
CA ILE YA 105 37.25 -39.14 0.25
C ILE YA 105 37.42 -38.94 1.74
N ASP YA 106 37.81 -40.00 2.46
CA ASP YA 106 37.94 -39.92 3.90
C ASP YA 106 39.01 -38.92 4.30
N GLU YA 107 40.12 -38.90 3.57
CA GLU YA 107 41.22 -38.01 3.93
C GLU YA 107 41.03 -36.61 3.37
N ARG YA 108 40.74 -36.51 2.08
CA ARG YA 108 40.69 -35.20 1.44
C ARG YA 108 39.43 -34.44 1.81
N VAL YA 109 38.28 -35.12 1.82
CA VAL YA 109 37.00 -34.42 1.86
C VAL YA 109 36.40 -34.45 3.25
N LEU YA 110 36.11 -35.64 3.75
CA LEU YA 110 35.31 -35.75 4.98
C LEU YA 110 36.12 -35.31 6.19
N ASN YA 111 37.43 -35.24 6.07
CA ASN YA 111 38.27 -34.86 7.19
C ASN YA 111 38.21 -33.34 7.39
N GLY YA 112 37.49 -32.91 8.41
CA GLY YA 112 37.31 -31.50 8.68
C GLY YA 112 36.12 -30.85 8.04
N LEU YA 113 35.37 -31.57 7.19
CA LEU YA 113 34.30 -30.94 6.45
C LEU YA 113 33.14 -30.55 7.35
N LYS YA 114 32.80 -31.41 8.32
CA LYS YA 114 31.71 -31.07 9.22
C LYS YA 114 32.08 -29.88 10.11
N GLU YA 115 33.33 -29.84 10.58
CA GLU YA 115 33.81 -28.68 11.31
C GLU YA 115 33.78 -27.43 10.43
N THR YA 116 34.21 -27.54 9.17
CA THR YA 116 34.16 -26.41 8.26
C THR YA 116 32.74 -25.88 8.12
N TYR YA 117 31.79 -26.77 7.84
CA TYR YA 117 30.43 -26.35 7.57
C TYR YA 117 29.76 -25.80 8.82
N MET YA 118 30.06 -26.38 9.98
CA MET YA 118 29.48 -25.87 11.22
C MET YA 118 30.05 -24.51 11.58
N SER YA 119 31.33 -24.28 11.30
CA SER YA 119 31.91 -22.97 11.56
C SER YA 119 31.37 -21.93 10.60
N LEU YA 120 31.06 -22.34 9.37
CA LEU YA 120 30.55 -21.40 8.38
C LEU YA 120 29.04 -21.24 8.41
N GLY YA 121 28.33 -22.08 9.15
CA GLY YA 121 26.88 -22.04 9.10
C GLY YA 121 26.28 -22.67 7.87
N VAL YA 122 27.01 -23.53 7.19
CA VAL YA 122 26.49 -24.25 6.02
C VAL YA 122 25.54 -25.35 6.49
N PRO YA 123 24.30 -25.40 6.01
CA PRO YA 123 23.36 -26.43 6.46
C PRO YA 123 23.75 -27.80 5.91
N ILE YA 124 24.21 -28.66 6.80
CA ILE YA 124 24.69 -30.00 6.45
C ILE YA 124 23.60 -30.85 5.81
N PRO YA 125 22.36 -30.89 6.33
CA PRO YA 125 21.32 -31.66 5.64
C PRO YA 125 21.07 -31.19 4.21
N SER YA 126 21.15 -29.89 3.95
CA SER YA 126 20.97 -29.40 2.59
C SER YA 126 22.12 -29.82 1.69
N THR YA 127 23.33 -29.86 2.25
CA THR YA 127 24.47 -30.36 1.49
C THR YA 127 24.32 -31.85 1.20
N VAL YA 128 23.78 -32.62 2.14
CA VAL YA 128 23.51 -34.03 1.90
C VAL YA 128 22.46 -34.21 0.82
N ALA YA 129 21.44 -33.35 0.83
CA ALA YA 129 20.44 -33.39 -0.24
C ALA YA 129 21.07 -33.08 -1.59
N GLY YA 130 21.98 -32.11 -1.64
CA GLY YA 130 22.68 -31.83 -2.87
C GLY YA 130 23.56 -32.98 -3.33
N VAL YA 131 24.20 -33.67 -2.39
CA VAL YA 131 25.02 -34.82 -2.75
C VAL YA 131 24.16 -35.96 -3.27
N THR YA 132 22.96 -36.14 -2.70
CA THR YA 132 22.04 -37.14 -3.21
C THR YA 132 21.54 -36.78 -4.62
N ALA YA 133 21.27 -35.51 -4.86
CA ALA YA 133 20.87 -35.08 -6.20
C ALA YA 133 21.99 -35.33 -7.20
N MET YA 134 23.23 -35.03 -6.83
CA MET YA 134 24.37 -35.30 -7.69
C MET YA 134 24.52 -36.80 -7.93
N LYS YA 135 24.29 -37.60 -6.89
CA LYS YA 135 24.36 -39.05 -7.04
C LYS YA 135 23.36 -39.54 -8.07
N GLY YA 136 22.11 -39.09 -7.98
CA GLY YA 136 21.12 -39.49 -8.96
C GLY YA 136 21.46 -39.04 -10.36
N VAL YA 137 21.95 -37.80 -10.50
CA VAL YA 137 22.33 -37.29 -11.82
C VAL YA 137 23.44 -38.14 -12.43
N VAL YA 138 24.47 -38.46 -11.63
CA VAL YA 138 25.59 -39.23 -12.13
C VAL YA 138 25.16 -40.67 -12.42
N ALA YA 139 24.28 -41.21 -11.59
CA ALA YA 139 23.81 -42.58 -11.77
C ALA YA 139 23.06 -42.72 -13.09
N SER YA 140 22.18 -41.76 -13.38
CA SER YA 140 21.40 -41.84 -14.62
C SER YA 140 22.30 -41.84 -15.84
N MET YA 141 23.55 -41.41 -15.70
CA MET YA 141 24.44 -41.35 -16.84
C MET YA 141 25.34 -42.57 -16.92
N ILE YA 142 25.87 -43.04 -15.79
CA ILE YA 142 26.91 -44.06 -15.82
C ILE YA 142 26.53 -45.32 -15.05
N GLY YA 143 25.25 -45.57 -14.82
CA GLY YA 143 24.91 -46.76 -14.07
C GLY YA 143 25.12 -46.56 -12.58
N SER YA 144 25.35 -47.66 -11.89
CA SER YA 144 25.41 -47.66 -10.44
C SER YA 144 26.82 -47.71 -9.88
N GLU YA 145 27.82 -47.17 -10.59
CA GLU YA 145 29.20 -47.43 -10.20
C GLU YA 145 29.68 -46.48 -9.12
N ALA YA 146 29.19 -45.24 -9.11
CA ALA YA 146 29.65 -44.23 -8.17
C ALA YA 146 28.71 -44.04 -6.99
N ASN YA 147 27.64 -44.84 -6.90
CA ASN YA 147 26.71 -44.70 -5.78
C ASN YA 147 27.40 -44.94 -4.45
N VAL YA 148 28.29 -45.92 -4.38
CA VAL YA 148 28.93 -46.23 -3.11
C VAL YA 148 29.73 -45.03 -2.61
N TYR YA 149 30.42 -44.32 -3.51
CA TYR YA 149 31.23 -43.18 -3.09
C TYR YA 149 30.37 -41.97 -2.74
N PHE YA 150 29.31 -41.72 -3.51
CA PHE YA 150 28.42 -40.64 -3.12
C PHE YA 150 27.74 -40.94 -1.79
N ASP YA 151 27.39 -42.20 -1.56
CA ASP YA 151 26.82 -42.61 -0.28
C ASP YA 151 27.81 -42.43 0.86
N HIS YA 152 29.08 -42.75 0.61
CA HIS YA 152 30.08 -42.53 1.65
C HIS YA 152 30.20 -41.05 2.00
N ILE YA 153 30.19 -40.19 0.99
CA ILE YA 153 30.24 -38.75 1.26
C ILE YA 153 29.02 -38.32 2.08
N ALA YA 154 27.84 -38.80 1.69
CA ALA YA 154 26.63 -38.42 2.41
C ALA YA 154 26.64 -38.91 3.85
N LYS YA 155 27.10 -40.14 4.08
CA LYS YA 155 27.19 -40.66 5.44
C LYS YA 155 28.19 -39.87 6.26
N GLY YA 156 29.33 -39.52 5.68
CA GLY YA 156 30.30 -38.72 6.41
C GLY YA 156 29.75 -37.35 6.79
N LEU YA 157 29.03 -36.71 5.86
CA LEU YA 157 28.40 -35.44 6.19
C LEU YA 157 27.29 -35.63 7.21
N SER YA 158 26.47 -36.66 7.05
CA SER YA 158 25.39 -36.94 7.99
C SER YA 158 25.95 -37.51 9.30
N MET ZA 1 65.04 -19.44 27.78
CA MET ZA 1 65.06 -20.57 28.70
C MET ZA 1 65.82 -20.27 29.98
N LEU ZA 2 65.86 -21.25 30.88
CA LEU ZA 2 66.32 -21.04 32.25
C LEU ZA 2 67.46 -21.99 32.59
N ASP ZA 3 68.43 -21.47 33.33
CA ASP ZA 3 69.37 -22.30 34.07
C ASP ZA 3 69.26 -21.95 35.55
N ALA ZA 4 70.12 -22.54 36.36
CA ALA ZA 4 70.03 -22.34 37.80
C ALA ZA 4 70.25 -20.88 38.18
N VAL ZA 5 71.24 -20.22 37.57
CA VAL ZA 5 71.51 -18.83 37.90
C VAL ZA 5 70.34 -17.94 37.50
N THR ZA 6 69.77 -18.17 36.32
CA THR ZA 6 68.62 -17.40 35.90
C THR ZA 6 67.41 -17.70 36.77
N LYS ZA 7 67.32 -18.93 37.29
CA LYS ZA 7 66.23 -19.26 38.20
C LYS ZA 7 66.34 -18.47 39.50
N ILE ZA 8 67.55 -18.39 40.07
CA ILE ZA 8 67.74 -17.61 41.29
C ILE ZA 8 67.53 -16.13 41.02
N ILE ZA 9 67.99 -15.65 39.86
CA ILE ZA 9 67.79 -14.25 39.50
C ILE ZA 9 66.31 -13.93 39.37
N ASN ZA 10 65.55 -14.84 38.73
CA ASN ZA 10 64.12 -14.64 38.59
C ASN ZA 10 63.43 -14.63 39.95
N ARG ZA 11 63.87 -15.49 40.86
CA ARG ZA 11 63.28 -15.50 42.20
C ARG ZA 11 63.54 -14.18 42.93
N THR ZA 12 64.78 -13.71 42.93
CA THR ZA 12 65.09 -12.43 43.56
C THR ZA 12 64.31 -11.29 42.91
N ASP ZA 13 64.16 -11.33 41.59
CA ASP ZA 13 63.42 -10.29 40.89
C ASP ZA 13 61.95 -10.30 41.26
N ALA ZA 14 61.35 -11.48 41.38
CA ALA ZA 14 59.95 -11.57 41.79
C ALA ZA 14 59.78 -11.12 43.22
N GLU ZA 15 60.83 -11.24 44.04
CA GLU ZA 15 60.78 -10.65 45.36
C GLU ZA 15 61.27 -9.21 45.39
N GLY ZA 16 61.84 -8.73 44.30
CA GLY ZA 16 62.25 -7.34 44.21
C GLY ZA 16 63.36 -6.97 45.16
N ARG ZA 17 64.31 -7.87 45.37
CA ARG ZA 17 65.36 -7.68 46.35
C ARG ZA 17 66.69 -8.06 45.73
N TYR ZA 18 67.75 -7.48 46.28
CA TYR ZA 18 69.10 -7.87 45.87
C TYR ZA 18 69.44 -9.25 46.43
N PHE ZA 19 70.47 -9.84 45.86
CA PHE ZA 19 70.94 -11.14 46.31
C PHE ZA 19 71.38 -11.06 47.77
N ALA ZA 20 71.00 -12.06 48.55
CA ALA ZA 20 71.44 -12.21 49.92
C ALA ZA 20 72.49 -13.29 49.99
N SER ZA 21 72.95 -13.58 51.21
CA SER ZA 21 74.00 -14.58 51.40
C SER ZA 21 73.56 -15.95 50.92
N LYS ZA 22 72.31 -16.33 51.21
CA LYS ZA 22 71.82 -17.64 50.80
C LYS ZA 22 71.82 -17.78 49.28
N ASP ZA 23 71.39 -16.74 48.57
CA ASP ZA 23 71.38 -16.77 47.12
C ASP ZA 23 72.80 -16.88 46.57
N PHE ZA 24 73.74 -16.14 47.15
CA PHE ZA 24 75.12 -16.23 46.72
C PHE ZA 24 75.68 -17.63 46.96
N ASP ZA 25 75.29 -18.26 48.07
CA ASP ZA 25 75.73 -19.63 48.33
C ASP ZA 25 75.19 -20.60 47.30
N GLU ZA 26 73.92 -20.43 46.92
CA GLU ZA 26 73.37 -21.30 45.88
C GLU ZA 26 74.09 -21.12 44.55
N VAL ZA 27 74.40 -19.86 44.21
CA VAL ZA 27 75.11 -19.58 42.97
C VAL ZA 27 76.52 -20.17 43.01
N THR ZA 28 77.18 -20.09 44.17
CA THR ZA 28 78.52 -20.66 44.29
C THR ZA 28 78.50 -22.19 44.19
N ARG ZA 29 77.46 -22.83 44.74
CA ARG ZA 29 77.35 -24.28 44.58
C ARG ZA 29 77.17 -24.65 43.12
N PHE ZA 30 76.36 -23.88 42.39
CA PHE ZA 30 76.21 -24.11 40.96
C PHE ZA 30 77.53 -23.99 40.24
N PHE ZA 31 78.29 -22.92 40.51
CA PHE ZA 31 79.57 -22.74 39.85
C PHE ZA 31 80.55 -23.86 40.22
N ALA ZA 32 80.48 -24.34 41.46
CA ALA ZA 32 81.39 -25.40 41.90
C ALA ZA 32 81.11 -26.70 41.15
N THR ZA 33 79.84 -27.03 40.96
CA THR ZA 33 79.51 -28.25 40.22
C THR ZA 33 79.61 -28.07 38.70
N GLY ZA 34 79.77 -26.84 38.24
CA GLY ZA 34 79.75 -26.57 36.81
C GLY ZA 34 80.79 -27.34 36.01
N GLU ZA 35 82.01 -27.45 36.54
CA GLU ZA 35 83.07 -28.09 35.77
C GLU ZA 35 82.80 -29.59 35.57
N ALA ZA 36 82.37 -30.28 36.63
CA ALA ZA 36 82.04 -31.69 36.48
C ALA ZA 36 80.85 -31.89 35.56
N ARG ZA 37 79.83 -31.03 35.68
CA ARG ZA 37 78.68 -31.13 34.80
C ARG ZA 37 79.09 -30.94 33.34
N LEU ZA 38 80.00 -30.01 33.09
CA LEU ZA 38 80.45 -29.74 31.72
C LEU ZA 38 81.29 -30.89 31.18
N ARG ZA 39 82.12 -31.49 32.03
CA ARG ZA 39 82.89 -32.65 31.59
C ARG ZA 39 81.96 -33.80 31.20
N ALA ZA 40 80.93 -34.05 32.01
CA ALA ZA 40 79.97 -35.11 31.67
C ALA ZA 40 79.24 -34.80 30.38
N ALA ZA 41 78.85 -33.54 30.18
CA ALA ZA 41 78.16 -33.19 28.93
C ALA ZA 41 79.06 -33.36 27.72
N SER ZA 42 80.35 -33.01 27.84
CA SER ZA 42 81.27 -33.23 26.74
C SER ZA 42 81.46 -34.71 26.47
N THR ZA 43 81.53 -35.52 27.53
CA THR ZA 43 81.67 -36.96 27.33
C THR ZA 43 80.47 -37.55 26.63
N ILE ZA 44 79.26 -37.09 26.99
CA ILE ZA 44 78.06 -37.55 26.29
C ILE ZA 44 78.11 -37.11 24.83
N SER ZA 45 78.49 -35.85 24.58
CA SER ZA 45 78.52 -35.36 23.22
C SER ZA 45 79.49 -36.15 22.36
N ALA ZA 46 80.62 -36.57 22.95
CA ALA ZA 46 81.64 -37.29 22.19
C ALA ZA 46 81.18 -38.70 21.83
N ASN ZA 47 80.38 -39.33 22.68
CA ASN ZA 47 79.95 -40.71 22.48
C ASN ZA 47 78.47 -40.85 22.21
N ALA ZA 48 77.85 -39.85 21.58
CA ALA ZA 48 76.42 -39.90 21.37
C ALA ZA 48 76.04 -41.08 20.47
N ALA ZA 49 76.84 -41.35 19.44
CA ALA ZA 49 76.55 -42.45 18.54
C ALA ZA 49 76.67 -43.79 19.24
N SER ZA 50 77.73 -43.98 20.03
CA SER ZA 50 77.92 -45.24 20.75
C SER ZA 50 76.84 -45.42 21.82
N ILE ZA 51 76.54 -44.35 22.56
CA ILE ZA 51 75.48 -44.41 23.55
C ILE ZA 51 74.16 -44.79 22.90
N LEU ZA 52 73.84 -44.15 21.78
CA LEU ZA 52 72.56 -44.36 21.13
C LEU ZA 52 72.47 -45.78 20.60
N ARG ZA 53 73.56 -46.28 20.02
CA ARG ZA 53 73.60 -47.67 19.56
C ARG ZA 53 73.35 -48.63 20.71
N GLU ZA 54 74.05 -48.45 21.83
CA GLU ZA 54 73.91 -49.37 22.94
C GLU ZA 54 72.51 -49.30 23.56
N SER ZA 55 71.95 -48.09 23.67
CA SER ZA 55 70.62 -47.96 24.28
C SER ZA 55 69.54 -48.54 23.38
N ALA ZA 56 69.67 -48.36 22.06
CA ALA ZA 56 68.72 -48.98 21.15
C ALA ZA 56 68.83 -50.51 21.20
N ALA ZA 57 70.06 -51.03 21.26
CA ALA ZA 57 70.23 -52.47 21.39
C ALA ZA 57 69.60 -52.99 22.66
N ALA ZA 58 69.79 -52.28 23.78
CA ALA ZA 58 69.16 -52.69 25.03
C ALA ZA 58 67.65 -52.67 24.94
N LEU ZA 59 67.09 -51.60 24.38
CA LEU ZA 59 65.64 -51.51 24.22
C LEU ZA 59 65.10 -52.70 23.43
N PHE ZA 60 65.70 -52.96 22.27
CA PHE ZA 60 65.08 -53.89 21.34
C PHE ZA 60 65.47 -55.33 21.65
N THR ZA 61 66.47 -55.53 22.50
CA THR ZA 61 66.67 -56.84 23.08
C THR ZA 61 65.67 -57.12 24.19
N GLU ZA 62 65.38 -56.09 25.00
CA GLU ZA 62 64.36 -56.26 26.03
C GLU ZA 62 62.97 -56.47 25.43
N GLN ZA 63 62.65 -55.77 24.35
CA GLN ZA 63 61.35 -55.83 23.71
C GLN ZA 63 61.50 -56.10 22.21
N PRO ZA 64 61.65 -57.36 21.81
CA PRO ZA 64 61.82 -57.65 20.38
C PRO ZA 64 60.55 -57.47 19.57
N ASP ZA 65 59.38 -57.48 20.20
CA ASP ZA 65 58.13 -57.37 19.48
C ASP ZA 65 57.95 -55.98 18.86
N LEU ZA 66 58.73 -55.00 19.30
CA LEU ZA 66 58.68 -53.69 18.67
C LEU ZA 66 59.23 -53.74 17.24
N LEU ZA 67 60.25 -54.56 17.01
CA LEU ZA 67 60.87 -54.59 15.68
C LEU ZA 67 60.12 -55.53 14.74
N ARG ZA 68 59.34 -56.45 15.29
CA ARG ZA 68 58.61 -57.40 14.47
C ARG ZA 68 57.49 -56.69 13.69
N PRO ZA 69 57.10 -57.24 12.54
CA PRO ZA 69 55.99 -56.65 11.79
C PRO ZA 69 54.76 -56.49 12.65
N GLY ZA 70 54.13 -55.32 12.55
CA GLY ZA 70 53.09 -54.92 13.45
C GLY ZA 70 53.56 -54.15 14.67
N GLY ZA 71 54.85 -54.25 15.03
CA GLY ZA 71 55.37 -53.45 16.10
C GLY ZA 71 55.53 -52.00 15.71
N ASN ZA 72 55.49 -51.12 16.70
CA ASN ZA 72 55.50 -49.69 16.39
C ASN ZA 72 56.84 -49.25 15.83
N ALA ZA 73 57.91 -49.96 16.14
CA ALA ZA 73 59.20 -49.70 15.54
C ALA ZA 73 59.46 -50.58 14.33
N TYR ZA 74 58.44 -51.21 13.77
CA TYR ZA 74 58.63 -51.98 12.55
C TYR ZA 74 58.42 -51.10 11.33
N THR ZA 75 59.53 -50.57 10.83
CA THR ZA 75 59.90 -50.29 9.44
C THR ZA 75 61.23 -49.56 9.56
N SER ZA 76 61.91 -49.30 8.44
CA SER ZA 76 63.10 -48.45 8.54
C SER ZA 76 62.71 -47.05 9.01
N ARG ZA 77 61.55 -46.57 8.57
CA ARG ZA 77 61.10 -45.23 8.95
C ARG ZA 77 60.77 -45.14 10.42
N ARG ZA 78 60.03 -46.12 10.95
CA ARG ZA 78 59.62 -46.06 12.34
C ARG ZA 78 60.78 -46.38 13.27
N TYR ZA 79 61.71 -47.22 12.84
CA TYR ZA 79 62.92 -47.44 13.62
C TYR ZA 79 63.78 -46.18 13.65
N ALA ZA 80 63.91 -45.49 12.51
CA ALA ZA 80 64.63 -44.23 12.49
C ALA ZA 80 63.96 -43.19 13.38
N ALA ZA 81 62.63 -43.19 13.42
CA ALA ZA 81 61.93 -42.28 14.31
C ALA ZA 81 62.20 -42.61 15.77
N CYS ZA 82 62.23 -43.90 16.11
CA CYS ZA 82 62.53 -44.31 17.48
C CYS ZA 82 63.93 -43.89 17.91
N VAL ZA 83 64.92 -44.14 17.05
CA VAL ZA 83 66.29 -43.76 17.42
C VAL ZA 83 66.44 -42.24 17.44
N ARG ZA 84 65.70 -41.55 16.59
CA ARG ZA 84 65.70 -40.09 16.61
C ARG ZA 84 65.13 -39.56 17.93
N ASP ZA 85 64.07 -40.18 18.43
CA ASP ZA 85 63.53 -39.79 19.72
C ASP ZA 85 64.53 -40.02 20.85
N MET ZA 86 65.22 -41.16 20.81
CA MET ZA 86 66.25 -41.40 21.82
C MET ZA 86 67.37 -40.37 21.73
N GLU ZA 87 67.75 -39.99 20.51
CA GLU ZA 87 68.77 -38.96 20.33
C GLU ZA 87 68.31 -37.61 20.84
N TYR ZA 88 67.03 -37.28 20.61
CA TYR ZA 88 66.43 -36.10 21.22
C TYR ZA 88 66.57 -36.12 22.73
N PHE ZA 89 66.22 -37.25 23.34
CA PHE ZA 89 66.27 -37.37 24.80
C PHE ZA 89 67.68 -37.17 25.31
N LEU ZA 90 68.67 -37.79 24.64
CA LEU ZA 90 70.05 -37.63 25.08
C LEU ZA 90 70.54 -36.19 24.93
N ARG ZA 91 70.22 -35.56 23.80
CA ARG ZA 91 70.69 -34.20 23.57
C ARG ZA 91 70.07 -33.21 24.55
N TYR ZA 92 68.78 -33.36 24.85
CA TYR ZA 92 68.16 -32.42 25.77
C TYR ZA 92 68.54 -32.73 27.21
N ALA ZA 93 68.83 -33.99 27.52
CA ALA ZA 93 69.41 -34.31 28.83
C ALA ZA 93 70.76 -33.64 28.99
N THR ZA 94 71.56 -33.59 27.92
CA THR ZA 94 72.84 -32.89 27.98
C THR ZA 94 72.63 -31.39 28.17
N TYR ZA 95 71.67 -30.80 27.46
CA TYR ZA 95 71.36 -29.40 27.67
C TYR ZA 95 71.00 -29.12 29.12
N ALA ZA 96 70.15 -29.97 29.70
CA ALA ZA 96 69.72 -29.77 31.09
C ALA ZA 96 70.86 -30.01 32.06
N LEU ZA 97 71.77 -30.92 31.73
CA LEU ZA 97 72.92 -31.15 32.58
C LEU ZA 97 73.84 -29.94 32.61
N VAL ZA 98 74.03 -29.29 31.46
CA VAL ZA 98 74.83 -28.07 31.45
C VAL ZA 98 74.12 -26.95 32.17
N ALA ZA 99 72.82 -26.80 31.91
CA ALA ZA 99 72.07 -25.69 32.52
C ALA ZA 99 71.85 -25.92 34.00
N GLY ZA 100 71.90 -27.17 34.44
CA GLY ZA 100 71.65 -27.48 35.83
C GLY ZA 100 70.21 -27.42 36.24
N ASP ZA 101 69.28 -27.44 35.27
CA ASP ZA 101 67.86 -27.34 35.56
C ASP ZA 101 67.11 -28.10 34.47
N THR ZA 102 65.90 -28.54 34.81
CA THR ZA 102 65.09 -29.39 33.94
C THR ZA 102 64.08 -28.61 33.11
N SER ZA 103 64.09 -27.28 33.18
CA SER ZA 103 63.05 -26.50 32.49
C SER ZA 103 63.10 -26.73 30.99
N VAL ZA 104 64.30 -26.88 30.43
CA VAL ZA 104 64.40 -27.16 28.99
C VAL ZA 104 63.80 -28.52 28.67
N ILE ZA 105 63.95 -29.50 29.57
CA ILE ZA 105 63.33 -30.79 29.34
C ILE ZA 105 61.83 -30.71 29.49
N ASP ZA 106 61.36 -30.02 30.52
CA ASP ZA 106 59.92 -29.84 30.69
C ASP ZA 106 59.30 -29.19 29.48
N GLU ZA 107 60.03 -28.27 28.83
CA GLU ZA 107 59.33 -27.36 27.96
C GLU ZA 107 59.58 -27.67 26.49
N ARG ZA 108 60.83 -27.96 26.12
CA ARG ZA 108 61.11 -28.35 24.74
C ARG ZA 108 60.69 -29.79 24.47
N VAL ZA 109 60.76 -30.65 25.48
CA VAL ZA 109 60.56 -32.08 25.31
C VAL ZA 109 59.23 -32.53 25.87
N LEU ZA 110 59.02 -32.37 27.18
CA LEU ZA 110 57.92 -33.04 27.84
C LEU ZA 110 56.58 -32.40 27.51
N ASN ZA 111 56.57 -31.09 27.29
CA ASN ZA 111 55.32 -30.40 26.99
C ASN ZA 111 54.92 -30.71 25.55
N GLY ZA 112 53.81 -31.41 25.38
CA GLY ZA 112 53.33 -31.76 24.07
C GLY ZA 112 53.70 -33.14 23.57
N LEU ZA 113 54.57 -33.87 24.27
CA LEU ZA 113 55.04 -35.15 23.75
C LEU ZA 113 53.97 -36.23 23.90
N LYS ZA 114 53.23 -36.20 25.01
CA LYS ZA 114 52.34 -37.30 25.32
C LYS ZA 114 51.17 -37.39 24.34
N GLU ZA 115 50.58 -36.25 23.97
CA GLU ZA 115 49.49 -36.32 23.00
C GLU ZA 115 50.03 -36.70 21.63
N THR ZA 116 51.27 -36.31 21.32
CA THR ZA 116 51.89 -36.75 20.08
C THR ZA 116 51.97 -38.27 20.01
N TYR ZA 117 52.45 -38.89 21.08
CA TYR ZA 117 52.54 -40.35 21.11
C TYR ZA 117 51.15 -40.99 21.14
N MET ZA 118 50.17 -40.34 21.78
CA MET ZA 118 48.77 -40.74 21.62
C MET ZA 118 48.36 -40.78 20.16
N SER ZA 119 48.57 -39.66 19.46
CA SER ZA 119 48.07 -39.51 18.10
C SER ZA 119 48.72 -40.51 17.16
N LEU ZA 120 50.02 -40.76 17.34
CA LEU ZA 120 50.72 -41.66 16.43
C LEU ZA 120 50.65 -43.11 16.85
N GLY ZA 121 50.10 -43.43 18.01
CA GLY ZA 121 50.08 -44.78 18.50
C GLY ZA 121 51.39 -45.26 19.10
N VAL ZA 122 52.28 -44.35 19.46
CA VAL ZA 122 53.57 -44.75 20.03
C VAL ZA 122 53.38 -45.28 21.43
N PRO ZA 123 53.96 -46.42 21.80
CA PRO ZA 123 53.77 -46.95 23.15
C PRO ZA 123 54.67 -46.26 24.16
N ILE ZA 124 54.04 -45.49 25.05
CA ILE ZA 124 54.81 -44.75 26.06
C ILE ZA 124 55.58 -45.64 27.02
N PRO ZA 125 55.02 -46.73 27.57
CA PRO ZA 125 55.83 -47.56 28.46
C PRO ZA 125 57.10 -48.08 27.81
N SER ZA 126 57.03 -48.45 26.54
CA SER ZA 126 58.22 -48.90 25.84
C SER ZA 126 59.21 -47.76 25.65
N THR ZA 127 58.70 -46.54 25.39
CA THR ZA 127 59.59 -45.39 25.27
C THR ZA 127 60.27 -45.09 26.61
N VAL ZA 128 59.53 -45.23 27.71
CA VAL ZA 128 60.10 -45.04 29.03
C VAL ZA 128 61.16 -46.10 29.31
N ALA ZA 129 60.91 -47.34 28.88
CA ALA ZA 129 61.92 -48.38 29.02
C ALA ZA 129 63.18 -48.03 28.24
N GLY ZA 130 63.01 -47.47 27.04
CA GLY ZA 130 64.16 -47.00 26.28
C GLY ZA 130 64.89 -45.87 26.97
N VAL ZA 131 64.15 -44.96 27.61
CA VAL ZA 131 64.77 -43.87 28.34
C VAL ZA 131 65.57 -44.40 29.52
N THR ZA 132 65.04 -45.40 30.22
CA THR ZA 132 65.79 -46.00 31.33
C THR ZA 132 67.02 -46.75 30.83
N ALA ZA 133 66.92 -47.39 29.66
CA ALA ZA 133 68.09 -48.01 29.07
C ALA ZA 133 69.17 -46.98 28.78
N MET ZA 134 68.77 -45.85 28.20
CA MET ZA 134 69.72 -44.78 27.92
C MET ZA 134 70.32 -44.23 29.21
N LYS ZA 135 69.49 -44.13 30.25
CA LYS ZA 135 69.98 -43.75 31.58
C LYS ZA 135 71.09 -44.67 32.06
N GLY ZA 136 70.85 -45.98 32.01
CA GLY ZA 136 71.87 -46.91 32.44
C GLY ZA 136 73.14 -46.83 31.63
N VAL ZA 137 72.99 -46.71 30.30
CA VAL ZA 137 74.16 -46.65 29.42
C VAL ZA 137 74.98 -45.41 29.73
N VAL ZA 138 74.33 -44.26 29.90
CA VAL ZA 138 75.05 -43.03 30.17
C VAL ZA 138 75.68 -43.06 31.55
N ALA ZA 139 74.98 -43.66 32.52
CA ALA ZA 139 75.52 -43.77 33.87
C ALA ZA 139 76.79 -44.61 33.88
N SER ZA 140 76.83 -45.66 33.06
CA SER ZA 140 78.03 -46.50 33.00
C SER ZA 140 79.23 -45.73 32.45
N MET ZA 141 79.00 -44.55 31.87
CA MET ZA 141 80.10 -43.82 31.26
C MET ZA 141 80.49 -42.59 32.09
N ILE ZA 142 79.50 -41.81 32.53
CA ILE ZA 142 79.76 -40.54 33.20
C ILE ZA 142 79.37 -40.56 34.66
N GLY ZA 143 79.05 -41.72 35.21
CA GLY ZA 143 78.51 -41.79 36.54
C GLY ZA 143 77.06 -41.35 36.59
N SER ZA 144 76.60 -41.05 37.79
CA SER ZA 144 75.19 -40.78 38.05
C SER ZA 144 74.84 -39.31 37.90
N GLU ZA 145 75.67 -38.52 37.22
CA GLU ZA 145 75.48 -37.07 37.23
C GLU ZA 145 74.35 -36.65 36.30
N ALA ZA 146 73.95 -37.51 35.37
CA ALA ZA 146 72.83 -37.24 34.49
C ALA ZA 146 71.58 -38.05 34.85
N ASN ZA 147 71.57 -38.71 36.01
CA ASN ZA 147 70.46 -39.58 36.36
C ASN ZA 147 69.17 -38.80 36.58
N VAL ZA 148 69.28 -37.62 37.20
CA VAL ZA 148 68.08 -36.86 37.56
C VAL ZA 148 67.33 -36.41 36.32
N TYR ZA 149 68.05 -36.09 35.24
CA TYR ZA 149 67.38 -35.59 34.04
C TYR ZA 149 66.68 -36.72 33.30
N PHE ZA 150 67.30 -37.90 33.25
CA PHE ZA 150 66.62 -39.05 32.67
C PHE ZA 150 65.43 -39.48 33.51
N ASP ZA 151 65.56 -39.42 34.84
CA ASP ZA 151 64.40 -39.62 35.70
C ASP ZA 151 63.31 -38.61 35.39
N HIS ZA 152 63.70 -37.36 35.16
CA HIS ZA 152 62.71 -36.33 34.87
C HIS ZA 152 61.95 -36.65 33.58
N ILE ZA 153 62.67 -37.08 32.55
CA ILE ZA 153 62.00 -37.47 31.30
C ILE ZA 153 61.09 -38.67 31.54
N ALA ZA 154 61.56 -39.66 32.29
CA ALA ZA 154 60.79 -40.88 32.51
C ALA ZA 154 59.49 -40.58 33.26
N LYS ZA 155 59.55 -39.77 34.33
CA LYS ZA 155 58.32 -39.41 35.03
C LYS ZA 155 57.44 -38.51 34.19
N GLY ZA 156 58.03 -37.63 33.39
CA GLY ZA 156 57.22 -36.78 32.53
C GLY ZA 156 56.43 -37.56 31.49
N LEU ZA 157 57.01 -38.65 31.00
CA LEU ZA 157 56.29 -39.51 30.07
C LEU ZA 157 55.26 -40.37 30.79
N SER ZA 158 55.58 -40.82 32.00
CA SER ZA 158 54.70 -41.70 32.76
C SER ZA 158 53.46 -40.97 33.28
N MET AB 1 35.45 -5.05 8.18
CA MET AB 1 34.69 -4.25 9.13
C MET AB 1 33.50 -3.57 8.49
N LEU AB 2 32.58 -3.10 9.34
CA LEU AB 2 31.40 -2.37 8.91
C LEU AB 2 31.36 -1.02 9.60
N ASP AB 3 30.66 -0.08 8.97
CA ASP AB 3 30.22 1.12 9.66
C ASP AB 3 28.69 1.09 9.72
N ALA AB 4 28.12 2.19 10.21
CA ALA AB 4 26.67 2.23 10.41
C ALA AB 4 25.91 2.05 9.09
N VAL AB 5 26.36 2.73 8.04
CA VAL AB 5 25.66 2.65 6.76
C VAL AB 5 25.73 1.24 6.18
N THR AB 6 26.92 0.64 6.22
CA THR AB 6 27.04 -0.72 5.71
C THR AB 6 26.25 -1.71 6.57
N LYS AB 7 26.13 -1.44 7.87
CA LYS AB 7 25.30 -2.29 8.71
C LYS AB 7 23.84 -2.21 8.32
N ILE AB 8 23.34 -1.00 8.06
CA ILE AB 8 21.96 -0.84 7.59
C ILE AB 8 21.78 -1.52 6.24
N ILE AB 9 22.78 -1.41 5.37
CA ILE AB 9 22.70 -2.04 4.06
C ILE AB 9 22.59 -3.56 4.21
N ASN AB 10 23.42 -4.13 5.08
CA ASN AB 10 23.37 -5.58 5.31
C ASN AB 10 22.02 -5.98 5.88
N ARG AB 11 21.47 -5.16 6.78
CA ARG AB 11 20.16 -5.47 7.34
C ARG AB 11 19.09 -5.49 6.27
N THR AB 12 19.10 -4.52 5.35
CA THR AB 12 18.09 -4.51 4.31
C THR AB 12 18.35 -5.60 3.27
N ASP AB 13 19.61 -6.03 3.13
CA ASP AB 13 19.93 -7.04 2.14
C ASP AB 13 19.56 -8.44 2.62
N ALA AB 14 19.69 -8.69 3.93
CA ALA AB 14 19.31 -9.98 4.47
C ALA AB 14 17.83 -10.27 4.21
N GLU AB 15 17.01 -9.23 4.16
CA GLU AB 15 15.59 -9.36 3.85
C GLU AB 15 15.30 -9.22 2.36
N GLY AB 16 16.31 -8.91 1.55
CA GLY AB 16 16.11 -8.80 0.12
C GLY AB 16 15.15 -7.71 -0.30
N ARG AB 17 15.26 -6.54 0.31
CA ARG AB 17 14.34 -5.44 0.03
C ARG AB 17 15.12 -4.15 -0.17
N TYR AB 18 14.50 -3.23 -0.90
CA TYR AB 18 15.08 -1.92 -1.06
C TYR AB 18 14.94 -1.13 0.23
N PHE AB 19 15.70 -0.04 0.32
CA PHE AB 19 15.62 0.82 1.49
C PHE AB 19 14.23 1.44 1.59
N ALA AB 20 13.66 1.40 2.79
CA ALA AB 20 12.36 1.98 3.06
C ALA AB 20 12.54 3.33 3.77
N SER AB 21 11.42 3.89 4.23
CA SER AB 21 11.47 5.19 4.90
C SER AB 21 12.27 5.12 6.19
N LYS AB 22 12.07 4.06 6.99
CA LYS AB 22 12.80 3.96 8.25
C LYS AB 22 14.30 3.80 8.02
N ASP AB 23 14.69 3.04 6.99
CA ASP AB 23 16.10 2.86 6.68
C ASP AB 23 16.74 4.19 6.30
N PHE AB 24 16.06 4.96 5.45
CA PHE AB 24 16.59 6.26 5.07
C PHE AB 24 16.65 7.21 6.26
N ASP AB 25 15.66 7.12 7.15
CA ASP AB 25 15.70 7.93 8.37
C ASP AB 25 16.93 7.60 9.20
N GLU AB 26 17.22 6.31 9.37
CA GLU AB 26 18.36 5.90 10.18
C GLU AB 26 19.67 6.35 9.53
N VAL AB 27 19.79 6.20 8.21
CA VAL AB 27 20.99 6.62 7.51
C VAL AB 27 21.17 8.13 7.61
N THR AB 28 20.07 8.88 7.48
CA THR AB 28 20.14 10.33 7.63
C THR AB 28 20.56 10.71 9.03
N ARG AB 29 20.06 10.01 10.04
CA ARG AB 29 20.45 10.27 11.42
C ARG AB 29 21.95 10.03 11.60
N PHE AB 30 22.47 8.98 10.98
CA PHE AB 30 23.91 8.75 11.04
C PHE AB 30 24.68 9.88 10.38
N PHE AB 31 24.22 10.33 9.22
CA PHE AB 31 24.92 11.41 8.52
C PHE AB 31 24.88 12.70 9.30
N ALA AB 32 23.79 12.94 10.04
CA ALA AB 32 23.65 14.19 10.77
C ALA AB 32 24.66 14.29 11.91
N THR AB 33 24.95 13.17 12.56
CA THR AB 33 25.88 13.13 13.67
C THR AB 33 27.33 13.05 13.24
N GLY AB 34 27.59 12.99 11.94
CA GLY AB 34 28.95 12.73 11.47
C GLY AB 34 29.93 13.83 11.84
N GLU AB 35 29.48 15.08 11.77
CA GLU AB 35 30.37 16.20 12.09
C GLU AB 35 30.80 16.16 13.55
N ALA AB 36 29.86 15.88 14.45
CA ALA AB 36 30.19 15.77 15.87
C ALA AB 36 31.15 14.62 16.14
N ARG AB 37 30.93 13.47 15.50
CA ARG AB 37 31.82 12.33 15.70
C ARG AB 37 33.21 12.61 15.16
N LEU AB 38 33.31 13.31 14.03
CA LEU AB 38 34.62 13.68 13.52
C LEU AB 38 35.33 14.65 14.44
N ARG AB 39 34.58 15.60 15.01
CA ARG AB 39 35.19 16.52 15.98
C ARG AB 39 35.71 15.75 17.19
N ALA AB 40 34.92 14.81 17.70
CA ALA AB 40 35.36 14.01 18.84
C ALA AB 40 36.60 13.20 18.50
N ALA AB 41 36.63 12.59 17.31
CA ALA AB 41 37.79 11.81 16.90
C ALA AB 41 39.03 12.67 16.78
N SER AB 42 38.89 13.86 16.19
CA SER AB 42 40.05 14.75 16.06
C SER AB 42 40.53 15.22 17.43
N THR AB 43 39.59 15.51 18.32
CA THR AB 43 39.96 15.91 19.67
C THR AB 43 40.71 14.81 20.40
N ILE AB 44 40.26 13.56 20.26
CA ILE AB 44 40.97 12.44 20.88
C ILE AB 44 42.35 12.28 20.26
N SER AB 45 42.45 12.39 18.94
CA SER AB 45 43.73 12.21 18.27
C SER AB 45 44.73 13.28 18.69
N ALA AB 46 44.27 14.50 18.91
CA ALA AB 46 45.17 15.58 19.27
C ALA AB 46 45.80 15.34 20.65
N ASN AB 47 45.06 14.74 21.57
CA ASN AB 47 45.53 14.51 22.93
C ASN AB 47 45.63 13.04 23.29
N ALA AB 48 45.95 12.17 22.33
CA ALA AB 48 46.02 10.75 22.62
C ALA AB 48 47.09 10.45 23.67
N ALA AB 49 48.23 11.11 23.58
CA ALA AB 49 49.31 10.87 24.54
C ALA AB 49 48.89 11.25 25.94
N SER AB 50 48.25 12.40 26.12
CA SER AB 50 47.87 12.83 27.46
C SER AB 50 46.74 11.98 28.03
N ILE AB 51 45.78 11.58 27.18
CA ILE AB 51 44.74 10.66 27.61
C ILE AB 51 45.37 9.36 28.09
N LEU AB 52 46.31 8.81 27.33
CA LEU AB 52 46.95 7.57 27.71
C LEU AB 52 47.73 7.72 29.01
N ARG AB 53 48.46 8.83 29.14
CA ARG AB 53 49.24 9.09 30.33
C ARG AB 53 48.36 9.10 31.57
N GLU AB 54 47.28 9.89 31.55
CA GLU AB 54 46.46 10.01 32.76
C GLU AB 54 45.57 8.79 32.96
N SER AB 55 45.31 8.03 31.90
CA SER AB 55 44.58 6.78 32.07
C SER AB 55 45.43 5.73 32.77
N ALA AB 56 46.69 5.60 32.38
CA ALA AB 56 47.59 4.71 33.09
C ALA AB 56 47.81 5.18 34.52
N ALA AB 57 47.93 6.50 34.71
CA ALA AB 57 48.03 7.04 36.07
C ALA AB 57 46.84 6.61 36.92
N ALA AB 58 45.63 6.74 36.38
CA ALA AB 58 44.44 6.34 37.14
C ALA AB 58 44.44 4.85 37.44
N LEU AB 59 44.76 4.02 36.44
CA LEU AB 59 44.77 2.58 36.64
C LEU AB 59 45.74 2.18 37.74
N PHE AB 60 46.94 2.73 37.72
CA PHE AB 60 47.96 2.25 38.63
C PHE AB 60 47.90 2.99 39.96
N THR AB 61 47.14 4.08 40.04
CA THR AB 61 46.81 4.65 41.34
C THR AB 61 45.75 3.80 42.03
N GLU AB 62 44.78 3.31 41.27
CA GLU AB 62 43.75 2.45 41.88
C GLU AB 62 44.34 1.13 42.35
N GLN AB 63 45.25 0.54 41.58
CA GLN AB 63 45.83 -0.77 41.88
C GLN AB 63 47.35 -0.68 41.83
N PRO AB 64 47.98 -0.22 42.91
CA PRO AB 64 49.45 -0.09 42.91
C PRO AB 64 50.17 -1.42 42.88
N ASP AB 65 49.49 -2.53 43.22
CA ASP AB 65 50.18 -3.81 43.34
C ASP AB 65 50.59 -4.34 41.97
N LEU AB 66 49.99 -3.82 40.90
CA LEU AB 66 50.39 -4.25 39.56
C LEU AB 66 51.80 -3.80 39.23
N LEU AB 67 52.24 -2.67 39.79
CA LEU AB 67 53.56 -2.15 39.48
C LEU AB 67 54.62 -2.77 40.38
N ARG AB 68 54.22 -3.28 41.54
CA ARG AB 68 55.17 -3.81 42.50
C ARG AB 68 55.73 -5.15 41.99
N PRO AB 69 56.92 -5.54 42.45
CA PRO AB 69 57.50 -6.81 42.02
C PRO AB 69 56.56 -7.98 42.26
N GLY AB 70 56.45 -8.86 41.27
CA GLY AB 70 55.46 -9.90 41.27
C GLY AB 70 54.12 -9.50 40.68
N GLY AB 71 53.88 -8.21 40.46
CA GLY AB 71 52.68 -7.79 39.78
C GLY AB 71 52.75 -8.01 38.29
N ASN AB 72 51.58 -8.05 37.65
CA ASN AB 72 51.56 -8.38 36.23
C ASN AB 72 52.03 -7.21 35.38
N ALA AB 73 52.17 -6.02 35.96
CA ALA AB 73 52.75 -4.90 35.26
C ALA AB 73 54.12 -4.50 35.81
N TYR AB 74 54.81 -5.40 36.49
CA TYR AB 74 56.17 -5.12 36.94
C TYR AB 74 57.18 -5.72 35.99
N THR AB 75 57.65 -4.90 35.08
CA THR AB 75 58.94 -4.85 34.39
C THR AB 75 58.80 -3.66 33.46
N SER AB 76 59.88 -3.21 32.83
CA SER AB 76 59.72 -2.21 31.79
C SER AB 76 58.90 -2.79 30.65
N ARG AB 77 59.12 -4.07 30.33
CA ARG AB 77 58.45 -4.69 29.21
C ARG AB 77 56.95 -4.84 29.48
N ARG AB 78 56.58 -5.26 30.68
CA ARG AB 78 55.17 -5.48 30.95
C ARG AB 78 54.42 -4.18 31.16
N TYR AB 79 55.06 -3.18 31.77
CA TYR AB 79 54.44 -1.85 31.80
C TYR AB 79 54.23 -1.34 30.38
N ALA AB 80 55.23 -1.50 29.51
CA ALA AB 80 55.10 -1.05 28.14
C ALA AB 80 53.99 -1.78 27.42
N ALA AB 81 53.87 -3.09 27.61
CA ALA AB 81 52.79 -3.85 26.99
C ALA AB 81 51.44 -3.39 27.49
N CYS AB 82 51.34 -3.03 28.77
CA CYS AB 82 50.09 -2.54 29.31
C CYS AB 82 49.68 -1.21 28.70
N VAL AB 83 50.61 -0.26 28.62
CA VAL AB 83 50.23 1.03 28.08
C VAL AB 83 50.04 0.94 26.57
N ARG AB 84 50.72 0.00 25.92
CA ARG AB 84 50.47 -0.26 24.51
C ARG AB 84 49.07 -0.82 24.29
N ASP AB 85 48.62 -1.71 25.18
CA ASP AB 85 47.26 -2.20 25.10
C ASP AB 85 46.25 -1.08 25.26
N MET AB 86 46.49 -0.20 26.22
CA MET AB 86 45.57 0.92 26.44
C MET AB 86 45.58 1.87 25.24
N GLU AB 87 46.74 2.09 24.63
CA GLU AB 87 46.82 2.89 23.41
C GLU AB 87 46.04 2.23 22.26
N TYR AB 88 46.13 0.91 22.15
CA TYR AB 88 45.31 0.18 21.19
C TYR AB 88 43.83 0.42 21.45
N PHE AB 89 43.41 0.32 22.71
CA PHE AB 89 42.00 0.48 23.03
C PHE AB 89 41.52 1.88 22.67
N LEU AB 90 42.33 2.89 22.97
CA LEU AB 90 41.93 4.26 22.64
C LEU AB 90 41.84 4.46 21.13
N ARG AB 91 42.84 4.00 20.38
CA ARG AB 91 42.83 4.20 18.93
C ARG AB 91 41.65 3.48 18.28
N TYR AB 92 41.39 2.24 18.69
CA TYR AB 92 40.33 1.49 18.04
C TYR AB 92 38.95 1.93 18.52
N ALA AB 93 38.85 2.45 19.73
CA ALA AB 93 37.61 3.11 20.13
C ALA AB 93 37.37 4.36 19.29
N THR AB 94 38.43 5.09 18.95
CA THR AB 94 38.26 6.24 18.07
C THR AB 94 37.81 5.81 16.68
N TYR AB 95 38.42 4.76 16.15
CA TYR AB 95 37.99 4.20 14.87
C TYR AB 95 36.51 3.85 14.91
N ALA AB 96 36.08 3.14 15.96
CA ALA AB 96 34.68 2.75 16.07
C ALA AB 96 33.77 3.97 16.20
N LEU AB 97 34.21 4.98 16.94
CA LEU AB 97 33.43 6.20 17.09
C LEU AB 97 33.22 6.87 15.74
N VAL AB 98 34.26 6.91 14.90
CA VAL AB 98 34.09 7.45 13.56
C VAL AB 98 33.12 6.59 12.76
N ALA AB 99 33.30 5.27 12.78
CA ALA AB 99 32.49 4.39 11.96
C ALA AB 99 31.06 4.33 12.43
N GLY AB 100 30.81 4.59 13.70
CA GLY AB 100 29.50 4.42 14.26
C GLY AB 100 29.09 2.99 14.48
N ASP AB 101 30.02 2.06 14.42
CA ASP AB 101 29.75 0.64 14.56
C ASP AB 101 30.97 -0.02 15.22
N THR AB 102 30.73 -1.04 16.02
CA THR AB 102 31.76 -1.65 16.85
C THR AB 102 32.49 -2.80 16.18
N SER AB 103 32.22 -3.08 14.90
CA SER AB 103 32.80 -4.25 14.26
C SER AB 103 34.32 -4.14 14.15
N VAL AB 104 34.85 -2.91 14.10
CA VAL AB 104 36.30 -2.75 14.02
C VAL AB 104 36.95 -3.27 15.30
N ILE AB 105 36.27 -3.10 16.44
CA ILE AB 105 36.79 -3.61 17.70
C ILE AB 105 36.74 -5.12 17.74
N ASP AB 106 35.69 -5.71 17.17
CA ASP AB 106 35.60 -7.17 17.09
C ASP AB 106 36.69 -7.73 16.20
N GLU AB 107 36.94 -7.09 15.06
CA GLU AB 107 37.88 -7.64 14.09
C GLU AB 107 39.32 -7.45 14.53
N ARG AB 108 39.65 -6.28 15.09
CA ARG AB 108 41.03 -5.91 15.32
C ARG AB 108 41.46 -5.97 16.78
N VAL AB 109 40.54 -5.97 17.73
CA VAL AB 109 40.88 -5.91 19.13
C VAL AB 109 40.52 -7.19 19.88
N LEU AB 110 39.29 -7.66 19.77
CA LEU AB 110 38.80 -8.79 20.55
C LEU AB 110 38.99 -10.13 19.83
N ASN AB 111 39.85 -10.18 18.81
CA ASN AB 111 40.09 -11.42 18.07
C ASN AB 111 41.13 -12.24 18.84
N GLY AB 112 40.67 -12.84 19.93
CA GLY AB 112 41.53 -13.65 20.77
C GLY AB 112 42.14 -12.94 21.95
N LEU AB 113 41.66 -11.74 22.28
CA LEU AB 113 42.26 -10.98 23.38
C LEU AB 113 41.95 -11.60 24.73
N LYS AB 114 40.72 -12.04 24.93
CA LYS AB 114 40.37 -12.63 26.22
C LYS AB 114 41.12 -13.93 26.45
N GLU AB 115 41.25 -14.74 25.40
CA GLU AB 115 42.04 -15.97 25.50
C GLU AB 115 43.50 -15.64 25.76
N THR AB 116 44.03 -14.62 25.09
CA THR AB 116 45.43 -14.21 25.32
C THR AB 116 45.65 -13.78 26.76
N TYR AB 117 44.73 -12.98 27.30
CA TYR AB 117 44.87 -12.49 28.67
C TYR AB 117 44.71 -13.61 29.69
N MET AB 118 43.83 -14.57 29.44
CA MET AB 118 43.73 -15.71 30.35
C MET AB 118 44.97 -16.58 30.26
N SER AB 119 45.56 -16.71 29.06
CA SER AB 119 46.74 -17.54 28.90
C SER AB 119 47.95 -16.92 29.57
N LEU AB 120 48.15 -15.61 29.41
CA LEU AB 120 49.37 -14.97 29.87
C LEU AB 120 49.29 -14.60 31.35
N GLY AB 121 48.12 -14.74 31.96
CA GLY AB 121 47.95 -14.32 33.34
C GLY AB 121 47.70 -12.84 33.53
N VAL AB 122 47.43 -12.10 32.46
CA VAL AB 122 47.00 -10.71 32.60
C VAL AB 122 45.70 -10.67 33.38
N PRO AB 123 45.58 -9.87 34.43
CA PRO AB 123 44.30 -9.80 35.17
C PRO AB 123 43.25 -9.06 34.37
N ILE AB 124 42.18 -9.77 34.02
CA ILE AB 124 41.11 -9.15 33.22
C ILE AB 124 40.36 -8.08 33.99
N PRO AB 125 39.94 -8.28 35.25
CA PRO AB 125 39.26 -7.19 35.95
C PRO AB 125 40.08 -5.93 36.09
N SER AB 126 41.39 -6.05 36.30
CA SER AB 126 42.25 -4.86 36.32
C SER AB 126 42.29 -4.18 34.96
N THR AB 127 42.32 -4.97 33.88
CA THR AB 127 42.31 -4.40 32.55
C THR AB 127 40.99 -3.67 32.28
N VAL AB 128 39.88 -4.23 32.75
CA VAL AB 128 38.59 -3.57 32.58
C VAL AB 128 38.54 -2.30 33.40
N ALA AB 129 39.14 -2.30 34.59
CA ALA AB 129 39.24 -1.08 35.37
C ALA AB 129 40.05 0.00 34.64
N GLY AB 130 41.13 -0.39 34.00
CA GLY AB 130 41.89 0.56 33.21
C GLY AB 130 41.11 1.09 32.01
N VAL AB 131 40.42 0.19 31.31
CA VAL AB 131 39.57 0.60 30.19
C VAL AB 131 38.50 1.57 30.67
N THR AB 132 37.95 1.31 31.85
CA THR AB 132 36.91 2.19 32.40
C THR AB 132 37.49 3.54 32.79
N ALA AB 133 38.72 3.56 33.31
CA ALA AB 133 39.37 4.82 33.61
C ALA AB 133 39.60 5.64 32.35
N MET AB 134 40.01 4.98 31.26
CA MET AB 134 40.18 5.68 30.00
C MET AB 134 38.84 6.17 29.45
N LYS AB 135 37.79 5.37 29.62
CA LYS AB 135 36.46 5.81 29.23
C LYS AB 135 36.06 7.06 29.97
N GLY AB 136 36.32 7.11 31.27
CA GLY AB 136 36.00 8.30 32.04
C GLY AB 136 36.79 9.51 31.61
N VAL AB 137 38.09 9.33 31.36
CA VAL AB 137 38.92 10.43 30.86
C VAL AB 137 38.37 10.97 29.54
N VAL AB 138 38.11 10.08 28.59
CA VAL AB 138 37.63 10.52 27.29
C VAL AB 138 36.25 11.16 27.41
N ALA AB 139 35.40 10.64 28.29
CA ALA AB 139 34.09 11.22 28.49
C ALA AB 139 34.19 12.63 29.06
N SER AB 140 35.07 12.83 30.03
CA SER AB 140 35.26 14.17 30.55
C SER AB 140 35.84 15.10 29.49
N MET AB 141 36.52 14.53 28.51
CA MET AB 141 37.17 15.37 27.51
C MET AB 141 36.22 15.75 26.36
N ILE AB 142 35.42 14.81 25.88
CA ILE AB 142 34.57 15.02 24.71
C ILE AB 142 33.10 14.79 24.99
N GLY AB 143 32.76 14.19 26.12
CA GLY AB 143 31.39 13.84 26.38
C GLY AB 143 31.15 12.35 26.28
N SER AB 144 29.87 11.99 26.39
CA SER AB 144 29.44 10.60 26.47
C SER AB 144 29.55 9.85 25.14
N GLU AB 145 29.93 10.56 24.07
CA GLU AB 145 29.75 10.03 22.71
C GLU AB 145 30.47 8.70 22.51
N ALA AB 146 31.55 8.46 23.25
CA ALA AB 146 32.35 7.27 23.02
C ALA AB 146 32.16 6.20 24.09
N ASN AB 147 31.36 6.48 25.12
CA ASN AB 147 31.26 5.53 26.23
C ASN AB 147 30.98 4.13 25.75
N VAL AB 148 29.96 3.97 24.91
CA VAL AB 148 29.51 2.64 24.50
C VAL AB 148 30.67 1.84 23.94
N TYR AB 149 31.52 2.47 23.12
CA TYR AB 149 32.60 1.71 22.49
C TYR AB 149 33.55 1.16 23.53
N PHE AB 150 33.92 1.98 24.52
CA PHE AB 150 34.74 1.47 25.60
C PHE AB 150 34.05 0.34 26.33
N ASP AB 151 32.75 0.49 26.61
CA ASP AB 151 32.03 -0.59 27.26
C ASP AB 151 32.11 -1.86 26.41
N HIS AB 152 32.07 -1.70 25.09
CA HIS AB 152 32.20 -2.87 24.23
C HIS AB 152 33.49 -3.61 24.52
N ILE AB 153 34.61 -2.88 24.58
CA ILE AB 153 35.88 -3.52 24.89
C ILE AB 153 35.80 -4.22 26.24
N ALA AB 154 35.18 -3.56 27.22
CA ALA AB 154 35.04 -4.16 28.54
C ALA AB 154 34.25 -5.46 28.42
N LYS AB 155 33.16 -5.44 27.66
CA LYS AB 155 32.34 -6.62 27.54
C LYS AB 155 33.08 -7.72 26.79
N GLY AB 156 34.05 -7.34 25.97
CA GLY AB 156 34.82 -8.34 25.27
C GLY AB 156 35.80 -9.05 26.18
N LEU AB 157 36.15 -8.40 27.29
CA LEU AB 157 37.08 -9.01 28.22
C LEU AB 157 36.34 -9.69 29.36
N SER AB 158 35.31 -9.04 29.89
CA SER AB 158 34.49 -9.61 30.94
C SER AB 158 33.65 -10.77 30.41
N ALA BB 2 83.13 -14.22 3.79
CA ALA BB 2 81.88 -14.62 3.17
C ALA BB 2 81.82 -14.12 1.73
N ARG BB 3 81.01 -14.77 0.91
CA ARG BB 3 80.85 -14.42 -0.50
C ARG BB 3 79.39 -14.53 -0.91
N THR BB 4 79.00 -13.67 -1.85
CA THR BB 4 77.62 -13.48 -2.24
C THR BB 4 77.57 -13.28 -3.75
N ILE BB 5 76.53 -13.81 -4.40
CA ILE BB 5 76.42 -13.86 -5.85
C ILE BB 5 75.27 -12.99 -6.28
N SER BB 6 75.50 -12.12 -7.26
CA SER BB 6 74.44 -11.32 -7.87
C SER BB 6 74.08 -11.93 -9.22
N ILE BB 7 72.81 -12.25 -9.39
CA ILE BB 7 72.31 -12.92 -10.59
C ILE BB 7 71.26 -12.03 -11.26
N THR BB 8 71.40 -11.87 -12.57
CA THR BB 8 70.43 -11.19 -13.42
C THR BB 8 69.78 -12.22 -14.33
N ALA BB 9 68.45 -12.33 -14.26
CA ALA BB 9 67.72 -13.31 -15.03
C ALA BB 9 66.44 -12.74 -15.63
N CYS BB 10 66.04 -13.32 -16.74
CA CYS BB 10 64.75 -13.08 -17.38
C CYS BB 10 63.90 -14.34 -17.26
N VAL BB 11 62.73 -14.23 -16.63
CA VAL BB 11 61.83 -15.35 -16.42
C VAL BB 11 60.50 -15.01 -17.08
N PRO BB 12 60.27 -15.41 -18.34
CA PRO BB 12 58.96 -15.18 -18.96
C PRO BB 12 57.83 -15.85 -18.19
N ARG BB 13 56.60 -15.46 -18.55
CA ARG BB 13 55.39 -15.90 -17.88
C ARG BB 13 54.48 -16.71 -18.80
N ARG BB 14 55.05 -17.64 -19.56
CA ARG BB 14 54.29 -18.31 -20.62
C ARG BB 14 53.33 -19.36 -20.05
N THR BB 15 53.74 -20.07 -19.00
CA THR BB 15 52.84 -21.08 -18.42
C THR BB 15 51.64 -20.41 -17.76
N LYS BB 16 51.85 -19.26 -17.13
CA LYS BB 16 50.79 -18.59 -16.40
C LYS BB 16 49.98 -17.69 -17.32
N SER BB 17 48.69 -17.59 -17.04
CA SER BB 17 47.82 -16.69 -17.80
C SER BB 17 48.15 -15.24 -17.47
N VAL BB 18 47.98 -14.36 -18.46
CA VAL BB 18 48.30 -12.96 -18.28
C VAL BB 18 47.31 -12.32 -17.31
N GLY BB 19 47.78 -11.34 -16.55
CA GLY BB 19 46.95 -10.67 -15.57
C GLY BB 19 47.10 -9.17 -15.63
N ALA BB 20 46.12 -8.49 -15.06
CA ALA BB 20 46.13 -7.03 -15.05
C ALA BB 20 47.14 -6.48 -14.03
N SER BB 21 47.60 -7.32 -13.12
CA SER BB 21 48.59 -6.89 -12.15
C SER BB 21 49.96 -6.76 -12.81
N ARG BB 22 50.80 -5.90 -12.22
CA ARG BB 22 52.15 -5.73 -12.73
C ARG BB 22 52.99 -6.98 -12.46
N GLU BB 23 53.78 -7.36 -13.46
CA GLU BB 23 54.59 -8.57 -13.39
C GLU BB 23 56.02 -8.31 -13.85
N ILE BB 24 56.32 -7.07 -14.25
CA ILE BB 24 57.60 -6.76 -14.87
C ILE BB 24 58.76 -6.97 -13.89
N GLN BB 25 58.50 -6.76 -12.60
CA GLN BB 25 59.56 -6.95 -11.61
C GLN BB 25 59.95 -8.42 -11.50
N ASN BB 26 59.03 -9.33 -11.80
CA ASN BB 26 59.34 -10.75 -11.73
C ASN BB 26 59.95 -11.26 -13.03
N VAL BB 27 59.58 -10.65 -14.15
CA VAL BB 27 60.04 -11.14 -15.45
C VAL BB 27 61.53 -10.93 -15.60
N TYR BB 28 62.01 -9.71 -15.38
CA TYR BB 28 63.41 -9.37 -15.51
C TYR BB 28 63.88 -8.80 -14.19
N PHE BB 29 65.00 -9.31 -13.67
CA PHE BB 29 65.44 -8.86 -12.37
C PHE BB 29 66.92 -9.14 -12.18
N THR BB 30 67.50 -8.42 -11.22
CA THR BB 30 68.84 -8.67 -10.70
C THR BB 30 68.76 -8.67 -9.19
N LYS BB 31 69.26 -9.72 -8.55
CA LYS BB 31 69.20 -9.80 -7.10
C LYS BB 31 70.49 -10.36 -6.53
N ARG BB 32 70.74 -10.02 -5.27
CA ARG BB 32 71.88 -10.51 -4.49
C ARG BB 32 71.40 -11.68 -3.64
N ILE BB 33 72.08 -12.82 -3.76
CA ILE BB 33 71.75 -14.00 -2.97
C ILE BB 33 73.02 -14.58 -2.38
N SER BB 34 72.88 -15.24 -1.23
CA SER BB 34 74.03 -15.88 -0.62
C SER BB 34 74.46 -17.08 -1.44
N PHE BB 35 75.71 -17.49 -1.24
CA PHE BB 35 76.26 -18.59 -2.04
C PHE BB 35 75.54 -19.90 -1.78
N ASP BB 36 75.16 -20.14 -0.52
CA ASP BB 36 74.51 -21.41 -0.20
C ASP BB 36 73.15 -21.52 -0.89
N GLN BB 37 72.57 -20.40 -1.28
CA GLN BB 37 71.30 -20.38 -1.99
C GLN BB 37 71.46 -20.28 -3.50
N PHE BB 38 72.70 -20.29 -4.00
CA PHE BB 38 72.93 -20.11 -5.43
C PHE BB 38 72.37 -21.28 -6.23
N THR BB 39 72.70 -22.51 -5.86
CA THR BB 39 72.16 -23.65 -6.58
C THR BB 39 70.64 -23.74 -6.54
N PRO BB 40 69.97 -23.59 -5.38
CA PRO BB 40 68.51 -23.59 -5.41
C PRO BB 40 67.93 -22.51 -6.31
N GLU BB 41 68.51 -21.32 -6.30
CA GLU BB 41 67.98 -20.24 -7.13
C GLU BB 41 68.25 -20.49 -8.61
N TYR BB 42 69.44 -21.00 -8.92
CA TYR BB 42 69.78 -21.38 -10.28
C TYR BB 42 68.78 -22.39 -10.84
N GLN BB 43 68.51 -23.44 -10.07
CA GLN BB 43 67.57 -24.46 -10.52
C GLN BB 43 66.14 -23.95 -10.53
N ARG BB 44 65.80 -23.03 -9.63
CA ARG BB 44 64.44 -22.51 -9.60
C ARG BB 44 64.18 -21.62 -10.81
N ILE BB 45 65.18 -20.83 -11.20
CA ILE BB 45 65.07 -20.05 -12.43
C ILE BB 45 64.93 -20.97 -13.63
N HIS BB 46 65.75 -22.02 -13.69
CA HIS BB 46 65.67 -22.93 -14.83
C HIS BB 46 64.33 -23.65 -14.88
N ARG BB 47 63.74 -23.92 -13.71
CA ARG BB 47 62.52 -24.73 -13.67
C ARG BB 47 61.32 -23.96 -14.20
N GLN BB 48 61.26 -22.66 -13.95
CA GLN BB 48 60.17 -21.83 -14.45
C GLN BB 48 60.42 -21.34 -15.86
N GLY BB 49 61.31 -21.98 -16.62
CA GLY BB 49 61.61 -21.56 -17.96
C GLY BB 49 62.43 -20.29 -18.04
N GLY BB 50 62.99 -19.82 -16.93
CA GLY BB 50 63.78 -18.62 -16.97
C GLY BB 50 65.12 -18.81 -17.64
N THR BB 51 65.71 -17.68 -18.03
CA THR BB 51 67.03 -17.64 -18.61
C THR BB 51 67.93 -16.79 -17.72
N ILE BB 52 69.10 -17.31 -17.40
CA ILE BB 52 70.07 -16.58 -16.60
C ILE BB 52 70.92 -15.75 -17.56
N LEU BB 53 70.88 -14.42 -17.39
CA LEU BB 53 71.57 -13.54 -18.33
C LEU BB 53 72.93 -13.13 -17.81
N ASN BB 54 73.09 -13.00 -16.50
CA ASN BB 54 74.35 -12.51 -15.96
C ASN BB 54 74.56 -13.05 -14.56
N VAL BB 55 75.79 -13.45 -14.26
CA VAL BB 55 76.18 -13.89 -12.92
C VAL BB 55 77.50 -13.20 -12.58
N GLN BB 56 77.58 -12.60 -11.41
CA GLN BB 56 78.87 -12.11 -10.95
C GLN BB 56 78.98 -12.31 -9.44
N CYS BB 57 80.21 -12.30 -8.96
CA CYS BB 57 80.50 -12.46 -7.55
C CYS BB 57 81.11 -11.17 -7.03
N MET BB 58 80.48 -10.59 -6.02
CA MET BB 58 80.95 -9.32 -5.47
C MET BB 58 82.25 -9.54 -4.67
N GLY BB 59 83.24 -8.71 -4.96
CA GLY BB 59 84.52 -8.80 -4.30
C GLY BB 59 85.59 -7.96 -4.96
CHA CYC CB . -38.41 30.55 -82.31
NA CYC CB . -37.33 28.40 -81.35
C1A CYC CB . -37.33 29.69 -81.56
C2A CYC CB . -36.18 30.23 -81.01
C3A CYC CB . -35.48 29.16 -80.45
C4A CYC CB . -36.25 28.02 -80.69
CMA CYC CB . -34.14 29.36 -79.73
CAA CYC CB . -35.73 31.70 -81.01
CBA CYC CB . -34.79 32.05 -82.22
CGA CYC CB . -35.36 31.52 -83.60
O1A CYC CB . -36.34 32.12 -84.16
O2A CYC CB . -34.82 30.51 -84.17
CHB CYC CB . -35.96 26.48 -80.26
NB CYC CB . -33.53 26.63 -80.93
C1B CYC CB . -34.53 26.00 -80.37
C2B CYC CB . -34.05 24.82 -79.89
C3B CYC CB . -32.70 24.77 -80.21
C4B CYC CB . -32.42 25.94 -80.85
CMB CYC CB . -34.86 23.75 -79.17
CAB CYC CB . -31.68 23.61 -79.87
CBB CYC CB . -31.30 22.79 -81.07
OB CYC CB . -31.13 26.34 -81.36
NC CYC CB . -44.33 27.60 -82.42
C1C CYC CB . -45.61 26.80 -82.21
C2C CYC CB . -45.16 25.39 -81.53
C3C CYC CB . -43.94 25.51 -81.20
C4C CYC CB . -43.37 27.03 -81.70
CMC CYC CB . -46.08 25.14 -80.25
CAC CYC CB . -43.05 24.36 -81.83
CBC CYC CB . -43.61 22.94 -81.64
OC CYC CB . -46.39 27.42 -81.46
CHD CYC CB . -42.10 26.89 -82.48
ND CYC CB . -40.14 28.55 -82.25
C1D CYC CB . -41.34 28.27 -82.74
C2D CYC CB . -41.77 29.38 -83.51
C3D CYC CB . -40.76 30.32 -83.43
C4D CYC CB . -39.76 29.76 -82.64
CMD CYC CB . -43.08 29.61 -84.32
CAD CYC CB . -40.73 31.71 -84.07
CBD CYC CB . -41.29 32.76 -83.11
CGD CYC CB . -40.76 34.17 -83.42
O1D CYC CB . -41.38 35.19 -82.99
O2D CYC CB . -39.72 34.29 -84.08
CHA CYC DB . -6.13 -7.20 -33.85
NA CYC DB . -7.81 -6.42 -35.64
C1A CYC DB . -7.37 -6.45 -34.40
C2A CYC DB . -8.20 -5.66 -33.62
C3A CYC DB . -9.17 -5.15 -34.48
C4A CYC DB . -8.89 -5.66 -35.75
CMA CYC DB . -10.29 -4.20 -34.00
CAA CYC DB . -8.04 -5.40 -32.12
CBA CYC DB . -9.07 -6.16 -31.21
CGA CYC DB . -9.16 -7.72 -31.52
O1A CYC DB . -8.11 -8.45 -31.51
O2A CYC DB . -10.29 -8.25 -31.77
CHB CYC DB . -9.58 -5.50 -37.20
NB CYC DB . -11.83 -4.45 -36.57
C1B CYC DB . -10.99 -4.99 -37.41
C2B CYC DB . -11.61 -5.02 -38.63
C3B CYC DB . -12.88 -4.48 -38.47
C4B CYC DB . -12.96 -4.13 -37.15
CMB CYC DB . -11.00 -5.57 -39.92
CAB CYC DB . -13.97 -4.30 -39.59
CBB CYC DB . -15.10 -5.28 -39.46
OB CYC DB . -14.10 -3.52 -36.52
NC CYC DB . -2.05 -9.83 -38.70
C1C CYC DB . -0.99 -9.76 -39.78
C2C CYC DB . -1.90 -9.47 -41.11
C3C CYC DB . -2.95 -8.90 -40.67
C4C CYC DB . -2.84 -8.81 -39.00
CMC CYC DB . -1.11 -8.50 -42.10
CAC CYC DB . -4.27 -9.67 -41.08
CBC CYC DB . -4.23 -10.25 -42.51
OC CYC DB . -0.23 -8.79 -39.56
CHD CYC DB . -4.20 -8.93 -38.37
ND CYC DB . -5.34 -7.98 -36.28
C1D CYC DB . -4.30 -8.62 -36.80
C2D CYC DB . -3.43 -8.99 -35.75
C3D CYC DB . -4.01 -8.51 -34.59
C4D CYC DB . -5.19 -7.88 -34.95
CMD CYC DB . -2.07 -9.76 -35.73
CAD CYC DB . -3.43 -8.60 -33.17
CBD CYC DB . -2.52 -7.37 -33.00
CGD CYC DB . -2.12 -7.12 -31.54
O1D CYC DB . -0.98 -6.65 -31.28
O2D CYC DB . -2.92 -7.39 -30.63
CHA CYC EB . 13.75 5.79 -51.03
NA CYC EB . 13.65 7.83 -49.43
C1A CYC EB . 13.42 7.27 -50.60
C2A CYC EB . 12.80 8.20 -51.40
C3A CYC EB . 12.68 9.36 -50.65
C4A CYC EB . 13.25 9.09 -49.40
CMA CYC EB . 12.03 10.66 -51.17
CAA CYC EB . 12.32 7.99 -52.87
CBA CYC EB . 13.37 8.48 -53.93
CGA CYC EB . 14.81 7.89 -53.65
O1A CYC EB . 15.08 6.70 -54.03
O2A CYC EB . 15.68 8.58 -53.05
CHB CYC EB . 13.38 10.06 -48.13
NB CYC EB . 14.32 11.94 -49.51
C1B CYC EB . 13.91 11.46 -48.38
C2B CYC EB . 14.01 12.44 -47.43
C3B CYC EB . 14.52 13.55 -48.08
C4B CYC EB . 14.71 13.19 -49.37
CMB CYC EB . 13.64 12.33 -45.96
CAB CYC EB . 14.84 14.96 -47.42
CBB CYC EB . 16.26 15.38 -47.66
OB CYC EB . 15.22 14.03 -50.43
NC CYC EB . 15.09 1.39 -45.88
C1C CYC EB . 14.64 0.55 -44.71
C2C CYC EB . 14.50 1.64 -43.51
C3C CYC EB . 14.32 2.77 -44.08
C4C CYC EB . 14.38 2.51 -45.75
CMC CYC EB . 13.24 1.29 -42.58
CAC CYC EB . 15.40 3.85 -43.65
CBC CYC EB . 15.81 3.80 -42.16
OC CYC EB . 13.52 0.05 -44.98
CHD CYC EB . 15.05 3.68 -46.42
ND CYC EB . 14.35 4.94 -48.57
C1D CYC EB . 14.78 3.82 -47.99
C2D CYC EB . 14.97 2.85 -49.00
C3D CYC EB . 14.61 3.47 -50.19
C4D CYC EB . 14.23 4.76 -49.89
CMD CYC EB . 15.46 1.37 -48.92
CAD CYC EB . 14.63 2.82 -51.58
CBD CYC EB . 13.27 2.15 -51.89
CGD CYC EB . 13.08 1.90 -53.39
O1D CYC EB . 11.94 1.59 -53.84
O2D CYC EB . 14.04 2.00 -54.16
CHA CYC FB . -13.33 58.27 -15.25
NA CYC FB . -12.00 56.18 -16.00
C1A CYC FB . -13.12 56.78 -15.67
C2A CYC FB . -14.14 55.86 -15.76
C3A CYC FB . -13.57 54.68 -16.18
C4A CYC FB . -12.20 54.93 -16.30
CMA CYC FB . -14.39 53.39 -16.41
CAA CYC FB . -15.65 56.12 -15.48
CBA CYC FB . -16.11 55.48 -14.12
CGA CYC FB . -15.41 56.14 -12.84
O1A CYC FB . -15.09 57.37 -12.86
O2A CYC FB . -15.18 55.45 -11.80
CHB CYC FB . -10.94 54.01 -16.74
NB CYC FB . -11.96 51.71 -16.36
C1B CYC FB . -10.97 52.50 -16.64
C2B CYC FB . -9.87 51.73 -16.85
C3B CYC FB . -10.27 50.41 -16.69
C4B CYC FB . -11.60 50.46 -16.39
CMB CYC FB . -8.48 52.23 -17.19
CAB CYC FB . -9.37 49.13 -16.82
CBB CYC FB . -8.97 48.61 -15.46
OB CYC FB . -12.46 49.33 -16.13
NC CYC FB . -8.24 62.42 -17.16
C1C CYC FB . -7.15 63.15 -17.92
C2C CYC FB . -6.05 61.98 -18.21
C3C CYC FB . -6.66 60.87 -18.09
C4C CYC FB . -8.27 61.19 -17.68
CMC CYC FB . -5.45 62.12 -19.69
CAC CYC FB . -5.97 59.92 -17.03
CBC CYC FB . -4.41 59.92 -17.01
OC CYC FB . -7.62 63.63 -18.97
CHD CYC FB . -8.70 60.15 -16.68
ND CYC FB . -10.91 59.02 -16.05
C1D CYC FB . -10.20 60.14 -16.15
C2D CYC FB . -11.02 61.20 -15.69
C3D CYC FB . -12.24 60.63 -15.33
C4D CYC FB . -12.12 59.27 -15.56
CMD CYC FB . -10.75 62.73 -15.57
CAD CYC FB . -13.47 61.36 -14.78
CBD CYC FB . -14.52 61.53 -15.88
CGD CYC FB . -15.83 62.16 -15.36
O1D CYC FB . -16.88 62.10 -16.06
O2D CYC FB . -15.85 62.73 -14.26
CHA CYC GB . -3.55 68.45 -40.99
NA CYC GB . -5.89 67.97 -42.00
C1A CYC GB . -4.61 67.69 -41.86
C2A CYC GB . -4.32 66.59 -42.64
C3A CYC GB . -5.50 66.20 -43.24
C4A CYC GB . -6.47 67.11 -42.83
CMA CYC GB . -5.59 64.98 -44.19
CAA CYC GB . -2.95 65.90 -42.77
CBA CYC GB . -2.17 66.42 -44.03
CGA CYC GB . -1.73 67.94 -43.93
O1A CYC GB . -0.59 68.24 -43.48
O2A CYC GB . -2.54 68.86 -44.28
CHB CYC GB . -8.06 67.19 -43.19
NB CYC GB . -7.54 66.84 -45.63
C1B CYC GB . -8.37 66.95 -44.64
C2B CYC GB . -9.64 66.79 -45.15
C3B CYC GB . -9.49 66.58 -46.51
C4B CYC GB . -8.15 66.61 -46.77
CMB CYC GB . -10.94 66.83 -44.36
CAB CYC GB . -10.67 66.34 -47.55
CBB CYC GB . -10.91 67.53 -48.43
OB CYC GB . -7.52 66.45 -48.05
NC CYC GB . -6.28 71.11 -35.85
C1C CYC GB . -6.88 72.28 -35.09
C2C CYC GB . -8.49 72.18 -35.31
C3C CYC GB . -8.67 71.39 -36.29
C4C CYC GB . -7.17 70.82 -36.81
CMC CYC GB . -9.23 71.62 -34.00
CAC CYC GB . -9.46 72.09 -37.47
CBC CYC GB . -10.79 72.76 -37.04
OC CYC GB . -6.58 72.17 -33.88
CHD CYC GB . -6.78 71.40 -38.13
ND CYC GB . -5.39 69.82 -39.67
C1D CYC GB . -5.45 70.74 -38.72
C2D CYC GB . -4.14 71.07 -38.34
C3D CYC GB . -3.30 70.28 -39.12
C4D CYC GB . -4.13 69.51 -39.94
CMD CYC GB . -3.67 72.11 -37.28
CAD CYC GB . -1.78 70.26 -39.07
CBD CYC GB . -1.31 69.19 -38.05
CGD CYC GB . 0.14 68.78 -38.31
O1D CYC GB . 0.93 68.64 -37.33
O2D CYC GB . 0.54 68.57 -39.47
CHA CYC HB . -58.16 29.95 -59.36
NA CYC HB . -56.48 31.73 -58.56
C1A CYC HB . -57.08 30.57 -58.44
C2A CYC HB . -56.60 29.94 -57.31
C3A CYC HB . -55.65 30.80 -56.75
C4A CYC HB . -55.62 31.93 -57.58
CMA CYC HB . -54.86 30.47 -55.47
CAA CYC HB . -57.04 28.54 -56.80
CBA CYC HB . -57.82 28.62 -55.45
CGA CYC HB . -59.29 29.16 -55.66
O1A CYC HB . -59.95 28.82 -56.69
O2A CYC HB . -59.81 29.94 -54.78
CHB CYC HB . -54.76 33.30 -57.53
NB CYC HB . -54.20 33.36 -55.05
C1B CYC HB . -54.29 33.90 -56.22
C2B CYC HB . -53.81 35.17 -56.12
C3B CYC HB . -53.46 35.37 -54.79
C4B CYC HB . -53.72 34.19 -54.16
CMB CYC HB . -53.72 36.19 -57.23
CAB CYC HB . -52.86 36.69 -54.14
CBB CYC HB . -53.88 37.44 -53.33
OB CYC HB . -53.50 33.91 -52.76
NC CYC HB . -58.32 32.58 -65.66
C1C CYC HB . -57.89 33.08 -67.03
C2C CYC HB . -57.20 34.51 -66.68
C3C CYC HB . -56.81 34.42 -65.48
C4C CYC HB . -57.34 32.96 -64.84
CMC CYC HB . -55.92 34.73 -67.63
CAC CYC HB . -57.34 35.62 -64.59
CBC CYC HB . -57.16 37.03 -65.19
OC CYC HB . -57.06 32.29 -67.53
CHD CYC HB . -57.82 33.20 -63.43
ND CYC HB . -57.82 31.75 -61.31
C1D CYC HB . -58.24 31.94 -62.55
C2D CYC HB . -59.12 30.88 -62.87
C3D CYC HB . -59.17 30.05 -61.75
C4D CYC HB . -58.35 30.63 -60.80
CMD CYC HB . -59.94 30.58 -64.16
CAD CYC HB . -59.98 28.76 -61.61
CBD CYC HB . -59.27 27.60 -62.34
CGD CYC HB . -59.11 26.34 -61.48
O1D CYC HB . -57.98 25.80 -61.38
O2D CYC HB . -60.09 25.85 -60.89
CHA CYC IB . -22.49 34.30 -72.03
NA CYC IB . -22.30 36.83 -71.50
C1A CYC IB . -22.01 35.57 -71.26
C2A CYC IB . -21.18 35.52 -70.15
C3A CYC IB . -20.97 36.83 -69.75
C4A CYC IB . -21.72 37.63 -70.62
CMA CYC IB . -20.10 37.24 -68.56
CAA CYC IB . -20.59 34.24 -69.51
CBA CYC IB . -21.43 33.78 -68.26
CGA CYC IB . -22.88 33.26 -68.66
O1A CYC IB . -23.01 32.35 -69.53
O2A CYC IB . -23.90 33.77 -68.09
CHB CYC IB . -21.87 39.24 -70.65
NB CYC IB . -22.19 39.40 -68.13
C1B CYC IB . -22.11 39.93 -69.33
C2B CYC IB . -22.28 41.27 -69.20
C3B CYC IB . -22.46 41.53 -67.86
C4B CYC IB . -22.39 40.32 -67.22
CMB CYC IB . -22.28 42.28 -70.34
CAB CYC IB . -22.70 42.95 -67.20
CBB CYC IB . -24.10 43.14 -66.70
OB CYC IB . -22.52 40.10 -65.80
NC CYC IB . -23.54 35.75 -78.41
C1C CYC IB . -24.03 35.95 -79.84
C2C CYC IB . -24.85 37.37 -79.81
C3C CYC IB . -24.54 37.85 -78.67
C4C CYC IB . -24.45 36.44 -77.74
CMC CYC IB . -24.32 38.23 -81.04
CAC CYC IB . -25.59 38.83 -77.99
CBC CYC IB . -26.30 39.89 -78.87
OC CYC IB . -24.78 35.01 -80.17
CHD CYC IB . -24.08 36.73 -76.31
ND CYC IB . -23.28 35.69 -74.13
C1D CYC IB . -23.70 35.50 -75.38
C2D CYC IB . -23.70 34.09 -75.59
C3D CYC IB . -23.26 33.52 -74.41
C4D CYC IB . -23.01 34.55 -73.52
CMD CYC IB . -24.08 33.20 -76.83
CAD CYC IB . -23.08 32.02 -74.14
CBD CYC IB . -21.68 31.56 -74.58
CGD CYC IB . -21.38 30.13 -74.11
O1D CYC IB . -20.77 29.34 -74.88
O2D CYC IB . -21.74 29.78 -72.98
CHA CYC JB . 3.56 20.70 -58.21
NA CYC JB . 1.85 19.69 -59.89
C1A CYC JB . 2.22 20.58 -59.00
C2A CYC JB . 1.20 21.48 -58.81
C3A CYC JB . 0.17 21.08 -59.66
C4A CYC JB . 0.62 19.94 -60.31
CMA CYC JB . -1.19 21.83 -59.78
CAA CYC JB . 1.23 22.68 -57.83
CBA CYC JB . 0.32 22.47 -56.56
CGA CYC JB . 0.98 21.63 -55.38
O1A CYC JB . 2.14 21.10 -55.50
O2A CYC JB . 0.36 21.49 -54.27
CHB CYC JB . -0.10 19.04 -61.44
NB CYC JB . -2.36 19.04 -60.27
C1B CYC JB . -1.58 18.75 -61.28
C2B CYC JB . -2.32 18.13 -62.23
C3B CYC JB . -3.61 18.03 -61.74
C4B CYC JB . -3.59 18.63 -60.51
CMB CYC JB . -1.81 17.61 -63.57
CAB CYC JB . -4.84 17.38 -62.48
CBB CYC JB . -5.51 16.30 -61.67
OB CYC JB . -4.71 18.78 -59.62
NC CYC JB . 8.78 17.45 -60.49
C1C CYC JB . 9.69 16.26 -60.66
C2C CYC JB . 9.11 15.41 -61.94
C3C CYC JB . 7.99 15.91 -62.22
C4C CYC JB . 7.68 17.23 -61.22
CMC CYC JB . 10.10 15.52 -63.18
CAC CYC JB . 6.85 14.82 -62.11
CBC CYC JB . 7.13 13.55 -62.95
OC CYC JB . 10.85 16.66 -60.88
CHD CYC JB . 6.49 16.96 -60.35
ND CYC JB . 4.84 18.76 -59.49
C1D CYC JB . 6.01 18.13 -59.40
C2D CYC JB . 6.70 18.67 -58.28
C3D CYC JB . 5.88 19.66 -57.75
C4D CYC JB . 4.73 19.67 -58.53
CMD CYC JB . 8.10 18.32 -57.69
CAD CYC JB . 6.19 20.54 -56.54
CBD CYC JB . 6.67 21.93 -56.96
CGD CYC JB . 7.33 22.70 -55.81
O1D CYC JB . 8.45 23.24 -55.98
O2D CYC JB . 6.75 22.78 -54.72
CHA CYC KB . -3.64 52.37 -51.67
NA CYC KB . -1.67 50.80 -50.99
C1A CYC KB . -2.88 51.03 -51.46
C2A CYC KB . -3.46 49.83 -51.80
C3A CYC KB . -2.54 48.84 -51.50
C4A CYC KB . -1.42 49.50 -50.97
CMA CYC KB . -2.79 47.33 -51.75
CAA CYC KB . -4.87 49.65 -52.42
CBA CYC KB . -5.91 49.03 -51.41
CGA CYC KB . -6.35 50.03 -50.27
O1A CYC KB . -6.72 51.22 -50.55
O2A CYC KB . -6.34 49.63 -49.05
CHB CYC KB . -0.01 48.90 -50.44
NB CYC KB . -1.17 47.03 -49.17
C1B CYC KB . -0.10 47.65 -49.58
C2B CYC KB . 0.98 46.99 -49.10
C3B CYC KB . 0.51 45.91 -48.37
C4B CYC KB . -0.85 45.97 -48.45
CMB CYC KB . 2.44 47.37 -49.32
CAB CYC KB . 1.39 44.83 -47.61
CBB CYC KB . 1.63 45.19 -46.18
OB CYC KB . -1.77 45.05 -47.83
NC CYC KB . -0.07 58.03 -51.81
C1C CYC KB . 0.93 59.03 -52.35
C2C CYC KB . 2.20 58.65 -51.41
C3C CYC KB . 2.22 57.38 -51.44
C4C CYC KB . 0.64 56.91 -51.82
CMC CYC KB . 3.51 59.31 -52.07
CAC CYC KB . 2.66 56.69 -50.07
CBC CYC KB . 3.96 57.22 -49.40
OC CYC KB . 0.54 60.21 -52.15
CHD CYC KB . 0.11 55.90 -50.83
ND CYC KB . -1.55 53.97 -51.22
C1D CYC KB . -1.33 55.28 -51.15
C2D CYC KB . -2.55 55.94 -51.39
C3D CYC KB . -3.50 54.96 -51.61
C4D CYC KB . -2.83 53.75 -51.49
CMD CYC KB . -2.94 57.46 -51.44
CAD CYC KB . -4.98 55.15 -51.93
CBD CYC KB . -5.18 55.09 -53.46
CGD CYC KB . -6.64 55.30 -53.87
O1D CYC KB . -6.92 56.02 -54.86
O2D CYC KB . -7.55 54.75 -53.23
CHA CYC LB . -42.73 26.28 -45.78
NA CYC LB . -42.10 23.80 -46.05
C1A CYC LB . -41.83 25.01 -45.64
C2A CYC LB . -40.58 25.01 -45.07
C3A CYC LB . -40.12 23.72 -45.16
C4A CYC LB . -41.11 22.98 -45.79
CMA CYC LB . -38.74 23.28 -44.61
CAA CYC LB . -39.85 26.24 -44.47
CBA CYC LB . -38.70 26.76 -45.40
CGA CYC LB . -39.17 27.26 -46.83
O1A CYC LB . -40.28 27.86 -46.98
O2A CYC LB . -38.41 27.07 -47.83
CHB CYC LB . -41.21 21.41 -46.17
NB CYC LB . -38.76 21.09 -46.70
C1B CYC LB . -39.98 20.67 -46.63
C2B CYC LB . -40.01 19.38 -47.04
C3B CYC LB . -38.71 19.03 -47.37
C4B CYC LB . -37.96 20.14 -47.14
CMB CYC LB . -41.25 18.50 -47.11
CAB CYC LB . -38.21 17.63 -47.92
CBB CYC LB . -37.34 17.75 -49.12
OB CYC LB . -36.54 20.28 -47.35
NC CYC LB . -49.29 25.00 -46.91
C1C CYC LB . -50.70 24.52 -46.66
C2C CYC LB . -50.58 22.91 -46.89
C3C CYC LB . -49.37 22.60 -46.66
C4C CYC LB . -48.52 24.04 -46.43
CMC CYC LB . -51.53 22.19 -45.83
CAC CYC LB . -48.77 21.74 -47.86
CBC CYC LB . -49.71 20.64 -48.40
OC CYC LB . -51.03 24.75 -45.47
CHD CYC LB . -47.19 23.98 -47.17
ND CYC LB . -44.89 24.88 -46.45
C1D CYC LB . -46.15 25.13 -46.80
C2D CYC LB . -46.33 26.54 -46.81
C3D CYC LB . -45.10 27.08 -46.43
C4D CYC LB . -44.24 26.02 -46.22
CMD CYC LB . -47.54 27.44 -47.13
CAD CYC LB . -44.77 28.56 -46.29
CBD CYC LB . -44.95 29.03 -44.83
CGD CYC LB . -44.56 30.49 -44.63
O1D CYC LB . -45.30 31.25 -43.92
O2D CYC LB . -43.54 30.95 -45.16
CHA CYC MB . -17.89 9.79 -32.10
NA CYC MB . -16.79 11.40 -30.45
C1A CYC MB . -17.60 11.16 -31.43
C2A CYC MB . -18.18 12.36 -31.84
C3A CYC MB . -17.65 13.33 -31.00
C4A CYC MB . -16.77 12.68 -30.13
CMA CYC MB . -18.04 14.83 -31.10
CAA CYC MB . -19.21 12.53 -32.97
CBA CYC MB . -18.60 13.01 -34.35
CGA CYC MB . -17.41 12.10 -34.87
O1A CYC MB . -17.58 10.85 -35.08
O2A CYC MB . -16.25 12.61 -35.06
CHB CYC MB . -15.83 13.17 -28.91
NB CYC MB . -15.75 15.70 -29.33
C1B CYC MB . -15.47 14.61 -28.66
C2B CYC MB . -14.73 14.97 -27.59
C3B CYC MB . -14.57 16.33 -27.64
C4B CYC MB . -15.23 16.76 -28.76
CMB CYC MB . -14.18 13.99 -26.54
CAB CYC MB . -13.78 17.24 -26.61
CBB CYC MB . -12.29 17.24 -26.81
OB CYC MB . -15.34 18.11 -29.22
NC CYC MB . -16.64 4.42 -28.48
C1C CYC MB . -16.64 3.38 -27.37
C2C CYC MB . -15.33 3.82 -26.52
C3C CYC MB . -15.34 5.09 -26.54
C4C CYC MB . -16.27 5.54 -27.88
CMC CYC MB . -15.49 3.19 -25.04
CAC CYC MB . -13.90 5.75 -26.70
CBC CYC MB . -12.81 5.29 -25.71
OC CYC MB . -16.46 2.23 -27.85
CHD CYC MB . -15.54 6.46 -28.82
ND CYC MB . -16.62 8.32 -30.26
C1D CYC MB . -16.40 7.03 -30.05
C2D CYC MB . -17.00 6.30 -31.10
C3D CYC MB . -17.60 7.24 -31.93
C4D CYC MB . -17.34 8.48 -31.37
CMD CYC MB . -17.06 4.77 -31.39
CAD CYC MB . -18.40 6.99 -33.21
CBD CYC MB . -19.91 6.99 -32.89
CGD CYC MB . -20.78 6.64 -34.11
O1D CYC MB . -21.92 6.15 -33.97
O2D CYC MB . -20.35 6.87 -35.25
CHA CYC NB . -22.18 41.32 -23.83
NA CYC NB . -24.34 42.05 -25.02
C1A CYC NB . -23.34 41.23 -24.84
C2A CYC NB . -23.44 40.21 -25.75
C3A CYC NB . -24.58 40.46 -26.50
C4A CYC NB . -25.12 41.65 -26.00
CMA CYC NB . -25.09 39.53 -27.63
CAA CYC NB . -22.43 39.04 -25.86
CBA CYC NB . -21.46 39.15 -27.09
CGA CYC NB . -20.46 40.37 -27.09
O1A CYC NB . -19.60 40.49 -26.17
O2A CYC NB . -20.51 41.24 -28.02
CHB CYC NB . -26.45 42.48 -26.40
NB CYC NB . -26.89 41.68 -28.81
C1B CYC NB . -27.10 42.42 -27.76
C2B CYC NB . -28.14 43.25 -28.05
C3B CYC NB . -28.54 42.98 -29.36
C4B CYC NB . -27.72 41.99 -29.79
CMB CYC NB . -28.72 44.28 -27.10
CAB CYC NB . -29.71 43.67 -30.17
CBB CYC NB . -29.34 44.92 -30.90
OB CYC NB . -27.77 41.38 -31.10
NC CYC NB . -23.22 45.33 -18.68
C1C CYC NB . -23.28 46.62 -17.88
C2C CYC NB . -24.72 47.32 -18.23
C3C CYC NB . -25.18 46.71 -19.25
C4C CYC NB . -24.16 45.40 -19.63
CMC CYC NB . -25.73 47.15 -17.00
CAC CYC NB . -25.41 47.69 -20.47
CBC CYC NB . -26.18 48.99 -20.11
OC CYC NB . -23.22 46.37 -16.66
CHD CYC NB . -23.64 45.47 -21.04
ND CYC NB . -23.16 43.44 -22.56
C1D CYC NB . -22.79 44.22 -21.55
C2D CYC NB . -21.54 43.77 -21.09
C3D CYC NB . -21.20 42.68 -21.86
C4D CYC NB . -22.23 42.50 -22.76
CMD CYC NB . -20.63 44.32 -19.94
CAD CYC NB . -19.94 41.80 -21.78
CBD CYC NB . -20.16 40.62 -20.81
CGD CYC NB . -18.98 39.65 -20.79
O1D CYC NB . -18.69 39.02 -19.73
O2D CYC NB . -18.31 39.48 -21.81
CHA CYC OB . -41.97 -28.57 16.01
NA CYC OB . -43.26 -29.26 13.87
C1A CYC OB . -43.10 -28.49 14.93
C2A CYC OB . -44.13 -27.54 14.92
C3A CYC OB . -44.91 -27.81 13.79
C4A CYC OB . -44.33 -28.91 13.16
CMA CYC OB . -46.17 -26.99 13.39
CAA CYC OB . -44.38 -26.42 15.94
CBA CYC OB . -45.35 -26.88 17.11
CGA CYC OB . -44.87 -28.27 17.74
O1A CYC OB . -43.99 -28.26 18.66
O2A CYC OB . -45.36 -29.37 17.33
CHB CYC OB . -44.79 -29.65 11.80
NB CYC OB . -47.21 -29.80 12.56
C1B CYC OB . -46.28 -29.94 11.66
C2B CYC OB . -46.85 -30.42 10.52
C3B CYC OB . -48.20 -30.55 10.77
C4B CYC OB . -48.39 -30.15 12.07
CMB CYC OB . -46.13 -30.75 9.21
CAB CYC OB . -49.30 -31.07 9.76
CBB CYC OB . -50.12 -32.20 10.33
OB CYC OB . -49.65 -30.11 12.78
NC CYC OB . -36.72 -30.76 13.30
C1C CYC OB . -35.72 -31.90 13.18
C2C CYC OB . -35.98 -32.51 11.69
C3C CYC OB . -37.15 -32.15 11.35
C4C CYC OB . -37.76 -31.11 12.54
CMC CYC OB . -34.92 -31.87 10.68
CAC CYC OB . -38.09 -33.41 11.14
CBC CYC OB . -37.59 -34.32 9.98
OC CYC OB . -34.55 -31.44 13.26
CHD CYC OB . -38.83 -31.79 13.35
ND CYC OB . -40.55 -30.19 14.47
C1D CYC OB . -39.40 -30.86 14.51
C2D CYC OB . -38.79 -30.63 15.76
C3D CYC OB . -39.64 -29.77 16.47
C4D CYC OB . -40.73 -29.52 15.61
CMD CYC OB . -37.44 -31.19 16.30
CAD CYC OB . -39.41 -29.23 17.88
CBD CYC OB . -39.06 -27.72 17.92
CGD CYC OB . -39.30 -27.14 19.33
O1D CYC OB . -38.60 -26.16 19.73
O2D CYC OB . -40.16 -27.64 20.07
CHA CYC PB . -74.82 -21.29 -43.36
NA CYC PB . -73.31 -22.57 -41.68
C1A CYC PB . -73.60 -21.52 -42.43
C2A CYC PB . -72.58 -20.60 -42.29
C3A CYC PB . -71.66 -21.14 -41.41
C4A CYC PB . -72.16 -22.40 -41.05
CMA CYC PB . -70.37 -20.41 -40.97
CAA CYC PB . -72.51 -19.24 -43.00
CBA CYC PB . -71.57 -19.29 -44.26
CGA CYC PB . -72.13 -20.18 -45.44
O1A CYC PB . -73.15 -19.79 -46.10
O2A CYC PB . -71.55 -21.28 -45.74
CHB CYC PB . -71.55 -23.52 -40.04
NB CYC PB . -69.19 -23.22 -40.93
C1B CYC PB . -70.05 -23.73 -40.10
C2B CYC PB . -69.37 -24.54 -39.24
C3B CYC PB . -68.03 -24.47 -39.60
C4B CYC PB . -67.97 -23.64 -40.67
CMB CYC PB . -69.97 -25.34 -38.10
CAB CYC PB . -66.84 -25.24 -38.88
CBB CYC PB . -65.93 -25.98 -39.83
OB CYC PB . -66.78 -23.26 -41.40
NC CYC PB . -80.01 -25.52 -42.43
C1C CYC PB . -81.23 -26.04 -41.70
C2C CYC PB . -80.56 -27.01 -40.56
C3C CYC PB . -79.43 -26.51 -40.31
C4C CYC PB . -79.17 -25.27 -41.45
CMC CYC PB . -81.51 -27.00 -39.26
CAC CYC PB . -78.27 -27.59 -40.43
CBC CYC PB . -78.54 -28.91 -39.65
OC CYC PB . -81.82 -25.08 -41.15
CHD CYC PB . -77.74 -25.35 -41.94
ND CYC PB . -76.17 -23.37 -42.43
C1D CYC PB . -77.22 -24.10 -42.79
C2D CYC PB . -77.71 -23.59 -44.01
C3D CYC PB . -76.89 -22.50 -44.34
C4D CYC PB . -75.95 -22.42 -43.33
CMD CYC PB . -78.90 -24.06 -44.89
CAD CYC PB . -76.96 -21.60 -45.57
CBD CYC PB . -78.19 -20.69 -45.64
CGD CYC PB . -78.07 -19.44 -44.75
O1D CYC PB . -78.66 -19.42 -43.62
O2D CYC PB . -77.41 -18.47 -45.14
CHA CYC QB . -93.86 -19.04 -22.85
NA CYC QB . -93.35 -16.46 -22.90
C1A CYC QB . -93.31 -17.66 -22.32
C2A CYC QB . -92.64 -17.51 -21.12
C3A CYC QB . -92.30 -16.17 -20.99
C4A CYC QB . -92.78 -15.53 -22.15
CMA CYC QB . -91.53 -15.59 -19.78
CAA CYC QB . -92.34 -18.61 -20.08
CBA CYC QB . -93.45 -18.63 -18.97
CGA CYC QB . -94.87 -19.06 -19.55
O1A CYC QB . -95.02 -20.22 -20.06
O2A CYC QB . -95.86 -18.25 -19.51
CHB CYC QB . -92.66 -13.97 -22.55
NB CYC QB . -93.32 -13.19 -20.24
C1B CYC QB . -92.94 -12.96 -21.46
C2B CYC QB . -92.81 -11.61 -21.60
C3B CYC QB . -93.14 -11.04 -20.38
C4B CYC QB . -93.45 -12.08 -19.55
CMB CYC QB . -92.38 -10.86 -22.85
CAB CYC QB . -93.15 -9.50 -20.01
CBB CYC QB . -94.54 -8.96 -19.85
OB CYC QB . -93.86 -11.99 -18.17
NC CYC QB . -94.33 -19.10 -29.29
C1C CYC QB . -94.63 -19.15 -30.77
C2C CYC QB . -94.59 -17.57 -31.23
C3C CYC QB . -94.34 -16.95 -30.14
C4C CYC QB . -95.00 -17.99 -29.01
CMC CYC QB . -93.40 -17.39 -32.29
CAC CYC QB . -95.00 -15.53 -29.93
CBC CYC QB . -95.27 -14.66 -31.20
OC CYC QB . -93.73 -19.80 -31.35
CHD CYC QB . -94.85 -17.46 -27.63
ND CYC QB . -94.33 -18.13 -25.24
C1D CYC QB . -94.79 -18.50 -26.43
C2D CYC QB . -95.17 -19.87 -26.34
C3D CYC QB . -94.89 -20.25 -25.04
C4D CYC QB . -94.36 -19.12 -24.38
CMD CYC QB . -95.79 -20.89 -27.36
CAD CYC QB . -95.14 -21.69 -24.56
CBD CYC QB . -93.79 -22.39 -24.41
CGD CYC QB . -93.78 -23.54 -23.40
O1D CYC QB . -92.89 -24.43 -23.48
O2D CYC QB . -94.66 -23.63 -22.51
CHA CYC RB . -54.98 36.50 -18.75
NA CYC RB . -56.98 35.09 -19.62
C1A CYC RB . -55.71 35.24 -19.32
C2A CYC RB . -55.06 34.07 -19.61
C3A CYC RB . -56.01 33.17 -20.09
C4A CYC RB . -57.22 33.87 -20.08
CMA CYC RB . -55.72 31.72 -20.53
CAA CYC RB . -53.56 33.81 -19.43
CBA CYC RB . -52.83 33.94 -20.81
CGA CYC RB . -52.81 35.42 -21.36
O1A CYC RB . -52.27 36.35 -20.67
O2A CYC RB . -53.34 35.70 -22.49
CHB CYC RB . -58.69 33.36 -20.53
NB CYC RB . -57.79 32.34 -22.68
C1B CYC RB . -58.75 32.61 -21.84
C2B CYC RB . -59.90 32.08 -22.35
C3B CYC RB . -59.57 31.46 -23.54
C4B CYC RB . -58.23 31.65 -23.71
CMB CYC RB . -61.27 32.15 -21.70
CAB CYC RB . -60.55 30.69 -24.52
CBB CYC RB . -60.52 31.20 -25.93
OB CYC RB . -57.44 31.18 -24.82
NC CYC RB . -58.92 39.95 -15.15
C1C CYC RB . -59.79 41.17 -14.88
C2C CYC RB . -61.33 40.65 -15.11
C3C CYC RB . -61.26 39.55 -15.73
C4C CYC RB . -59.63 39.12 -15.91
CMC CYC RB . -62.02 40.40 -13.68
CAC CYC RB . -61.97 39.63 -17.15
CBC CYC RB . -63.48 39.97 -17.04
OC CYC RB . -59.62 41.53 -13.70
CHD CYC RB . -59.21 39.18 -17.35
ND CYC RB . -57.27 37.67 -18.12
C1D CYC RB . -57.68 38.79 -17.58
C2D CYC RB . -56.55 39.58 -17.27
C3D CYC RB . -55.45 38.84 -17.66
C4D CYC RB . -55.94 37.65 -18.18
CMD CYC RB . -56.46 41.00 -16.63
CAD CYC RB . -53.99 39.26 -17.52
CBD CYC RB . -53.48 39.02 -16.08
CGD CYC RB . -51.98 38.73 -16.02
O1D CYC RB . -51.53 38.00 -15.11
O2D CYC RB . -51.22 39.21 -16.88
CHA CYC SB . -66.21 32.82 7.65
NA CYC SB . -64.15 31.31 8.14
C1A CYC SB . -65.44 31.48 7.87
C2A CYC SB . -66.01 30.23 7.80
C3A CYC SB . -65.01 29.29 8.04
C4A CYC SB . -63.85 30.04 8.26
CMA CYC SB . -65.22 27.76 8.06
CAA CYC SB . -67.49 29.90 7.51
CBA CYC SB . -68.26 29.59 8.85
CGA CYC SB . -68.18 30.79 9.89
O1A CYC SB . -68.73 31.91 9.62
O2A CYC SB . -67.55 30.63 10.98
CHB CYC SB . -62.34 29.51 8.58
NB CYC SB . -63.19 27.93 10.35
C1B CYC SB . -62.24 28.42 9.61
C2B CYC SB . -61.08 27.75 9.92
C3B CYC SB . -61.40 26.82 10.89
C4B CYC SB . -62.74 26.96 11.13
CMB CYC SB . -59.72 28.00 9.29
CAB CYC SB . -60.41 25.79 11.59
CBB CYC SB . -59.86 26.28 12.90
OB CYC SB . -63.53 26.21 12.08
NC CYC SB . -62.44 36.98 4.92
C1C CYC SB . -61.68 38.30 4.98
C2C CYC SB . -60.11 37.87 5.12
C3C CYC SB . -60.09 36.63 5.40
C4C CYC SB . -61.69 36.11 5.58
CMC CYC SB . -59.40 38.13 3.71
CAC CYC SB . -59.26 36.35 6.73
CBC CYC SB . -57.82 36.92 6.70
OC CYC SB . -61.85 38.94 3.92
CHD CYC SB . -62.10 36.01 7.03
ND CYC SB . -63.96 34.21 7.36
C1D CYC SB . -63.60 35.46 7.14
C2D CYC SB . -64.75 36.26 7.05
C3D CYC SB . -65.83 35.40 7.21
C4D CYC SB . -65.29 34.12 7.42
CMD CYC SB . -64.85 37.79 6.78
CAD CYC SB . -67.32 35.77 7.18
CBD CYC SB . -67.87 35.69 5.75
CGD CYC SB . -69.38 35.41 5.72
O1D CYC SB . -69.91 34.90 4.69
O2D CYC SB . -70.07 35.67 6.73
CHA CYC TB . -21.99 -18.90 -2.76
NA CYC TB . -22.96 -16.56 -2.12
C1A CYC TB . -22.82 -17.57 -2.96
C2A CYC TB . -23.54 -17.27 -4.10
C3A CYC TB . -24.12 -16.03 -3.90
C4A CYC TB . -23.73 -15.61 -2.63
CMA CYC TB . -25.02 -15.33 -4.96
CAA CYC TB . -23.69 -18.13 -5.38
CBA CYC TB . -22.66 -17.67 -6.47
CGA CYC TB . -21.19 -17.96 -5.99
O1A CYC TB . -20.69 -19.12 -6.13
O2A CYC TB . -20.49 -17.03 -5.46
CHB CYC TB . -24.10 -14.25 -1.84
NB CYC TB . -23.68 -12.80 -3.89
C1B CYC TB . -23.99 -12.96 -2.63
C2B CYC TB . -24.22 -11.71 -2.11
C3B CYC TB . -24.02 -10.80 -3.13
C4B CYC TB . -23.70 -11.53 -4.24
CMB CYC TB . -24.60 -11.39 -0.67
CAB CYC TB . -24.17 -9.23 -3.04
CBB CYC TB . -22.85 -8.49 -3.15
OB CYC TB . -23.39 -11.04 -5.56
NC CYC TB . -21.12 -20.71 3.80
C1C CYC TB . -21.60 -21.13 5.18
C2C CYC TB . -22.29 -19.77 5.78
C3C CYC TB . -22.63 -19.08 4.77
C4C CYC TB . -22.04 -19.85 3.38
CMC CYC TB . -23.57 -20.17 6.65
CAC CYC TB . -22.08 -17.59 4.86
CBC CYC TB . -21.98 -17.02 6.30
OC CYC TB . -22.45 -22.04 5.11
CHD CYC TB . -21.44 -18.84 2.44
ND CYC TB . -21.87 -18.67 -0.12
C1D CYC TB . -21.30 -19.30 0.92
C2D CYC TB . -20.58 -20.40 0.40
C3D CYC TB . -20.75 -20.37 -0.98
C4D CYC TB . -21.57 -19.28 -1.26
CMD CYC TB . -19.73 -21.47 1.16
CAD CYC TB . -20.18 -21.35 -2.01
CBD CYC TB . -20.79 -22.77 -1.91
CGD CYC TB . -21.92 -23.02 -2.92
O1D CYC TB . -23.11 -22.92 -2.56
O2D CYC TB . -21.63 -23.35 -4.09
CHA CYC UB . -56.53 -16.71 11.16
NA CYC UB . -56.28 -14.38 12.30
C1A CYC UB . -56.67 -15.16 11.32
C2A CYC UB . -57.29 -14.38 10.36
C3A CYC UB . -57.24 -13.07 10.82
C4A CYC UB . -56.58 -13.11 12.05
CMA CYC UB . -57.83 -11.88 10.02
CAA CYC UB . -57.89 -14.88 9.03
CBA CYC UB . -56.84 -14.73 7.86
CGA CYC UB . -55.77 -15.92 7.83
O1A CYC UB . -56.14 -17.12 7.99
O2A CYC UB . -54.53 -15.64 7.66
CHB CYC UB . -56.23 -11.92 13.09
NB CYC UB . -55.56 -10.33 11.22
C1B CYC UB . -55.71 -10.63 12.48
C2B CYC UB . -55.32 -9.54 13.21
C3B CYC UB . -54.91 -8.57 12.31
C4B CYC UB . -55.09 -9.11 11.07
CMB CYC UB . -55.30 -9.43 14.72
CAB CYC UB . -54.37 -7.14 12.70
CBB CYC UB . -53.09 -6.76 12.01
OB CYC UB . -54.81 -8.46 9.81
NC CYC UB . -55.74 -19.54 16.91
C1C CYC UB . -54.80 -20.31 17.82
C2C CYC UB . -54.10 -19.19 18.78
C3C CYC UB . -54.50 -18.05 18.38
C4C CYC UB . -55.35 -18.28 16.93
CMC CYC UB . -54.59 -19.44 20.28
CAC CYC UB . -53.28 -17.07 18.14
CBC CYC UB . -52.43 -16.78 19.40
OC CYC UB . -55.44 -21.12 18.52
CHD CYC UB . -54.44 -17.95 15.78
ND CYC UB . -55.45 -17.05 13.57
C1D CYC UB . -55.11 -18.08 14.33
C2D CYC UB . -55.36 -19.27 13.65
C3D CYC UB . -55.93 -18.90 12.43
C4D CYC UB . -55.95 -17.51 12.42
CMD CYC UB . -55.13 -20.74 14.11
CAD CYC UB . -56.40 -19.83 11.31
CBD CYC UB . -57.84 -20.32 11.57
CGD CYC UB . -58.56 -20.69 10.26
O1D CYC UB . -59.02 -21.85 10.08
O2D CYC UB . -58.68 -19.84 9.37
CHA CYC VB . -82.79 -13.73 -7.91
NA CYC VB . -81.45 -15.83 -7.20
C1A CYC VB . -81.57 -14.53 -7.36
C2A CYC VB . -80.41 -13.93 -6.94
C3A CYC VB . -79.56 -14.94 -6.51
C4A CYC VB . -80.27 -16.15 -6.71
CMA CYC VB . -78.14 -14.71 -5.96
CAA CYC VB . -80.12 -12.41 -6.95
CBA CYC VB . -79.11 -11.97 -8.06
CGA CYC VB . -79.73 -11.94 -9.52
O1A CYC VB . -80.99 -11.84 -9.67
O2A CYC VB . -78.96 -12.01 -10.54
CHB CYC VB . -79.83 -17.67 -6.41
NB CYC VB . -77.48 -17.35 -7.29
C1B CYC VB . -78.40 -18.06 -6.71
C2B CYC VB . -77.86 -19.29 -6.42
C3B CYC VB . -76.54 -19.25 -6.86
C4B CYC VB . -76.35 -18.02 -7.39
CMB CYC VB . -78.55 -20.47 -5.76
CAB CYC VB . -75.49 -20.42 -6.74
CBB CYC VB . -74.91 -20.81 -8.08
OB CYC VB . -75.13 -17.51 -7.97
NC CYC VB . -88.73 -16.89 -8.69
C1C CYC VB . -90.00 -17.57 -8.22
C2C CYC VB . -89.49 -19.11 -8.13
C3C CYC VB . -88.32 -19.02 -7.67
C4C CYC VB . -87.81 -17.42 -7.90
CMC CYC VB . -90.47 -19.89 -7.13
CAC CYC VB . -87.28 -19.99 -8.38
CBC CYC VB . -87.73 -21.47 -8.54
OC CYC VB . -90.91 -17.45 -9.08
CHD CYC VB . -86.44 -17.42 -8.53
ND CYC VB . -84.48 -15.79 -8.09
C1D CYC VB . -85.70 -16.01 -8.58
C2D CYC VB . -86.16 -14.80 -9.14
C3D CYC VB . -85.15 -13.87 -8.94
C4D CYC VB . -84.13 -14.53 -8.29
CMD CYC VB . -87.50 -14.43 -9.85
CAD CYC VB . -85.17 -12.40 -9.36
CBD CYC VB . -85.85 -11.52 -8.30
CGD CYC VB . -85.75 -10.04 -8.68
O1D CYC VB . -86.46 -9.19 -8.07
O2D CYC VB . -84.98 -9.70 -9.57
CHA CYC WB . -69.99 13.63 6.56
NA CYC WB . -72.11 13.31 5.11
C1A CYC WB . -70.97 12.88 5.62
C2A CYC WB . -70.73 11.60 5.16
C3A CYC WB . -71.81 11.28 4.34
C4A CYC WB . -72.65 12.40 4.33
CMA CYC WB . -71.96 9.92 3.62
CAA CYC WB . -69.52 10.70 5.49
CBA CYC WB . -68.47 10.65 4.31
CGA CYC WB . -67.84 12.08 3.98
O1A CYC WB . -67.41 12.83 4.92
O2A CYC WB . -67.77 12.47 2.77
CHB CYC WB . -74.06 12.65 3.59
NB CYC WB . -73.22 11.65 1.41
C1B CYC WB . -74.15 12.19 2.14
C2B CYC WB . -75.27 12.29 1.39
C3B CYC WB . -74.97 11.75 0.14
C4B CYC WB . -73.66 11.36 0.21
CMB CYC WB . -76.61 12.87 1.84
CAB CYC WB . -75.94 11.63 -1.10
CBB CYC WB . -75.33 12.21 -2.35
OB CYC WB . -72.90 10.75 -0.85
NC CYC WB . -72.55 18.63 10.13
C1C CYC WB . -73.39 19.38 11.14
C2C CYC WB . -74.63 19.87 10.22
C3C CYC WB . -74.85 18.90 9.43
C4C CYC WB . -73.43 17.97 9.39
CMC CYC WB . -75.87 20.11 11.21
CAC CYC WB . -75.21 19.35 7.94
CBC CYC WB . -76.32 20.44 7.82
OC CYC WB . -72.75 20.35 11.58
CHD CYC WB . -72.93 17.73 7.99
ND CYC WB . -71.70 15.62 7.14
C1D CYC WB . -71.69 16.72 7.88
C2D CYC WB . -70.42 16.82 8.49
C3D CYC WB . -69.70 15.71 8.07
C4D CYC WB . -70.53 14.98 7.23
CMD CYC WB . -69.79 17.86 9.45
CAD CYC WB . -68.27 15.35 8.48
CBD CYC WB . -68.28 14.42 9.71
CGD CYC WB . -66.87 13.98 10.14
O1D CYC WB . -66.67 13.59 11.32
O2D CYC WB . -65.93 14.03 9.34
CHA CYC XB . -34.49 -10.33 -15.59
NA CYC XB . -35.51 -12.20 -17.06
C1A CYC XB . -35.59 -11.05 -16.44
C2A CYC XB . -36.84 -10.52 -16.64
C3A CYC XB . -37.52 -11.44 -17.44
C4A CYC XB . -36.63 -12.50 -17.67
CMA CYC XB . -38.97 -11.22 -17.92
CAA CYC XB . -37.35 -9.17 -16.09
CBA CYC XB . -38.40 -9.30 -14.93
CGA CYC XB . -37.77 -9.87 -13.60
O1A CYC XB . -36.86 -9.22 -12.98
O2A CYC XB . -38.17 -10.98 -13.13
CHB CYC XB . -36.77 -13.88 -18.53
NB CYC XB . -39.30 -14.15 -18.42
C1B CYC XB . -38.11 -14.57 -18.72
C2B CYC XB . -38.24 -15.82 -19.27
C3B CYC XB . -39.59 -16.12 -19.28
C4B CYC XB . -40.21 -15.03 -18.73
CMB CYC XB . -37.12 -16.70 -19.76
CAB CYC XB . -40.26 -17.45 -19.82
CBB CYC XB . -41.22 -18.07 -18.85
OB CYC XB . -41.63 -14.85 -18.52
NC CYC XB . -28.35 -13.21 -15.88
C1C CYC XB . -27.05 -13.54 -16.56
C2C CYC XB . -27.41 -14.94 -17.29
C3C CYC XB . -28.64 -14.84 -17.60
C4C CYC XB . -29.25 -13.47 -16.83
CMC CYC XB . -26.51 -15.03 -18.60
CAC CYC XB . -29.44 -16.14 -17.16
CBC CYC XB . -28.72 -17.49 -17.43
OC CYC XB . -26.15 -13.73 -15.71
CHD CYC XB . -30.61 -13.74 -16.24
ND CYC XB . -32.66 -12.19 -16.08
C1D CYC XB . -31.40 -12.45 -15.74
C2D CYC XB . -30.98 -11.42 -14.86
C3D CYC XB . -32.05 -10.55 -14.72
C4D CYC XB . -33.07 -11.07 -15.50
CMD CYC XB . -29.63 -11.17 -14.12
CAD CYC XB . -32.08 -9.27 -13.89
CBD CYC XB . -31.67 -8.09 -14.79
CGD CYC XB . -31.93 -6.74 -14.11
O1D CYC XB . -31.28 -5.72 -14.48
O2D CYC XB . -32.78 -6.66 -13.21
CHA CYC YB . -60.66 -10.35 -36.72
NA CYC YB . -61.36 -7.89 -37.11
C1A CYC YB . -60.77 -8.82 -36.42
C2A CYC YB . -60.22 -8.25 -35.29
C3A CYC YB . -60.50 -6.90 -35.36
C4A CYC YB . -61.25 -6.72 -36.53
CMA CYC YB . -60.04 -5.92 -34.26
CAA CYC YB . -59.41 -8.97 -34.19
CBA CYC YB . -60.34 -9.39 -33.00
CGA CYC YB . -61.09 -10.76 -33.29
O1A CYC YB . -60.44 -11.84 -33.44
O2A CYC YB . -62.37 -10.78 -33.38
CHB CYC YB . -61.89 -5.39 -37.21
NB CYC YB . -62.36 -4.19 -35.03
C1B CYC YB . -62.39 -4.27 -36.33
C2B CYC YB . -63.00 -3.14 -36.81
C3B CYC YB . -63.31 -2.37 -35.71
C4B CYC YB . -62.88 -3.07 -34.61
CMB CYC YB . -63.29 -2.79 -38.25
CAB CYC YB . -64.03 -0.96 -35.74
CBB CYC YB . -65.13 -0.88 -34.74
OB CYC YB . -62.98 -2.66 -33.24
NC CYC YB . -62.57 -12.29 -42.96
C1C CYC YB . -62.46 -12.30 -44.46
C2C CYC YB . -63.46 -11.06 -44.82
C3C CYC YB . -63.15 -10.19 -43.94
C4C CYC YB . -62.40 -11.01 -42.67
CMC CYC YB . -63.10 -10.56 -46.29
CAC CYC YB . -64.40 -9.39 -43.37
CBC CYC YB . -65.36 -8.78 -44.41
OC CYC YB . -62.86 -13.39 -44.91
CHD CYC YB . -63.02 -10.60 -41.36
ND CYC YB . -61.91 -10.21 -39.08
C1D CYC YB . -62.24 -11.06 -40.05
C2D CYC YB . -61.82 -12.35 -39.67
C3D CYC YB . -61.20 -12.21 -38.45
C4D CYC YB . -61.27 -10.88 -38.10
CMD CYC YB . -61.95 -13.72 -40.41
CAD CYC YB . -60.56 -13.33 -37.63
CBD CYC YB . -59.06 -13.40 -37.93
CGD CYC YB . -58.35 -14.52 -37.15
O1D CYC YB . -57.56 -15.29 -37.76
O2D CYC YB . -58.55 -14.65 -35.94
CHA CYC ZB . -49.80 18.37 -22.63
NA CYC ZB . -47.97 17.93 -20.85
C1A CYC ZB . -48.94 17.53 -21.63
C2A CYC ZB . -49.12 16.18 -21.46
C3A CYC ZB . -48.19 15.77 -20.51
C4A CYC ZB . -47.49 16.92 -20.14
CMA CYC ZB . -48.04 14.31 -20.02
CAA CYC ZB . -50.14 15.29 -22.19
CBA CYC ZB . -51.40 14.98 -21.28
CGA CYC ZB . -52.08 16.29 -20.69
O1A CYC ZB . -52.58 17.17 -21.46
O2A CYC ZB . -52.15 16.44 -19.42
CHB CYC ZB . -46.28 17.11 -19.09
NB CYC ZB . -47.40 15.69 -17.29
C1B CYC ZB . -46.36 16.29 -17.82
C2B CYC ZB . -45.29 16.05 -17.01
C3B CYC ZB . -45.73 15.27 -15.97
C4B CYC ZB . -47.05 15.07 -16.17
CMB CYC ZB . -43.87 16.56 -17.24
CAB CYC ZB . -44.85 14.74 -14.77
CBB CYC ZB . -45.35 15.16 -13.42
OB CYC ZB . -47.94 14.30 -15.32
NC CYC ZB . -47.68 24.47 -24.43
C1C CYC ZB . -46.81 25.40 -25.25
C2C CYC ZB . -45.61 25.70 -24.18
C3C CYC ZB . -45.41 24.58 -23.61
C4C CYC ZB . -46.78 23.63 -23.91
CMC CYC ZB . -44.33 26.15 -25.03
CAC CYC ZB . -45.22 24.69 -22.03
CBC CYC ZB . -44.08 25.61 -21.54
OC CYC ZB . -47.43 26.41 -25.59
CHD CYC ZB . -47.26 22.94 -22.66
ND CYC ZB . -48.29 20.58 -22.51
C1D CYC ZB . -48.40 21.84 -22.91
C2D CYC ZB . -49.65 21.99 -23.55
C3D CYC ZB . -50.26 20.75 -23.50
C4D CYC ZB . -49.38 19.90 -22.85
CMD CYC ZB . -50.34 23.21 -24.20
CAD CYC ZB . -51.63 20.37 -24.06
CBD CYC ZB . -51.48 19.91 -25.53
CGD CYC ZB . -52.81 19.39 -26.09
O1D CYC ZB . -53.08 19.55 -27.32
O2D CYC ZB . -53.60 18.79 -25.36
CHA CYC AC . 37.46 -41.44 77.68
NA CYC AC . 36.25 -42.06 75.46
C1A CYC AC . 36.37 -41.37 76.57
C2A CYC AC . 35.33 -40.47 76.62
C3A CYC AC . 34.56 -40.66 75.49
C4A CYC AC . 35.19 -41.69 74.77
CMA CYC AC . 33.29 -39.85 75.16
CAA CYC AC . 35.09 -39.46 77.76
CBA CYC AC . 34.11 -40.07 78.83
CGA CYC AC . 34.68 -41.40 79.49
O1A CYC AC . 35.67 -41.35 80.29
O2A CYC AC . 34.15 -42.52 79.21
CHB CYC AC . 34.76 -42.35 73.37
NB CYC AC . 32.35 -42.54 74.11
C1B CYC AC . 33.29 -42.67 73.21
C2B CYC AC . 32.73 -43.17 72.09
C3B CYC AC . 31.37 -43.33 72.35
C4B CYC AC . 31.18 -42.92 73.64
CMB CYC AC . 33.47 -43.49 70.78
CAB CYC AC . 30.27 -43.88 71.37
CBB CYC AC . 29.73 -45.20 71.84
OB CYC AC . 29.94 -42.90 74.36
NC CYC AC . 43.08 -44.41 75.63
C1C CYC AC . 44.32 -44.80 74.88
C2C CYC AC . 43.84 -45.03 73.34
C3C CYC AC . 42.62 -44.68 73.27
C4C CYC AC . 42.18 -43.99 74.75
CMC CYC AC . 44.75 -44.11 72.40
CAC CYC AC . 41.66 -45.92 72.97
CBC CYC AC . 42.03 -46.75 71.71
OC CYC AC . 45.14 -43.85 74.93
CHD CYC AC . 40.82 -44.46 75.15
ND CYC AC . 39.03 -42.96 76.20
C1D CYC AC . 40.18 -43.61 76.33
C2D CYC AC . 40.66 -43.41 77.64
C3D CYC AC . 39.72 -42.60 78.28
C4D CYC AC . 38.74 -42.34 77.34
CMD CYC AC . 41.94 -43.93 78.36
CAD CYC AC . 39.79 -42.07 79.71
CBD CYC AC . 40.33 -40.63 79.69
CGD CYC AC . 40.33 -39.94 81.07
O1D CYC AC . 41.06 -38.93 81.26
O2D CYC AC . 39.63 -40.39 81.99
CHA CYC BC . 3.55 -29.60 18.79
NA CYC BC . 5.32 -30.60 20.37
C1A CYC BC . 4.92 -29.68 19.52
C2A CYC BC . 5.94 -28.76 19.37
C3A CYC BC . 6.98 -29.17 20.20
C4A CYC BC . 6.55 -30.35 20.81
CMA CYC BC . 8.31 -28.39 20.32
CAA CYC BC . 5.89 -27.50 18.46
CBA CYC BC . 6.80 -27.66 17.18
CGA CYC BC . 6.33 -28.80 16.19
O1A CYC BC . 5.10 -29.11 16.07
O2A CYC BC . 7.20 -29.45 15.51
CHB CYC BC . 7.22 -31.37 21.87
NB CYC BC . 9.63 -30.51 22.00
C1B CYC BC . 8.67 -31.33 22.32
C2B CYC BC . 9.20 -32.23 23.20
C3B CYC BC . 10.53 -31.90 23.37
C4B CYC BC . 10.75 -30.81 22.60
CMB CYC BC . 8.46 -33.40 23.86
CAB CYC BC . 11.56 -32.65 24.29
CBB CYC BC . 12.36 -33.68 23.55
OB CYC BC . 12.00 -30.10 22.46
NC CYC BC . -0.94 -33.68 20.90
C1C CYC BC . -1.92 -34.84 21.09
C2C CYC BC . -1.10 -35.99 21.91
C3C CYC BC . 0.02 -35.50 22.23
C4C CYC BC . 0.19 -33.97 21.53
CMC CYC BC . -1.92 -36.34 23.24
CAC CYC BC . 1.23 -36.42 21.78
CBC CYC BC . 1.20 -37.85 22.36
OC CYC BC . -2.89 -34.44 21.76
CHD CYC BC . 1.36 -33.97 20.59
ND CYC BC . 2.64 -31.85 19.88
C1D CYC BC . 1.59 -32.65 19.74
C2D CYC BC . 0.78 -32.15 18.71
C3D CYC BC . 1.40 -30.98 18.27
C4D CYC BC . 2.55 -30.84 19.02
CMD CYC BC . -0.56 -32.69 18.12
CAD CYC BC . 0.91 -30.03 17.16
CBD CYC BC . 0.13 -28.88 17.83
CGD CYC BC . -0.08 -27.67 16.91
O1D CYC BC . -1.23 -27.24 16.70
O2D CYC BC . 0.91 -27.12 16.38
CHA CYC CC . -15.43 -30.46 40.80
NA CYC CC . -14.97 -27.91 41.06
C1A CYC CC . -14.87 -29.15 41.47
C2A CYC CC . -14.15 -29.17 42.64
C3A CYC CC . -13.83 -27.85 42.93
C4A CYC CC . -14.38 -27.09 41.90
CMA CYC CC . -13.01 -27.40 44.16
CAA CYC CC . -13.79 -30.42 43.46
CBA CYC CC . -14.84 -30.64 44.62
CGA CYC CC . -16.22 -31.20 44.09
O1A CYC CC . -16.39 -32.45 43.97
O2A CYC CC . -17.15 -30.38 43.78
CHB CYC CC . -14.32 -25.48 41.68
NB CYC CC . -15.04 -25.11 44.07
C1B CYC CC . -14.68 -24.67 42.90
C2B CYC CC . -14.67 -23.30 42.94
C3B CYC CC . -15.05 -22.95 44.22
C4B CYC CC . -15.27 -24.12 44.89
CMB CYC CC . -14.32 -22.37 41.80
CAB CYC CC . -15.20 -21.48 44.79
CBB CYC CC . -16.65 -21.06 44.82
OB CYC CC . -15.69 -24.25 46.27
NC CYC CC . -16.88 -29.92 34.15
C1C CYC CC . -16.48 -29.77 32.70
C2C CYC CC . -16.23 -28.17 32.57
C3C CYC CC . -15.89 -27.78 33.72
C4C CYC CC . -16.08 -29.08 34.79
CMC CYC CC . -15.05 -27.96 31.51
CAC CYC CC . -16.72 -26.52 34.22
CBC CYC CC . -17.12 -25.53 33.09
OC CYC CC . -15.42 -30.39 32.46
CHD CYC CC . -16.71 -28.63 36.09
ND CYC CC . -15.99 -29.29 38.48
C1D CYC CC . -16.50 -29.65 37.30
C2D CYC CC . -16.80 -31.03 37.36
C3D CYC CC . -16.45 -31.45 38.62
C4D CYC CC . -15.94 -30.35 39.29
CMD CYC CC . -17.42 -31.99 36.30
CAD CYC CC . -16.56 -32.88 39.17
CBD CYC CC . -15.22 -33.60 38.94
CGD CYC CC . -15.26 -35.04 39.47
O1D CYC CC . -14.18 -35.63 39.77
O2D CYC CC . -16.34 -35.63 39.58
CHA CYC DC . 19.36 28.30 51.59
NA CYC DC . 17.83 26.57 50.49
C1A CYC DC . 19.02 27.05 50.72
C2A CYC DC . 19.94 26.26 50.07
C3A CYC DC . 19.22 25.26 49.42
C4A CYC DC . 17.87 25.50 49.71
CMA CYC DC . 19.87 24.14 48.58
CAA CYC DC . 21.47 26.43 50.07
CBA CYC DC . 22.05 26.97 48.70
CGA CYC DC . 21.07 28.03 48.05
O1A CYC DC . 21.01 29.22 48.50
O2A CYC DC . 20.33 27.67 47.07
CHB CYC DC . 16.48 24.77 49.32
NB CYC DC . 17.25 23.18 47.48
C1B CYC DC . 16.37 23.65 48.31
C2B CYC DC . 15.21 22.97 48.12
C3B CYC DC . 15.45 22.04 47.14
C4B CYC DC . 16.75 22.20 46.77
CMB CYC DC . 13.90 23.17 48.86
CAB CYC DC . 14.42 20.99 46.56
CBB CYC DC . 13.59 21.61 45.46
OB CYC DC . 17.46 21.46 45.77
NC CYC DC . 14.65 30.26 55.96
C1C CYC DC . 13.53 30.54 56.96
C2C CYC DC . 12.22 29.83 56.34
C3C CYC DC . 12.64 29.05 55.43
C4C CYC DC . 14.32 29.18 55.27
CMC CYC DC . 11.45 28.99 57.47
CAC CYC DC . 11.91 29.28 54.03
CBC CYC DC . 10.36 29.30 54.11
OC CYC DC . 13.80 30.03 58.08
CHD CYC DC . 14.69 29.21 53.80
ND CYC DC . 16.89 28.53 52.59
C1D CYC DC . 16.24 29.36 53.40
C2D CYC DC . 17.14 30.38 53.78
C3D CYC DC . 18.35 30.09 53.17
C4D CYC DC . 18.15 28.93 52.43
CMD CYC DC . 16.96 31.62 54.70
CAD CYC DC . 19.67 30.87 53.27
CBD CYC DC . 20.62 30.23 54.29
CGD CYC DC . 22.07 30.73 54.10
O1D CYC DC . 23.04 29.93 54.24
O2D CYC DC . 22.29 31.91 53.81
CHA CYC EC . 9.38 18.40 77.21
NA CYC EC . 11.55 17.01 77.36
C1A CYC EC . 10.25 17.10 77.19
C2A CYC EC . 9.75 15.84 76.98
C3A CYC EC . 10.83 14.97 77.02
C4A CYC EC . 11.96 15.76 77.28
CMA CYC EC . 10.71 13.43 76.83
CAA CYC EC . 8.27 15.43 76.73
CBA CYC EC . 7.57 14.86 78.01
CGA CYC EC . 7.50 15.94 79.17
O1A CYC EC . 6.79 16.97 79.02
O2A CYC EC . 8.16 15.76 80.26
CHB CYC EC . 13.51 15.33 77.44
NB CYC EC . 12.94 13.38 78.93
C1B CYC EC . 13.79 14.11 78.28
C2B CYC EC . 15.03 13.59 78.52
C3B CYC EC . 14.85 12.48 79.33
C4B CYC EC . 13.52 12.38 79.56
CMB CYC EC . 16.37 14.10 77.98
CAB CYC EC . 15.98 11.51 79.88
CBB CYC EC . 16.12 11.59 81.37
OB CYC EC . 12.84 11.38 80.35
NC CYC EC . 12.96 24.20 76.23
C1C CYC EC . 13.76 25.23 75.44
C2C CYC EC . 15.22 24.51 75.26
C3C CYC EC . 15.05 23.28 75.54
C4C CYC EC . 13.40 23.03 75.81
CMC CYC EC . 15.72 24.67 73.74
CAC CYC EC . 15.90 22.84 76.81
CBC CYC EC . 17.34 23.39 76.82
OC CYC EC . 13.21 25.40 74.33
CHD CYC EC . 13.20 21.97 76.86
ND CYC EC . 11.49 20.03 77.02
C1D CYC EC . 11.73 21.34 76.97
C2D CYC EC . 10.49 22.01 77.06
C3D CYC EC . 9.52 21.01 77.14
C4D CYC EC . 10.19 19.80 77.13
CMD CYC EC . 10.15 23.53 77.04
CAD CYC EC . 8.01 21.22 77.24
CBD CYC EC . 7.46 21.19 75.80
CGD CYC EC . 5.95 20.95 75.71
O1D CYC EC . 5.31 21.37 74.72
O2D CYC EC . 5.36 20.34 76.62
CHA CYC FC . 58.38 -27.96 60.21
NA CYC FC . 57.07 -25.89 61.01
C1A CYC FC . 57.47 -26.69 60.06
C2A CYC FC . 56.98 -26.24 58.86
C3A CYC FC . 56.23 -25.10 59.15
C4A CYC FC . 56.34 -24.91 60.53
CMA CYC FC . 55.49 -24.31 58.04
CAA CYC FC . 57.18 -26.88 57.47
CBA CYC FC . 58.16 -26.05 56.56
CGA CYC FC . 59.48 -25.62 57.32
O1A CYC FC . 60.17 -26.50 57.93
O2A CYC FC . 59.84 -24.40 57.31
CHB CYC FC . 55.73 -23.81 61.57
NB CYC FC . 55.30 -22.00 59.87
C1B CYC FC . 55.30 -22.45 61.09
C2B CYC FC . 54.83 -21.47 61.89
C3B CYC FC . 54.53 -20.39 61.07
C4B CYC FC . 54.85 -20.78 59.81
CMB CYC FC . 54.67 -21.56 63.40
CAB CYC FC . 53.96 -18.99 61.50
CBB CYC FC . 55.00 -17.93 61.25
OB CYC FC . 54.71 -19.99 58.61
NC CYC FC . 58.58 -30.31 66.60
C1C CYC FC . 58.25 -30.83 67.99
C2C CYC FC . 57.60 -29.53 68.71
C3C CYC FC . 57.18 -28.78 67.78
C4C CYC FC . 57.64 -29.44 66.29
CMC CYC FC . 56.41 -30.03 69.66
CAC CYC FC . 57.79 -27.33 67.90
CBC CYC FC . 57.87 -26.79 69.35
OC CYC FC . 57.41 -31.75 67.91
CHD CYC FC . 58.18 -28.34 65.40
ND CYC FC . 58.15 -27.94 62.85
C1D CYC FC . 58.52 -28.70 63.87
C2D CYC FC . 59.25 -29.80 63.35
C3D CYC FC . 59.26 -29.64 61.97
C4D CYC FC . 58.57 -28.48 61.71
CMD CYC FC . 59.94 -31.01 64.05
CAD CYC FC . 59.91 -30.57 60.95
CBD CYC FC . 58.92 -31.70 60.61
CGD CYC FC . 58.73 -31.90 59.10
O1D CYC FC . 57.63 -32.33 58.66
O2D CYC FC . 59.65 -31.63 58.32
CHA CYC GC . 22.81 -29.64 74.04
NA CYC GC . 22.97 -27.50 75.48
C1A CYC GC . 22.56 -28.15 74.42
C2A CYC GC . 21.82 -27.30 73.63
C3A CYC GC . 21.81 -26.08 74.27
C4A CYC GC . 22.56 -26.23 75.44
CMA CYC GC . 21.07 -24.83 73.72
CAA CYC GC . 21.14 -27.65 72.28
CBA CYC GC . 22.00 -27.14 71.05
CGA CYC GC . 23.38 -27.90 70.86
O1A CYC GC . 23.44 -29.17 71.02
O2A CYC GC . 24.43 -27.25 70.54
CHB CYC GC . 22.90 -25.18 76.62
NB CYC GC . 23.23 -23.21 75.03
C1B CYC GC . 23.25 -23.76 76.22
C2B CYC GC . 23.65 -22.79 77.09
C3B CYC GC . 23.87 -21.64 76.35
C4B CYC GC . 23.58 -21.95 75.06
CMB CYC GC . 23.83 -22.95 78.59
CAB CYC GC . 24.35 -20.23 76.90
CBB CYC GC . 25.80 -19.97 76.65
OB CYC GC . 23.66 -21.08 73.92
NC CYC GC . 23.91 -33.32 79.54
C1C CYC GC . 24.65 -34.27 80.46
C2C CYC GC . 25.31 -33.27 81.57
C3C CYC GC . 25.07 -32.10 81.12
C4C CYC GC . 24.84 -32.39 79.48
CMC CYC GC . 24.58 -33.53 82.96
CAC CYC GC . 26.22 -31.03 81.33
CBC CYC GC . 27.05 -31.15 82.65
OC CYC GC . 23.86 -35.08 81.02
CHD CYC GC . 24.44 -31.16 78.71
ND CYC GC . 23.64 -30.25 76.49
C1D CYC GC . 23.97 -31.32 77.19
C2D CYC GC . 23.78 -32.46 76.36
C3D CYC GC . 23.34 -31.97 75.14
C4D CYC GC . 23.28 -30.59 75.26
CMD CYC GC . 23.98 -33.99 76.57
CAD CYC GC . 23.00 -32.79 73.90
CBD CYC GC . 21.48 -33.05 73.85
CGD CYC GC . 21.03 -33.86 72.62
O1D CYC GC . 20.61 -35.03 72.77
O2D CYC GC . 21.07 -33.34 71.50
CHA CYC HC . -4.00 -26.47 55.96
NA CYC HC . -2.45 -28.54 56.41
C1A CYC HC . -2.70 -27.25 56.36
C2A CYC HC . -1.56 -26.58 56.74
C3A CYC HC . -0.60 -27.55 57.03
C4A CYC HC . -1.20 -28.79 56.79
CMA CYC HC . 0.83 -27.22 57.52
CAA CYC HC . -1.44 -25.03 56.83
CBA CYC HC . -0.41 -24.41 55.80
CGA CYC HC . -0.94 -24.30 54.30
O1A CYC HC . -2.16 -24.50 54.02
O2A CYC HC . -0.12 -24.00 53.37
CHB CYC HC . -0.64 -30.30 56.95
NB CYC HC . 1.70 -29.77 56.11
C1B CYC HC . 0.80 -30.59 56.54
C2B CYC HC . 1.37 -31.83 56.60
C3B CYC HC . 2.68 -31.70 56.15
C4B CYC HC . 2.83 -30.38 55.85
CMB CYC HC . 0.72 -33.14 57.03
CAB CYC HC . 3.74 -32.85 56.02
CBB CYC HC . 4.36 -32.92 54.65
OB CYC HC . 4.04 -29.74 55.36
NC CYC HC . -9.91 -29.61 55.14
C1C CYC HC . -11.09 -30.54 54.95
C2C CYC HC . -10.51 -32.05 55.19
C3C CYC HC . -9.34 -31.94 55.64
C4C CYC HC . -8.91 -30.30 55.68
CMC CYC HC . -11.43 -32.78 56.27
CAC CYC HC . -8.30 -32.77 54.76
CBC CYC HC . -8.71 -34.23 54.42
OC CYC HC . -11.99 -30.27 55.78
CHD CYC HC . -7.62 -30.12 54.93
ND CYC HC . -5.66 -28.54 55.54
C1D CYC HC . -6.89 -28.71 55.06
C2D CYC HC . -7.39 -27.44 54.67
C3D CYC HC . -6.39 -26.53 54.97
C4D CYC HC . -5.33 -27.25 55.51
CMD CYC HC . -8.77 -27.07 54.04
CAD CYC HC . -6.41 -25.01 54.77
CBD CYC HC . -7.31 -24.37 55.85
CGD CYC HC . -7.17 -22.85 55.91
O1D CYC HC . -7.38 -22.25 56.99
O2D CYC HC . -6.86 -22.21 54.88
CHA CYC IC . 7.24 -0.53 73.15
NA CYC IC . 5.11 -0.91 71.70
C1A CYC IC . 6.31 -1.26 72.11
C2A CYC IC . 6.67 -2.43 71.49
C3A CYC IC . 5.61 -2.78 70.65
C4A CYC IC . 4.65 -1.77 70.81
CMA CYC IC . 5.60 -4.04 69.75
CAA CYC IC . 8.00 -3.20 71.68
CBA CYC IC . 9.03 -2.96 70.52
CGA CYC IC . 9.61 -1.49 70.52
O1A CYC IC . 10.31 -1.09 71.50
O2A CYC IC . 9.38 -0.72 69.54
CHB CYC IC . 3.18 -1.60 70.14
NB CYC IC . 4.04 -2.27 67.86
C1B CYC IC . 3.08 -1.92 68.66
C2B CYC IC . 1.93 -1.90 67.94
C3B CYC IC . 2.26 -2.24 66.63
C4B CYC IC . 3.60 -2.47 66.64
CMB CYC IC . 0.54 -1.53 68.46
CAB CYC IC . 1.27 -2.36 65.40
CBB CYC IC . 0.93 -1.05 64.74
OB CYC IC . 4.41 -2.86 65.51
NC CYC IC . 4.29 3.39 77.66
C1C CYC IC . 3.39 3.99 78.72
C2C CYC IC . 2.23 4.66 77.81
C3C CYC IC . 2.03 3.80 76.90
C4C CYC IC . 3.45 2.88 76.76
CMC CYC IC . 0.96 4.85 78.77
CAC CYC IC . 1.71 4.46 75.48
CBC CYC IC . 0.43 5.33 75.39
OC CYC IC . 4.00 4.84 79.40
CHD CYC IC . 4.00 2.94 75.36
ND CYC IC . 5.38 1.14 74.10
C1D CYC IC . 5.31 2.07 75.06
C2D CYC IC . 6.59 2.17 75.67
C3D CYC IC . 7.39 1.22 75.05
C4D CYC IC . 6.60 0.61 74.07
CMD CYC IC . 7.10 3.08 76.83
CAD CYC IC . 8.85 0.93 75.35
CBD CYC IC . 8.98 -0.16 76.44
CGD CYC IC . 10.45 -0.42 76.80
O1D CYC IC . 10.73 -1.24 77.70
O2D CYC IC . 11.34 0.20 76.20
CHA CYC JC . 43.14 -19.04 48.78
NA CYC JC . 42.24 -20.91 47.26
C1A CYC JC . 42.12 -19.73 47.83
C2A CYC JC . 40.94 -19.17 47.42
C3A CYC JC . 40.33 -20.10 46.57
C4A CYC JC . 41.20 -21.19 46.51
CMA CYC JC . 38.97 -19.85 45.88
CAA CYC JC . 40.37 -17.79 47.82
CBA CYC JC . 39.36 -17.91 49.01
CGA CYC JC . 40.02 -18.58 50.28
O1A CYC JC . 41.01 -18.02 50.86
O2A CYC JC . 39.57 -19.68 50.73
CHB CYC JC . 41.10 -22.59 45.70
NB CYC JC . 38.59 -22.79 45.95
C1B CYC JC . 39.74 -23.22 45.54
C2B CYC JC . 39.55 -24.41 44.91
C3B CYC JC . 38.19 -24.66 44.96
C4B CYC JC . 37.63 -23.62 45.63
CMB CYC JC . 40.62 -25.27 44.27
CAB CYC JC . 37.44 -25.92 44.36
CBB CYC JC . 36.82 -26.75 45.44
OB CYC JC . 36.23 -23.43 45.92
NC CYC JC . 49.53 -21.52 48.51
C1C CYC JC . 50.93 -21.74 47.94
C2C CYC JC . 50.66 -22.92 46.85
C3C CYC JC . 49.44 -22.81 46.50
C4C CYC JC . 48.73 -21.62 47.47
CMC CYC JC . 51.64 -22.68 45.60
CAC CYC JC . 48.67 -24.18 46.68
CBC CYC JC . 49.44 -25.42 46.14
OC CYC JC . 51.34 -20.71 47.36
CHD CYC JC . 47.35 -22.02 47.93
ND CYC JC . 45.15 -20.69 48.18
C1D CYC JC . 46.41 -20.87 48.51
C2D CYC JC . 46.73 -19.87 49.47
C3D CYC JC . 45.59 -19.11 49.65
C4D CYC JC . 44.62 -19.66 48.83
CMD CYC JC . 48.04 -19.57 50.24
CAD CYC JC . 45.42 -17.92 50.60
CBD CYC JC . 45.90 -16.61 49.94
CGD CYC JC . 45.61 -15.39 50.81
O1D CYC JC . 46.52 -14.53 51.03
O2D CYC JC . 44.48 -15.22 51.30
CHA CYC KC . 17.38 -18.08 28.66
NA CYC KC . 16.59 -15.64 28.65
C1A CYC KC . 17.29 -16.62 29.16
C2A CYC KC . 17.95 -16.16 30.26
C3A CYC KC . 17.63 -14.81 30.39
C4A CYC KC . 16.74 -14.53 29.34
CMA CYC KC . 18.18 -13.92 31.52
CAA CYC KC . 18.89 -17.02 31.14
CBA CYC KC . 18.19 -17.48 32.47
CGA CYC KC . 16.96 -18.45 32.20
O1A CYC KC . 17.11 -19.50 31.50
O2A CYC KC . 15.82 -18.18 32.69
CHB CYC KC . 15.95 -13.22 28.82
NB CYC KC . 16.04 -11.75 30.90
C1B CYC KC . 15.71 -12.01 29.68
C2B CYC KC . 15.05 -10.93 29.16
C3B CYC KC . 14.99 -10.00 30.18
C4B CYC KC . 15.63 -10.56 31.24
CMB CYC KC . 14.48 -10.83 27.74
CAB CYC KC . 14.34 -8.55 30.12
CBB CYC KC . 12.84 -8.52 30.26
OB CYC KC . 15.81 -9.93 32.53
NC CYC KC . 15.33 -19.08 22.41
C1C CYC KC . 15.47 -18.95 20.92
C2C CYC KC . 14.35 -17.81 20.63
C3C CYC KC . 14.49 -16.99 21.59
C4C CYC KC . 15.34 -17.81 22.80
CMC CYC KC . 14.70 -17.14 19.21
CAC CYC KC . 13.12 -16.42 22.17
CBC CYC KC . 12.04 -16.02 21.13
OC CYC KC . 15.19 -20.03 20.36
CHD CYC KC . 14.75 -17.65 24.18
ND CYC KC . 16.00 -17.61 26.43
C1D CYC KC . 15.61 -18.29 25.36
C2D CYC KC . 16.08 -19.61 25.51
C3D CYC KC . 16.76 -19.67 26.71
C4D CYC KC . 16.69 -18.40 27.26
CMD CYC KC . 15.94 -20.88 24.61
CAD CYC KC . 17.47 -20.88 27.34
CBD CYC KC . 18.98 -20.75 27.08
CGD CYC KC . 19.81 -21.90 27.67
O1D CYC KC . 20.92 -22.20 27.16
O2D CYC KC . 19.38 -22.52 28.65
CHA CYC LC . 25.70 9.49 45.11
NA CYC LC . 27.91 8.83 46.28
C1A CYC LC . 26.80 8.53 45.65
C2A CYC LC . 26.72 7.16 45.53
C3A CYC LC . 27.86 6.65 46.12
C4A CYC LC . 28.57 7.76 46.60
CMA CYC LC . 28.23 5.15 46.22
CAA CYC LC . 25.55 6.42 44.83
CBA CYC LC . 24.53 5.71 45.79
CGA CYC LC . 23.63 6.67 46.66
O1A CYC LC . 23.00 7.64 46.13
O2A CYC LC . 23.53 6.47 47.92
CHB CYC LC . 29.99 7.89 47.36
NB CYC LC . 30.25 5.59 48.48
C1B CYC LC . 30.57 6.84 48.27
C2B CYC LC . 31.66 7.12 49.03
C3B CYC LC . 31.97 5.97 49.74
C4B CYC LC . 31.06 5.03 49.35
CMB CYC LC . 32.35 8.47 49.09
CAB CYC LC . 33.15 5.81 50.78
CBB CYC LC . 32.70 6.00 52.19
OB CYC LC . 30.97 3.68 49.84
NC CYC LC . 27.33 15.80 44.22
C1C CYC LC . 27.59 17.28 44.44
C2C CYC LC . 29.06 17.39 45.15
C3C CYC LC . 29.49 16.21 45.33
C4C CYC LC . 28.31 15.11 44.78
CMC CYC LC . 30.05 18.27 44.24
CAC CYC LC . 29.81 15.96 46.86
CBC CYC LC . 30.59 17.12 47.54
OC CYC LC . 27.56 17.87 43.35
CHD CYC LC . 27.80 14.22 45.89
ND CYC LC . 26.99 11.78 45.61
C1D CYC LC . 26.76 13.08 45.44
C2D CYC LC . 25.46 13.22 44.88
C3D CYC LC . 24.97 11.93 44.70
C4D CYC LC . 25.95 11.07 45.17
CMD CYC LC . 24.62 14.47 44.48
CAD CYC LC . 23.62 11.51 44.12
CBD CYC LC . 23.72 11.02 42.67
CGD CYC LC . 22.34 10.64 42.08
O1D CYC LC . 22.23 10.46 40.85
O2D CYC LC . 21.36 10.52 42.82
CHA CYC MC . 39.10 -13.46 -33.37
NA CYC MC . 40.25 -15.58 -32.43
C1A CYC MC . 40.20 -14.28 -32.62
C2A CYC MC . 41.32 -13.72 -32.04
C3A CYC MC . 42.06 -14.77 -31.48
C4A CYC MC . 41.34 -15.94 -31.76
CMA CYC MC . 43.39 -14.59 -30.72
CAA CYC MC . 41.69 -12.22 -32.02
CBA CYC MC . 42.75 -11.91 -33.14
CGA CYC MC . 42.16 -12.00 -34.62
O1A CYC MC . 41.03 -11.47 -34.88
O2A CYC MC . 42.82 -12.59 -35.53
CHB CYC MC . 41.69 -17.47 -31.36
NB CYC MC . 44.09 -17.22 -32.18
C1B CYC MC . 43.13 -17.90 -31.60
C2B CYC MC . 43.63 -19.12 -31.25
C3B CYC MC . 44.97 -19.12 -31.64
C4B CYC MC . 45.20 -17.91 -32.21
CMB CYC MC . 42.90 -20.25 -30.55
CAB CYC MC . 45.99 -20.31 -31.45
CBB CYC MC . 46.59 -20.77 -32.74
OB CYC MC . 46.45 -17.45 -32.79
NC CYC MC . 33.45 -16.24 -32.95
C1C CYC MC . 32.31 -17.01 -33.61
C2C CYC MC . 32.41 -18.51 -33.00
C3C CYC MC . 33.58 -18.63 -32.52
C4C CYC MC . 34.37 -17.14 -32.64
CMC CYC MC . 31.30 -18.68 -31.84
CAC CYC MC . 34.36 -19.79 -33.29
CBC CYC MC . 33.61 -21.14 -33.21
OC CYC MC . 31.21 -16.51 -33.30
CHD CYC MC . 35.47 -17.18 -33.68
ND CYC MC . 37.39 -15.47 -33.40
C1D CYC MC . 36.20 -15.78 -33.88
C2D CYC MC . 35.72 -14.67 -34.60
C3D CYC MC . 36.70 -13.69 -34.50
C4D CYC MC . 37.74 -14.24 -33.74
CMD CYC MC . 34.36 -14.51 -35.36
CAD CYC MC . 36.65 -12.29 -35.12
CBD CYC MC . 36.43 -11.18 -34.06
CGD CYC MC . 36.89 -9.83 -34.61
O1D CYC MC . 36.17 -8.80 -34.44
O2D CYC MC . 37.97 -9.75 -35.22
CHA CYC NC . 69.68 -54.23 11.94
NA CYC NC . 68.19 -53.68 9.90
C1A CYC NC . 68.52 -53.53 11.15
C2A CYC NC . 67.66 -52.63 11.73
C3A CYC NC . 66.78 -52.21 10.72
C4A CYC NC . 67.16 -52.93 9.58
CMA CYC NC . 65.65 -51.18 10.94
CAA CYC NC . 67.70 -52.16 13.20
CBA CYC NC . 66.73 -52.98 14.12
CGA CYC NC . 67.11 -54.52 14.20
O1A CYC NC . 68.22 -54.90 14.68
O2A CYC NC . 66.27 -55.38 13.78
CHB CYC NC . 66.53 -52.89 8.08
NB CYC NC . 64.21 -53.08 9.05
C1B CYC NC . 65.02 -52.93 8.03
C2B CYC NC . 64.25 -52.84 6.91
C3B CYC NC . 62.93 -52.92 7.30
C4B CYC NC . 62.95 -53.06 8.67
CMB CYC NC . 64.75 -52.68 5.48
CAB CYC NC . 61.67 -52.86 6.35
CBB CYC NC . 60.65 -53.90 6.68
OB CYC NC . 61.81 -53.18 9.54
NC CYC NC . 74.47 -55.93 8.21
C1C CYC NC . 75.37 -56.85 7.40
C2C CYC NC . 74.84 -56.76 5.86
C3C CYC NC . 73.78 -56.06 5.87
C4C CYC NC . 73.41 -55.65 7.46
CMC CYC NC . 75.96 -56.02 4.99
CAC CYC NC . 72.56 -56.85 5.23
CBC CYC NC . 72.73 -57.17 3.73
OC CYC NC . 76.56 -56.46 7.46
CHD CYC NC . 72.19 -56.38 7.92
ND CYC NC . 70.78 -55.17 9.73
C1D CYC NC . 71.76 -55.99 9.41
C2D CYC NC . 72.34 -56.49 10.59
C3D CYC NC . 71.66 -55.89 11.65
C4D CYC NC . 70.69 -55.09 11.06
CMD CYC NC . 73.53 -57.49 10.73
CAD CYC NC . 71.89 -56.09 13.15
CBD CYC NC . 73.26 -55.56 13.65
CGD CYC NC . 73.16 -54.18 14.30
O1D CYC NC . 73.82 -53.22 13.83
O2D CYC NC . 72.44 -54.02 15.31
CHA CYC OC . 90.04 -40.15 -1.78
NA CYC OC . 89.69 -38.37 0.05
C1A CYC OC . 89.58 -38.79 -1.19
C2A CYC OC . 88.97 -37.80 -1.93
C3A CYC OC . 88.71 -36.75 -1.06
C4A CYC OC . 89.19 -37.15 0.18
CMA CYC OC . 88.02 -35.42 -1.47
CAA CYC OC . 88.63 -37.85 -3.44
CBA CYC OC . 89.73 -37.14 -4.30
CGA CYC OC . 91.14 -37.86 -4.17
O1A CYC OC . 91.27 -39.07 -4.55
O2A CYC OC . 92.14 -37.22 -3.69
CHB CYC OC . 89.17 -36.36 1.59
NB CYC OC . 90.10 -34.29 0.48
C1B CYC OC . 89.64 -34.92 1.51
C2B CYC OC . 89.66 -34.06 2.57
C3B CYC OC . 90.15 -32.86 2.09
C4B CYC OC . 90.41 -33.05 0.76
CMB CYC OC . 89.22 -34.35 4.00
CAB CYC OC . 90.36 -31.52 2.92
CBB CYC OC . 91.80 -31.10 2.97
OB CYC OC . 90.94 -32.08 -0.17
NC CYC OC . 90.10 -45.07 2.68
C1C CYC OC . 90.33 -46.17 3.71
C2C CYC OC . 90.29 -45.38 5.14
C3C CYC OC . 90.18 -44.16 4.82
C4C CYC OC . 90.80 -44.10 3.25
CMC CYC OC . 89.02 -45.90 5.97
CAC CYC OC . 91.00 -43.11 5.69
CBC CYC OC . 91.14 -43.43 7.19
OC CYC OC . 89.42 -47.03 3.63
CHD CYC OC . 90.65 -42.72 2.69
ND CYC OC . 90.31 -41.32 0.60
C1D CYC OC . 90.62 -42.51 1.10
C2D CYC OC . 90.86 -43.40 0.01
C3D CYC OC . 90.68 -42.63 -1.14
C4D CYC OC . 90.34 -41.35 -0.74
CMD CYC OC . 91.26 -44.91 -0.09
CAD CYC OC . 90.81 -43.16 -2.56
CBD CYC OC . 89.38 -43.36 -3.13
CGD CYC OC . 89.34 -44.23 -4.39
O1D CYC OC . 88.37 -45.02 -4.57
O2D CYC OC . 90.26 -44.16 -5.23
CHA CYC PC . 57.83 6.01 36.35
NA CYC PC . 59.59 4.18 35.87
C1A CYC PC . 58.37 4.63 35.85
C2A CYC PC . 57.56 3.67 35.28
C3A CYC PC . 58.38 2.60 34.96
C4A CYC PC . 59.67 2.97 35.36
CMA CYC PC . 57.87 1.30 34.29
CAA CYC PC . 56.05 3.77 35.05
CBA CYC PC . 55.25 2.96 36.14
CGA CYC PC . 55.37 3.61 37.58
O1A CYC PC . 54.75 4.69 37.84
O2A CYC PC . 56.08 3.05 38.47
CHB CYC PC . 61.06 2.14 35.25
NB CYC PC . 59.96 0.03 36.08
C1B CYC PC . 60.99 0.68 35.60
C2B CYC PC . 62.01 -0.22 35.47
C3B CYC PC . 61.54 -1.45 35.90
C4B CYC PC . 60.24 -1.24 36.26
CMB CYC PC . 63.41 0.08 34.97
CAB CYC PC . 62.36 -2.79 35.93
CBB CYC PC . 62.33 -3.43 37.29
OB CYC PC . 59.32 -2.23 36.78
NC CYC PC . 62.31 10.79 36.32
C1C CYC PC . 63.49 11.60 36.84
C2C CYC PC . 64.83 10.80 36.35
C3C CYC PC . 64.46 9.62 36.04
C4C CYC PC . 62.77 9.56 36.10
CMC CYC PC . 65.43 11.52 35.07
CAC CYC PC . 65.09 8.55 37.03
CBC CYC PC . 66.63 8.62 37.10
OC CYC PC . 63.48 12.73 36.31
CHD CYC PC . 62.30 8.60 37.16
ND CYC PC . 60.25 7.09 36.66
C1D CYC PC . 60.75 8.25 37.07
C2D CYC PC . 59.69 9.09 37.44
C3D CYC PC . 58.52 8.36 37.21
C4D CYC PC . 58.91 7.12 36.73
CMD CYC PC . 59.71 10.55 38.00
CAD CYC PC . 57.09 8.85 37.44
CBD CYC PC . 56.52 9.42 36.13
CGD CYC PC . 55.00 9.65 36.20
O1D CYC PC . 54.40 10.19 35.21
O2D CYC PC . 54.36 9.32 37.21
CHA CYC QC . 69.65 20.74 14.52
NA CYC QC . 67.45 20.27 13.22
C1A CYC QC . 68.73 20.04 13.46
C2A CYC QC . 69.15 19.05 12.60
C3A CYC QC . 68.04 18.70 11.82
C4A CYC QC . 66.99 19.51 12.25
CMA CYC QC . 68.07 17.60 10.73
CAA CYC QC . 70.57 18.44 12.51
CBA CYC QC . 71.40 19.11 11.34
CGA CYC QC . 71.44 20.69 11.43
O1A CYC QC . 72.44 21.28 11.94
O2A CYC QC . 70.45 21.37 10.98
CHB CYC QC . 65.45 19.56 11.75
NB CYC QC . 66.13 19.50 9.31
C1B CYC QC . 65.23 19.55 10.25
C2B CYC QC . 64.00 19.60 9.66
C3B CYC QC . 64.23 19.58 8.29
C4B CYC QC . 65.57 19.50 8.12
CMB CYC QC . 62.66 19.69 10.38
CAB CYC QC . 63.11 19.61 7.16
CBB CYC QC . 63.26 20.82 6.27
OB CYC QC . 66.27 19.45 6.85
NC CYC QC . 66.19 22.03 19.41
C1C CYC QC . 65.72 23.05 20.45
C2C CYC QC . 64.14 23.32 20.12
C3C CYC QC . 63.88 22.70 19.04
C4C CYC QC . 65.33 22.09 18.41
CMC CYC QC . 63.26 22.72 21.32
CAC CYC QC . 63.18 23.65 17.99
CBC CYC QC . 61.67 23.90 18.30
OC CYC QC . 65.84 22.56 21.60
CHD CYC QC . 65.85 22.97 17.30
ND CYC QC . 67.56 21.76 15.76
C1D CYC QC . 67.30 22.51 16.83
C2D CYC QC . 68.52 22.85 17.44
C3D CYC QC . 69.52 22.24 16.68
C4D CYC QC . 68.88 21.57 15.64
CMD CYC QC . 68.74 23.72 18.72
CAD CYC QC . 71.04 22.30 16.95
CBD CYC QC . 71.39 21.56 18.26
CGD CYC QC . 72.67 20.73 18.19
O1D CYC QC . 72.72 19.62 18.80
O2D CYC QC . 73.65 21.15 17.55
CHA CYC RC . 19.72 -17.69 -12.39
NA CYC RC . 20.88 -15.67 -11.24
C1A CYC RC . 20.62 -16.96 -11.34
C2A CYC RC . 21.30 -17.61 -10.32
C3A CYC RC . 21.99 -16.63 -9.61
C4A CYC RC . 21.69 -15.41 -10.23
CMA CYC RC . 22.89 -16.91 -8.39
CAA CYC RC . 21.30 -19.13 -10.02
CBA CYC RC . 20.22 -19.48 -8.94
CGA CYC RC . 18.76 -19.45 -9.52
O1A CYC RC . 18.48 -20.08 -10.59
O2A CYC RC . 17.85 -18.78 -8.90
CHB CYC RC . 22.19 -13.92 -9.85
NB CYC RC . 21.77 -14.24 -7.36
C1B CYC RC . 22.20 -13.53 -8.38
C2B CYC RC . 22.66 -12.34 -7.91
C3B CYC RC . 22.49 -12.37 -6.53
C4B CYC RC . 21.94 -13.58 -6.23
CMB CYC RC . 23.23 -11.21 -8.74
CAB CYC RC . 22.87 -11.21 -5.53
CBB CYC RC . 21.67 -10.56 -4.90
OB CYC RC . 21.59 -14.06 -4.92
NC CYC RC . 18.86 -14.40 -18.33
C1C CYC RC . 19.10 -13.60 -19.60
C2C CYC RC . 19.98 -12.30 -19.13
C3C CYC RC . 20.44 -12.57 -17.98
C4C CYC RC . 19.85 -14.09 -17.49
CMC CYC RC . 21.17 -12.06 -20.18
CAC CYC RC . 20.03 -11.45 -16.92
CBC CYC RC . 20.00 -10.01 -17.48
OC CYC RC . 19.76 -14.28 -20.42
CHD CYC RC . 19.33 -13.98 -16.07
ND CYC RC . 19.71 -15.68 -14.13
C1D CYC RC . 19.10 -15.35 -15.28
C2D CYC RC . 18.20 -16.40 -15.60
C3D CYC RC . 18.35 -17.36 -14.60
C4D CYC RC . 19.29 -16.87 -13.70
CMD CYC RC . 17.25 -16.53 -16.82
CAD CYC RC . 17.61 -18.71 -14.47
CBD CYC RC . 17.90 -19.72 -15.60
CGD CYC RC . 19.31 -20.30 -15.55
O1D CYC RC . 20.31 -19.58 -15.86
O2D CYC RC . 19.48 -21.49 -15.24
CHA CYC SC . 54.63 -10.04 -22.41
NA CYC SC . 54.63 -7.60 -21.48
C1A CYC SC . 54.93 -8.89 -21.40
C2A CYC SC . 55.60 -9.11 -20.23
C3A CYC SC . 55.69 -7.89 -19.58
C4A CYC SC . 55.05 -6.95 -20.40
CMA CYC SC . 56.39 -7.71 -18.20
CAA CYC SC . 56.13 -10.48 -19.74
CBA CYC SC . 55.08 -11.18 -18.78
CGA CYC SC . 53.92 -11.94 -19.55
O1A CYC SC . 54.19 -12.68 -20.56
O2A CYC SC . 52.71 -11.81 -19.16
CHB CYC SC . 54.82 -5.36 -20.23
NB CYC SC . 54.42 -5.51 -17.73
C1B CYC SC . 54.53 -4.83 -18.84
C2B CYC SC . 54.32 -3.51 -18.52
C3B CYC SC . 54.09 -3.45 -17.16
C4B CYC SC . 54.17 -4.73 -16.71
CMB CYC SC . 54.33 -2.32 -19.47
CAB CYC SC . 53.81 -2.13 -16.34
CBB CYC SC . 52.37 -1.97 -15.91
OB CYC SC . 54.00 -5.17 -15.35
NC CYC SC . 53.46 -8.07 -28.62
C1C CYC SC . 52.50 -7.63 -29.71
C2C CYC SC . 52.50 -6.00 -29.64
C3C CYC SC . 52.94 -5.68 -28.49
C4C CYC SC . 53.52 -7.08 -27.73
CMC CYC SC . 53.49 -5.44 -30.77
CAC CYC SC . 51.81 -4.97 -27.64
CBC CYC SC . 51.09 -3.85 -28.44
OC CYC SC . 52.93 -8.01 -30.82
CHD CYC SC . 52.72 -7.38 -26.50
ND CYC SC . 53.68 -8.43 -24.32
C1D CYC SC . 53.26 -8.57 -25.58
C2D CYC SC . 53.35 -9.94 -25.92
C3D CYC SC . 53.86 -10.60 -24.81
C4D CYC SC . 54.05 -9.63 -23.84
CMD CYC SC . 52.98 -10.68 -27.24
CAD CYC SC . 54.15 -12.09 -24.69
CBD CYC SC . 55.60 -12.41 -25.11
CGD CYC SC . 56.10 -13.73 -24.52
O1D CYC SC . 56.30 -14.72 -25.28
O2D CYC SC . 56.32 -13.83 -23.30
CHA CYC TC . 80.13 -24.69 -8.05
NA CYC TC . 78.61 -25.51 -10.01
C1A CYC TC . 78.87 -24.72 -8.98
C2A CYC TC . 77.81 -23.87 -8.82
C3A CYC TC . 76.89 -24.18 -9.81
C4A CYC TC . 77.44 -25.23 -10.54
CMA CYC TC . 75.55 -23.42 -10.00
CAA CYC TC . 77.70 -22.77 -7.73
CBA CYC TC . 76.60 -23.05 -6.63
CGA CYC TC . 77.08 -24.09 -5.53
O1A CYC TC . 78.23 -24.64 -5.61
O2A CYC TC . 76.31 -24.38 -4.56
CHB CYC TC . 76.86 -26.03 -11.84
NB CYC TC . 74.50 -26.06 -10.93
C1B CYC TC . 75.37 -26.34 -11.85
C2B CYC TC . 74.73 -26.99 -12.86
C3B CYC TC . 73.39 -27.07 -12.49
C4B CYC TC . 73.30 -26.47 -11.27
CMB CYC TC . 75.35 -27.52 -14.15
CAB CYC TC . 72.23 -27.74 -13.32
CBB CYC TC . 71.48 -28.78 -12.52
OB CYC TC . 72.10 -26.31 -10.48
NC CYC TC . 85.68 -27.52 -10.19
C1C CYC TC . 86.85 -28.20 -10.88
C2C CYC TC . 86.16 -29.29 -11.86
C3C CYC TC . 85.04 -28.81 -12.18
C4C CYC TC . 84.63 -27.65 -11.01
CMC CYC TC . 87.12 -29.43 -13.15
CAC CYC TC . 83.90 -29.91 -12.25
CBC CYC TC . 84.11 -31.07 -13.25
OC CYC TC . 87.57 -28.77 -10.03
CHD CYC TC . 83.41 -28.10 -10.26
ND CYC TC . 81.59 -26.46 -9.39
C1D CYC TC . 82.78 -27.03 -9.25
C2D CYC TC . 83.36 -26.57 -8.05
C3D CYC TC . 82.46 -25.67 -7.51
C4D CYC TC . 81.38 -25.62 -8.37
CMD CYC TC . 84.74 -26.90 -7.38
CAD CYC TC . 82.62 -24.87 -6.22
CBD CYC TC . 83.15 -23.46 -6.54
CGD CYC TC . 83.55 -22.67 -5.29
O1D CYC TC . 84.50 -21.85 -5.33
O2D CYC TC . 82.93 -22.86 -4.23
CHA CYC UC . 71.09 6.11 1.74
NA CYC UC . 73.15 4.67 2.32
C1A CYC UC . 71.97 4.82 1.76
C2A CYC UC . 71.58 3.64 1.18
C3A CYC UC . 72.63 2.74 1.41
C4A CYC UC . 73.59 3.44 2.15
CMA CYC UC . 72.64 1.27 0.92
CAA CYC UC . 70.25 3.40 0.42
CBA CYC UC . 69.15 2.67 1.28
CGA CYC UC . 68.74 3.44 2.60
O1A CYC UC . 68.38 4.65 2.57
O2A CYC UC . 68.77 2.82 3.72
CHB CYC UC . 75.02 2.96 2.71
NB CYC UC . 74.02 0.82 3.62
C1B CYC UC . 75.02 1.63 3.44
C2B CYC UC . 76.11 1.08 4.05
C3B CYC UC . 75.71 -0.12 4.61
C4B CYC UC . 74.38 -0.25 4.31
CMB CYC UC . 77.51 1.68 4.11
CAB CYC UC . 76.62 -1.13 5.41
CBB CYC UC . 75.98 -1.64 6.68
OB CYC UC . 73.50 -1.33 4.67
NC CYC UC . 74.42 11.99 2.88
C1C CYC UC . 75.43 13.08 2.59
C2C CYC UC . 76.73 12.50 3.35
C3C CYC UC . 76.67 11.24 3.15
C4C CYC UC . 75.11 10.89 2.61
CMC CYC UC . 78.02 13.12 2.64
CAC CYC UC . 76.97 10.39 4.47
CBC CYC UC . 78.28 10.75 5.22
OC CYC UC . 75.08 14.17 3.08
CHD CYC UC . 74.58 9.67 3.31
ND CYC UC . 73.04 7.73 2.58
C1D CYC UC . 73.23 9.03 2.75
C2D CYC UC . 72.03 9.68 2.37
C3D CYC UC . 71.15 8.68 1.96
C4D CYC UC . 71.82 7.48 2.11
CMD CYC UC . 71.62 11.19 2.34
CAD CYC UC . 69.73 8.88 1.45
CBD CYC UC . 69.74 8.98 -0.09
CGD CYC UC . 68.34 9.29 -0.64
O1D CYC UC . 68.20 10.10 -1.59
O2D CYC UC . 67.35 8.75 -0.12
CHA CYC VC . 32.32 -22.05 1.97
NA CYC VC . 33.02 -24.53 1.70
C1A CYC VC . 33.27 -23.28 2.05
C2A CYC VC . 34.55 -23.21 2.53
C3A CYC VC . 35.08 -24.49 2.45
C4A CYC VC . 34.07 -25.30 1.90
CMA CYC VC . 36.52 -24.82 2.92
CAA CYC VC . 35.25 -21.93 3.06
CBA CYC VC . 36.27 -21.36 2.00
CGA CYC VC . 35.57 -20.70 0.74
O1A CYC VC . 34.54 -19.97 0.88
O2A CYC VC . 36.07 -20.90 -0.42
CHB CYC VC . 33.99 -26.88 1.55
NB CYC VC . 36.46 -27.32 1.26
C1B CYC VC . 35.22 -27.66 1.14
C2B CYC VC . 35.18 -28.91 0.61
C3B CYC VC . 36.50 -29.30 0.39
C4B CYC VC . 37.26 -28.25 0.81
CMB CYC VC . 33.93 -29.72 0.30
CAB CYC VC . 37.00 -30.67 -0.21
CBB CYC VC . 38.03 -30.49 -1.30
OB CYC VC . 38.70 -28.18 0.80
NC CYC VC . 25.89 -23.70 0.56
C1C CYC VC . 24.55 -24.32 0.86
C2C CYC VC . 24.73 -25.77 0.16
C3C CYC VC . 25.95 -26.09 0.36
C4C CYC VC . 26.75 -24.68 0.87
CMC CYC VC . 23.74 -26.79 0.88
CAC CYC VC . 26.66 -26.68 -0.93
CBC CYC VC . 25.88 -27.81 -1.67
OC CYC VC . 23.64 -23.67 0.32
CHD CYC VC . 28.08 -24.48 0.19
ND CYC VC . 30.29 -23.50 1.06
C1D CYC VC . 29.01 -23.32 0.73
C2D CYC VC . 28.70 -21.95 0.93
C3D CYC VC . 29.87 -21.35 1.41
C4D CYC VC . 30.83 -22.35 1.47
CMD CYC VC . 27.38 -21.15 0.71
CAD CYC VC . 30.05 -19.88 1.79
CBD CYC VC . 30.03 -19.68 3.32
CGD CYC VC . 30.31 -18.22 3.69
O1D CYC VC . 29.81 -17.73 4.74
O2D CYC VC . 31.03 -17.53 2.96
CHA CYC WC . 57.32 -40.27 15.81
NA CYC WC . 58.19 -38.75 17.71
C1A CYC WC . 57.59 -38.94 16.56
C2A CYC WC . 57.18 -37.70 16.08
C3A CYC WC . 57.59 -36.76 17.02
C4A CYC WC . 58.25 -37.47 18.03
CMA CYC WC . 57.32 -35.25 16.86
CAA CYC WC . 56.43 -37.40 14.76
CBA CYC WC . 57.38 -36.91 13.61
CGA CYC WC . 58.13 -38.10 12.89
O1A CYC WC . 57.56 -39.23 12.75
O2A CYC WC . 59.32 -37.93 12.46
CHB CYC WC . 58.93 -36.98 19.42
NB CYC WC . 59.68 -34.72 18.61
C1B CYC WC . 59.65 -35.66 19.49
C2B CYC WC . 60.41 -35.27 20.56
C3B CYC WC . 60.90 -34.01 20.25
C4B CYC WC . 60.43 -33.71 19.01
CMB CYC WC . 60.66 -36.06 21.83
CAB CYC WC . 61.85 -33.11 21.16
CBB CYC WC . 63.01 -32.56 20.40
OB CYC WC . 60.66 -32.51 18.26
NC CYC WC . 58.36 -45.97 18.94
C1C CYC WC . 58.52 -47.17 19.84
C2C CYC WC . 59.75 -46.74 20.81
C3C CYC WC . 59.57 -45.49 21.00
C4C CYC WC . 58.71 -44.91 19.67
CMC CYC WC . 59.58 -47.61 22.15
CAC CYC WC . 60.92 -44.65 21.13
CBC CYC WC . 61.91 -45.09 22.23
OC CYC WC . 58.85 -48.16 19.16
CHD CYC WC . 59.52 -43.93 18.85
ND CYC WC . 58.51 -41.92 17.56
C1D CYC WC . 58.73 -43.23 17.64
C2D CYC WC . 58.18 -43.85 16.50
C3D CYC WC . 57.62 -42.84 15.74
C4D CYC WC . 57.84 -41.65 16.42
CMD CYC WC . 58.14 -45.34 16.05
CAD CYC WC . 56.89 -43.00 14.41
CBD CYC WC . 55.38 -43.19 14.60
CGD CYC WC . 54.62 -43.04 13.27
O1D CYC WC . 53.61 -43.76 13.04
O2D CYC WC . 55.02 -42.23 12.43
CHA CYC XC . 50.43 -9.01 26.48
NA CYC XC . 48.65 -7.86 24.99
C1A CYC XC . 49.54 -8.79 25.22
C2A CYC XC . 49.60 -9.61 24.12
C3A CYC XC . 48.67 -9.12 23.21
C4A CYC XC . 48.10 -8.00 23.80
CMA CYC XC . 48.41 -9.76 21.82
CAA CYC XC . 50.53 -10.84 23.95
CBA CYC XC . 51.75 -10.57 23.00
CGA CYC XC . 52.65 -9.33 23.42
O1A CYC XC . 52.92 -9.11 24.64
O2A CYC XC . 53.09 -8.54 22.52
CHB CYC XC . 46.95 -7.00 23.27
NB CYC XC . 47.91 -6.85 20.94
C1B CYC XC . 46.96 -6.65 21.81
C2B CYC XC . 45.92 -6.05 21.17
C3B CYC XC . 46.30 -5.91 19.84
C4B CYC XC . 47.55 -6.44 19.75
CMB CYC XC . 44.60 -5.63 21.80
CAB CYC XC . 45.42 -5.26 18.69
CBB CYC XC . 46.14 -4.15 17.98
OB CYC XC . 48.37 -6.50 18.56
NC CYC XC . 48.94 -5.82 32.18
C1C CYC XC . 48.07 -5.73 33.40
C2C CYC XC . 47.01 -4.59 32.91
C3C CYC XC . 46.75 -4.94 31.71
C4C CYC XC . 48.03 -5.92 31.22
CMC CYC XC . 45.74 -4.72 33.85
CAC CYC XC . 46.56 -3.75 30.69
CBC CYC XC . 45.62 -2.59 31.13
OC CYC XC . 48.73 -5.36 34.39
CHD CYC XC . 48.60 -5.50 29.89
ND CYC XC . 49.28 -7.18 28.05
C1D CYC XC . 49.53 -6.59 29.21
C2D CYC XC . 50.76 -7.11 29.69
C3D CYC XC . 51.19 -8.01 28.75
C4D CYC XC . 50.25 -8.03 27.74
CMD CYC XC . 51.54 -6.77 30.99
CAD CYC XC . 52.48 -8.85 28.81
CBD CYC XC . 52.20 -10.30 29.26
CGD CYC XC . 53.50 -11.05 29.59
O1D CYC XC . 53.50 -11.92 30.50
O2D CYC XC . 54.54 -10.80 28.96
#